data_6IJO
#
_entry.id   6IJO
#
loop_
_entity.id
_entity.type
_entity.pdbx_description
1 polymer PsaA
2 polymer PsaB
3 polymer PsaC
4 polymer PsaD
5 polymer PsaE
6 polymer PsaF
7 polymer PsaG
8 polymer PsaH
9 polymer PsaI
10 polymer PsaJ
11 polymer PsaK
12 polymer PsaL
13 polymer Lhca1
14 polymer Lhca3
15 polymer Lhca4
16 polymer Lhca5
17 polymer Lhca6
18 polymer Lhca7
19 polymer Lhca8
20 polymer Lhca2
21 polymer Lhca9
22 polymer ChainX
23 non-polymer 'CHLOROPHYLL A'
24 non-polymer PHYLLOQUINONE
25 non-polymer 1,2-DIPALMITOYL-PHOSPHATIDYL-GLYCEROLE
26 non-polymer BETA-CAROTENE
27 non-polymer 'IRON/SULFUR CLUSTER'
28 non-polymer DODECYL-ALPHA-D-MALTOSIDE
29 non-polymer 1,2-DISTEAROYL-MONOGALACTOSYL-DIGLYCERIDE
30 non-polymer 'DIGALACTOSYL DIACYL GLYCEROL (DGDG)'
31 non-polymer "(3R,3'R,6S)-4,5-DIDEHYDRO-5,6-DIHYDRO-BETA,BETA-CAROTENE-3,3'-DIOL"
32 non-polymer "(3S,5R,6S,3'S,5'R,6'S)-5,6,5',6'-DIEPOXY-5,6,5',6'- TETRAHYDRO-BETA,BETA-CAROTENE-3,3'-DIOL"
33 non-polymer (1R,3R)-6-{(3E,5E,7E,9E,11E,13E,15E,17E)-18-[(1S,4R,6R)-4-HYDROXY-2,2,6-TRIMETHYL-7-OXABICYCLO[4.1.0]HEPT-1-YL]-3,7,12,16-TETRAMETHYLOCTADECA-1,3,5,7,9,11,13,15,17-NONAENYLIDENE}-1,5,5-TRIMETHYLCYCLOHEXANE-1,3-DIOL
#
loop_
_entity_poly.entity_id
_entity_poly.type
_entity_poly.pdbx_seq_one_letter_code
_entity_poly.pdbx_strand_id
1 'polypeptide(L)'
;MTISTPEREAKKVKIAVDRNPVETSFEKWAKPGHFSRTLSKGPNTTTWIWNLHADAHDFDSHTSDLEEISRKVFSAHFGQ
LGIIFIWLSGMYFHGARFSNYEAWLSDPTHIKPSAQVVWPIVGQEILNGDVGGGFQGIQITSGFFQLWRASGITSELQLY
TTAIGGLVMAAAMFFAGWFHYHKAAPKLEWFQNVESMLNHHLGGLLGLGSLAWAGHQIHVSLPVNKLLDAGVDPKEIPLP
HDLLLNRAIMADLYPSFAKGIAPFFTLNWSEYSDFLTFKGGLNPVTGGLWLSDTAHHHVAIAVLFLVAGHMYRTNWGIGH
SMKEILEAHRGPFTGEGHVGLYEILTTSWHAQLAINLALFGSLSIIVAHHMYAMPPYPYLATDYGTQLSLFTHHTWIGGF
CIVGAGAHAAIFMVRDYDPTNNYNNLLDRVIRHRDAIISHLNWVCIFLGFHSFGLYIHNDTMSALGRPQDMFSDTAIQLQ
PVFAQWIQNTHFLAPQLTAPNALAATSLTWGGDLVAVGGKVAMMPISLGTSDFMVHHIHAFTIHVTVLILLKGVLFARSS
RLIPDKANLGFRFPCDGPGRGGTCQVSAWDHVFLGLFWMYNSLSIVIFHFSWKMQSDVWGTVTASGVSHITGGNFAQSAN
TINGWLRDFLWAQSSQVIQSYGSALSAYGLIFLGAHFVWAFSLMFLFSGRGYWQELIESIVWAHNKLKVAPAIQPRALSI
TQGRAVGVAHYLLGGIATTWSFFLARIISVG
;
A
2 'polypeptide(L)'
;MATKLFPKFSQGLAQDPTTRRIWYGLAMAHDFESHDGMTEENLYQKIFASHFGQLSIIFLWTSGNLFHVAWQGNFEQWVT
DPVHIRPIAHAIWDPHFGQPAVEAFTRGGASGPVNISTSGVYQWWYTIGMRTNQDLYVGSVFLALVSAIFLFAGWLHLQP
NFQPSLSWFKDAESRLNHHLSGLFGVSSLAWTGHLVHVAIPESRGQHVGWDNFLSVLPHPQGLTPFFTGNWAAYAQSPDT
ASHVFGTAQGSGQAILTFLGGFHPQTQSLWLTDMAHHHLAIAVIFIVAGHMYRTNFGIGHRMQAILEAHTPPSGSLGAGH
KGLFDTVNNSLHFQLGLALASVGTITSLVAQHMYSLPPYAFQAIDFTTQAALYTHHQYIAGFIMCGAFAHGAIFFIRDYD
PEQNKGNVLARMLDHKEALISHLSWVSLFLGFHTLGLYVHNDVMQAFGTPEKQILIEPVFAQWIQAAHGKALYGFDFLLS
SKTSAAFANGQSLWLPGWLDAINNNQNSLFLTIGPGDFLVHHAIALGLHTTTLILVKGALDARGSKLMPDKKDFGYSFPC
DGPGRGGTCDISAYDAFYLAVFWMLNTIGWVTFYWHWKHLTLWQGNVAQFDESSTYLMGWLRDYLWLNSSQLINGYNPFG
MNSLSVWAWTFLFGHLIYATGFMFLISWRGYWQELIETLVWAHEKTPLANLVYWKDKPVALSIVQARLVGLAHFSVGYIF
TYAAFLIASTSGRFG
;
B
3 'polypeptide(L)'
;MAHIVKIYDTCIGCTQCVRACPLDVLEMVPWDGCKASQMASAPRTEDCVGCKRCETACPTDFLSVRVYLGSESTRSMGLS
Y
;
C
4 'polypeptide(L)'
;MVPKKKKKKKKKKYSALIPLLKQWYQRRVHGGCALDSLCILGPHCYSQQAKMAVMMRTQAPAATRASSRVAVAARPAARR
AVVVRAEAEAAPAAAKKAAEKPAWTVPTLNPDTPSPIFGGSTGGLLRKAQTEEFYVITWEAKKEQIFEMPTGGAAIMRQG
PNLLKFGKKEQCLALTTQLRNKFKLTPCFYRVFPDGKVQYLHPADGVYPEKVNAGRVGANQNMRRIGQNVNPIKVKFSGR
MMSPAEI
;
D
5 'polypeptide(L)'
;MVYAIPHVLCVDTTACHEWYQRRVHGGFQPRPRVTLRLSSPHQNRKMQALSSRVNIAAKPQRAQRLVVRAEEVKAAPKKE
VGPKRGSLVKILRPESYWFNQVGKVVSVDQSGVRYPVVVRFENQNYAGVTTNNYALDEVVAAK
;
E
6 'polypeptide(L)'
;MALTMRNPAVKASSRVAPSSRRALRVACQAQKNETASKVGTALAASALAAAVSLSAPSAAMADIAGLTPCSESKAYAKLE
KKELKTLEKRLKQYEADSAPAVALKATMERTKARFANYAKAGLLCGNDGLPHLIADPGLALKYGHAGEVFIPTFGFLYVA
GYIGYVGRQYLIAVKGEAKPTDKEIIIDVPLATKLAWQGAGWPLAAVQELQRGTLLEKEENITVSPR
;
F
7 'polypeptide(L)'
;MSLCSENGVKKISTGRTRSFGEAVHGCKHNGHPDLTLASRPSLRASARVAPRRAPRVAVVTKAALDPQIVISGSTAAFLA
IGRFVFLGYQRREANFDSTVGPKTTGATYFDDLQKNSTIFATNDPAGFNIIDVAGWGALGHAVGFAVLAINSLQGANLS
;
G
8 'polypeptide(L)'
;SACIVLWCLQTLPYRLFHQFSTPSKMALVARPVLSARVAASRPRVAARKAVRVSAKYGENSRYFDLQDMENTTGSWDMYG
VDEKKRYPDNQAKFFTQATDIISRRESLRALVALSGIAAIVTYGLKGAKDADLPITKGPQTTGENGKGGSVRSRL
;
H
9 'polypeptide(L)'
;MALRAVSAKSAVRPTVARASVKPVAALKPAQKMALAGAASVALLAASSSSAEASQVIATVASAAQGYPFVPPSWAPSVFV
PLTGLVLPAIAMATLFVYIEKEAPSS
;
I
10 'polypeptide(L)' MKDFTTYLSTAPVIATIWFTFTAGLLIEINRYFPDPLVFSF J
11 'polypeptide(L)'
;PRCICKMTARQSRISHCPLRAFASSCTNLVHTCPRLSSITSIYQPATMQALATRPSAIRPTKAARRSSVVVRADGFIGSS
TNLIMVASTTATLAAARFGLAPTVKKNTTAGLKLVDSKNSAGVISNDPAGFTIVDVLAMGAAGHGLGVGIVLGLKGIGAL
;
K
12 'polypeptide(L)'
;MPTKGSPLTGLITWAFLVSAAHTRTVDTRPRPRGIWRRAAVARRPVEERIATGSSLAHTYHKMAVAMRSSTGLRATAARR
QMPLGLGRVSTVRVCAADTKKAQVISPVNGDPFVGMLETPVTSAPIVATYLSNLPAYRTGVAPVLRGVEIGLAHGFLLAG
PFIKLGPLRNVPETAEIAGSLSAAGLVLILALCLSIYGSAQFQSTPSIGVKTLSGRSVARDPLFSADGWSEFAAGFLVGG
EAGVAWAYVCTQILPYYS
;
L
13 'polypeptide(L)'
;MGELSRADSLLRTITKPPIKMALSMRTLSARTAAPRGFSGRRVAAVSNGSRVTMKAGNWLPGSDAPAWLPDDLPGNYGFD
PLSLGKEPASLKRFTESEVIHGRWAMLGVAGSLAVELLGYGNWYDAPLWAVNGGKATWFGIEVPFDLNALLAFEFVAMAA
AEGQRGDAGGVVYPGGAFDPLGFAKDSSKSGELKLKEIKNGRLAMVAFLGFVAQHAATGKGPIAALGEHLANPWGANFAT
NGISVPFF
;
1,a
14 'polypeptide(L)'
;MMLTKSAQAAFSGKVARPAKANRARLVCRAEEKSIAKVDRSKDQLYVGASQSSLAYLDGSLPGDFGFDPLGLLDPVNSGG
FIEPKWLQYSEVIHARWAMLGAAGCIAPEVLGAAGLIPDATNIKWFESGVIPPAGSYNGYWADPYTIFFVEIVAMQFAEL
RRLQDFRYPGSMGQQYFLGLEAIFKGSGDAAYPGGPFFNLFNLGKTEAAMKELKLKEIKNGRLAMLAMLGYGAQAVMTGK
GPFQNLVEHLADPVNNNILTNFAGRVSGSSQPWRPHGWWRRRYRSVAALALIRNRSVC
;
3
15 'polypeptide(L)'
;MYSALIPLLSSGINAEYMGVSRCSGKMAFVLAKSSAFGVAAKPVSRRSSVAVKASAVPENVKEAREWIDAWKSKSGGAKR
DAALPSWMPGADLPGYLNGTLPGDFGFDPLYLGQDPVKLKWYAQAELMNARFAMLAVAGILVPELLSNIGFSWPGAGVAW
YDAGKFEYFAPASSLFGVQMLLFAWVEIRRYQDFVKPGSANQDPIFTNNKLPDGNEPGYPGGIFDPFGWSKGDIKSLKLK
EIKNGRLAMLAFAGFIGQAYTTGTTPLKNLSTHLADPWSTTVWQNDLARL
;
4
16 'polypeptide(L)'
;AVAWFFTPGHTNHQPAKMAALMQKSALSRPACSTRSSRRAVVVRAAADRKLWAPGVVAPEYLKGDLAGDYGWDPLGLGAD
PTALKWYRQSELQHARWAMLGVAGVLVQEIVKPDVYFYEAGLPQNLPEPFTNINMGGLLAWEFILMHWVEVRRWQDYKNF
GSVNEDPIFKGNKVPNPEMGYPGGIFDPFGFSKGNLKELQTKEIKNGRLAMIAYMAFILQAQATGKGPLAALSAHLSNPF
GNNILKNIGTCTVPHSVDVQGLTIPLTCLWPGSQ
;
5
17 'polypeptide(L)'
;MDIRREWEWCRVPHLQEPCNPGREKKKKKKKKKKYSALIPLLLSTQSTWGVFAKSHYTVPKMMLVAKNAVAARPSARSAR
RSVVAKASSRPLWLPGSTPPAHLKGDLPGDFGFDPLGLGANAESLKWFKESELVHSRWAMAAVAGILVQEIVRPDVFWYN
AGKEVESPLGPLGLLAVEFFLMHWVEVRRWQDLRKPGSVDQDPIFSQYKLPPHEVGYPGGVFAPFIPGDLAELKVKEIKN
GRLAMLAFVGFVMAAQVTGKGPIAALQEHLADPWGTTIFSKAAVVPGQAVAPPCKIPASVSYKGIEIPTPCFLQGLWP
;
6
18 'polypeptide(L)'
;MALSMIAQRRAGAFSARQAPRAVRAQAAVRPVWFPGNPPPAHLDGSLAGDYGFDPLFLGQEPQTLKWYVQAELVHGRFAM
LGAAGIILTSIGAKVGLGFPEWYDAGKVVVEKNNIDFPTLMVIQFYLMGWAETKRWYDFKNPGSQADGSFLGFTEEFKGL
ENGYPGGRFFDPMGLSRGDAAKYQEYKQKEVKNGRLAMIACLGFAAQYAATGKGPLDNLADHLADPNHVNFATNGVSIPI
A
;
7
19 'polypeptide(L)'
;GRQFAPRFLALCLCRCCLRTEHGPHSPATMALTMKRSGVAARSASSRKSVVTCVARQSWLPGSQIPAHLDTPAAQALAGN
FGFDPLGLGKDPVALRWYQQAELIHCRTAMAGVAGILIPGLLTKAGALNVPEWYDAGKVAIENSFAPWGSLLAVQLFLCG
FVEAKRWQDIRKPGSQGEPGSFLGFEASLKGTSELGYPGGPFDPLGLSKEADKWADWKLKEVKNGRLAMLAFLGFVAQKY
ATGAGPVDNLAAHLKDPWHVNYATNGVSLPFL
;
8
20 'polypeptide(L)'
;TVRVSASTRPMWYPGATAPAHLDGSMLGDYGFDPLRLGVNKDNLKWFREAELTNGRWAMAAVVGILFTDAVGLPKFWTAG
AEKYALDNQTLALIEVAVFAVLEGKRYEIYKKTGETGFLSFAPFDPMGMKSEEMKLKELKNGRLAMLAFLGFCSQAAVYG
KGPIETLQLHLADPGHNNIYTSSVGPETAVTVAVLCVLPMIIEATKTLNPGKESVPYFPWNEPWNKV
;
2
21 'polypeptide(L)'
;MIAAKSQVALGRRAPVRGQRVVAAASARPTWLPGLNPPAHLKGALAGDNGFDPLGLGQDEGRLKWYAEAEKTNGRWAMMA
VAGILGQELLGVTPAWWEAGAKEYDIPAQALTPIEFIVMGFLEIKRYQGFKQTGTSGFINSFPFDPAGMNSPSMATKEVK
NGRLAMVAFIGFCVQALATRTQPIEGLTAHLADPFGKNITYYLTHLPETLGSA
;
9
22 'polypeptide(L)' AAAAAAAAAAAAAAAAAAAAAAAAAA X
#
loop_
_chem_comp.id
_chem_comp.type
_chem_comp.name
_chem_comp.formula
BCR non-polymer BETA-CAROTENE 'C40 H56'
CLA non-polymer 'CHLOROPHYLL A' 'C55 H72 Mg N4 O5'
DGD saccharide 'DIGALACTOSYL DIACYL GLYCEROL (DGDG)' 'C51 H96 O15'
LHG non-polymer 1,2-DIPALMITOYL-PHOSPHATIDYL-GLYCEROLE 'C38 H75 O10 P'
LMG non-polymer 1,2-DISTEAROYL-MONOGALACTOSYL-DIGLYCERIDE 'C45 H86 O10'
LMU D-saccharide DODECYL-ALPHA-D-MALTOSIDE 'C24 H46 O11'
LUT non-polymer (3R,3'R,6S)-4,5-DIDEHYDRO-5,6-DIHYDRO-BETA,BETA-CAROTENE-3,3'-DIOL 'C40 H56 O2'
NEX non-polymer (1R,3R)-6-{(3E,5E,7E,9E,11E,13E,15E,17E)-18-[(1S,4R,6R)-4-HYDROXY-2,2,6-TRIMETHYL-7-OXABICYCLO[4.1.0]HEPT-1-YL]-3,7,12,16-TETRAMETHYLOCTADECA-1,3,5,7,9,11,13,15,17-NONAENYLIDENE}-1,5,5-TRIMETHYLCYCLOHEXANE-1,3-DIOL 'C40 H56 O4'
PQN non-polymer PHYLLOQUINONE 'C31 H46 O2'
SF4 non-polymer 'IRON/SULFUR CLUSTER' 'Fe4 S4'
XAT non-polymer '(3S,5R,6S,3'S,5'R,6'S)-5,6,5',6'-DIEPOXY-5,6,5',6'- TETRAHYDRO-BETA,BETA-CAROTENE-3,3'-DIOL' 'C40 H56 O4'
#
# COMPACT_ATOMS: atom_id res chain seq x y z
N LYS A 11 29.35 53.13 6.91
CA LYS A 11 29.33 51.84 7.56
C LYS A 11 29.23 50.77 6.50
N LYS A 12 30.34 50.08 6.24
CA LYS A 12 30.28 48.99 5.29
C LYS A 12 29.50 47.81 5.87
N VAL A 13 29.60 47.59 7.18
CA VAL A 13 28.77 46.60 7.86
C VAL A 13 27.52 47.30 8.35
N LYS A 14 26.40 47.03 7.70
CA LYS A 14 25.17 47.76 7.99
C LYS A 14 23.98 46.89 7.69
N ILE A 15 22.86 47.22 8.33
CA ILE A 15 21.59 46.57 8.02
C ILE A 15 21.13 47.02 6.64
N ALA A 16 20.81 46.05 5.79
CA ALA A 16 20.33 46.37 4.45
C ALA A 16 19.28 45.35 4.08
N VAL A 17 18.03 45.79 4.03
CA VAL A 17 16.93 44.91 3.64
C VAL A 17 16.21 45.53 2.46
N ASP A 18 15.23 44.81 1.96
CA ASP A 18 14.37 45.28 0.89
C ASP A 18 12.95 45.14 1.38
N ARG A 19 12.17 46.22 1.24
CA ARG A 19 10.81 46.21 1.77
C ARG A 19 9.88 45.52 0.80
N ASN A 20 9.17 44.51 1.31
CA ASN A 20 8.14 43.72 0.63
C ASN A 20 8.59 43.14 -0.71
N PRO A 21 9.48 42.15 -0.73
CA PRO A 21 9.87 41.59 -2.03
C PRO A 21 8.81 40.69 -2.61
N VAL A 22 8.11 39.96 -1.78
CA VAL A 22 7.14 38.97 -2.23
C VAL A 22 5.81 39.28 -1.54
N GLU A 23 4.74 39.30 -2.33
CA GLU A 23 3.41 39.41 -1.76
C GLU A 23 3.04 38.14 -1.03
N THR A 24 2.60 38.28 0.22
CA THR A 24 2.08 37.16 0.99
C THR A 24 0.75 36.75 0.39
N SER A 25 0.74 35.65 -0.36
CA SER A 25 -0.44 35.28 -1.12
C SER A 25 -0.48 33.79 -1.35
N PHE A 26 -1.69 33.25 -1.36
CA PHE A 26 -1.90 31.83 -1.58
C PHE A 26 -2.01 31.50 -3.05
N GLU A 27 -1.73 32.47 -3.92
CA GLU A 27 -1.92 32.31 -5.35
C GLU A 27 -0.94 31.32 -5.94
N LYS A 28 0.26 31.23 -5.39
CA LYS A 28 1.25 30.29 -5.87
C LYS A 28 1.13 28.93 -5.22
N TRP A 29 0.33 28.77 -4.18
CA TRP A 29 0.06 27.43 -3.67
C TRP A 29 -0.93 26.71 -4.57
N ALA A 30 -1.69 27.45 -5.37
CA ALA A 30 -2.59 26.86 -6.34
C ALA A 30 -1.85 26.23 -7.49
N LYS A 31 -0.62 26.67 -7.76
CA LYS A 31 0.14 26.24 -8.92
C LYS A 31 1.40 25.53 -8.44
N PRO A 32 1.36 24.21 -8.27
CA PRO A 32 2.55 23.49 -7.84
C PRO A 32 3.60 23.48 -8.93
N GLY A 33 4.87 23.46 -8.51
CA GLY A 33 5.95 23.55 -9.46
C GLY A 33 6.19 24.94 -9.97
N HIS A 34 5.71 25.96 -9.26
CA HIS A 34 5.83 27.34 -9.68
C HIS A 34 7.26 27.85 -9.62
N PHE A 35 8.12 27.20 -8.85
CA PHE A 35 9.47 27.71 -8.67
C PHE A 35 10.34 27.51 -9.90
N SER A 36 10.04 26.51 -10.72
CA SER A 36 10.90 26.16 -11.83
C SER A 36 10.16 26.30 -13.15
N ARG A 37 10.92 26.61 -14.19
CA ARG A 37 10.37 26.70 -15.54
C ARG A 37 9.91 25.35 -16.03
N THR A 38 10.65 24.30 -15.71
CA THR A 38 10.37 22.97 -16.24
C THR A 38 9.16 22.33 -15.58
N LEU A 39 8.67 22.88 -14.47
CA LEU A 39 7.60 22.25 -13.72
C LEU A 39 6.30 23.03 -13.73
N SER A 40 6.34 24.32 -14.05
CA SER A 40 5.17 25.18 -13.91
C SER A 40 4.11 24.93 -14.97
N LYS A 41 4.41 24.16 -16.01
CA LYS A 41 3.45 23.89 -17.07
C LYS A 41 2.59 22.66 -16.81
N GLY A 42 2.60 22.13 -15.59
CA GLY A 42 1.73 21.04 -15.22
C GLY A 42 2.30 19.69 -15.62
N PRO A 43 1.69 18.62 -15.17
CA PRO A 43 2.21 17.28 -15.46
C PRO A 43 1.75 16.81 -16.82
N ASN A 44 2.49 15.85 -17.33
CA ASN A 44 1.97 14.97 -18.37
C ASN A 44 2.45 13.56 -18.10
N THR A 45 3.00 13.31 -16.92
CA THR A 45 3.91 12.22 -16.61
C THR A 45 4.13 12.20 -15.10
N THR A 46 4.15 11.01 -14.49
CA THR A 46 4.36 10.94 -13.05
C THR A 46 5.75 11.32 -12.61
N THR A 47 6.68 11.57 -13.52
CA THR A 47 7.98 12.11 -13.15
C THR A 47 7.88 13.58 -12.76
N TRP A 48 6.76 14.24 -13.10
CA TRP A 48 6.55 15.61 -12.67
C TRP A 48 6.47 15.69 -11.15
N ILE A 49 5.61 14.88 -10.53
CA ILE A 49 5.43 14.97 -9.08
C ILE A 49 6.60 14.43 -8.30
N TRP A 50 7.50 13.68 -8.92
CA TRP A 50 8.72 13.36 -8.20
C TRP A 50 9.75 14.46 -8.37
N ASN A 51 9.80 15.09 -9.54
CA ASN A 51 10.72 16.21 -9.72
C ASN A 51 10.25 17.44 -8.97
N LEU A 52 8.97 17.51 -8.62
CA LEU A 52 8.48 18.59 -7.79
C LEU A 52 9.09 18.53 -6.40
N HIS A 53 9.09 17.36 -5.79
CA HIS A 53 9.64 17.23 -4.45
C HIS A 53 11.16 17.14 -4.46
N ALA A 54 11.76 16.76 -5.59
CA ALA A 54 13.21 16.68 -5.65
C ALA A 54 13.84 18.04 -5.81
N ASP A 55 13.28 18.87 -6.69
CA ASP A 55 13.80 20.19 -6.98
C ASP A 55 13.23 21.27 -6.08
N ALA A 56 12.57 20.90 -5.00
CA ALA A 56 11.78 21.85 -4.22
C ALA A 56 12.68 22.79 -3.43
N HIS A 57 13.70 22.24 -2.78
CA HIS A 57 14.61 23.02 -1.97
C HIS A 57 15.95 23.20 -2.65
N ASP A 58 16.03 22.87 -3.93
CA ASP A 58 17.24 23.13 -4.73
C ASP A 58 17.19 24.59 -5.16
N PHE A 59 17.46 25.48 -4.19
CA PHE A 59 17.23 26.90 -4.38
C PHE A 59 18.19 27.51 -5.37
N ASP A 60 19.37 26.90 -5.52
CA ASP A 60 20.35 27.34 -6.51
C ASP A 60 19.88 27.07 -7.93
N SER A 61 18.97 26.11 -8.12
CA SER A 61 18.48 25.75 -9.44
C SER A 61 17.21 26.49 -9.81
N HIS A 62 16.50 27.10 -8.84
CA HIS A 62 15.32 27.88 -9.17
C HIS A 62 15.70 29.12 -9.97
N THR A 63 16.53 29.97 -9.37
CA THR A 63 16.94 31.24 -9.94
C THR A 63 18.45 31.27 -10.08
N SER A 64 18.92 32.34 -10.70
CA SER A 64 20.35 32.62 -10.80
C SER A 64 20.80 33.69 -9.81
N ASP A 65 19.88 34.45 -9.26
CA ASP A 65 20.23 35.56 -8.38
C ASP A 65 20.66 35.02 -7.02
N LEU A 66 21.88 35.36 -6.62
CA LEU A 66 22.40 34.91 -5.34
C LEU A 66 21.69 35.57 -4.18
N GLU A 67 21.18 36.78 -4.38
CA GLU A 67 20.39 37.44 -3.35
C GLU A 67 19.08 36.71 -3.12
N GLU A 68 18.44 36.27 -4.19
CA GLU A 68 17.17 35.56 -4.04
C GLU A 68 17.38 34.16 -3.45
N ILE A 69 18.50 33.52 -3.78
CA ILE A 69 18.86 32.26 -3.12
C ILE A 69 19.06 32.50 -1.63
N SER A 70 19.79 33.55 -1.28
CA SER A 70 20.19 33.78 0.10
C SER A 70 18.98 34.10 0.97
N ARG A 71 18.01 34.82 0.43
CA ARG A 71 16.78 35.09 1.16
C ARG A 71 15.96 33.83 1.34
N LYS A 72 16.07 32.90 0.41
CA LYS A 72 15.32 31.66 0.53
C LYS A 72 15.93 30.74 1.57
N VAL A 73 17.25 30.73 1.69
CA VAL A 73 17.85 29.84 2.68
C VAL A 73 17.85 30.49 4.05
N PHE A 74 17.63 31.80 4.12
CA PHE A 74 17.62 32.45 5.41
C PHE A 74 16.30 32.25 6.11
N SER A 75 15.20 32.28 5.36
CA SER A 75 13.89 32.07 5.96
C SER A 75 13.52 30.59 6.04
N ALA A 76 14.16 29.74 5.24
CA ALA A 76 13.99 28.32 5.44
C ALA A 76 14.66 27.86 6.71
N HIS A 77 15.74 28.52 7.12
CA HIS A 77 16.37 28.17 8.38
C HIS A 77 15.50 28.55 9.57
N PHE A 78 14.70 29.60 9.45
CA PHE A 78 13.69 29.85 10.48
C PHE A 78 12.62 28.80 10.47
N GLY A 79 12.37 28.20 9.31
CA GLY A 79 11.43 27.10 9.26
C GLY A 79 11.97 25.85 9.91
N GLN A 80 13.26 25.58 9.77
CA GLN A 80 13.84 24.43 10.47
C GLN A 80 13.93 24.70 11.96
N LEU A 81 14.30 25.92 12.36
CA LEU A 81 14.33 26.26 13.77
C LEU A 81 12.94 26.27 14.38
N GLY A 82 11.96 26.74 13.61
CA GLY A 82 10.59 26.74 14.10
C GLY A 82 10.02 25.35 14.27
N ILE A 83 10.47 24.40 13.47
CA ILE A 83 10.08 23.02 13.66
C ILE A 83 10.81 22.38 14.83
N ILE A 84 12.06 22.78 15.07
CA ILE A 84 12.78 22.29 16.25
C ILE A 84 12.13 22.82 17.52
N PHE A 85 11.65 24.06 17.50
CA PHE A 85 10.96 24.58 18.69
C PHE A 85 9.62 23.90 18.91
N ILE A 86 8.96 23.41 17.85
CA ILE A 86 7.80 22.55 18.07
C ILE A 86 8.24 21.23 18.67
N TRP A 87 9.35 20.70 18.16
CA TRP A 87 9.86 19.39 18.57
C TRP A 87 10.33 19.41 20.01
N LEU A 88 11.05 20.45 20.41
CA LEU A 88 11.42 20.58 21.81
C LEU A 88 10.21 20.75 22.70
N SER A 89 9.26 21.59 22.28
CA SER A 89 8.09 21.83 23.11
C SER A 89 7.18 20.64 23.18
N GLY A 90 7.26 19.73 22.22
CA GLY A 90 6.58 18.45 22.38
C GLY A 90 7.16 17.64 23.50
N MET A 91 8.50 17.62 23.61
CA MET A 91 9.14 16.74 24.57
C MET A 91 9.02 17.28 25.98
N TYR A 92 8.91 18.59 26.13
CA TYR A 92 8.60 19.14 27.44
C TYR A 92 7.14 18.94 27.78
N PHE A 93 6.26 18.96 26.78
CA PHE A 93 4.84 18.75 27.05
C PHE A 93 4.56 17.29 27.36
N HIS A 94 5.04 16.39 26.49
CA HIS A 94 5.01 14.96 26.80
C HIS A 94 5.89 14.64 27.99
N GLY A 95 6.85 15.49 28.32
CA GLY A 95 7.49 15.40 29.61
C GLY A 95 6.63 15.84 30.77
N ALA A 96 5.62 16.67 30.52
CA ALA A 96 4.81 17.21 31.60
C ALA A 96 3.55 16.39 31.84
N ARG A 97 2.70 16.25 30.81
CA ARG A 97 1.38 15.69 31.03
C ARG A 97 1.35 14.19 30.94
N PHE A 98 2.28 13.55 30.23
CA PHE A 98 2.30 12.11 30.13
C PHE A 98 3.69 11.61 30.47
N SER A 99 4.00 11.51 31.75
CA SER A 99 5.33 11.11 32.18
C SER A 99 5.26 10.61 33.60
N ASN A 100 6.42 10.20 34.10
CA ASN A 100 6.60 9.88 35.50
C ASN A 100 7.77 10.65 36.07
N TYR A 101 8.00 11.87 35.57
CA TYR A 101 9.12 12.67 36.04
C TYR A 101 8.92 13.14 37.47
N GLU A 102 7.68 13.25 37.93
CA GLU A 102 7.43 13.48 39.34
C GLU A 102 7.91 12.30 40.18
N ALA A 103 7.57 11.09 39.76
CA ALA A 103 7.95 9.91 40.51
C ALA A 103 9.40 9.52 40.31
N TRP A 104 9.98 9.89 39.16
CA TRP A 104 11.33 9.44 38.83
C TRP A 104 12.38 10.07 39.72
N LEU A 105 12.17 11.33 40.13
CA LEU A 105 13.19 12.03 40.90
C LEU A 105 13.34 11.46 42.31
N SER A 106 12.28 10.89 42.87
CA SER A 106 12.38 10.37 44.22
C SER A 106 13.13 9.04 44.23
N ASP A 107 12.95 8.20 43.22
CA ASP A 107 13.67 6.94 43.11
C ASP A 107 14.25 6.82 41.70
N PRO A 108 15.36 7.49 41.40
CA PRO A 108 15.94 7.39 40.06
C PRO A 108 16.91 6.24 39.92
N THR A 109 16.57 5.08 40.49
CA THR A 109 17.43 3.90 40.40
C THR A 109 16.58 2.72 39.96
N HIS A 110 15.30 2.78 40.29
CA HIS A 110 14.38 1.68 40.03
C HIS A 110 13.29 2.03 39.05
N ILE A 111 12.89 3.29 39.00
CA ILE A 111 11.78 3.70 38.16
C ILE A 111 12.34 4.00 36.79
N LYS A 112 11.88 3.28 35.81
CA LYS A 112 12.39 3.48 34.47
C LYS A 112 11.77 4.73 33.86
N PRO A 113 12.58 5.55 33.18
CA PRO A 113 12.07 6.76 32.56
C PRO A 113 11.10 6.46 31.44
N SER A 114 9.94 7.11 31.47
CA SER A 114 8.90 6.88 30.48
C SER A 114 8.13 8.16 30.26
N ALA A 115 7.94 8.50 29.00
CA ALA A 115 7.25 9.75 28.65
C ALA A 115 6.34 9.62 27.46
N GLN A 116 6.16 8.43 26.90
CA GLN A 116 5.19 8.20 25.84
C GLN A 116 4.17 7.19 26.33
N VAL A 117 2.89 7.56 26.25
CA VAL A 117 1.77 6.72 26.65
C VAL A 117 0.88 6.56 25.44
N VAL A 118 0.49 5.32 25.16
CA VAL A 118 -0.30 5.03 23.99
C VAL A 118 -1.77 4.90 24.39
N TRP A 119 -2.62 4.86 23.41
CA TRP A 119 -4.07 4.78 23.61
C TRP A 119 -4.53 3.34 23.57
N PRO A 120 -5.37 2.92 24.50
CA PRO A 120 -5.82 1.52 24.53
C PRO A 120 -6.87 1.19 23.49
N ILE A 121 -6.48 0.83 22.27
CA ILE A 121 -7.52 0.57 21.27
C ILE A 121 -7.49 -0.86 20.73
N VAL A 122 -6.44 -1.25 20.03
CA VAL A 122 -6.41 -2.51 19.32
C VAL A 122 -5.61 -3.55 20.09
N GLY A 123 -5.45 -3.35 21.38
CA GLY A 123 -4.49 -4.10 22.13
C GLY A 123 -3.12 -3.49 22.16
N GLN A 124 -2.96 -2.29 21.61
CA GLN A 124 -1.64 -1.68 21.66
C GLN A 124 -1.34 -1.03 23.00
N GLU A 125 -2.25 -1.12 23.97
CA GLU A 125 -1.96 -0.66 25.31
C GLU A 125 -0.98 -1.55 26.06
N ILE A 126 -0.63 -2.71 25.48
CA ILE A 126 0.39 -3.55 26.08
C ILE A 126 1.77 -2.90 25.96
N LEU A 127 1.92 -1.92 25.08
CA LEU A 127 3.14 -1.14 24.98
C LEU A 127 3.30 -0.17 26.14
N ASN A 128 2.30 -0.03 27.00
CA ASN A 128 2.42 0.71 28.25
C ASN A 128 2.96 -0.25 29.29
N GLY A 129 4.27 -0.34 29.37
CA GLY A 129 4.88 -1.26 30.29
C GLY A 129 4.81 -0.81 31.72
N ASP A 130 5.28 -1.68 32.61
CA ASP A 130 5.32 -1.37 34.04
C ASP A 130 6.65 -0.72 34.36
N VAL A 131 6.75 0.56 33.99
CA VAL A 131 8.00 1.29 34.14
C VAL A 131 8.24 1.80 35.55
N GLY A 132 7.35 1.52 36.48
CA GLY A 132 7.53 1.94 37.85
C GLY A 132 7.04 3.35 38.11
N GLY A 133 6.89 3.68 39.38
CA GLY A 133 6.45 5.00 39.74
C GLY A 133 4.97 5.22 39.64
N GLY A 134 4.17 4.16 39.70
CA GLY A 134 2.72 4.26 39.61
C GLY A 134 2.28 4.73 38.25
N PHE A 135 2.83 4.13 37.21
CA PHE A 135 2.74 4.71 35.89
C PHE A 135 2.90 3.61 34.85
N GLN A 136 2.24 3.78 33.72
CA GLN A 136 2.37 2.88 32.58
C GLN A 136 2.63 3.69 31.33
N GLY A 137 3.59 3.26 30.54
CA GLY A 137 3.94 3.99 29.33
C GLY A 137 5.15 3.38 28.68
N ILE A 138 5.48 3.91 27.50
CA ILE A 138 6.66 3.44 26.79
C ILE A 138 7.90 3.98 27.49
N GLN A 139 8.78 3.07 27.87
CA GLN A 139 10.05 3.44 28.48
C GLN A 139 10.92 4.16 27.47
N ILE A 140 11.12 5.45 27.66
CA ILE A 140 11.87 6.25 26.70
C ILE A 140 13.35 6.07 26.96
N THR A 141 14.15 6.50 25.99
CA THR A 141 15.59 6.33 26.06
C THR A 141 16.34 7.58 25.64
N SER A 142 15.63 8.66 25.32
CA SER A 142 16.25 9.88 24.84
C SER A 142 16.83 10.73 25.95
N GLY A 143 16.64 10.34 27.20
CA GLY A 143 17.40 10.94 28.29
C GLY A 143 17.01 12.34 28.66
N PHE A 144 15.77 12.74 28.38
CA PHE A 144 15.33 14.06 28.79
C PHE A 144 15.24 14.19 30.29
N PHE A 145 14.91 13.11 31.00
CA PHE A 145 14.78 13.18 32.45
C PHE A 145 16.13 13.45 33.09
N GLN A 146 17.22 13.10 32.41
CA GLN A 146 18.55 13.38 32.92
C GLN A 146 18.98 14.80 32.57
N LEU A 147 18.45 15.36 31.48
CA LEU A 147 18.59 16.80 31.27
C LEU A 147 17.88 17.58 32.36
N TRP A 148 16.71 17.11 32.76
CA TRP A 148 15.83 17.94 33.56
C TRP A 148 16.23 17.91 35.02
N ARG A 149 16.77 16.78 35.49
CA ARG A 149 17.40 16.78 36.80
C ARG A 149 18.67 17.61 36.77
N ALA A 150 19.38 17.63 35.65
CA ALA A 150 20.53 18.51 35.52
C ALA A 150 20.12 19.96 35.40
N SER A 151 18.91 20.20 34.92
CA SER A 151 18.37 21.55 34.91
C SER A 151 17.66 21.89 36.20
N GLY A 152 17.43 20.89 37.05
CA GLY A 152 16.79 21.11 38.33
C GLY A 152 15.32 21.43 38.21
N ILE A 153 14.62 20.72 37.33
CA ILE A 153 13.23 21.05 37.01
C ILE A 153 12.32 20.79 38.21
N THR A 154 12.33 19.57 38.73
CA THR A 154 11.67 19.11 39.95
C THR A 154 10.15 19.20 39.99
N SER A 155 9.51 19.65 38.92
CA SER A 155 8.05 19.73 38.94
C SER A 155 7.53 19.71 37.52
N GLU A 156 6.33 19.15 37.33
CA GLU A 156 5.73 19.16 36.01
C GLU A 156 5.11 20.50 35.65
N LEU A 157 5.07 21.44 36.58
CA LEU A 157 4.71 22.81 36.23
C LEU A 157 5.79 23.44 35.38
N GLN A 158 7.06 23.22 35.73
CA GLN A 158 8.15 23.83 34.99
C GLN A 158 8.24 23.30 33.58
N LEU A 159 7.90 22.02 33.39
CA LEU A 159 7.92 21.44 32.05
C LEU A 159 6.76 21.96 31.21
N TYR A 160 5.64 22.28 31.85
CA TYR A 160 4.50 22.80 31.09
C TYR A 160 4.72 24.24 30.68
N THR A 161 5.36 25.03 31.53
CA THR A 161 5.57 26.44 31.20
C THR A 161 6.61 26.60 30.12
N THR A 162 7.61 25.73 30.08
CA THR A 162 8.58 25.78 28.99
C THR A 162 8.10 25.05 27.75
N ALA A 163 6.99 24.32 27.85
CA ALA A 163 6.36 23.82 26.63
C ALA A 163 5.54 24.91 25.98
N ILE A 164 4.83 25.70 26.79
CA ILE A 164 4.12 26.87 26.25
C ILE A 164 5.13 27.90 25.76
N GLY A 165 6.28 28.00 26.43
CA GLY A 165 7.35 28.83 25.92
C GLY A 165 7.98 28.29 24.65
N GLY A 166 7.77 27.01 24.36
CA GLY A 166 8.25 26.47 23.09
C GLY A 166 7.31 26.72 21.94
N LEU A 167 6.00 26.63 22.20
CA LEU A 167 5.01 26.99 21.18
C LEU A 167 5.09 28.47 20.84
N VAL A 168 5.31 29.33 21.83
CA VAL A 168 5.44 30.76 21.59
C VAL A 168 6.68 31.04 20.77
N MET A 169 7.78 30.35 21.07
CA MET A 169 9.02 30.60 20.36
C MET A 169 8.95 30.06 18.94
N ALA A 170 8.17 29.00 18.71
CA ALA A 170 8.03 28.45 17.37
C ALA A 170 7.23 29.36 16.47
N ALA A 171 6.18 29.98 17.00
CA ALA A 171 5.41 30.94 16.22
C ALA A 171 6.20 32.21 16.00
N ALA A 172 7.11 32.53 16.91
CA ALA A 172 8.02 33.66 16.67
C ALA A 172 9.00 33.33 15.57
N MET A 173 9.45 32.08 15.48
CA MET A 173 10.36 31.67 14.42
C MET A 173 9.65 31.56 13.08
N PHE A 174 8.39 31.14 13.09
CA PHE A 174 7.61 31.16 11.87
C PHE A 174 7.29 32.57 11.44
N PHE A 175 7.11 33.48 12.40
CA PHE A 175 6.95 34.89 12.05
C PHE A 175 8.21 35.43 11.42
N ALA A 176 9.36 35.05 11.96
CA ALA A 176 10.63 35.63 11.55
C ALA A 176 11.00 35.23 10.14
N GLY A 177 10.77 33.97 9.78
CA GLY A 177 10.97 33.58 8.40
C GLY A 177 9.96 34.21 7.47
N TRP A 178 8.74 34.43 7.96
CA TRP A 178 7.77 35.15 7.14
C TRP A 178 8.15 36.60 6.99
N PHE A 179 8.62 37.22 8.07
CA PHE A 179 8.99 38.63 8.03
C PHE A 179 10.23 38.83 7.20
N HIS A 180 11.28 38.06 7.47
CA HIS A 180 12.53 38.23 6.75
C HIS A 180 12.54 37.59 5.37
N TYR A 181 11.40 37.13 4.86
CA TYR A 181 11.29 36.85 3.43
C TYR A 181 10.24 37.70 2.77
N HIS A 182 9.02 37.71 3.30
CA HIS A 182 7.93 38.38 2.63
C HIS A 182 7.87 39.86 2.95
N LYS A 183 8.03 40.25 4.20
CA LYS A 183 7.85 41.66 4.53
C LYS A 183 9.14 42.46 4.43
N ALA A 184 10.20 42.02 5.07
CA ALA A 184 11.43 42.80 5.06
C ALA A 184 12.62 41.84 4.99
N ALA A 185 13.03 41.52 3.77
CA ALA A 185 14.04 40.53 3.49
C ALA A 185 15.38 41.18 3.21
N PRO A 186 16.47 40.61 3.70
CA PRO A 186 17.77 41.29 3.61
C PRO A 186 18.31 41.31 2.20
N LYS A 187 19.23 42.24 1.97
CA LYS A 187 19.92 42.33 0.71
C LYS A 187 21.11 41.37 0.70
N LEU A 188 21.79 41.31 -0.44
CA LEU A 188 22.86 40.32 -0.61
C LEU A 188 24.07 40.65 0.23
N GLU A 189 24.46 41.92 0.30
CA GLU A 189 25.66 42.28 1.02
C GLU A 189 25.46 42.27 2.53
N TRP A 190 24.24 42.06 3.01
CA TRP A 190 24.05 41.74 4.41
C TRP A 190 24.63 40.37 4.72
N PHE A 191 24.34 39.38 3.87
CA PHE A 191 24.80 38.01 4.09
C PHE A 191 26.30 37.89 3.88
N GLN A 192 26.90 38.75 3.08
CA GLN A 192 28.32 38.65 2.77
C GLN A 192 29.20 39.40 3.76
N ASN A 193 28.69 39.66 4.97
CA ASN A 193 29.50 40.18 6.07
C ASN A 193 29.82 39.00 6.99
N VAL A 194 30.74 38.17 6.53
CA VAL A 194 31.13 36.98 7.28
C VAL A 194 32.05 37.34 8.43
N GLU A 195 32.67 38.51 8.41
CA GLU A 195 33.38 38.97 9.60
C GLU A 195 32.38 39.32 10.69
N SER A 196 31.30 39.99 10.32
CA SER A 196 30.30 40.38 11.30
C SER A 196 29.47 39.21 11.77
N MET A 197 29.38 38.16 10.96
CA MET A 197 28.60 37.00 11.36
C MET A 197 29.36 36.17 12.39
N LEU A 198 30.66 36.02 12.18
CA LEU A 198 31.47 35.24 13.12
C LEU A 198 31.72 35.99 14.41
N ASN A 199 31.84 37.31 14.35
CA ASN A 199 31.97 38.09 15.58
C ASN A 199 30.70 37.99 16.41
N HIS A 200 29.55 37.92 15.73
CA HIS A 200 28.29 37.81 16.46
C HIS A 200 28.00 36.38 16.88
N HIS A 201 28.37 35.39 16.07
CA HIS A 201 28.03 34.02 16.45
C HIS A 201 29.01 33.45 17.46
N LEU A 202 30.30 33.79 17.40
CA LEU A 202 31.22 33.36 18.43
C LEU A 202 30.99 34.09 19.75
N GLY A 203 30.68 35.37 19.67
CA GLY A 203 30.47 36.14 20.88
C GLY A 203 29.06 36.01 21.42
N GLY A 204 28.06 36.21 20.58
CA GLY A 204 26.70 36.27 21.09
C GLY A 204 26.04 34.92 21.23
N LEU A 205 26.16 34.07 20.21
CA LEU A 205 25.52 32.77 20.29
C LEU A 205 26.29 31.85 21.22
N LEU A 206 27.55 31.58 20.87
CA LEU A 206 28.31 30.60 21.63
C LEU A 206 28.83 31.20 22.93
N GLY A 207 29.35 32.42 22.88
CA GLY A 207 29.86 33.04 24.09
C GLY A 207 28.82 33.43 25.12
N LEU A 208 27.87 34.29 24.75
CA LEU A 208 26.85 34.68 25.70
C LEU A 208 25.87 33.57 25.99
N GLY A 209 25.77 32.57 25.11
CA GLY A 209 24.94 31.42 25.40
C GLY A 209 25.49 30.59 26.55
N SER A 210 26.79 30.32 26.52
CA SER A 210 27.39 29.56 27.61
C SER A 210 27.65 30.42 28.83
N LEU A 211 27.62 31.74 28.69
CA LEU A 211 27.59 32.58 29.87
C LEU A 211 26.22 32.51 30.53
N ALA A 212 25.17 32.53 29.73
CA ALA A 212 23.82 32.49 30.25
C ALA A 212 23.51 31.14 30.86
N TRP A 213 23.99 30.06 30.26
CA TRP A 213 23.69 28.74 30.79
C TRP A 213 24.48 28.46 32.05
N ALA A 214 25.70 28.98 32.14
CA ALA A 214 26.44 28.92 33.39
C ALA A 214 25.71 29.67 34.48
N GLY A 215 25.11 30.80 34.15
CA GLY A 215 24.30 31.52 35.11
C GLY A 215 23.04 30.76 35.49
N HIS A 216 22.53 29.94 34.57
CA HIS A 216 21.48 29.02 34.98
C HIS A 216 22.05 27.91 35.84
N GLN A 217 23.28 27.50 35.58
CA GLN A 217 23.85 26.45 36.39
C GLN A 217 24.33 26.94 37.74
N ILE A 218 24.78 28.19 37.84
CA ILE A 218 25.17 28.73 39.13
C ILE A 218 23.93 28.91 40.00
N HIS A 219 22.95 29.63 39.48
CA HIS A 219 21.87 30.11 40.30
C HIS A 219 20.69 29.17 40.39
N VAL A 220 20.61 28.15 39.54
CA VAL A 220 19.46 27.25 39.64
C VAL A 220 19.90 25.81 39.86
N SER A 221 20.74 25.28 38.97
CA SER A 221 20.93 23.83 38.97
C SER A 221 21.85 23.37 40.09
N LEU A 222 22.87 24.16 40.42
CA LEU A 222 23.74 23.79 41.54
C LEU A 222 23.02 23.73 42.89
N PRO A 223 22.24 24.72 43.34
CA PRO A 223 21.59 24.55 44.65
C PRO A 223 20.48 23.53 44.64
N VAL A 224 19.84 23.29 43.49
CA VAL A 224 18.80 22.25 43.46
C VAL A 224 19.44 20.87 43.52
N ASN A 225 20.44 20.61 42.69
CA ASN A 225 21.07 19.30 42.70
C ASN A 225 22.00 19.08 43.88
N LYS A 226 22.38 20.12 44.61
CA LYS A 226 23.08 19.86 45.87
C LYS A 226 22.10 19.37 46.93
N LEU A 227 20.86 19.86 46.87
CA LEU A 227 19.85 19.40 47.81
C LEU A 227 19.31 18.03 47.44
N LEU A 228 19.37 17.67 46.16
CA LEU A 228 18.98 16.32 45.76
C LEU A 228 20.04 15.30 46.12
N ASP A 229 21.32 15.66 46.03
CA ASP A 229 22.38 14.73 46.38
C ASP A 229 22.49 14.58 47.89
N ALA A 230 22.27 15.66 48.63
CA ALA A 230 22.23 15.56 50.09
C ALA A 230 20.97 14.84 50.57
N GLY A 231 19.94 14.82 49.73
CA GLY A 231 18.75 14.03 49.96
C GLY A 231 17.65 14.88 50.53
N VAL A 232 16.79 15.38 49.64
CA VAL A 232 15.60 16.17 49.98
C VAL A 232 14.56 15.79 48.93
N ASP A 233 13.33 15.54 49.38
CA ASP A 233 12.24 15.26 48.46
C ASP A 233 11.98 16.49 47.59
N PRO A 234 11.70 16.29 46.29
CA PRO A 234 11.73 17.43 45.35
C PRO A 234 10.66 18.47 45.58
N LYS A 235 9.60 18.14 46.31
CA LYS A 235 8.60 19.12 46.67
C LYS A 235 9.00 19.95 47.88
N GLU A 236 10.13 19.64 48.50
CA GLU A 236 10.61 20.33 49.69
C GLU A 236 11.79 21.24 49.38
N ILE A 237 12.43 21.08 48.23
CA ILE A 237 13.49 21.96 47.75
C ILE A 237 12.93 23.36 47.53
N PRO A 238 13.67 24.42 47.85
CA PRO A 238 13.21 25.76 47.49
C PRO A 238 13.11 25.94 45.99
N LEU A 239 12.06 26.64 45.55
CA LEU A 239 11.89 26.96 44.16
C LEU A 239 13.01 27.89 43.71
N PRO A 240 13.45 27.78 42.45
CA PRO A 240 14.70 28.45 42.05
C PRO A 240 14.63 29.96 42.01
N HIS A 241 13.46 30.56 41.98
CA HIS A 241 13.38 32.00 42.14
C HIS A 241 13.60 32.43 43.58
N ASP A 242 13.34 31.55 44.54
CA ASP A 242 13.71 31.82 45.91
C ASP A 242 15.22 31.69 46.11
N LEU A 243 15.87 30.90 45.26
CA LEU A 243 17.33 30.80 45.24
C LEU A 243 17.99 32.01 44.60
N LEU A 244 17.22 32.89 43.96
CA LEU A 244 17.72 34.17 43.50
C LEU A 244 17.51 35.27 44.54
N LEU A 245 16.26 35.42 45.00
CA LEU A 245 15.91 36.54 45.85
C LEU A 245 16.54 36.44 47.23
N ASN A 246 16.90 35.25 47.68
CA ASN A 246 17.46 35.05 49.01
C ASN A 246 18.91 34.59 48.85
N ARG A 247 19.84 35.49 49.12
CA ARG A 247 21.25 35.12 49.10
C ARG A 247 21.60 34.26 50.30
N ALA A 248 20.85 34.39 51.39
CA ALA A 248 21.12 33.62 52.61
C ALA A 248 20.80 32.15 52.45
N ILE A 249 19.97 31.77 51.48
CA ILE A 249 19.75 30.36 51.22
C ILE A 249 20.95 29.78 50.50
N MET A 250 21.48 30.52 49.53
CA MET A 250 22.62 30.06 48.74
C MET A 250 23.88 29.95 49.59
N ALA A 251 24.02 30.82 50.58
CA ALA A 251 25.17 30.75 51.46
C ALA A 251 25.10 29.58 52.43
N ASP A 252 23.93 28.96 52.58
CA ASP A 252 23.86 27.76 53.40
C ASP A 252 24.48 26.58 52.68
N LEU A 253 24.24 26.45 51.38
CA LEU A 253 24.77 25.34 50.61
C LEU A 253 26.23 25.59 50.24
N TYR A 254 26.47 26.67 49.51
CA TYR A 254 27.82 27.07 49.16
C TYR A 254 28.15 28.34 49.93
N PRO A 255 29.05 28.29 50.91
CA PRO A 255 29.25 29.41 51.82
C PRO A 255 30.01 30.59 51.25
N SER A 256 30.20 30.67 49.93
CA SER A 256 30.88 31.78 49.31
C SER A 256 29.95 32.72 48.56
N PHE A 257 28.65 32.42 48.51
CA PHE A 257 27.70 33.40 48.02
C PHE A 257 27.51 34.54 49.01
N ALA A 258 27.86 34.34 50.28
CA ALA A 258 27.82 35.42 51.25
C ALA A 258 28.83 36.50 50.96
N LYS A 259 29.89 36.19 50.20
CA LYS A 259 30.84 37.18 49.75
C LYS A 259 30.35 37.96 48.54
N GLY A 260 29.22 37.57 47.96
CA GLY A 260 28.64 38.28 46.83
C GLY A 260 29.48 38.16 45.58
N ILE A 261 29.33 39.15 44.71
CA ILE A 261 30.13 39.23 43.50
C ILE A 261 31.35 40.12 43.68
N ALA A 262 31.72 40.39 44.91
CA ALA A 262 33.00 41.02 45.24
C ALA A 262 34.23 40.18 44.94
N PRO A 263 34.29 38.85 45.19
CA PRO A 263 35.50 38.11 44.78
C PRO A 263 35.71 38.03 43.27
N PHE A 264 34.69 38.30 42.47
CA PHE A 264 34.90 38.35 41.03
C PHE A 264 35.63 39.61 40.61
N PHE A 265 35.13 40.77 41.02
CA PHE A 265 35.75 42.02 40.63
C PHE A 265 37.03 42.32 41.38
N THR A 266 37.20 41.81 42.59
CA THR A 266 38.47 41.95 43.28
C THR A 266 39.50 40.92 42.85
N LEU A 267 39.17 40.09 41.85
CA LEU A 267 40.02 39.03 41.32
C LEU A 267 40.38 38.00 42.39
N ASN A 268 39.54 37.88 43.40
CA ASN A 268 39.70 36.84 44.42
C ASN A 268 38.90 35.61 44.00
N TRP A 269 39.21 35.14 42.79
CA TRP A 269 38.43 34.07 42.17
C TRP A 269 38.62 32.75 42.88
N SER A 270 39.69 32.59 43.65
CA SER A 270 39.87 31.40 44.45
C SER A 270 38.85 31.29 45.57
N GLU A 271 38.19 32.39 45.92
CA GLU A 271 37.13 32.34 46.91
C GLU A 271 35.82 31.79 46.34
N TYR A 272 35.73 31.58 45.03
CA TYR A 272 34.58 30.94 44.43
C TYR A 272 34.73 29.44 44.30
N SER A 273 35.71 28.85 44.99
CA SER A 273 36.07 27.45 44.81
C SER A 273 35.02 26.48 45.31
N ASP A 274 33.96 26.94 45.94
CA ASP A 274 32.91 26.05 46.43
C ASP A 274 32.03 25.56 45.29
N PHE A 275 31.68 26.45 44.37
CA PHE A 275 30.71 26.14 43.34
C PHE A 275 31.22 26.36 41.92
N LEU A 276 32.47 26.78 41.75
CA LEU A 276 33.20 26.59 40.49
C LEU A 276 34.41 25.73 40.85
N THR A 277 34.36 24.46 40.51
CA THR A 277 35.37 23.51 40.91
C THR A 277 36.10 22.97 39.69
N PHE A 278 37.12 22.17 39.95
CA PHE A 278 37.87 21.43 38.95
C PHE A 278 38.03 19.99 39.43
N LYS A 279 36.90 19.39 39.80
CA LYS A 279 36.94 18.09 40.47
C LYS A 279 37.37 16.99 39.51
N GLY A 280 36.67 16.83 38.41
CA GLY A 280 36.97 15.77 37.47
C GLY A 280 36.46 14.43 37.95
N GLY A 281 36.52 13.46 37.06
CA GLY A 281 35.97 12.16 37.37
C GLY A 281 34.47 12.20 37.32
N LEU A 282 33.82 11.67 38.35
CA LEU A 282 32.37 11.58 38.40
C LEU A 282 31.88 11.88 39.80
N ASN A 283 30.62 12.26 39.86
CA ASN A 283 29.92 12.45 41.13
C ASN A 283 29.48 11.08 41.61
N PRO A 284 30.01 10.57 42.71
CA PRO A 284 29.73 9.19 43.10
C PRO A 284 28.33 8.98 43.63
N VAL A 285 27.63 10.03 44.04
CA VAL A 285 26.26 9.88 44.50
C VAL A 285 25.35 9.57 43.32
N THR A 286 25.60 10.22 42.18
CA THR A 286 24.68 10.17 41.07
C THR A 286 25.26 9.63 39.78
N GLY A 287 26.55 9.36 39.72
CA GLY A 287 27.16 8.78 38.54
C GLY A 287 27.54 9.76 37.46
N GLY A 288 26.96 10.95 37.45
CA GLY A 288 27.22 11.93 36.42
C GLY A 288 28.46 12.74 36.70
N LEU A 289 28.69 13.73 35.84
CA LEU A 289 29.75 14.69 36.12
C LEU A 289 29.33 15.59 37.26
N TRP A 290 30.32 16.21 37.90
CA TRP A 290 30.04 17.21 38.91
C TRP A 290 29.45 18.44 38.24
N LEU A 291 28.39 18.98 38.82
CA LEU A 291 27.77 20.13 38.18
C LEU A 291 28.54 21.41 38.40
N SER A 292 29.25 21.54 39.53
CA SER A 292 30.13 22.68 39.72
C SER A 292 31.30 22.62 38.77
N ASP A 293 31.68 21.41 38.36
CA ASP A 293 32.69 21.26 37.32
C ASP A 293 32.15 21.77 35.98
N THR A 294 30.90 21.42 35.65
CA THR A 294 30.30 21.90 34.41
C THR A 294 29.95 23.37 34.48
N ALA A 295 29.85 23.92 35.69
CA ALA A 295 29.60 25.34 35.83
C ALA A 295 30.87 26.14 35.53
N HIS A 296 32.00 25.73 36.10
CA HIS A 296 33.28 26.37 35.75
C HIS A 296 33.64 26.08 34.30
N HIS A 297 33.14 24.99 33.74
CA HIS A 297 33.30 24.75 32.32
C HIS A 297 32.67 25.85 31.49
N HIS A 298 31.35 26.03 31.62
CA HIS A 298 30.64 26.97 30.77
C HIS A 298 30.97 28.42 31.08
N VAL A 299 31.53 28.71 32.24
CA VAL A 299 32.08 30.04 32.48
C VAL A 299 33.31 30.26 31.62
N ALA A 300 34.25 29.32 31.68
CA ALA A 300 35.51 29.46 30.97
C ALA A 300 35.34 29.25 29.47
N ILE A 301 34.31 28.51 29.06
CA ILE A 301 33.95 28.45 27.65
C ILE A 301 33.46 29.81 27.18
N ALA A 302 32.68 30.49 28.02
CA ALA A 302 32.08 31.75 27.64
C ALA A 302 33.12 32.86 27.53
N VAL A 303 34.07 32.90 28.45
CA VAL A 303 35.11 33.90 28.41
C VAL A 303 36.01 33.67 27.20
N LEU A 304 36.16 32.41 26.80
CA LEU A 304 36.96 32.08 25.62
C LEU A 304 36.28 32.55 24.35
N PHE A 305 34.97 32.30 24.22
CA PHE A 305 34.30 32.65 22.97
C PHE A 305 33.98 34.13 22.88
N LEU A 306 33.75 34.81 24.00
CA LEU A 306 33.56 36.26 23.94
C LEU A 306 34.83 36.97 23.56
N VAL A 307 35.97 36.43 23.98
CA VAL A 307 37.26 36.94 23.52
C VAL A 307 37.45 36.65 22.04
N ALA A 308 37.17 35.42 21.62
CA ALA A 308 37.28 35.06 20.21
C ALA A 308 36.23 35.72 19.36
N GLY A 309 35.16 36.23 19.95
CA GLY A 309 34.14 36.96 19.23
C GLY A 309 34.50 38.39 18.91
N HIS A 310 35.68 38.85 19.31
CA HIS A 310 36.17 40.17 18.96
C HIS A 310 37.42 40.05 18.10
N MET A 311 37.39 39.16 17.12
CA MET A 311 38.53 38.86 16.28
C MET A 311 38.50 39.57 14.94
N TYR A 312 37.33 39.64 14.31
CA TYR A 312 37.26 40.07 12.91
C TYR A 312 36.84 41.52 12.81
N ARG A 313 37.27 42.17 11.73
CA ARG A 313 37.11 43.62 11.55
C ARG A 313 35.79 43.92 10.89
N THR A 314 34.96 44.77 11.52
CA THR A 314 33.67 45.12 10.95
C THR A 314 33.54 46.60 10.59
N ASN A 315 33.61 47.50 11.56
CA ASN A 315 33.38 48.91 11.29
C ASN A 315 34.42 49.80 11.92
N TRP A 316 35.35 49.24 12.66
CA TRP A 316 36.48 49.99 13.19
C TRP A 316 37.72 49.17 12.87
N GLY A 317 38.84 49.87 12.68
CA GLY A 317 40.02 49.29 12.06
C GLY A 317 40.65 48.14 12.82
N ILE A 318 40.32 47.99 14.11
CA ILE A 318 40.80 46.84 14.85
C ILE A 318 40.11 45.57 14.35
N GLY A 319 40.81 44.46 14.51
CA GLY A 319 40.25 43.19 14.09
C GLY A 319 40.79 42.73 12.75
N HIS A 320 40.69 41.43 12.52
CA HIS A 320 41.27 40.84 11.32
C HIS A 320 40.29 40.85 10.17
N SER A 321 40.82 40.75 8.96
CA SER A 321 40.01 40.66 7.76
C SER A 321 40.34 39.35 7.06
N MET A 322 39.31 38.55 6.79
CA MET A 322 39.53 37.17 6.40
C MET A 322 40.08 37.06 4.98
N LYS A 323 39.92 38.10 4.16
CA LYS A 323 40.56 38.09 2.86
C LYS A 323 42.07 38.24 3.01
N GLU A 324 42.53 39.05 3.96
CA GLU A 324 43.96 39.19 4.17
C GLU A 324 44.55 37.99 4.91
N ILE A 325 43.78 37.38 5.80
CA ILE A 325 44.28 36.22 6.54
C ILE A 325 44.53 35.05 5.59
N LEU A 326 43.61 34.84 4.66
CA LEU A 326 43.75 33.74 3.71
C LEU A 326 44.85 34.04 2.70
N GLU A 327 44.86 35.23 2.13
CA GLU A 327 45.82 35.52 1.07
C GLU A 327 47.25 35.65 1.55
N ALA A 328 47.48 35.81 2.86
CA ALA A 328 48.83 35.90 3.37
C ALA A 328 49.44 34.53 3.63
N HIS A 329 48.64 33.55 4.04
CA HIS A 329 49.16 32.21 4.30
C HIS A 329 49.37 31.50 2.96
N ARG A 330 50.52 31.77 2.34
CA ARG A 330 50.91 31.09 1.10
C ARG A 330 52.34 30.61 1.24
N GLY A 331 52.63 29.46 0.65
CA GLY A 331 53.92 28.84 0.82
C GLY A 331 54.61 28.54 -0.49
N PRO A 332 55.78 27.91 -0.41
CA PRO A 332 56.53 27.60 -1.63
C PRO A 332 56.06 26.34 -2.34
N PHE A 333 55.24 25.52 -1.69
CA PHE A 333 54.81 24.27 -2.30
C PHE A 333 53.49 24.39 -3.04
N THR A 334 52.70 25.43 -2.76
CA THR A 334 51.30 25.45 -3.16
C THR A 334 50.96 26.62 -4.07
N GLY A 335 51.94 27.26 -4.69
CA GLY A 335 51.67 28.34 -5.61
C GLY A 335 51.10 29.58 -4.96
N GLU A 336 49.87 29.92 -5.33
CA GLU A 336 49.25 31.12 -4.78
C GLU A 336 48.80 30.95 -3.34
N GLY A 337 48.69 29.71 -2.86
CA GLY A 337 48.20 29.54 -1.51
C GLY A 337 46.70 29.74 -1.48
N HIS A 338 46.19 30.28 -0.37
CA HIS A 338 44.76 30.36 -0.11
C HIS A 338 44.08 31.53 -0.80
N VAL A 339 44.68 32.08 -1.85
CA VAL A 339 44.11 33.20 -2.57
C VAL A 339 42.88 32.73 -3.33
N GLY A 340 41.76 33.41 -3.13
CA GLY A 340 40.55 33.09 -3.84
C GLY A 340 39.60 32.19 -3.10
N LEU A 341 39.94 31.76 -1.89
CA LEU A 341 39.01 30.97 -1.11
C LEU A 341 37.99 31.83 -0.39
N TYR A 342 38.34 33.09 -0.11
CA TYR A 342 37.37 34.00 0.48
C TYR A 342 36.26 34.32 -0.50
N GLU A 343 36.60 34.45 -1.77
CA GLU A 343 35.60 34.81 -2.76
C GLU A 343 34.66 33.67 -3.09
N ILE A 344 35.08 32.42 -2.88
CA ILE A 344 34.19 31.31 -3.15
C ILE A 344 33.45 30.85 -1.90
N LEU A 345 33.92 31.21 -0.72
CA LEU A 345 33.18 30.95 0.50
C LEU A 345 32.27 32.10 0.86
N THR A 346 32.09 33.04 -0.05
CA THR A 346 31.19 34.17 0.16
C THR A 346 30.17 34.30 -0.95
N THR A 347 30.44 33.78 -2.14
CA THR A 347 29.47 33.76 -3.22
C THR A 347 29.01 32.35 -3.55
N SER A 348 29.09 31.43 -2.59
CA SER A 348 28.61 30.08 -2.79
C SER A 348 28.17 29.47 -1.47
N TRP A 349 26.91 29.05 -1.41
CA TRP A 349 26.40 28.43 -0.20
C TRP A 349 26.84 26.98 -0.06
N HIS A 350 26.97 26.27 -1.18
CA HIS A 350 27.37 24.85 -1.12
C HIS A 350 28.79 24.71 -0.61
N ALA A 351 29.66 25.66 -0.94
CA ALA A 351 31.00 25.68 -0.39
C ALA A 351 30.98 25.96 1.10
N GLN A 352 30.03 26.76 1.57
CA GLN A 352 29.81 26.88 3.00
C GLN A 352 29.22 25.61 3.57
N LEU A 353 28.21 25.04 2.90
CA LEU A 353 27.48 23.90 3.44
C LEU A 353 28.35 22.65 3.53
N ALA A 354 29.35 22.56 2.66
CA ALA A 354 30.26 21.43 2.73
C ALA A 354 31.16 21.50 3.95
N ILE A 355 31.74 22.67 4.22
CA ILE A 355 32.62 22.81 5.38
C ILE A 355 31.81 22.73 6.65
N ASN A 356 30.57 23.21 6.62
CA ASN A 356 29.75 23.20 7.82
C ASN A 356 29.32 21.80 8.17
N LEU A 357 28.77 21.05 7.22
CA LEU A 357 28.31 19.68 7.50
C LEU A 357 29.45 18.73 7.81
N ALA A 358 30.67 19.05 7.39
CA ALA A 358 31.82 18.22 7.73
C ALA A 358 32.10 18.28 9.22
N LEU A 359 32.28 19.47 9.76
CA LEU A 359 32.67 19.60 11.14
C LEU A 359 31.50 19.41 12.08
N PHE A 360 30.31 19.85 11.68
CA PHE A 360 29.11 19.66 12.49
C PHE A 360 28.72 18.20 12.55
N GLY A 361 29.00 17.46 11.48
CA GLY A 361 28.92 16.01 11.56
C GLY A 361 30.05 15.42 12.38
N SER A 362 31.24 16.00 12.28
CA SER A 362 32.32 15.50 13.10
C SER A 362 32.16 15.91 14.55
N LEU A 363 31.47 17.02 14.83
CA LEU A 363 31.14 17.37 16.21
C LEU A 363 30.23 16.33 16.86
N SER A 364 29.33 15.74 16.08
CA SER A 364 28.34 14.83 16.65
C SER A 364 29.00 13.54 17.10
N ILE A 365 30.09 13.15 16.45
CA ILE A 365 30.79 11.96 16.84
C ILE A 365 31.75 12.26 17.99
N ILE A 366 32.23 13.49 18.06
CA ILE A 366 32.94 13.94 19.26
C ILE A 366 31.99 13.93 20.45
N VAL A 367 30.75 14.37 20.23
CA VAL A 367 29.73 14.39 21.28
C VAL A 367 29.43 12.98 21.78
N ALA A 368 29.31 12.02 20.85
CA ALA A 368 28.93 10.67 21.22
C ALA A 368 30.03 9.98 22.02
N HIS A 369 31.28 10.17 21.63
CA HIS A 369 32.38 9.55 22.35
C HIS A 369 32.71 10.24 23.65
N HIS A 370 32.36 11.51 23.80
CA HIS A 370 32.67 12.21 25.02
C HIS A 370 31.54 12.17 26.04
N MET A 371 30.49 11.40 25.78
CA MET A 371 29.38 11.33 26.71
C MET A 371 29.16 9.96 27.34
N TYR A 372 29.64 8.87 26.75
CA TYR A 372 29.65 7.67 27.54
C TYR A 372 30.76 7.72 28.56
N ALA A 373 31.87 8.37 28.19
CA ALA A 373 33.06 8.34 29.01
C ALA A 373 32.99 9.38 30.12
N MET A 374 32.37 10.51 29.85
CA MET A 374 32.19 11.58 30.83
C MET A 374 30.72 11.92 30.87
N PRO A 375 29.90 11.09 31.54
CA PRO A 375 28.45 11.26 31.46
C PRO A 375 28.01 12.54 32.16
N PRO A 376 27.51 13.53 31.42
CA PRO A 376 27.31 14.85 32.00
C PRO A 376 26.07 14.98 32.84
N TYR A 377 25.20 14.00 32.81
CA TYR A 377 23.94 14.22 33.46
C TYR A 377 23.78 13.31 34.66
N PRO A 378 23.04 13.75 35.68
CA PRO A 378 22.81 12.89 36.85
C PRO A 378 21.92 11.70 36.49
N TYR A 379 22.34 10.52 36.94
CA TYR A 379 21.70 9.22 36.68
C TYR A 379 21.62 8.92 35.18
N LEU A 380 22.57 9.44 34.41
CA LEU A 380 22.65 9.11 32.99
C LEU A 380 23.39 7.81 32.77
N ALA A 381 24.47 7.60 33.51
CA ALA A 381 25.37 6.49 33.21
C ALA A 381 24.78 5.16 33.59
N THR A 382 23.98 5.11 34.65
CA THR A 382 23.39 3.84 35.04
C THR A 382 22.22 3.47 34.13
N ASP A 383 21.60 4.45 33.51
CA ASP A 383 20.58 4.15 32.50
C ASP A 383 21.31 3.66 31.27
N TYR A 384 21.40 2.34 31.15
CA TYR A 384 22.14 1.75 30.04
C TYR A 384 21.38 1.92 28.73
N GLY A 385 20.06 2.06 28.80
CA GLY A 385 19.29 2.31 27.60
C GLY A 385 19.53 3.69 27.05
N THR A 386 19.64 4.68 27.91
CA THR A 386 19.92 6.03 27.45
C THR A 386 21.33 6.16 26.92
N GLN A 387 22.29 5.52 27.60
CA GLN A 387 23.69 5.54 27.18
C GLN A 387 23.89 4.91 25.81
N LEU A 388 23.19 3.81 25.53
CA LEU A 388 23.35 3.18 24.24
C LEU A 388 22.70 4.00 23.14
N SER A 389 21.57 4.62 23.43
CA SER A 389 20.88 5.37 22.39
C SER A 389 21.57 6.71 22.12
N LEU A 390 22.03 7.40 23.18
CA LEU A 390 22.67 8.69 22.97
C LEU A 390 24.02 8.57 22.29
N PHE A 391 24.71 7.44 22.45
CA PHE A 391 25.89 7.22 21.63
C PHE A 391 25.49 6.95 20.20
N THR A 392 24.55 6.00 20.00
CA THR A 392 24.29 5.48 18.67
C THR A 392 23.68 6.53 17.78
N HIS A 393 22.72 7.29 18.31
CA HIS A 393 22.09 8.37 17.58
C HIS A 393 23.10 9.41 17.11
N HIS A 394 23.94 9.86 18.02
CA HIS A 394 24.84 10.95 17.67
C HIS A 394 26.04 10.49 16.84
N THR A 395 26.22 9.18 16.63
CA THR A 395 27.16 8.75 15.62
C THR A 395 26.50 8.75 14.24
N TRP A 396 25.24 8.33 14.15
CA TRP A 396 24.57 8.31 12.86
C TRP A 396 24.30 9.71 12.35
N ILE A 397 23.83 10.60 13.22
CA ILE A 397 23.57 11.99 12.84
C ILE A 397 24.85 12.67 12.40
N GLY A 398 25.97 12.28 13.02
CA GLY A 398 27.25 12.69 12.49
C GLY A 398 27.54 12.09 11.14
N GLY A 399 27.22 10.82 10.95
CA GLY A 399 27.66 10.14 9.75
C GLY A 399 26.94 10.58 8.50
N PHE A 400 25.65 10.91 8.63
CA PHE A 400 24.91 11.47 7.51
C PHE A 400 25.44 12.83 7.13
N CYS A 401 25.71 13.68 8.12
CA CYS A 401 26.19 15.03 7.85
C CYS A 401 27.59 15.02 7.23
N ILE A 402 28.39 14.00 7.51
CA ILE A 402 29.69 13.92 6.86
C ILE A 402 29.54 13.51 5.40
N VAL A 403 28.58 12.64 5.09
CA VAL A 403 28.31 12.33 3.69
C VAL A 403 27.69 13.54 2.99
N GLY A 404 26.94 14.36 3.73
CA GLY A 404 26.44 15.60 3.17
C GLY A 404 27.54 16.61 2.87
N ALA A 405 28.65 16.52 3.58
CA ALA A 405 29.80 17.32 3.21
C ALA A 405 30.36 16.88 1.87
N GLY A 406 30.39 15.57 1.63
CA GLY A 406 30.87 15.08 0.35
C GLY A 406 29.92 15.37 -0.78
N ALA A 407 28.61 15.45 -0.48
CA ALA A 407 27.64 15.72 -1.52
C ALA A 407 27.67 17.17 -1.94
N HIS A 408 27.64 18.08 -0.98
CA HIS A 408 27.55 19.49 -1.30
C HIS A 408 28.91 20.12 -1.59
N ALA A 409 30.01 19.41 -1.36
CA ALA A 409 31.28 19.87 -1.93
C ALA A 409 31.32 19.56 -3.41
N ALA A 410 30.74 18.44 -3.80
CA ALA A 410 30.70 18.09 -5.21
C ALA A 410 29.80 19.03 -5.99
N ILE A 411 28.70 19.46 -5.38
CA ILE A 411 27.78 20.42 -5.98
C ILE A 411 28.46 21.77 -6.19
N PHE A 412 29.38 22.13 -5.30
CA PHE A 412 30.20 23.31 -5.53
C PHE A 412 31.10 23.13 -6.75
N MET A 413 31.69 21.95 -6.90
CA MET A 413 32.62 21.72 -8.00
C MET A 413 31.89 21.70 -9.34
N VAL A 414 30.63 21.28 -9.34
CA VAL A 414 29.87 21.24 -10.57
C VAL A 414 29.28 22.60 -10.89
N ARG A 415 28.58 23.21 -9.94
CA ARG A 415 27.79 24.41 -10.21
C ARG A 415 28.57 25.70 -9.99
N ASP A 416 29.02 25.93 -8.76
CA ASP A 416 29.56 27.22 -8.34
C ASP A 416 31.07 27.31 -8.47
N TYR A 417 31.73 26.27 -8.95
CA TYR A 417 33.16 26.35 -9.19
C TYR A 417 33.43 27.26 -10.37
N ASP A 418 34.49 28.04 -10.25
CA ASP A 418 34.90 28.95 -11.32
C ASP A 418 36.34 28.61 -11.65
N PRO A 419 36.61 28.08 -12.84
CA PRO A 419 38.01 27.82 -13.21
C PRO A 419 38.79 29.08 -13.46
N THR A 420 38.11 30.21 -13.69
CA THR A 420 38.79 31.46 -13.97
C THR A 420 39.51 32.00 -12.74
N ASN A 421 38.76 32.26 -11.67
CA ASN A 421 39.34 32.83 -10.47
C ASN A 421 40.14 31.83 -9.66
N ASN A 422 40.06 30.55 -9.99
CA ASN A 422 40.84 29.52 -9.31
C ASN A 422 41.95 29.10 -10.26
N TYR A 423 43.08 29.79 -10.16
CA TYR A 423 44.27 29.46 -10.94
C TYR A 423 45.45 29.35 -10.02
N ASN A 424 45.95 28.12 -9.86
CA ASN A 424 47.15 27.78 -9.08
C ASN A 424 47.01 28.17 -7.61
N ASN A 425 45.81 28.07 -7.07
CA ASN A 425 45.59 28.19 -5.64
C ASN A 425 45.66 26.78 -5.04
N LEU A 426 45.18 26.58 -3.81
CA LEU A 426 45.11 25.20 -3.32
C LEU A 426 44.11 24.39 -4.11
N LEU A 427 42.93 24.97 -4.36
CA LEU A 427 41.83 24.24 -4.99
C LEU A 427 42.15 23.84 -6.42
N ASP A 428 42.93 24.65 -7.13
CA ASP A 428 43.33 24.26 -8.48
C ASP A 428 44.38 23.16 -8.44
N ARG A 429 45.26 23.18 -7.44
CA ARG A 429 46.33 22.19 -7.41
C ARG A 429 45.87 20.86 -6.87
N VAL A 430 44.76 20.84 -6.12
CA VAL A 430 44.21 19.57 -5.68
C VAL A 430 43.64 18.81 -6.88
N ILE A 431 43.02 19.53 -7.81
CA ILE A 431 42.48 18.89 -9.00
C ILE A 431 43.61 18.39 -9.89
N ARG A 432 44.72 19.11 -9.93
CA ARG A 432 45.78 18.74 -10.87
C ARG A 432 46.59 17.54 -10.42
N HIS A 433 46.44 17.09 -9.18
CA HIS A 433 47.08 15.84 -8.78
C HIS A 433 46.07 14.90 -8.18
N ARG A 434 44.82 14.99 -8.65
CA ARG A 434 43.72 14.17 -8.13
C ARG A 434 43.90 12.70 -8.45
N ASP A 435 44.76 12.36 -9.41
CA ASP A 435 45.09 10.97 -9.63
C ASP A 435 46.02 10.46 -8.54
N ALA A 436 46.91 11.31 -8.07
CA ALA A 436 47.79 10.89 -6.98
C ALA A 436 47.04 10.83 -5.67
N ILE A 437 45.99 11.63 -5.53
CA ILE A 437 45.23 11.65 -4.28
C ILE A 437 44.44 10.36 -4.14
N ILE A 438 43.69 10.00 -5.18
CA ILE A 438 42.80 8.84 -5.09
C ILE A 438 43.60 7.55 -5.08
N SER A 439 44.68 7.47 -5.83
CA SER A 439 45.42 6.21 -5.94
C SER A 439 46.21 5.90 -4.68
N HIS A 440 46.81 6.89 -4.03
CA HIS A 440 47.41 6.63 -2.73
C HIS A 440 46.35 6.39 -1.68
N LEU A 441 45.15 6.95 -1.85
CA LEU A 441 44.05 6.59 -0.99
C LEU A 441 43.49 5.23 -1.39
N ASN A 442 43.57 4.87 -2.66
CA ASN A 442 43.16 3.54 -3.11
C ASN A 442 44.06 2.48 -2.50
N TRP A 443 45.35 2.76 -2.41
CA TRP A 443 46.28 1.79 -1.85
C TRP A 443 46.02 1.57 -0.37
N VAL A 444 45.84 2.65 0.38
CA VAL A 444 45.74 2.53 1.83
C VAL A 444 44.39 1.95 2.23
N CYS A 445 43.40 2.01 1.35
CA CYS A 445 42.17 1.28 1.61
C CYS A 445 42.37 -0.21 1.36
N ILE A 446 43.13 -0.56 0.33
CA ILE A 446 43.43 -1.96 0.08
C ILE A 446 44.40 -2.50 1.13
N PHE A 447 45.34 -1.66 1.57
CA PHE A 447 46.22 -2.03 2.68
C PHE A 447 45.43 -2.24 3.96
N LEU A 448 44.50 -1.33 4.27
CA LEU A 448 43.66 -1.53 5.43
C LEU A 448 42.64 -2.62 5.22
N GLY A 449 42.33 -2.96 3.98
CA GLY A 449 41.38 -4.02 3.72
C GLY A 449 41.94 -5.38 4.11
N PHE A 450 43.14 -5.70 3.62
CA PHE A 450 43.73 -6.97 3.94
C PHE A 450 44.21 -7.00 5.38
N HIS A 451 44.91 -5.98 5.81
CA HIS A 451 45.55 -6.04 7.11
C HIS A 451 44.63 -5.71 8.27
N SER A 452 43.34 -5.52 8.05
CA SER A 452 42.41 -5.48 9.16
C SER A 452 41.39 -6.61 9.10
N PHE A 453 40.71 -6.75 7.97
CA PHE A 453 39.70 -7.78 7.84
C PHE A 453 40.31 -9.15 7.61
N GLY A 454 41.48 -9.22 7.00
CA GLY A 454 42.13 -10.50 6.85
C GLY A 454 42.66 -11.06 8.15
N LEU A 455 42.85 -10.21 9.16
CA LEU A 455 43.14 -10.72 10.49
C LEU A 455 41.94 -11.46 11.05
N TYR A 456 40.73 -11.02 10.69
CA TYR A 456 39.54 -11.72 11.13
C TYR A 456 39.36 -13.03 10.39
N ILE A 457 39.69 -13.06 9.10
CA ILE A 457 39.61 -14.29 8.34
C ILE A 457 40.68 -15.26 8.79
N HIS A 458 41.83 -14.74 9.20
CA HIS A 458 42.86 -15.58 9.77
C HIS A 458 42.40 -16.20 11.08
N ASN A 459 41.73 -15.41 11.92
CA ASN A 459 41.26 -15.93 13.19
C ASN A 459 40.09 -16.89 13.01
N ASP A 460 39.27 -16.66 11.98
CA ASP A 460 38.21 -17.61 11.66
C ASP A 460 38.78 -18.93 11.20
N THR A 461 39.80 -18.87 10.35
CA THR A 461 40.34 -20.09 9.78
C THR A 461 41.11 -20.87 10.83
N MET A 462 41.93 -20.18 11.63
CA MET A 462 42.71 -20.86 12.67
C MET A 462 41.82 -21.44 13.74
N SER A 463 40.73 -20.77 14.09
CA SER A 463 39.84 -21.34 15.09
C SER A 463 39.01 -22.47 14.52
N ALA A 464 38.72 -22.43 13.21
CA ALA A 464 38.01 -23.55 12.60
C ALA A 464 38.95 -24.71 12.30
N LEU A 465 40.23 -24.43 12.02
CA LEU A 465 41.20 -25.49 11.78
C LEU A 465 41.78 -26.03 13.07
N GLY A 466 41.16 -25.76 14.21
CA GLY A 466 41.62 -26.30 15.47
C GLY A 466 42.96 -25.77 15.91
N ARG A 467 43.34 -24.57 15.47
CA ARG A 467 44.64 -24.00 15.76
C ARG A 467 44.45 -22.69 16.52
N PRO A 468 44.01 -22.74 17.78
CA PRO A 468 43.73 -21.48 18.47
C PRO A 468 44.98 -20.78 18.94
N GLN A 469 46.12 -21.45 18.96
CA GLN A 469 47.37 -20.79 19.29
C GLN A 469 47.90 -19.95 18.14
N ASP A 470 47.35 -20.09 16.94
CA ASP A 470 47.80 -19.34 15.78
C ASP A 470 46.84 -18.22 15.41
N MET A 471 45.93 -17.88 16.31
CA MET A 471 45.03 -16.77 16.06
C MET A 471 45.72 -15.46 16.39
N PHE A 472 44.98 -14.37 16.25
CA PHE A 472 45.43 -13.06 16.72
C PHE A 472 44.55 -12.72 17.90
N SER A 473 44.96 -13.15 19.09
CA SER A 473 44.19 -12.91 20.29
C SER A 473 45.16 -12.61 21.42
N ASP A 474 44.66 -12.67 22.65
CA ASP A 474 45.50 -12.35 23.78
C ASP A 474 46.32 -13.55 24.23
N THR A 475 45.83 -14.76 23.99
CA THR A 475 46.56 -15.97 24.34
C THR A 475 47.34 -16.51 23.16
N ALA A 476 47.62 -15.67 22.18
CA ALA A 476 48.12 -16.07 20.88
C ALA A 476 49.02 -14.96 20.38
N ILE A 477 49.15 -14.83 19.06
CA ILE A 477 49.92 -13.72 18.48
C ILE A 477 49.28 -12.42 18.91
N GLN A 478 49.95 -11.69 19.79
CA GLN A 478 49.36 -10.54 20.45
C GLN A 478 49.67 -9.27 19.67
N LEU A 479 48.63 -8.63 19.15
CA LEU A 479 48.72 -7.33 18.51
C LEU A 479 48.16 -6.34 19.51
N GLN A 480 49.00 -5.84 20.38
CA GLN A 480 48.45 -4.95 21.39
C GLN A 480 48.33 -3.53 20.86
N PRO A 481 47.33 -2.79 21.27
CA PRO A 481 47.29 -1.37 20.97
C PRO A 481 48.24 -0.65 21.89
N VAL A 482 49.53 -0.63 21.53
CA VAL A 482 50.55 -0.10 22.42
C VAL A 482 50.36 1.39 22.66
N PHE A 483 50.01 2.13 21.60
CA PHE A 483 49.93 3.58 21.69
C PHE A 483 48.73 4.01 22.53
N ALA A 484 47.58 3.37 22.34
CA ALA A 484 46.41 3.73 23.12
C ALA A 484 46.50 3.24 24.55
N GLN A 485 47.16 2.10 24.79
CA GLN A 485 47.43 1.72 26.16
C GLN A 485 48.45 2.64 26.81
N TRP A 486 49.31 3.29 26.02
CA TRP A 486 50.23 4.25 26.59
C TRP A 486 49.52 5.52 27.02
N ILE A 487 48.55 5.96 26.23
CA ILE A 487 47.83 7.19 26.57
C ILE A 487 46.96 7.01 27.80
N GLN A 488 46.38 5.82 27.96
CA GLN A 488 45.66 5.53 29.21
C GLN A 488 46.60 5.49 30.41
N ASN A 489 47.87 5.12 30.23
CA ASN A 489 48.78 5.20 31.35
C ASN A 489 49.23 6.62 31.63
N THR A 490 49.07 7.54 30.68
CA THR A 490 49.45 8.92 30.94
C THR A 490 48.30 9.75 31.45
N HIS A 491 47.14 9.66 30.80
CA HIS A 491 46.03 10.50 31.17
C HIS A 491 45.42 10.12 32.51
N PHE A 492 45.63 8.89 32.96
CA PHE A 492 45.24 8.55 34.33
C PHE A 492 46.24 9.10 35.33
N LEU A 493 47.51 9.17 34.95
CA LEU A 493 48.54 9.79 35.77
C LEU A 493 48.72 11.26 35.46
N ALA A 494 47.74 11.87 34.82
CA ALA A 494 47.78 13.29 34.50
C ALA A 494 47.56 14.22 35.70
N PRO A 495 46.73 13.90 36.71
CA PRO A 495 46.74 14.74 37.92
C PRO A 495 47.99 14.65 38.77
N GLN A 496 48.99 13.83 38.41
CA GLN A 496 50.23 13.79 39.17
C GLN A 496 51.03 15.07 38.96
N LEU A 497 51.46 15.31 37.73
CA LEU A 497 52.23 16.52 37.47
C LEU A 497 51.91 17.25 36.19
N THR A 498 51.09 16.70 35.30
CA THR A 498 50.75 17.46 34.10
C THR A 498 49.46 18.25 34.24
N ALA A 499 48.59 17.87 35.18
CA ALA A 499 47.43 18.67 35.54
C ALA A 499 47.27 18.64 37.06
N PRO A 500 48.10 19.39 37.79
CA PRO A 500 48.19 19.18 39.24
C PRO A 500 46.99 19.69 40.02
N ASN A 501 46.12 20.48 39.43
CA ASN A 501 44.97 21.00 40.14
C ASN A 501 43.71 20.18 39.93
N ALA A 502 43.82 19.01 39.31
CA ALA A 502 42.68 18.12 39.14
C ALA A 502 42.58 17.17 40.32
N LEU A 503 41.39 17.07 40.90
CA LEU A 503 41.20 16.15 42.01
C LEU A 503 41.21 14.70 41.55
N ALA A 504 40.78 14.45 40.32
CA ALA A 504 40.78 13.11 39.76
C ALA A 504 41.05 13.23 38.27
N ALA A 505 40.91 12.12 37.56
CA ALA A 505 41.17 12.12 36.12
C ALA A 505 40.01 12.76 35.38
N THR A 506 40.21 12.97 34.08
CA THR A 506 39.17 13.61 33.28
C THR A 506 38.04 12.66 32.93
N SER A 507 38.24 11.34 33.04
CA SER A 507 37.15 10.39 33.01
C SER A 507 37.61 9.16 33.78
N LEU A 508 36.81 8.11 33.72
CA LEU A 508 37.20 6.86 34.34
C LEU A 508 37.54 5.78 33.33
N THR A 509 37.53 6.08 32.04
CA THR A 509 38.05 5.13 31.08
C THR A 509 39.56 5.01 31.16
N TRP A 510 40.24 6.05 31.64
CA TRP A 510 41.69 6.05 31.65
C TRP A 510 42.26 5.15 32.74
N GLY A 511 41.49 4.84 33.75
CA GLY A 511 41.94 3.96 34.82
C GLY A 511 41.32 4.37 36.13
N GLY A 512 41.70 3.64 37.17
CA GLY A 512 41.21 3.92 38.51
C GLY A 512 40.17 2.94 39.00
N ASP A 513 39.21 3.43 39.78
CA ASP A 513 38.13 2.60 40.29
C ASP A 513 36.83 2.94 39.60
N LEU A 514 35.81 2.14 39.86
CA LEU A 514 34.50 2.31 39.25
C LEU A 514 33.61 3.15 40.15
N VAL A 515 32.54 3.66 39.56
CA VAL A 515 31.50 4.34 40.32
C VAL A 515 30.28 3.44 40.37
N ALA A 516 29.90 3.04 41.57
CA ALA A 516 28.72 2.22 41.79
C ALA A 516 27.57 3.12 42.19
N VAL A 517 26.54 3.17 41.34
CA VAL A 517 25.31 3.89 41.66
C VAL A 517 24.15 2.92 41.51
N GLY A 518 23.46 2.64 42.61
CA GLY A 518 22.31 1.78 42.57
C GLY A 518 22.62 0.33 42.29
N GLY A 519 23.81 -0.12 42.64
CA GLY A 519 24.18 -1.49 42.37
C GLY A 519 24.49 -1.78 40.93
N LYS A 520 24.76 -0.76 40.14
CA LYS A 520 25.11 -0.90 38.73
C LYS A 520 26.34 -0.05 38.46
N VAL A 521 27.15 -0.49 37.50
CA VAL A 521 28.37 0.24 37.17
C VAL A 521 28.00 1.48 36.37
N ALA A 522 28.37 2.65 36.90
CA ALA A 522 28.28 3.86 36.10
C ALA A 522 29.40 3.91 35.09
N MET A 523 30.64 3.85 35.55
CA MET A 523 31.78 3.83 34.63
C MET A 523 32.97 3.18 35.31
N MET A 524 33.53 2.18 34.68
CA MET A 524 34.73 1.47 35.13
C MET A 524 35.77 1.61 34.03
N PRO A 525 37.06 1.38 34.35
CA PRO A 525 38.09 1.50 33.32
C PRO A 525 37.95 0.50 32.19
N ILE A 526 38.46 0.90 31.02
CA ILE A 526 38.39 0.11 29.80
C ILE A 526 39.80 -0.32 29.45
N SER A 527 40.03 -1.63 29.42
CA SER A 527 41.31 -2.19 29.06
C SER A 527 41.27 -2.63 27.61
N LEU A 528 42.25 -2.18 26.83
CA LEU A 528 42.27 -2.42 25.40
C LEU A 528 43.14 -3.63 25.10
N GLY A 529 42.66 -4.48 24.20
CA GLY A 529 43.38 -5.69 23.86
C GLY A 529 43.53 -5.87 22.36
N THR A 530 43.89 -7.09 21.95
CA THR A 530 44.10 -7.38 20.54
C THR A 530 42.79 -7.32 19.76
N SER A 531 41.67 -7.65 20.41
CA SER A 531 40.38 -7.48 19.75
C SER A 531 40.06 -6.01 19.56
N ASP A 532 40.48 -5.16 20.50
CA ASP A 532 40.33 -3.72 20.34
C ASP A 532 41.29 -3.16 19.31
N PHE A 533 42.44 -3.82 19.13
CA PHE A 533 43.36 -3.43 18.06
C PHE A 533 42.75 -3.66 16.70
N MET A 534 42.19 -4.86 16.50
CA MET A 534 41.67 -5.22 15.19
C MET A 534 40.46 -4.39 14.85
N VAL A 535 39.61 -4.09 15.82
CA VAL A 535 38.38 -3.41 15.49
C VAL A 535 38.61 -1.91 15.29
N HIS A 536 39.61 -1.31 15.94
CA HIS A 536 39.95 0.07 15.63
C HIS A 536 40.53 0.21 14.25
N HIS A 537 41.22 -0.82 13.77
CA HIS A 537 41.69 -0.73 12.40
C HIS A 537 40.60 -1.09 11.40
N ILE A 538 39.57 -1.81 11.83
CA ILE A 538 38.35 -1.90 11.03
C ILE A 538 37.73 -0.51 10.89
N HIS A 539 37.76 0.29 11.95
CA HIS A 539 37.21 1.64 11.87
C HIS A 539 38.07 2.53 10.99
N ALA A 540 39.38 2.36 11.05
CA ALA A 540 40.24 3.12 10.15
C ALA A 540 40.04 2.70 8.71
N PHE A 541 39.70 1.42 8.51
CA PHE A 541 39.47 0.93 7.15
C PHE A 541 38.20 1.50 6.53
N THR A 542 37.08 1.41 7.26
CA THR A 542 35.81 1.78 6.68
C THR A 542 35.67 3.28 6.52
N ILE A 543 36.41 4.06 7.30
CA ILE A 543 36.36 5.50 7.14
C ILE A 543 37.20 5.93 5.94
N HIS A 544 38.38 5.33 5.77
CA HIS A 544 39.20 5.63 4.60
C HIS A 544 38.51 5.23 3.28
N VAL A 545 37.71 4.17 3.27
CA VAL A 545 36.99 3.82 2.04
C VAL A 545 35.84 4.79 1.83
N THR A 546 35.17 5.20 2.90
CA THR A 546 34.12 6.21 2.78
C THR A 546 34.70 7.54 2.32
N VAL A 547 35.91 7.86 2.79
CA VAL A 547 36.63 9.03 2.29
C VAL A 547 36.97 8.85 0.81
N LEU A 548 37.36 7.64 0.42
CA LEU A 548 37.77 7.36 -0.95
C LEU A 548 36.66 7.60 -1.94
N ILE A 549 35.44 7.20 -1.61
CA ILE A 549 34.34 7.31 -2.54
C ILE A 549 33.87 8.74 -2.64
N LEU A 550 33.75 9.41 -1.49
CA LEU A 550 33.26 10.78 -1.47
C LEU A 550 34.28 11.74 -2.05
N LEU A 551 35.56 11.54 -1.78
CA LEU A 551 36.55 12.45 -2.32
C LEU A 551 36.76 12.21 -3.80
N LYS A 552 36.55 10.98 -4.26
CA LYS A 552 36.56 10.75 -5.70
C LYS A 552 35.43 11.47 -6.39
N GLY A 553 34.26 11.53 -5.74
CA GLY A 553 33.15 12.28 -6.30
C GLY A 553 33.39 13.77 -6.29
N VAL A 554 34.15 14.27 -5.32
CA VAL A 554 34.45 15.70 -5.29
C VAL A 554 35.45 16.06 -6.39
N LEU A 555 36.54 15.30 -6.47
CA LEU A 555 37.63 15.70 -7.35
C LEU A 555 37.37 15.34 -8.80
N PHE A 556 36.65 14.25 -9.05
CA PHE A 556 36.22 13.90 -10.39
C PHE A 556 34.79 14.33 -10.64
N ALA A 557 34.35 15.40 -9.99
CA ALA A 557 33.01 15.90 -10.27
C ALA A 557 32.92 16.52 -11.64
N ARG A 558 33.99 17.17 -12.09
CA ARG A 558 33.94 17.96 -13.31
C ARG A 558 34.42 17.20 -14.53
N SER A 559 35.41 16.35 -14.38
CA SER A 559 36.05 15.70 -15.52
C SER A 559 36.84 14.51 -15.00
N SER A 560 37.24 13.66 -15.94
CA SER A 560 38.15 12.56 -15.66
C SER A 560 38.84 12.19 -16.97
N ARG A 561 39.57 11.08 -16.95
CA ARG A 561 39.99 10.46 -18.20
C ARG A 561 38.86 9.69 -18.84
N LEU A 562 37.83 9.37 -18.06
CA LEU A 562 36.68 8.65 -18.61
C LEU A 562 35.75 9.62 -19.33
N ILE A 563 35.26 10.63 -18.62
CA ILE A 563 34.33 11.60 -19.19
C ILE A 563 34.90 13.00 -19.02
N PRO A 564 35.33 13.65 -20.10
CA PRO A 564 35.93 14.97 -19.97
C PRO A 564 34.95 16.10 -19.74
N ASP A 565 33.70 15.93 -20.12
CA ASP A 565 32.72 17.00 -20.06
C ASP A 565 31.66 16.71 -19.01
N LYS A 566 32.09 16.21 -17.86
CA LYS A 566 31.15 15.73 -16.86
C LYS A 566 30.42 16.86 -16.16
N ALA A 567 31.07 18.01 -15.99
CA ALA A 567 30.40 19.13 -15.35
C ALA A 567 29.30 19.71 -16.22
N ASN A 568 29.42 19.58 -17.54
CA ASN A 568 28.34 20.01 -18.43
C ASN A 568 27.13 19.10 -18.30
N LEU A 569 27.33 17.85 -17.90
CA LEU A 569 26.22 16.95 -17.64
C LEU A 569 25.56 17.22 -16.30
N GLY A 570 26.24 17.91 -15.40
CA GLY A 570 25.65 18.36 -14.17
C GLY A 570 26.08 17.51 -12.99
N PHE A 571 25.48 17.81 -11.85
CA PHE A 571 25.76 17.04 -10.65
C PHE A 571 25.01 15.71 -10.67
N ARG A 572 23.70 15.78 -10.69
CA ARG A 572 22.85 14.59 -10.62
C ARG A 572 22.40 14.25 -12.03
N PHE A 573 23.13 13.37 -12.67
CA PHE A 573 22.72 12.70 -13.89
C PHE A 573 23.00 11.23 -13.66
N PRO A 574 22.32 10.34 -14.37
CA PRO A 574 22.60 8.91 -14.22
C PRO A 574 23.98 8.48 -14.68
N CYS A 575 24.35 8.90 -15.87
CA CYS A 575 25.33 8.18 -16.67
C CYS A 575 25.62 8.99 -17.91
N ASP A 576 26.52 8.48 -18.72
CA ASP A 576 26.70 8.97 -20.08
C ASP A 576 26.39 7.89 -21.10
N GLY A 577 25.71 6.83 -20.68
CA GLY A 577 25.30 5.81 -21.60
C GLY A 577 26.15 4.56 -21.51
N PRO A 578 25.82 3.56 -22.32
CA PRO A 578 26.56 2.30 -22.29
C PRO A 578 27.90 2.36 -22.99
N GLY A 579 28.24 3.49 -23.59
CA GLY A 579 29.47 3.58 -24.34
C GLY A 579 30.68 3.57 -23.44
N ARG A 580 31.84 3.50 -24.10
CA ARG A 580 33.18 3.35 -23.54
C ARG A 580 33.21 2.32 -22.41
N GLY A 581 32.57 1.17 -22.68
CA GLY A 581 32.43 0.10 -21.72
C GLY A 581 31.20 0.20 -20.87
N GLY A 582 30.61 1.38 -20.74
CA GLY A 582 29.56 1.61 -19.78
C GLY A 582 29.96 2.76 -18.87
N THR A 583 29.02 3.63 -18.57
CA THR A 583 29.30 4.77 -17.73
C THR A 583 28.25 4.89 -16.67
N CYS A 584 27.85 3.76 -16.10
CA CYS A 584 26.89 3.76 -15.01
C CYS A 584 27.52 4.42 -13.80
N GLN A 585 26.78 5.27 -13.11
CA GLN A 585 27.16 5.83 -11.81
C GLN A 585 28.46 6.62 -11.85
N VAL A 586 28.67 7.39 -12.91
CA VAL A 586 29.86 8.23 -13.01
C VAL A 586 29.68 9.61 -12.40
N SER A 587 28.46 10.01 -12.07
CA SER A 587 28.26 11.37 -11.62
C SER A 587 28.71 11.54 -10.17
N ALA A 588 28.79 12.79 -9.75
CA ALA A 588 29.15 13.06 -8.37
C ALA A 588 28.01 12.81 -7.41
N TRP A 589 26.76 12.74 -7.91
CA TRP A 589 25.66 12.27 -7.09
C TRP A 589 25.84 10.79 -6.75
N ASP A 590 26.39 10.04 -7.69
CA ASP A 590 26.47 8.61 -7.55
C ASP A 590 27.58 8.18 -6.60
N HIS A 591 28.56 9.05 -6.38
CA HIS A 591 29.58 8.73 -5.39
C HIS A 591 29.07 8.97 -3.98
N VAL A 592 28.16 9.93 -3.81
CA VAL A 592 27.56 10.11 -2.50
C VAL A 592 26.33 9.23 -2.35
N PHE A 593 25.93 8.58 -3.43
CA PHE A 593 25.07 7.41 -3.34
C PHE A 593 25.81 6.23 -2.73
N LEU A 594 26.98 5.90 -3.27
CA LEU A 594 27.72 4.75 -2.78
C LEU A 594 28.33 4.99 -1.42
N GLY A 595 28.60 6.23 -1.07
CA GLY A 595 29.18 6.51 0.23
C GLY A 595 28.23 6.31 1.38
N LEU A 596 26.93 6.39 1.13
CA LEU A 596 25.95 6.14 2.18
C LEU A 596 25.98 4.70 2.64
N PHE A 597 26.36 3.78 1.76
CA PHE A 597 26.45 2.38 2.18
C PHE A 597 27.68 2.16 3.04
N TRP A 598 28.77 2.84 2.72
CA TRP A 598 29.96 2.72 3.53
C TRP A 598 29.86 3.49 4.82
N MET A 599 29.16 4.61 4.81
CA MET A 599 28.80 5.26 6.06
C MET A 599 27.91 4.37 6.90
N TYR A 600 26.98 3.67 6.25
CA TYR A 600 26.21 2.64 6.95
C TYR A 600 27.12 1.51 7.39
N ASN A 601 28.10 1.16 6.57
CA ASN A 601 28.99 0.07 6.93
C ASN A 601 29.96 0.49 8.01
N SER A 602 30.40 1.75 7.98
CA SER A 602 31.34 2.20 9.00
C SER A 602 30.65 2.38 10.34
N LEU A 603 29.50 3.03 10.34
CA LEU A 603 28.86 3.36 11.59
C LEU A 603 28.20 2.17 12.24
N SER A 604 27.86 1.14 11.47
CA SER A 604 27.33 -0.05 12.11
C SER A 604 28.38 -0.74 12.95
N ILE A 605 29.63 -0.72 12.49
CA ILE A 605 30.67 -1.38 13.25
C ILE A 605 31.08 -0.50 14.42
N VAL A 606 30.91 0.81 14.30
CA VAL A 606 31.15 1.68 15.44
C VAL A 606 30.16 1.41 16.56
N ILE A 607 28.88 1.32 16.21
CA ILE A 607 27.87 1.09 17.23
C ILE A 607 27.82 -0.35 17.66
N PHE A 608 28.33 -1.28 16.85
CA PHE A 608 28.46 -2.65 17.35
C PHE A 608 29.64 -2.77 18.28
N HIS A 609 30.72 -2.05 18.00
CA HIS A 609 31.88 -2.08 18.90
C HIS A 609 31.61 -1.31 20.18
N PHE A 610 30.70 -0.34 20.14
CA PHE A 610 30.27 0.29 21.38
C PHE A 610 29.40 -0.65 22.19
N SER A 611 28.34 -1.18 21.57
CA SER A 611 27.32 -1.92 22.29
C SER A 611 27.79 -3.26 22.79
N TRP A 612 28.97 -3.72 22.40
CA TRP A 612 29.48 -4.97 22.93
C TRP A 612 30.69 -4.80 23.80
N LYS A 613 31.48 -3.73 23.62
CA LYS A 613 32.56 -3.47 24.56
C LYS A 613 32.01 -3.01 25.90
N MET A 614 30.93 -2.22 25.87
CA MET A 614 30.34 -1.74 27.12
C MET A 614 29.67 -2.87 27.88
N GLN A 615 28.90 -3.70 27.17
CA GLN A 615 28.21 -4.80 27.82
C GLN A 615 29.14 -5.90 28.27
N SER A 616 30.33 -5.99 27.69
CA SER A 616 31.30 -6.96 28.15
C SER A 616 32.22 -6.41 29.21
N ASP A 617 32.61 -5.15 29.11
CA ASP A 617 33.71 -4.66 29.91
C ASP A 617 33.42 -3.41 30.71
N VAL A 618 32.24 -2.80 30.56
CA VAL A 618 31.90 -1.61 31.33
C VAL A 618 30.62 -1.82 32.10
N TRP A 619 29.53 -2.07 31.38
CA TRP A 619 28.22 -2.12 31.99
C TRP A 619 28.05 -3.42 32.78
N GLY A 620 27.01 -3.46 33.60
CA GLY A 620 26.72 -4.61 34.41
C GLY A 620 26.54 -4.25 35.87
N THR A 621 25.96 -5.19 36.61
CA THR A 621 25.65 -4.98 38.01
C THR A 621 26.87 -5.22 38.87
N VAL A 622 27.02 -4.42 39.92
CA VAL A 622 28.11 -4.56 40.87
C VAL A 622 27.54 -5.07 42.20
N THR A 623 28.23 -6.04 42.78
CA THR A 623 27.84 -6.64 44.04
C THR A 623 28.86 -6.43 45.15
N ALA A 624 29.94 -5.69 44.86
CA ALA A 624 31.17 -5.60 45.68
C ALA A 624 31.76 -6.98 45.97
N SER A 625 31.51 -7.93 45.07
CA SER A 625 31.86 -9.32 45.24
C SER A 625 32.36 -9.88 43.92
N GLY A 626 33.23 -9.14 43.24
CA GLY A 626 33.53 -9.55 41.88
C GLY A 626 32.42 -9.17 40.92
N VAL A 627 32.35 -7.86 40.61
CA VAL A 627 31.37 -7.28 39.69
C VAL A 627 31.28 -8.06 38.39
N SER A 628 30.04 -8.37 38.00
CA SER A 628 29.76 -9.10 36.77
C SER A 628 29.20 -8.16 35.72
N HIS A 629 29.57 -8.40 34.47
CA HIS A 629 29.12 -7.54 33.39
C HIS A 629 27.87 -8.13 32.76
N ILE A 630 27.39 -7.51 31.69
CA ILE A 630 26.15 -7.95 31.07
C ILE A 630 26.38 -9.23 30.29
N THR A 631 27.32 -9.22 29.37
CA THR A 631 27.61 -10.41 28.58
C THR A 631 28.72 -11.26 29.18
N GLY A 632 29.08 -11.03 30.43
CA GLY A 632 29.98 -11.92 31.14
C GLY A 632 31.45 -11.63 30.97
N GLY A 633 31.83 -10.67 30.14
CA GLY A 633 33.23 -10.36 29.97
C GLY A 633 33.84 -11.09 28.81
N ASN A 634 33.14 -11.10 27.68
CA ASN A 634 33.56 -11.92 26.56
C ASN A 634 33.85 -11.11 25.30
N PHE A 635 34.53 -9.98 25.43
CA PHE A 635 34.83 -9.22 24.22
C PHE A 635 36.16 -9.62 23.62
N ALA A 636 37.25 -9.49 24.39
CA ALA A 636 38.55 -9.89 23.88
C ALA A 636 38.66 -11.39 23.69
N GLN A 637 37.84 -12.14 24.42
CA GLN A 637 37.78 -13.58 24.26
C GLN A 637 37.13 -13.97 22.93
N SER A 638 36.24 -13.13 22.41
CA SER A 638 35.41 -13.55 21.29
C SER A 638 35.40 -12.66 20.06
N ALA A 639 35.86 -11.40 20.15
CA ALA A 639 35.81 -10.54 18.97
C ALA A 639 36.96 -10.73 18.03
N ASN A 640 37.69 -11.85 18.14
CA ASN A 640 38.74 -12.15 17.19
C ASN A 640 38.16 -12.61 15.87
N THR A 641 37.04 -13.30 15.93
CA THR A 641 36.50 -14.06 14.83
C THR A 641 35.24 -13.39 14.34
N ILE A 642 34.91 -13.58 13.06
CA ILE A 642 33.61 -13.14 12.59
C ILE A 642 32.53 -13.99 13.21
N ASN A 643 32.82 -15.26 13.46
CA ASN A 643 31.89 -16.15 14.14
C ASN A 643 31.66 -15.74 15.58
N GLY A 644 32.60 -15.05 16.21
CA GLY A 644 32.35 -14.51 17.53
C GLY A 644 31.35 -13.35 17.49
N TRP A 645 31.45 -12.52 16.46
CA TRP A 645 30.45 -11.48 16.25
C TRP A 645 29.13 -12.08 15.84
N LEU A 646 29.16 -13.23 15.19
CA LEU A 646 27.92 -13.88 14.80
C LEU A 646 27.27 -14.53 16.01
N ARG A 647 28.00 -15.40 16.71
CA ARG A 647 27.48 -16.05 17.91
C ARG A 647 27.17 -15.07 19.02
N ASP A 648 28.22 -14.47 19.57
CA ASP A 648 28.12 -13.85 20.87
C ASP A 648 27.51 -12.47 20.82
N PHE A 649 27.37 -11.88 19.64
CA PHE A 649 26.77 -10.57 19.55
C PHE A 649 25.47 -10.57 18.78
N LEU A 650 25.45 -11.01 17.53
CA LEU A 650 24.22 -10.91 16.77
C LEU A 650 23.25 -12.04 17.06
N TRP A 651 23.69 -13.14 17.66
CA TRP A 651 22.80 -14.24 17.96
C TRP A 651 22.45 -14.34 19.43
N ALA A 652 23.42 -14.12 20.32
CA ALA A 652 23.15 -14.24 21.74
C ALA A 652 22.36 -13.05 22.26
N GLN A 653 22.64 -11.86 21.74
CA GLN A 653 21.96 -10.66 22.20
C GLN A 653 20.67 -10.40 21.44
N SER A 654 20.41 -11.14 20.37
CA SER A 654 19.13 -11.01 19.69
C SER A 654 18.01 -11.70 20.44
N SER A 655 18.29 -12.44 21.51
CA SER A 655 17.25 -13.17 22.24
C SER A 655 16.44 -12.30 23.17
N GLN A 656 16.54 -10.98 23.06
CA GLN A 656 15.63 -10.09 23.75
C GLN A 656 14.77 -9.30 22.79
N VAL A 657 15.01 -9.40 21.49
CA VAL A 657 14.16 -8.75 20.50
C VAL A 657 13.26 -9.76 19.81
N ILE A 658 13.58 -11.05 19.89
CA ILE A 658 12.84 -12.06 19.15
C ILE A 658 11.78 -12.75 19.99
N GLN A 659 11.91 -12.73 21.32
CA GLN A 659 10.94 -13.37 22.18
C GLN A 659 10.33 -12.34 23.12
N SER A 660 10.31 -11.10 22.68
CA SER A 660 9.76 -10.00 23.44
C SER A 660 8.27 -9.79 23.19
N TYR A 661 7.60 -10.75 22.56
CA TYR A 661 6.17 -10.63 22.34
C TYR A 661 5.38 -10.82 23.62
N GLY A 662 4.19 -10.24 23.65
CA GLY A 662 3.40 -10.22 24.86
C GLY A 662 3.88 -9.26 25.91
N SER A 663 4.84 -8.40 25.58
CA SER A 663 5.43 -7.47 26.53
C SER A 663 5.48 -6.10 25.90
N ALA A 664 6.00 -5.13 26.65
CA ALA A 664 6.10 -3.78 26.12
C ALA A 664 7.19 -3.66 25.07
N LEU A 665 8.14 -4.58 25.04
CA LEU A 665 9.19 -4.57 24.04
C LEU A 665 8.78 -5.25 22.74
N SER A 666 7.51 -5.61 22.60
CA SER A 666 7.05 -6.32 21.42
C SER A 666 6.91 -5.39 20.23
N ALA A 667 6.86 -4.08 20.45
CA ALA A 667 6.92 -3.17 19.33
C ALA A 667 8.30 -3.20 18.69
N TYR A 668 9.34 -3.41 19.50
CA TYR A 668 10.67 -3.55 18.94
C TYR A 668 10.84 -4.85 18.19
N GLY A 669 10.08 -5.88 18.56
CA GLY A 669 10.10 -7.10 17.78
C GLY A 669 9.44 -6.95 16.44
N LEU A 670 8.47 -6.04 16.33
CA LEU A 670 7.81 -5.83 15.06
C LEU A 670 8.70 -5.08 14.09
N ILE A 671 9.31 -3.99 14.55
CA ILE A 671 10.18 -3.17 13.71
C ILE A 671 11.47 -3.93 13.39
N PHE A 672 11.86 -4.87 14.24
CA PHE A 672 12.94 -5.79 13.90
C PHE A 672 12.58 -6.61 12.67
N LEU A 673 11.35 -7.11 12.59
CA LEU A 673 10.87 -7.67 11.35
C LEU A 673 10.48 -6.60 10.35
N GLY A 674 10.06 -5.43 10.84
CA GLY A 674 9.65 -4.37 9.95
C GLY A 674 10.81 -3.83 9.14
N ALA A 675 11.92 -3.56 9.81
CA ALA A 675 13.06 -3.06 9.08
C ALA A 675 13.86 -4.14 8.39
N HIS A 676 13.76 -5.41 8.81
CA HIS A 676 14.25 -6.49 7.96
C HIS A 676 13.49 -6.56 6.66
N PHE A 677 12.23 -6.13 6.65
CA PHE A 677 11.47 -6.09 5.41
C PHE A 677 11.94 -4.92 4.54
N VAL A 678 11.98 -3.72 5.11
CA VAL A 678 12.23 -2.50 4.34
C VAL A 678 13.65 -2.50 3.79
N TRP A 679 14.59 -3.06 4.54
CA TRP A 679 15.95 -3.27 4.05
C TRP A 679 15.95 -4.11 2.78
N ALA A 680 15.29 -5.26 2.84
CA ALA A 680 15.29 -6.16 1.71
C ALA A 680 14.42 -5.62 0.60
N PHE A 681 13.45 -4.79 0.96
CA PHE A 681 12.61 -4.13 -0.03
C PHE A 681 13.44 -3.20 -0.92
N SER A 682 14.49 -2.62 -0.36
CA SER A 682 15.38 -1.74 -1.11
C SER A 682 16.15 -2.46 -2.19
N LEU A 683 16.40 -3.75 -2.03
CA LEU A 683 17.15 -4.50 -3.02
C LEU A 683 16.38 -4.67 -4.31
N MET A 684 15.07 -4.48 -4.29
CA MET A 684 14.31 -4.38 -5.53
C MET A 684 14.73 -3.15 -6.31
N PHE A 685 15.11 -2.09 -5.62
CA PHE A 685 15.51 -0.86 -6.27
C PHE A 685 17.00 -0.80 -6.55
N LEU A 686 17.82 -1.34 -5.64
CA LEU A 686 19.26 -1.27 -5.82
C LEU A 686 19.76 -2.22 -6.89
N PHE A 687 19.01 -3.25 -7.23
CA PHE A 687 19.53 -4.21 -8.19
C PHE A 687 18.96 -4.00 -9.57
N SER A 688 17.65 -3.82 -9.65
CA SER A 688 16.95 -3.72 -10.91
C SER A 688 17.13 -2.35 -11.52
N GLY A 689 16.55 -2.16 -12.70
CA GLY A 689 16.71 -0.91 -13.41
C GLY A 689 15.42 -0.49 -14.07
N ARG A 690 15.43 0.75 -14.58
CA ARG A 690 14.21 1.42 -14.99
C ARG A 690 13.57 0.77 -16.22
N GLY A 691 14.37 0.43 -17.22
CA GLY A 691 13.82 -0.03 -18.49
C GLY A 691 13.14 -1.38 -18.42
N TYR A 692 13.35 -2.13 -17.34
CA TYR A 692 12.44 -3.22 -17.02
C TYR A 692 11.08 -2.66 -16.61
N TRP A 693 11.09 -1.84 -15.56
CA TRP A 693 9.87 -1.46 -14.86
C TRP A 693 9.00 -0.54 -15.71
N GLN A 694 9.60 0.16 -16.66
CA GLN A 694 8.78 0.95 -17.58
C GLN A 694 7.98 0.04 -18.50
N GLU A 695 8.58 -1.06 -18.94
CA GLU A 695 7.88 -1.98 -19.82
C GLU A 695 6.80 -2.75 -19.08
N LEU A 696 7.01 -3.01 -17.80
CA LEU A 696 5.98 -3.64 -17.00
C LEU A 696 4.80 -2.70 -16.77
N ILE A 697 5.07 -1.40 -16.67
CA ILE A 697 4.00 -0.42 -16.55
C ILE A 697 3.18 -0.39 -17.82
N GLU A 698 3.84 -0.52 -18.98
CA GLU A 698 3.14 -0.53 -20.27
C GLU A 698 2.19 -1.72 -20.37
N SER A 699 2.56 -2.84 -19.77
CA SER A 699 1.67 -4.00 -19.79
C SER A 699 0.49 -3.82 -18.86
N ILE A 700 0.60 -2.97 -17.85
CA ILE A 700 -0.53 -2.75 -16.95
C ILE A 700 -1.22 -1.42 -17.20
N VAL A 701 -0.60 -0.50 -17.94
CA VAL A 701 -1.37 0.59 -18.53
C VAL A 701 -2.30 0.03 -19.60
N TRP A 702 -1.88 -1.06 -20.27
CA TRP A 702 -2.72 -1.72 -21.26
C TRP A 702 -4.01 -2.22 -20.66
N ALA A 703 -3.92 -2.88 -19.50
CA ALA A 703 -5.14 -3.33 -18.84
C ALA A 703 -5.91 -2.18 -18.21
N HIS A 704 -5.25 -1.04 -17.98
CA HIS A 704 -5.96 0.16 -17.59
C HIS A 704 -6.48 0.94 -18.80
N ASN A 705 -5.84 0.81 -19.96
CA ASN A 705 -6.43 1.34 -21.18
C ASN A 705 -7.70 0.58 -21.54
N LYS A 706 -7.68 -0.74 -21.33
CA LYS A 706 -8.77 -1.60 -21.75
C LYS A 706 -10.03 -1.35 -20.94
N LEU A 707 -9.88 -1.09 -19.64
CA LEU A 707 -11.02 -0.78 -18.80
C LEU A 707 -11.21 0.71 -18.59
N LYS A 708 -10.69 1.54 -19.51
CA LYS A 708 -10.93 2.98 -19.56
C LYS A 708 -10.56 3.70 -18.28
N VAL A 709 -9.56 3.21 -17.57
CA VAL A 709 -9.08 3.87 -16.37
C VAL A 709 -7.65 4.35 -16.58
N ALA A 710 -7.34 4.71 -17.81
CA ALA A 710 -6.04 5.28 -18.13
C ALA A 710 -5.90 6.65 -17.48
N PRO A 711 -4.89 6.88 -16.65
CA PRO A 711 -4.76 8.18 -15.99
C PRO A 711 -4.15 9.22 -16.91
N ALA A 712 -4.43 10.48 -16.58
CA ALA A 712 -3.92 11.57 -17.40
C ALA A 712 -2.46 11.87 -17.07
N ILE A 713 -2.12 11.92 -15.79
CA ILE A 713 -0.72 11.97 -15.40
C ILE A 713 -0.13 10.59 -15.66
N GLN A 714 0.66 10.49 -16.71
CA GLN A 714 0.96 9.21 -17.32
C GLN A 714 1.96 8.44 -16.48
N PRO A 715 1.73 7.16 -16.23
CA PRO A 715 2.62 6.38 -15.37
C PRO A 715 3.96 6.13 -16.05
N ARG A 716 5.02 6.58 -15.41
CA ARG A 716 6.37 6.25 -15.81
C ARG A 716 7.07 5.54 -14.68
N ALA A 717 8.06 4.74 -15.02
CA ALA A 717 8.92 4.18 -14.00
C ALA A 717 9.77 5.28 -13.39
N LEU A 718 10.25 5.03 -12.17
CA LEU A 718 11.10 5.96 -11.46
C LEU A 718 12.39 6.17 -12.24
N SER A 719 12.96 7.36 -12.12
CA SER A 719 14.15 7.71 -12.89
C SER A 719 15.34 6.87 -12.44
N ILE A 720 16.43 6.98 -13.19
CA ILE A 720 17.61 6.18 -12.91
C ILE A 720 18.19 6.59 -11.56
N THR A 721 18.39 7.90 -11.37
CA THR A 721 18.90 8.38 -10.12
C THR A 721 17.86 8.29 -9.02
N GLN A 722 16.59 8.31 -9.38
CA GLN A 722 15.57 8.21 -8.35
C GLN A 722 15.45 6.80 -7.81
N GLY A 723 15.43 5.80 -8.70
CA GLY A 723 15.36 4.41 -8.25
C GLY A 723 16.57 3.99 -7.43
N ARG A 724 17.71 4.63 -7.67
CA ARG A 724 18.84 4.51 -6.76
C ARG A 724 18.56 5.23 -5.45
N ALA A 725 17.98 6.43 -5.54
CA ALA A 725 17.75 7.23 -4.33
C ALA A 725 16.65 6.64 -3.48
N VAL A 726 15.66 6.01 -4.11
CA VAL A 726 14.69 5.22 -3.36
C VAL A 726 15.36 4.01 -2.74
N GLY A 727 16.33 3.45 -3.44
CA GLY A 727 16.98 2.23 -2.97
C GLY A 727 17.87 2.47 -1.77
N VAL A 728 18.67 3.52 -1.80
CA VAL A 728 19.54 3.76 -0.66
C VAL A 728 18.74 4.33 0.51
N ALA A 729 17.60 4.95 0.24
CA ALA A 729 16.77 5.45 1.33
C ALA A 729 16.08 4.32 2.07
N HIS A 730 15.63 3.30 1.36
CA HIS A 730 15.04 2.15 2.03
C HIS A 730 16.10 1.20 2.57
N TYR A 731 17.31 1.27 2.03
CA TYR A 731 18.39 0.47 2.59
C TYR A 731 18.81 1.01 3.94
N LEU A 732 18.89 2.33 4.05
CA LEU A 732 19.30 2.95 5.31
C LEU A 732 18.19 2.90 6.33
N LEU A 733 16.94 3.09 5.89
CA LEU A 733 15.82 3.03 6.82
C LEU A 733 15.60 1.61 7.32
N GLY A 734 15.65 0.64 6.43
CA GLY A 734 15.56 -0.73 6.88
C GLY A 734 16.80 -1.21 7.59
N GLY A 735 17.94 -0.60 7.35
CA GLY A 735 19.13 -1.06 8.00
C GLY A 735 19.28 -0.53 9.39
N ILE A 736 19.01 0.77 9.55
CA ILE A 736 19.23 1.42 10.84
C ILE A 736 18.16 1.05 11.83
N ALA A 737 16.89 0.99 11.38
CA ALA A 737 15.81 0.66 12.28
C ALA A 737 15.83 -0.80 12.71
N THR A 738 16.57 -1.64 12.00
CA THR A 738 16.87 -2.98 12.50
C THR A 738 17.75 -2.89 13.73
N THR A 739 18.82 -2.11 13.64
CA THR A 739 19.76 -1.99 14.75
C THR A 739 19.16 -1.20 15.89
N TRP A 740 18.30 -0.24 15.57
CA TRP A 740 17.54 0.49 16.57
C TRP A 740 16.72 -0.45 17.44
N SER A 741 15.94 -1.31 16.81
CA SER A 741 15.07 -2.17 17.58
C SER A 741 15.84 -3.33 18.20
N PHE A 742 16.96 -3.71 17.59
CA PHE A 742 17.83 -4.71 18.22
C PHE A 742 18.48 -4.16 19.47
N PHE A 743 19.03 -2.96 19.39
CA PHE A 743 19.70 -2.37 20.55
C PHE A 743 18.74 -2.12 21.68
N LEU A 744 17.59 -1.52 21.39
CA LEU A 744 16.72 -1.08 22.47
C LEU A 744 15.98 -2.23 23.10
N ALA A 745 15.59 -3.24 22.34
CA ALA A 745 14.96 -4.38 22.99
C ALA A 745 15.95 -5.21 23.78
N ARG A 746 17.23 -5.17 23.40
CA ARG A 746 18.28 -5.75 24.24
C ARG A 746 18.44 -4.96 25.53
N ILE A 747 18.73 -3.67 25.39
CA ILE A 747 19.30 -2.92 26.50
C ILE A 747 18.24 -2.43 27.47
N ILE A 748 16.97 -2.39 27.06
CA ILE A 748 15.92 -2.05 28.02
C ILE A 748 15.66 -3.22 28.96
N SER A 749 15.72 -4.44 28.43
CA SER A 749 15.48 -5.61 29.25
C SER A 749 16.65 -5.90 30.18
N VAL A 750 17.84 -6.09 29.60
CA VAL A 750 18.98 -6.50 30.43
C VAL A 750 19.65 -5.33 31.14
N GLY A 751 19.27 -4.10 30.83
CA GLY A 751 19.85 -2.95 31.50
C GLY A 751 18.83 -2.00 32.08
N LYS B 4 45.13 -11.62 -28.40
CA LYS B 4 44.98 -11.50 -29.85
C LYS B 4 44.58 -12.85 -30.44
N LEU B 5 44.87 -13.93 -29.71
CA LEU B 5 44.63 -15.26 -30.23
C LEU B 5 43.58 -16.04 -29.46
N PHE B 6 43.27 -15.67 -28.21
CA PHE B 6 42.44 -16.52 -27.38
C PHE B 6 40.98 -16.62 -27.79
N PRO B 7 40.28 -15.55 -28.17
CA PRO B 7 38.95 -15.88 -28.72
C PRO B 7 39.08 -16.32 -30.18
N LYS B 8 39.36 -17.63 -30.36
CA LYS B 8 39.42 -18.19 -31.69
C LYS B 8 38.06 -18.24 -32.36
N PHE B 9 36.98 -18.14 -31.58
CA PHE B 9 35.66 -18.18 -32.14
C PHE B 9 35.15 -16.81 -32.56
N SER B 10 35.53 -15.75 -31.86
CA SER B 10 35.04 -14.41 -32.17
C SER B 10 36.24 -13.52 -32.44
N GLN B 11 36.45 -13.22 -33.73
CA GLN B 11 37.57 -12.36 -34.12
C GLN B 11 37.31 -10.91 -33.74
N GLY B 12 36.03 -10.53 -33.58
CA GLY B 12 35.71 -9.23 -33.01
C GLY B 12 36.13 -9.08 -31.57
N LEU B 13 36.30 -10.19 -30.84
CA LEU B 13 36.96 -10.16 -29.55
C LEU B 13 38.45 -10.30 -29.66
N ALA B 14 38.96 -10.85 -30.76
CA ALA B 14 40.40 -10.95 -30.92
C ALA B 14 41.03 -9.61 -31.22
N GLN B 15 40.27 -8.66 -31.78
CA GLN B 15 40.75 -7.31 -31.98
C GLN B 15 40.52 -6.41 -30.78
N ASP B 16 40.23 -6.97 -29.62
CA ASP B 16 39.92 -6.16 -28.45
C ASP B 16 41.16 -6.04 -27.60
N PRO B 17 41.74 -4.85 -27.45
CA PRO B 17 42.99 -4.71 -26.69
C PRO B 17 42.83 -4.70 -25.19
N THR B 18 41.62 -4.89 -24.68
CA THR B 18 41.32 -4.71 -23.27
C THR B 18 41.17 -6.06 -22.60
N THR B 19 40.89 -6.02 -21.31
CA THR B 19 40.86 -7.23 -20.51
C THR B 19 39.49 -7.90 -20.50
N ARG B 20 38.48 -7.33 -21.17
CA ARG B 20 37.24 -8.04 -21.36
C ARG B 20 37.32 -9.06 -22.48
N ARG B 21 38.42 -9.06 -23.22
CA ARG B 21 38.71 -10.12 -24.18
C ARG B 21 38.80 -11.47 -23.48
N ILE B 22 39.36 -11.47 -22.27
CA ILE B 22 39.45 -12.71 -21.51
C ILE B 22 38.10 -13.10 -20.97
N TRP B 23 37.33 -12.13 -20.50
CA TRP B 23 36.04 -12.45 -19.90
C TRP B 23 35.02 -12.88 -20.94
N TYR B 24 35.08 -12.29 -22.14
CA TYR B 24 34.11 -12.72 -23.14
C TYR B 24 34.64 -13.84 -24.01
N GLY B 25 35.93 -14.19 -23.89
CA GLY B 25 36.37 -15.44 -24.47
C GLY B 25 35.81 -16.64 -23.73
N LEU B 26 35.53 -16.47 -22.44
CA LEU B 26 34.99 -17.53 -21.63
C LEU B 26 33.48 -17.66 -21.78
N ALA B 27 32.77 -16.55 -21.78
CA ALA B 27 31.34 -16.58 -21.53
C ALA B 27 30.50 -16.78 -22.78
N MET B 28 31.01 -16.47 -23.96
CA MET B 28 30.27 -16.77 -25.17
C MET B 28 31.03 -17.78 -26.01
N ALA B 29 31.84 -18.61 -25.34
CA ALA B 29 32.51 -19.70 -26.01
C ALA B 29 31.56 -20.84 -26.32
N HIS B 30 30.49 -20.97 -25.56
CA HIS B 30 29.49 -22.00 -25.82
C HIS B 30 28.24 -21.39 -26.43
N ASP B 31 28.32 -20.17 -26.94
CA ASP B 31 27.26 -19.56 -27.74
C ASP B 31 27.60 -19.82 -29.19
N PHE B 32 27.29 -21.04 -29.64
CA PHE B 32 27.79 -21.52 -30.92
C PHE B 32 27.13 -20.81 -32.09
N GLU B 33 25.93 -20.26 -31.89
CA GLU B 33 25.22 -19.61 -32.98
C GLU B 33 25.81 -18.28 -33.37
N SER B 34 26.76 -17.73 -32.61
CA SER B 34 27.32 -16.42 -32.89
C SER B 34 28.83 -16.47 -33.13
N HIS B 35 29.38 -17.65 -33.34
CA HIS B 35 30.80 -17.76 -33.65
C HIS B 35 31.05 -17.37 -35.09
N ASP B 36 32.31 -17.06 -35.39
CA ASP B 36 32.66 -16.60 -36.72
C ASP B 36 32.69 -17.78 -37.68
N GLY B 37 32.05 -17.62 -38.83
CA GLY B 37 32.04 -18.65 -39.83
C GLY B 37 31.20 -19.86 -39.50
N MET B 38 30.35 -19.78 -38.48
CA MET B 38 29.54 -20.91 -38.07
C MET B 38 28.41 -21.09 -39.07
N THR B 39 28.23 -22.32 -39.54
CA THR B 39 27.11 -22.69 -40.38
C THR B 39 26.24 -23.68 -39.62
N GLU B 40 25.05 -23.97 -40.17
CA GLU B 40 24.09 -24.78 -39.45
C GLU B 40 24.49 -26.25 -39.44
N GLU B 41 25.18 -26.72 -40.48
CA GLU B 41 25.77 -28.05 -40.37
C GLU B 41 26.94 -28.04 -39.39
N ASN B 42 27.71 -26.96 -39.34
CA ASN B 42 28.73 -26.83 -38.32
C ASN B 42 28.15 -26.56 -36.94
N LEU B 43 26.94 -26.02 -36.88
CA LEU B 43 26.30 -25.79 -35.59
C LEU B 43 25.97 -27.09 -34.90
N TYR B 44 25.28 -27.99 -35.60
CA TYR B 44 24.77 -29.20 -34.96
C TYR B 44 25.88 -30.18 -34.61
N GLN B 45 27.02 -30.12 -35.28
CA GLN B 45 28.07 -31.09 -34.99
C GLN B 45 28.81 -30.73 -33.71
N LYS B 46 28.97 -29.45 -33.40
CA LYS B 46 29.63 -29.08 -32.17
C LYS B 46 28.72 -29.27 -30.96
N ILE B 47 27.41 -29.10 -31.15
CA ILE B 47 26.45 -29.38 -30.09
C ILE B 47 26.42 -30.87 -29.79
N PHE B 48 26.50 -31.69 -30.84
CA PHE B 48 26.38 -33.12 -30.67
C PHE B 48 27.61 -33.71 -30.00
N ALA B 49 28.78 -33.18 -30.32
CA ALA B 49 29.99 -33.63 -29.64
C ALA B 49 30.05 -33.12 -28.21
N SER B 50 29.47 -31.96 -27.95
CA SER B 50 29.48 -31.42 -26.59
C SER B 50 28.59 -32.23 -25.68
N HIS B 51 27.55 -32.85 -26.23
CA HIS B 51 26.70 -33.71 -25.43
C HIS B 51 27.45 -34.99 -25.06
N PHE B 52 28.39 -35.42 -25.90
CA PHE B 52 29.32 -36.46 -25.45
C PHE B 52 30.21 -35.95 -24.34
N GLY B 53 30.57 -34.66 -24.39
CA GLY B 53 31.38 -34.09 -23.34
C GLY B 53 30.65 -33.98 -22.02
N GLN B 54 29.34 -33.72 -22.07
CA GLN B 54 28.57 -33.71 -20.83
C GLN B 54 28.39 -35.12 -20.29
N LEU B 55 28.16 -36.09 -21.18
CA LEU B 55 27.97 -37.47 -20.74
C LEU B 55 29.25 -38.08 -20.20
N SER B 56 30.39 -37.74 -20.79
CA SER B 56 31.64 -38.33 -20.34
C SER B 56 32.07 -37.74 -19.01
N ILE B 57 31.60 -36.53 -18.71
CA ILE B 57 31.85 -35.93 -17.40
C ILE B 57 30.99 -36.60 -16.33
N ILE B 58 29.71 -36.83 -16.65
CA ILE B 58 28.76 -37.42 -15.69
C ILE B 58 29.21 -38.82 -15.28
N PHE B 59 29.64 -39.63 -16.24
CA PHE B 59 30.09 -40.97 -15.91
C PHE B 59 31.46 -40.98 -15.24
N LEU B 60 32.30 -40.00 -15.53
CA LEU B 60 33.53 -39.86 -14.76
C LEU B 60 33.22 -39.37 -13.35
N TRP B 61 32.21 -38.51 -13.22
CA TRP B 61 31.76 -38.04 -11.92
C TRP B 61 31.19 -39.18 -11.09
N THR B 62 30.34 -40.01 -11.70
CA THR B 62 29.71 -41.09 -10.95
C THR B 62 30.72 -42.18 -10.62
N SER B 63 31.66 -42.45 -11.52
CA SER B 63 32.74 -43.37 -11.22
C SER B 63 33.66 -42.81 -10.15
N GLY B 64 33.70 -41.49 -9.99
CA GLY B 64 34.40 -40.92 -8.85
C GLY B 64 33.68 -41.18 -7.54
N ASN B 65 32.35 -41.13 -7.57
CA ASN B 65 31.59 -41.44 -6.37
C ASN B 65 31.72 -42.90 -6.00
N LEU B 66 31.75 -43.78 -7.00
CA LEU B 66 31.91 -45.20 -6.72
C LEU B 66 33.32 -45.50 -6.21
N PHE B 67 34.31 -44.71 -6.60
CA PHE B 67 35.67 -45.00 -6.19
C PHE B 67 35.92 -44.58 -4.74
N HIS B 68 35.58 -43.34 -4.41
CA HIS B 68 35.89 -42.82 -3.09
C HIS B 68 35.04 -43.46 -2.00
N VAL B 69 33.87 -43.96 -2.34
CA VAL B 69 33.11 -44.75 -1.40
C VAL B 69 33.75 -46.12 -1.21
N ALA B 70 34.21 -46.73 -2.31
CA ALA B 70 34.81 -48.06 -2.20
C ALA B 70 36.16 -48.00 -1.51
N TRP B 71 36.87 -46.88 -1.60
CA TRP B 71 38.20 -46.81 -1.02
C TRP B 71 38.18 -46.14 0.34
N GLN B 72 37.61 -44.95 0.44
CA GLN B 72 37.68 -44.17 1.66
C GLN B 72 36.42 -44.25 2.50
N GLY B 73 35.40 -44.98 2.04
CA GLY B 73 34.14 -45.04 2.72
C GLY B 73 33.99 -46.33 3.50
N ASN B 74 32.88 -46.42 4.24
CA ASN B 74 32.64 -47.58 5.08
C ASN B 74 31.40 -48.32 4.64
N PHE B 75 31.27 -48.56 3.33
CA PHE B 75 30.05 -49.17 2.81
C PHE B 75 29.88 -50.59 3.31
N GLU B 76 30.98 -51.33 3.44
CA GLU B 76 30.87 -52.69 3.98
C GLU B 76 30.56 -52.68 5.47
N GLN B 77 30.91 -51.62 6.17
CA GLN B 77 30.50 -51.51 7.57
C GLN B 77 29.09 -50.96 7.70
N TRP B 78 28.66 -50.16 6.73
CA TRP B 78 27.34 -49.53 6.80
C TRP B 78 26.24 -50.50 6.38
N VAL B 79 26.58 -51.52 5.60
CA VAL B 79 25.63 -52.56 5.21
C VAL B 79 25.07 -53.26 6.43
N THR B 80 25.94 -53.62 7.38
CA THR B 80 25.53 -54.44 8.50
C THR B 80 24.70 -53.65 9.50
N ASP B 81 25.05 -52.40 9.77
CA ASP B 81 24.28 -51.52 10.65
C ASP B 81 23.99 -50.23 9.91
N PRO B 82 22.85 -50.15 9.21
CA PRO B 82 22.55 -48.98 8.39
C PRO B 82 21.79 -47.87 9.10
N VAL B 83 21.70 -47.88 10.42
CA VAL B 83 20.99 -46.85 11.17
C VAL B 83 21.94 -46.00 11.99
N HIS B 84 22.76 -46.62 12.82
CA HIS B 84 23.62 -45.91 13.76
C HIS B 84 24.96 -45.55 13.17
N ILE B 85 25.46 -46.33 12.22
CA ILE B 85 26.69 -45.98 11.52
C ILE B 85 26.40 -44.92 10.49
N ARG B 86 27.15 -43.82 10.54
CA ARG B 86 26.99 -42.72 9.62
C ARG B 86 27.81 -42.95 8.34
N PRO B 87 27.27 -42.54 7.20
CA PRO B 87 27.96 -42.79 5.92
C PRO B 87 29.21 -41.95 5.77
N ILE B 88 30.08 -42.34 4.85
CA ILE B 88 31.34 -41.64 4.62
C ILE B 88 31.46 -41.29 3.15
N ALA B 89 31.71 -40.01 2.86
CA ALA B 89 31.86 -39.58 1.48
C ALA B 89 33.26 -39.85 0.95
N HIS B 90 34.25 -39.19 1.53
CA HIS B 90 35.64 -39.30 1.11
C HIS B 90 36.50 -38.78 2.24
N ALA B 91 37.64 -39.40 2.43
CA ALA B 91 38.50 -39.00 3.52
C ALA B 91 39.16 -37.66 3.21
N ILE B 92 39.74 -37.06 4.25
CA ILE B 92 40.23 -35.70 4.21
C ILE B 92 41.75 -35.75 4.27
N TRP B 93 42.40 -35.01 3.39
CA TRP B 93 43.81 -34.68 3.55
C TRP B 93 43.91 -33.18 3.33
N ASP B 94 43.76 -32.41 4.41
CA ASP B 94 44.03 -30.98 4.37
C ASP B 94 45.23 -30.73 5.27
N PRO B 95 46.42 -30.44 4.71
CA PRO B 95 47.59 -30.19 5.54
C PRO B 95 47.56 -28.89 6.30
N HIS B 96 46.51 -28.06 6.11
CA HIS B 96 46.33 -26.88 6.91
C HIS B 96 45.69 -27.18 8.26
N PHE B 97 45.21 -28.39 8.48
CA PHE B 97 44.56 -28.79 9.72
C PHE B 97 45.45 -28.67 10.93
N GLY B 98 44.82 -28.65 12.10
CA GLY B 98 45.49 -28.85 13.36
C GLY B 98 45.07 -30.18 13.96
N GLN B 99 45.73 -30.54 15.05
CA GLN B 99 45.41 -31.80 15.72
C GLN B 99 44.01 -31.84 16.32
N PRO B 100 43.43 -30.78 16.93
CA PRO B 100 42.01 -30.85 17.24
C PRO B 100 41.10 -30.94 16.03
N ALA B 101 41.55 -30.47 14.87
CA ALA B 101 40.75 -30.60 13.67
C ALA B 101 41.00 -31.89 12.92
N VAL B 102 41.91 -32.73 13.39
CA VAL B 102 41.95 -34.10 12.87
C VAL B 102 40.99 -34.97 13.63
N GLU B 103 41.06 -34.94 14.96
CA GLU B 103 40.28 -35.83 15.80
C GLU B 103 38.82 -35.45 15.90
N ALA B 104 38.47 -34.22 15.56
CA ALA B 104 37.06 -33.86 15.55
C ALA B 104 36.37 -34.28 14.26
N PHE B 105 37.13 -34.53 13.20
CA PHE B 105 36.54 -35.02 11.96
C PHE B 105 36.69 -36.52 11.78
N THR B 106 37.42 -37.21 12.65
CA THR B 106 37.37 -38.67 12.65
C THR B 106 36.04 -39.09 13.25
N ARG B 107 35.14 -39.61 12.44
CA ARG B 107 33.91 -40.18 12.98
C ARG B 107 33.42 -41.27 12.03
N GLY B 108 32.32 -41.90 12.41
CA GLY B 108 31.82 -43.04 11.65
C GLY B 108 32.65 -44.29 11.80
N GLY B 109 33.48 -44.38 12.83
CA GLY B 109 34.31 -45.54 13.05
C GLY B 109 35.50 -45.67 12.13
N ALA B 110 35.91 -44.57 11.50
CA ALA B 110 36.97 -44.64 10.51
C ALA B 110 38.32 -44.41 11.16
N SER B 111 39.36 -44.38 10.34
CA SER B 111 40.73 -44.21 10.82
C SER B 111 41.11 -42.73 10.87
N GLY B 112 41.11 -42.07 9.71
CA GLY B 112 41.48 -40.68 9.63
C GLY B 112 40.27 -39.78 9.58
N PRO B 113 40.46 -38.52 9.23
CA PRO B 113 39.32 -37.62 9.07
C PRO B 113 38.51 -38.00 7.86
N VAL B 114 37.20 -37.78 7.94
CA VAL B 114 36.23 -38.21 6.94
C VAL B 114 35.13 -37.18 6.82
N ASN B 115 34.38 -37.26 5.72
CA ASN B 115 33.19 -36.45 5.52
C ASN B 115 31.98 -37.35 5.51
N ILE B 116 30.96 -37.00 6.27
CA ILE B 116 29.71 -37.75 6.27
C ILE B 116 28.94 -37.43 5.00
N SER B 117 28.73 -38.43 4.15
CA SER B 117 28.05 -38.20 2.89
C SER B 117 26.59 -37.93 3.13
N THR B 118 26.15 -36.72 2.80
CA THR B 118 24.75 -36.38 2.90
C THR B 118 24.03 -36.51 1.57
N SER B 119 24.77 -36.83 0.50
CA SER B 119 24.16 -37.08 -0.80
C SER B 119 23.37 -38.37 -0.80
N GLY B 120 23.71 -39.30 0.08
CA GLY B 120 22.88 -40.48 0.25
C GLY B 120 23.00 -41.48 -0.87
N VAL B 121 24.17 -41.58 -1.48
CA VAL B 121 24.39 -42.62 -2.47
C VAL B 121 24.60 -43.97 -1.83
N TYR B 122 24.68 -44.07 -0.51
CA TYR B 122 24.74 -45.39 0.07
C TYR B 122 23.37 -46.06 0.00
N GLN B 123 22.30 -45.33 0.35
CA GLN B 123 20.96 -45.89 0.35
C GLN B 123 20.51 -46.29 -1.06
N TRP B 124 20.94 -45.56 -2.07
CA TRP B 124 20.62 -45.93 -3.44
C TRP B 124 21.43 -47.15 -3.87
N TRP B 125 22.67 -47.25 -3.41
CA TRP B 125 23.49 -48.38 -3.84
C TRP B 125 23.15 -49.63 -3.03
N TYR B 126 22.76 -49.47 -1.78
CA TYR B 126 22.46 -50.61 -0.93
C TYR B 126 21.20 -51.33 -1.37
N THR B 127 20.27 -50.61 -1.99
CA THR B 127 19.03 -51.23 -2.42
C THR B 127 19.07 -51.71 -3.87
N ILE B 128 20.09 -51.33 -4.64
CA ILE B 128 20.23 -51.89 -5.98
C ILE B 128 21.17 -53.08 -5.98
N GLY B 129 21.58 -53.55 -4.81
CA GLY B 129 22.30 -54.80 -4.70
C GLY B 129 23.74 -54.69 -4.28
N MET B 130 24.29 -53.48 -4.17
CA MET B 130 25.67 -53.34 -3.74
C MET B 130 25.82 -53.76 -2.29
N ARG B 131 26.75 -54.67 -2.02
CA ARG B 131 26.94 -55.09 -0.65
C ARG B 131 28.39 -54.95 -0.22
N THR B 132 29.31 -55.20 -1.13
CA THR B 132 30.72 -55.19 -0.81
C THR B 132 31.43 -54.09 -1.57
N ASN B 133 32.59 -53.70 -1.06
CA ASN B 133 33.41 -52.69 -1.73
C ASN B 133 33.91 -53.19 -3.07
N GLN B 134 34.14 -54.50 -3.19
CA GLN B 134 34.57 -55.07 -4.46
C GLN B 134 33.50 -54.96 -5.53
N ASP B 135 32.24 -54.86 -5.13
CA ASP B 135 31.17 -54.57 -6.07
C ASP B 135 31.13 -53.10 -6.46
N LEU B 136 31.76 -52.24 -5.67
CA LEU B 136 31.77 -50.82 -5.99
C LEU B 136 32.96 -50.42 -6.85
N TYR B 137 34.11 -51.07 -6.69
CA TYR B 137 35.24 -50.79 -7.57
C TYR B 137 34.95 -51.22 -8.99
N VAL B 138 34.25 -52.35 -9.15
CA VAL B 138 33.90 -52.85 -10.47
C VAL B 138 32.96 -51.87 -11.17
N GLY B 139 32.03 -51.30 -10.43
CA GLY B 139 31.18 -50.26 -11.00
C GLY B 139 31.93 -49.00 -11.35
N SER B 140 32.98 -48.68 -10.59
CA SER B 140 33.77 -47.48 -10.88
C SER B 140 34.63 -47.69 -12.12
N VAL B 141 35.26 -48.85 -12.24
CA VAL B 141 36.08 -49.14 -13.42
C VAL B 141 35.21 -49.29 -14.65
N PHE B 142 33.97 -49.74 -14.47
CA PHE B 142 33.05 -49.86 -15.60
C PHE B 142 32.67 -48.49 -16.14
N LEU B 143 32.24 -47.58 -15.27
CA LEU B 143 31.86 -46.25 -15.74
C LEU B 143 33.06 -45.44 -16.20
N ALA B 144 34.23 -45.71 -15.64
CA ALA B 144 35.43 -45.05 -16.14
C ALA B 144 35.78 -45.53 -17.54
N LEU B 145 35.49 -46.79 -17.85
CA LEU B 145 35.60 -47.22 -19.24
C LEU B 145 34.54 -46.56 -20.11
N VAL B 146 33.29 -46.52 -19.62
CA VAL B 146 32.19 -45.95 -20.38
C VAL B 146 32.36 -44.46 -20.57
N SER B 147 32.95 -43.76 -19.59
CA SER B 147 33.26 -42.35 -19.77
C SER B 147 34.34 -42.14 -20.82
N ALA B 148 35.29 -43.07 -20.93
CA ALA B 148 36.28 -42.97 -21.98
C ALA B 148 35.71 -43.34 -23.34
N ILE B 149 34.61 -44.10 -23.36
CA ILE B 149 33.94 -44.36 -24.62
C ILE B 149 33.29 -43.09 -25.15
N PHE B 150 32.64 -42.32 -24.27
CA PHE B 150 31.99 -41.11 -24.72
C PHE B 150 32.96 -39.98 -25.00
N LEU B 151 34.15 -39.99 -24.39
CA LEU B 151 35.19 -39.05 -24.81
C LEU B 151 35.65 -39.35 -26.22
N PHE B 152 35.90 -40.64 -26.51
CA PHE B 152 36.38 -41.01 -27.83
C PHE B 152 35.27 -40.89 -28.86
N ALA B 153 34.01 -41.01 -28.44
CA ALA B 153 32.91 -40.88 -29.39
C ALA B 153 32.73 -39.45 -29.83
N GLY B 154 32.86 -38.50 -28.90
CA GLY B 154 32.76 -37.10 -29.27
C GLY B 154 33.94 -36.63 -30.10
N TRP B 155 35.07 -37.30 -29.99
CA TRP B 155 36.17 -37.02 -30.89
C TRP B 155 35.90 -37.58 -32.27
N LEU B 156 35.39 -38.81 -32.35
CA LEU B 156 35.25 -39.44 -33.66
C LEU B 156 34.08 -38.86 -34.44
N HIS B 157 32.99 -38.49 -33.77
CA HIS B 157 31.87 -37.88 -34.45
C HIS B 157 32.10 -36.40 -34.77
N LEU B 158 33.32 -35.90 -34.62
CA LEU B 158 33.77 -34.68 -35.25
C LEU B 158 34.70 -34.93 -36.43
N GLN B 159 35.22 -36.14 -36.58
CA GLN B 159 36.16 -36.44 -37.64
C GLN B 159 35.44 -36.47 -38.97
N PRO B 160 36.08 -35.98 -40.05
CA PRO B 160 35.34 -35.70 -41.30
C PRO B 160 34.81 -36.94 -42.01
N ASN B 161 35.30 -38.13 -41.68
CA ASN B 161 34.64 -39.33 -42.16
C ASN B 161 33.31 -39.55 -41.45
N PHE B 162 33.23 -39.16 -40.18
CA PHE B 162 32.11 -39.53 -39.31
C PHE B 162 31.25 -38.34 -38.92
N GLN B 163 31.39 -37.22 -39.60
CA GLN B 163 30.55 -36.06 -39.31
C GLN B 163 29.14 -36.34 -39.83
N PRO B 164 28.11 -36.15 -39.01
CA PRO B 164 26.75 -36.42 -39.47
C PRO B 164 26.27 -35.39 -40.47
N SER B 165 25.36 -35.81 -41.34
CA SER B 165 24.76 -34.89 -42.29
C SER B 165 23.80 -33.95 -41.58
N LEU B 166 23.42 -32.88 -42.28
CA LEU B 166 22.52 -31.90 -41.69
C LEU B 166 21.12 -32.48 -41.52
N SER B 167 20.70 -33.36 -42.42
CA SER B 167 19.38 -33.96 -42.32
C SER B 167 19.32 -35.07 -41.29
N TRP B 168 20.46 -35.52 -40.77
CA TRP B 168 20.44 -36.51 -39.72
C TRP B 168 19.92 -35.92 -38.42
N PHE B 169 20.18 -34.64 -38.18
CA PHE B 169 19.76 -34.04 -36.92
C PHE B 169 18.31 -33.64 -36.97
N LYS B 170 17.83 -33.18 -38.12
CA LYS B 170 16.45 -32.72 -38.22
C LYS B 170 15.44 -33.86 -38.32
N ASP B 171 15.89 -35.12 -38.35
CA ASP B 171 14.98 -36.27 -38.33
C ASP B 171 14.42 -36.39 -36.93
N ALA B 172 13.39 -35.59 -36.67
CA ALA B 172 12.72 -35.65 -35.37
C ALA B 172 11.88 -36.89 -35.24
N GLU B 173 11.52 -37.51 -36.36
CA GLU B 173 10.76 -38.75 -36.33
C GLU B 173 11.60 -39.88 -35.74
N SER B 174 12.81 -40.07 -36.26
CA SER B 174 13.58 -41.27 -35.94
C SER B 174 14.19 -41.19 -34.55
N ARG B 175 14.54 -39.98 -34.10
CA ARG B 175 15.08 -39.82 -32.75
C ARG B 175 14.02 -40.12 -31.70
N LEU B 176 12.88 -39.46 -31.82
CA LEU B 176 11.78 -39.61 -30.89
C LEU B 176 11.17 -41.00 -30.95
N ASN B 177 11.40 -41.72 -32.04
CA ASN B 177 11.00 -43.12 -32.11
C ASN B 177 12.02 -44.01 -31.43
N HIS B 178 13.30 -43.63 -31.45
CA HIS B 178 14.32 -44.43 -30.81
C HIS B 178 14.49 -44.11 -29.34
N HIS B 179 14.33 -42.84 -28.95
CA HIS B 179 14.55 -42.49 -27.56
C HIS B 179 13.38 -42.90 -26.68
N LEU B 180 12.17 -42.93 -27.21
CA LEU B 180 11.04 -43.40 -26.42
C LEU B 180 11.09 -44.91 -26.26
N SER B 181 11.38 -45.62 -27.33
CA SER B 181 11.34 -47.07 -27.28
C SER B 181 12.63 -47.67 -26.76
N GLY B 182 13.77 -47.18 -27.21
CA GLY B 182 15.03 -47.75 -26.77
C GLY B 182 15.59 -47.08 -25.53
N LEU B 183 15.73 -45.76 -25.55
CA LEU B 183 16.37 -45.07 -24.44
C LEU B 183 15.48 -45.00 -23.22
N PHE B 184 14.17 -45.05 -23.40
CA PHE B 184 13.28 -45.05 -22.25
C PHE B 184 12.68 -46.43 -21.98
N GLY B 185 12.22 -47.12 -23.01
CA GLY B 185 11.59 -48.40 -22.81
C GLY B 185 12.54 -49.55 -22.53
N VAL B 186 13.48 -49.79 -23.45
CA VAL B 186 14.41 -50.91 -23.32
C VAL B 186 15.30 -50.72 -22.10
N SER B 187 15.65 -49.47 -21.80
CA SER B 187 16.46 -49.16 -20.63
C SER B 187 15.72 -49.50 -19.34
N SER B 188 14.44 -49.14 -19.26
CA SER B 188 13.65 -49.52 -18.10
C SER B 188 13.33 -51.00 -18.10
N LEU B 189 13.20 -51.60 -19.27
CA LEU B 189 13.08 -53.05 -19.37
C LEU B 189 14.34 -53.73 -18.88
N ALA B 190 15.50 -53.17 -19.22
CA ALA B 190 16.75 -53.73 -18.72
C ALA B 190 16.94 -53.44 -17.24
N TRP B 191 16.35 -52.34 -16.74
CA TRP B 191 16.51 -52.05 -15.33
C TRP B 191 15.65 -52.95 -14.47
N THR B 192 14.48 -53.34 -14.96
CA THR B 192 13.72 -54.38 -14.28
C THR B 192 14.47 -55.71 -14.35
N GLY B 193 15.24 -55.90 -15.42
CA GLY B 193 16.17 -57.01 -15.44
C GLY B 193 17.22 -56.93 -14.36
N HIS B 194 17.65 -55.73 -13.99
CA HIS B 194 18.58 -55.64 -12.88
C HIS B 194 17.85 -55.81 -11.56
N LEU B 195 16.62 -55.35 -11.48
CA LEU B 195 15.87 -55.47 -10.24
C LEU B 195 15.52 -56.94 -9.95
N VAL B 196 14.89 -57.61 -10.92
CA VAL B 196 14.34 -58.94 -10.68
C VAL B 196 15.44 -59.97 -10.54
N HIS B 197 16.46 -59.91 -11.38
CA HIS B 197 17.54 -60.89 -11.30
C HIS B 197 18.43 -60.64 -10.09
N VAL B 198 18.76 -59.39 -9.81
CA VAL B 198 19.81 -59.04 -8.85
C VAL B 198 19.26 -58.34 -7.63
N ALA B 199 18.55 -57.23 -7.83
CA ALA B 199 18.20 -56.39 -6.68
C ALA B 199 17.03 -56.95 -5.86
N ILE B 200 16.15 -57.74 -6.45
CA ILE B 200 15.16 -58.43 -5.61
C ILE B 200 15.86 -59.52 -4.79
N PRO B 201 16.60 -60.51 -5.33
CA PRO B 201 17.13 -61.56 -4.45
C PRO B 201 18.28 -61.13 -3.58
N GLU B 202 18.86 -59.95 -3.79
CA GLU B 202 19.93 -59.52 -2.90
C GLU B 202 19.38 -59.08 -1.57
N SER B 203 18.17 -58.52 -1.56
CA SER B 203 17.51 -58.18 -0.32
C SER B 203 17.06 -59.41 0.45
N ARG B 204 16.77 -60.50 -0.24
CA ARG B 204 16.41 -61.76 0.39
C ARG B 204 17.61 -62.57 0.85
N GLY B 205 18.80 -61.98 0.86
CA GLY B 205 19.97 -62.68 1.34
C GLY B 205 20.46 -63.75 0.39
N GLN B 206 20.66 -63.37 -0.87
CA GLN B 206 21.14 -64.31 -1.88
C GLN B 206 22.03 -63.55 -2.84
N HIS B 207 23.32 -63.87 -2.84
CA HIS B 207 24.27 -63.14 -3.66
C HIS B 207 24.12 -63.55 -5.12
N VAL B 208 23.64 -62.64 -5.94
CA VAL B 208 23.61 -62.84 -7.38
C VAL B 208 24.65 -61.93 -8.00
N GLY B 209 25.85 -62.46 -8.21
CA GLY B 209 26.93 -61.71 -8.82
C GLY B 209 27.04 -62.02 -10.31
N TRP B 210 28.13 -61.54 -10.91
CA TRP B 210 28.37 -61.88 -12.30
C TRP B 210 28.80 -63.33 -12.47
N ASP B 211 29.18 -63.99 -11.39
CA ASP B 211 29.59 -65.38 -11.50
C ASP B 211 28.40 -66.34 -11.53
N ASN B 212 27.35 -66.05 -10.76
CA ASN B 212 26.24 -67.00 -10.64
C ASN B 212 24.90 -66.38 -10.97
N PHE B 213 24.84 -65.49 -11.96
CA PHE B 213 23.55 -64.98 -12.37
C PHE B 213 22.94 -65.83 -13.47
N LEU B 214 23.73 -66.65 -14.13
CA LEU B 214 23.22 -67.63 -15.08
C LEU B 214 22.92 -68.97 -14.42
N SER B 215 22.93 -69.02 -13.10
CA SER B 215 22.59 -70.22 -12.36
C SER B 215 21.41 -70.02 -11.42
N VAL B 216 21.23 -68.82 -10.91
CA VAL B 216 20.16 -68.51 -9.97
C VAL B 216 18.90 -68.18 -10.76
N LEU B 217 17.86 -68.96 -10.55
CA LEU B 217 16.56 -68.56 -11.06
C LEU B 217 16.03 -67.41 -10.21
N PRO B 218 15.52 -66.34 -10.82
CA PRO B 218 14.93 -65.26 -10.03
C PRO B 218 13.66 -65.69 -9.34
N HIS B 219 12.90 -66.59 -9.97
CA HIS B 219 11.65 -67.08 -9.47
C HIS B 219 11.71 -68.60 -9.49
N PRO B 220 11.12 -69.27 -8.49
CA PRO B 220 11.29 -70.73 -8.40
C PRO B 220 10.62 -71.53 -9.51
N GLN B 221 9.70 -70.93 -10.27
CA GLN B 221 9.10 -71.55 -11.45
C GLN B 221 9.24 -70.61 -12.65
N GLY B 222 10.47 -70.15 -12.87
CA GLY B 222 10.70 -69.00 -13.71
C GLY B 222 10.47 -69.25 -15.20
N LEU B 223 9.93 -68.21 -15.85
CA LEU B 223 9.61 -68.06 -17.28
C LEU B 223 8.41 -68.90 -17.70
N THR B 224 7.95 -69.77 -16.84
CA THR B 224 6.75 -70.55 -17.08
C THR B 224 5.44 -69.78 -16.87
N PRO B 225 5.29 -68.80 -15.97
CA PRO B 225 4.05 -68.03 -16.01
C PRO B 225 4.02 -67.03 -17.13
N PHE B 226 5.18 -66.52 -17.55
CA PHE B 226 5.21 -65.54 -18.62
C PHE B 226 4.80 -66.18 -19.94
N PHE B 227 5.21 -67.41 -20.18
CA PHE B 227 4.87 -68.10 -21.41
C PHE B 227 3.50 -68.74 -21.37
N THR B 228 2.95 -69.02 -20.18
CA THR B 228 1.62 -69.58 -20.08
C THR B 228 0.56 -68.50 -19.91
N GLY B 229 0.74 -67.61 -18.93
CA GLY B 229 -0.17 -66.51 -18.79
C GLY B 229 -0.53 -66.11 -17.38
N ASN B 230 -0.43 -67.04 -16.43
CA ASN B 230 -0.81 -66.76 -15.04
C ASN B 230 0.26 -65.90 -14.39
N TRP B 231 0.22 -64.61 -14.72
CA TRP B 231 1.25 -63.69 -14.24
C TRP B 231 1.13 -63.38 -12.75
N ALA B 232 0.02 -63.75 -12.12
CA ALA B 232 -0.07 -63.61 -10.66
C ALA B 232 0.82 -64.61 -9.93
N ALA B 233 1.36 -65.61 -10.62
CA ALA B 233 2.34 -66.51 -10.01
C ALA B 233 3.63 -65.79 -9.63
N TYR B 234 3.90 -64.65 -10.25
CA TYR B 234 5.04 -63.81 -9.90
C TYR B 234 4.79 -62.98 -8.66
N ALA B 235 3.59 -63.01 -8.09
CA ALA B 235 3.29 -62.24 -6.88
C ALA B 235 2.73 -63.12 -5.78
N GLN B 236 3.19 -64.37 -5.67
CA GLN B 236 2.56 -65.33 -4.76
C GLN B 236 2.94 -65.07 -3.31
N SER B 237 4.22 -65.24 -2.97
CA SER B 237 4.69 -65.08 -1.61
C SER B 237 5.63 -63.89 -1.60
N PRO B 238 5.12 -62.69 -1.30
CA PRO B 238 5.97 -61.50 -1.33
C PRO B 238 6.83 -61.37 -0.09
N ASP B 239 7.58 -60.28 -0.02
CA ASP B 239 8.26 -59.91 1.20
C ASP B 239 7.22 -59.63 2.27
N THR B 240 7.34 -60.29 3.41
CA THR B 240 6.29 -60.26 4.42
C THR B 240 6.30 -58.94 5.18
N ALA B 241 5.39 -58.80 6.12
CA ALA B 241 5.37 -57.65 7.01
C ALA B 241 6.39 -57.76 8.14
N SER B 242 7.12 -58.86 8.21
CA SER B 242 8.20 -59.03 9.17
C SER B 242 9.51 -59.34 8.44
N HIS B 243 9.64 -58.84 7.23
CA HIS B 243 10.87 -59.02 6.47
C HIS B 243 11.99 -58.19 7.09
N VAL B 244 13.21 -58.70 7.00
CA VAL B 244 14.39 -57.99 7.43
C VAL B 244 15.27 -57.79 6.20
N PHE B 245 15.53 -56.53 5.87
CA PHE B 245 16.16 -56.20 4.61
C PHE B 245 17.62 -56.60 4.62
N GLY B 246 18.02 -57.36 3.61
CA GLY B 246 19.37 -57.85 3.52
C GLY B 246 19.54 -59.30 3.95
N THR B 247 18.55 -59.87 4.62
CA THR B 247 18.60 -61.26 5.06
C THR B 247 17.44 -62.02 4.46
N ALA B 248 17.36 -63.31 4.80
CA ALA B 248 16.29 -64.19 4.34
C ALA B 248 15.23 -64.42 5.41
N GLN B 249 15.31 -63.70 6.52
CA GLN B 249 14.40 -63.90 7.65
C GLN B 249 13.02 -63.38 7.28
N GLY B 250 12.11 -64.30 6.97
CA GLY B 250 10.80 -63.95 6.45
C GLY B 250 10.95 -63.34 5.07
N SER B 251 11.55 -64.09 4.15
CA SER B 251 11.99 -63.51 2.89
C SER B 251 10.84 -63.35 1.91
N GLY B 252 10.24 -64.44 1.49
CA GLY B 252 9.27 -64.39 0.41
C GLY B 252 9.91 -64.56 -0.95
N GLN B 253 9.11 -64.96 -1.93
CA GLN B 253 9.64 -65.40 -3.22
C GLN B 253 9.06 -64.68 -4.42
N ALA B 254 8.20 -63.68 -4.23
CA ALA B 254 7.59 -63.00 -5.37
C ALA B 254 8.58 -62.03 -6.01
N ILE B 255 8.35 -61.74 -7.30
CA ILE B 255 9.27 -60.86 -8.01
C ILE B 255 8.58 -59.61 -8.54
N LEU B 256 7.26 -59.68 -8.78
CA LEU B 256 6.49 -58.51 -9.22
C LEU B 256 5.23 -58.42 -8.37
N THR B 257 5.36 -57.85 -7.18
CA THR B 257 4.20 -57.69 -6.32
C THR B 257 3.69 -56.27 -6.50
N PHE B 258 2.42 -56.06 -6.20
CA PHE B 258 1.80 -54.74 -6.35
C PHE B 258 1.07 -54.43 -5.06
N LEU B 259 1.82 -53.90 -4.11
CA LEU B 259 1.35 -53.71 -2.74
C LEU B 259 0.95 -52.26 -2.48
N GLY B 260 1.87 -51.35 -2.71
CA GLY B 260 1.71 -49.98 -2.26
C GLY B 260 2.14 -49.82 -0.81
N GLY B 261 2.36 -48.57 -0.44
CA GLY B 261 2.84 -48.30 0.90
C GLY B 261 4.31 -48.60 1.03
N PHE B 262 4.72 -48.98 2.23
CA PHE B 262 6.13 -49.09 2.53
C PHE B 262 6.49 -50.43 3.14
N HIS B 263 7.76 -50.77 2.97
CA HIS B 263 8.39 -51.84 3.73
C HIS B 263 8.36 -51.47 5.22
N PRO B 264 8.17 -52.44 6.11
CA PRO B 264 8.04 -52.08 7.53
C PRO B 264 9.35 -51.68 8.19
N GLN B 265 10.46 -52.34 7.84
CA GLN B 265 11.73 -51.98 8.46
C GLN B 265 12.29 -50.70 7.87
N THR B 266 12.59 -50.72 6.57
CA THR B 266 13.31 -49.62 5.95
C THR B 266 12.47 -48.36 5.81
N GLN B 267 11.13 -48.51 5.88
CA GLN B 267 10.16 -47.46 5.53
C GLN B 267 10.44 -46.89 4.15
N SER B 268 10.88 -47.75 3.25
CA SER B 268 11.10 -47.42 1.86
C SER B 268 10.01 -48.06 1.04
N LEU B 269 10.05 -47.81 -0.26
CA LEU B 269 9.17 -48.53 -1.16
C LEU B 269 9.61 -49.98 -1.23
N TRP B 270 8.64 -50.85 -1.51
CA TRP B 270 8.95 -52.25 -1.72
C TRP B 270 9.81 -52.39 -2.96
N LEU B 271 10.72 -53.37 -2.96
CA LEU B 271 11.52 -53.55 -4.16
C LEU B 271 10.71 -54.19 -5.27
N THR B 272 9.68 -54.95 -4.92
CA THR B 272 8.94 -55.72 -5.90
C THR B 272 8.04 -54.84 -6.76
N ASP B 273 7.36 -53.87 -6.17
CA ASP B 273 6.56 -53.00 -7.01
C ASP B 273 7.38 -51.95 -7.72
N MET B 274 8.61 -51.70 -7.27
CA MET B 274 9.52 -50.92 -8.11
C MET B 274 9.94 -51.71 -9.33
N ALA B 275 9.94 -53.04 -9.23
CA ALA B 275 10.21 -53.85 -10.41
C ALA B 275 9.00 -53.84 -11.35
N HIS B 276 7.80 -53.98 -10.82
CA HIS B 276 6.62 -53.93 -11.68
C HIS B 276 6.39 -52.53 -12.20
N HIS B 277 6.88 -51.51 -11.50
CA HIS B 277 6.78 -50.14 -11.98
C HIS B 277 7.58 -49.95 -13.26
N HIS B 278 8.88 -50.18 -13.19
CA HIS B 278 9.75 -50.00 -14.35
C HIS B 278 9.53 -51.04 -15.42
N LEU B 279 8.81 -52.11 -15.13
CA LEU B 279 8.37 -53.00 -16.20
C LEU B 279 7.17 -52.41 -16.92
N ALA B 280 6.26 -51.80 -16.18
CA ALA B 280 5.01 -51.33 -16.77
C ALA B 280 5.25 -50.15 -17.70
N ILE B 281 6.06 -49.18 -17.28
CA ILE B 281 6.32 -48.05 -18.14
C ILE B 281 7.27 -48.41 -19.26
N ALA B 282 8.06 -49.48 -19.09
CA ALA B 282 8.87 -49.98 -20.20
C ALA B 282 7.98 -50.51 -21.31
N VAL B 283 6.89 -51.18 -20.95
CA VAL B 283 5.95 -51.65 -21.95
C VAL B 283 5.27 -50.47 -22.65
N ILE B 284 4.96 -49.43 -21.88
CA ILE B 284 4.23 -48.30 -22.45
C ILE B 284 5.15 -47.43 -23.31
N PHE B 285 6.40 -47.22 -22.87
CA PHE B 285 7.35 -46.44 -23.67
C PHE B 285 7.74 -47.15 -24.96
N ILE B 286 7.77 -48.48 -24.97
CA ILE B 286 8.02 -49.20 -26.21
C ILE B 286 6.81 -49.11 -27.12
N VAL B 287 5.60 -49.22 -26.55
CA VAL B 287 4.38 -49.08 -27.33
C VAL B 287 4.20 -47.64 -27.81
N ALA B 288 4.47 -46.66 -26.94
CA ALA B 288 4.51 -45.27 -27.41
C ALA B 288 5.72 -45.00 -28.29
N GLY B 289 6.73 -45.86 -28.25
CA GLY B 289 7.81 -45.80 -29.20
C GLY B 289 7.55 -46.49 -30.52
N HIS B 290 6.29 -46.76 -30.86
CA HIS B 290 5.94 -47.21 -32.20
C HIS B 290 4.80 -46.36 -32.75
N MET B 291 4.94 -45.04 -32.65
CA MET B 291 3.89 -44.11 -33.01
C MET B 291 4.21 -43.26 -34.24
N TYR B 292 5.47 -42.94 -34.46
CA TYR B 292 5.83 -41.89 -35.38
C TYR B 292 6.46 -42.45 -36.65
N ARG B 293 6.11 -41.84 -37.78
CA ARG B 293 6.39 -42.37 -39.11
C ARG B 293 7.82 -42.04 -39.47
N THR B 294 8.70 -43.04 -39.41
CA THR B 294 10.09 -42.79 -39.77
C THR B 294 10.43 -43.20 -41.20
N ASN B 295 10.36 -44.50 -41.50
CA ASN B 295 10.82 -45.01 -42.78
C ASN B 295 10.00 -46.16 -43.35
N PHE B 296 8.91 -46.56 -42.70
CA PHE B 296 8.28 -47.83 -43.00
C PHE B 296 6.83 -47.69 -43.44
N GLY B 297 6.37 -46.47 -43.73
CA GLY B 297 5.04 -46.25 -44.23
C GLY B 297 3.94 -46.21 -43.18
N ILE B 298 4.18 -46.75 -42.00
CA ILE B 298 3.24 -46.62 -40.91
C ILE B 298 3.78 -45.61 -39.92
N GLY B 299 2.87 -45.05 -39.13
CA GLY B 299 3.22 -44.12 -38.09
C GLY B 299 2.60 -42.75 -38.34
N HIS B 300 2.85 -41.87 -37.39
CA HIS B 300 2.33 -40.51 -37.44
C HIS B 300 3.41 -39.55 -37.92
N ARG B 301 3.03 -38.64 -38.79
CA ARG B 301 3.89 -37.53 -39.16
C ARG B 301 3.63 -36.35 -38.24
N MET B 302 4.69 -35.79 -37.67
CA MET B 302 4.58 -34.59 -36.84
C MET B 302 4.09 -33.38 -37.63
N GLN B 303 4.34 -33.35 -38.93
CA GLN B 303 3.89 -32.28 -39.82
C GLN B 303 2.41 -32.34 -40.14
N ALA B 304 1.65 -33.29 -39.58
CA ALA B 304 0.21 -33.38 -39.80
C ALA B 304 -0.59 -33.50 -38.52
N ILE B 305 0.06 -33.50 -37.36
CA ILE B 305 -0.64 -33.53 -36.08
C ILE B 305 -0.77 -32.14 -35.49
N LEU B 306 0.30 -31.34 -35.60
CA LEU B 306 0.26 -29.95 -35.16
C LEU B 306 -0.72 -29.15 -36.00
N GLU B 307 -0.52 -29.14 -37.31
CA GLU B 307 -1.22 -28.24 -38.21
C GLU B 307 -2.70 -28.54 -38.31
N ALA B 308 -3.09 -29.80 -38.10
CA ALA B 308 -4.48 -30.21 -38.25
C ALA B 308 -5.31 -30.04 -37.00
N HIS B 309 -4.71 -29.64 -35.88
CA HIS B 309 -5.45 -29.41 -34.63
C HIS B 309 -5.75 -27.92 -34.46
N THR B 310 -6.53 -27.40 -35.42
CA THR B 310 -6.99 -26.02 -35.36
C THR B 310 -8.47 -25.98 -35.01
N PRO B 311 -8.82 -25.38 -33.86
CA PRO B 311 -10.23 -25.40 -33.46
C PRO B 311 -11.03 -24.43 -34.28
N PRO B 312 -12.30 -24.73 -34.55
CA PRO B 312 -13.13 -23.83 -35.35
C PRO B 312 -13.55 -22.61 -34.55
N SER B 313 -14.19 -21.67 -35.25
CA SER B 313 -14.67 -20.39 -34.73
C SER B 313 -13.54 -19.55 -34.14
N GLY B 314 -12.33 -19.72 -34.66
CA GLY B 314 -11.19 -18.88 -34.32
C GLY B 314 -10.79 -18.89 -32.85
N SER B 315 -10.87 -20.04 -32.19
CA SER B 315 -10.54 -20.10 -30.78
C SER B 315 -9.04 -19.93 -30.57
N LEU B 316 -8.23 -20.57 -31.39
CA LEU B 316 -6.79 -20.52 -31.25
C LEU B 316 -6.12 -20.06 -32.54
N GLY B 317 -6.69 -19.02 -33.16
CA GLY B 317 -6.10 -18.39 -34.33
C GLY B 317 -6.10 -19.28 -35.55
N ALA B 318 -4.90 -19.62 -36.04
CA ALA B 318 -4.76 -20.63 -37.08
C ALA B 318 -4.34 -21.98 -36.50
N GLY B 319 -4.61 -22.22 -35.22
CA GLY B 319 -4.24 -23.49 -34.63
C GLY B 319 -2.74 -23.57 -34.40
N HIS B 320 -2.22 -24.80 -34.48
CA HIS B 320 -0.79 -25.02 -34.37
C HIS B 320 -0.12 -25.08 -35.73
N LYS B 321 -0.66 -24.36 -36.70
CA LYS B 321 -0.22 -24.50 -38.07
C LYS B 321 1.12 -23.83 -38.27
N GLY B 322 2.10 -24.60 -38.71
CA GLY B 322 3.41 -24.08 -39.01
C GLY B 322 4.39 -24.10 -37.88
N LEU B 323 4.03 -24.71 -36.75
CA LEU B 323 4.97 -24.78 -35.63
C LEU B 323 6.13 -25.72 -35.91
N PHE B 324 5.91 -26.76 -36.73
CA PHE B 324 6.90 -27.83 -36.89
C PHE B 324 8.21 -27.32 -37.47
N ASP B 325 8.14 -26.40 -38.42
CA ASP B 325 9.37 -25.83 -38.93
C ASP B 325 9.98 -24.81 -37.98
N THR B 326 9.26 -24.40 -36.94
CA THR B 326 9.82 -23.52 -35.92
C THR B 326 10.21 -24.27 -34.66
N VAL B 327 9.89 -25.55 -34.56
CA VAL B 327 10.48 -26.40 -33.54
C VAL B 327 11.67 -27.17 -34.08
N ASN B 328 11.55 -27.69 -35.30
CA ASN B 328 12.62 -28.51 -35.85
C ASN B 328 13.84 -27.67 -36.20
N ASN B 329 13.63 -26.48 -36.74
CA ASN B 329 14.77 -25.66 -37.13
C ASN B 329 15.37 -24.93 -35.95
N SER B 330 14.55 -24.51 -35.00
CA SER B 330 15.03 -23.75 -33.86
C SER B 330 15.54 -24.67 -32.76
N LEU B 331 16.68 -24.31 -32.19
CA LEU B 331 17.24 -25.05 -31.09
C LEU B 331 16.83 -24.50 -29.74
N HIS B 332 16.71 -23.19 -29.62
CA HIS B 332 16.29 -22.58 -28.37
C HIS B 332 14.86 -22.93 -28.02
N PHE B 333 14.02 -23.20 -29.02
CA PHE B 333 12.69 -23.71 -28.74
C PHE B 333 12.78 -25.14 -28.22
N GLN B 334 13.67 -25.94 -28.80
CA GLN B 334 13.82 -27.31 -28.33
C GLN B 334 14.50 -27.35 -26.97
N LEU B 335 15.46 -26.45 -26.75
CA LEU B 335 16.11 -26.40 -25.46
C LEU B 335 15.16 -25.83 -24.40
N GLY B 336 14.31 -24.89 -24.79
CA GLY B 336 13.39 -24.32 -23.83
C GLY B 336 12.30 -25.27 -23.40
N LEU B 337 11.83 -26.12 -24.33
CA LEU B 337 10.90 -27.16 -23.94
C LEU B 337 11.54 -28.19 -23.03
N ALA B 338 12.78 -28.56 -23.34
CA ALA B 338 13.46 -29.61 -22.59
C ALA B 338 13.78 -29.14 -21.19
N LEU B 339 14.20 -27.89 -21.03
CA LEU B 339 14.43 -27.38 -19.70
C LEU B 339 13.12 -27.14 -18.95
N ALA B 340 12.01 -26.96 -19.67
CA ALA B 340 10.73 -26.88 -18.99
C ALA B 340 10.28 -28.25 -18.51
N SER B 341 10.52 -29.27 -19.32
CA SER B 341 10.09 -30.60 -18.96
C SER B 341 10.96 -31.17 -17.86
N VAL B 342 12.28 -31.09 -18.03
CA VAL B 342 13.21 -31.64 -17.06
C VAL B 342 13.13 -30.87 -15.75
N GLY B 343 12.93 -29.54 -15.83
CA GLY B 343 12.81 -28.75 -14.62
C GLY B 343 11.57 -29.01 -13.81
N THR B 344 10.51 -29.51 -14.44
CA THR B 344 9.34 -29.92 -13.67
C THR B 344 9.45 -31.35 -13.19
N ILE B 345 10.11 -32.22 -13.94
CA ILE B 345 10.28 -33.58 -13.46
C ILE B 345 11.58 -33.69 -12.69
N THR B 346 12.18 -32.54 -12.36
CA THR B 346 13.18 -32.50 -11.30
C THR B 346 12.54 -32.17 -9.96
N SER B 347 11.55 -31.28 -9.96
CA SER B 347 10.73 -31.10 -8.78
C SER B 347 9.94 -32.36 -8.47
N LEU B 348 9.49 -33.06 -9.51
CA LEU B 348 8.68 -34.26 -9.32
C LEU B 348 9.52 -35.37 -8.73
N VAL B 349 10.82 -35.36 -9.01
CA VAL B 349 11.76 -36.20 -8.29
C VAL B 349 11.81 -35.80 -6.83
N ALA B 350 11.89 -34.50 -6.56
CA ALA B 350 12.05 -34.05 -5.19
C ALA B 350 10.76 -34.19 -4.40
N GLN B 351 9.62 -33.89 -5.03
CA GLN B 351 8.35 -33.99 -4.32
C GLN B 351 7.96 -35.43 -4.02
N HIS B 352 8.47 -36.39 -4.77
CA HIS B 352 8.07 -37.77 -4.59
C HIS B 352 9.14 -38.62 -3.92
N MET B 353 10.20 -38.04 -3.40
CA MET B 353 11.18 -38.82 -2.67
C MET B 353 11.24 -38.51 -1.19
N TYR B 354 10.64 -37.43 -0.73
CA TYR B 354 10.54 -37.33 0.71
C TYR B 354 9.31 -38.07 1.20
N SER B 355 8.23 -38.01 0.42
CA SER B 355 6.97 -38.63 0.78
C SER B 355 6.99 -40.11 0.48
N LEU B 356 7.57 -40.49 -0.65
CA LEU B 356 7.72 -41.87 -1.06
C LEU B 356 9.20 -42.18 -1.20
N PRO B 357 9.92 -42.39 -0.11
CA PRO B 357 11.35 -42.66 -0.21
C PRO B 357 11.61 -44.00 -0.84
N PRO B 358 12.34 -44.05 -1.94
CA PRO B 358 12.44 -45.27 -2.73
C PRO B 358 13.58 -46.19 -2.33
N TYR B 359 14.49 -45.75 -1.47
CA TYR B 359 15.68 -46.49 -1.13
C TYR B 359 15.66 -46.87 0.35
N ALA B 360 16.29 -47.99 0.66
CA ALA B 360 16.20 -48.58 1.99
C ALA B 360 16.92 -47.72 3.02
N PHE B 361 16.26 -47.55 4.18
CA PHE B 361 16.75 -46.78 5.33
C PHE B 361 16.98 -45.31 4.98
N GLN B 362 16.30 -44.84 3.95
CA GLN B 362 16.06 -43.43 3.72
C GLN B 362 14.76 -43.09 4.44
N ALA B 363 14.60 -41.79 4.76
CA ALA B 363 13.62 -41.23 5.69
C ALA B 363 13.81 -41.77 7.11
N ILE B 364 15.02 -42.25 7.38
CA ILE B 364 15.56 -42.40 8.73
C ILE B 364 16.87 -41.66 8.87
N ASP B 365 17.74 -41.76 7.86
CA ASP B 365 18.82 -40.80 7.69
C ASP B 365 18.21 -39.46 7.30
N PHE B 366 18.26 -38.49 8.21
CA PHE B 366 17.49 -37.27 8.03
C PHE B 366 18.26 -36.23 7.22
N THR B 367 19.59 -36.19 7.36
CA THR B 367 20.40 -35.22 6.62
C THR B 367 20.44 -35.57 5.14
N THR B 368 20.38 -36.87 4.83
CA THR B 368 20.26 -37.34 3.46
C THR B 368 18.96 -36.83 2.83
N GLN B 369 17.87 -36.96 3.57
CA GLN B 369 16.57 -36.50 3.12
C GLN B 369 16.54 -34.99 2.94
N ALA B 370 17.23 -34.27 3.82
CA ALA B 370 17.28 -32.82 3.70
C ALA B 370 18.10 -32.39 2.50
N ALA B 371 19.21 -33.07 2.24
CA ALA B 371 20.04 -32.67 1.11
C ALA B 371 19.38 -33.06 -0.21
N LEU B 372 18.83 -34.27 -0.30
CA LEU B 372 18.29 -34.74 -1.57
C LEU B 372 17.03 -34.00 -2.00
N TYR B 373 16.28 -33.47 -1.05
CA TYR B 373 15.14 -32.64 -1.45
C TYR B 373 15.60 -31.28 -1.89
N THR B 374 16.47 -30.65 -1.10
CA THR B 374 16.88 -29.27 -1.37
C THR B 374 17.75 -29.19 -2.61
N HIS B 375 18.50 -30.25 -2.89
CA HIS B 375 19.30 -30.29 -4.11
C HIS B 375 18.43 -30.24 -5.33
N HIS B 376 17.53 -31.20 -5.47
CA HIS B 376 16.71 -31.25 -6.66
C HIS B 376 15.59 -30.23 -6.68
N GLN B 377 15.51 -29.33 -5.71
CA GLN B 377 14.63 -28.17 -5.85
C GLN B 377 15.35 -26.98 -6.44
N TYR B 378 16.59 -26.72 -6.01
CA TYR B 378 17.35 -25.66 -6.64
C TYR B 378 17.83 -26.06 -8.03
N ILE B 379 18.16 -27.33 -8.22
CA ILE B 379 18.42 -27.83 -9.57
C ILE B 379 17.17 -27.69 -10.43
N ALA B 380 16.00 -27.94 -9.85
CA ALA B 380 14.76 -27.67 -10.58
C ALA B 380 14.52 -26.18 -10.77
N GLY B 381 14.95 -25.37 -9.81
CA GLY B 381 14.70 -23.94 -9.93
C GLY B 381 15.53 -23.29 -11.02
N PHE B 382 16.80 -23.66 -11.13
CA PHE B 382 17.64 -23.10 -12.17
C PHE B 382 17.25 -23.59 -13.55
N ILE B 383 16.85 -24.87 -13.67
CA ILE B 383 16.47 -25.39 -14.98
C ILE B 383 15.17 -24.77 -15.46
N MET B 384 14.23 -24.52 -14.55
CA MET B 384 12.95 -23.93 -14.95
C MET B 384 13.08 -22.48 -15.38
N CYS B 385 13.98 -21.72 -14.78
CA CYS B 385 14.13 -20.35 -15.25
C CYS B 385 14.97 -20.28 -16.51
N GLY B 386 15.72 -21.33 -16.83
CA GLY B 386 16.42 -21.36 -18.10
C GLY B 386 15.54 -21.76 -19.25
N ALA B 387 14.43 -22.44 -18.96
CA ALA B 387 13.43 -22.73 -19.98
C ALA B 387 12.84 -21.44 -20.53
N PHE B 388 12.56 -20.49 -19.64
CA PHE B 388 12.09 -19.20 -20.09
C PHE B 388 13.20 -18.35 -20.66
N ALA B 389 14.44 -18.56 -20.21
CA ALA B 389 15.57 -17.83 -20.78
C ALA B 389 15.79 -18.21 -22.22
N HIS B 390 15.92 -19.51 -22.48
CA HIS B 390 16.04 -19.98 -23.86
C HIS B 390 14.71 -19.94 -24.59
N GLY B 391 13.60 -19.71 -23.88
CA GLY B 391 12.39 -19.32 -24.54
C GLY B 391 12.41 -17.88 -24.99
N ALA B 392 13.11 -17.03 -24.25
CA ALA B 392 13.23 -15.63 -24.66
C ALA B 392 14.27 -15.46 -25.75
N ILE B 393 15.26 -16.35 -25.83
CA ILE B 393 16.23 -16.31 -26.91
C ILE B 393 15.58 -16.78 -28.20
N PHE B 394 14.54 -17.61 -28.08
CA PHE B 394 13.80 -18.08 -29.25
C PHE B 394 13.13 -16.94 -29.99
N PHE B 395 12.49 -16.02 -29.26
CA PHE B 395 11.76 -14.94 -29.93
C PHE B 395 12.67 -13.95 -30.61
N ILE B 396 13.95 -13.92 -30.26
CA ILE B 396 14.86 -12.99 -30.91
C ILE B 396 15.60 -13.71 -32.03
N ARG B 397 16.31 -14.78 -31.70
CA ARG B 397 17.18 -15.39 -32.68
C ARG B 397 16.44 -16.28 -33.67
N ASP B 398 15.30 -16.85 -33.31
CA ASP B 398 14.71 -17.88 -34.14
C ASP B 398 13.30 -17.61 -34.62
N TYR B 399 12.61 -16.63 -34.06
CA TYR B 399 11.20 -16.44 -34.39
C TYR B 399 11.06 -15.79 -35.75
N ASP B 400 10.10 -16.27 -36.51
CA ASP B 400 9.80 -15.74 -37.85
C ASP B 400 8.31 -15.49 -37.91
N PRO B 401 7.87 -14.23 -37.98
CA PRO B 401 6.43 -13.96 -38.03
C PRO B 401 5.80 -14.37 -39.34
N GLU B 402 6.53 -14.28 -40.45
CA GLU B 402 5.99 -14.74 -41.73
C GLU B 402 5.77 -16.24 -41.75
N GLN B 403 6.64 -17.00 -41.08
CA GLN B 403 6.43 -18.43 -40.96
C GLN B 403 5.31 -18.74 -39.97
N ASN B 404 5.08 -17.87 -39.01
CA ASN B 404 4.15 -18.12 -37.91
C ASN B 404 2.94 -17.21 -37.99
N LYS B 405 2.35 -17.08 -39.18
CA LYS B 405 1.16 -16.26 -39.34
C LYS B 405 -0.01 -16.92 -38.63
N GLY B 406 -0.42 -16.33 -37.51
CA GLY B 406 -1.69 -16.65 -36.91
C GLY B 406 -1.74 -17.91 -36.10
N ASN B 407 -0.63 -18.60 -35.87
CA ASN B 407 -0.66 -19.82 -35.07
C ASN B 407 -0.83 -19.46 -33.59
N VAL B 408 -0.75 -20.48 -32.72
CA VAL B 408 -0.90 -20.23 -31.30
C VAL B 408 0.32 -19.53 -30.72
N LEU B 409 1.47 -19.64 -31.40
CA LEU B 409 2.66 -18.96 -30.91
C LEU B 409 2.61 -17.46 -31.17
N ALA B 410 1.99 -17.05 -32.27
CA ALA B 410 1.87 -15.63 -32.54
C ALA B 410 0.74 -14.98 -31.78
N ARG B 411 -0.32 -15.75 -31.46
CA ARG B 411 -1.37 -15.25 -30.60
C ARG B 411 -0.87 -15.03 -29.18
N MET B 412 0.17 -15.73 -28.78
CA MET B 412 0.87 -15.43 -27.54
C MET B 412 1.46 -14.03 -27.58
N LEU B 413 2.18 -13.71 -28.66
CA LEU B 413 2.71 -12.36 -28.82
C LEU B 413 1.62 -11.34 -29.11
N ASP B 414 0.46 -11.76 -29.61
CA ASP B 414 -0.60 -10.82 -29.91
C ASP B 414 -1.24 -10.30 -28.64
N HIS B 415 -1.70 -11.19 -27.75
CA HIS B 415 -2.33 -10.74 -26.52
C HIS B 415 -1.33 -10.74 -25.36
N LYS B 416 -0.08 -10.37 -25.65
CA LYS B 416 1.01 -10.51 -24.70
C LYS B 416 0.87 -9.58 -23.51
N GLU B 417 0.13 -8.49 -23.64
CA GLU B 417 -0.10 -7.64 -22.49
C GLU B 417 -1.17 -8.20 -21.58
N ALA B 418 -2.09 -8.99 -22.13
CA ALA B 418 -3.11 -9.64 -21.29
C ALA B 418 -2.48 -10.72 -20.44
N LEU B 419 -1.44 -11.37 -20.95
CA LEU B 419 -0.71 -12.35 -20.17
C LEU B 419 0.00 -11.70 -19.00
N ILE B 420 0.75 -10.63 -19.28
CA ILE B 420 1.62 -10.03 -18.28
C ILE B 420 0.82 -9.26 -17.25
N SER B 421 -0.29 -8.64 -17.65
CA SER B 421 -1.10 -7.89 -16.69
C SER B 421 -1.94 -8.81 -15.81
N HIS B 422 -2.34 -9.97 -16.31
CA HIS B 422 -3.04 -10.91 -15.45
C HIS B 422 -2.09 -11.68 -14.55
N LEU B 423 -0.85 -11.93 -14.97
CA LEU B 423 0.16 -12.38 -14.02
C LEU B 423 0.46 -11.31 -12.98
N SER B 424 0.52 -10.05 -13.41
CA SER B 424 0.80 -8.97 -12.47
C SER B 424 -0.35 -8.71 -11.53
N TRP B 425 -1.56 -9.18 -11.85
CA TRP B 425 -2.63 -9.10 -10.87
C TRP B 425 -2.55 -10.22 -9.86
N VAL B 426 -2.26 -11.44 -10.32
CA VAL B 426 -2.20 -12.59 -9.43
C VAL B 426 -1.02 -12.47 -8.48
N SER B 427 0.12 -12.01 -8.99
CA SER B 427 1.28 -11.79 -8.14
C SER B 427 1.04 -10.66 -7.15
N LEU B 428 0.25 -9.65 -7.53
CA LEU B 428 0.04 -8.53 -6.63
C LEU B 428 -1.03 -8.86 -5.61
N PHE B 429 -2.01 -9.66 -6.01
CA PHE B 429 -3.05 -10.09 -5.06
C PHE B 429 -2.48 -11.03 -4.02
N LEU B 430 -1.63 -11.95 -4.44
CA LEU B 430 -1.05 -12.89 -3.49
C LEU B 430 -0.10 -12.19 -2.54
N GLY B 431 0.72 -11.27 -3.04
CA GLY B 431 1.66 -10.60 -2.17
C GLY B 431 1.01 -9.67 -1.17
N PHE B 432 -0.10 -9.04 -1.58
CA PHE B 432 -0.89 -8.25 -0.64
C PHE B 432 -1.48 -9.13 0.45
N HIS B 433 -2.11 -10.21 0.06
CA HIS B 433 -2.92 -10.97 1.00
C HIS B 433 -2.21 -12.18 1.57
N THR B 434 -0.94 -12.39 1.27
CA THR B 434 -0.19 -13.34 2.07
C THR B 434 0.65 -12.63 3.11
N LEU B 435 1.38 -11.59 2.69
CA LEU B 435 2.12 -10.75 3.63
C LEU B 435 1.19 -10.07 4.62
N GLY B 436 0.05 -9.58 4.13
CA GLY B 436 -0.88 -8.88 5.01
C GLY B 436 -1.46 -9.77 6.08
N LEU B 437 -1.57 -11.07 5.81
CA LEU B 437 -2.05 -11.98 6.83
C LEU B 437 -0.95 -12.32 7.83
N TYR B 438 0.30 -12.47 7.36
CA TYR B 438 1.40 -12.70 8.28
C TYR B 438 1.67 -11.50 9.18
N VAL B 439 1.58 -10.29 8.62
CA VAL B 439 1.77 -9.08 9.43
C VAL B 439 0.63 -8.93 10.43
N HIS B 440 -0.59 -9.27 10.00
CA HIS B 440 -1.72 -9.32 10.91
C HIS B 440 -1.50 -10.33 12.02
N ASN B 441 -0.93 -11.49 11.69
CA ASN B 441 -0.68 -12.49 12.71
C ASN B 441 0.47 -12.07 13.61
N ASP B 442 1.49 -11.42 13.05
CA ASP B 442 2.64 -10.98 13.83
C ASP B 442 2.25 -9.91 14.83
N VAL B 443 1.35 -9.01 14.44
CA VAL B 443 0.90 -7.98 15.37
C VAL B 443 0.05 -8.60 16.48
N MET B 444 -0.75 -9.60 16.15
CA MET B 444 -1.54 -10.27 17.18
C MET B 444 -0.67 -11.10 18.12
N GLN B 445 0.47 -11.59 17.65
CA GLN B 445 1.44 -12.18 18.57
C GLN B 445 2.11 -11.11 19.41
N ALA B 446 2.33 -9.94 18.83
CA ALA B 446 3.01 -8.87 19.56
C ALA B 446 2.12 -8.26 20.62
N PHE B 447 0.81 -8.24 20.39
CA PHE B 447 -0.09 -7.69 21.39
C PHE B 447 -0.62 -8.76 22.32
N GLY B 448 0.01 -9.93 22.33
CA GLY B 448 -0.27 -10.97 23.29
C GLY B 448 -1.54 -11.74 23.06
N THR B 449 -2.22 -11.53 21.94
CA THR B 449 -3.53 -12.11 21.67
C THR B 449 -3.45 -12.97 20.41
N PRO B 450 -3.04 -14.23 20.53
CA PRO B 450 -2.99 -15.10 19.34
C PRO B 450 -4.35 -15.51 18.81
N GLU B 451 -5.43 -15.27 19.54
CA GLU B 451 -6.75 -15.70 19.11
C GLU B 451 -7.29 -14.84 17.98
N LYS B 452 -6.75 -13.64 17.83
CA LYS B 452 -7.21 -12.70 16.82
C LYS B 452 -6.53 -12.91 15.48
N GLN B 453 -5.76 -13.99 15.35
CA GLN B 453 -5.09 -14.32 14.11
C GLN B 453 -6.08 -14.71 13.03
N ILE B 454 -5.64 -14.56 11.77
CA ILE B 454 -6.35 -15.11 10.63
C ILE B 454 -5.74 -16.47 10.36
N LEU B 455 -6.45 -17.54 10.71
CA LEU B 455 -5.95 -18.89 10.53
C LEU B 455 -6.92 -19.62 9.64
N ILE B 456 -6.77 -19.48 8.33
CA ILE B 456 -7.67 -20.16 7.41
C ILE B 456 -7.23 -21.61 7.28
N GLU B 457 -8.13 -22.52 7.57
CA GLU B 457 -7.82 -23.94 7.47
C GLU B 457 -7.70 -24.32 6.01
N PRO B 458 -6.71 -25.11 5.64
CA PRO B 458 -6.57 -25.49 4.23
C PRO B 458 -7.59 -26.53 3.83
N VAL B 459 -8.82 -26.09 3.52
CA VAL B 459 -9.90 -27.03 3.25
C VAL B 459 -9.65 -27.77 1.95
N PHE B 460 -9.15 -27.08 0.93
CA PHE B 460 -9.09 -27.64 -0.41
C PHE B 460 -8.00 -28.67 -0.57
N ALA B 461 -7.03 -28.69 0.34
CA ALA B 461 -6.00 -29.71 0.34
C ALA B 461 -6.28 -30.82 1.33
N GLN B 462 -6.88 -30.49 2.47
CA GLN B 462 -7.33 -31.53 3.40
C GLN B 462 -8.44 -32.36 2.80
N TRP B 463 -9.23 -31.78 1.90
CA TRP B 463 -10.22 -32.55 1.16
C TRP B 463 -9.53 -33.55 0.23
N ILE B 464 -8.34 -33.22 -0.25
CA ILE B 464 -7.63 -34.13 -1.14
C ILE B 464 -6.96 -35.24 -0.36
N GLN B 465 -6.38 -34.92 0.80
CA GLN B 465 -5.76 -35.93 1.65
C GLN B 465 -6.79 -36.91 2.18
N ALA B 466 -7.98 -36.42 2.52
CA ALA B 466 -9.04 -37.32 2.93
C ALA B 466 -9.53 -38.15 1.75
N ALA B 467 -9.43 -37.61 0.54
CA ALA B 467 -9.75 -38.39 -0.64
C ALA B 467 -8.68 -39.41 -0.97
N HIS B 468 -7.48 -39.22 -0.45
CA HIS B 468 -6.43 -40.21 -0.63
C HIS B 468 -6.38 -41.21 0.51
N GLY B 469 -7.12 -40.96 1.59
CA GLY B 469 -7.19 -41.92 2.66
C GLY B 469 -6.65 -41.46 3.98
N LYS B 470 -6.78 -40.19 4.28
CA LYS B 470 -6.29 -39.63 5.54
C LYS B 470 -7.50 -39.30 6.38
N ALA B 471 -7.78 -40.14 7.38
CA ALA B 471 -8.93 -39.97 8.25
C ALA B 471 -8.62 -39.16 9.50
N LEU B 472 -7.62 -38.29 9.45
CA LEU B 472 -7.37 -37.36 10.54
C LEU B 472 -8.37 -36.23 10.56
N TYR B 473 -8.95 -35.88 9.40
CA TYR B 473 -9.86 -34.76 9.32
C TYR B 473 -11.32 -35.15 9.24
N GLY B 474 -11.63 -36.38 8.85
CA GLY B 474 -12.99 -36.86 8.91
C GLY B 474 -13.93 -36.32 7.86
N PHE B 475 -13.43 -36.13 6.64
CA PHE B 475 -14.32 -35.78 5.54
C PHE B 475 -15.12 -36.96 5.02
N ASP B 476 -14.72 -38.19 5.39
CA ASP B 476 -15.17 -39.52 4.96
C ASP B 476 -15.59 -39.54 3.50
N PHE B 477 -14.68 -39.13 2.61
CA PHE B 477 -15.11 -38.79 1.26
C PHE B 477 -14.94 -39.92 0.26
N LEU B 478 -13.72 -40.34 -0.05
CA LEU B 478 -13.55 -41.46 -0.96
C LEU B 478 -12.76 -42.63 -0.37
N LEU B 479 -11.54 -42.42 0.08
CA LEU B 479 -10.76 -43.51 0.63
C LEU B 479 -10.73 -43.51 2.13
N SER B 480 -11.05 -42.39 2.74
CA SER B 480 -11.47 -42.38 4.13
C SER B 480 -12.91 -42.87 4.27
N SER B 481 -13.68 -42.88 3.19
CA SER B 481 -15.01 -43.47 3.18
C SER B 481 -14.88 -44.96 2.94
N LYS B 482 -15.29 -45.77 3.90
CA LYS B 482 -15.12 -47.21 3.78
C LYS B 482 -16.24 -47.87 2.99
N THR B 483 -17.35 -47.18 2.74
CA THR B 483 -18.43 -47.74 1.93
C THR B 483 -18.50 -47.09 0.56
N SER B 484 -17.43 -46.43 0.14
CA SER B 484 -17.36 -45.82 -1.18
C SER B 484 -16.98 -46.86 -2.23
N ALA B 485 -16.86 -46.42 -3.47
CA ALA B 485 -16.55 -47.36 -4.55
C ALA B 485 -15.06 -47.59 -4.66
N ALA B 486 -14.27 -46.50 -4.70
CA ALA B 486 -12.83 -46.60 -4.93
C ALA B 486 -12.11 -47.27 -3.78
N PHE B 487 -12.63 -47.15 -2.56
CA PHE B 487 -12.14 -47.97 -1.45
C PHE B 487 -12.41 -49.43 -1.70
N ALA B 488 -13.56 -49.76 -2.29
CA ALA B 488 -13.99 -51.15 -2.42
C ALA B 488 -13.56 -51.79 -3.73
N ASN B 489 -12.97 -51.05 -4.66
CA ASN B 489 -12.44 -51.64 -5.88
C ASN B 489 -10.98 -52.01 -5.76
N GLY B 490 -10.37 -51.87 -4.59
CA GLY B 490 -8.94 -52.08 -4.50
C GLY B 490 -8.43 -52.68 -3.21
N GLN B 491 -9.30 -53.36 -2.45
CA GLN B 491 -8.88 -53.90 -1.17
C GLN B 491 -7.95 -55.11 -1.28
N SER B 492 -7.88 -55.74 -2.45
CA SER B 492 -6.84 -56.71 -2.70
C SER B 492 -5.83 -56.22 -3.72
N LEU B 493 -6.10 -55.10 -4.37
CA LEU B 493 -5.30 -54.65 -5.51
C LEU B 493 -4.09 -53.83 -5.07
N TRP B 494 -4.33 -52.62 -4.52
CA TRP B 494 -3.20 -51.81 -4.08
C TRP B 494 -3.44 -50.96 -2.83
N LEU B 495 -4.61 -50.99 -2.23
CA LEU B 495 -4.94 -50.06 -1.16
C LEU B 495 -4.43 -50.34 0.26
N PRO B 496 -4.44 -51.57 0.80
CA PRO B 496 -4.14 -51.69 2.24
C PRO B 496 -2.71 -51.36 2.62
N GLY B 497 -1.76 -51.52 1.70
CA GLY B 497 -0.43 -51.00 1.95
C GLY B 497 -0.41 -49.48 1.95
N TRP B 498 -1.13 -48.87 1.01
CA TRP B 498 -1.17 -47.42 0.89
C TRP B 498 -1.92 -46.78 2.04
N LEU B 499 -3.02 -47.38 2.47
CA LEU B 499 -3.81 -46.78 3.54
C LEU B 499 -3.18 -46.97 4.90
N ASP B 500 -2.37 -48.00 5.07
CA ASP B 500 -1.62 -48.13 6.32
C ASP B 500 -0.49 -47.12 6.36
N ALA B 501 -0.01 -46.70 5.20
CA ALA B 501 1.15 -45.84 5.11
C ALA B 501 0.82 -44.36 5.25
N ILE B 502 -0.40 -43.95 4.94
CA ILE B 502 -0.77 -42.55 5.15
C ILE B 502 -1.10 -42.31 6.61
N ASN B 503 -1.89 -43.19 7.20
CA ASN B 503 -2.40 -42.97 8.54
C ASN B 503 -1.37 -43.24 9.63
N ASN B 504 -0.18 -43.73 9.27
CA ASN B 504 0.97 -43.61 10.13
C ASN B 504 1.34 -42.13 10.24
N ASN B 505 1.44 -41.63 11.46
CA ASN B 505 1.65 -40.20 11.67
C ASN B 505 3.10 -39.79 11.53
N GLN B 506 4.02 -40.72 11.34
CA GLN B 506 5.43 -40.39 11.50
C GLN B 506 6.24 -40.54 10.22
N ASN B 507 5.60 -40.68 9.08
CA ASN B 507 6.28 -40.57 7.80
C ASN B 507 5.85 -39.30 7.10
N SER B 508 6.54 -38.97 6.01
CA SER B 508 6.26 -37.76 5.27
C SER B 508 5.25 -37.96 4.15
N LEU B 509 4.45 -39.02 4.23
CA LEU B 509 3.44 -39.31 3.23
C LEU B 509 2.17 -38.57 3.61
N PHE B 510 1.91 -37.46 2.92
CA PHE B 510 0.73 -36.61 3.09
C PHE B 510 0.63 -36.10 4.53
N LEU B 511 1.57 -35.22 4.87
CA LEU B 511 1.67 -34.65 6.20
C LEU B 511 0.40 -33.89 6.57
N THR B 512 0.04 -33.96 7.85
CA THR B 512 -1.11 -33.24 8.33
C THR B 512 -0.85 -31.74 8.30
N ILE B 513 -1.83 -30.99 7.84
CA ILE B 513 -1.62 -29.58 7.55
C ILE B 513 -2.61 -28.71 8.29
N GLY B 514 -2.15 -27.52 8.65
CA GLY B 514 -2.96 -26.54 9.32
C GLY B 514 -2.76 -25.19 8.67
N PRO B 515 -3.17 -24.11 9.35
CA PRO B 515 -3.18 -22.81 8.69
C PRO B 515 -1.81 -22.20 8.46
N GLY B 516 -0.78 -22.72 9.14
CA GLY B 516 0.58 -22.37 8.75
C GLY B 516 0.93 -22.87 7.35
N ASP B 517 0.24 -23.92 6.90
CA ASP B 517 0.48 -24.48 5.58
C ASP B 517 -0.44 -23.87 4.56
N PHE B 518 -1.54 -23.28 4.99
CA PHE B 518 -2.32 -22.41 4.13
C PHE B 518 -1.48 -21.24 3.65
N LEU B 519 -0.81 -20.57 4.58
CA LEU B 519 -0.15 -19.32 4.28
C LEU B 519 1.08 -19.53 3.42
N VAL B 520 1.79 -20.64 3.61
CA VAL B 520 3.06 -20.80 2.93
C VAL B 520 2.87 -21.33 1.51
N HIS B 521 1.81 -22.11 1.24
CA HIS B 521 1.55 -22.52 -0.14
C HIS B 521 1.11 -21.35 -0.98
N HIS B 522 0.40 -20.39 -0.38
CA HIS B 522 0.11 -19.17 -1.12
C HIS B 522 1.35 -18.33 -1.31
N ALA B 523 2.30 -18.41 -0.38
CA ALA B 523 3.58 -17.75 -0.54
C ALA B 523 4.40 -18.41 -1.63
N ILE B 524 4.34 -19.73 -1.72
CA ILE B 524 4.94 -20.44 -2.84
C ILE B 524 4.22 -20.07 -4.13
N ALA B 525 2.90 -19.94 -4.08
CA ALA B 525 2.13 -19.50 -5.24
C ALA B 525 2.45 -18.07 -5.62
N LEU B 526 2.69 -17.21 -4.64
CA LEU B 526 3.24 -15.88 -4.90
C LEU B 526 4.57 -15.98 -5.64
N GLY B 527 5.46 -16.82 -5.12
CA GLY B 527 6.79 -16.92 -5.70
C GLY B 527 6.80 -17.60 -7.05
N LEU B 528 5.83 -18.49 -7.29
CA LEU B 528 5.75 -19.09 -8.61
C LEU B 528 5.15 -18.12 -9.62
N HIS B 529 4.10 -17.40 -9.22
CA HIS B 529 3.48 -16.50 -10.18
C HIS B 529 4.33 -15.26 -10.44
N THR B 530 5.13 -14.83 -9.47
CA THR B 530 5.94 -13.65 -9.71
C THR B 530 7.17 -13.99 -10.52
N THR B 531 7.77 -15.16 -10.30
CA THR B 531 8.92 -15.57 -11.09
C THR B 531 8.53 -15.79 -12.54
N THR B 532 7.33 -16.31 -12.79
CA THR B 532 6.88 -16.40 -14.16
C THR B 532 6.51 -15.04 -14.73
N LEU B 533 6.05 -14.10 -13.88
CA LEU B 533 5.75 -12.75 -14.36
C LEU B 533 6.98 -12.10 -14.95
N ILE B 534 8.12 -12.25 -14.27
CA ILE B 534 9.36 -11.66 -14.73
C ILE B 534 9.84 -12.36 -15.99
N LEU B 535 9.66 -13.68 -16.06
CA LEU B 535 10.20 -14.46 -17.15
C LEU B 535 9.35 -14.40 -18.40
N VAL B 536 8.02 -14.51 -18.26
CA VAL B 536 7.14 -14.41 -19.42
C VAL B 536 7.18 -13.00 -20.00
N LYS B 537 7.36 -11.99 -19.14
CA LYS B 537 7.63 -10.65 -19.65
C LYS B 537 8.96 -10.60 -20.36
N GLY B 538 9.96 -11.33 -19.87
CA GLY B 538 11.23 -11.41 -20.56
C GLY B 538 11.15 -12.15 -21.87
N ALA B 539 10.20 -13.07 -22.01
CA ALA B 539 10.01 -13.74 -23.29
C ALA B 539 9.23 -12.87 -24.25
N LEU B 540 8.11 -12.32 -23.80
CA LEU B 540 7.19 -11.61 -24.68
C LEU B 540 7.77 -10.27 -25.12
N ASP B 541 8.31 -9.50 -24.18
CA ASP B 541 8.91 -8.22 -24.50
C ASP B 541 10.37 -8.34 -24.89
N ALA B 542 10.79 -9.51 -25.39
CA ALA B 542 12.15 -9.65 -25.89
C ALA B 542 12.30 -9.01 -27.26
N ARG B 543 11.22 -8.92 -28.02
CA ARG B 543 11.27 -8.36 -29.35
C ARG B 543 11.00 -6.87 -29.37
N GLY B 544 10.50 -6.30 -28.29
CA GLY B 544 10.26 -4.88 -28.26
C GLY B 544 9.15 -4.52 -27.30
N SER B 545 9.17 -3.27 -26.88
CA SER B 545 8.10 -2.68 -26.07
C SER B 545 7.77 -1.33 -26.69
N LYS B 546 6.93 -0.54 -26.02
CA LYS B 546 6.75 0.83 -26.47
C LYS B 546 7.95 1.70 -26.10
N LEU B 547 8.68 1.31 -25.05
CA LEU B 547 9.90 2.03 -24.69
C LEU B 547 11.00 1.79 -25.72
N MET B 548 11.06 0.60 -26.29
CA MET B 548 12.11 0.25 -27.24
C MET B 548 11.55 -0.72 -28.27
N PRO B 549 11.02 -0.21 -29.38
CA PRO B 549 10.35 -1.09 -30.36
C PRO B 549 11.28 -1.84 -31.30
N ASP B 550 12.59 -1.83 -31.08
CA ASP B 550 13.47 -2.65 -31.91
C ASP B 550 14.47 -3.39 -31.03
N LYS B 551 13.98 -3.99 -29.95
CA LYS B 551 14.85 -4.72 -29.05
C LYS B 551 15.45 -5.94 -29.72
N LYS B 552 14.74 -6.49 -30.70
CA LYS B 552 15.23 -7.62 -31.48
C LYS B 552 16.43 -7.26 -32.33
N ASP B 553 16.64 -5.99 -32.64
CA ASP B 553 17.79 -5.63 -33.45
C ASP B 553 19.09 -5.66 -32.66
N PHE B 554 19.03 -5.44 -31.35
CA PHE B 554 20.26 -5.48 -30.58
C PHE B 554 20.66 -6.90 -30.26
N GLY B 555 19.71 -7.72 -29.86
CA GLY B 555 19.97 -9.10 -29.48
C GLY B 555 19.41 -9.39 -28.13
N TYR B 556 19.77 -10.55 -27.60
CA TYR B 556 19.22 -10.98 -26.33
C TYR B 556 19.89 -10.28 -25.16
N SER B 557 21.21 -10.19 -25.19
CA SER B 557 22.00 -9.77 -24.04
C SER B 557 22.73 -8.48 -24.38
N PHE B 558 22.07 -7.37 -24.20
CA PHE B 558 22.70 -6.07 -24.38
C PHE B 558 22.53 -5.26 -23.10
N PRO B 559 23.40 -4.26 -22.86
CA PRO B 559 23.31 -3.52 -21.60
C PRO B 559 22.05 -2.70 -21.42
N CYS B 560 21.74 -1.86 -22.39
CA CYS B 560 20.66 -0.89 -22.26
C CYS B 560 20.38 -0.31 -23.64
N ASP B 561 19.61 0.77 -23.66
CA ASP B 561 19.54 1.59 -24.86
C ASP B 561 19.84 3.05 -24.51
N GLY B 562 20.75 3.28 -23.58
CA GLY B 562 21.17 4.63 -23.25
C GLY B 562 20.35 5.24 -22.16
N PRO B 563 20.72 6.47 -21.75
CA PRO B 563 19.90 7.22 -20.80
C PRO B 563 18.70 7.86 -21.43
N GLY B 564 18.60 7.85 -22.75
CA GLY B 564 17.51 8.51 -23.42
C GLY B 564 16.21 7.79 -23.21
N ARG B 565 15.14 8.49 -23.58
CA ARG B 565 13.75 8.05 -23.41
C ARG B 565 13.46 7.76 -21.94
N GLY B 566 13.99 8.58 -21.05
CA GLY B 566 13.76 8.46 -19.64
C GLY B 566 14.76 7.59 -18.90
N GLY B 567 15.56 6.82 -19.62
CA GLY B 567 16.51 5.93 -19.00
C GLY B 567 16.10 4.49 -19.16
N THR B 568 17.00 3.64 -19.64
CA THR B 568 16.65 2.27 -19.97
C THR B 568 17.61 1.28 -19.31
N CYS B 569 17.86 1.45 -18.01
CA CYS B 569 18.55 0.41 -17.24
C CYS B 569 17.74 -0.87 -17.24
N ASP B 570 18.44 -1.99 -17.46
CA ASP B 570 17.86 -3.34 -17.37
C ASP B 570 16.70 -3.54 -18.33
N ILE B 571 16.87 -3.11 -19.57
CA ILE B 571 15.77 -3.20 -20.52
C ILE B 571 15.79 -4.50 -21.32
N SER B 572 16.95 -5.14 -21.43
CA SER B 572 17.09 -6.30 -22.28
C SER B 572 16.38 -7.52 -21.71
N ALA B 573 16.17 -8.51 -22.54
CA ALA B 573 15.54 -9.74 -22.09
C ALA B 573 16.48 -10.59 -21.26
N TYR B 574 17.79 -10.42 -21.44
CA TYR B 574 18.74 -10.98 -20.50
C TYR B 574 18.56 -10.35 -19.13
N ASP B 575 18.53 -9.02 -19.09
CA ASP B 575 18.30 -8.29 -17.85
C ASP B 575 16.91 -8.47 -17.32
N ALA B 576 15.98 -8.95 -18.12
CA ALA B 576 14.67 -9.36 -17.64
C ALA B 576 14.65 -10.80 -17.15
N PHE B 577 15.65 -11.57 -17.55
CA PHE B 577 15.80 -12.94 -17.08
C PHE B 577 16.50 -12.94 -15.72
N TYR B 578 17.55 -12.13 -15.58
CA TYR B 578 18.35 -12.11 -14.35
C TYR B 578 17.67 -11.62 -13.10
N LEU B 579 16.61 -10.83 -13.25
CA LEU B 579 15.88 -10.32 -12.11
C LEU B 579 15.07 -11.44 -11.50
N ALA B 580 14.70 -12.39 -12.34
CA ALA B 580 13.91 -13.52 -11.95
C ALA B 580 14.70 -14.52 -11.13
N VAL B 581 16.03 -14.58 -11.31
CA VAL B 581 16.85 -15.49 -10.54
C VAL B 581 16.87 -15.09 -9.07
N PHE B 582 16.73 -13.79 -8.79
CA PHE B 582 16.52 -13.35 -7.42
C PHE B 582 15.17 -13.85 -6.90
N TRP B 583 14.11 -13.61 -7.67
CA TRP B 583 12.79 -14.13 -7.32
C TRP B 583 12.69 -15.64 -7.46
N MET B 584 13.62 -16.30 -8.15
CA MET B 584 13.62 -17.75 -8.15
C MET B 584 14.20 -18.27 -6.85
N LEU B 585 15.38 -17.78 -6.47
CA LEU B 585 16.07 -18.24 -5.27
C LEU B 585 15.26 -17.89 -4.02
N ASN B 586 14.52 -16.79 -4.06
CA ASN B 586 13.51 -16.50 -3.05
C ASN B 586 12.47 -17.60 -2.97
N THR B 587 11.92 -17.99 -4.12
CA THR B 587 10.81 -18.95 -4.14
C THR B 587 11.26 -20.32 -3.68
N ILE B 588 12.39 -20.80 -4.21
CA ILE B 588 12.90 -22.08 -3.79
C ILE B 588 13.44 -21.98 -2.36
N GLY B 589 13.80 -20.78 -1.94
CA GLY B 589 14.10 -20.58 -0.53
C GLY B 589 12.87 -20.73 0.34
N TRP B 590 11.71 -20.35 -0.20
CA TRP B 590 10.48 -20.50 0.58
C TRP B 590 10.00 -21.93 0.61
N VAL B 591 10.22 -22.70 -0.47
CA VAL B 591 9.76 -24.07 -0.45
C VAL B 591 10.67 -24.92 0.43
N THR B 592 11.92 -24.52 0.61
CA THR B 592 12.87 -25.34 1.35
C THR B 592 12.93 -24.94 2.82
N PHE B 593 12.61 -23.70 3.14
CA PHE B 593 12.39 -23.35 4.53
C PHE B 593 11.20 -24.11 5.10
N TYR B 594 10.13 -24.15 4.32
CA TYR B 594 8.91 -24.82 4.75
C TYR B 594 9.06 -26.32 4.78
N TRP B 595 9.84 -26.87 3.86
CA TRP B 595 10.07 -28.31 3.87
C TRP B 595 10.90 -28.69 5.08
N HIS B 596 11.97 -27.95 5.32
CA HIS B 596 12.90 -28.32 6.37
C HIS B 596 12.28 -28.15 7.74
N TRP B 597 11.55 -27.06 7.94
CA TRP B 597 11.08 -26.77 9.29
C TRP B 597 9.87 -27.61 9.64
N LYS B 598 9.06 -27.99 8.66
CA LYS B 598 7.99 -28.93 8.97
C LYS B 598 8.56 -30.32 9.20
N HIS B 599 9.72 -30.62 8.62
CA HIS B 599 10.34 -31.92 8.85
C HIS B 599 11.19 -31.94 10.10
N LEU B 600 11.75 -30.80 10.52
CA LEU B 600 12.44 -30.77 11.81
C LEU B 600 11.47 -30.99 12.95
N THR B 601 10.33 -30.29 12.93
CA THR B 601 9.32 -30.47 13.96
C THR B 601 8.65 -31.83 13.87
N LEU B 602 8.72 -32.49 12.72
CA LEU B 602 8.23 -33.86 12.64
C LEU B 602 9.22 -34.84 13.25
N TRP B 603 10.50 -34.65 12.97
CA TRP B 603 11.49 -35.63 13.38
C TRP B 603 11.91 -35.43 14.83
N GLN B 604 11.86 -34.21 15.34
CA GLN B 604 12.09 -34.00 16.77
C GLN B 604 10.93 -34.57 17.56
N GLY B 605 9.70 -34.45 17.04
CA GLY B 605 8.50 -34.91 17.69
C GLY B 605 7.55 -33.79 18.05
N ASN B 606 8.08 -32.57 18.22
CA ASN B 606 7.24 -31.43 18.58
C ASN B 606 6.52 -30.90 17.33
N VAL B 607 5.55 -31.68 16.89
CA VAL B 607 4.79 -31.35 15.69
C VAL B 607 3.85 -30.18 15.92
N ALA B 608 3.56 -29.84 17.18
CA ALA B 608 2.81 -28.64 17.50
C ALA B 608 3.69 -27.40 17.58
N GLN B 609 5.01 -27.57 17.63
CA GLN B 609 5.88 -26.41 17.67
C GLN B 609 5.94 -25.72 16.31
N PHE B 610 5.66 -26.46 15.24
CA PHE B 610 5.50 -25.83 13.94
C PHE B 610 4.18 -25.09 13.83
N ASP B 611 3.07 -25.80 14.03
CA ASP B 611 1.74 -25.25 13.78
C ASP B 611 1.38 -24.07 14.66
N GLU B 612 1.99 -23.96 15.84
CA GLU B 612 1.85 -22.75 16.62
C GLU B 612 2.64 -21.60 16.00
N SER B 613 3.83 -21.89 15.53
CA SER B 613 4.77 -20.83 15.16
C SER B 613 4.82 -20.56 13.67
N SER B 614 4.29 -21.43 12.83
CA SER B 614 4.37 -21.19 11.40
C SER B 614 3.31 -20.22 10.91
N THR B 615 2.37 -19.83 11.76
CA THR B 615 1.29 -18.96 11.35
C THR B 615 1.69 -17.50 11.31
N TYR B 616 2.86 -17.16 11.81
CA TYR B 616 3.32 -15.79 11.89
C TYR B 616 4.82 -15.77 11.67
N LEU B 617 5.32 -14.67 11.12
CA LEU B 617 6.69 -14.66 10.61
C LEU B 617 7.75 -14.55 11.68
N MET B 618 7.39 -14.27 12.94
CA MET B 618 8.42 -14.32 13.97
C MET B 618 8.79 -15.75 14.28
N GLY B 619 7.82 -16.65 14.26
CA GLY B 619 8.09 -18.06 14.46
C GLY B 619 8.95 -18.67 13.37
N TRP B 620 8.90 -18.08 12.17
CA TRP B 620 9.88 -18.46 11.17
C TRP B 620 11.28 -18.00 11.55
N LEU B 621 11.37 -16.91 12.30
CA LEU B 621 12.68 -16.35 12.58
C LEU B 621 13.25 -16.86 13.90
N ARG B 622 12.49 -16.78 14.97
CA ARG B 622 13.00 -17.12 16.29
C ARG B 622 12.80 -18.58 16.65
N ASP B 623 12.10 -19.35 15.83
CA ASP B 623 11.96 -20.76 16.08
C ASP B 623 12.57 -21.64 15.00
N TYR B 624 12.88 -21.10 13.84
CA TYR B 624 13.56 -21.90 12.82
C TYR B 624 14.94 -21.39 12.46
N LEU B 625 15.12 -20.09 12.26
CA LEU B 625 16.46 -19.63 11.93
C LEU B 625 17.29 -19.37 13.18
N TRP B 626 16.70 -18.78 14.21
CA TRP B 626 17.43 -18.52 15.43
C TRP B 626 17.68 -19.79 16.22
N LEU B 627 16.65 -20.62 16.35
CA LEU B 627 16.69 -21.75 17.26
C LEU B 627 17.54 -22.88 16.70
N ASN B 628 17.46 -23.14 15.40
CA ASN B 628 18.14 -24.27 14.81
C ASN B 628 19.57 -23.98 14.40
N SER B 629 20.00 -22.72 14.46
CA SER B 629 21.38 -22.38 14.19
C SER B 629 22.21 -22.31 15.46
N SER B 630 21.81 -23.02 16.50
CA SER B 630 22.53 -22.96 17.77
C SER B 630 23.83 -23.74 17.69
N GLN B 631 23.76 -24.96 17.17
CA GLN B 631 24.95 -25.80 17.08
C GLN B 631 25.76 -25.57 15.82
N LEU B 632 25.15 -24.93 14.81
CA LEU B 632 25.89 -24.55 13.61
C LEU B 632 26.97 -23.53 13.93
N ILE B 633 26.58 -22.39 14.49
CA ILE B 633 27.53 -21.31 14.72
C ILE B 633 28.51 -21.64 15.83
N ASN B 634 28.19 -22.63 16.66
CA ASN B 634 29.11 -23.17 17.65
C ASN B 634 30.02 -24.24 17.08
N GLY B 635 30.22 -24.25 15.76
CA GLY B 635 31.10 -25.23 15.17
C GLY B 635 32.55 -25.00 15.56
N TYR B 636 32.94 -23.74 15.67
CA TYR B 636 34.19 -23.38 16.29
C TYR B 636 33.98 -22.19 17.19
N ASN B 637 34.59 -22.23 18.36
CA ASN B 637 34.53 -21.16 19.34
C ASN B 637 35.87 -21.17 20.05
N PRO B 638 36.15 -20.18 20.92
CA PRO B 638 37.42 -20.26 21.66
C PRO B 638 37.47 -21.35 22.71
N PHE B 639 36.36 -22.02 23.00
CA PHE B 639 36.45 -23.22 23.82
C PHE B 639 37.01 -24.39 23.04
N GLY B 640 36.60 -24.56 21.79
CA GLY B 640 37.10 -25.64 20.98
C GLY B 640 36.45 -25.71 19.62
N MET B 641 36.30 -26.91 19.07
CA MET B 641 35.63 -27.09 17.81
C MET B 641 35.17 -28.55 17.71
N ASN B 642 34.25 -28.79 16.78
CA ASN B 642 33.70 -30.13 16.60
C ASN B 642 33.51 -30.37 15.10
N SER B 643 32.73 -31.40 14.78
CA SER B 643 32.52 -31.84 13.42
C SER B 643 31.70 -30.87 12.58
N LEU B 644 31.09 -29.87 13.21
CA LEU B 644 30.27 -28.89 12.49
C LEU B 644 31.05 -27.68 12.06
N SER B 645 32.37 -27.65 12.30
CA SER B 645 33.16 -26.46 12.01
C SER B 645 33.37 -26.27 10.52
N VAL B 646 33.33 -27.33 9.74
CA VAL B 646 33.42 -27.16 8.30
C VAL B 646 32.11 -26.60 7.77
N TRP B 647 31.00 -26.87 8.43
CA TRP B 647 29.75 -26.24 8.04
C TRP B 647 29.55 -24.91 8.74
N ALA B 648 30.24 -24.68 9.84
CA ALA B 648 30.24 -23.35 10.45
C ALA B 648 31.03 -22.38 9.61
N TRP B 649 32.17 -22.82 9.10
CA TRP B 649 33.02 -21.97 8.29
C TRP B 649 32.34 -21.61 6.98
N THR B 650 31.65 -22.59 6.37
CA THR B 650 30.98 -22.36 5.10
C THR B 650 29.79 -21.43 5.28
N PHE B 651 29.15 -21.48 6.45
CA PHE B 651 28.01 -20.63 6.74
C PHE B 651 28.39 -19.16 6.80
N LEU B 652 29.63 -18.86 7.21
CA LEU B 652 30.15 -17.50 7.11
C LEU B 652 30.77 -17.24 5.76
N PHE B 653 31.27 -18.29 5.13
CA PHE B 653 31.76 -18.19 3.76
C PHE B 653 30.62 -17.88 2.82
N GLY B 654 29.43 -18.43 3.09
CA GLY B 654 28.30 -18.13 2.24
C GLY B 654 27.78 -16.72 2.40
N HIS B 655 27.77 -16.20 3.62
CA HIS B 655 27.43 -14.79 3.82
C HIS B 655 28.44 -13.85 3.16
N LEU B 656 29.67 -14.28 2.98
CA LEU B 656 30.69 -13.41 2.40
C LEU B 656 30.55 -13.31 0.89
N ILE B 657 30.23 -14.42 0.21
CA ILE B 657 30.05 -14.38 -1.23
C ILE B 657 28.79 -13.63 -1.57
N TYR B 658 27.75 -13.84 -0.75
CA TYR B 658 26.47 -13.15 -0.89
C TYR B 658 26.62 -11.64 -0.87
N ALA B 659 27.32 -11.13 0.14
CA ALA B 659 27.50 -9.70 0.27
C ALA B 659 28.49 -9.15 -0.74
N THR B 660 29.40 -9.99 -1.24
CA THR B 660 30.24 -9.57 -2.33
C THR B 660 29.42 -9.43 -3.59
N GLY B 661 28.33 -10.18 -3.69
CA GLY B 661 27.41 -10.00 -4.79
C GLY B 661 26.71 -8.68 -4.81
N PHE B 662 26.54 -8.04 -3.66
CA PHE B 662 25.88 -6.75 -3.70
C PHE B 662 26.84 -5.69 -4.24
N MET B 663 28.15 -5.93 -4.16
CA MET B 663 29.12 -4.96 -4.68
C MET B 663 29.01 -4.83 -6.17
N PHE B 664 28.71 -5.91 -6.87
CA PHE B 664 28.54 -5.85 -8.31
C PHE B 664 27.12 -5.49 -8.69
N LEU B 665 26.24 -5.37 -7.71
CA LEU B 665 24.84 -5.08 -7.94
C LEU B 665 24.45 -3.68 -7.56
N ILE B 666 25.00 -3.15 -6.47
CA ILE B 666 24.72 -1.78 -6.09
C ILE B 666 25.68 -0.83 -6.75
N SER B 667 26.97 -1.05 -6.61
CA SER B 667 27.95 -0.31 -7.38
C SER B 667 27.90 -0.79 -8.81
N TRP B 668 27.82 0.13 -9.75
CA TRP B 668 27.78 -0.24 -11.15
C TRP B 668 29.00 0.32 -11.86
N ARG B 669 29.12 0.03 -13.15
CA ARG B 669 30.38 0.22 -13.86
C ARG B 669 30.51 1.66 -14.33
N GLY B 670 31.50 2.35 -13.81
CA GLY B 670 31.76 3.71 -14.20
C GLY B 670 32.20 4.48 -12.99
N TYR B 671 31.76 4.03 -11.82
CA TYR B 671 32.55 4.28 -10.62
C TYR B 671 33.86 3.54 -10.71
N TRP B 672 33.81 2.31 -11.22
CA TRP B 672 34.98 1.46 -11.18
C TRP B 672 35.93 1.75 -12.31
N GLN B 673 35.42 2.18 -13.46
CA GLN B 673 36.29 2.48 -14.58
C GLN B 673 37.12 3.72 -14.29
N GLU B 674 36.57 4.67 -13.56
CA GLU B 674 37.36 5.82 -13.13
C GLU B 674 38.39 5.43 -12.08
N LEU B 675 38.06 4.44 -11.24
CA LEU B 675 39.01 4.04 -10.21
C LEU B 675 40.19 3.31 -10.82
N ILE B 676 39.95 2.55 -11.88
CA ILE B 676 41.02 1.85 -12.58
C ILE B 676 41.92 2.83 -13.32
N GLU B 677 41.35 3.93 -13.79
CA GLU B 677 42.15 4.94 -14.48
C GLU B 677 43.15 5.61 -13.54
N THR B 678 42.85 5.67 -12.25
CA THR B 678 43.88 6.11 -11.32
C THR B 678 44.92 5.04 -11.08
N LEU B 679 44.52 3.78 -11.13
CA LEU B 679 45.47 2.68 -10.91
C LEU B 679 46.40 2.53 -12.08
N VAL B 680 45.90 2.78 -13.28
CA VAL B 680 46.75 2.81 -14.48
C VAL B 680 47.77 3.92 -14.37
N TRP B 681 47.34 5.11 -13.92
CA TRP B 681 48.27 6.22 -13.70
C TRP B 681 49.32 5.86 -12.67
N ALA B 682 48.89 5.40 -11.49
CA ALA B 682 49.80 5.04 -10.42
C ALA B 682 50.65 3.84 -10.76
N HIS B 683 50.27 3.05 -11.77
CA HIS B 683 51.21 2.04 -12.23
C HIS B 683 52.17 2.61 -13.25
N GLU B 684 51.71 3.48 -14.14
CA GLU B 684 52.60 3.97 -15.18
C GLU B 684 53.54 5.06 -14.70
N LYS B 685 53.37 5.57 -13.49
CA LYS B 685 54.27 6.57 -12.97
C LYS B 685 55.09 6.09 -11.79
N THR B 686 54.85 4.89 -11.29
CA THR B 686 55.63 4.37 -10.18
C THR B 686 56.99 3.93 -10.68
N PRO B 687 58.08 4.40 -10.07
CA PRO B 687 59.40 3.89 -10.44
C PRO B 687 59.53 2.44 -10.07
N LEU B 688 60.25 1.71 -10.94
CA LEU B 688 60.67 0.31 -10.79
C LEU B 688 59.52 -0.69 -10.95
N ALA B 689 58.29 -0.20 -11.03
CA ALA B 689 57.16 -0.99 -11.50
C ALA B 689 56.80 -0.67 -12.94
N ASN B 690 57.44 0.34 -13.53
CA ASN B 690 57.35 0.58 -14.96
C ASN B 690 58.12 -0.43 -15.78
N LEU B 691 58.94 -1.26 -15.13
CA LEU B 691 59.47 -2.45 -15.76
C LEU B 691 58.34 -3.37 -16.20
N VAL B 692 57.29 -3.44 -15.39
CA VAL B 692 56.15 -4.30 -15.62
C VAL B 692 55.09 -3.51 -16.36
N TYR B 693 54.53 -4.11 -17.40
CA TYR B 693 53.42 -3.49 -18.11
C TYR B 693 52.53 -4.61 -18.60
N TRP B 694 51.23 -4.33 -18.68
CA TRP B 694 50.26 -5.36 -19.02
C TRP B 694 50.21 -5.56 -20.53
N LYS B 695 49.54 -6.64 -20.95
CA LYS B 695 49.22 -6.83 -22.35
C LYS B 695 47.77 -6.45 -22.66
N ASP B 696 46.82 -7.04 -21.94
CA ASP B 696 45.43 -6.64 -22.04
C ASP B 696 45.20 -5.45 -21.13
N LYS B 697 44.62 -4.40 -21.67
CA LYS B 697 44.46 -3.16 -20.93
C LYS B 697 43.40 -3.35 -19.85
N PRO B 698 43.67 -2.92 -18.62
CA PRO B 698 42.70 -3.08 -17.53
C PRO B 698 41.53 -2.14 -17.72
N VAL B 699 40.37 -2.71 -18.01
CA VAL B 699 39.14 -1.95 -18.03
C VAL B 699 38.18 -2.59 -17.03
N ALA B 700 37.18 -1.82 -16.62
CA ALA B 700 36.22 -2.33 -15.66
C ALA B 700 35.29 -3.33 -16.34
N LEU B 701 34.67 -4.16 -15.50
CA LEU B 701 33.79 -5.22 -15.98
C LEU B 701 32.55 -4.60 -16.59
N SER B 702 32.13 -5.12 -17.74
CA SER B 702 31.05 -4.48 -18.48
C SER B 702 29.73 -4.63 -17.75
N ILE B 703 28.72 -3.95 -18.28
CA ILE B 703 27.44 -3.82 -17.59
C ILE B 703 26.75 -5.17 -17.48
N VAL B 704 26.69 -5.91 -18.59
CA VAL B 704 26.10 -7.23 -18.60
C VAL B 704 26.91 -8.21 -17.76
N GLN B 705 28.23 -8.03 -17.76
CA GLN B 705 29.10 -8.89 -16.96
C GLN B 705 28.86 -8.69 -15.47
N ALA B 706 28.66 -7.43 -15.07
CA ALA B 706 28.46 -7.09 -13.67
C ALA B 706 27.16 -7.67 -13.14
N ARG B 707 26.15 -7.77 -14.00
CA ARG B 707 24.96 -8.54 -13.68
C ARG B 707 25.31 -9.99 -13.38
N LEU B 708 26.04 -10.63 -14.31
CA LEU B 708 26.33 -12.05 -14.18
C LEU B 708 27.26 -12.35 -13.02
N VAL B 709 28.32 -11.56 -12.85
CA VAL B 709 29.28 -11.78 -11.77
C VAL B 709 28.62 -11.52 -10.43
N GLY B 710 27.73 -10.53 -10.36
CA GLY B 710 27.03 -10.25 -9.12
C GLY B 710 25.96 -11.26 -8.82
N LEU B 711 25.27 -11.76 -9.85
CA LEU B 711 24.28 -12.80 -9.63
C LEU B 711 24.92 -14.11 -9.24
N ALA B 712 26.12 -14.38 -9.75
CA ALA B 712 26.83 -15.60 -9.38
C ALA B 712 27.29 -15.54 -7.94
N HIS B 713 27.81 -14.39 -7.50
CA HIS B 713 28.19 -14.27 -6.09
C HIS B 713 26.97 -14.26 -5.19
N PHE B 714 25.86 -13.70 -5.67
CA PHE B 714 24.59 -13.79 -4.94
C PHE B 714 24.16 -15.24 -4.77
N SER B 715 24.27 -16.02 -5.85
CA SER B 715 23.66 -17.34 -5.88
C SER B 715 24.55 -18.38 -5.20
N VAL B 716 25.87 -18.30 -5.41
CA VAL B 716 26.77 -19.22 -4.74
C VAL B 716 26.73 -19.01 -3.24
N GLY B 717 26.74 -17.76 -2.81
CA GLY B 717 26.67 -17.48 -1.39
C GLY B 717 25.31 -17.79 -0.81
N TYR B 718 24.26 -17.74 -1.63
CA TYR B 718 22.94 -18.17 -1.20
C TYR B 718 22.93 -19.66 -0.94
N ILE B 719 23.46 -20.42 -1.89
CA ILE B 719 23.45 -21.88 -1.81
C ILE B 719 24.33 -22.37 -0.68
N PHE B 720 25.55 -21.83 -0.57
CA PHE B 720 26.48 -22.32 0.45
C PHE B 720 26.03 -21.95 1.85
N THR B 721 25.27 -20.85 1.99
CA THR B 721 24.75 -20.49 3.30
C THR B 721 23.70 -21.48 3.75
N TYR B 722 22.70 -21.74 2.90
CA TYR B 722 21.60 -22.59 3.31
C TYR B 722 22.01 -24.03 3.42
N ALA B 723 22.90 -24.49 2.53
CA ALA B 723 23.39 -25.86 2.62
C ALA B 723 24.21 -26.08 3.87
N ALA B 724 24.92 -25.05 4.32
CA ALA B 724 25.60 -25.15 5.61
C ALA B 724 24.58 -25.19 6.75
N PHE B 725 23.51 -24.41 6.65
CA PHE B 725 22.50 -24.46 7.68
C PHE B 725 21.67 -25.72 7.59
N LEU B 726 21.45 -26.23 6.38
CA LEU B 726 20.63 -27.42 6.22
C LEU B 726 21.33 -28.66 6.74
N ILE B 727 22.60 -28.84 6.39
CA ILE B 727 23.32 -30.04 6.80
C ILE B 727 23.62 -30.01 8.29
N ALA B 728 24.02 -28.85 8.80
CA ALA B 728 24.47 -28.83 10.19
C ALA B 728 23.33 -28.70 11.20
N SER B 729 22.19 -28.14 10.80
CA SER B 729 21.07 -28.16 11.73
C SER B 729 20.39 -29.52 11.76
N THR B 730 20.37 -30.22 10.64
CA THR B 730 19.82 -31.56 10.66
C THR B 730 20.76 -32.50 11.40
N SER B 731 21.99 -32.65 10.89
CA SER B 731 22.93 -33.59 11.48
C SER B 731 23.49 -33.14 12.81
N GLY B 732 23.30 -31.89 13.20
CA GLY B 732 23.79 -31.48 14.50
C GLY B 732 23.00 -32.08 15.63
N ARG B 733 21.68 -32.12 15.49
CA ARG B 733 20.85 -32.78 16.48
C ARG B 733 20.52 -34.21 16.13
N PHE B 734 20.92 -34.68 14.95
CA PHE B 734 20.62 -36.05 14.53
C PHE B 734 21.90 -36.82 14.25
N ALA C 2 34.62 -0.82 -33.04
CA ALA C 2 33.85 -0.32 -34.16
C ALA C 2 32.37 -0.52 -33.94
N HIS C 3 31.69 0.53 -33.48
CA HIS C 3 30.25 0.43 -33.27
C HIS C 3 29.52 0.69 -34.57
N ILE C 4 28.28 0.24 -34.62
CA ILE C 4 27.47 0.32 -35.82
C ILE C 4 26.45 1.42 -35.61
N VAL C 5 26.64 2.56 -36.26
CA VAL C 5 25.68 3.66 -36.22
C VAL C 5 25.05 3.75 -37.59
N LYS C 6 23.74 3.52 -37.66
CA LYS C 6 22.99 3.58 -38.89
C LYS C 6 21.78 4.47 -38.65
N ILE C 7 21.62 5.50 -39.47
CA ILE C 7 20.49 6.41 -39.34
C ILE C 7 19.50 6.13 -40.47
N TYR C 8 18.32 6.72 -40.35
CA TYR C 8 17.17 6.29 -41.11
C TYR C 8 16.48 7.48 -41.75
N ASP C 9 15.49 7.19 -42.57
CA ASP C 9 14.83 8.23 -43.34
C ASP C 9 13.84 9.04 -42.53
N THR C 10 13.63 8.69 -41.26
CA THR C 10 12.75 9.46 -40.40
C THR C 10 13.46 10.70 -39.87
N CYS C 11 14.75 10.85 -40.19
CA CYS C 11 15.49 12.09 -39.97
C CYS C 11 14.77 13.29 -40.54
N ILE C 12 14.77 14.37 -39.78
CA ILE C 12 14.26 15.65 -40.25
C ILE C 12 15.34 16.69 -40.42
N GLY C 13 16.58 16.37 -40.04
CA GLY C 13 17.69 17.27 -40.23
C GLY C 13 17.69 18.45 -39.30
N CYS C 14 17.35 18.24 -38.04
CA CYS C 14 17.45 19.30 -37.06
C CYS C 14 18.83 19.39 -36.45
N THR C 15 19.77 18.55 -36.89
CA THR C 15 21.17 18.40 -36.51
C THR C 15 21.46 18.51 -35.02
N GLN C 16 20.54 18.07 -34.18
CA GLN C 16 20.81 18.02 -32.75
C GLN C 16 21.66 16.83 -32.38
N CYS C 17 21.70 15.79 -33.22
CA CYS C 17 22.56 14.65 -32.95
C CYS C 17 24.02 15.00 -33.14
N VAL C 18 24.32 15.84 -34.13
CA VAL C 18 25.70 16.21 -34.40
C VAL C 18 26.24 17.08 -33.29
N ARG C 19 25.44 18.06 -32.86
CA ARG C 19 25.85 18.93 -31.77
C ARG C 19 25.96 18.18 -30.45
N ALA C 20 25.27 17.05 -30.30
CA ALA C 20 25.33 16.28 -29.07
C ALA C 20 26.42 15.25 -29.07
N CYS C 21 26.88 14.82 -30.23
CA CYS C 21 27.95 13.83 -30.36
C CYS C 21 29.25 14.36 -29.78
N PRO C 22 29.78 13.76 -28.71
CA PRO C 22 31.03 14.25 -28.12
C PRO C 22 32.28 13.75 -28.80
N LEU C 23 32.16 13.14 -29.98
CA LEU C 23 33.30 12.55 -30.65
C LEU C 23 33.33 12.80 -32.16
N ASP C 24 32.48 13.67 -32.69
CA ASP C 24 32.46 14.06 -34.10
C ASP C 24 32.21 12.84 -34.98
N VAL C 25 31.27 12.01 -34.56
CA VAL C 25 30.94 10.85 -35.38
C VAL C 25 30.01 11.27 -36.50
N LEU C 26 29.24 12.33 -36.28
CA LEU C 26 28.11 12.67 -37.12
C LEU C 26 28.35 14.01 -37.81
N GLU C 27 27.80 14.13 -39.03
CA GLU C 27 27.91 15.33 -39.84
C GLU C 27 26.67 15.42 -40.70
N MET C 28 26.44 16.58 -41.33
CA MET C 28 25.18 16.85 -41.99
C MET C 28 25.35 16.93 -43.50
N VAL C 29 24.64 16.06 -44.22
CA VAL C 29 24.76 15.87 -45.65
C VAL C 29 23.45 16.35 -46.28
N PRO C 30 23.47 16.96 -47.47
CA PRO C 30 22.20 17.33 -48.12
C PRO C 30 21.34 16.13 -48.46
N TRP C 31 20.03 16.33 -48.36
CA TRP C 31 19.02 15.32 -48.61
C TRP C 31 17.66 15.98 -48.75
N ASP C 32 16.92 15.67 -49.81
CA ASP C 32 15.72 16.43 -50.13
C ASP C 32 14.49 16.02 -49.34
N GLY C 33 14.59 15.00 -48.47
CA GLY C 33 13.40 14.49 -47.82
C GLY C 33 12.96 15.22 -46.56
N CYS C 34 13.29 16.50 -46.45
CA CYS C 34 12.93 17.28 -45.27
C CYS C 34 12.94 18.75 -45.65
N LYS C 35 12.34 19.57 -44.78
CA LYS C 35 12.32 21.00 -45.03
C LYS C 35 13.70 21.63 -44.88
N ALA C 36 14.52 21.13 -43.95
CA ALA C 36 15.83 21.71 -43.73
C ALA C 36 16.88 21.19 -44.70
N SER C 37 16.48 20.30 -45.63
CA SER C 37 17.28 19.87 -46.78
C SER C 37 18.55 19.14 -46.36
N GLN C 38 18.54 18.48 -45.21
CA GLN C 38 19.75 17.91 -44.65
C GLN C 38 19.42 16.62 -43.91
N MET C 39 20.36 15.69 -43.97
CA MET C 39 20.26 14.44 -43.23
C MET C 39 21.65 14.07 -42.76
N ALA C 40 21.72 13.50 -41.56
CA ALA C 40 22.99 13.22 -40.92
C ALA C 40 23.73 12.09 -41.63
N SER C 41 24.96 11.86 -41.21
CA SER C 41 25.77 10.78 -41.73
C SER C 41 26.86 10.51 -40.72
N ALA C 42 27.33 9.26 -40.70
CA ALA C 42 28.30 8.81 -39.72
C ALA C 42 29.54 8.30 -40.43
N PRO C 43 30.41 9.18 -40.91
CA PRO C 43 31.64 8.72 -41.56
C PRO C 43 32.73 8.32 -40.60
N ARG C 44 32.53 8.53 -39.30
CA ARG C 44 33.58 8.37 -38.31
C ARG C 44 33.11 7.44 -37.19
N THR C 45 32.52 6.30 -37.57
CA THR C 45 32.15 5.31 -36.56
C THR C 45 33.34 4.52 -36.04
N GLU C 46 34.51 4.70 -36.63
CA GLU C 46 35.72 4.14 -36.06
C GLU C 46 36.05 4.81 -34.73
N ASP C 47 35.63 6.07 -34.56
CA ASP C 47 35.92 6.85 -33.37
C ASP C 47 34.81 6.81 -32.34
N CYS C 48 33.66 6.25 -32.68
CA CYS C 48 32.50 6.22 -31.81
C CYS C 48 32.73 5.36 -30.57
N VAL C 49 32.29 5.86 -29.41
CA VAL C 49 32.25 5.03 -28.21
C VAL C 49 30.90 4.38 -28.00
N GLY C 50 29.84 4.91 -28.61
CA GLY C 50 28.53 4.38 -28.36
C GLY C 50 27.86 4.94 -27.13
N CYS C 51 28.19 6.16 -26.74
CA CYS C 51 27.61 6.73 -25.53
C CYS C 51 26.19 7.22 -25.74
N LYS C 52 25.69 7.16 -26.97
CA LYS C 52 24.28 7.35 -27.30
C LYS C 52 23.77 8.74 -26.93
N ARG C 53 24.66 9.73 -26.90
CA ARG C 53 24.20 11.10 -26.77
C ARG C 53 23.51 11.59 -28.02
N CYS C 54 23.72 10.92 -29.15
CA CYS C 54 22.98 11.28 -30.36
C CYS C 54 21.49 10.99 -30.19
N GLU C 55 21.17 9.76 -29.82
CA GLU C 55 19.77 9.36 -29.75
C GLU C 55 19.12 9.70 -28.42
N THR C 56 19.81 10.38 -27.52
CA THR C 56 19.10 11.15 -26.50
C THR C 56 18.53 12.44 -27.07
N ALA C 57 19.01 12.88 -28.22
CA ALA C 57 18.75 14.20 -28.72
C ALA C 57 17.87 14.24 -29.96
N CYS C 58 17.63 13.09 -30.59
CA CYS C 58 16.76 13.07 -31.76
C CYS C 58 15.31 13.31 -31.35
N PRO C 59 14.60 14.20 -32.01
CA PRO C 59 13.23 14.51 -31.60
C PRO C 59 12.24 13.49 -32.11
N THR C 60 12.59 12.80 -33.19
CA THR C 60 11.64 11.96 -33.90
C THR C 60 11.29 10.74 -33.08
N ASP C 61 10.02 10.34 -33.15
CA ASP C 61 9.56 9.17 -32.43
C ASP C 61 10.18 7.94 -33.05
N PHE C 62 10.65 7.06 -32.19
CA PHE C 62 11.39 5.86 -32.53
C PHE C 62 12.62 6.25 -33.32
N LEU C 63 13.62 6.69 -32.56
CA LEU C 63 14.73 7.56 -32.89
C LEU C 63 15.32 7.31 -34.27
N SER C 64 15.64 8.39 -34.96
CA SER C 64 16.14 8.29 -36.33
C SER C 64 17.59 7.82 -36.35
N VAL C 65 18.45 8.48 -35.57
CA VAL C 65 19.79 7.94 -35.36
C VAL C 65 19.68 6.71 -34.48
N ARG C 66 20.64 5.81 -34.62
CA ARG C 66 20.54 4.53 -33.93
C ARG C 66 21.91 3.90 -33.82
N VAL C 67 22.30 3.52 -32.62
CA VAL C 67 23.65 3.06 -32.33
C VAL C 67 23.59 1.61 -31.90
N TYR C 68 24.38 0.76 -32.55
CA TYR C 68 24.43 -0.65 -32.27
C TYR C 68 25.82 -0.95 -31.71
N LEU C 69 25.85 -1.45 -30.48
CA LEU C 69 27.12 -1.64 -29.78
C LEU C 69 27.84 -2.86 -30.36
N GLY C 70 28.87 -2.62 -31.15
CA GLY C 70 29.64 -3.68 -31.78
C GLY C 70 30.89 -4.02 -31.00
N SER C 71 31.94 -4.38 -31.74
CA SER C 71 33.19 -4.82 -31.15
C SER C 71 34.08 -3.64 -30.80
N GLU C 72 34.66 -3.67 -29.61
CA GLU C 72 35.27 -2.51 -28.99
C GLU C 72 36.77 -2.51 -29.18
N SER C 73 37.28 -1.49 -29.87
CA SER C 73 38.71 -1.29 -30.00
C SER C 73 39.19 -0.35 -28.90
N THR C 74 40.42 0.11 -29.01
CA THR C 74 40.97 1.02 -28.00
C THR C 74 40.39 2.42 -28.09
N ARG C 75 39.71 2.75 -29.18
CA ARG C 75 39.01 4.02 -29.27
C ARG C 75 37.56 3.91 -28.85
N SER C 76 36.96 2.72 -28.97
CA SER C 76 35.57 2.55 -28.57
C SER C 76 35.42 2.40 -27.07
N MET C 77 36.45 1.96 -26.37
CA MET C 77 36.38 1.83 -24.91
C MET C 77 36.71 3.12 -24.19
N GLY C 78 37.04 4.19 -24.93
CA GLY C 78 37.38 5.47 -24.34
C GLY C 78 38.59 5.40 -23.44
N LEU C 79 39.76 5.16 -24.01
CA LEU C 79 40.95 4.90 -23.21
C LEU C 79 42.00 5.96 -23.47
N SER C 80 42.50 6.55 -22.40
CA SER C 80 43.75 7.30 -22.50
C SER C 80 44.96 6.40 -22.36
N TYR C 81 44.76 5.11 -22.10
CA TYR C 81 45.88 4.21 -21.91
C TYR C 81 45.84 3.01 -22.86
N ALA D 103 38.36 26.97 -51.44
CA ALA D 103 39.53 27.70 -50.98
C ALA D 103 40.25 26.94 -49.88
N TRP D 104 39.49 26.34 -48.98
CA TRP D 104 40.07 25.65 -47.84
C TRP D 104 40.59 24.27 -48.24
N THR D 105 41.77 23.93 -47.72
CA THR D 105 42.27 22.56 -47.75
C THR D 105 43.31 22.36 -46.64
N VAL D 106 43.06 21.37 -45.77
CA VAL D 106 44.02 20.54 -45.02
C VAL D 106 45.20 21.32 -44.45
N PRO D 107 45.04 22.05 -43.35
CA PRO D 107 46.19 22.74 -42.76
C PRO D 107 47.13 21.76 -42.11
N THR D 108 48.42 22.09 -42.16
CA THR D 108 49.44 21.29 -41.51
C THR D 108 49.77 21.90 -40.15
N LEU D 109 50.80 21.38 -39.51
CA LEU D 109 51.16 21.75 -38.15
C LEU D 109 52.64 22.04 -38.06
N ASN D 110 52.98 23.04 -37.26
CA ASN D 110 54.29 23.14 -36.67
C ASN D 110 54.18 23.00 -35.16
N PRO D 111 55.04 22.21 -34.53
CA PRO D 111 55.03 22.13 -33.06
C PRO D 111 55.66 23.33 -32.37
N ASP D 112 56.11 24.33 -33.14
CA ASP D 112 56.72 25.53 -32.60
C ASP D 112 55.74 26.39 -31.80
N THR D 113 54.44 26.26 -32.06
CA THR D 113 53.44 27.13 -31.47
C THR D 113 53.34 26.91 -29.96
N PRO D 114 53.18 27.98 -29.18
CA PRO D 114 53.34 27.86 -27.73
C PRO D 114 52.18 27.16 -27.06
N SER D 115 52.47 26.51 -25.95
CA SER D 115 51.45 25.86 -25.17
C SER D 115 50.73 26.90 -24.32
N PRO D 116 49.53 26.58 -23.82
CA PRO D 116 48.96 27.40 -22.75
C PRO D 116 49.79 27.28 -21.50
N ILE D 117 49.76 28.33 -20.67
CA ILE D 117 50.52 28.32 -19.44
C ILE D 117 49.78 27.45 -18.45
N PHE D 118 50.34 26.28 -18.17
CA PHE D 118 49.70 25.29 -17.33
C PHE D 118 50.81 24.54 -16.62
N GLY D 119 50.74 24.49 -15.30
CA GLY D 119 51.79 23.87 -14.52
C GLY D 119 51.80 22.36 -14.51
N GLY D 120 51.05 21.73 -15.40
CA GLY D 120 51.06 20.29 -15.52
C GLY D 120 50.15 19.61 -14.54
N SER D 121 49.37 18.65 -15.01
CA SER D 121 48.51 17.86 -14.15
C SER D 121 48.89 16.40 -14.28
N THR D 122 48.45 15.60 -13.31
CA THR D 122 48.61 14.16 -13.39
C THR D 122 47.56 13.52 -14.26
N GLY D 123 46.59 14.28 -14.77
CA GLY D 123 45.57 13.71 -15.63
C GLY D 123 45.91 13.77 -17.09
N GLY D 124 47.17 14.03 -17.42
CA GLY D 124 47.55 14.32 -18.80
C GLY D 124 47.71 13.11 -19.68
N LEU D 125 48.83 13.03 -20.39
CA LEU D 125 49.10 11.90 -21.27
C LEU D 125 49.44 10.66 -20.44
N LEU D 126 49.53 9.52 -21.13
CA LEU D 126 49.98 8.28 -20.52
C LEU D 126 50.95 7.61 -21.49
N ARG D 127 51.29 6.35 -21.22
CA ARG D 127 52.19 5.60 -22.08
C ARG D 127 51.58 5.22 -23.42
N LYS D 128 50.27 5.41 -23.56
CA LYS D 128 49.60 5.21 -24.84
C LYS D 128 50.05 6.23 -25.88
N ALA D 129 50.46 7.42 -25.42
CA ALA D 129 50.97 8.43 -26.34
C ALA D 129 52.28 8.02 -26.97
N GLN D 130 53.05 7.18 -26.30
CA GLN D 130 54.33 6.74 -26.82
C GLN D 130 54.22 5.48 -27.66
N THR D 131 53.09 4.79 -27.65
CA THR D 131 52.91 3.59 -28.46
C THR D 131 51.84 3.75 -29.52
N GLU D 132 50.61 4.12 -29.15
CA GLU D 132 49.51 4.05 -30.11
C GLU D 132 49.24 5.38 -30.82
N GLU D 133 48.82 6.41 -30.08
CA GLU D 133 48.42 7.69 -30.66
C GLU D 133 48.18 8.70 -29.55
N PHE D 134 48.29 9.97 -29.92
CA PHE D 134 47.96 11.08 -29.02
C PHE D 134 47.53 12.24 -29.90
N TYR D 135 46.58 13.03 -29.42
CA TYR D 135 45.84 13.94 -30.30
C TYR D 135 46.17 15.36 -29.87
N VAL D 136 46.69 16.15 -30.79
CA VAL D 136 47.08 17.52 -30.49
C VAL D 136 46.03 18.47 -31.01
N ILE D 137 45.88 19.62 -30.34
CA ILE D 137 44.81 20.57 -30.62
C ILE D 137 45.39 21.97 -30.72
N THR D 138 44.94 22.73 -31.72
CA THR D 138 45.40 24.08 -31.99
C THR D 138 44.23 25.03 -32.02
N TRP D 139 44.44 26.25 -31.55
CA TRP D 139 43.47 27.32 -31.77
C TRP D 139 44.20 28.65 -31.75
N GLU D 140 43.52 29.68 -32.26
CA GLU D 140 44.05 31.04 -32.33
C GLU D 140 43.26 31.89 -31.35
N ALA D 141 43.89 32.30 -30.27
CA ALA D 141 43.23 33.10 -29.25
C ALA D 141 43.46 34.57 -29.49
N LYS D 142 42.40 35.36 -29.35
CA LYS D 142 42.51 36.80 -29.49
C LYS D 142 43.17 37.43 -28.29
N LYS D 143 42.77 37.04 -27.09
CA LYS D 143 43.18 37.68 -25.87
C LYS D 143 43.54 36.65 -24.82
N GLU D 144 44.30 37.09 -23.83
CA GLU D 144 44.77 36.20 -22.78
C GLU D 144 43.68 36.01 -21.74
N GLN D 145 43.19 34.78 -21.59
CA GLN D 145 42.16 34.48 -20.60
C GLN D 145 42.33 33.04 -20.13
N ILE D 146 41.43 32.59 -19.27
CA ILE D 146 41.64 31.40 -18.45
C ILE D 146 40.55 30.39 -18.82
N PHE D 147 40.96 29.28 -19.41
CA PHE D 147 40.03 28.21 -19.73
C PHE D 147 40.26 27.03 -18.80
N GLU D 148 39.38 26.06 -18.88
CA GLU D 148 39.50 24.85 -18.08
C GLU D 148 40.12 23.74 -18.93
N MET D 149 41.12 23.07 -18.37
CA MET D 149 41.62 21.86 -18.99
C MET D 149 40.59 20.75 -18.85
N PRO D 150 40.34 19.98 -19.92
CA PRO D 150 39.48 18.80 -19.78
C PRO D 150 40.10 17.70 -18.95
N THR D 151 41.41 17.74 -18.73
CA THR D 151 42.08 16.82 -17.82
C THR D 151 42.27 17.42 -16.44
N GLY D 152 41.33 18.25 -16.00
CA GLY D 152 41.34 18.76 -14.64
C GLY D 152 42.24 19.96 -14.46
N GLY D 153 41.72 20.99 -13.82
CA GLY D 153 42.51 22.15 -13.53
C GLY D 153 42.08 23.38 -14.29
N ALA D 154 43.02 24.29 -14.54
CA ALA D 154 42.75 25.49 -15.32
C ALA D 154 44.06 25.94 -15.93
N ALA D 155 44.04 26.20 -17.24
CA ALA D 155 45.18 26.73 -17.96
C ALA D 155 44.79 28.07 -18.54
N ILE D 156 45.77 28.94 -18.73
CA ILE D 156 45.51 30.24 -19.34
C ILE D 156 46.03 30.23 -20.76
N MET D 157 45.21 30.71 -21.68
CA MET D 157 45.60 30.80 -23.08
C MET D 157 46.29 32.13 -23.32
N ARG D 158 47.17 32.15 -24.31
CA ARG D 158 47.89 33.36 -24.67
C ARG D 158 47.52 33.76 -26.08
N GLN D 159 47.85 35.00 -26.44
CA GLN D 159 47.46 35.55 -27.74
C GLN D 159 48.22 34.88 -28.86
N GLY D 160 47.51 34.59 -29.96
CA GLY D 160 48.09 33.90 -31.08
C GLY D 160 47.74 32.43 -31.06
N PRO D 161 48.60 31.59 -31.64
CA PRO D 161 48.34 30.15 -31.62
C PRO D 161 48.59 29.55 -30.25
N ASN D 162 47.87 28.46 -29.97
CA ASN D 162 48.01 27.72 -28.71
C ASN D 162 47.99 26.23 -29.02
N LEU D 163 49.01 25.52 -28.59
CA LEU D 163 49.17 24.10 -28.89
C LEU D 163 49.01 23.28 -27.63
N LEU D 164 48.16 22.28 -27.69
CA LEU D 164 47.91 21.44 -26.53
C LEU D 164 47.72 20.01 -27.02
N LYS D 165 47.96 19.05 -26.13
CA LYS D 165 47.96 17.64 -26.53
C LYS D 165 47.22 16.79 -25.52
N PHE D 166 46.49 15.80 -26.03
CA PHE D 166 45.67 14.91 -25.21
C PHE D 166 45.83 13.48 -25.69
N GLY D 167 45.12 12.56 -25.04
CA GLY D 167 45.22 11.15 -25.36
C GLY D 167 43.96 10.54 -25.89
N LYS D 168 42.86 11.29 -25.90
CA LYS D 168 41.58 10.80 -26.38
C LYS D 168 41.02 11.77 -27.41
N LYS D 169 39.97 11.34 -28.11
CA LYS D 169 39.31 12.26 -29.03
C LYS D 169 38.29 13.10 -28.32
N GLU D 170 37.66 12.54 -27.28
CA GLU D 170 36.69 13.32 -26.55
C GLU D 170 37.37 14.38 -25.71
N GLN D 171 38.62 14.13 -25.29
CA GLN D 171 39.35 15.14 -24.54
C GLN D 171 39.69 16.36 -25.37
N CYS D 172 39.77 16.20 -26.69
CA CYS D 172 39.95 17.37 -27.53
C CYS D 172 38.62 18.02 -27.89
N LEU D 173 37.60 17.22 -28.18
CA LEU D 173 36.33 17.82 -28.59
C LEU D 173 35.56 18.35 -27.39
N ALA D 174 35.80 17.82 -26.19
CA ALA D 174 35.29 18.52 -25.02
C ALA D 174 36.17 19.70 -24.62
N LEU D 175 37.25 19.96 -25.33
CA LEU D 175 37.93 21.24 -25.20
C LEU D 175 37.40 22.25 -26.19
N THR D 176 37.18 21.86 -27.46
CA THR D 176 36.66 22.81 -28.44
C THR D 176 35.23 23.22 -28.12
N THR D 177 34.49 22.35 -27.41
CA THR D 177 33.11 22.65 -27.06
C THR D 177 33.03 23.85 -26.12
N GLN D 178 34.00 23.96 -25.22
CA GLN D 178 34.05 25.15 -24.38
C GLN D 178 34.93 26.24 -24.96
N LEU D 179 35.61 25.99 -26.06
CA LEU D 179 36.33 27.06 -26.75
C LEU D 179 35.51 27.69 -27.85
N ARG D 180 34.51 26.98 -28.38
CA ARG D 180 33.64 27.54 -29.41
C ARG D 180 32.40 28.17 -28.82
N ASN D 181 31.80 27.54 -27.81
CA ASN D 181 30.56 28.05 -27.27
C ASN D 181 30.80 29.21 -26.32
N LYS D 182 31.83 29.13 -25.49
CA LYS D 182 32.09 30.19 -24.54
C LYS D 182 32.80 31.37 -25.19
N PHE D 183 33.85 31.09 -25.96
CA PHE D 183 34.82 32.09 -26.35
C PHE D 183 34.80 32.41 -27.84
N LYS D 184 34.02 31.67 -28.62
CA LYS D 184 33.81 31.88 -30.06
C LYS D 184 35.10 31.81 -30.86
N LEU D 185 36.01 30.93 -30.45
CA LEU D 185 37.20 30.64 -31.21
C LEU D 185 36.91 29.55 -32.23
N THR D 186 37.86 29.32 -33.14
CA THR D 186 37.73 28.28 -34.16
C THR D 186 38.94 27.35 -34.09
N PRO D 187 38.89 26.31 -33.26
CA PRO D 187 39.99 25.36 -33.18
C PRO D 187 39.87 24.22 -34.18
N CYS D 188 40.90 23.37 -34.18
CA CYS D 188 40.93 22.12 -34.94
C CYS D 188 41.98 21.23 -34.30
N PHE D 189 41.67 19.95 -34.13
CA PHE D 189 42.62 19.04 -33.51
C PHE D 189 43.02 17.93 -34.45
N TYR D 190 44.23 17.42 -34.26
CA TYR D 190 44.82 16.45 -35.18
C TYR D 190 45.03 15.13 -34.44
N ARG D 191 45.68 14.19 -35.11
CA ARG D 191 45.99 12.89 -34.55
C ARG D 191 47.41 12.53 -34.88
N VAL D 192 48.26 12.38 -33.88
CA VAL D 192 49.67 12.12 -34.10
C VAL D 192 49.98 10.71 -33.64
N PHE D 193 50.57 9.97 -34.47
CA PHE D 193 51.12 8.63 -34.39
C PHE D 193 52.61 8.70 -34.04
N PRO D 194 53.16 7.71 -33.34
CA PRO D 194 54.57 7.77 -32.94
C PRO D 194 55.56 7.50 -34.06
N ASP D 195 55.13 7.31 -35.30
CA ASP D 195 56.04 7.37 -36.43
C ASP D 195 56.08 8.75 -37.06
N GLY D 196 55.51 9.76 -36.39
CA GLY D 196 55.50 11.10 -36.89
C GLY D 196 54.34 11.43 -37.81
N LYS D 197 53.52 10.46 -38.19
CA LYS D 197 52.41 10.71 -39.09
C LYS D 197 51.33 11.50 -38.36
N VAL D 198 50.66 12.39 -39.09
CA VAL D 198 49.64 13.25 -38.51
C VAL D 198 48.40 13.19 -39.38
N GLN D 199 47.23 13.27 -38.76
CA GLN D 199 45.95 13.17 -39.44
C GLN D 199 45.03 14.29 -38.99
N TYR D 200 44.35 14.92 -39.93
CA TYR D 200 43.45 16.02 -39.65
C TYR D 200 42.05 15.51 -39.37
N LEU D 201 41.45 15.95 -38.26
CA LEU D 201 40.21 15.32 -37.81
C LEU D 201 38.98 16.22 -37.81
N HIS D 202 38.94 17.33 -37.05
CA HIS D 202 37.59 17.75 -36.68
C HIS D 202 36.82 18.60 -37.72
N PRO D 203 37.33 19.73 -38.27
CA PRO D 203 36.61 20.31 -39.40
C PRO D 203 37.04 19.65 -40.70
N ALA D 204 36.73 18.35 -40.83
CA ALA D 204 37.33 17.46 -41.83
C ALA D 204 37.03 17.89 -43.26
N ASP D 205 36.04 18.73 -43.47
CA ASP D 205 35.86 19.42 -44.74
C ASP D 205 35.78 20.93 -44.56
N GLY D 206 36.37 21.44 -43.48
CA GLY D 206 36.42 22.87 -43.27
C GLY D 206 35.25 23.35 -42.43
N VAL D 207 34.04 23.11 -42.91
CA VAL D 207 32.85 23.51 -42.17
C VAL D 207 32.65 22.57 -41.00
N TYR D 208 32.25 23.11 -39.86
CA TYR D 208 31.93 22.30 -38.69
C TYR D 208 30.74 21.39 -39.01
N PRO D 209 30.70 20.19 -38.40
CA PRO D 209 29.74 19.18 -38.86
C PRO D 209 28.28 19.46 -38.55
N GLU D 210 27.95 20.52 -37.81
CA GLU D 210 26.55 20.82 -37.64
C GLU D 210 25.94 21.52 -38.86
N LYS D 211 26.76 22.10 -39.73
CA LYS D 211 26.26 22.85 -40.87
C LYS D 211 26.65 22.13 -42.15
N VAL D 212 25.77 22.23 -43.14
CA VAL D 212 25.90 21.49 -44.40
C VAL D 212 27.04 22.05 -45.23
N ASN D 213 27.86 21.15 -45.79
CA ASN D 213 28.93 21.57 -46.69
C ASN D 213 28.60 21.36 -48.17
N ALA D 214 27.62 20.51 -48.49
CA ALA D 214 27.14 20.25 -49.85
C ALA D 214 28.29 19.75 -50.75
N GLY D 215 28.70 18.53 -50.46
CA GLY D 215 29.93 17.99 -51.03
C GLY D 215 30.61 16.99 -50.12
N ARG D 216 30.09 16.83 -48.90
CA ARG D 216 30.44 15.68 -48.09
C ARG D 216 29.47 14.53 -48.36
N VAL D 217 29.96 13.31 -48.24
CA VAL D 217 29.28 12.12 -48.72
C VAL D 217 28.53 11.47 -47.57
N GLY D 218 27.27 11.10 -47.81
CA GLY D 218 26.39 10.58 -46.78
C GLY D 218 26.56 9.10 -46.48
N ALA D 219 27.61 8.76 -45.72
CA ALA D 219 27.83 7.37 -45.36
C ALA D 219 26.94 6.97 -44.19
N ASN D 220 26.77 5.65 -44.03
CA ASN D 220 26.10 5.02 -42.89
C ASN D 220 24.67 5.48 -42.73
N GLN D 221 23.90 5.36 -43.80
CA GLN D 221 22.50 5.75 -43.82
C GLN D 221 21.66 4.61 -44.33
N ASN D 222 20.40 4.60 -43.95
CA ASN D 222 19.45 3.61 -44.43
C ASN D 222 18.28 4.33 -45.08
N MET D 223 18.04 4.04 -46.35
CA MET D 223 16.93 4.65 -47.08
C MET D 223 15.63 3.87 -46.82
N ARG D 224 15.28 3.81 -45.54
CA ARG D 224 14.21 2.98 -45.02
C ARG D 224 14.04 3.40 -43.57
N ARG D 225 12.97 2.93 -42.96
CA ARG D 225 12.64 3.33 -41.61
C ARG D 225 13.13 2.28 -40.63
N ILE D 226 13.47 2.75 -39.42
CA ILE D 226 14.01 1.88 -38.37
C ILE D 226 13.01 0.82 -37.96
N GLY D 227 11.71 1.11 -38.06
CA GLY D 227 10.72 0.09 -37.87
C GLY D 227 10.57 -0.90 -39.01
N GLN D 228 11.36 -0.76 -40.07
CA GLN D 228 11.34 -1.68 -41.20
C GLN D 228 12.62 -2.49 -41.30
N ASN D 229 13.22 -2.83 -40.16
CA ASN D 229 14.31 -3.79 -40.17
C ASN D 229 13.77 -5.19 -40.39
N VAL D 230 14.65 -6.09 -40.83
CA VAL D 230 14.30 -7.49 -40.96
C VAL D 230 14.42 -8.16 -39.60
N ASN D 231 13.92 -9.38 -39.51
CA ASN D 231 14.00 -10.16 -38.29
C ASN D 231 15.38 -10.82 -38.19
N PRO D 232 15.84 -11.14 -36.98
CA PRO D 232 17.16 -11.76 -36.84
C PRO D 232 17.24 -13.19 -37.38
N ILE D 233 16.12 -13.82 -37.69
CA ILE D 233 16.15 -15.14 -38.32
C ILE D 233 16.69 -15.04 -39.74
N LYS D 234 16.55 -13.88 -40.38
CA LYS D 234 17.03 -13.71 -41.74
C LYS D 234 18.53 -13.43 -41.78
N VAL D 235 19.06 -12.72 -40.79
CA VAL D 235 20.48 -12.40 -40.78
C VAL D 235 21.29 -13.42 -39.97
N LYS D 236 20.66 -14.52 -39.56
CA LYS D 236 21.40 -15.54 -38.84
C LYS D 236 22.32 -16.29 -39.81
N PHE D 237 23.49 -16.69 -39.28
CA PHE D 237 24.57 -17.35 -40.02
C PHE D 237 25.10 -16.43 -41.11
N SER D 238 25.45 -15.21 -40.70
CA SER D 238 26.05 -14.21 -41.57
C SER D 238 27.56 -14.15 -41.39
N GLY D 239 28.18 -15.30 -41.17
CA GLY D 239 29.59 -15.33 -40.85
C GLY D 239 29.80 -15.05 -39.38
N ARG D 240 29.69 -13.78 -38.99
CA ARG D 240 29.78 -13.37 -37.60
C ARG D 240 28.39 -13.04 -37.08
N MET D 241 28.30 -12.69 -35.80
CA MET D 241 27.03 -12.24 -35.27
C MET D 241 26.76 -10.83 -35.79
N MET D 242 25.55 -10.60 -36.22
CA MET D 242 25.27 -9.44 -37.05
C MET D 242 23.91 -8.88 -36.68
N SER D 243 23.85 -7.57 -36.50
CA SER D 243 22.59 -6.92 -36.23
C SER D 243 21.74 -6.93 -37.48
N PRO D 244 20.41 -7.04 -37.33
CA PRO D 244 19.53 -6.99 -38.50
C PRO D 244 19.50 -5.65 -39.19
N ALA D 245 19.98 -4.58 -38.56
CA ALA D 245 20.20 -3.32 -39.24
C ALA D 245 21.53 -3.25 -39.97
N GLU D 246 22.31 -4.33 -39.92
CA GLU D 246 23.45 -4.59 -40.80
C GLU D 246 24.58 -3.59 -40.65
N LYS E 79 -3.43 18.16 -56.20
CA LYS E 79 -4.19 18.92 -55.23
C LYS E 79 -3.46 19.00 -53.89
N GLU E 80 -4.22 19.20 -52.82
CA GLU E 80 -3.68 19.30 -51.46
C GLU E 80 -3.73 17.92 -50.83
N VAL E 81 -2.62 17.20 -50.89
CA VAL E 81 -2.58 15.84 -50.38
C VAL E 81 -2.52 15.89 -48.86
N GLY E 82 -3.06 14.86 -48.21
CA GLY E 82 -3.14 14.80 -46.77
C GLY E 82 -4.45 15.34 -46.25
N PRO E 83 -4.70 15.18 -44.95
CA PRO E 83 -5.93 15.73 -44.36
C PRO E 83 -5.90 17.24 -44.22
N LYS E 84 -6.93 17.81 -43.62
CA LYS E 84 -7.01 19.25 -43.49
C LYS E 84 -6.10 19.74 -42.36
N ARG E 85 -6.18 21.02 -42.03
CA ARG E 85 -5.15 21.66 -41.23
C ARG E 85 -5.22 21.25 -39.76
N GLY E 86 -6.41 21.01 -39.23
CA GLY E 86 -6.53 20.74 -37.80
C GLY E 86 -7.43 19.59 -37.43
N SER E 87 -7.52 18.59 -38.29
CA SER E 87 -8.43 17.50 -38.05
C SER E 87 -7.84 16.50 -37.06
N LEU E 88 -8.74 15.75 -36.41
CA LEU E 88 -8.32 14.61 -35.61
C LEU E 88 -7.93 13.46 -36.54
N VAL E 89 -7.12 12.55 -36.01
CA VAL E 89 -6.45 11.58 -36.85
C VAL E 89 -6.04 10.40 -35.99
N LYS E 90 -5.75 9.26 -36.62
CA LYS E 90 -5.29 8.07 -35.91
C LYS E 90 -4.00 7.56 -36.55
N ILE E 91 -3.01 7.28 -35.72
CA ILE E 91 -1.69 6.89 -36.18
C ILE E 91 -1.63 5.38 -36.31
N LEU E 92 -1.14 4.90 -37.45
CA LEU E 92 -1.05 3.47 -37.70
C LEU E 92 0.37 2.97 -37.86
N ARG E 93 1.37 3.75 -37.47
CA ARG E 93 2.75 3.27 -37.53
C ARG E 93 3.03 2.38 -36.32
N PRO E 94 3.34 1.10 -36.50
CA PRO E 94 3.35 0.17 -35.37
C PRO E 94 4.54 0.34 -34.45
N GLU E 95 5.59 1.00 -34.92
CA GLU E 95 6.74 1.28 -34.09
C GLU E 95 6.69 2.65 -33.42
N SER E 96 5.73 3.50 -33.79
CA SER E 96 5.61 4.79 -33.13
C SER E 96 5.07 4.62 -31.72
N TYR E 97 5.37 5.60 -30.86
CA TYR E 97 4.84 5.56 -29.51
C TYR E 97 3.34 5.81 -29.48
N TRP E 98 2.78 6.49 -30.48
CA TRP E 98 1.36 6.77 -30.48
C TRP E 98 0.60 5.85 -31.42
N PHE E 99 0.98 4.59 -31.51
CA PHE E 99 0.25 3.65 -32.35
C PHE E 99 -1.13 3.38 -31.78
N ASN E 100 -2.11 3.32 -32.69
CA ASN E 100 -3.54 3.23 -32.38
C ASN E 100 -4.03 4.39 -31.52
N GLN E 101 -3.41 5.54 -31.61
CA GLN E 101 -3.72 6.61 -30.68
C GLN E 101 -4.02 7.88 -31.45
N VAL E 102 -4.88 8.71 -30.88
CA VAL E 102 -5.52 9.80 -31.61
C VAL E 102 -4.83 11.12 -31.27
N GLY E 103 -4.53 11.91 -32.30
CA GLY E 103 -3.99 13.24 -32.13
C GLY E 103 -4.48 14.20 -33.19
N LYS E 104 -3.95 15.42 -33.21
CA LYS E 104 -4.37 16.44 -34.16
C LYS E 104 -3.28 16.63 -35.21
N VAL E 105 -3.68 16.61 -36.48
CA VAL E 105 -2.82 17.11 -37.53
C VAL E 105 -2.65 18.61 -37.33
N VAL E 106 -1.43 19.11 -37.45
CA VAL E 106 -1.21 20.55 -37.38
C VAL E 106 -0.87 21.16 -38.73
N SER E 107 -0.29 20.41 -39.65
CA SER E 107 0.09 20.87 -40.99
C SER E 107 0.48 19.66 -41.81
N VAL E 108 0.25 19.74 -43.11
CA VAL E 108 0.72 18.73 -44.06
C VAL E 108 1.59 19.45 -45.08
N ASP E 109 2.85 19.05 -45.17
CA ASP E 109 3.78 19.70 -46.08
C ASP E 109 3.50 19.25 -47.50
N GLN E 110 3.35 20.21 -48.41
CA GLN E 110 3.00 19.93 -49.79
C GLN E 110 4.27 19.95 -50.64
N SER E 111 5.03 18.86 -50.54
CA SER E 111 6.25 18.70 -51.32
C SER E 111 6.53 17.20 -51.42
N GLY E 112 7.69 16.85 -51.96
CA GLY E 112 8.07 15.46 -52.10
C GLY E 112 8.74 14.86 -50.88
N VAL E 113 8.39 15.36 -49.70
CA VAL E 113 8.92 14.85 -48.44
C VAL E 113 8.31 13.48 -48.18
N ARG E 114 9.12 12.56 -47.65
CA ARG E 114 8.62 11.21 -47.35
C ARG E 114 7.56 11.22 -46.27
N TYR E 115 7.73 12.05 -45.24
CA TYR E 115 6.84 12.07 -44.08
C TYR E 115 6.33 13.48 -43.87
N PRO E 116 5.27 13.88 -44.57
CA PRO E 116 4.85 15.28 -44.51
C PRO E 116 3.95 15.62 -43.33
N VAL E 117 3.14 14.65 -42.90
CA VAL E 117 2.03 14.93 -42.01
C VAL E 117 2.54 15.10 -40.59
N VAL E 118 2.37 16.30 -40.04
CA VAL E 118 2.87 16.62 -38.71
C VAL E 118 1.70 16.51 -37.75
N VAL E 119 1.83 15.68 -36.72
CA VAL E 119 0.75 15.42 -35.78
C VAL E 119 1.21 15.83 -34.39
N ARG E 120 0.38 16.59 -33.68
CA ARG E 120 0.64 16.97 -32.30
C ARG E 120 -0.24 16.12 -31.39
N PHE E 121 0.29 15.74 -30.23
CA PHE E 121 -0.41 14.91 -29.28
C PHE E 121 -0.48 15.61 -27.92
N GLU E 122 -1.39 15.13 -27.07
CA GLU E 122 -1.36 15.43 -25.65
C GLU E 122 -0.48 14.43 -24.90
N ASN E 123 -0.56 13.18 -25.29
CA ASN E 123 0.31 12.12 -24.80
C ASN E 123 1.73 12.41 -25.27
N GLN E 124 2.59 12.85 -24.35
CA GLN E 124 3.99 13.03 -24.71
C GLN E 124 4.71 11.71 -24.56
N ASN E 125 5.77 11.54 -25.34
CA ASN E 125 6.48 10.27 -25.39
C ASN E 125 7.46 10.18 -24.24
N TYR E 126 8.37 9.22 -24.33
CA TYR E 126 9.39 9.07 -23.31
C TYR E 126 10.49 10.11 -23.41
N ALA E 127 10.55 10.88 -24.49
CA ALA E 127 11.49 11.97 -24.60
C ALA E 127 10.83 13.33 -24.39
N GLY E 128 9.54 13.36 -24.07
CA GLY E 128 8.85 14.61 -23.88
C GLY E 128 8.51 15.34 -25.14
N VAL E 129 8.64 14.69 -26.30
CA VAL E 129 8.39 15.30 -27.59
C VAL E 129 6.97 14.98 -28.00
N THR E 130 6.14 16.00 -28.16
CA THR E 130 4.72 15.79 -28.41
C THR E 130 4.36 15.82 -29.88
N THR E 131 5.34 15.83 -30.79
CA THR E 131 5.02 15.90 -32.21
C THR E 131 5.96 15.02 -33.02
N ASN E 132 5.49 14.65 -34.22
CA ASN E 132 6.25 13.77 -35.09
C ASN E 132 5.74 13.93 -36.53
N ASN E 133 6.60 13.62 -37.49
CA ASN E 133 6.21 13.53 -38.88
C ASN E 133 5.79 12.12 -39.22
N TYR E 134 4.72 11.99 -39.99
CA TYR E 134 4.27 10.69 -40.45
C TYR E 134 4.00 10.75 -41.95
N ALA E 135 3.91 9.57 -42.56
CA ALA E 135 3.68 9.48 -43.98
C ALA E 135 2.18 9.58 -44.28
N LEU E 136 1.83 9.52 -45.56
CA LEU E 136 0.44 9.63 -45.96
C LEU E 136 -0.35 8.37 -45.65
N ASP E 137 0.30 7.22 -45.67
CA ASP E 137 -0.36 5.92 -45.57
C ASP E 137 -0.41 5.35 -44.17
N GLU E 138 0.38 5.88 -43.24
CA GLU E 138 0.38 5.43 -41.86
C GLU E 138 -0.63 6.19 -41.01
N VAL E 139 -1.55 6.89 -41.67
CA VAL E 139 -2.33 7.97 -41.08
C VAL E 139 -3.75 7.84 -41.61
N VAL E 140 -4.71 7.71 -40.70
CA VAL E 140 -6.11 7.47 -41.07
C VAL E 140 -6.97 8.43 -40.28
N ALA E 141 -8.06 8.87 -40.90
CA ALA E 141 -8.91 9.89 -40.31
C ALA E 141 -9.71 9.33 -39.15
N ALA E 142 -10.27 10.25 -38.35
CA ALA E 142 -11.00 9.99 -37.10
C ALA E 142 -10.22 9.11 -36.13
N ASP F 63 -16.45 -29.11 14.48
CA ASP F 63 -15.79 -30.29 13.91
C ASP F 63 -16.11 -30.42 12.44
N ILE F 64 -15.38 -29.71 11.60
CA ILE F 64 -15.48 -29.84 10.15
C ILE F 64 -14.28 -30.56 9.57
N ALA F 65 -13.09 -29.98 9.72
CA ALA F 65 -11.87 -30.60 9.19
C ALA F 65 -10.94 -30.84 10.37
N GLY F 66 -11.18 -31.93 11.09
CA GLY F 66 -10.43 -32.26 12.29
C GLY F 66 -10.51 -31.27 13.43
N LEU F 67 -11.44 -30.33 13.36
CA LEU F 67 -11.51 -29.21 14.27
C LEU F 67 -12.49 -29.49 15.39
N THR F 68 -12.82 -28.44 16.14
CA THR F 68 -13.73 -28.49 17.27
C THR F 68 -14.25 -27.09 17.53
N PRO F 69 -15.44 -26.94 18.10
CA PRO F 69 -15.89 -25.60 18.51
C PRO F 69 -15.02 -25.05 19.63
N CYS F 70 -14.73 -23.75 19.55
CA CYS F 70 -13.92 -23.11 20.59
C CYS F 70 -14.65 -23.02 21.92
N SER F 71 -15.99 -23.03 21.89
CA SER F 71 -16.74 -23.21 23.13
C SER F 71 -16.62 -24.62 23.68
N GLU F 72 -16.13 -25.57 22.90
CA GLU F 72 -15.98 -26.94 23.35
C GLU F 72 -14.54 -27.37 23.58
N SER F 73 -13.57 -26.73 22.94
CA SER F 73 -12.19 -27.14 23.17
C SER F 73 -11.68 -26.59 24.49
N LYS F 74 -10.60 -27.18 24.96
CA LYS F 74 -10.05 -26.84 26.26
C LYS F 74 -8.72 -26.10 26.20
N ALA F 75 -7.95 -26.26 25.14
CA ALA F 75 -6.75 -25.46 24.99
C ALA F 75 -7.08 -24.00 24.69
N TYR F 76 -8.26 -23.76 24.11
CA TYR F 76 -8.77 -22.41 23.99
C TYR F 76 -9.03 -21.79 25.35
N ALA F 77 -9.77 -22.50 26.20
CA ALA F 77 -10.04 -22.03 27.56
C ALA F 77 -8.77 -22.01 28.40
N LYS F 78 -7.81 -22.88 28.09
CA LYS F 78 -6.53 -22.84 28.80
C LYS F 78 -5.74 -21.60 28.41
N LEU F 79 -5.84 -21.17 27.16
CA LEU F 79 -5.10 -19.99 26.73
C LEU F 79 -5.79 -18.71 27.20
N GLU F 80 -7.12 -18.73 27.32
CA GLU F 80 -7.84 -17.63 27.95
C GLU F 80 -7.42 -17.46 29.39
N LYS F 81 -7.30 -18.57 30.12
CA LYS F 81 -6.83 -18.50 31.49
C LYS F 81 -5.34 -18.20 31.55
N LYS F 82 -4.62 -18.44 30.46
CA LYS F 82 -3.21 -18.06 30.41
C LYS F 82 -3.07 -16.54 30.30
N GLU F 83 -3.89 -15.91 29.48
CA GLU F 83 -3.80 -14.47 29.28
C GLU F 83 -4.28 -13.71 30.52
N LEU F 84 -5.38 -14.15 31.11
CA LEU F 84 -5.92 -13.47 32.29
C LEU F 84 -5.02 -13.66 33.50
N LYS F 85 -4.23 -14.72 33.51
CA LYS F 85 -3.18 -14.87 34.51
C LYS F 85 -2.11 -13.82 34.33
N THR F 86 -1.71 -13.55 33.09
CA THR F 86 -0.64 -12.58 32.82
C THR F 86 -1.10 -11.17 33.10
N LEU F 87 -2.39 -10.89 32.87
CA LEU F 87 -2.91 -9.57 33.16
C LEU F 87 -3.04 -9.34 34.66
N GLU F 88 -3.42 -10.37 35.41
CA GLU F 88 -3.64 -10.18 36.84
C GLU F 88 -2.33 -10.08 37.60
N LYS F 89 -1.31 -10.85 37.22
CA LYS F 89 -0.01 -10.71 37.84
C LYS F 89 0.67 -9.41 37.42
N ARG F 90 0.20 -8.78 36.35
CA ARG F 90 0.56 -7.41 36.02
C ARG F 90 -0.30 -6.42 36.78
N LEU F 91 -1.53 -6.81 37.13
CA LEU F 91 -2.45 -5.92 37.85
C LEU F 91 -2.04 -5.74 39.30
N LYS F 92 -1.32 -6.71 39.87
CA LYS F 92 -1.03 -6.74 41.30
C LYS F 92 -0.11 -5.62 41.77
N GLN F 93 0.56 -4.92 40.87
CA GLN F 93 1.53 -3.91 41.25
C GLN F 93 0.91 -2.55 41.51
N TYR F 94 -0.41 -2.43 41.50
CA TYR F 94 -1.05 -1.13 41.54
C TYR F 94 -2.20 -1.12 42.53
N GLU F 95 -2.51 0.09 43.01
CA GLU F 95 -3.65 0.29 43.89
C GLU F 95 -4.94 0.10 43.12
N ALA F 96 -5.99 -0.30 43.84
CA ALA F 96 -7.27 -0.61 43.20
C ALA F 96 -8.00 0.63 42.71
N ASP F 97 -7.57 1.82 43.10
CA ASP F 97 -8.12 3.06 42.56
C ASP F 97 -7.31 3.60 41.40
N SER F 98 -6.07 3.13 41.22
CA SER F 98 -5.13 3.76 40.30
C SER F 98 -5.49 3.47 38.85
N ALA F 99 -5.36 4.49 38.01
CA ALA F 99 -5.62 4.34 36.58
C ALA F 99 -4.71 3.34 35.85
N PRO F 100 -3.45 3.09 36.24
CA PRO F 100 -2.76 1.89 35.72
C PRO F 100 -3.37 0.57 36.15
N ALA F 101 -4.28 0.54 37.11
CA ALA F 101 -5.06 -0.66 37.39
C ALA F 101 -6.47 -0.60 36.80
N VAL F 102 -7.03 0.60 36.67
CA VAL F 102 -8.30 0.77 35.97
C VAL F 102 -8.14 0.40 34.51
N ALA F 103 -6.97 0.71 33.92
CA ALA F 103 -6.71 0.37 32.54
C ALA F 103 -6.60 -1.14 32.34
N LEU F 104 -5.94 -1.82 33.28
CA LEU F 104 -5.75 -3.27 33.12
C LEU F 104 -7.03 -4.04 33.36
N LYS F 105 -7.89 -3.59 34.28
CA LYS F 105 -9.17 -4.25 34.45
C LYS F 105 -10.10 -3.97 33.28
N ALA F 106 -9.92 -2.84 32.61
CA ALA F 106 -10.66 -2.60 31.38
C ALA F 106 -10.09 -3.41 30.23
N THR F 107 -8.82 -3.75 30.29
CA THR F 107 -8.23 -4.65 29.31
C THR F 107 -8.80 -6.05 29.46
N MET F 108 -8.99 -6.49 30.71
CA MET F 108 -9.55 -7.82 30.96
C MET F 108 -10.99 -7.91 30.48
N GLU F 109 -11.79 -6.89 30.72
CA GLU F 109 -13.18 -6.95 30.31
C GLU F 109 -13.34 -6.77 28.81
N ARG F 110 -12.34 -6.22 28.13
CA ARG F 110 -12.29 -6.36 26.68
C ARG F 110 -11.79 -7.73 26.29
N THR F 111 -10.95 -8.34 27.13
CA THR F 111 -10.40 -9.64 26.81
C THR F 111 -11.42 -10.75 27.04
N LYS F 112 -12.08 -10.73 28.19
CA LYS F 112 -13.00 -11.81 28.54
C LYS F 112 -14.25 -11.77 27.68
N ALA F 113 -14.67 -10.58 27.25
CA ALA F 113 -15.76 -10.48 26.31
C ALA F 113 -15.35 -10.95 24.93
N ARG F 114 -14.06 -10.84 24.60
CA ARG F 114 -13.57 -11.28 23.31
C ARG F 114 -13.61 -12.80 23.20
N PHE F 115 -13.24 -13.49 24.27
CA PHE F 115 -13.36 -14.95 24.28
C PHE F 115 -14.82 -15.38 24.32
N ALA F 116 -15.66 -14.61 25.02
CA ALA F 116 -17.08 -14.93 25.05
C ALA F 116 -17.71 -14.75 23.68
N ASN F 117 -17.26 -13.76 22.92
CA ASN F 117 -17.85 -13.49 21.63
C ASN F 117 -17.33 -14.43 20.56
N TYR F 118 -16.12 -14.96 20.72
CA TYR F 118 -15.64 -15.91 19.72
C TYR F 118 -16.29 -17.26 19.90
N ALA F 119 -16.57 -17.65 21.14
CA ALA F 119 -17.31 -18.87 21.40
C ALA F 119 -18.78 -18.69 21.06
N LYS F 120 -19.29 -17.47 21.14
CA LYS F 120 -20.69 -17.20 20.79
C LYS F 120 -20.92 -17.40 19.30
N ALA F 121 -19.98 -16.97 18.47
CA ALA F 121 -20.13 -17.12 17.03
C ALA F 121 -19.85 -18.53 16.55
N GLY F 122 -19.40 -19.42 17.42
CA GLY F 122 -19.11 -20.78 17.01
C GLY F 122 -17.86 -20.91 16.17
N LEU F 123 -16.82 -20.16 16.52
CA LEU F 123 -15.54 -20.29 15.82
C LEU F 123 -14.91 -21.63 16.12
N LEU F 124 -14.16 -22.14 15.15
CA LEU F 124 -13.59 -23.46 15.22
C LEU F 124 -12.17 -23.39 15.76
N CYS F 125 -11.91 -24.10 16.84
CA CYS F 125 -10.57 -24.30 17.35
C CYS F 125 -10.01 -25.62 16.85
N GLY F 126 -8.74 -25.84 17.15
CA GLY F 126 -8.09 -27.04 16.69
C GLY F 126 -7.17 -27.65 17.71
N ASN F 127 -5.98 -28.04 17.28
CA ASN F 127 -5.01 -28.61 18.20
C ASN F 127 -4.36 -27.55 19.07
N ASP F 128 -4.39 -26.28 18.65
CA ASP F 128 -3.73 -25.22 19.37
C ASP F 128 -4.70 -24.31 20.10
N GLY F 129 -6.00 -24.52 19.96
CA GLY F 129 -6.97 -23.72 20.68
C GLY F 129 -7.08 -22.30 20.18
N LEU F 130 -7.04 -22.11 18.86
CA LEU F 130 -7.14 -20.81 18.25
C LEU F 130 -8.28 -20.82 17.23
N PRO F 131 -8.95 -19.69 17.03
CA PRO F 131 -10.06 -19.68 16.06
C PRO F 131 -9.63 -19.86 14.62
N HIS F 132 -9.99 -21.00 14.04
CA HIS F 132 -9.64 -21.33 12.67
C HIS F 132 -10.78 -20.97 11.74
N LEU F 133 -10.44 -20.45 10.56
CA LEU F 133 -11.44 -19.96 9.63
C LEU F 133 -11.66 -20.98 8.52
N ILE F 134 -12.87 -21.01 7.98
CA ILE F 134 -13.23 -21.92 6.91
C ILE F 134 -13.63 -21.07 5.71
N ALA F 135 -12.74 -20.96 4.73
CA ALA F 135 -12.96 -20.13 3.55
C ALA F 135 -13.50 -20.94 2.37
N ASP F 136 -14.55 -21.71 2.60
CA ASP F 136 -15.22 -22.36 1.49
C ASP F 136 -16.72 -22.30 1.65
N PRO F 137 -17.42 -21.73 0.68
CA PRO F 137 -18.89 -21.80 0.70
C PRO F 137 -19.30 -23.22 0.39
N GLY F 138 -20.34 -23.67 1.07
CA GLY F 138 -20.72 -25.06 1.04
C GLY F 138 -20.20 -25.85 2.22
N LEU F 139 -19.13 -25.38 2.84
CA LEU F 139 -18.75 -25.84 4.16
C LEU F 139 -18.91 -24.76 5.21
N ALA F 140 -19.10 -23.51 4.80
CA ALA F 140 -19.47 -22.43 5.70
C ALA F 140 -20.95 -22.11 5.65
N LEU F 141 -21.56 -22.22 4.47
CA LEU F 141 -23.02 -22.10 4.36
C LEU F 141 -23.73 -23.28 5.00
N LYS F 142 -23.15 -24.47 4.89
CA LYS F 142 -23.81 -25.65 5.43
C LYS F 142 -23.70 -25.73 6.95
N TYR F 143 -22.54 -25.36 7.50
CA TYR F 143 -22.30 -25.53 8.93
C TYR F 143 -22.33 -24.20 9.68
N GLY F 144 -22.91 -23.17 9.08
CA GLY F 144 -23.13 -21.91 9.76
C GLY F 144 -21.87 -21.12 10.04
N HIS F 145 -21.07 -20.86 9.01
CA HIS F 145 -19.84 -20.10 9.19
C HIS F 145 -19.60 -19.11 8.07
N ALA F 146 -20.66 -18.56 7.49
CA ALA F 146 -20.49 -17.61 6.40
C ALA F 146 -19.95 -16.28 6.89
N GLY F 147 -20.06 -15.98 8.19
CA GLY F 147 -19.53 -14.74 8.72
C GLY F 147 -18.03 -14.70 8.84
N GLU F 148 -17.37 -15.87 8.76
CA GLU F 148 -15.91 -15.90 8.86
C GLU F 148 -15.28 -15.31 7.61
N VAL F 149 -15.61 -15.86 6.45
CA VAL F 149 -15.06 -15.43 5.17
C VAL F 149 -16.14 -15.03 4.18
N PHE F 150 -17.21 -15.83 4.07
CA PHE F 150 -18.17 -15.66 2.98
C PHE F 150 -19.04 -14.40 3.12
N ILE F 151 -19.25 -13.89 4.33
CA ILE F 151 -19.89 -12.58 4.41
C ILE F 151 -18.87 -11.46 4.16
N PRO F 152 -17.67 -11.41 4.78
CA PRO F 152 -16.75 -10.32 4.41
C PRO F 152 -16.12 -10.44 3.04
N THR F 153 -16.29 -11.55 2.31
CA THR F 153 -15.82 -11.55 0.93
C THR F 153 -16.74 -10.81 -0.01
N PHE F 154 -17.94 -10.45 0.42
CA PHE F 154 -18.80 -9.55 -0.32
C PHE F 154 -18.95 -8.20 0.37
N GLY F 155 -18.78 -8.17 1.68
CA GLY F 155 -18.64 -6.90 2.37
C GLY F 155 -17.40 -6.14 1.94
N PHE F 156 -16.33 -6.87 1.60
CA PHE F 156 -15.18 -6.19 1.01
C PHE F 156 -15.46 -5.77 -0.41
N LEU F 157 -15.85 -6.72 -1.27
CA LEU F 157 -15.98 -6.47 -2.69
C LEU F 157 -17.08 -5.48 -3.04
N TYR F 158 -17.94 -5.12 -2.09
CA TYR F 158 -18.75 -3.93 -2.28
C TYR F 158 -17.89 -2.68 -2.18
N VAL F 159 -17.09 -2.57 -1.11
CA VAL F 159 -16.30 -1.36 -0.88
C VAL F 159 -15.16 -1.26 -1.89
N ALA F 160 -14.63 -2.41 -2.33
CA ALA F 160 -13.48 -2.41 -3.23
C ALA F 160 -13.84 -1.87 -4.60
N GLY F 161 -14.86 -2.45 -5.22
CA GLY F 161 -15.33 -1.92 -6.48
C GLY F 161 -16.02 -0.58 -6.37
N TYR F 162 -16.44 -0.20 -5.16
CA TYR F 162 -16.92 1.16 -4.92
C TYR F 162 -15.81 2.17 -5.14
N ILE F 163 -14.67 1.95 -4.49
CA ILE F 163 -13.51 2.83 -4.66
C ILE F 163 -13.01 2.79 -6.09
N GLY F 164 -13.11 1.62 -6.73
CA GLY F 164 -12.76 1.52 -8.13
C GLY F 164 -13.69 2.30 -9.03
N TYR F 165 -14.99 2.25 -8.75
CA TYR F 165 -15.97 2.90 -9.62
C TYR F 165 -15.96 4.41 -9.44
N VAL F 166 -15.83 4.89 -8.21
CA VAL F 166 -15.72 6.32 -7.95
C VAL F 166 -14.47 6.88 -8.62
N GLY F 167 -13.35 6.17 -8.47
CA GLY F 167 -12.12 6.57 -9.15
C GLY F 167 -12.20 6.41 -10.65
N ARG F 168 -13.02 5.49 -11.13
CA ARG F 168 -13.23 5.37 -12.57
C ARG F 168 -14.02 6.56 -13.09
N GLN F 169 -15.16 6.85 -12.45
CA GLN F 169 -16.05 7.91 -12.89
C GLN F 169 -15.41 9.28 -12.77
N TYR F 170 -14.48 9.45 -11.83
CA TYR F 170 -13.74 10.71 -11.75
C TYR F 170 -12.78 10.85 -12.91
N LEU F 171 -12.16 9.76 -13.35
CA LEU F 171 -11.25 9.86 -14.48
C LEU F 171 -11.96 9.96 -15.81
N ILE F 172 -13.11 9.29 -15.95
CA ILE F 172 -13.87 9.38 -17.20
C ILE F 172 -14.43 10.78 -17.36
N ALA F 173 -14.94 11.36 -16.29
CA ALA F 173 -15.55 12.68 -16.35
C ALA F 173 -14.54 13.80 -16.15
N VAL F 174 -13.28 13.58 -16.49
CA VAL F 174 -12.31 14.66 -16.40
C VAL F 174 -11.57 14.75 -17.73
N LYS F 175 -11.70 13.73 -18.58
CA LYS F 175 -10.99 13.74 -19.86
C LYS F 175 -11.60 14.69 -20.87
N GLY F 176 -12.88 15.02 -20.74
CA GLY F 176 -13.48 15.98 -21.63
C GLY F 176 -13.34 17.40 -21.12
N GLU F 177 -12.10 17.91 -21.08
CA GLU F 177 -11.80 19.20 -20.48
C GLU F 177 -10.74 19.91 -21.31
N ALA F 178 -10.17 20.96 -20.72
CA ALA F 178 -9.06 21.66 -21.37
C ALA F 178 -7.76 20.89 -21.17
N LYS F 179 -7.35 20.71 -19.92
CA LYS F 179 -6.14 19.95 -19.61
C LYS F 179 -6.46 19.08 -18.39
N PRO F 180 -6.72 17.80 -18.59
CA PRO F 180 -7.16 16.95 -17.48
C PRO F 180 -6.08 16.60 -16.48
N THR F 181 -4.80 16.83 -16.81
CA THR F 181 -3.73 16.54 -15.88
C THR F 181 -3.72 17.50 -14.71
N ASP F 182 -4.24 18.70 -14.89
CA ASP F 182 -4.33 19.65 -13.80
C ASP F 182 -5.34 19.24 -12.76
N LYS F 183 -6.40 18.57 -13.17
CA LYS F 183 -7.44 18.14 -12.25
C LYS F 183 -7.21 16.74 -11.73
N GLU F 184 -6.00 16.21 -11.88
CA GLU F 184 -5.54 15.10 -11.07
C GLU F 184 -4.63 15.55 -9.94
N ILE F 185 -3.97 16.69 -10.08
CA ILE F 185 -3.40 17.36 -8.91
C ILE F 185 -4.51 17.96 -8.08
N ILE F 186 -5.23 18.91 -8.67
CA ILE F 186 -6.22 19.68 -7.94
C ILE F 186 -7.53 18.95 -8.15
N ILE F 187 -7.88 18.12 -7.18
CA ILE F 187 -9.09 17.31 -7.26
C ILE F 187 -10.29 18.22 -7.17
N ASP F 188 -11.18 18.14 -8.15
CA ASP F 188 -12.40 18.92 -8.14
C ASP F 188 -13.30 18.36 -7.05
N VAL F 189 -13.16 18.93 -5.85
CA VAL F 189 -13.91 18.43 -4.69
C VAL F 189 -15.43 18.49 -4.85
N PRO F 190 -16.05 19.55 -5.41
CA PRO F 190 -17.50 19.45 -5.67
C PRO F 190 -17.86 18.41 -6.71
N LEU F 191 -16.94 18.04 -7.59
CA LEU F 191 -17.21 16.96 -8.53
C LEU F 191 -16.91 15.60 -7.92
N ALA F 192 -15.81 15.50 -7.17
CA ALA F 192 -15.37 14.20 -6.69
C ALA F 192 -16.28 13.69 -5.59
N THR F 193 -16.76 14.57 -4.71
CA THR F 193 -17.70 14.15 -3.69
C THR F 193 -19.06 13.84 -4.30
N LYS F 194 -19.39 14.47 -5.40
CA LYS F 194 -20.66 14.19 -6.06
C LYS F 194 -20.65 12.80 -6.66
N LEU F 195 -19.52 12.39 -7.25
CA LEU F 195 -19.41 11.02 -7.72
C LEU F 195 -19.24 10.05 -6.56
N ALA F 196 -18.74 10.54 -5.42
CA ALA F 196 -18.55 9.66 -4.27
C ALA F 196 -19.89 9.22 -3.68
N TRP F 197 -20.81 10.16 -3.48
CA TRP F 197 -22.12 9.79 -2.94
C TRP F 197 -22.91 8.95 -3.93
N GLN F 198 -22.97 9.38 -5.19
CA GLN F 198 -23.88 8.74 -6.12
C GLN F 198 -23.32 7.45 -6.71
N GLY F 199 -22.14 7.02 -6.28
CA GLY F 199 -21.63 5.74 -6.71
C GLY F 199 -22.02 4.59 -5.81
N ALA F 200 -23.00 4.81 -4.92
CA ALA F 200 -23.36 3.81 -3.93
C ALA F 200 -24.16 2.65 -4.51
N GLY F 201 -24.60 2.76 -5.74
CA GLY F 201 -25.22 1.63 -6.40
C GLY F 201 -24.37 1.20 -7.55
N TRP F 202 -23.06 1.18 -7.33
CA TRP F 202 -22.14 0.86 -8.42
C TRP F 202 -22.28 -0.54 -9.04
N PRO F 203 -22.68 -1.64 -8.36
CA PRO F 203 -22.89 -2.86 -9.13
C PRO F 203 -24.12 -2.80 -9.99
N LEU F 204 -25.09 -1.97 -9.58
CA LEU F 204 -26.29 -1.76 -10.38
C LEU F 204 -25.98 -0.93 -11.61
N ALA F 205 -24.94 -0.10 -11.56
CA ALA F 205 -24.54 0.71 -12.70
C ALA F 205 -23.49 0.03 -13.56
N ALA F 206 -22.66 -0.82 -12.97
CA ALA F 206 -21.58 -1.45 -13.73
C ALA F 206 -22.12 -2.53 -14.66
N VAL F 207 -23.05 -3.36 -14.16
CA VAL F 207 -23.55 -4.47 -14.96
C VAL F 207 -24.45 -3.95 -16.08
N GLN F 208 -25.00 -2.74 -15.93
CA GLN F 208 -25.66 -2.11 -17.07
C GLN F 208 -24.64 -1.59 -18.07
N GLU F 209 -23.51 -1.10 -17.57
CA GLU F 209 -22.44 -0.70 -18.47
C GLU F 209 -21.73 -1.92 -19.05
N LEU F 210 -21.80 -3.05 -18.33
CA LEU F 210 -21.20 -4.29 -18.81
C LEU F 210 -21.96 -4.83 -20.01
N GLN F 211 -23.27 -4.59 -20.06
CA GLN F 211 -24.09 -5.13 -21.14
C GLN F 211 -23.92 -4.36 -22.45
N ARG F 212 -23.55 -3.09 -22.39
CA ARG F 212 -23.45 -2.30 -23.61
C ARG F 212 -22.24 -2.70 -24.45
N GLY F 213 -21.05 -2.63 -23.84
CA GLY F 213 -19.82 -2.56 -24.58
C GLY F 213 -19.09 -1.26 -24.36
N THR F 214 -19.58 -0.42 -23.45
CA THR F 214 -18.94 0.83 -23.09
C THR F 214 -17.97 0.71 -21.92
N LEU F 215 -18.02 -0.41 -21.20
CA LEU F 215 -17.01 -0.67 -20.18
C LEU F 215 -15.67 -0.99 -20.80
N LEU F 216 -15.65 -1.94 -21.73
CA LEU F 216 -14.43 -2.35 -22.40
C LEU F 216 -14.19 -1.47 -23.62
N GLU F 217 -13.08 -0.74 -23.60
CA GLU F 217 -12.62 -0.06 -24.79
C GLU F 217 -12.06 -1.10 -25.76
N LYS F 218 -12.29 -0.88 -27.05
CA LYS F 218 -11.96 -1.84 -28.10
C LYS F 218 -10.48 -1.81 -28.43
N GLU F 219 -10.09 -2.38 -29.56
CA GLU F 219 -8.69 -2.34 -29.96
C GLU F 219 -8.30 -1.00 -30.60
N GLU F 220 -8.62 0.08 -29.90
CA GLU F 220 -7.95 1.36 -29.95
C GLU F 220 -6.77 1.38 -28.98
N ASN F 221 -6.66 0.36 -28.15
CA ASN F 221 -5.61 0.29 -27.15
C ASN F 221 -4.25 0.09 -27.80
N ILE F 222 -3.23 0.48 -27.07
CA ILE F 222 -1.90 0.68 -27.63
C ILE F 222 -1.10 -0.62 -27.53
N THR F 223 -0.42 -0.98 -28.62
CA THR F 223 0.32 -2.23 -28.72
C THR F 223 1.70 -1.95 -29.30
N VAL F 224 2.52 -3.00 -29.34
CA VAL F 224 3.92 -2.84 -29.73
C VAL F 224 4.21 -3.46 -31.10
N SER F 225 4.04 -4.77 -31.19
CA SER F 225 4.26 -5.52 -32.41
C SER F 225 3.47 -6.83 -32.35
N PRO F 226 2.17 -6.80 -32.64
CA PRO F 226 1.39 -8.05 -32.64
C PRO F 226 1.72 -8.96 -33.82
N LEU G 65 -9.18 -67.83 -20.80
CA LEU G 65 -8.68 -68.58 -19.66
C LEU G 65 -7.76 -69.70 -20.14
N ASP G 66 -8.05 -70.21 -21.33
CA ASP G 66 -7.24 -71.26 -21.92
C ASP G 66 -5.90 -70.70 -22.39
N PRO G 67 -4.80 -71.46 -22.23
CA PRO G 67 -3.49 -70.93 -22.61
C PRO G 67 -3.30 -70.74 -24.11
N GLN G 68 -3.76 -71.69 -24.94
CA GLN G 68 -3.44 -71.67 -26.35
C GLN G 68 -4.55 -71.15 -27.25
N ILE G 69 -5.79 -71.06 -26.76
CA ILE G 69 -6.91 -70.63 -27.59
C ILE G 69 -7.07 -69.11 -27.58
N VAL G 70 -6.93 -68.49 -26.41
CA VAL G 70 -7.27 -67.08 -26.26
C VAL G 70 -6.24 -66.20 -26.96
N ILE G 71 -4.95 -66.47 -26.76
CA ILE G 71 -3.92 -65.66 -27.41
C ILE G 71 -3.89 -65.93 -28.91
N SER G 72 -4.29 -67.11 -29.36
CA SER G 72 -4.35 -67.38 -30.78
C SER G 72 -5.55 -66.68 -31.42
N GLY G 73 -6.71 -66.73 -30.75
CA GLY G 73 -7.91 -66.13 -31.30
C GLY G 73 -7.93 -64.62 -31.23
N SER G 74 -7.25 -64.05 -30.22
CA SER G 74 -7.17 -62.59 -30.12
C SER G 74 -6.32 -62.00 -31.24
N THR G 75 -5.21 -62.66 -31.55
CA THR G 75 -4.38 -62.23 -32.68
C THR G 75 -5.11 -62.51 -33.99
N ALA G 76 -5.88 -63.61 -34.05
CA ALA G 76 -6.74 -63.86 -35.21
C ALA G 76 -7.85 -62.84 -35.30
N ALA G 77 -8.28 -62.28 -34.16
CA ALA G 77 -9.31 -61.24 -34.19
C ALA G 77 -8.73 -59.94 -34.73
N PHE G 78 -7.57 -59.52 -34.24
CA PHE G 78 -7.04 -58.21 -34.58
C PHE G 78 -6.20 -58.23 -35.85
N LEU G 79 -5.96 -59.39 -36.44
CA LEU G 79 -5.50 -59.46 -37.82
C LEU G 79 -6.65 -59.64 -38.79
N ALA G 80 -7.89 -59.52 -38.30
CA ALA G 80 -9.07 -59.47 -39.14
C ALA G 80 -9.76 -58.13 -39.10
N ILE G 81 -9.61 -57.37 -38.00
CA ILE G 81 -10.27 -56.09 -37.90
C ILE G 81 -9.55 -55.01 -38.71
N GLY G 82 -8.26 -55.17 -38.96
CA GLY G 82 -7.52 -54.23 -39.78
C GLY G 82 -7.43 -54.73 -41.20
N ARG G 83 -7.80 -55.99 -41.40
CA ARG G 83 -7.77 -56.64 -42.69
C ARG G 83 -9.09 -56.48 -43.45
N PHE G 84 -10.21 -56.48 -42.73
CA PHE G 84 -11.53 -56.48 -43.36
C PHE G 84 -12.36 -55.24 -43.08
N VAL G 85 -12.01 -54.46 -42.06
CA VAL G 85 -12.85 -53.36 -41.58
C VAL G 85 -12.13 -52.02 -41.67
N PHE G 86 -10.97 -51.91 -41.02
CA PHE G 86 -10.22 -50.66 -40.93
C PHE G 86 -9.25 -50.48 -42.08
N LEU G 87 -9.60 -51.00 -43.26
CA LEU G 87 -8.73 -51.00 -44.42
C LEU G 87 -8.45 -49.59 -44.91
N GLY G 88 -9.50 -48.83 -45.19
CA GLY G 88 -9.32 -47.52 -45.80
C GLY G 88 -8.99 -46.42 -44.81
N TYR G 89 -9.43 -46.56 -43.57
CA TYR G 89 -9.20 -45.54 -42.55
C TYR G 89 -7.76 -45.54 -42.06
N GLN G 90 -7.02 -46.63 -42.28
CA GLN G 90 -5.60 -46.65 -41.97
C GLN G 90 -4.77 -46.01 -43.08
N ARG G 91 -5.25 -46.06 -44.32
CA ARG G 91 -4.52 -45.53 -45.47
C ARG G 91 -4.67 -44.03 -45.64
N ARG G 92 -5.08 -43.31 -44.60
CA ARG G 92 -5.18 -41.86 -44.67
C ARG G 92 -4.59 -41.21 -43.41
N SER G 117 14.55 -48.94 -50.68
CA SER G 117 13.56 -48.09 -50.02
C SER G 117 12.15 -48.52 -50.39
N THR G 118 12.03 -49.66 -51.06
CA THR G 118 10.75 -50.21 -51.51
C THR G 118 10.49 -51.52 -50.76
N ILE G 119 9.81 -51.40 -49.63
CA ILE G 119 9.44 -52.54 -48.80
C ILE G 119 7.93 -52.80 -48.83
N PHE G 120 7.12 -51.77 -49.10
CA PHE G 120 5.68 -51.91 -49.24
C PHE G 120 5.35 -52.73 -50.49
N ALA G 121 4.87 -53.95 -50.29
CA ALA G 121 4.52 -54.85 -51.39
C ALA G 121 3.05 -55.26 -51.24
N THR G 122 2.19 -54.64 -52.03
CA THR G 122 0.75 -54.95 -51.99
C THR G 122 0.50 -56.21 -52.82
N ASN G 123 0.78 -57.36 -52.21
CA ASN G 123 0.43 -58.64 -52.80
C ASN G 123 -0.81 -59.26 -52.18
N ASP G 124 -1.36 -58.65 -51.14
CA ASP G 124 -2.76 -58.83 -50.73
C ASP G 124 -3.43 -57.62 -51.38
N PRO G 125 -4.79 -57.50 -51.48
CA PRO G 125 -5.32 -56.60 -52.53
C PRO G 125 -5.24 -55.12 -52.20
N ALA G 126 -5.00 -54.81 -50.91
CA ALA G 126 -4.97 -53.42 -50.46
C ALA G 126 -3.83 -53.20 -49.48
N GLY G 127 -2.66 -53.78 -49.76
CA GLY G 127 -1.48 -53.49 -48.98
C GLY G 127 -1.48 -54.03 -47.56
N PHE G 128 -1.32 -55.34 -47.40
CA PHE G 128 -1.32 -55.94 -46.09
C PHE G 128 0.03 -56.59 -45.80
N ASN G 129 1.10 -55.84 -46.06
CA ASN G 129 2.47 -56.32 -45.90
C ASN G 129 2.82 -56.57 -44.43
N ILE G 130 4.05 -57.03 -44.23
CA ILE G 130 4.53 -57.47 -42.91
C ILE G 130 4.62 -56.29 -41.94
N ILE G 131 4.80 -55.08 -42.46
CA ILE G 131 4.81 -53.89 -41.61
C ILE G 131 3.43 -53.63 -41.03
N ASP G 132 2.39 -53.79 -41.86
CA ASP G 132 1.02 -53.63 -41.38
C ASP G 132 0.59 -54.80 -40.51
N VAL G 133 1.10 -56.01 -40.79
CA VAL G 133 0.70 -57.19 -40.03
C VAL G 133 1.34 -57.17 -38.64
N ALA G 134 2.59 -56.71 -38.53
CA ALA G 134 3.25 -56.64 -37.24
C ALA G 134 2.75 -55.47 -36.39
N GLY G 135 2.03 -54.53 -36.97
CA GLY G 135 1.37 -53.48 -36.20
C GLY G 135 0.08 -53.97 -35.58
N TRP G 136 -0.75 -54.65 -36.37
CA TRP G 136 -1.96 -55.29 -35.86
C TRP G 136 -1.67 -56.61 -35.16
N GLY G 137 -0.45 -57.11 -35.24
CA GLY G 137 -0.06 -58.30 -34.53
C GLY G 137 0.49 -57.99 -33.17
N ALA G 138 1.05 -56.78 -33.05
CA ALA G 138 1.42 -56.28 -31.72
C ALA G 138 0.18 -55.92 -30.92
N LEU G 139 -0.87 -55.43 -31.57
CA LEU G 139 -2.12 -55.19 -30.87
C LEU G 139 -2.87 -56.50 -30.62
N GLY G 140 -2.69 -57.49 -31.49
CA GLY G 140 -3.37 -58.75 -31.31
C GLY G 140 -2.80 -59.56 -30.16
N HIS G 141 -1.48 -59.58 -30.03
CA HIS G 141 -0.84 -60.27 -28.91
C HIS G 141 -1.09 -59.55 -27.60
N ALA G 142 -0.88 -58.23 -27.55
CA ALA G 142 -0.84 -57.48 -26.28
C ALA G 142 -2.20 -57.47 -25.59
N VAL G 143 -3.28 -57.37 -26.37
CA VAL G 143 -4.60 -57.44 -25.75
C VAL G 143 -4.91 -58.89 -25.35
N GLY G 144 -4.38 -59.85 -26.10
CA GLY G 144 -4.55 -61.25 -25.71
C GLY G 144 -3.79 -61.61 -24.45
N PHE G 145 -2.61 -61.01 -24.24
CA PHE G 145 -1.92 -61.21 -22.98
C PHE G 145 -2.57 -60.44 -21.84
N ALA G 146 -3.28 -59.36 -22.16
CA ALA G 146 -4.04 -58.65 -21.15
C ALA G 146 -5.23 -59.48 -20.67
N VAL G 147 -5.87 -60.21 -21.58
CA VAL G 147 -7.04 -61.01 -21.23
C VAL G 147 -6.64 -62.18 -20.35
N LEU G 148 -5.55 -62.87 -20.70
CA LEU G 148 -5.07 -63.99 -19.91
C LEU G 148 -4.51 -63.57 -18.56
N ALA G 149 -4.06 -62.33 -18.43
CA ALA G 149 -3.58 -61.85 -17.13
C ALA G 149 -4.73 -61.43 -16.22
N ILE G 150 -5.74 -60.77 -16.78
CA ILE G 150 -6.92 -60.37 -15.99
C ILE G 150 -7.72 -61.59 -15.58
N ASN G 151 -7.74 -62.62 -16.40
CA ASN G 151 -8.38 -63.87 -15.98
C ASN G 151 -7.60 -64.63 -14.91
N SER G 152 -6.50 -64.14 -14.31
CA SER G 152 -5.71 -64.98 -13.43
C SER G 152 -5.22 -64.30 -12.16
N LEU G 153 -5.72 -63.12 -11.81
CA LEU G 153 -5.45 -62.58 -10.47
C LEU G 153 -6.55 -62.99 -9.48
N GLN G 154 -6.75 -64.32 -9.42
CA GLN G 154 -7.72 -65.11 -8.67
C GLN G 154 -9.13 -64.98 -9.28
N GLY G 155 -9.32 -64.06 -10.20
CA GLY G 155 -10.64 -63.81 -10.76
C GLY G 155 -10.93 -62.34 -10.98
N ALA G 156 -12.12 -62.04 -11.50
CA ALA G 156 -12.50 -60.71 -11.89
C ALA G 156 -13.33 -60.05 -10.80
N ASN G 157 -13.17 -58.72 -10.67
CA ASN G 157 -13.93 -57.92 -9.73
C ASN G 157 -14.67 -56.80 -10.46
N LEU G 158 -14.73 -56.85 -11.78
CA LEU G 158 -15.39 -55.82 -12.58
C LEU G 158 -16.90 -55.94 -12.50
N ILE H 101 73.39 -23.82 -15.09
CA ILE H 101 72.51 -24.96 -15.38
C ILE H 101 71.46 -24.57 -16.40
N ILE H 102 70.68 -23.54 -16.09
CA ILE H 102 69.60 -23.08 -16.96
C ILE H 102 69.83 -21.61 -17.30
N SER H 103 69.62 -21.26 -18.56
CA SER H 103 69.72 -19.86 -18.97
C SER H 103 68.64 -19.41 -19.95
N ARG H 104 67.94 -20.30 -20.63
CA ARG H 104 66.93 -19.94 -21.61
C ARG H 104 65.56 -20.10 -20.97
N ARG H 105 64.50 -19.93 -21.76
CA ARG H 105 63.16 -20.07 -21.20
C ARG H 105 62.82 -21.53 -20.93
N GLU H 106 63.07 -22.41 -21.90
CA GLU H 106 62.58 -23.78 -21.81
C GLU H 106 63.43 -24.61 -20.88
N SER H 107 64.65 -24.17 -20.61
CA SER H 107 65.44 -24.80 -19.54
C SER H 107 64.90 -24.41 -18.17
N LEU H 108 64.46 -23.17 -18.01
CA LEU H 108 63.89 -22.76 -16.74
C LEU H 108 62.51 -23.38 -16.54
N ARG H 109 61.78 -23.61 -17.64
CA ARG H 109 60.49 -24.28 -17.53
C ARG H 109 60.67 -25.72 -17.06
N ALA H 110 61.77 -26.36 -17.46
CA ALA H 110 62.04 -27.71 -17.00
C ALA H 110 62.47 -27.72 -15.53
N LEU H 111 63.28 -26.74 -15.11
CA LEU H 111 63.84 -26.78 -13.77
C LEU H 111 62.80 -26.44 -12.71
N VAL H 112 61.89 -25.51 -13.01
CA VAL H 112 60.80 -25.22 -12.09
C VAL H 112 59.86 -26.42 -11.98
N ALA H 113 59.56 -27.06 -13.10
CA ALA H 113 58.67 -28.22 -13.09
C ALA H 113 59.31 -29.41 -12.39
N LEU H 114 60.62 -29.62 -12.60
CA LEU H 114 61.30 -30.73 -11.93
C LEU H 114 61.54 -30.44 -10.46
N SER H 115 61.68 -29.17 -10.07
CA SER H 115 61.77 -28.85 -8.66
C SER H 115 60.40 -28.99 -7.98
N GLY H 116 59.33 -28.75 -8.73
CA GLY H 116 58.01 -29.08 -8.23
C GLY H 116 57.79 -30.57 -8.12
N ILE H 117 58.40 -31.35 -9.02
CA ILE H 117 58.39 -32.80 -8.89
C ILE H 117 59.11 -33.22 -7.62
N ALA H 118 60.35 -32.73 -7.43
CA ALA H 118 61.23 -33.20 -6.37
C ALA H 118 60.72 -32.86 -4.97
N ALA H 119 59.88 -31.84 -4.83
CA ALA H 119 59.33 -31.52 -3.52
C ALA H 119 58.09 -32.37 -3.22
N ILE H 120 57.17 -32.45 -4.18
CA ILE H 120 55.85 -33.00 -3.93
C ILE H 120 55.88 -34.52 -3.81
N VAL H 121 56.69 -35.20 -4.63
CA VAL H 121 56.77 -36.66 -4.54
C VAL H 121 57.48 -37.09 -3.26
N THR H 122 58.24 -36.19 -2.64
CA THR H 122 58.80 -36.44 -1.32
C THR H 122 57.89 -35.99 -0.20
N TYR H 123 57.09 -34.94 -0.44
CA TYR H 123 56.25 -34.33 0.60
C TYR H 123 55.18 -35.29 1.11
N GLY H 124 54.79 -36.26 0.29
CA GLY H 124 53.81 -37.24 0.73
C GLY H 124 54.35 -38.21 1.76
N LEU H 125 55.65 -38.49 1.71
CA LEU H 125 56.24 -39.46 2.62
C LEU H 125 57.32 -38.85 3.51
N LYS H 126 58.32 -38.20 2.93
CA LYS H 126 59.45 -37.65 3.67
C LYS H 126 59.42 -36.14 3.51
N GLY H 127 58.79 -35.45 4.46
CA GLY H 127 58.54 -34.03 4.33
C GLY H 127 57.24 -33.67 5.00
N ALA H 128 56.49 -34.71 5.36
CA ALA H 128 55.37 -34.55 6.28
C ALA H 128 55.95 -34.49 7.68
N LYS H 129 56.10 -33.29 8.19
CA LYS H 129 56.74 -33.07 9.48
C LYS H 129 55.84 -33.50 10.63
N ASP H 130 56.46 -34.02 11.69
CA ASP H 130 55.75 -34.48 12.88
C ASP H 130 54.93 -33.38 13.54
N ALA H 131 55.38 -32.13 13.45
CA ALA H 131 54.66 -31.00 14.04
C ALA H 131 53.79 -30.25 13.05
N ASP H 132 54.01 -30.41 11.76
CA ASP H 132 53.30 -29.61 10.76
C ASP H 132 51.96 -30.21 10.37
N LEU H 133 51.95 -31.49 10.03
CA LEU H 133 50.76 -32.12 9.46
C LEU H 133 50.22 -33.13 10.45
N PRO H 134 49.16 -32.81 11.20
CA PRO H 134 48.62 -33.78 12.15
C PRO H 134 47.84 -34.91 11.48
N ILE H 135 47.53 -34.80 10.18
CA ILE H 135 46.93 -35.93 9.49
C ILE H 135 47.95 -37.04 9.31
N THR H 136 49.19 -36.69 9.00
CA THR H 136 50.29 -37.66 8.97
C THR H 136 50.80 -37.94 10.38
N LYS H 137 49.91 -38.56 11.17
CA LYS H 137 50.19 -39.00 12.53
C LYS H 137 49.52 -40.36 12.70
N GLY H 138 49.40 -40.79 13.96
CA GLY H 138 48.70 -42.02 14.28
C GLY H 138 47.29 -41.75 14.72
N PRO H 139 46.46 -42.80 14.75
CA PRO H 139 45.08 -42.64 15.24
C PRO H 139 45.01 -42.38 16.73
N GLN H 140 44.64 -41.15 17.10
CA GLN H 140 44.58 -40.77 18.51
C GLN H 140 43.27 -41.23 19.13
N THR H 141 42.95 -40.70 20.32
CA THR H 141 42.10 -41.33 21.31
C THR H 141 40.69 -41.73 20.87
N THR H 142 39.81 -40.78 20.56
CA THR H 142 38.43 -41.07 20.24
C THR H 142 37.96 -40.13 19.12
N GLY H 143 36.64 -40.08 18.93
CA GLY H 143 36.03 -39.19 17.98
C GLY H 143 34.88 -39.81 17.20
N GLU H 144 34.86 -41.13 17.14
CA GLU H 144 33.97 -41.87 16.23
C GLU H 144 32.57 -42.09 16.82
N ASN H 145 31.98 -41.01 17.32
CA ASN H 145 30.69 -41.07 17.98
C ASN H 145 29.59 -40.74 16.97
N GLY H 146 28.34 -40.89 17.40
CA GLY H 146 27.21 -40.47 16.58
C GLY H 146 27.16 -38.96 16.44
N LYS H 147 26.26 -38.51 15.57
CA LYS H 147 26.20 -37.09 15.25
C LYS H 147 25.60 -36.25 16.37
N GLY H 148 25.04 -36.88 17.38
CA GLY H 148 24.66 -36.21 18.61
C GLY H 148 23.16 -36.03 18.70
N GLY H 149 22.66 -35.91 19.92
CA GLY H 149 21.28 -35.55 20.17
C GLY H 149 20.27 -36.64 19.88
N SER H 150 20.10 -36.97 18.61
CA SER H 150 19.13 -37.95 18.17
C SER H 150 19.68 -38.63 16.93
N VAL H 151 18.81 -39.29 16.17
CA VAL H 151 19.20 -39.96 14.94
C VAL H 151 18.46 -39.39 13.73
N SER I 73 48.02 -46.14 -0.60
CA SER I 73 47.90 -45.68 0.78
C SER I 73 48.59 -44.33 0.96
N TRP I 74 49.70 -44.17 0.26
CA TRP I 74 50.42 -42.90 0.17
C TRP I 74 49.79 -41.95 -0.84
N ALA I 75 48.65 -42.33 -1.43
CA ALA I 75 47.99 -41.52 -2.45
C ALA I 75 47.45 -40.17 -1.97
N PRO I 76 46.69 -40.07 -0.87
CA PRO I 76 46.08 -38.75 -0.56
C PRO I 76 47.05 -37.69 -0.08
N SER I 77 48.33 -38.01 0.09
CA SER I 77 49.34 -37.00 0.42
C SER I 77 50.18 -36.61 -0.79
N VAL I 78 49.88 -37.15 -1.97
CA VAL I 78 50.63 -36.88 -3.18
C VAL I 78 49.75 -36.28 -4.27
N PHE I 79 48.58 -36.91 -4.53
CA PHE I 79 47.68 -36.39 -5.54
C PHE I 79 47.04 -35.07 -5.14
N VAL I 80 46.93 -34.78 -3.86
CA VAL I 80 46.35 -33.51 -3.44
C VAL I 80 47.33 -32.35 -3.64
N PRO I 81 48.65 -32.44 -3.36
CA PRO I 81 49.51 -31.33 -3.78
C PRO I 81 49.76 -31.27 -5.27
N LEU I 82 49.48 -32.34 -6.02
CA LEU I 82 49.48 -32.22 -7.47
C LEU I 82 48.28 -31.40 -7.93
N THR I 83 47.08 -31.86 -7.58
CA THR I 83 45.84 -31.17 -7.91
C THR I 83 45.49 -30.25 -6.76
N GLY I 84 46.03 -29.05 -6.79
CA GLY I 84 45.80 -28.09 -5.74
C GLY I 84 47.01 -27.20 -5.55
N LEU I 85 48.17 -27.65 -5.98
CA LEU I 85 49.32 -26.76 -6.04
C LEU I 85 50.05 -26.82 -7.37
N VAL I 86 50.18 -28.00 -7.98
CA VAL I 86 51.11 -28.19 -9.08
C VAL I 86 50.37 -28.20 -10.41
N LEU I 87 49.45 -29.14 -10.58
CA LEU I 87 48.66 -29.19 -11.81
C LEU I 87 47.79 -27.95 -12.05
N PRO I 88 47.19 -27.29 -11.04
CA PRO I 88 46.64 -25.96 -11.32
C PRO I 88 47.67 -24.93 -11.72
N ALA I 89 48.88 -24.96 -11.14
CA ALA I 89 49.90 -23.98 -11.52
C ALA I 89 50.34 -24.15 -12.96
N ILE I 90 50.30 -25.39 -13.47
CA ILE I 90 50.51 -25.60 -14.89
C ILE I 90 49.33 -25.04 -15.68
N ALA I 91 48.12 -25.25 -15.18
CA ALA I 91 46.95 -24.65 -15.80
C ALA I 91 46.84 -23.15 -15.52
N MET I 92 47.46 -22.66 -14.45
CA MET I 92 47.58 -21.21 -14.30
C MET I 92 48.51 -20.63 -15.34
N ALA I 93 49.48 -21.43 -15.81
CA ALA I 93 50.51 -20.93 -16.71
C ALA I 93 50.15 -21.14 -18.17
N THR I 94 49.87 -22.39 -18.56
CA THR I 94 49.61 -22.72 -19.96
C THR I 94 48.32 -22.09 -20.46
N LEU I 95 47.32 -21.97 -19.59
CA LEU I 95 46.11 -21.25 -19.92
C LEU I 95 46.24 -19.76 -19.66
N PHE I 96 47.44 -19.28 -19.40
CA PHE I 96 47.71 -17.85 -19.45
C PHE I 96 48.57 -17.47 -20.63
N VAL I 97 49.63 -18.23 -20.91
CA VAL I 97 50.49 -17.95 -22.06
C VAL I 97 49.71 -18.09 -23.36
N TYR I 98 48.68 -18.95 -23.36
CA TYR I 98 47.78 -19.05 -24.51
C TYR I 98 46.94 -17.79 -24.70
N ILE I 99 46.71 -17.01 -23.65
CA ILE I 99 45.78 -15.88 -23.73
C ILE I 99 46.35 -14.76 -24.60
N GLU I 100 47.60 -14.39 -24.37
CA GLU I 100 48.24 -13.25 -25.00
C GLU I 100 49.17 -13.64 -26.14
N LYS I 101 48.89 -14.75 -26.81
CA LYS I 101 49.56 -15.03 -28.07
C LYS I 101 49.13 -14.02 -29.12
N GLU I 102 50.08 -13.47 -29.84
CA GLU I 102 49.76 -12.62 -30.97
C GLU I 102 49.42 -13.51 -32.15
N ALA I 103 48.22 -13.35 -32.68
CA ALA I 103 47.70 -14.26 -33.69
C ALA I 103 48.41 -14.04 -35.02
N PRO I 104 49.03 -15.07 -35.61
CA PRO I 104 49.72 -14.92 -36.89
C PRO I 104 48.76 -14.85 -38.08
N MET J 1 -9.59 33.89 -0.49
CA MET J 1 -9.10 32.61 -0.02
C MET J 1 -9.49 31.49 -0.97
N LYS J 2 -9.90 31.86 -2.19
CA LYS J 2 -10.18 30.83 -3.20
C LYS J 2 -8.91 30.09 -3.58
N ASP J 3 -7.79 30.81 -3.66
CA ASP J 3 -6.49 30.17 -3.89
C ASP J 3 -6.09 29.29 -2.73
N PHE J 4 -6.52 29.64 -1.51
CA PHE J 4 -6.21 28.80 -0.36
C PHE J 4 -7.04 27.52 -0.37
N THR J 5 -8.24 27.55 -0.94
CA THR J 5 -9.02 26.33 -1.05
C THR J 5 -8.57 25.45 -2.19
N THR J 6 -7.87 26.02 -3.18
CA THR J 6 -7.23 25.18 -4.18
C THR J 6 -6.11 24.36 -3.56
N TYR J 7 -5.34 24.97 -2.66
CA TYR J 7 -4.29 24.28 -1.95
C TYR J 7 -4.85 23.16 -1.09
N LEU J 8 -5.98 23.42 -0.43
CA LEU J 8 -6.67 22.38 0.32
C LEU J 8 -7.25 21.31 -0.58
N SER J 9 -7.36 21.58 -1.88
CA SER J 9 -7.85 20.59 -2.81
C SER J 9 -6.76 20.03 -3.70
N THR J 10 -5.50 20.11 -3.27
CA THR J 10 -4.45 19.45 -4.02
C THR J 10 -4.43 17.95 -3.70
N ALA J 11 -3.49 17.25 -4.31
CA ALA J 11 -3.44 15.79 -4.12
C ALA J 11 -2.93 15.37 -2.74
N PRO J 12 -1.81 15.88 -2.19
CA PRO J 12 -1.40 15.37 -0.88
C PRO J 12 -2.24 15.88 0.27
N VAL J 13 -2.90 17.03 0.12
CA VAL J 13 -3.68 17.56 1.23
C VAL J 13 -4.99 16.83 1.35
N ILE J 14 -5.63 16.51 0.21
CA ILE J 14 -6.82 15.67 0.26
C ILE J 14 -6.45 14.26 0.70
N ALA J 15 -5.27 13.78 0.31
CA ALA J 15 -4.80 12.49 0.78
C ALA J 15 -4.61 12.49 2.31
N THR J 16 -4.03 13.54 2.85
CA THR J 16 -3.85 13.54 4.30
C THR J 16 -5.09 13.97 5.07
N ILE J 17 -6.13 14.44 4.39
CA ILE J 17 -7.41 14.66 5.06
C ILE J 17 -8.27 13.41 5.00
N TRP J 18 -8.30 12.77 3.82
CA TRP J 18 -9.11 11.59 3.65
C TRP J 18 -8.53 10.39 4.39
N PHE J 19 -7.21 10.35 4.56
CA PHE J 19 -6.65 9.25 5.33
C PHE J 19 -6.85 9.46 6.83
N THR J 20 -6.92 10.70 7.28
CA THR J 20 -7.36 10.92 8.65
C THR J 20 -8.85 10.68 8.81
N PHE J 21 -9.62 10.86 7.73
CA PHE J 21 -11.02 10.47 7.74
C PHE J 21 -11.16 8.97 7.85
N THR J 22 -10.51 8.23 6.96
CA THR J 22 -10.74 6.79 6.86
C THR J 22 -10.08 6.02 7.99
N ALA J 23 -8.89 6.44 8.44
CA ALA J 23 -8.34 5.84 9.64
C ALA J 23 -9.14 6.25 10.85
N GLY J 24 -9.45 7.55 10.96
CA GLY J 24 -10.21 8.03 12.11
C GLY J 24 -11.61 7.47 12.18
N LEU J 25 -12.17 7.06 11.05
CA LEU J 25 -13.43 6.34 11.07
C LEU J 25 -13.22 4.91 11.59
N LEU J 26 -12.17 4.24 11.11
CA LEU J 26 -11.93 2.86 11.51
C LEU J 26 -11.40 2.79 12.95
N ILE J 27 -10.77 3.86 13.43
CA ILE J 27 -10.35 3.90 14.82
C ILE J 27 -11.54 4.02 15.76
N GLU J 28 -12.52 4.87 15.43
CA GLU J 28 -13.70 5.01 16.28
C GLU J 28 -14.58 3.77 16.24
N ILE J 29 -14.65 3.08 15.10
CA ILE J 29 -15.40 1.84 15.02
C ILE J 29 -14.72 0.76 15.84
N ASN J 30 -13.40 0.64 15.70
CA ASN J 30 -12.66 -0.31 16.53
C ASN J 30 -12.52 0.12 17.98
N ARG J 31 -12.96 1.34 18.35
CA ARG J 31 -13.17 1.59 19.77
C ARG J 31 -14.52 1.07 20.22
N TYR J 32 -15.59 1.48 19.54
CA TYR J 32 -16.93 1.10 19.97
C TYR J 32 -17.32 -0.31 19.55
N PHE J 33 -16.48 -0.99 18.78
CA PHE J 33 -16.65 -2.41 18.49
C PHE J 33 -15.30 -3.06 18.76
N PRO J 34 -15.09 -3.56 19.98
CA PRO J 34 -13.76 -4.09 20.34
C PRO J 34 -13.52 -5.45 19.69
N ASP J 35 -12.47 -5.51 18.88
CA ASP J 35 -11.91 -6.70 18.26
C ASP J 35 -12.86 -7.49 17.37
N PRO J 36 -13.24 -6.98 16.18
CA PRO J 36 -14.11 -7.76 15.30
C PRO J 36 -13.39 -8.78 14.43
N LEU J 37 -13.12 -9.98 14.94
CA LEU J 37 -12.52 -11.02 14.10
C LEU J 37 -13.52 -11.61 13.12
N VAL J 38 -14.78 -11.72 13.51
CA VAL J 38 -15.79 -12.40 12.71
C VAL J 38 -17.08 -11.58 12.77
N PHE J 39 -17.82 -11.59 11.66
CA PHE J 39 -19.03 -10.79 11.54
C PHE J 39 -20.15 -11.39 12.38
N SER J 40 -20.43 -10.77 13.51
CA SER J 40 -21.51 -11.19 14.40
C SER J 40 -22.80 -10.48 13.98
N PHE J 41 -23.81 -10.56 14.84
CA PHE J 41 -25.09 -9.90 14.58
C PHE J 41 -25.58 -9.16 15.81
N PHE K 76 41.21 47.95 49.77
CA PHE K 76 41.55 47.28 48.52
C PHE K 76 42.16 48.26 47.54
N ILE K 77 41.83 49.54 47.67
CA ILE K 77 42.41 50.56 46.80
C ILE K 77 43.88 50.69 47.13
N GLY K 78 44.73 50.55 46.11
CA GLY K 78 46.14 50.60 46.35
C GLY K 78 46.74 49.32 46.87
N SER K 79 46.05 48.19 46.72
CA SER K 79 46.57 46.91 47.16
C SER K 79 47.56 46.38 46.12
N SER K 80 47.91 45.12 46.23
CA SER K 80 48.85 44.56 45.26
C SER K 80 48.17 44.34 43.91
N THR K 81 46.90 43.93 43.92
CA THR K 81 46.21 43.68 42.66
C THR K 81 45.72 44.96 42.01
N ASN K 82 45.36 45.96 42.81
CA ASN K 82 44.86 47.21 42.25
C ASN K 82 45.97 47.99 41.57
N LEU K 83 47.21 47.84 42.05
CA LEU K 83 48.32 48.47 41.36
C LEU K 83 48.61 47.78 40.03
N ILE K 84 48.46 46.46 39.99
CA ILE K 84 48.71 45.71 38.75
C ILE K 84 47.70 46.09 37.69
N MET K 85 46.43 46.18 38.06
CA MET K 85 45.37 46.44 37.09
C MET K 85 45.44 47.87 36.55
N VAL K 86 45.89 48.81 37.38
CA VAL K 86 46.12 50.16 36.88
C VAL K 86 47.37 50.19 36.00
N ALA K 87 48.44 49.54 36.43
CA ALA K 87 49.66 49.54 35.64
C ALA K 87 49.61 48.59 34.46
N SER K 88 48.53 47.85 34.25
CA SER K 88 48.37 47.08 33.03
C SER K 88 47.39 47.74 32.06
N THR K 89 46.29 48.31 32.58
CA THR K 89 45.35 49.00 31.71
C THR K 89 45.94 50.29 31.16
N THR K 90 46.50 51.12 32.03
CA THR K 90 47.10 52.38 31.59
C THR K 90 48.35 52.15 30.75
N ALA K 91 48.98 50.98 30.87
CA ALA K 91 50.08 50.66 29.99
C ALA K 91 49.58 50.34 28.59
N THR K 92 48.44 49.66 28.48
CA THR K 92 47.88 49.42 27.16
C THR K 92 47.24 50.67 26.59
N LEU K 93 46.76 51.57 27.44
CA LEU K 93 46.28 52.86 26.93
C LEU K 93 47.44 53.73 26.46
N ALA K 94 48.53 53.77 27.23
CA ALA K 94 49.69 54.55 26.80
C ALA K 94 50.43 53.89 25.65
N ALA K 95 50.22 52.60 25.41
CA ALA K 95 50.86 51.98 24.25
C ALA K 95 50.21 52.46 22.96
N ALA K 96 48.90 52.27 22.82
CA ALA K 96 48.23 52.54 21.56
C ALA K 96 48.08 54.03 21.29
N ARG K 97 48.01 54.84 22.34
CA ARG K 97 48.01 56.29 22.14
C ARG K 97 49.37 56.76 21.63
N PHE K 98 50.46 56.21 22.15
CA PHE K 98 51.79 56.66 21.77
C PHE K 98 52.45 55.74 20.76
N GLY K 99 51.67 55.14 19.88
CA GLY K 99 52.22 54.40 18.74
C GLY K 99 52.91 53.11 19.07
N LEU K 100 52.48 52.40 20.12
CA LEU K 100 53.13 51.16 20.53
C LEU K 100 52.19 49.98 20.45
N ALA K 101 51.01 50.17 19.86
CA ALA K 101 49.98 49.15 19.70
C ALA K 101 49.04 49.63 18.62
N PRO K 102 48.37 48.73 17.90
CA PRO K 102 47.45 49.17 16.86
C PRO K 102 46.21 49.83 17.42
N THR K 103 45.64 50.73 16.63
CA THR K 103 44.41 51.47 16.96
C THR K 103 43.39 51.25 15.87
N VAL K 104 42.30 52.03 15.94
CA VAL K 104 41.38 52.14 14.81
C VAL K 104 42.08 52.74 13.61
N LYS K 105 42.87 53.79 13.86
CA LYS K 105 43.57 54.50 12.79
C LYS K 105 44.60 53.65 12.08
N LYS K 106 45.27 52.74 12.81
CA LYS K 106 46.40 52.02 12.24
C LYS K 106 46.42 50.56 12.69
N ASN K 107 46.60 49.67 11.72
CA ASN K 107 46.70 48.23 11.90
C ASN K 107 48.14 47.77 11.73
N THR K 108 48.34 46.46 11.71
CA THR K 108 49.64 45.85 11.52
C THR K 108 49.61 45.06 10.21
N THR K 109 50.73 45.08 9.48
CA THR K 109 50.82 44.41 8.18
C THR K 109 50.92 42.89 8.36
N ALA K 110 51.16 42.20 7.24
CA ALA K 110 51.43 40.77 7.30
C ALA K 110 52.73 40.48 8.04
N GLY K 111 53.66 41.43 8.03
CA GLY K 111 54.82 41.36 8.89
C GLY K 111 54.49 41.96 10.23
N LEU K 112 55.19 43.03 10.61
CA LEU K 112 54.99 43.62 11.91
C LEU K 112 54.85 45.14 11.85
N LYS K 113 54.99 45.73 10.66
CA LYS K 113 54.97 47.18 10.55
C LYS K 113 53.56 47.72 10.76
N LEU K 114 53.47 48.89 11.37
CA LEU K 114 52.23 49.49 11.85
C LEU K 114 51.76 50.50 10.82
N VAL K 115 50.70 50.16 10.08
CA VAL K 115 50.32 50.88 8.86
C VAL K 115 48.91 51.41 8.99
N ASP K 116 48.62 52.47 8.22
CA ASP K 116 47.33 53.17 8.26
C ASP K 116 46.20 52.27 7.77
N SER K 117 44.98 52.60 8.20
CA SER K 117 43.79 51.79 7.95
C SER K 117 42.78 52.57 7.11
N LYS K 118 41.70 51.87 6.75
CA LYS K 118 40.55 52.47 6.07
C LYS K 118 39.60 53.12 7.07
N ASN K 119 39.57 52.59 8.31
CA ASN K 119 38.77 52.91 9.49
C ASN K 119 37.32 52.47 9.36
N SER K 120 36.89 52.10 8.15
CA SER K 120 35.60 51.50 7.80
C SER K 120 34.35 52.33 8.11
N ALA K 121 34.53 53.47 8.80
CA ALA K 121 33.48 54.47 8.96
C ALA K 121 33.97 55.90 8.87
N GLY K 122 35.25 56.18 9.17
CA GLY K 122 35.70 57.55 9.34
C GLY K 122 35.35 58.06 10.72
N VAL K 123 36.29 58.64 11.43
CA VAL K 123 36.04 59.05 12.80
C VAL K 123 36.25 60.56 12.95
N ILE K 124 35.45 61.16 13.83
CA ILE K 124 35.45 62.59 14.06
C ILE K 124 35.92 62.77 15.49
N SER K 125 36.88 61.96 15.90
CA SER K 125 37.57 62.12 17.17
C SER K 125 38.21 63.50 17.27
N ASN K 126 37.86 64.24 18.33
CA ASN K 126 38.40 65.58 18.51
C ASN K 126 39.84 65.58 18.98
N ASP K 127 40.32 64.43 19.47
CA ASP K 127 41.69 64.32 19.96
C ASP K 127 42.68 64.46 18.80
N PRO K 128 43.87 65.00 19.05
CA PRO K 128 44.85 65.14 17.96
C PRO K 128 45.38 63.82 17.42
N ALA K 129 45.50 62.80 18.24
CA ALA K 129 46.06 61.53 17.78
C ALA K 129 45.04 60.64 17.08
N GLY K 130 43.80 61.10 16.93
CA GLY K 130 42.77 60.26 16.33
C GLY K 130 42.34 59.13 17.24
N PHE K 131 42.43 59.34 18.56
CA PHE K 131 42.22 58.26 19.52
C PHE K 131 40.76 58.30 19.92
N THR K 132 39.98 57.35 19.41
CA THR K 132 38.54 57.35 19.62
C THR K 132 38.19 56.59 20.90
N ILE K 133 36.89 56.52 21.22
CA ILE K 133 36.44 55.73 22.35
C ILE K 133 36.50 54.25 22.04
N VAL K 134 36.39 53.88 20.76
CA VAL K 134 36.62 52.50 20.33
C VAL K 134 38.05 52.09 20.62
N ASP K 135 38.98 53.04 20.51
CA ASP K 135 40.37 52.79 20.91
C ASP K 135 40.48 52.65 22.43
N VAL K 136 39.60 53.32 23.18
CA VAL K 136 39.65 53.21 24.64
C VAL K 136 39.09 51.86 25.08
N LEU K 137 37.99 51.43 24.48
CA LEU K 137 37.35 50.18 24.86
C LEU K 137 38.21 48.97 24.50
N ALA K 138 38.90 49.04 23.37
CA ALA K 138 39.75 47.93 22.95
C ALA K 138 40.95 47.77 23.87
N MET K 139 41.67 48.86 24.12
CA MET K 139 42.82 48.76 25.00
C MET K 139 42.43 48.79 26.47
N GLY K 140 41.16 49.07 26.77
CA GLY K 140 40.66 48.80 28.11
C GLY K 140 40.36 47.32 28.30
N ALA K 141 39.87 46.67 27.26
CA ALA K 141 39.63 45.23 27.33
C ALA K 141 40.92 44.45 27.32
N ALA K 142 41.91 44.92 26.55
CA ALA K 142 43.22 44.29 26.56
C ALA K 142 43.98 44.58 27.85
N GLY K 143 43.80 45.78 28.42
CA GLY K 143 44.44 46.08 29.68
C GLY K 143 43.90 45.24 30.82
N HIS K 144 42.59 45.06 30.86
CA HIS K 144 42.02 44.05 31.74
C HIS K 144 42.42 42.66 31.28
N GLY K 145 42.59 42.45 29.97
CA GLY K 145 42.93 41.14 29.47
C GLY K 145 44.34 40.70 29.85
N LEU K 146 45.31 41.63 29.77
CA LEU K 146 46.63 41.35 30.30
C LEU K 146 46.61 41.24 31.82
N GLY K 147 45.94 42.19 32.48
CA GLY K 147 46.12 42.36 33.91
C GLY K 147 45.51 41.24 34.73
N VAL K 148 44.37 40.72 34.29
CA VAL K 148 43.74 39.60 35.01
C VAL K 148 44.58 38.34 34.88
N GLY K 149 45.23 38.16 33.72
CA GLY K 149 46.16 37.06 33.57
C GLY K 149 47.42 37.22 34.40
N ILE K 150 47.81 38.48 34.66
CA ILE K 150 48.97 38.73 35.53
C ILE K 150 48.61 38.48 36.98
N VAL K 151 47.42 38.92 37.41
CA VAL K 151 47.04 38.79 38.81
C VAL K 151 46.83 37.34 39.19
N LEU K 152 46.06 36.61 38.40
CA LEU K 152 45.80 35.21 38.71
C LEU K 152 46.96 34.32 38.34
N GLY K 153 47.83 34.79 37.44
CA GLY K 153 49.08 34.11 37.22
C GLY K 153 50.05 34.25 38.38
N LEU K 154 49.99 35.40 39.07
CA LEU K 154 50.84 35.58 40.24
C LEU K 154 50.24 34.96 41.49
N LYS K 155 48.92 34.83 41.56
CA LYS K 155 48.35 34.07 42.66
C LYS K 155 48.60 32.58 42.47
N GLY K 156 48.60 32.12 41.23
CA GLY K 156 48.79 30.70 40.97
C GLY K 156 50.22 30.24 41.19
N ILE K 157 51.20 31.10 40.89
CA ILE K 157 52.58 30.73 41.19
C ILE K 157 52.89 30.95 42.66
N GLY K 158 52.15 31.82 43.34
CA GLY K 158 52.31 32.04 44.76
C GLY K 158 52.80 33.42 45.12
N ALA K 159 53.37 34.15 44.18
CA ALA K 159 53.82 35.51 44.43
C ALA K 159 52.61 36.43 44.53
N LEU K 160 52.02 36.52 45.72
CA LEU K 160 50.69 37.10 45.98
C LEU K 160 49.65 36.43 45.09
N VAL L 127 64.28 9.55 -5.55
CA VAL L 127 65.48 10.35 -5.70
C VAL L 127 66.15 9.97 -7.01
N ALA L 128 66.47 10.97 -7.83
CA ALA L 128 67.14 10.72 -9.11
C ALA L 128 68.55 10.19 -8.91
N THR L 129 69.16 10.45 -7.76
CA THR L 129 70.46 9.87 -7.45
C THR L 129 70.33 8.38 -7.14
N TYR L 130 69.38 8.03 -6.25
CA TYR L 130 69.31 6.66 -5.75
C TYR L 130 68.70 5.68 -6.75
N LEU L 131 67.79 6.14 -7.61
CA LEU L 131 67.16 5.23 -8.57
C LEU L 131 68.13 4.77 -9.65
N SER L 132 69.21 5.50 -9.87
CA SER L 132 70.24 5.11 -10.82
C SER L 132 71.28 4.17 -10.21
N ASN L 133 71.02 3.65 -9.02
CA ASN L 133 71.94 2.75 -8.32
C ASN L 133 71.49 1.30 -8.33
N LEU L 134 70.26 1.04 -7.96
CA LEU L 134 69.74 -0.29 -7.72
C LEU L 134 69.41 -0.99 -9.05
N PRO L 135 69.57 -2.32 -9.13
CA PRO L 135 69.76 -2.99 -10.43
C PRO L 135 68.58 -2.99 -11.39
N ALA L 136 67.42 -2.45 -11.02
CA ALA L 136 66.33 -2.35 -11.99
C ALA L 136 66.63 -1.33 -13.08
N TYR L 137 67.42 -0.30 -12.76
CA TYR L 137 67.70 0.76 -13.70
C TYR L 137 69.15 0.79 -14.17
N ARG L 138 70.00 -0.12 -13.68
CA ARG L 138 71.35 -0.19 -14.21
C ARG L 138 71.31 -0.82 -15.59
N THR L 139 71.28 0.02 -16.62
CA THR L 139 71.23 -0.51 -17.99
C THR L 139 72.57 -1.10 -18.40
N GLY L 140 73.67 -0.56 -17.87
CA GLY L 140 74.99 -1.04 -18.24
C GLY L 140 75.47 -2.28 -17.53
N VAL L 141 74.57 -3.19 -17.17
CA VAL L 141 74.92 -4.45 -16.55
C VAL L 141 74.24 -5.56 -17.34
N ALA L 142 74.89 -6.71 -17.40
CA ALA L 142 74.31 -7.87 -18.06
C ALA L 142 73.11 -8.37 -17.28
N PRO L 143 72.07 -8.87 -17.96
CA PRO L 143 70.84 -9.28 -17.24
C PRO L 143 71.03 -10.48 -16.33
N VAL L 144 72.10 -11.27 -16.50
CA VAL L 144 72.36 -12.37 -15.59
C VAL L 144 72.76 -11.85 -14.22
N LEU L 145 73.76 -10.96 -14.18
CA LEU L 145 74.17 -10.36 -12.91
C LEU L 145 73.08 -9.45 -12.35
N ARG L 146 72.19 -8.96 -13.21
CA ARG L 146 71.06 -8.15 -12.77
C ARG L 146 70.06 -8.98 -11.98
N GLY L 147 69.69 -10.15 -12.51
CA GLY L 147 68.80 -11.03 -11.79
C GLY L 147 69.44 -11.69 -10.58
N VAL L 148 70.76 -11.83 -10.60
CA VAL L 148 71.47 -12.42 -9.46
C VAL L 148 71.41 -11.50 -8.25
N GLU L 149 71.64 -10.20 -8.44
CA GLU L 149 71.60 -9.30 -7.30
C GLU L 149 70.16 -9.07 -6.83
N ILE L 150 69.20 -9.04 -7.75
CA ILE L 150 67.79 -8.97 -7.34
C ILE L 150 67.38 -10.26 -6.66
N GLY L 151 67.94 -11.39 -7.10
CA GLY L 151 67.59 -12.67 -6.49
C GLY L 151 68.04 -12.80 -5.05
N LEU L 152 69.29 -12.45 -4.76
CA LEU L 152 69.76 -12.52 -3.38
C LEU L 152 69.15 -11.45 -2.50
N ALA L 153 68.79 -10.29 -3.08
CA ALA L 153 68.23 -9.21 -2.26
C ALA L 153 66.85 -9.58 -1.75
N HIS L 154 66.02 -10.17 -2.60
CA HIS L 154 64.79 -10.81 -2.17
C HIS L 154 65.02 -12.22 -1.66
N GLY L 155 66.29 -12.66 -1.57
CA GLY L 155 66.62 -13.98 -1.10
C GLY L 155 66.57 -14.14 0.41
N PHE L 156 67.44 -13.43 1.14
CA PHE L 156 67.45 -13.56 2.58
C PHE L 156 66.51 -12.57 3.27
N LEU L 157 65.47 -12.13 2.56
CA LEU L 157 64.49 -11.21 3.13
C LEU L 157 63.10 -11.81 3.23
N LEU L 158 62.58 -12.45 2.18
CA LEU L 158 61.25 -13.04 2.29
C LEU L 158 61.24 -14.32 3.13
N ALA L 159 62.41 -14.84 3.50
CA ALA L 159 62.47 -15.93 4.45
C ALA L 159 62.08 -15.48 5.84
N GLY L 160 62.21 -14.18 6.14
CA GLY L 160 61.90 -13.57 7.40
C GLY L 160 60.54 -13.88 8.02
N PRO L 161 59.44 -13.67 7.29
CA PRO L 161 58.14 -14.00 7.89
C PRO L 161 57.90 -15.47 8.11
N PHE L 162 58.42 -16.34 7.24
CA PHE L 162 58.25 -17.77 7.45
C PHE L 162 59.10 -18.26 8.62
N ILE L 163 60.31 -17.72 8.76
CA ILE L 163 61.24 -18.20 9.78
C ILE L 163 60.87 -17.66 11.16
N LYS L 164 60.07 -16.60 11.24
CA LYS L 164 59.70 -16.01 12.51
C LYS L 164 58.27 -16.33 12.91
N LEU L 165 57.30 -16.07 12.03
CA LEU L 165 55.89 -16.16 12.43
C LEU L 165 55.06 -17.06 11.52
N GLY L 166 55.67 -18.07 10.91
CA GLY L 166 54.92 -19.06 10.17
C GLY L 166 54.23 -20.06 11.10
N PRO L 167 53.94 -21.26 10.58
CA PRO L 167 53.31 -22.27 11.44
C PRO L 167 54.26 -22.91 12.43
N LEU L 168 55.55 -22.61 12.35
CA LEU L 168 56.57 -23.21 13.19
C LEU L 168 57.38 -22.15 13.90
N ARG L 169 56.69 -21.23 14.56
CA ARG L 169 57.38 -20.41 15.53
C ARG L 169 57.81 -21.27 16.72
N ASN L 170 56.88 -21.99 17.32
CA ASN L 170 57.15 -22.69 18.57
C ASN L 170 57.66 -24.11 18.37
N VAL L 171 58.63 -24.28 17.48
CA VAL L 171 59.45 -25.49 17.42
C VAL L 171 60.90 -25.04 17.31
N PRO L 172 61.70 -25.09 18.37
CA PRO L 172 63.05 -24.51 18.28
C PRO L 172 64.10 -25.43 17.66
N GLU L 173 63.72 -26.18 16.63
CA GLU L 173 64.67 -26.78 15.70
C GLU L 173 64.21 -26.71 14.25
N THR L 174 62.91 -26.67 13.99
CA THR L 174 62.36 -26.63 12.63
C THR L 174 62.01 -25.21 12.22
N ALA L 175 62.18 -24.25 13.14
CA ALA L 175 61.81 -22.86 12.89
C ALA L 175 62.64 -22.22 11.79
N GLU L 176 63.87 -22.70 11.58
CA GLU L 176 64.72 -22.20 10.52
C GLU L 176 64.75 -23.13 9.32
N ILE L 177 64.28 -24.37 9.45
CA ILE L 177 64.40 -25.34 8.38
C ILE L 177 63.22 -25.21 7.43
N ALA L 178 62.01 -25.43 7.95
CA ALA L 178 60.84 -25.52 7.08
C ALA L 178 60.42 -24.16 6.56
N GLY L 179 60.62 -23.11 7.35
CA GLY L 179 60.28 -21.77 6.90
C GLY L 179 61.18 -21.32 5.77
N SER L 180 62.47 -21.62 5.86
CA SER L 180 63.37 -21.36 4.75
C SER L 180 63.09 -22.26 3.56
N LEU L 181 62.67 -23.50 3.82
CA LEU L 181 62.37 -24.40 2.70
C LEU L 181 61.06 -23.99 2.04
N SER L 182 60.14 -23.42 2.81
CA SER L 182 58.92 -22.85 2.22
C SER L 182 59.25 -21.58 1.45
N ALA L 183 60.14 -20.75 1.99
CA ALA L 183 60.49 -19.50 1.33
C ALA L 183 61.26 -19.75 0.05
N ALA L 184 62.06 -20.82 0.00
CA ALA L 184 62.68 -21.20 -1.25
C ALA L 184 61.66 -21.71 -2.25
N GLY L 185 60.56 -22.27 -1.75
CA GLY L 185 59.46 -22.62 -2.63
C GLY L 185 58.76 -21.40 -3.20
N LEU L 186 58.68 -20.33 -2.40
CA LEU L 186 58.07 -19.10 -2.88
C LEU L 186 58.96 -18.42 -3.91
N VAL L 187 60.28 -18.55 -3.76
CA VAL L 187 61.20 -18.04 -4.78
C VAL L 187 61.05 -18.83 -6.07
N LEU L 188 60.82 -20.14 -5.96
CA LEU L 188 60.58 -20.99 -7.12
C LEU L 188 59.30 -20.58 -7.84
N ILE L 189 58.27 -20.19 -7.08
CA ILE L 189 57.04 -19.71 -7.68
C ILE L 189 57.28 -18.39 -8.39
N LEU L 190 58.00 -17.47 -7.75
CA LEU L 190 58.25 -16.17 -8.36
C LEU L 190 59.19 -16.27 -9.57
N ALA L 191 60.06 -17.28 -9.60
CA ALA L 191 60.93 -17.46 -10.74
C ALA L 191 60.15 -17.96 -11.95
N LEU L 192 59.21 -18.88 -11.73
CA LEU L 192 58.25 -19.25 -12.77
C LEU L 192 57.39 -18.07 -13.14
N CYS L 193 57.00 -17.26 -12.13
CA CYS L 193 56.16 -16.10 -12.34
C CYS L 193 56.86 -15.05 -13.19
N LEU L 194 58.20 -15.01 -13.15
CA LEU L 194 58.94 -14.14 -14.05
C LEU L 194 58.96 -14.68 -15.47
N SER L 195 59.21 -15.98 -15.63
CA SER L 195 59.34 -16.56 -16.97
C SER L 195 58.00 -16.55 -17.70
N ILE L 196 56.92 -16.70 -16.95
CA ILE L 196 55.57 -16.56 -17.50
C ILE L 196 55.37 -15.15 -18.06
N TYR L 197 55.93 -14.15 -17.39
CA TYR L 197 55.80 -12.78 -17.88
C TYR L 197 56.60 -12.55 -19.16
N GLY L 198 57.73 -13.22 -19.31
CA GLY L 198 58.56 -13.01 -20.49
C GLY L 198 57.95 -13.62 -21.74
N SER L 199 57.35 -14.79 -21.61
CA SER L 199 56.62 -15.37 -22.73
C SER L 199 55.34 -14.62 -23.02
N ALA L 200 54.80 -13.90 -22.04
CA ALA L 200 53.61 -13.10 -22.26
C ALA L 200 53.95 -11.79 -22.93
N GLN L 201 54.91 -11.06 -22.37
CA GLN L 201 55.18 -9.70 -22.79
C GLN L 201 55.92 -9.65 -24.12
N PHE L 202 56.87 -10.55 -24.33
CA PHE L 202 57.59 -10.61 -25.59
C PHE L 202 57.69 -12.01 -26.14
N PRO L 222 68.61 -3.55 -22.12
CA PRO L 222 68.55 -4.67 -23.06
C PRO L 222 67.96 -5.90 -22.41
N LEU L 223 67.14 -5.69 -21.39
CA LEU L 223 66.51 -6.78 -20.66
C LEU L 223 65.16 -7.16 -21.26
N PHE L 224 64.42 -6.16 -21.71
CA PHE L 224 63.11 -6.42 -22.29
C PHE L 224 63.25 -7.07 -23.66
N SER L 225 63.50 -8.38 -23.61
CA SER L 225 63.67 -9.22 -24.78
C SER L 225 63.24 -10.63 -24.40
N ALA L 226 63.09 -11.47 -25.42
CA ALA L 226 62.78 -12.87 -25.14
C ALA L 226 63.97 -13.58 -24.51
N ASP L 227 65.18 -13.09 -24.76
CA ASP L 227 66.39 -13.71 -24.24
C ASP L 227 66.89 -13.03 -22.98
N GLY L 228 66.87 -11.69 -22.95
CA GLY L 228 67.34 -10.97 -21.79
C GLY L 228 66.48 -11.17 -20.56
N TRP L 229 65.18 -11.42 -20.77
CA TRP L 229 64.32 -11.76 -19.64
C TRP L 229 64.55 -13.19 -19.18
N SER L 230 64.84 -14.10 -20.12
CA SER L 230 65.10 -15.49 -19.74
C SER L 230 66.41 -15.60 -18.98
N GLU L 231 67.36 -14.70 -19.27
CA GLU L 231 68.56 -14.61 -18.43
C GLU L 231 68.25 -13.90 -17.12
N PHE L 232 67.23 -13.04 -17.11
CA PHE L 232 66.85 -12.33 -15.90
C PHE L 232 66.14 -13.25 -14.91
N ALA L 233 65.20 -14.06 -15.40
CA ALA L 233 64.53 -15.01 -14.52
C ALA L 233 65.45 -16.12 -14.08
N ALA L 234 66.45 -16.47 -14.91
CA ALA L 234 67.41 -17.49 -14.51
C ALA L 234 68.26 -16.99 -13.35
N GLY L 235 68.74 -15.76 -13.43
CA GLY L 235 69.53 -15.20 -12.35
C GLY L 235 68.72 -14.95 -11.10
N PHE L 236 67.42 -14.78 -11.23
CA PHE L 236 66.58 -14.62 -10.04
C PHE L 236 66.38 -15.94 -9.33
N LEU L 237 66.26 -17.03 -10.09
CA LEU L 237 66.11 -18.35 -9.48
C LEU L 237 67.41 -18.77 -8.80
N VAL L 238 68.54 -18.65 -9.51
CA VAL L 238 69.82 -19.03 -8.93
C VAL L 238 70.24 -18.05 -7.85
N GLY L 239 69.98 -16.76 -8.07
CA GLY L 239 70.25 -15.78 -7.03
C GLY L 239 69.30 -15.87 -5.85
N GLY L 240 68.07 -16.31 -6.10
CA GLY L 240 67.12 -16.39 -5.00
C GLY L 240 67.34 -17.59 -4.12
N GLU L 241 67.65 -18.74 -4.71
CA GLU L 241 67.93 -19.94 -3.93
C GLU L 241 69.20 -19.78 -3.11
N ALA L 242 70.17 -19.03 -3.64
CA ALA L 242 71.39 -18.75 -2.90
C ALA L 242 71.11 -17.88 -1.68
N GLY L 243 70.26 -16.87 -1.86
CA GLY L 243 69.94 -15.96 -0.76
C GLY L 243 69.11 -16.62 0.34
N VAL L 244 68.27 -17.59 -0.02
CA VAL L 244 67.50 -18.28 1.00
C VAL L 244 68.40 -19.22 1.80
N ALA L 245 69.36 -19.86 1.13
CA ALA L 245 70.40 -20.59 1.85
C ALA L 245 71.28 -19.63 2.64
N TRP L 246 71.50 -18.41 2.10
CA TRP L 246 72.20 -17.37 2.83
C TRP L 246 71.40 -16.90 4.03
N ALA L 247 70.06 -17.02 3.99
CA ALA L 247 69.26 -16.69 5.16
C ALA L 247 69.42 -17.75 6.25
N TYR L 248 69.50 -19.03 5.86
CA TYR L 248 69.65 -20.07 6.87
C TYR L 248 71.05 -20.08 7.45
N VAL L 249 72.06 -19.71 6.65
CA VAL L 249 73.42 -19.53 7.17
C VAL L 249 73.43 -18.45 8.25
N CYS L 250 72.75 -17.33 7.99
CA CYS L 250 72.64 -16.24 8.96
C CYS L 250 71.65 -16.65 10.05
N THR L 251 72.13 -17.49 10.95
CA THR L 251 71.34 -17.95 12.08
C THR L 251 71.93 -17.47 13.40
N LYS M 55 -38.39 -25.08 -39.66
CA LYS M 55 -38.48 -24.40 -38.37
C LYS M 55 -39.46 -25.14 -37.47
N ALA M 56 -40.72 -24.69 -37.48
CA ALA M 56 -41.81 -25.22 -36.65
C ALA M 56 -41.44 -25.20 -35.16
N GLY M 57 -41.28 -24.00 -34.64
CA GLY M 57 -41.03 -23.80 -33.23
C GLY M 57 -39.97 -22.75 -32.97
N ASN M 58 -39.93 -22.24 -31.74
CA ASN M 58 -39.06 -21.12 -31.41
C ASN M 58 -38.36 -21.30 -30.07
N TRP M 59 -38.75 -22.28 -29.27
CA TRP M 59 -38.14 -22.79 -28.03
C TRP M 59 -38.03 -21.81 -26.87
N LEU M 60 -38.19 -20.52 -27.17
CA LEU M 60 -38.23 -19.36 -26.31
C LEU M 60 -38.87 -18.28 -27.18
N PRO M 61 -40.18 -18.08 -27.08
CA PRO M 61 -40.88 -17.21 -28.03
C PRO M 61 -40.47 -15.75 -27.87
N GLY M 62 -40.21 -15.11 -29.01
CA GLY M 62 -39.67 -13.77 -29.05
C GLY M 62 -38.20 -13.71 -29.38
N SER M 63 -37.49 -14.83 -29.29
CA SER M 63 -36.08 -14.85 -29.60
C SER M 63 -35.85 -14.83 -31.10
N ASP M 64 -34.77 -14.18 -31.50
CA ASP M 64 -34.32 -14.24 -32.88
C ASP M 64 -33.79 -15.63 -33.21
N ALA M 65 -33.79 -15.95 -34.50
CA ALA M 65 -33.21 -17.25 -34.81
C ALA M 65 -31.75 -17.08 -35.22
N PRO M 66 -30.91 -18.06 -34.88
CA PRO M 66 -29.53 -18.05 -35.37
C PRO M 66 -29.49 -18.23 -36.88
N ALA M 67 -28.68 -17.40 -37.54
CA ALA M 67 -28.62 -17.41 -38.99
C ALA M 67 -27.94 -18.66 -39.54
N TRP M 68 -27.14 -19.35 -38.73
CA TRP M 68 -26.40 -20.51 -39.16
C TRP M 68 -27.16 -21.82 -38.92
N LEU M 69 -28.43 -21.75 -38.53
CA LEU M 69 -29.29 -22.93 -38.48
C LEU M 69 -30.32 -22.82 -39.60
N PRO M 70 -30.21 -23.61 -40.66
CA PRO M 70 -31.21 -23.53 -41.74
C PRO M 70 -32.55 -24.09 -41.29
N ASP M 71 -33.62 -23.47 -41.78
CA ASP M 71 -34.96 -23.88 -41.40
C ASP M 71 -35.40 -25.18 -42.06
N ASP M 72 -34.62 -25.67 -43.03
CA ASP M 72 -34.96 -26.92 -43.70
C ASP M 72 -34.67 -28.14 -42.86
N LEU M 73 -33.85 -28.01 -41.82
CA LEU M 73 -33.27 -29.15 -41.13
C LEU M 73 -34.27 -29.72 -40.14
N PRO M 74 -34.36 -31.04 -40.04
CA PRO M 74 -35.34 -31.65 -39.12
C PRO M 74 -34.90 -31.53 -37.67
N GLY M 75 -35.84 -31.14 -36.82
CA GLY M 75 -35.55 -30.90 -35.42
C GLY M 75 -35.06 -29.51 -35.11
N ASN M 76 -35.16 -28.58 -36.04
CA ASN M 76 -34.65 -27.24 -35.84
C ASN M 76 -35.62 -26.43 -35.00
N TYR M 77 -35.07 -25.65 -34.07
CA TYR M 77 -35.83 -24.63 -33.36
C TYR M 77 -35.08 -23.33 -33.28
N GLY M 78 -33.83 -23.28 -33.73
CA GLY M 78 -32.99 -22.15 -33.43
C GLY M 78 -32.39 -22.22 -32.05
N PHE M 79 -32.25 -23.41 -31.48
CA PHE M 79 -31.69 -23.55 -30.14
C PHE M 79 -30.21 -23.84 -30.24
N ASP M 80 -29.42 -22.77 -30.26
CA ASP M 80 -27.98 -22.86 -30.08
C ASP M 80 -27.54 -21.57 -29.40
N PRO M 81 -27.73 -21.47 -28.09
CA PRO M 81 -27.29 -20.25 -27.40
C PRO M 81 -25.79 -20.13 -27.27
N LEU M 82 -25.04 -21.20 -27.47
CA LEU M 82 -23.59 -21.13 -27.39
C LEU M 82 -22.95 -20.73 -28.70
N SER M 83 -23.73 -20.60 -29.77
CA SER M 83 -23.25 -20.53 -31.16
C SER M 83 -22.29 -21.68 -31.44
N LEU M 84 -22.69 -22.87 -31.01
CA LEU M 84 -21.83 -24.03 -30.96
C LEU M 84 -21.72 -24.74 -32.30
N GLY M 85 -22.59 -24.40 -33.25
CA GLY M 85 -22.52 -24.99 -34.57
C GLY M 85 -22.44 -23.94 -35.66
N LYS M 86 -21.67 -22.88 -35.42
CA LYS M 86 -21.61 -21.79 -36.39
C LYS M 86 -20.83 -22.17 -37.64
N GLU M 87 -19.79 -22.99 -37.50
CA GLU M 87 -19.13 -23.47 -38.69
C GLU M 87 -19.94 -24.61 -39.31
N PRO M 88 -20.05 -24.65 -40.64
CA PRO M 88 -20.93 -25.64 -41.27
C PRO M 88 -20.44 -27.06 -41.16
N ALA M 89 -19.12 -27.28 -41.12
CA ALA M 89 -18.63 -28.64 -40.94
C ALA M 89 -18.88 -29.14 -39.54
N SER M 90 -18.85 -28.25 -38.55
CA SER M 90 -19.16 -28.64 -37.17
C SER M 90 -20.63 -28.96 -37.02
N LEU M 91 -21.50 -28.16 -37.67
CA LEU M 91 -22.92 -28.44 -37.62
C LEU M 91 -23.27 -29.72 -38.37
N LYS M 92 -22.58 -29.99 -39.48
CA LYS M 92 -22.84 -31.18 -40.26
C LYS M 92 -22.44 -32.44 -39.49
N ARG M 93 -21.38 -32.35 -38.70
CA ARG M 93 -21.03 -33.45 -37.83
C ARG M 93 -22.03 -33.60 -36.69
N PHE M 94 -22.60 -32.48 -36.25
CA PHE M 94 -23.53 -32.53 -35.12
C PHE M 94 -24.88 -33.09 -35.51
N THR M 95 -25.37 -32.80 -36.71
CA THR M 95 -26.62 -33.39 -37.16
C THR M 95 -26.46 -34.89 -37.37
N GLU M 96 -25.26 -35.35 -37.73
CA GLU M 96 -24.99 -36.78 -37.74
C GLU M 96 -25.01 -37.35 -36.34
N SER M 97 -24.41 -36.63 -35.39
CA SER M 97 -24.21 -37.19 -34.06
C SER M 97 -25.43 -37.05 -33.15
N GLU M 98 -26.34 -36.12 -33.44
CA GLU M 98 -27.54 -36.01 -32.61
C GLU M 98 -28.48 -37.17 -32.86
N VAL M 99 -28.60 -37.58 -34.12
CA VAL M 99 -29.48 -38.67 -34.49
C VAL M 99 -28.97 -39.99 -33.93
N ILE M 100 -27.67 -40.20 -33.99
CA ILE M 100 -27.08 -41.45 -33.55
C ILE M 100 -27.07 -41.53 -32.02
N HIS M 101 -26.81 -40.41 -31.35
CA HIS M 101 -27.10 -40.33 -29.91
C HIS M 101 -28.57 -40.53 -29.63
N GLY M 102 -29.44 -40.03 -30.51
CA GLY M 102 -30.86 -40.17 -30.28
C GLY M 102 -31.35 -41.59 -30.51
N ARG M 103 -30.81 -42.25 -31.54
CA ARG M 103 -31.25 -43.61 -31.87
C ARG M 103 -30.75 -44.62 -30.86
N TRP M 104 -29.50 -44.47 -30.40
CA TRP M 104 -28.99 -45.38 -29.39
C TRP M 104 -29.62 -45.14 -28.03
N ALA M 105 -30.04 -43.91 -27.75
CA ALA M 105 -30.72 -43.69 -26.48
C ALA M 105 -32.15 -44.19 -26.52
N MET M 106 -32.84 -44.08 -27.66
CA MET M 106 -34.16 -44.69 -27.80
C MET M 106 -34.08 -46.20 -27.65
N LEU M 107 -33.02 -46.81 -28.15
CA LEU M 107 -32.78 -48.22 -27.84
C LEU M 107 -32.32 -48.39 -26.40
N GLY M 108 -31.64 -47.39 -25.86
CA GLY M 108 -31.18 -47.49 -24.49
C GLY M 108 -32.29 -47.35 -23.48
N VAL M 109 -33.18 -46.38 -23.69
CA VAL M 109 -34.24 -46.13 -22.72
C VAL M 109 -35.33 -47.20 -22.80
N ALA M 110 -35.45 -47.86 -23.96
CA ALA M 110 -36.42 -48.95 -24.07
C ALA M 110 -35.92 -50.17 -23.33
N GLY M 111 -34.61 -50.43 -23.40
CA GLY M 111 -34.03 -51.54 -22.67
C GLY M 111 -34.00 -51.31 -21.18
N SER M 112 -33.97 -50.05 -20.76
CA SER M 112 -34.04 -49.77 -19.33
C SER M 112 -35.45 -49.90 -18.80
N LEU M 113 -36.46 -49.62 -19.63
CA LEU M 113 -37.84 -49.76 -19.19
C LEU M 113 -38.33 -51.19 -19.27
N ALA M 114 -38.02 -51.89 -20.37
CA ALA M 114 -38.61 -53.20 -20.60
C ALA M 114 -38.04 -54.26 -19.68
N VAL M 115 -36.91 -54.00 -19.04
CA VAL M 115 -36.45 -54.87 -17.96
C VAL M 115 -37.39 -54.75 -16.76
N GLU M 116 -37.69 -53.53 -16.33
CA GLU M 116 -38.63 -53.36 -15.22
C GLU M 116 -40.07 -53.60 -15.62
N LEU M 117 -40.40 -53.43 -16.90
CA LEU M 117 -41.75 -53.79 -17.35
C LEU M 117 -41.94 -55.30 -17.38
N LEU M 118 -40.86 -56.06 -17.54
CA LEU M 118 -40.92 -57.52 -17.54
C LEU M 118 -40.35 -58.13 -16.27
N GLY M 119 -39.84 -57.30 -15.35
CA GLY M 119 -39.40 -57.80 -14.06
C GLY M 119 -38.11 -58.57 -14.09
N TYR M 120 -37.01 -57.91 -14.43
CA TYR M 120 -35.68 -58.53 -14.41
C TYR M 120 -34.70 -57.64 -13.67
N GLY M 121 -35.13 -57.09 -12.53
CA GLY M 121 -34.32 -56.10 -11.87
C GLY M 121 -34.43 -54.78 -12.62
N ASN M 122 -33.35 -54.01 -12.65
CA ASN M 122 -33.36 -52.77 -13.41
C ASN M 122 -32.15 -52.64 -14.31
N TRP M 123 -32.00 -51.47 -14.94
CA TRP M 123 -30.91 -51.25 -15.88
C TRP M 123 -29.55 -51.21 -15.20
N TYR M 124 -29.52 -50.78 -13.94
CA TYR M 124 -28.25 -50.67 -13.23
C TYR M 124 -27.73 -52.04 -12.81
N ASP M 125 -28.63 -52.99 -12.54
CA ASP M 125 -28.24 -54.29 -12.00
C ASP M 125 -28.06 -55.35 -13.06
N ALA M 126 -28.25 -55.03 -14.33
CA ALA M 126 -28.05 -56.03 -15.36
C ALA M 126 -26.57 -56.36 -15.60
N PRO M 127 -25.57 -55.43 -15.47
CA PRO M 127 -24.19 -55.86 -15.31
C PRO M 127 -23.76 -56.02 -13.85
N LEU M 128 -24.51 -56.84 -13.11
CA LEU M 128 -24.10 -57.28 -11.78
C LEU M 128 -23.88 -58.79 -11.73
N TRP M 129 -23.64 -59.42 -12.87
CA TRP M 129 -23.20 -60.80 -12.91
C TRP M 129 -21.72 -60.95 -13.21
N ALA M 130 -21.12 -59.96 -13.89
CA ALA M 130 -19.68 -60.02 -14.14
C ALA M 130 -18.89 -59.88 -12.85
N VAL M 131 -19.42 -59.13 -11.89
CA VAL M 131 -18.93 -59.12 -10.52
C VAL M 131 -20.00 -59.79 -9.67
N ASN M 132 -19.58 -60.36 -8.53
CA ASN M 132 -20.46 -60.89 -7.49
C ASN M 132 -21.31 -62.05 -7.99
N GLY M 133 -20.72 -62.89 -8.83
CA GLY M 133 -21.41 -64.07 -9.30
C GLY M 133 -21.25 -64.33 -10.79
N GLY M 134 -22.36 -64.67 -11.44
CA GLY M 134 -22.34 -65.01 -12.85
C GLY M 134 -23.70 -65.46 -13.31
N LYS M 135 -23.70 -66.30 -14.35
CA LYS M 135 -24.90 -66.89 -14.97
C LYS M 135 -25.88 -65.81 -15.42
N ALA M 136 -25.45 -65.08 -16.45
CA ALA M 136 -26.22 -63.98 -17.00
C ALA M 136 -27.51 -64.49 -17.65
N THR M 137 -28.54 -63.65 -17.56
CA THR M 137 -29.86 -63.99 -18.06
C THR M 137 -30.29 -63.03 -19.16
N TRP M 138 -31.25 -63.49 -19.96
CA TRP M 138 -31.91 -62.66 -20.97
C TRP M 138 -33.22 -63.37 -21.27
N PHE M 139 -34.35 -62.68 -21.04
CA PHE M 139 -35.71 -63.26 -21.02
C PHE M 139 -35.85 -64.41 -20.02
N GLY M 140 -35.00 -64.44 -18.99
CA GLY M 140 -34.89 -65.59 -18.13
C GLY M 140 -33.97 -66.69 -18.62
N ILE M 141 -33.62 -66.68 -19.90
CA ILE M 141 -32.81 -67.74 -20.50
C ILE M 141 -31.35 -67.49 -20.14
N GLU M 142 -30.67 -68.56 -19.71
CA GLU M 142 -29.24 -68.47 -19.43
C GLU M 142 -28.45 -68.30 -20.72
N VAL M 143 -27.35 -67.56 -20.63
CA VAL M 143 -26.35 -67.51 -21.69
C VAL M 143 -25.00 -67.75 -21.03
N PRO M 144 -24.26 -68.80 -21.43
CA PRO M 144 -23.03 -69.18 -20.71
C PRO M 144 -21.79 -68.45 -21.23
N PHE M 145 -21.83 -67.12 -21.18
CA PHE M 145 -20.71 -66.28 -21.56
C PHE M 145 -20.20 -65.54 -20.33
N ASP M 146 -18.88 -65.54 -20.12
CA ASP M 146 -18.33 -64.67 -19.11
C ASP M 146 -18.15 -63.27 -19.70
N LEU M 147 -17.69 -62.34 -18.85
CA LEU M 147 -17.51 -60.96 -19.28
C LEU M 147 -16.43 -60.82 -20.34
N ASN M 148 -15.30 -61.49 -20.15
CA ASN M 148 -14.13 -61.26 -20.97
C ASN M 148 -14.24 -61.86 -22.36
N ALA M 149 -15.26 -62.66 -22.63
CA ALA M 149 -15.46 -63.17 -23.99
C ALA M 149 -16.39 -62.28 -24.80
N LEU M 150 -17.55 -61.93 -24.23
CA LEU M 150 -18.50 -61.09 -24.96
C LEU M 150 -18.01 -59.66 -25.11
N LEU M 151 -17.14 -59.20 -24.21
CA LEU M 151 -16.51 -57.89 -24.37
C LEU M 151 -15.59 -57.90 -25.58
N ALA M 152 -14.91 -59.02 -25.84
CA ALA M 152 -14.12 -59.14 -27.05
C ALA M 152 -15.01 -59.37 -28.27
N PHE M 153 -16.18 -59.99 -28.07
CA PHE M 153 -17.12 -60.16 -29.18
C PHE M 153 -17.73 -58.83 -29.58
N GLU M 154 -18.11 -58.02 -28.60
CA GLU M 154 -18.70 -56.71 -28.86
C GLU M 154 -17.66 -55.63 -29.12
N PHE M 155 -16.38 -55.98 -29.13
CA PHE M 155 -15.37 -55.03 -29.60
C PHE M 155 -15.08 -55.23 -31.07
N VAL M 156 -15.01 -56.49 -31.51
CA VAL M 156 -14.70 -56.76 -32.90
C VAL M 156 -15.93 -56.52 -33.77
N ALA M 157 -17.08 -57.07 -33.36
CA ALA M 157 -18.27 -57.02 -34.22
C ALA M 157 -18.87 -55.63 -34.27
N MET M 158 -18.74 -54.86 -33.18
CA MET M 158 -19.30 -53.52 -33.19
C MET M 158 -18.43 -52.54 -33.97
N ALA M 159 -17.10 -52.67 -33.84
CA ALA M 159 -16.21 -51.88 -34.69
C ALA M 159 -16.31 -52.30 -36.15
N ALA M 160 -16.68 -53.55 -36.40
CA ALA M 160 -16.99 -53.98 -37.77
C ALA M 160 -18.26 -53.34 -38.30
N ALA M 161 -19.20 -52.96 -37.43
CA ALA M 161 -20.37 -52.23 -37.88
C ALA M 161 -20.17 -50.73 -37.81
N GLU M 162 -19.28 -50.27 -36.93
CA GLU M 162 -18.94 -48.85 -36.90
C GLU M 162 -18.14 -48.44 -38.11
N GLY M 163 -17.13 -49.23 -38.48
CA GLY M 163 -16.29 -48.90 -39.62
C GLY M 163 -17.00 -48.99 -40.95
N GLN M 164 -18.08 -49.77 -41.02
CA GLN M 164 -18.95 -49.70 -42.17
C GLN M 164 -19.83 -48.47 -42.12
N ARG M 165 -20.18 -47.99 -40.93
CA ARG M 165 -21.01 -46.80 -40.80
C ARG M 165 -20.18 -45.51 -40.83
N GLY M 166 -19.27 -45.37 -39.88
CA GLY M 166 -18.70 -44.08 -39.57
C GLY M 166 -17.70 -43.55 -40.59
N ASP M 167 -16.62 -44.28 -40.81
CA ASP M 167 -15.57 -43.85 -41.70
C ASP M 167 -15.76 -44.35 -43.13
N ALA M 168 -17.01 -44.61 -43.53
CA ALA M 168 -17.37 -44.92 -44.90
C ALA M 168 -18.39 -43.92 -45.42
N GLY M 169 -18.24 -42.65 -45.04
CA GLY M 169 -19.15 -41.60 -45.44
C GLY M 169 -19.48 -40.71 -44.25
N GLY M 170 -20.60 -40.01 -44.35
CA GLY M 170 -21.07 -39.20 -43.25
C GLY M 170 -22.59 -39.20 -43.16
N VAL M 171 -23.21 -40.15 -43.87
CA VAL M 171 -24.66 -40.16 -44.02
C VAL M 171 -25.30 -40.67 -42.73
N VAL M 172 -26.49 -40.17 -42.43
CA VAL M 172 -27.18 -40.55 -41.21
C VAL M 172 -28.58 -41.08 -41.49
N TYR M 173 -29.10 -40.87 -42.69
CA TYR M 173 -30.31 -41.51 -43.18
C TYR M 173 -29.95 -42.30 -44.43
N PRO M 174 -29.43 -43.52 -44.28
CA PRO M 174 -28.99 -44.28 -45.45
C PRO M 174 -30.18 -44.83 -46.24
N GLY M 175 -30.21 -44.51 -47.54
CA GLY M 175 -31.28 -45.00 -48.38
C GLY M 175 -31.00 -46.41 -48.85
N GLY M 176 -31.93 -47.31 -48.60
CA GLY M 176 -31.77 -48.69 -49.04
C GLY M 176 -32.11 -49.72 -48.00
N ALA M 177 -31.12 -50.54 -47.61
CA ALA M 177 -31.38 -51.76 -46.85
C ALA M 177 -31.78 -51.49 -45.40
N PHE M 178 -31.59 -50.27 -44.90
CA PHE M 178 -32.01 -49.93 -43.55
C PHE M 178 -33.43 -49.42 -43.50
N ASP M 179 -34.16 -49.48 -44.61
CA ASP M 179 -35.59 -49.18 -44.65
C ASP M 179 -36.28 -50.42 -45.21
N PRO M 180 -36.62 -51.41 -44.36
CA PRO M 180 -37.29 -52.62 -44.85
C PRO M 180 -38.67 -52.39 -45.41
N LEU M 181 -39.57 -51.77 -44.65
CA LEU M 181 -40.94 -51.62 -45.13
C LEU M 181 -41.03 -50.49 -46.14
N GLY M 182 -40.44 -49.35 -45.83
CA GLY M 182 -40.43 -48.23 -46.75
C GLY M 182 -41.44 -47.18 -46.36
N PHE M 183 -40.96 -46.15 -45.67
CA PHE M 183 -41.79 -45.02 -45.28
C PHE M 183 -41.29 -43.71 -45.85
N ALA M 184 -40.00 -43.40 -45.68
CA ALA M 184 -39.43 -42.15 -46.14
C ALA M 184 -38.67 -42.43 -47.43
N LYS M 185 -39.34 -42.23 -48.56
CA LYS M 185 -38.72 -42.33 -49.86
C LYS M 185 -38.16 -40.99 -50.34
N ASP M 186 -38.01 -40.03 -49.42
CA ASP M 186 -37.48 -38.68 -49.65
C ASP M 186 -38.28 -37.89 -50.67
N SER M 187 -39.58 -38.18 -50.80
CA SER M 187 -40.41 -37.40 -51.70
C SER M 187 -41.12 -36.29 -50.95
N SER M 188 -42.02 -36.64 -50.05
CA SER M 188 -42.68 -35.61 -49.25
C SER M 188 -42.71 -35.93 -47.76
N LYS M 189 -42.87 -37.20 -47.39
CA LYS M 189 -43.06 -37.57 -46.00
C LYS M 189 -41.74 -37.78 -45.25
N SER M 190 -40.62 -37.32 -45.83
CA SER M 190 -39.32 -37.54 -45.23
C SER M 190 -39.10 -36.64 -44.02
N GLY M 191 -39.18 -35.33 -44.22
CA GLY M 191 -38.85 -34.39 -43.15
C GLY M 191 -39.84 -34.40 -42.01
N GLU M 192 -41.06 -34.89 -42.25
CA GLU M 192 -42.02 -35.08 -41.17
C GLU M 192 -41.59 -36.22 -40.25
N LEU M 193 -41.27 -37.38 -40.83
CA LEU M 193 -40.87 -38.52 -40.00
C LEU M 193 -39.47 -38.35 -39.46
N LYS M 194 -38.60 -37.60 -40.14
CA LYS M 194 -37.31 -37.28 -39.56
C LYS M 194 -37.46 -36.38 -38.35
N LEU M 195 -38.48 -35.52 -38.35
CA LEU M 195 -38.75 -34.67 -37.20
C LEU M 195 -39.17 -35.51 -36.00
N LYS M 196 -39.99 -36.53 -36.24
CA LYS M 196 -40.46 -37.38 -35.16
C LYS M 196 -39.35 -38.26 -34.62
N GLU M 197 -38.39 -38.63 -35.47
CA GLU M 197 -37.25 -39.42 -35.00
C GLU M 197 -36.36 -38.58 -34.10
N ILE M 198 -36.29 -37.28 -34.37
CA ILE M 198 -35.56 -36.36 -33.51
C ILE M 198 -36.30 -36.15 -32.19
N LYS M 199 -37.61 -35.91 -32.27
CA LYS M 199 -38.38 -35.53 -31.08
C LYS M 199 -38.49 -36.68 -30.08
N ASN M 200 -38.87 -37.87 -30.57
CA ASN M 200 -38.80 -39.07 -29.72
C ASN M 200 -37.36 -39.37 -29.30
N GLY M 201 -36.39 -39.00 -30.13
CA GLY M 201 -35.00 -39.24 -29.77
C GLY M 201 -34.49 -38.29 -28.70
N ARG M 202 -34.87 -37.02 -28.81
CA ARG M 202 -34.47 -36.03 -27.81
C ARG M 202 -35.13 -36.31 -26.46
N LEU M 203 -36.35 -36.83 -26.48
CA LEU M 203 -37.01 -37.23 -25.24
C LEU M 203 -36.27 -38.38 -24.58
N ALA M 204 -35.72 -39.29 -25.38
CA ALA M 204 -35.03 -40.45 -24.84
C ALA M 204 -33.71 -40.07 -24.20
N MET M 205 -32.99 -39.11 -24.80
CA MET M 205 -31.71 -38.68 -24.25
C MET M 205 -31.91 -37.91 -22.95
N VAL M 206 -33.01 -37.17 -22.84
CA VAL M 206 -33.37 -36.56 -21.57
C VAL M 206 -33.72 -37.62 -20.55
N ALA M 207 -34.51 -38.62 -20.97
CA ALA M 207 -35.00 -39.63 -20.04
C ALA M 207 -33.88 -40.54 -19.56
N PHE M 208 -32.90 -40.83 -20.40
CA PHE M 208 -31.75 -41.60 -19.93
C PHE M 208 -30.90 -40.78 -18.96
N LEU M 209 -30.76 -39.48 -19.23
CA LEU M 209 -30.11 -38.59 -18.28
C LEU M 209 -30.96 -38.44 -17.03
N GLY M 210 -32.28 -38.58 -17.18
CA GLY M 210 -33.18 -38.70 -16.07
C GLY M 210 -33.21 -40.06 -15.42
N PHE M 211 -32.44 -41.03 -15.94
CA PHE M 211 -32.27 -42.30 -15.23
C PHE M 211 -31.00 -42.31 -14.40
N VAL M 212 -29.92 -41.75 -14.94
CA VAL M 212 -28.64 -41.77 -14.26
C VAL M 212 -28.67 -40.84 -13.05
N ALA M 213 -29.27 -39.66 -13.22
CA ALA M 213 -29.37 -38.73 -12.09
C ALA M 213 -30.39 -39.21 -11.06
N GLN M 214 -31.42 -39.92 -11.50
CA GLN M 214 -32.37 -40.50 -10.57
C GLN M 214 -31.74 -41.64 -9.78
N HIS M 215 -30.90 -42.43 -10.43
CA HIS M 215 -30.22 -43.50 -9.73
C HIS M 215 -29.06 -43.01 -8.89
N ALA M 216 -28.42 -41.91 -9.29
CA ALA M 216 -27.35 -41.36 -8.46
C ALA M 216 -27.92 -40.74 -7.20
N ALA M 217 -29.15 -40.26 -7.25
CA ALA M 217 -29.77 -39.61 -6.10
C ALA M 217 -30.43 -40.63 -5.17
N THR M 218 -31.40 -41.38 -5.68
CA THR M 218 -32.21 -42.26 -4.85
C THR M 218 -31.75 -43.70 -4.86
N GLY M 219 -31.03 -44.14 -5.90
CA GLY M 219 -30.63 -45.52 -5.97
C GLY M 219 -31.72 -46.47 -6.39
N LYS M 220 -32.80 -45.96 -6.95
CA LYS M 220 -33.91 -46.80 -7.41
C LYS M 220 -34.08 -46.64 -8.90
N GLY M 221 -34.74 -47.61 -9.51
CA GLY M 221 -34.92 -47.64 -10.94
C GLY M 221 -36.01 -46.71 -11.41
N PRO M 222 -36.29 -46.75 -12.73
CA PRO M 222 -37.34 -45.90 -13.29
C PRO M 222 -38.75 -46.19 -12.79
N ILE M 223 -39.23 -47.42 -12.95
CA ILE M 223 -40.58 -47.71 -12.51
C ILE M 223 -40.62 -47.87 -10.99
N ALA M 224 -39.48 -48.23 -10.38
CA ALA M 224 -39.43 -48.45 -8.94
C ALA M 224 -39.60 -47.17 -8.14
N ALA M 225 -39.35 -46.01 -8.75
CA ALA M 225 -39.61 -44.74 -8.09
C ALA M 225 -40.72 -43.93 -8.74
N LEU M 226 -41.10 -44.26 -9.98
CA LEU M 226 -42.33 -43.72 -10.55
C LEU M 226 -43.53 -44.23 -9.78
N GLY M 227 -43.46 -45.47 -9.28
CA GLY M 227 -44.48 -45.95 -8.37
C GLY M 227 -44.45 -45.23 -7.04
N GLU M 228 -43.30 -44.69 -6.64
CA GLU M 228 -43.20 -43.95 -5.40
C GLU M 228 -43.68 -42.52 -5.54
N HIS M 229 -43.42 -41.87 -6.67
CA HIS M 229 -43.99 -40.56 -6.94
C HIS M 229 -45.51 -40.63 -7.06
N LEU M 230 -46.03 -41.77 -7.52
CA LEU M 230 -47.47 -41.95 -7.52
C LEU M 230 -48.00 -42.41 -6.16
N ALA M 231 -47.15 -42.99 -5.31
CA ALA M 231 -47.58 -43.34 -3.96
C ALA M 231 -47.48 -42.16 -3.00
N ASN M 232 -46.69 -41.15 -3.36
CA ASN M 232 -46.55 -39.95 -2.53
C ASN M 232 -46.18 -38.82 -3.48
N PRO M 233 -47.17 -38.04 -3.91
CA PRO M 233 -46.89 -37.02 -4.94
C PRO M 233 -46.04 -35.87 -4.43
N TRP M 234 -46.07 -35.60 -3.14
CA TRP M 234 -45.42 -34.45 -2.56
C TRP M 234 -44.26 -34.83 -1.66
N GLY M 235 -43.93 -36.12 -1.56
CA GLY M 235 -42.89 -36.55 -0.67
C GLY M 235 -41.91 -37.51 -1.30
N ALA M 236 -42.06 -37.73 -2.60
CA ALA M 236 -41.22 -38.66 -3.34
C ALA M 236 -40.75 -38.01 -4.63
N ASN M 237 -40.27 -36.77 -4.52
CA ASN M 237 -39.78 -36.03 -5.66
C ASN M 237 -38.30 -35.69 -5.47
N PHE M 238 -37.78 -34.85 -6.35
CA PHE M 238 -36.35 -34.57 -6.35
C PHE M 238 -35.91 -33.62 -5.25
N ALA M 239 -36.80 -33.21 -4.36
CA ALA M 239 -36.43 -32.31 -3.28
C ALA M 239 -36.37 -32.99 -1.91
N THR M 240 -37.07 -34.11 -1.73
CA THR M 240 -37.05 -34.79 -0.44
C THR M 240 -35.73 -35.47 -0.15
N ASN M 241 -35.00 -35.88 -1.18
CA ASN M 241 -33.63 -36.31 -0.98
C ASN M 241 -32.72 -35.11 -0.83
N GLY M 242 -31.69 -35.27 0.00
CA GLY M 242 -30.79 -34.17 0.30
C GLY M 242 -29.63 -34.08 -0.66
N ILE M 243 -29.92 -34.25 -1.95
CA ILE M 243 -28.92 -34.32 -2.99
C ILE M 243 -29.16 -33.26 -4.06
N SER M 244 -30.36 -33.26 -4.65
CA SER M 244 -30.63 -32.36 -5.76
C SER M 244 -30.87 -30.93 -5.29
N VAL M 245 -31.53 -30.79 -4.16
CA VAL M 245 -31.61 -29.50 -3.42
C VAL M 245 -30.88 -29.68 -2.13
N PRO M 246 -29.75 -29.01 -1.90
CA PRO M 246 -28.93 -29.31 -0.73
C PRO M 246 -29.44 -28.73 0.58
N PHE M 247 -30.27 -27.69 0.54
CA PHE M 247 -30.59 -26.96 1.77
C PHE M 247 -31.87 -27.43 2.43
N LYS N 55 -76.23 -13.67 -33.59
CA LYS N 55 -76.22 -12.94 -32.34
C LYS N 55 -77.21 -13.61 -31.37
N ALA N 56 -78.45 -13.09 -31.35
CA ALA N 56 -79.52 -13.53 -30.46
C ALA N 56 -79.10 -13.49 -28.99
N GLY N 57 -78.85 -12.27 -28.51
CA GLY N 57 -78.53 -12.03 -27.11
C GLY N 57 -77.42 -11.03 -26.96
N ASN N 58 -77.30 -10.48 -25.74
CA ASN N 58 -76.36 -9.40 -25.49
C ASN N 58 -75.61 -9.55 -24.17
N TRP N 59 -76.03 -10.49 -23.31
CA TRP N 59 -75.39 -11.00 -22.08
C TRP N 59 -75.18 -9.97 -20.97
N LEU N 60 -75.29 -8.69 -21.30
CA LEU N 60 -75.23 -7.50 -20.49
C LEU N 60 -75.85 -6.42 -21.38
N PRO N 61 -77.14 -6.15 -21.22
CA PRO N 61 -77.85 -5.28 -22.18
C PRO N 61 -77.36 -3.84 -22.10
N GLY N 62 -77.11 -3.26 -23.27
CA GLY N 62 -76.52 -1.95 -23.38
C GLY N 62 -75.06 -1.97 -23.78
N SER N 63 -74.40 -3.13 -23.66
CA SER N 63 -73.00 -3.22 -24.02
C SER N 63 -72.83 -3.27 -25.53
N ASP N 64 -71.74 -2.69 -26.01
CA ASP N 64 -71.35 -2.81 -27.39
C ASP N 64 -70.91 -4.25 -27.70
N ALA N 65 -70.98 -4.62 -28.96
CA ALA N 65 -70.48 -5.95 -29.25
C ALA N 65 -69.02 -5.88 -29.73
N PRO N 66 -68.22 -6.88 -29.38
CA PRO N 66 -66.86 -6.96 -29.93
C PRO N 66 -66.89 -7.20 -31.43
N ALA N 67 -66.07 -6.43 -32.15
CA ALA N 67 -66.08 -6.50 -33.60
C ALA N 67 -65.47 -7.79 -34.13
N TRP N 68 -64.68 -8.49 -33.32
CA TRP N 68 -64.01 -9.72 -33.74
C TRP N 68 -64.82 -10.97 -33.43
N LEU N 69 -66.07 -10.82 -32.99
CA LEU N 69 -66.99 -11.95 -32.87
C LEU N 69 -68.05 -11.83 -33.94
N PRO N 70 -68.03 -12.66 -34.97
CA PRO N 70 -69.07 -12.57 -36.01
C PRO N 70 -70.41 -13.05 -35.49
N ASP N 71 -71.47 -12.38 -35.95
CA ASP N 71 -72.82 -12.72 -35.51
C ASP N 71 -73.34 -14.02 -36.11
N ASP N 72 -72.63 -14.59 -37.08
CA ASP N 72 -73.06 -15.84 -37.70
C ASP N 72 -72.79 -17.04 -36.82
N LEU N 73 -71.93 -16.90 -35.83
CA LEU N 73 -71.38 -18.05 -35.13
C LEU N 73 -72.37 -18.54 -34.06
N PRO N 74 -72.51 -19.85 -33.90
CA PRO N 74 -73.48 -20.37 -32.93
C PRO N 74 -72.97 -20.21 -31.51
N GLY N 75 -73.86 -19.75 -30.63
CA GLY N 75 -73.51 -19.48 -29.25
C GLY N 75 -72.94 -18.10 -29.01
N ASN N 76 -73.03 -17.21 -29.98
CA ASN N 76 -72.45 -15.89 -29.85
C ASN N 76 -73.34 -15.00 -29.00
N TYR N 77 -72.72 -14.22 -28.13
CA TYR N 77 -73.40 -13.14 -27.43
C TYR N 77 -72.58 -11.87 -27.42
N GLY N 78 -71.35 -11.91 -27.92
CA GLY N 78 -70.44 -10.81 -27.69
C GLY N 78 -69.78 -10.86 -26.34
N PHE N 79 -69.68 -12.03 -25.73
CA PHE N 79 -69.08 -12.16 -24.42
C PHE N 79 -67.62 -12.53 -24.56
N ASP N 80 -66.78 -11.49 -24.65
CA ASP N 80 -65.34 -11.65 -24.52
C ASP N 80 -64.80 -10.37 -23.91
N PRO N 81 -64.93 -10.20 -22.59
CA PRO N 81 -64.42 -8.97 -21.97
C PRO N 81 -62.90 -8.93 -21.90
N LEU N 82 -62.21 -10.05 -22.09
CA LEU N 82 -60.77 -10.06 -22.07
C LEU N 82 -60.16 -9.73 -23.43
N SER N 83 -60.97 -9.60 -24.47
CA SER N 83 -60.55 -9.60 -25.87
C SER N 83 -59.66 -10.81 -26.15
N LEU N 84 -60.10 -11.96 -25.66
CA LEU N 84 -59.28 -13.16 -25.60
C LEU N 84 -59.27 -13.92 -26.92
N GLY N 85 -60.16 -13.57 -27.83
CA GLY N 85 -60.18 -14.21 -29.14
C GLY N 85 -60.10 -13.21 -30.27
N LYS N 86 -59.25 -12.18 -30.11
CA LYS N 86 -59.18 -11.13 -31.12
C LYS N 86 -58.47 -11.59 -32.37
N GLU N 87 -57.47 -12.46 -32.24
CA GLU N 87 -56.89 -13.02 -33.44
C GLU N 87 -57.78 -14.14 -33.98
N PRO N 88 -57.94 -14.21 -35.31
CA PRO N 88 -58.91 -15.18 -35.87
C PRO N 88 -58.47 -16.63 -35.72
N ALA N 89 -57.17 -16.91 -35.72
CA ALA N 89 -56.73 -18.28 -35.52
C ALA N 89 -56.95 -18.72 -34.08
N SER N 90 -56.83 -17.79 -33.13
CA SER N 90 -57.11 -18.11 -31.74
C SER N 90 -58.59 -18.35 -31.51
N LEU N 91 -59.44 -17.55 -32.15
CA LEU N 91 -60.88 -17.74 -32.04
C LEU N 91 -61.31 -19.04 -32.71
N LYS N 92 -60.69 -19.37 -33.85
CA LYS N 92 -61.03 -20.59 -34.57
C LYS N 92 -60.67 -21.83 -33.78
N ARG N 93 -59.57 -21.76 -33.03
CA ARG N 93 -59.24 -22.86 -32.13
C ARG N 93 -60.20 -22.90 -30.95
N PHE N 94 -60.70 -21.74 -30.52
CA PHE N 94 -61.57 -21.71 -29.36
C PHE N 94 -62.97 -22.22 -29.67
N THR N 95 -63.48 -21.94 -30.87
CA THR N 95 -64.79 -22.49 -31.25
C THR N 95 -64.72 -24.00 -31.40
N GLU N 96 -63.56 -24.53 -31.80
CA GLU N 96 -63.35 -25.97 -31.77
C GLU N 96 -63.34 -26.48 -30.34
N SER N 97 -62.67 -25.76 -29.44
CA SER N 97 -62.45 -26.29 -28.10
C SER N 97 -63.61 -26.05 -27.15
N GLU N 98 -64.49 -25.08 -27.44
CA GLU N 98 -65.65 -24.89 -26.56
C GLU N 98 -66.65 -26.01 -26.74
N VAL N 99 -66.85 -26.45 -27.98
CA VAL N 99 -67.81 -27.51 -28.28
C VAL N 99 -67.33 -28.83 -27.68
N ILE N 100 -66.03 -29.12 -27.79
CA ILE N 100 -65.50 -30.37 -27.31
C ILE N 100 -65.43 -30.40 -25.79
N HIS N 101 -65.08 -29.27 -25.17
CA HIS N 101 -65.31 -29.13 -23.72
C HIS N 101 -66.78 -29.24 -23.38
N GLY N 102 -67.66 -28.73 -24.24
CA GLY N 102 -69.08 -28.79 -23.95
C GLY N 102 -69.64 -30.19 -24.11
N ARG N 103 -69.18 -30.92 -25.12
CA ARG N 103 -69.69 -32.25 -25.40
C ARG N 103 -69.21 -33.25 -24.36
N TRP N 104 -67.93 -33.15 -23.97
CA TRP N 104 -67.42 -34.05 -22.94
C TRP N 104 -67.99 -33.73 -21.57
N ALA N 105 -68.33 -32.48 -21.31
CA ALA N 105 -68.95 -32.16 -20.04
C ALA N 105 -70.40 -32.60 -19.99
N MET N 106 -71.13 -32.49 -21.11
CA MET N 106 -72.49 -33.04 -21.18
C MET N 106 -72.48 -34.55 -20.97
N LEU N 107 -71.46 -35.23 -21.49
CA LEU N 107 -71.29 -36.63 -21.14
C LEU N 107 -70.78 -36.78 -19.71
N GLY N 108 -70.02 -35.79 -19.24
CA GLY N 108 -69.51 -35.87 -17.89
C GLY N 108 -70.57 -35.64 -16.83
N VAL N 109 -71.43 -34.63 -17.05
CA VAL N 109 -72.43 -34.29 -16.05
C VAL N 109 -73.57 -35.30 -16.05
N ALA N 110 -73.78 -36.00 -17.17
CA ALA N 110 -74.80 -37.04 -17.20
C ALA N 110 -74.32 -38.26 -16.45
N GLY N 111 -73.04 -38.59 -16.56
CA GLY N 111 -72.49 -39.70 -15.80
C GLY N 111 -72.38 -39.42 -14.33
N SER N 112 -72.28 -38.14 -13.95
CA SER N 112 -72.27 -37.81 -12.53
C SER N 112 -73.67 -37.86 -11.94
N LEU N 113 -74.69 -37.54 -12.74
CA LEU N 113 -76.06 -37.60 -12.24
C LEU N 113 -76.61 -39.01 -12.25
N ALA N 114 -76.39 -39.75 -13.33
CA ALA N 114 -77.05 -41.05 -13.49
C ALA N 114 -76.50 -42.11 -12.55
N VAL N 115 -75.32 -41.87 -11.97
CA VAL N 115 -74.88 -42.73 -10.88
C VAL N 115 -75.75 -42.53 -9.64
N GLU N 116 -75.98 -41.27 -9.25
CA GLU N 116 -76.85 -41.01 -8.11
C GLU N 116 -78.32 -41.18 -8.45
N LEU N 117 -78.70 -41.06 -9.72
CA LEU N 117 -80.07 -41.37 -10.10
C LEU N 117 -80.35 -42.86 -10.06
N LEU N 118 -79.32 -43.68 -10.24
CA LEU N 118 -79.44 -45.13 -10.18
C LEU N 118 -78.85 -45.72 -8.92
N GLY N 119 -78.27 -44.90 -8.05
CA GLY N 119 -77.80 -45.36 -6.76
C GLY N 119 -76.54 -46.21 -6.81
N TYR N 120 -75.43 -45.61 -7.21
CA TYR N 120 -74.15 -46.29 -7.21
C TYR N 120 -73.09 -45.42 -6.56
N GLY N 121 -73.43 -44.83 -5.42
CA GLY N 121 -72.56 -43.84 -4.83
C GLY N 121 -72.63 -42.56 -5.63
N ASN N 122 -71.51 -41.84 -5.73
CA ASN N 122 -71.50 -40.63 -6.52
C ASN N 122 -70.32 -40.60 -7.49
N TRP N 123 -70.13 -39.46 -8.16
CA TRP N 123 -69.08 -39.33 -9.16
C TRP N 123 -67.70 -39.33 -8.53
N TYR N 124 -67.59 -38.85 -7.29
CA TYR N 124 -66.29 -38.78 -6.64
C TYR N 124 -65.82 -40.17 -6.19
N ASP N 125 -66.75 -41.06 -5.84
CA ASP N 125 -66.40 -42.35 -5.27
C ASP N 125 -66.33 -43.47 -6.30
N ALA N 126 -66.55 -43.18 -7.57
CA ALA N 126 -66.44 -44.23 -8.57
C ALA N 126 -64.99 -44.64 -8.85
N PRO N 127 -63.94 -43.74 -8.80
CA PRO N 127 -62.58 -44.24 -8.66
C PRO N 127 -62.09 -44.37 -7.23
N LEU N 128 -62.86 -45.13 -6.43
CA LEU N 128 -62.41 -45.55 -5.10
C LEU N 128 -62.27 -47.06 -5.00
N TRP N 129 -62.10 -47.75 -6.14
CA TRP N 129 -61.74 -49.15 -6.13
C TRP N 129 -60.28 -49.38 -6.48
N ALA N 130 -59.66 -48.45 -7.22
CA ALA N 130 -58.24 -48.59 -7.52
C ALA N 130 -57.38 -48.44 -6.28
N VAL N 131 -57.84 -47.64 -5.32
CA VAL N 131 -57.30 -47.60 -3.98
C VAL N 131 -58.36 -48.18 -3.06
N ASN N 132 -57.91 -48.73 -1.92
CA ASN N 132 -58.78 -49.18 -0.81
C ASN N 132 -59.71 -50.31 -1.25
N GLY N 133 -59.19 -51.21 -2.08
CA GLY N 133 -59.96 -52.37 -2.48
C GLY N 133 -59.88 -52.69 -3.95
N GLY N 134 -61.02 -52.99 -4.55
CA GLY N 134 -61.08 -53.39 -5.94
C GLY N 134 -62.47 -53.79 -6.33
N LYS N 135 -62.57 -54.65 -7.35
CA LYS N 135 -63.81 -55.21 -7.88
C LYS N 135 -64.77 -54.10 -8.35
N ALA N 136 -64.32 -53.42 -9.41
CA ALA N 136 -65.07 -52.31 -9.99
C ALA N 136 -66.40 -52.77 -10.55
N THR N 137 -67.40 -51.89 -10.46
CA THR N 137 -68.75 -52.18 -10.89
C THR N 137 -69.18 -51.23 -12.01
N TRP N 138 -70.18 -51.67 -12.75
CA TRP N 138 -70.85 -50.86 -13.77
C TRP N 138 -72.20 -51.50 -13.98
N PHE N 139 -73.29 -50.75 -13.74
CA PHE N 139 -74.66 -51.25 -13.64
C PHE N 139 -74.82 -52.35 -12.60
N GLY N 140 -73.94 -52.39 -11.60
CA GLY N 140 -73.85 -53.52 -10.70
C GLY N 140 -73.01 -54.68 -11.19
N ILE N 141 -72.72 -54.74 -12.49
CA ILE N 141 -71.98 -55.85 -13.07
C ILE N 141 -70.49 -55.67 -12.78
N GLU N 142 -69.85 -56.75 -12.34
CA GLU N 142 -68.42 -56.72 -12.11
C GLU N 142 -67.66 -56.64 -13.44
N VAL N 143 -66.51 -55.96 -13.42
CA VAL N 143 -65.56 -55.99 -14.52
C VAL N 143 -64.20 -56.28 -13.91
N PRO N 144 -63.54 -57.38 -14.29
CA PRO N 144 -62.29 -57.80 -13.61
C PRO N 144 -61.05 -57.15 -14.20
N PHE N 145 -61.02 -55.82 -14.20
CA PHE N 145 -59.87 -55.05 -14.66
C PHE N 145 -59.27 -54.29 -13.48
N ASP N 146 -57.96 -54.35 -13.33
CA ASP N 146 -57.32 -53.46 -12.37
C ASP N 146 -57.10 -52.10 -13.01
N LEU N 147 -56.55 -51.17 -12.23
CA LEU N 147 -56.33 -49.81 -12.71
C LEU N 147 -55.28 -49.77 -13.81
N ASN N 148 -54.18 -50.49 -13.63
CA ASN N 148 -53.04 -50.35 -14.52
C ASN N 148 -53.23 -50.99 -15.88
N ALA N 149 -54.30 -51.75 -16.08
CA ALA N 149 -54.59 -52.29 -17.41
C ALA N 149 -55.50 -51.39 -18.21
N LEU N 150 -56.61 -50.96 -17.61
CA LEU N 150 -57.56 -50.10 -18.33
C LEU N 150 -56.99 -48.70 -18.56
N LEU N 151 -56.07 -48.26 -17.71
CA LEU N 151 -55.38 -47.00 -17.94
C LEU N 151 -54.51 -47.08 -19.19
N ALA N 152 -53.90 -48.24 -19.42
CA ALA N 152 -53.17 -48.46 -20.67
C ALA N 152 -54.12 -48.68 -21.83
N PHE N 153 -55.31 -49.23 -21.58
CA PHE N 153 -56.30 -49.39 -22.64
C PHE N 153 -56.87 -48.05 -23.07
N GLU N 154 -57.17 -47.19 -22.10
CA GLU N 154 -57.70 -45.86 -22.38
C GLU N 154 -56.61 -44.84 -22.73
N PHE N 155 -55.34 -45.26 -22.77
CA PHE N 155 -54.32 -44.37 -23.31
C PHE N 155 -54.10 -44.65 -24.80
N VAL N 156 -54.11 -45.92 -25.19
CA VAL N 156 -53.88 -46.26 -26.57
C VAL N 156 -55.13 -45.98 -27.41
N ALA N 157 -56.28 -46.47 -26.94
CA ALA N 157 -57.50 -46.39 -27.74
C ALA N 157 -58.04 -44.96 -27.81
N MET N 158 -57.83 -44.17 -26.77
CA MET N 158 -58.31 -42.80 -26.81
C MET N 158 -57.42 -41.90 -27.65
N ALA N 159 -56.10 -42.08 -27.58
CA ALA N 159 -55.20 -41.37 -28.49
C ALA N 159 -55.39 -41.85 -29.93
N ALA N 160 -55.84 -43.09 -30.11
CA ALA N 160 -56.22 -43.54 -31.44
C ALA N 160 -57.48 -42.86 -31.95
N ALA N 161 -58.36 -42.40 -31.06
CA ALA N 161 -59.51 -41.63 -31.50
C ALA N 161 -59.25 -40.14 -31.49
N GLU N 162 -58.30 -39.69 -30.67
CA GLU N 162 -57.88 -38.30 -30.70
C GLU N 162 -57.11 -37.96 -31.97
N GLY N 163 -56.16 -38.82 -32.33
CA GLY N 163 -55.34 -38.57 -33.52
C GLY N 163 -56.11 -38.67 -34.81
N GLN N 164 -57.23 -39.40 -34.81
CA GLN N 164 -58.15 -39.33 -35.94
C GLN N 164 -58.96 -38.05 -35.90
N ARG N 165 -59.24 -37.51 -34.71
CA ARG N 165 -60.00 -36.27 -34.59
C ARG N 165 -59.11 -35.04 -34.70
N GLY N 166 -58.15 -34.91 -33.79
CA GLY N 166 -57.51 -33.63 -33.56
C GLY N 166 -56.53 -33.19 -34.62
N ASP N 167 -55.50 -33.99 -34.86
CA ASP N 167 -54.46 -33.64 -35.82
C ASP N 167 -54.74 -34.20 -37.21
N ALA N 168 -56.01 -34.40 -37.56
CA ALA N 168 -56.44 -34.73 -38.90
C ALA N 168 -57.44 -33.70 -39.42
N GLY N 169 -57.21 -32.43 -39.09
CA GLY N 169 -58.08 -31.35 -39.49
C GLY N 169 -58.31 -30.40 -38.33
N GLY N 170 -59.40 -29.65 -38.42
CA GLY N 170 -59.79 -28.78 -37.32
C GLY N 170 -61.30 -28.70 -37.19
N VAL N 171 -61.99 -29.64 -37.83
CA VAL N 171 -63.44 -29.59 -37.92
C VAL N 171 -64.06 -30.01 -36.59
N VAL N 172 -65.21 -29.44 -36.25
CA VAL N 172 -65.86 -29.74 -34.99
C VAL N 172 -67.30 -30.21 -35.19
N TYR N 173 -67.86 -30.02 -36.39
CA TYR N 173 -69.13 -30.61 -36.80
C TYR N 173 -68.85 -31.47 -38.04
N PRO N 174 -68.38 -32.71 -37.86
CA PRO N 174 -68.03 -33.53 -39.03
C PRO N 174 -69.27 -34.05 -39.74
N GLY N 175 -69.35 -33.77 -41.04
CA GLY N 175 -70.46 -34.23 -41.83
C GLY N 175 -70.28 -35.67 -42.26
N GLY N 176 -71.25 -36.52 -41.94
CA GLY N 176 -71.17 -37.91 -42.33
C GLY N 176 -71.52 -38.89 -41.24
N ALA N 177 -70.56 -39.75 -40.86
CA ALA N 177 -70.84 -40.91 -40.04
C ALA N 177 -71.17 -40.57 -38.59
N PHE N 178 -70.89 -39.35 -38.14
CA PHE N 178 -71.24 -38.95 -36.80
C PHE N 178 -72.63 -38.36 -36.70
N ASP N 179 -73.41 -38.42 -37.77
CA ASP N 179 -74.83 -38.06 -37.77
C ASP N 179 -75.60 -39.27 -38.25
N PRO N 180 -75.95 -40.22 -37.36
CA PRO N 180 -76.69 -41.40 -37.79
C PRO N 180 -78.09 -41.12 -38.30
N LEU N 181 -78.93 -40.44 -37.53
CA LEU N 181 -80.30 -40.24 -37.96
C LEU N 181 -80.39 -39.13 -39.00
N GLY N 182 -79.72 -38.01 -38.76
CA GLY N 182 -79.69 -36.94 -39.72
C GLY N 182 -80.63 -35.82 -39.33
N PHE N 183 -80.08 -34.79 -38.71
CA PHE N 183 -80.83 -33.60 -38.32
C PHE N 183 -80.29 -32.35 -38.96
N ALA N 184 -78.99 -32.10 -38.85
CA ALA N 184 -78.37 -30.89 -39.39
C ALA N 184 -77.68 -31.26 -40.69
N LYS N 185 -78.39 -31.07 -41.80
CA LYS N 185 -77.83 -31.24 -43.13
C LYS N 185 -77.22 -29.96 -43.66
N ASP N 186 -76.98 -28.97 -42.78
CA ASP N 186 -76.40 -27.66 -43.09
C ASP N 186 -77.21 -26.87 -44.10
N SER N 187 -78.52 -27.09 -44.17
CA SER N 187 -79.34 -26.30 -45.07
C SER N 187 -79.98 -25.13 -44.34
N SER N 188 -80.85 -25.40 -43.39
CA SER N 188 -81.41 -24.32 -42.60
C SER N 188 -81.40 -24.58 -41.11
N LYS N 189 -81.62 -25.82 -40.68
CA LYS N 189 -81.76 -26.13 -39.27
C LYS N 189 -80.43 -26.38 -38.58
N SER N 190 -79.32 -26.00 -39.21
CA SER N 190 -78.00 -26.27 -38.65
C SER N 190 -77.68 -25.34 -37.49
N GLY N 191 -77.70 -24.03 -37.73
CA GLY N 191 -77.29 -23.07 -36.72
C GLY N 191 -78.24 -22.99 -35.53
N GLU N 192 -79.48 -23.43 -35.71
CA GLU N 192 -80.40 -23.53 -34.59
C GLU N 192 -80.00 -24.65 -33.65
N LEU N 193 -79.75 -25.85 -34.19
CA LEU N 193 -79.39 -26.97 -33.34
C LEU N 193 -77.95 -26.86 -32.84
N LYS N 194 -77.08 -26.18 -33.59
CA LYS N 194 -75.74 -25.91 -33.08
C LYS N 194 -75.80 -24.96 -31.90
N LEU N 195 -76.77 -24.04 -31.89
CA LEU N 195 -76.96 -23.15 -30.76
C LEU N 195 -77.37 -23.92 -29.52
N LYS N 196 -78.25 -24.90 -29.69
CA LYS N 196 -78.72 -25.69 -28.56
C LYS N 196 -77.62 -26.61 -28.03
N GLU N 197 -76.73 -27.05 -28.91
CA GLU N 197 -75.61 -27.88 -28.46
C GLU N 197 -74.64 -27.05 -27.63
N ILE N 198 -74.52 -25.77 -27.93
CA ILE N 198 -73.71 -24.86 -27.14
C ILE N 198 -74.38 -24.56 -25.80
N LYS N 199 -75.68 -24.27 -25.84
CA LYS N 199 -76.37 -23.81 -24.64
C LYS N 199 -76.51 -24.91 -23.59
N ASN N 200 -76.96 -26.10 -24.01
CA ASN N 200 -76.92 -27.25 -23.13
C ASN N 200 -75.49 -27.63 -22.76
N GLY N 201 -74.53 -27.33 -23.63
CA GLY N 201 -73.15 -27.64 -23.31
C GLY N 201 -72.55 -26.67 -22.32
N ARG N 202 -72.86 -25.38 -22.45
CA ARG N 202 -72.37 -24.39 -21.50
C ARG N 202 -72.98 -24.57 -20.13
N LEU N 203 -74.24 -25.04 -20.07
CA LEU N 203 -74.86 -25.36 -18.80
C LEU N 203 -74.14 -26.52 -18.11
N ALA N 204 -73.67 -27.48 -18.91
CA ALA N 204 -73.02 -28.66 -18.34
C ALA N 204 -71.65 -28.32 -17.77
N MET N 205 -70.92 -27.42 -18.44
CA MET N 205 -69.61 -27.04 -17.96
C MET N 205 -69.71 -26.22 -16.67
N VAL N 206 -70.77 -25.41 -16.56
CA VAL N 206 -71.04 -24.74 -15.30
C VAL N 206 -71.40 -25.75 -14.22
N ALA N 207 -72.25 -26.72 -14.58
CA ALA N 207 -72.76 -27.67 -13.59
C ALA N 207 -71.67 -28.62 -13.12
N PHE N 208 -70.73 -28.99 -13.98
CA PHE N 208 -69.60 -29.80 -13.52
C PHE N 208 -68.68 -28.98 -12.63
N LEU N 209 -68.49 -27.70 -12.95
CA LEU N 209 -67.76 -26.82 -12.05
C LEU N 209 -68.55 -26.58 -10.79
N GLY N 210 -69.87 -26.65 -10.88
CA GLY N 210 -70.73 -26.70 -9.72
C GLY N 210 -70.81 -28.04 -9.03
N PHE N 211 -70.11 -29.06 -9.54
CA PHE N 211 -69.97 -30.30 -8.80
C PHE N 211 -68.67 -30.34 -8.01
N VAL N 212 -67.58 -29.86 -8.62
CA VAL N 212 -66.28 -29.92 -7.99
C VAL N 212 -66.21 -28.95 -6.82
N ALA N 213 -66.76 -27.74 -7.00
CA ALA N 213 -66.77 -26.78 -5.91
C ALA N 213 -67.77 -27.16 -4.82
N GLN N 214 -68.85 -27.83 -5.19
CA GLN N 214 -69.79 -28.33 -4.19
C GLN N 214 -69.18 -29.47 -3.40
N HIS N 215 -68.41 -30.32 -4.06
CA HIS N 215 -67.76 -31.41 -3.33
C HIS N 215 -66.54 -30.95 -2.56
N ALA N 216 -65.86 -29.89 -3.02
CA ALA N 216 -64.74 -29.37 -2.26
C ALA N 216 -65.22 -28.67 -0.99
N ALA N 217 -66.43 -28.14 -1.02
CA ALA N 217 -66.97 -27.42 0.13
C ALA N 217 -67.63 -28.36 1.11
N THR N 218 -68.67 -29.09 0.68
CA THR N 218 -69.48 -29.89 1.57
C THR N 218 -69.09 -31.35 1.59
N GLY N 219 -68.44 -31.86 0.55
CA GLY N 219 -68.11 -33.27 0.51
C GLY N 219 -69.26 -34.18 0.17
N LYS N 220 -70.35 -33.63 -0.37
CA LYS N 220 -71.50 -34.43 -0.74
C LYS N 220 -71.73 -34.31 -2.24
N GLY N 221 -72.46 -35.28 -2.78
CA GLY N 221 -72.70 -35.34 -4.20
C GLY N 221 -73.76 -34.38 -4.67
N PRO N 222 -74.09 -34.45 -5.97
CA PRO N 222 -75.13 -33.57 -6.53
C PRO N 222 -76.52 -33.77 -5.95
N ILE N 223 -77.06 -34.98 -6.03
CA ILE N 223 -78.42 -35.18 -5.54
C ILE N 223 -78.40 -35.28 -4.02
N ALA N 224 -77.27 -35.69 -3.44
CA ALA N 224 -77.16 -35.85 -2.00
C ALA N 224 -77.23 -34.54 -1.24
N ALA N 225 -76.95 -33.41 -1.90
CA ALA N 225 -77.12 -32.11 -1.28
C ALA N 225 -78.22 -31.27 -1.92
N LEU N 226 -78.66 -31.63 -3.14
CA LEU N 226 -79.88 -31.04 -3.66
C LEU N 226 -81.08 -31.47 -2.84
N GLY N 227 -81.05 -32.68 -2.29
CA GLY N 227 -82.05 -33.08 -1.32
C GLY N 227 -81.94 -32.31 -0.02
N GLU N 228 -80.75 -31.82 0.29
CA GLU N 228 -80.56 -31.04 1.52
C GLU N 228 -80.97 -29.58 1.34
N HIS N 229 -80.72 -29.00 0.17
CA HIS N 229 -81.23 -27.67 -0.13
C HIS N 229 -82.76 -27.67 -0.18
N LEU N 230 -83.36 -28.79 -0.57
CA LEU N 230 -84.81 -28.90 -0.51
C LEU N 230 -85.31 -29.29 0.88
N ALA N 231 -84.45 -29.87 1.72
CA ALA N 231 -84.84 -30.16 3.10
C ALA N 231 -84.64 -28.96 4.01
N ASN N 232 -83.82 -27.99 3.59
CA ASN N 232 -83.58 -26.77 4.36
C ASN N 232 -83.20 -25.70 3.36
N PRO N 233 -84.16 -24.88 2.93
CA PRO N 233 -83.88 -23.91 1.86
C PRO N 233 -82.95 -22.80 2.28
N TRP N 234 -82.92 -22.48 3.57
CA TRP N 234 -82.18 -21.34 4.08
C TRP N 234 -81.01 -21.75 4.95
N GLY N 235 -80.75 -23.05 5.08
CA GLY N 235 -79.68 -23.50 5.96
C GLY N 235 -78.79 -24.53 5.31
N ALA N 236 -79.01 -24.79 4.03
CA ALA N 236 -78.22 -25.78 3.30
C ALA N 236 -77.78 -25.21 1.97
N ASN N 237 -77.25 -24.00 2.00
CA ASN N 237 -76.76 -23.31 0.82
C ASN N 237 -75.26 -23.05 0.94
N PHE N 238 -74.74 -22.26 0.01
CA PHE N 238 -73.29 -22.06 -0.06
C PHE N 238 -72.77 -21.10 1.00
N ALA N 239 -73.60 -20.61 1.90
CA ALA N 239 -73.13 -19.69 2.92
C ALA N 239 -73.05 -20.33 4.31
N THR N 240 -73.79 -21.40 4.57
CA THR N 240 -73.77 -22.02 5.88
C THR N 240 -72.47 -22.78 6.14
N ASN N 241 -71.80 -23.25 5.11
CA ASN N 241 -70.45 -23.75 5.26
C ASN N 241 -69.47 -22.59 5.34
N GLY N 242 -68.42 -22.78 6.12
CA GLY N 242 -67.46 -21.71 6.36
C GLY N 242 -66.34 -21.71 5.34
N ILE N 243 -66.68 -21.92 4.08
CA ILE N 243 -65.72 -22.07 3.00
C ILE N 243 -65.96 -21.03 1.89
N SER N 244 -67.18 -21.00 1.36
CA SER N 244 -67.45 -20.12 0.22
C SER N 244 -67.60 -18.67 0.66
N VAL N 245 -68.21 -18.45 1.80
CA VAL N 245 -68.20 -17.13 2.48
C VAL N 245 -67.42 -17.31 3.75
N PRO N 246 -66.25 -16.69 3.92
CA PRO N 246 -65.40 -16.99 5.07
C PRO N 246 -65.83 -16.33 6.37
N PHE N 247 -66.60 -15.25 6.32
CA PHE N 247 -66.84 -14.47 7.53
C PHE N 247 -68.12 -14.84 8.27
N PHE N 248 -69.27 -14.72 7.62
CA PHE N 248 -70.52 -14.84 8.34
C PHE N 248 -70.93 -16.29 8.48
CA GLN O 44 30.07 66.29 15.13
C GLN O 44 30.23 66.45 16.63
N LEU O 45 29.16 66.24 17.37
CA LEU O 45 29.18 66.38 18.82
C LEU O 45 29.05 65.00 19.46
N TYR O 46 29.29 64.96 20.77
CA TYR O 46 29.12 63.78 21.63
C TYR O 46 29.96 62.61 21.13
N VAL O 47 31.27 62.73 21.41
CA VAL O 47 32.34 61.83 20.97
C VAL O 47 31.98 60.35 21.13
N GLY O 48 32.44 59.55 20.18
CA GLY O 48 31.80 58.30 19.85
C GLY O 48 31.05 58.36 18.54
N ALA O 49 31.00 59.52 17.91
CA ALA O 49 30.38 59.68 16.61
C ALA O 49 31.32 59.16 15.52
N SER O 50 30.90 59.32 14.26
CA SER O 50 31.68 58.85 13.15
C SER O 50 31.33 59.66 11.91
N GLN O 51 32.24 59.63 10.93
CA GLN O 51 32.00 60.28 9.65
C GLN O 51 30.88 59.59 8.89
N SER O 52 30.73 58.27 9.08
CA SER O 52 29.72 57.52 8.33
C SER O 52 28.31 57.80 8.82
N SER O 53 28.14 58.05 10.12
CA SER O 53 26.84 58.36 10.69
C SER O 53 26.58 59.85 10.73
N LEU O 54 27.17 60.59 9.80
CA LEU O 54 27.07 62.03 9.79
C LEU O 54 26.53 62.55 8.46
N ALA O 55 26.38 61.69 7.46
CA ALA O 55 25.83 62.10 6.17
C ALA O 55 24.34 62.43 6.29
N TYR O 56 23.55 61.45 6.69
CA TYR O 56 22.12 61.63 6.84
C TYR O 56 21.77 62.38 8.12
N LEU O 57 22.61 62.26 9.14
CA LEU O 57 22.25 62.66 10.49
C LEU O 57 22.74 64.09 10.67
N ASP O 58 21.94 65.02 10.17
CA ASP O 58 22.40 66.35 9.77
C ASP O 58 22.39 67.39 10.87
N GLY O 59 21.36 67.43 11.71
CA GLY O 59 21.23 68.51 12.66
C GLY O 59 19.78 68.88 12.86
N SER O 60 18.93 68.41 11.95
CA SER O 60 17.49 68.37 12.18
C SER O 60 17.18 67.08 12.93
N LEU O 61 15.88 66.72 13.03
CA LEU O 61 15.38 65.54 13.72
C LEU O 61 15.79 65.62 15.19
N PRO O 62 15.10 66.45 15.98
CA PRO O 62 15.65 66.96 17.23
C PRO O 62 15.92 65.90 18.29
N GLY O 63 16.82 66.25 19.20
CA GLY O 63 17.59 65.28 19.94
C GLY O 63 18.83 64.82 19.23
N ASP O 64 19.09 65.35 18.04
CA ASP O 64 20.23 64.96 17.24
C ASP O 64 21.50 65.50 17.86
N PHE O 65 22.48 64.61 18.01
CA PHE O 65 23.82 65.04 18.39
C PHE O 65 24.89 64.28 17.62
N GLY O 66 24.51 63.44 16.67
CA GLY O 66 25.47 62.73 15.86
C GLY O 66 25.98 61.46 16.45
N PHE O 67 25.61 61.14 17.69
CA PHE O 67 26.09 59.93 18.35
C PHE O 67 25.38 58.73 17.76
N ASP O 68 26.07 58.00 16.89
CA ASP O 68 25.52 56.78 16.31
C ASP O 68 26.70 55.89 15.93
N PRO O 69 27.23 55.13 16.89
CA PRO O 69 28.33 54.21 16.55
C PRO O 69 27.91 53.07 15.67
N LEU O 70 26.69 52.57 15.81
CA LEU O 70 26.29 51.39 15.05
C LEU O 70 25.56 51.74 13.77
N GLY O 71 24.91 52.89 13.71
CA GLY O 71 24.24 53.29 12.49
C GLY O 71 22.92 52.57 12.28
N LEU O 72 22.07 52.53 13.31
CA LEU O 72 20.78 51.88 13.17
C LEU O 72 19.86 52.71 12.30
N LEU O 73 19.60 53.95 12.71
CA LEU O 73 18.90 54.90 11.87
C LEU O 73 19.77 55.17 10.65
N ASP O 74 19.29 54.78 9.47
CA ASP O 74 19.97 54.99 8.20
C ASP O 74 18.92 54.91 7.10
N PRO O 75 18.65 55.99 6.37
CA PRO O 75 17.54 55.98 5.42
C PRO O 75 17.77 55.15 4.17
N VAL O 76 18.99 54.71 3.91
CA VAL O 76 19.22 53.82 2.78
C VAL O 76 19.03 52.39 3.24
N ASN O 77 18.36 51.61 2.39
CA ASN O 77 18.20 50.15 2.51
C ASN O 77 17.51 49.71 3.79
N SER O 78 16.78 50.61 4.46
CA SER O 78 16.20 50.30 5.75
C SER O 78 14.90 49.53 5.55
N GLY O 79 14.26 49.21 6.65
CA GLY O 79 12.99 48.52 6.58
C GLY O 79 12.68 47.84 7.89
N GLY O 80 11.40 47.59 8.08
CA GLY O 80 10.96 47.04 9.34
C GLY O 80 10.98 48.10 10.41
N PHE O 81 11.43 47.73 11.61
CA PHE O 81 11.41 48.65 12.73
C PHE O 81 12.72 49.42 12.88
N ILE O 82 13.66 49.23 11.98
CA ILE O 82 14.88 50.03 11.94
C ILE O 82 14.70 51.19 10.96
N GLU O 83 13.45 51.47 10.60
CA GLU O 83 13.11 52.63 9.80
C GLU O 83 13.52 53.89 10.56
N PRO O 84 13.99 54.93 9.86
CA PRO O 84 14.36 56.17 10.55
C PRO O 84 13.20 56.88 11.20
N LYS O 85 11.98 56.63 10.77
CA LYS O 85 10.84 57.26 11.41
C LYS O 85 10.38 56.51 12.65
N TRP O 86 10.42 55.18 12.63
CA TRP O 86 10.03 54.41 13.80
C TRP O 86 11.02 54.54 14.95
N LEU O 87 12.30 54.73 14.65
CA LEU O 87 13.26 54.78 15.75
C LEU O 87 13.24 56.11 16.47
N GLN O 88 13.08 57.22 15.75
CA GLN O 88 12.94 58.51 16.41
C GLN O 88 11.63 58.57 17.18
N TYR O 89 10.62 57.90 16.66
CA TYR O 89 9.33 57.87 17.33
C TYR O 89 9.39 57.04 18.59
N SER O 90 10.04 55.88 18.54
CA SER O 90 10.12 55.04 19.73
C SER O 90 11.09 55.62 20.75
N GLU O 91 12.04 56.44 20.34
CA GLU O 91 12.90 57.09 21.34
C GLU O 91 12.11 58.11 22.12
N VAL O 92 11.25 58.86 21.43
CA VAL O 92 10.39 59.84 22.08
C VAL O 92 9.43 59.15 23.04
N ILE O 93 8.88 58.00 22.62
CA ILE O 93 7.96 57.25 23.48
C ILE O 93 8.68 56.61 24.65
N HIS O 94 9.85 56.00 24.40
CA HIS O 94 10.66 55.49 25.50
C HIS O 94 11.12 56.61 26.42
N ALA O 95 11.28 57.84 25.90
CA ALA O 95 11.70 58.95 26.75
C ALA O 95 10.61 59.32 27.75
N ARG O 96 9.41 59.59 27.26
CA ARG O 96 8.38 60.13 28.11
C ARG O 96 7.52 59.06 28.78
N TRP O 97 7.82 57.79 28.60
CA TRP O 97 7.34 56.85 29.60
C TRP O 97 8.30 56.76 30.76
N ALA O 98 9.59 56.82 30.47
CA ALA O 98 10.61 56.68 31.50
C ALA O 98 10.62 57.85 32.45
N MET O 99 10.40 59.06 31.96
CA MET O 99 10.42 60.19 32.86
C MET O 99 9.18 60.29 33.71
N LEU O 100 8.08 59.65 33.30
CA LEU O 100 7.00 59.43 34.26
C LEU O 100 7.42 58.44 35.32
N GLY O 101 8.12 57.39 34.93
CA GLY O 101 8.60 56.43 35.90
C GLY O 101 9.76 56.97 36.72
N ALA O 102 10.57 57.86 36.13
CA ALA O 102 11.71 58.41 36.84
C ALA O 102 11.26 59.35 37.94
N ALA O 103 10.21 60.12 37.69
CA ALA O 103 9.53 60.85 38.73
C ALA O 103 8.49 60.01 39.45
N GLY O 104 8.35 58.74 39.08
CA GLY O 104 7.37 57.89 39.68
C GLY O 104 7.96 56.90 40.66
N CYS O 105 9.18 56.46 40.40
CA CYS O 105 9.86 55.59 41.36
C CYS O 105 10.41 56.38 42.53
N ILE O 106 10.68 57.66 42.34
CA ILE O 106 11.32 58.46 43.36
C ILE O 106 10.30 59.19 44.22
N ALA O 107 9.08 59.36 43.76
CA ALA O 107 8.10 60.19 44.44
C ALA O 107 7.48 59.61 45.73
N PRO O 108 7.17 58.30 45.86
CA PRO O 108 6.70 57.84 47.17
C PRO O 108 7.76 57.90 48.25
N GLU O 109 9.03 57.85 47.85
CA GLU O 109 10.09 57.84 48.82
C GLU O 109 10.47 59.25 49.23
N VAL O 110 10.42 60.21 48.30
CA VAL O 110 10.74 61.59 48.65
C VAL O 110 9.62 62.22 49.45
N LEU O 111 8.36 62.01 49.03
CA LEU O 111 7.24 62.55 49.79
C LEU O 111 7.01 61.82 51.10
N GLY O 112 7.58 60.63 51.26
CA GLY O 112 7.51 59.95 52.54
C GLY O 112 8.55 60.46 53.51
N ALA O 113 9.73 60.84 53.02
CA ALA O 113 10.74 61.44 53.87
C ALA O 113 10.36 62.87 54.26
N ALA O 114 9.57 63.54 53.43
CA ALA O 114 9.05 64.85 53.76
C ALA O 114 7.76 64.79 54.55
N GLY O 115 7.27 63.60 54.85
CA GLY O 115 6.13 63.44 55.74
C GLY O 115 4.79 63.82 55.16
N LEU O 116 4.71 64.10 53.87
CA LEU O 116 3.45 64.53 53.29
C LEU O 116 2.49 63.36 53.07
N ILE O 117 3.01 62.19 52.75
CA ILE O 117 2.19 60.99 52.61
C ILE O 117 2.41 60.16 53.88
N PRO O 118 1.48 59.28 54.26
CA PRO O 118 1.72 58.45 55.44
C PRO O 118 2.78 57.40 55.18
N ASP O 119 3.21 56.76 56.26
CA ASP O 119 4.29 55.79 56.16
C ASP O 119 3.85 54.49 55.51
N ALA O 120 2.54 54.24 55.45
CA ALA O 120 2.05 53.02 54.83
C ALA O 120 2.20 53.04 53.31
N THR O 121 2.25 54.22 52.70
CA THR O 121 2.48 54.33 51.27
C THR O 121 3.90 54.80 50.95
N ASN O 122 4.84 54.61 51.88
CA ASN O 122 6.23 55.00 51.67
C ASN O 122 7.06 53.87 51.08
N ILE O 123 6.43 52.96 50.36
CA ILE O 123 7.08 51.75 49.88
C ILE O 123 8.02 52.09 48.73
N LYS O 124 8.88 51.14 48.39
CA LYS O 124 9.78 51.28 47.27
C LYS O 124 9.07 50.86 45.99
N TRP O 125 9.64 51.26 44.86
CA TRP O 125 8.91 51.18 43.60
C TRP O 125 8.77 49.74 43.12
N PHE O 126 9.71 48.87 43.47
CA PHE O 126 9.55 47.46 43.15
C PHE O 126 8.73 46.71 44.18
N GLU O 127 8.34 47.35 45.28
CA GLU O 127 7.53 46.74 46.30
C GLU O 127 6.09 47.21 46.25
N SER O 128 5.59 47.49 45.06
CA SER O 128 4.26 48.04 44.88
C SER O 128 3.26 47.06 44.31
N GLY O 129 3.70 45.89 43.88
CA GLY O 129 2.85 44.96 43.16
C GLY O 129 3.23 44.80 41.71
N VAL O 130 4.16 45.61 41.22
CA VAL O 130 4.72 45.39 39.89
C VAL O 130 5.49 44.07 39.85
N ILE O 131 6.17 43.75 40.95
CA ILE O 131 6.90 42.51 41.14
C ILE O 131 6.44 41.93 42.48
N PRO O 132 5.38 41.13 42.50
CA PRO O 132 4.96 40.45 43.73
C PRO O 132 5.98 39.49 44.33
N PRO O 133 6.99 38.98 43.58
CA PRO O 133 8.13 38.39 44.31
C PRO O 133 8.84 39.37 45.21
N ALA O 134 9.08 40.60 44.74
CA ALA O 134 9.82 41.57 45.54
C ALA O 134 8.99 42.18 46.65
N GLY O 135 7.68 41.93 46.68
CA GLY O 135 6.82 42.49 47.69
C GLY O 135 5.68 43.24 47.04
N SER O 136 4.49 43.21 47.64
CA SER O 136 3.35 43.87 47.02
C SER O 136 2.54 44.59 48.09
N TYR O 137 2.15 45.81 47.80
CA TYR O 137 1.26 46.54 48.69
C TYR O 137 -0.13 45.95 48.59
N ASN O 138 -0.67 45.54 49.74
CA ASN O 138 -1.93 44.80 49.82
C ASN O 138 -3.13 45.70 50.11
N GLY O 139 -2.95 47.00 50.13
CA GLY O 139 -4.02 47.88 50.56
C GLY O 139 -4.66 48.72 49.47
N TYR O 140 -4.55 48.29 48.22
CA TYR O 140 -5.18 49.03 47.14
C TYR O 140 -6.67 48.76 47.11
N TRP O 141 -7.37 49.46 46.22
CA TRP O 141 -8.81 49.30 46.14
C TRP O 141 -9.23 48.01 45.45
N ALA O 142 -8.29 47.27 44.87
CA ALA O 142 -8.60 46.00 44.24
C ALA O 142 -7.35 45.13 44.21
N ASP O 143 -7.58 43.87 43.88
CA ASP O 143 -6.52 42.93 43.56
C ASP O 143 -5.68 43.49 42.42
N PRO O 144 -4.35 43.41 42.47
CA PRO O 144 -3.54 43.88 41.32
C PRO O 144 -3.71 43.10 40.02
N TYR O 145 -4.60 42.11 39.97
CA TYR O 145 -5.05 41.54 38.71
C TYR O 145 -6.38 42.10 38.25
N THR O 146 -7.16 42.69 39.15
CA THR O 146 -8.28 43.53 38.72
C THR O 146 -7.77 44.80 38.08
N ILE O 147 -6.83 45.46 38.76
CA ILE O 147 -6.28 46.73 38.29
C ILE O 147 -5.45 46.51 37.04
N PHE O 148 -4.89 45.31 36.86
CA PHE O 148 -4.16 45.01 35.64
C PHE O 148 -5.10 44.86 34.45
N PHE O 149 -6.30 44.33 34.66
CA PHE O 149 -7.22 44.26 33.53
C PHE O 149 -7.80 45.62 33.20
N VAL O 150 -7.99 46.48 34.20
CA VAL O 150 -8.34 47.87 33.93
C VAL O 150 -7.20 48.55 33.18
N GLU O 151 -5.96 48.16 33.50
CA GLU O 151 -4.82 48.63 32.72
C GLU O 151 -4.81 48.04 31.32
N ILE O 152 -5.26 46.79 31.15
CA ILE O 152 -5.30 46.17 29.83
C ILE O 152 -6.26 46.91 28.92
N VAL O 153 -7.48 47.14 29.39
CA VAL O 153 -8.51 47.80 28.59
C VAL O 153 -8.10 49.23 28.26
N ALA O 154 -7.63 49.97 29.27
CA ALA O 154 -7.30 51.37 29.08
C ALA O 154 -6.07 51.55 28.20
N MET O 155 -5.20 50.55 28.11
CA MET O 155 -4.03 50.64 27.26
C MET O 155 -4.18 49.90 25.94
N GLN O 156 -5.29 49.22 25.69
CA GLN O 156 -5.58 48.90 24.30
C GLN O 156 -6.17 50.12 23.63
N PHE O 157 -7.06 50.84 24.34
CA PHE O 157 -7.67 52.04 23.78
C PHE O 157 -6.71 53.21 23.71
N ALA O 158 -5.61 53.19 24.45
CA ALA O 158 -4.69 54.31 24.37
C ALA O 158 -3.60 54.05 23.35
N GLU O 159 -3.01 52.86 23.41
CA GLU O 159 -1.86 52.55 22.58
C GLU O 159 -2.23 52.25 21.14
N LEU O 160 -3.38 51.63 20.88
CA LEU O 160 -3.70 51.29 19.51
C LEU O 160 -4.26 52.47 18.74
N ARG O 161 -4.93 53.40 19.43
CA ARG O 161 -5.20 54.71 18.84
C ARG O 161 -3.90 55.44 18.56
N ARG O 162 -2.90 55.21 19.41
CA ARG O 162 -1.60 55.84 19.27
C ARG O 162 -0.84 55.25 18.10
N LEU O 163 -1.12 53.99 17.77
CA LEU O 163 -0.43 53.31 16.69
C LEU O 163 -1.05 53.59 15.33
N GLN O 164 -2.38 53.69 15.26
CA GLN O 164 -3.02 53.92 13.98
C GLN O 164 -2.89 55.35 13.48
N ASP O 165 -2.31 56.24 14.26
CA ASP O 165 -1.88 57.53 13.76
C ASP O 165 -0.45 57.50 13.28
N PHE O 166 0.35 56.53 13.72
CA PHE O 166 1.64 56.33 13.09
C PHE O 166 1.47 55.74 11.70
N ARG O 167 0.61 54.73 11.58
CA ARG O 167 0.41 54.07 10.30
C ARG O 167 -0.35 54.97 9.35
N TYR O 168 -1.50 55.46 9.79
CA TYR O 168 -2.42 56.23 8.97
C TYR O 168 -2.54 57.61 9.58
N PRO O 169 -1.73 58.57 9.12
CA PRO O 169 -1.55 59.81 9.88
C PRO O 169 -2.77 60.71 9.92
N GLY O 170 -3.57 60.73 8.87
CA GLY O 170 -4.75 61.55 8.87
C GLY O 170 -5.91 60.97 9.63
N SER O 171 -5.77 59.77 10.18
CA SER O 171 -6.87 59.10 10.83
C SER O 171 -7.11 59.68 12.22
N MET O 172 -7.93 58.97 13.01
CA MET O 172 -8.24 59.20 14.42
C MET O 172 -9.11 60.44 14.65
N GLY O 173 -9.32 61.24 13.61
CA GLY O 173 -10.24 62.34 13.65
C GLY O 173 -11.25 62.10 12.55
N GLN O 174 -11.55 60.83 12.34
CA GLN O 174 -12.45 60.42 11.27
C GLN O 174 -13.68 59.69 11.77
N GLN O 175 -13.53 58.66 12.59
CA GLN O 175 -14.69 57.95 13.08
C GLN O 175 -15.15 58.53 14.40
N TYR O 176 -16.41 58.27 14.73
CA TYR O 176 -17.00 58.86 15.91
C TYR O 176 -16.43 58.21 17.16
N PHE O 177 -15.81 59.03 17.99
CA PHE O 177 -15.23 58.60 19.24
C PHE O 177 -15.62 59.63 20.29
N LEU O 178 -16.94 59.80 20.49
CA LEU O 178 -17.55 60.57 21.56
C LEU O 178 -17.45 62.07 21.31
N GLY O 179 -17.19 62.49 20.07
CA GLY O 179 -16.87 63.88 19.79
C GLY O 179 -15.43 64.25 20.07
N LEU O 180 -14.73 63.42 20.82
CA LEU O 180 -13.34 63.56 21.21
C LEU O 180 -12.36 63.31 20.07
N GLU O 181 -12.85 62.93 18.89
CA GLU O 181 -11.96 62.78 17.74
C GLU O 181 -11.46 64.10 17.19
N ALA O 182 -12.05 65.23 17.59
CA ALA O 182 -11.54 66.52 17.13
C ALA O 182 -10.19 66.85 17.76
N ILE O 183 -9.88 66.27 18.91
CA ILE O 183 -8.54 66.34 19.46
C ILE O 183 -7.56 65.61 18.54
N PHE O 184 -7.97 64.45 18.07
CA PHE O 184 -7.06 63.39 17.68
C PHE O 184 -6.63 63.49 16.22
N LYS O 185 -6.63 64.69 15.65
CA LYS O 185 -6.14 64.83 14.29
C LYS O 185 -4.64 64.73 14.25
N GLY O 186 -3.96 65.23 15.27
CA GLY O 186 -2.51 65.15 15.33
C GLY O 186 -1.88 66.11 14.35
N SER O 187 -0.74 65.70 13.81
CA SER O 187 -0.09 66.44 12.74
C SER O 187 0.54 65.40 11.81
N GLY O 188 1.42 65.86 10.93
CA GLY O 188 2.14 64.94 10.07
C GLY O 188 3.09 64.06 10.85
N ASP O 189 3.79 64.65 11.83
CA ASP O 189 4.70 63.88 12.67
C ASP O 189 3.92 63.14 13.74
N ALA O 190 4.31 61.89 13.98
CA ALA O 190 3.56 61.04 14.88
C ALA O 190 3.94 61.22 16.33
N ALA O 191 5.18 61.61 16.62
CA ALA O 191 5.61 61.77 18.00
C ALA O 191 5.08 63.05 18.62
N TYR O 192 4.67 64.01 17.80
CA TYR O 192 4.26 65.32 18.28
C TYR O 192 2.92 65.63 17.63
N PRO O 193 1.81 65.12 18.19
CA PRO O 193 0.49 65.38 17.60
C PRO O 193 0.06 66.84 17.68
N GLY O 194 0.07 67.37 18.89
CA GLY O 194 -0.25 68.78 19.10
C GLY O 194 -1.68 69.16 18.80
N GLY O 195 -2.63 68.35 19.22
CA GLY O 195 -4.00 68.75 19.16
C GLY O 195 -4.33 69.76 20.23
N PRO O 196 -5.58 70.20 20.26
CA PRO O 196 -6.00 71.12 21.33
C PRO O 196 -6.07 70.50 22.72
N PHE O 197 -5.80 69.20 22.88
CA PHE O 197 -5.52 68.66 24.20
C PHE O 197 -4.04 68.37 24.42
N PHE O 198 -3.37 67.70 23.49
CA PHE O 198 -1.97 67.35 23.73
C PHE O 198 -1.04 68.53 23.65
N ASN O 199 -1.51 69.68 23.21
CA ASN O 199 -0.81 70.95 23.26
C ASN O 199 -1.71 71.99 23.89
N LEU O 200 -2.25 71.65 25.08
CA LEU O 200 -3.22 72.44 25.86
C LEU O 200 -2.93 73.93 25.88
N PHE O 201 -1.77 74.28 26.38
CA PHE O 201 -1.45 75.67 26.61
C PHE O 201 -0.85 76.34 25.39
N ASN O 202 -0.81 75.62 24.26
CA ASN O 202 -0.30 76.10 22.98
C ASN O 202 1.14 76.59 23.13
N LEU O 203 1.92 75.84 23.90
CA LEU O 203 3.31 76.17 24.10
C LEU O 203 4.11 75.83 22.86
N GLY O 204 5.21 76.54 22.66
CA GLY O 204 5.98 76.39 21.45
C GLY O 204 5.22 76.89 20.25
N LYS O 205 5.01 78.20 20.18
CA LYS O 205 4.19 78.78 19.12
C LYS O 205 4.92 78.75 17.79
N THR O 206 6.07 79.42 17.72
CA THR O 206 6.83 79.51 16.49
C THR O 206 7.65 78.23 16.29
N GLU O 207 8.28 78.14 15.12
CA GLU O 207 9.09 76.97 14.81
C GLU O 207 10.39 76.97 15.61
N ALA O 208 11.01 78.14 15.75
CA ALA O 208 12.28 78.24 16.44
C ALA O 208 12.15 77.97 17.94
N ALA O 209 11.03 78.38 18.54
CA ALA O 209 10.78 78.04 19.93
C ALA O 209 10.39 76.58 20.10
N MET O 210 9.95 75.93 19.01
CA MET O 210 9.52 74.55 19.12
C MET O 210 10.70 73.60 19.13
N LYS O 211 11.78 73.94 18.39
CA LYS O 211 12.95 73.08 18.36
C LYS O 211 13.66 73.03 19.70
N GLU O 212 13.53 74.07 20.52
CA GLU O 212 14.10 74.03 21.85
C GLU O 212 13.36 73.04 22.74
N LEU O 213 12.03 73.13 22.76
CA LEU O 213 11.25 72.27 23.63
C LEU O 213 11.28 70.83 23.16
N LYS O 214 11.37 70.59 21.85
CA LYS O 214 11.56 69.24 21.36
C LYS O 214 12.93 68.71 21.76
N LEU O 215 13.94 69.58 21.79
CA LEU O 215 15.26 69.17 22.27
C LEU O 215 15.21 68.89 23.77
N LYS O 216 14.65 69.82 24.54
CA LYS O 216 14.62 69.74 26.00
C LYS O 216 13.80 68.57 26.51
N GLU O 217 12.86 68.07 25.70
CA GLU O 217 12.10 66.90 26.09
C GLU O 217 12.97 65.66 26.05
N ILE O 218 13.72 65.50 24.95
CA ILE O 218 14.66 64.40 24.83
C ILE O 218 15.82 64.53 25.81
N LYS O 219 16.26 65.75 26.09
CA LYS O 219 17.38 65.95 27.01
C LYS O 219 17.02 65.54 28.43
N ASN O 220 15.84 65.93 28.89
CA ASN O 220 15.32 65.31 30.10
C ASN O 220 14.66 63.96 29.85
N GLY O 221 14.77 63.39 28.66
CA GLY O 221 14.32 62.04 28.45
C GLY O 221 15.45 61.04 28.51
N ARG O 222 16.52 61.33 27.77
CA ARG O 222 17.70 60.48 27.78
C ARG O 222 18.40 60.50 29.13
N LEU O 223 18.21 61.56 29.90
CA LEU O 223 18.60 61.49 31.30
C LEU O 223 17.72 60.51 32.06
N ALA O 224 16.41 60.54 31.77
CA ALA O 224 15.47 59.79 32.57
C ALA O 224 15.39 58.33 32.17
N MET O 225 15.65 58.02 30.91
CA MET O 225 15.80 56.62 30.52
C MET O 225 17.01 56.00 31.19
N LEU O 226 18.10 56.77 31.32
CA LEU O 226 19.22 56.30 32.12
C LEU O 226 18.89 56.23 33.59
N ALA O 227 17.98 57.10 34.05
CA ALA O 227 17.60 57.09 35.46
C ALA O 227 16.81 55.84 35.80
N MET O 228 15.94 55.39 34.89
CA MET O 228 15.21 54.16 35.12
C MET O 228 16.12 52.95 35.06
N LEU O 229 17.18 53.01 34.25
CA LEU O 229 18.21 51.98 34.31
C LEU O 229 19.01 52.12 35.60
N GLY O 230 19.25 53.35 36.03
CA GLY O 230 19.87 53.57 37.31
C GLY O 230 18.93 53.48 38.49
N TYR O 231 17.67 53.16 38.25
CA TYR O 231 16.82 52.74 39.35
C TYR O 231 16.79 51.22 39.44
N GLY O 232 16.63 50.56 38.29
CA GLY O 232 16.46 49.13 38.22
C GLY O 232 17.69 48.35 38.61
N ALA O 233 18.79 48.54 37.87
CA ALA O 233 20.03 47.81 38.14
C ALA O 233 20.62 48.21 39.50
N GLN O 234 20.36 49.43 39.92
CA GLN O 234 20.83 49.87 41.22
C GLN O 234 19.98 49.29 42.35
N ALA O 235 18.76 48.86 42.06
CA ALA O 235 17.94 48.20 43.08
C ALA O 235 18.07 46.70 43.07
N VAL O 236 18.44 46.11 41.92
CA VAL O 236 18.74 44.68 41.89
C VAL O 236 19.97 44.39 42.73
N MET O 237 20.97 45.26 42.65
CA MET O 237 22.19 45.04 43.40
C MET O 237 22.04 45.43 44.87
N THR O 238 21.56 46.65 45.14
CA THR O 238 21.46 47.11 46.51
C THR O 238 20.29 46.47 47.25
N GLY O 239 19.10 46.54 46.70
CA GLY O 239 17.91 46.07 47.38
C GLY O 239 17.16 47.16 48.13
N LYS O 240 17.49 48.41 47.89
CA LYS O 240 16.89 49.56 48.56
C LYS O 240 16.24 50.46 47.52
N GLY O 241 15.78 51.63 47.96
CA GLY O 241 15.15 52.57 47.06
C GLY O 241 16.18 53.46 46.40
N PRO O 242 15.75 54.22 45.39
CA PRO O 242 16.70 55.15 44.75
C PRO O 242 17.04 56.34 45.63
N PHE O 243 16.06 56.89 46.33
CA PHE O 243 16.34 58.03 47.20
C PHE O 243 17.12 57.61 48.43
N GLN O 244 16.93 56.37 48.90
CA GLN O 244 17.76 55.87 49.97
C GLN O 244 19.20 55.73 49.51
N ASN O 245 19.40 55.33 48.26
CA ASN O 245 20.74 55.28 47.71
C ASN O 245 21.29 56.68 47.47
N LEU O 246 20.42 57.66 47.29
CA LEU O 246 20.88 59.04 47.22
C LEU O 246 21.31 59.53 48.60
N VAL O 247 20.53 59.20 49.64
CA VAL O 247 20.89 59.61 50.99
C VAL O 247 22.15 58.92 51.46
N GLU O 248 22.26 57.62 51.20
CA GLU O 248 23.43 56.86 51.63
C GLU O 248 24.69 57.19 50.85
N HIS O 249 24.56 57.84 49.68
CA HIS O 249 25.75 58.31 49.01
C HIS O 249 26.12 59.71 49.45
N LEU O 250 25.15 60.51 49.87
CA LEU O 250 25.50 61.78 50.48
C LEU O 250 26.09 61.61 51.87
N ALA O 251 25.76 60.51 52.55
CA ALA O 251 26.30 60.27 53.89
C ALA O 251 27.75 59.78 53.81
N ASP O 252 27.96 58.60 53.22
CA ASP O 252 29.29 58.14 52.90
C ASP O 252 29.45 58.17 51.39
N PRO O 253 30.15 59.16 50.83
CA PRO O 253 30.41 59.13 49.39
C PRO O 253 31.34 58.01 48.98
N VAL O 254 32.38 57.73 49.76
CA VAL O 254 33.37 56.74 49.37
C VAL O 254 32.90 55.35 49.78
N ASN O 255 32.69 55.15 51.09
CA ASN O 255 32.36 53.84 51.64
C ASN O 255 30.96 53.36 51.30
N ASN O 256 30.17 54.14 50.57
CA ASN O 256 28.85 53.69 50.14
C ASN O 256 28.66 54.16 48.69
N ASN O 257 29.09 53.32 47.75
CA ASN O 257 28.94 53.57 46.33
C ASN O 257 28.79 52.22 45.65
N ILE O 258 28.99 52.19 44.32
CA ILE O 258 28.98 50.94 43.58
C ILE O 258 30.06 49.99 44.07
N LEU O 259 31.21 50.53 44.48
CA LEU O 259 32.36 49.69 44.83
C LEU O 259 32.09 48.93 46.12
N THR O 260 31.74 49.64 47.19
CA THR O 260 31.47 48.97 48.46
C THR O 260 30.00 48.59 48.56
N ASN O 261 29.52 47.88 47.55
CA ASN O 261 28.16 47.38 47.54
C ASN O 261 28.09 45.98 46.95
N PHE O 262 29.22 45.39 46.56
CA PHE O 262 29.31 44.02 46.09
C PHE O 262 29.33 43.01 47.24
N ALA O 263 29.12 43.47 48.48
CA ALA O 263 28.95 42.66 49.70
C ALA O 263 30.20 41.83 50.02
N GLY O 264 31.35 42.50 50.04
CA GLY O 264 32.58 41.85 50.43
C GLY O 264 32.69 41.60 51.92
N ASP P 81 -68.91 30.09 -8.50
CA ASP P 81 -68.35 31.42 -8.50
C ASP P 81 -69.37 32.39 -9.06
N ALA P 82 -70.49 32.52 -8.36
CA ALA P 82 -71.58 33.41 -8.74
C ALA P 82 -72.29 33.84 -7.46
N ALA P 83 -73.53 34.31 -7.61
CA ALA P 83 -74.40 34.62 -6.48
C ALA P 83 -75.19 33.41 -6.00
N LEU P 84 -74.66 32.20 -6.21
CA LEU P 84 -75.22 30.99 -5.63
C LEU P 84 -75.12 31.05 -4.10
N PRO P 85 -75.97 30.30 -3.39
CA PRO P 85 -75.81 30.20 -1.93
C PRO P 85 -74.52 29.48 -1.58
N SER P 86 -73.91 29.88 -0.48
CA SER P 86 -72.59 29.40 -0.13
C SER P 86 -72.55 28.94 1.33
N TRP P 87 -71.64 28.00 1.60
CA TRP P 87 -71.46 27.49 2.94
C TRP P 87 -70.81 28.51 3.85
N MET P 88 -69.95 29.36 3.29
CA MET P 88 -69.39 30.54 3.96
C MET P 88 -69.72 31.73 3.08
N PRO P 89 -70.71 32.55 3.44
CA PRO P 89 -71.14 33.63 2.56
C PRO P 89 -70.11 34.73 2.38
N GLY P 90 -69.61 34.85 1.15
CA GLY P 90 -68.55 35.77 0.82
C GLY P 90 -67.23 35.11 0.48
N ALA P 91 -67.09 33.83 0.81
CA ALA P 91 -65.85 33.11 0.53
C ALA P 91 -65.67 32.90 -0.97
N ASP P 92 -64.42 32.77 -1.38
CA ASP P 92 -64.11 32.47 -2.77
C ASP P 92 -64.50 31.03 -3.10
N LEU P 93 -64.66 30.76 -4.39
CA LEU P 93 -65.23 29.51 -4.86
C LEU P 93 -64.20 28.74 -5.67
N PRO P 94 -64.35 27.42 -5.80
CA PRO P 94 -63.43 26.69 -6.68
C PRO P 94 -63.67 26.94 -8.16
N GLY P 95 -64.90 27.22 -8.57
CA GLY P 95 -65.22 27.55 -9.94
C GLY P 95 -65.95 26.46 -10.69
N TYR P 96 -65.81 25.20 -10.29
CA TYR P 96 -66.49 24.10 -10.95
C TYR P 96 -67.75 23.67 -10.23
N LEU P 97 -68.23 24.47 -9.28
CA LEU P 97 -69.42 24.11 -8.53
C LEU P 97 -70.50 25.14 -8.81
N ASN P 98 -70.72 25.39 -10.09
CA ASN P 98 -71.65 26.41 -10.54
C ASN P 98 -73.09 26.15 -10.10
N GLY P 99 -73.53 24.90 -10.08
CA GLY P 99 -74.89 24.66 -9.65
C GLY P 99 -75.69 23.58 -10.34
N THR P 100 -75.08 22.88 -11.29
CA THR P 100 -75.82 21.83 -11.99
C THR P 100 -76.04 20.61 -11.11
N LEU P 101 -75.23 20.41 -10.15
CA LEU P 101 -75.30 19.27 -9.26
C LEU P 101 -76.29 19.55 -8.13
N PRO P 102 -76.94 18.53 -7.57
CA PRO P 102 -78.05 18.79 -6.64
C PRO P 102 -77.57 19.29 -5.28
N GLY P 103 -77.91 20.53 -4.98
CA GLY P 103 -77.59 21.10 -3.69
C GLY P 103 -76.11 21.29 -3.46
N ASP P 104 -75.51 22.22 -4.19
CA ASP P 104 -74.14 22.61 -3.93
C ASP P 104 -74.09 23.99 -3.32
N PHE P 105 -73.08 24.19 -2.48
CA PHE P 105 -72.83 25.49 -1.90
C PHE P 105 -71.36 25.85 -2.00
N GLY P 106 -70.60 25.09 -2.78
CA GLY P 106 -69.20 25.33 -2.96
C GLY P 106 -68.30 24.70 -1.94
N PHE P 107 -68.83 23.83 -1.07
CA PHE P 107 -68.03 23.29 0.01
C PHE P 107 -67.17 22.16 -0.51
N ASP P 108 -65.94 22.51 -0.92
CA ASP P 108 -64.92 21.53 -1.26
C ASP P 108 -63.56 22.14 -0.97
N PRO P 109 -63.17 22.21 0.31
CA PRO P 109 -61.90 22.86 0.65
C PRO P 109 -60.69 22.00 0.37
N LEU P 110 -60.86 20.69 0.26
CA LEU P 110 -59.73 19.82 -0.09
C LEU P 110 -59.53 19.69 -1.58
N TYR P 111 -60.37 20.36 -2.39
CA TYR P 111 -60.27 20.38 -3.85
C TYR P 111 -60.33 18.98 -4.45
N LEU P 112 -61.20 18.14 -3.88
CA LEU P 112 -61.27 16.74 -4.28
C LEU P 112 -61.91 16.53 -5.63
N GLY P 113 -62.89 17.35 -5.99
CA GLY P 113 -63.67 17.11 -7.19
C GLY P 113 -63.35 17.98 -8.39
N GLN P 114 -62.09 18.44 -8.50
CA GLN P 114 -61.69 19.27 -9.64
C GLN P 114 -61.83 18.53 -10.96
N ASP P 115 -61.39 17.28 -10.99
CA ASP P 115 -61.54 16.48 -12.20
C ASP P 115 -63.00 16.08 -12.34
N PRO P 116 -63.64 16.38 -13.46
CA PRO P 116 -65.06 16.02 -13.63
C PRO P 116 -65.30 14.53 -13.69
N VAL P 117 -64.28 13.75 -14.07
CA VAL P 117 -64.40 12.30 -14.00
C VAL P 117 -64.42 11.81 -12.56
N LYS P 118 -63.89 12.58 -11.63
CA LYS P 118 -64.05 12.28 -10.22
C LYS P 118 -65.29 12.94 -9.65
N LEU P 119 -65.69 14.10 -10.17
CA LEU P 119 -66.87 14.77 -9.64
C LEU P 119 -68.15 14.05 -10.05
N LYS P 120 -68.18 13.51 -11.28
CA LYS P 120 -69.32 12.72 -11.71
C LYS P 120 -69.43 11.44 -10.89
N TRP P 121 -68.29 10.87 -10.50
CA TRP P 121 -68.32 9.72 -9.62
C TRP P 121 -68.76 10.12 -8.22
N TYR P 122 -68.23 11.24 -7.71
CA TYR P 122 -68.51 11.65 -6.34
C TYR P 122 -69.93 12.12 -6.15
N ALA P 123 -70.58 12.60 -7.21
CA ALA P 123 -71.98 12.99 -7.12
C ALA P 123 -72.86 11.77 -6.88
N GLN P 124 -72.67 10.73 -7.70
CA GLN P 124 -73.39 9.49 -7.49
C GLN P 124 -72.95 8.80 -6.22
N ALA P 125 -71.69 8.97 -5.83
CA ALA P 125 -71.21 8.40 -4.58
C ALA P 125 -71.82 9.13 -3.38
N GLU P 126 -72.21 10.39 -3.56
CA GLU P 126 -72.88 11.09 -2.46
C GLU P 126 -74.32 10.62 -2.33
N LEU P 127 -75.00 10.38 -3.45
CA LEU P 127 -76.42 10.03 -3.40
C LEU P 127 -76.62 8.65 -2.79
N MET P 128 -75.74 7.70 -3.11
CA MET P 128 -75.92 6.34 -2.62
C MET P 128 -75.57 6.25 -1.14
N ASN P 129 -74.47 6.88 -0.72
CA ASN P 129 -74.18 6.98 0.70
C ASN P 129 -75.23 7.81 1.44
N ALA P 130 -75.93 8.73 0.75
CA ALA P 130 -77.01 9.46 1.42
C ALA P 130 -78.26 8.61 1.54
N ARG P 131 -78.69 7.99 0.43
CA ARG P 131 -79.98 7.28 0.44
C ARG P 131 -79.94 6.07 1.33
N PHE P 132 -78.80 5.36 1.37
CA PHE P 132 -78.68 4.28 2.34
C PHE P 132 -78.60 4.79 3.76
N ALA P 133 -78.18 6.03 3.98
CA ALA P 133 -78.21 6.57 5.32
C ALA P 133 -79.62 6.98 5.74
N MET P 134 -80.42 7.51 4.81
CA MET P 134 -81.81 7.81 5.13
C MET P 134 -82.61 6.56 5.40
N LEU P 135 -82.24 5.45 4.75
CA LEU P 135 -82.77 4.15 5.15
C LEU P 135 -82.25 3.76 6.52
N ALA P 136 -81.01 4.10 6.83
CA ALA P 136 -80.40 3.64 8.07
C ALA P 136 -80.96 4.38 9.28
N VAL P 137 -81.02 5.71 9.21
CA VAL P 137 -81.45 6.49 10.36
C VAL P 137 -82.94 6.31 10.59
N ALA P 138 -83.73 6.17 9.51
CA ALA P 138 -85.12 5.79 9.68
C ALA P 138 -85.27 4.31 10.03
N GLY P 139 -84.22 3.51 9.82
CA GLY P 139 -84.29 2.11 10.18
C GLY P 139 -83.76 1.82 11.56
N ILE P 140 -83.15 2.81 12.18
CA ILE P 140 -82.71 2.71 13.56
C ILE P 140 -83.65 3.43 14.50
N LEU P 141 -84.05 4.66 14.15
CA LEU P 141 -84.83 5.46 15.08
C LEU P 141 -86.26 4.96 15.20
N VAL P 142 -86.92 4.70 14.07
CA VAL P 142 -88.33 4.31 14.05
C VAL P 142 -88.58 2.95 14.72
N PRO P 143 -87.73 1.90 14.56
CA PRO P 143 -87.91 0.73 15.44
C PRO P 143 -87.56 0.99 16.89
N GLU P 144 -86.82 2.05 17.20
CA GLU P 144 -86.62 2.42 18.59
C GLU P 144 -87.67 3.41 19.08
N LEU P 145 -88.20 4.23 18.18
CA LEU P 145 -89.24 5.18 18.56
C LEU P 145 -90.53 4.45 18.89
N LEU P 146 -90.88 3.44 18.12
CA LEU P 146 -92.11 2.71 18.36
C LEU P 146 -91.91 1.54 19.31
N SER P 147 -90.74 1.42 19.92
CA SER P 147 -90.48 0.45 20.97
C SER P 147 -90.35 1.08 22.33
N ASN P 148 -89.84 2.30 22.43
CA ASN P 148 -89.83 3.00 23.70
C ASN P 148 -91.19 3.63 24.00
N ILE P 149 -92.00 3.87 22.97
CA ILE P 149 -93.44 4.00 23.19
C ILE P 149 -94.01 2.69 23.71
N GLY P 150 -93.63 1.59 23.08
CA GLY P 150 -93.98 0.27 23.52
C GLY P 150 -95.04 -0.37 22.67
N PHE P 151 -94.59 -1.15 21.69
CA PHE P 151 -95.42 -2.01 20.87
C PHE P 151 -94.96 -3.45 21.07
N SER P 152 -95.57 -4.36 20.34
CA SER P 152 -95.27 -5.79 20.42
C SER P 152 -94.64 -6.22 19.10
N TRP P 153 -93.32 -6.35 19.08
CA TRP P 153 -92.60 -6.89 17.95
C TRP P 153 -91.81 -8.11 18.39
N PRO P 154 -91.51 -9.02 17.46
CA PRO P 154 -90.52 -10.07 17.78
C PRO P 154 -89.14 -9.47 18.00
N GLY P 155 -88.78 -8.44 17.23
CA GLY P 155 -87.66 -7.60 17.59
C GLY P 155 -88.14 -6.24 18.03
N ALA P 156 -88.19 -6.03 19.34
CA ALA P 156 -88.68 -4.78 19.93
C ALA P 156 -87.68 -4.33 20.97
N GLY P 157 -87.23 -3.09 20.85
CA GLY P 157 -86.28 -2.53 21.79
C GLY P 157 -84.85 -3.03 21.65
N VAL P 158 -84.60 -4.01 20.79
CA VAL P 158 -83.26 -4.52 20.58
C VAL P 158 -82.42 -3.49 19.84
N ALA P 159 -81.18 -3.32 20.30
CA ALA P 159 -80.32 -2.25 19.79
C ALA P 159 -79.87 -2.54 18.37
N TRP P 160 -79.55 -1.47 17.63
CA TRP P 160 -79.18 -1.63 16.23
C TRP P 160 -77.83 -2.30 16.08
N TYR P 161 -76.95 -2.16 17.07
CA TYR P 161 -75.74 -2.96 17.07
C TYR P 161 -76.00 -4.37 17.59
N ASP P 162 -77.08 -4.58 18.33
CA ASP P 162 -77.45 -5.89 18.83
C ASP P 162 -78.47 -6.61 17.95
N ALA P 163 -78.67 -6.14 16.72
CA ALA P 163 -79.54 -6.83 15.79
C ALA P 163 -78.81 -7.86 14.94
N GLY P 164 -77.49 -7.88 14.97
CA GLY P 164 -76.73 -8.85 14.22
C GLY P 164 -76.73 -10.22 14.86
N LYS P 165 -76.55 -10.25 16.18
CA LYS P 165 -76.56 -11.51 16.92
C LYS P 165 -77.96 -12.07 17.10
N PHE P 166 -78.99 -11.25 16.89
CA PHE P 166 -80.37 -11.69 17.04
C PHE P 166 -80.71 -12.73 15.98
N GLU P 167 -81.45 -13.75 16.38
CA GLU P 167 -81.69 -14.88 15.50
C GLU P 167 -82.98 -14.70 14.70
N TYR P 168 -83.07 -15.41 13.59
CA TYR P 168 -84.16 -15.27 12.65
C TYR P 168 -84.54 -16.67 12.19
N PHE P 169 -85.26 -16.75 11.08
CA PHE P 169 -85.59 -18.04 10.47
C PHE P 169 -84.37 -18.74 9.89
N ALA P 170 -83.26 -18.03 9.69
CA ALA P 170 -82.06 -18.56 9.10
C ALA P 170 -80.86 -17.90 9.76
N PRO P 171 -79.69 -18.55 9.71
CA PRO P 171 -78.46 -17.85 10.13
C PRO P 171 -78.12 -16.73 9.18
N ALA P 172 -77.33 -15.78 9.71
CA ALA P 172 -77.06 -14.53 9.00
C ALA P 172 -76.08 -14.70 7.85
N SER P 173 -75.42 -15.84 7.76
CA SER P 173 -74.57 -16.11 6.60
C SER P 173 -75.42 -16.26 5.34
N SER P 174 -76.48 -17.06 5.43
CA SER P 174 -77.34 -17.32 4.27
C SER P 174 -78.08 -16.07 3.85
N LEU P 175 -78.42 -15.22 4.81
CA LEU P 175 -79.01 -13.92 4.50
C LEU P 175 -78.04 -13.06 3.71
N PHE P 176 -76.77 -13.09 4.07
CA PHE P 176 -75.74 -12.33 3.37
C PHE P 176 -75.46 -12.91 1.99
N GLY P 177 -75.71 -14.21 1.80
CA GLY P 177 -75.61 -14.79 0.49
C GLY P 177 -76.71 -14.35 -0.45
N VAL P 178 -77.88 -14.03 0.09
CA VAL P 178 -78.97 -13.55 -0.75
C VAL P 178 -78.74 -12.10 -1.14
N GLN P 179 -78.17 -11.31 -0.22
CA GLN P 179 -77.88 -9.90 -0.48
C GLN P 179 -76.84 -9.75 -1.58
N MET P 180 -75.77 -10.53 -1.50
CA MET P 180 -74.66 -10.42 -2.43
C MET P 180 -74.98 -11.00 -3.80
N LEU P 181 -76.19 -11.49 -4.03
CA LEU P 181 -76.66 -11.87 -5.36
C LEU P 181 -77.77 -10.96 -5.86
N LEU P 182 -78.68 -10.55 -4.99
CA LEU P 182 -79.72 -9.61 -5.40
C LEU P 182 -79.14 -8.23 -5.66
N PHE P 183 -78.22 -7.78 -4.80
CA PHE P 183 -77.56 -6.51 -5.07
C PHE P 183 -76.54 -6.63 -6.19
N ALA P 184 -75.99 -7.83 -6.43
CA ALA P 184 -75.09 -7.99 -7.57
C ALA P 184 -75.85 -7.88 -8.88
N TRP P 185 -77.15 -8.14 -8.87
CA TRP P 185 -77.98 -7.70 -9.97
C TRP P 185 -78.05 -6.19 -10.02
N VAL P 186 -78.60 -5.59 -8.95
CA VAL P 186 -79.09 -4.21 -8.96
C VAL P 186 -77.96 -3.21 -9.10
N GLU P 187 -76.86 -3.42 -8.37
CA GLU P 187 -75.71 -2.53 -8.46
C GLU P 187 -75.07 -2.58 -9.84
N ILE P 188 -74.99 -3.75 -10.45
CA ILE P 188 -74.44 -3.85 -11.79
C ILE P 188 -75.43 -3.34 -12.83
N ARG P 189 -76.73 -3.47 -12.56
CA ARG P 189 -77.73 -2.75 -13.34
C ARG P 189 -77.56 -1.25 -13.20
N ARG P 190 -77.26 -0.79 -11.98
CA ARG P 190 -77.10 0.63 -11.76
C ARG P 190 -75.76 1.13 -12.30
N TYR P 191 -74.72 0.30 -12.24
CA TYR P 191 -73.43 0.72 -12.78
C TYR P 191 -73.43 0.74 -14.29
N GLN P 192 -74.19 -0.15 -14.93
CA GLN P 192 -74.31 -0.11 -16.37
C GLN P 192 -75.08 1.13 -16.82
N ASP P 193 -75.95 1.65 -15.96
CA ASP P 193 -76.58 2.93 -16.23
C ASP P 193 -75.59 4.08 -16.10
N PHE P 194 -74.61 3.95 -15.20
CA PHE P 194 -73.67 5.06 -14.99
C PHE P 194 -72.69 5.18 -16.13
N VAL P 195 -72.25 4.06 -16.71
CA VAL P 195 -71.29 4.12 -17.79
C VAL P 195 -71.93 4.51 -19.11
N LYS P 196 -73.23 4.30 -19.26
CA LYS P 196 -73.96 4.75 -20.44
C LYS P 196 -75.40 5.00 -20.03
N PRO P 197 -75.77 6.25 -19.76
CA PRO P 197 -77.15 6.54 -19.36
C PRO P 197 -78.10 6.39 -20.53
N GLY P 198 -79.30 5.90 -20.23
CA GLY P 198 -80.27 5.59 -21.25
C GLY P 198 -80.14 4.21 -21.85
N SER P 199 -79.31 3.34 -21.27
CA SER P 199 -79.10 2.01 -21.82
C SER P 199 -79.29 0.94 -20.76
N ALA P 200 -80.11 1.19 -19.74
CA ALA P 200 -80.41 0.18 -18.74
C ALA P 200 -81.90 -0.07 -18.56
N ASN P 201 -82.76 0.73 -19.19
CA ASN P 201 -84.19 0.67 -18.93
C ASN P 201 -84.84 -0.32 -19.88
N GLN P 202 -84.70 -1.61 -19.53
CA GLN P 202 -85.40 -2.69 -20.19
C GLN P 202 -85.34 -3.91 -19.29
N ASP P 203 -86.46 -4.62 -19.12
CA ASP P 203 -86.37 -5.79 -18.28
C ASP P 203 -85.76 -6.92 -19.10
N PRO P 204 -85.19 -7.93 -18.45
CA PRO P 204 -84.75 -9.11 -19.20
C PRO P 204 -85.88 -9.88 -19.84
N ILE P 205 -86.89 -10.24 -19.06
CA ILE P 205 -87.88 -11.20 -19.51
C ILE P 205 -89.16 -10.47 -19.93
N PHE P 206 -89.40 -9.28 -19.38
CA PHE P 206 -90.56 -8.49 -19.76
C PHE P 206 -90.11 -7.37 -20.69
N THR P 207 -90.11 -7.64 -21.99
CA THR P 207 -89.63 -6.67 -22.96
C THR P 207 -90.74 -5.75 -23.45
N ASN P 208 -91.54 -5.22 -22.53
CA ASN P 208 -92.43 -4.11 -22.84
C ASN P 208 -92.23 -3.06 -21.77
N ASN P 209 -91.91 -3.52 -20.57
CA ASN P 209 -91.70 -2.64 -19.43
C ASN P 209 -90.35 -1.96 -19.55
N LYS P 210 -90.35 -0.64 -19.39
CA LYS P 210 -89.10 0.12 -19.45
C LYS P 210 -89.32 1.45 -18.74
N LEU P 211 -88.28 2.01 -18.32
CA LEU P 211 -88.38 3.34 -17.77
C LEU P 211 -88.27 4.36 -18.90
N PRO P 212 -88.96 5.49 -18.79
CA PRO P 212 -88.96 6.46 -19.90
C PRO P 212 -87.60 7.13 -20.06
N ASP P 213 -87.29 7.47 -21.31
CA ASP P 213 -85.98 7.98 -21.66
C ASP P 213 -85.85 9.42 -21.19
N GLY P 214 -84.60 9.89 -21.14
CA GLY P 214 -84.28 11.23 -20.72
C GLY P 214 -83.82 11.36 -19.29
N ASN P 215 -83.74 10.25 -18.56
CA ASN P 215 -83.30 10.34 -17.18
C ASN P 215 -81.77 10.37 -17.09
N GLU P 216 -81.32 10.78 -15.94
CA GLU P 216 -79.92 10.92 -15.59
C GLU P 216 -79.57 9.85 -14.56
N PRO P 217 -78.27 9.51 -14.42
CA PRO P 217 -77.91 8.52 -13.40
C PRO P 217 -78.14 9.06 -11.99
N GLY P 218 -78.74 8.22 -11.15
CA GLY P 218 -79.13 8.62 -9.83
C GLY P 218 -80.60 8.99 -9.71
N TYR P 219 -81.31 9.09 -10.83
CA TYR P 219 -82.73 9.43 -10.83
C TYR P 219 -83.41 8.62 -11.91
N PRO P 220 -83.69 7.34 -11.67
CA PRO P 220 -84.25 6.50 -12.74
C PRO P 220 -85.69 6.83 -13.11
N GLY P 221 -86.57 7.03 -12.15
CA GLY P 221 -87.94 7.37 -12.47
C GLY P 221 -88.74 6.16 -12.92
N GLY P 222 -89.87 6.46 -13.55
CA GLY P 222 -90.76 5.42 -14.05
C GLY P 222 -91.48 4.68 -12.94
N ILE P 223 -91.19 3.38 -12.79
CA ILE P 223 -91.77 2.63 -11.69
C ILE P 223 -91.11 3.01 -10.37
N PHE P 224 -89.92 3.61 -10.43
CA PHE P 224 -89.27 4.13 -9.22
C PHE P 224 -89.97 5.38 -8.71
N ASP P 225 -90.81 6.03 -9.53
CA ASP P 225 -91.66 7.13 -9.11
C ASP P 225 -93.12 6.71 -9.31
N PRO P 226 -93.67 5.88 -8.42
CA PRO P 226 -95.03 5.40 -8.64
C PRO P 226 -96.10 6.41 -8.31
N PHE P 227 -95.82 7.37 -7.43
CA PHE P 227 -96.86 8.33 -7.05
C PHE P 227 -97.00 9.47 -8.05
N GLY P 228 -96.19 9.50 -9.10
CA GLY P 228 -96.33 10.54 -10.09
C GLY P 228 -95.70 11.85 -9.69
N TRP P 229 -94.60 11.81 -8.94
CA TRP P 229 -93.86 13.03 -8.63
C TRP P 229 -92.87 13.33 -9.74
N SER P 230 -92.01 14.33 -9.51
CA SER P 230 -90.96 14.78 -10.43
C SER P 230 -91.50 15.16 -11.81
N LYS P 231 -92.75 15.61 -11.85
CA LYS P 231 -93.36 16.10 -13.09
C LYS P 231 -93.38 17.61 -13.11
N GLY P 232 -92.32 18.21 -12.56
CA GLY P 232 -92.24 19.63 -12.35
C GLY P 232 -91.56 19.90 -11.03
N ASP P 233 -90.69 20.93 -11.01
CA ASP P 233 -89.88 21.31 -9.84
C ASP P 233 -89.02 20.14 -9.36
N ILE P 234 -88.14 19.70 -10.24
CA ILE P 234 -87.26 18.59 -9.93
C ILE P 234 -86.00 19.07 -9.19
N LYS P 235 -85.58 20.32 -9.42
CA LYS P 235 -84.34 20.81 -8.82
C LYS P 235 -84.49 21.00 -7.32
N SER P 236 -85.63 21.54 -6.89
CA SER P 236 -85.85 21.70 -5.45
C SER P 236 -86.09 20.36 -4.76
N LEU P 237 -86.67 19.39 -5.47
CA LEU P 237 -86.83 18.07 -4.88
C LEU P 237 -85.50 17.34 -4.79
N LYS P 238 -84.60 17.55 -5.76
CA LYS P 238 -83.25 17.04 -5.62
C LYS P 238 -82.50 17.75 -4.52
N LEU P 239 -82.78 19.03 -4.31
CA LEU P 239 -82.14 19.76 -3.23
C LEU P 239 -82.67 19.31 -1.89
N LYS P 240 -83.96 18.95 -1.83
CA LYS P 240 -84.51 18.39 -0.61
C LYS P 240 -83.94 17.00 -0.34
N GLU P 241 -83.72 16.23 -1.41
CA GLU P 241 -83.19 14.88 -1.26
C GLU P 241 -81.75 14.90 -0.78
N ILE P 242 -80.96 15.86 -1.26
CA ILE P 242 -79.58 15.90 -0.82
C ILE P 242 -79.48 16.56 0.56
N LYS P 243 -80.42 17.43 0.93
CA LYS P 243 -80.34 18.01 2.26
C LYS P 243 -80.90 17.08 3.33
N ASN P 244 -82.01 16.41 3.04
CA ASN P 244 -82.45 15.33 3.92
C ASN P 244 -81.51 14.13 3.88
N GLY P 245 -80.62 14.04 2.89
CA GLY P 245 -79.64 12.97 2.86
C GLY P 245 -78.39 13.29 3.65
N ARG P 246 -77.88 14.50 3.50
CA ARG P 246 -76.65 14.89 4.19
C ARG P 246 -76.85 14.99 5.68
N LEU P 247 -78.07 15.29 6.12
CA LEU P 247 -78.38 15.24 7.54
C LEU P 247 -78.38 13.82 8.06
N ALA P 248 -78.77 12.87 7.22
CA ALA P 248 -78.81 11.48 7.65
C ALA P 248 -77.41 10.87 7.73
N MET P 249 -76.54 11.22 6.79
CA MET P 249 -75.17 10.72 6.85
C MET P 249 -74.44 11.26 8.07
N LEU P 250 -74.71 12.50 8.44
CA LEU P 250 -74.21 13.00 9.72
C LEU P 250 -74.87 12.29 10.88
N ALA P 251 -76.13 11.89 10.73
CA ALA P 251 -76.82 11.22 11.82
C ALA P 251 -76.33 9.80 12.01
N PHE P 252 -76.07 9.08 10.92
CA PHE P 252 -75.54 7.73 11.08
C PHE P 252 -74.10 7.76 11.54
N ALA P 253 -73.32 8.74 11.06
CA ALA P 253 -71.99 8.94 11.64
C ALA P 253 -72.09 9.44 13.06
N GLY P 254 -73.20 10.11 13.39
CA GLY P 254 -73.53 10.31 14.78
C GLY P 254 -73.76 9.00 15.50
N PHE P 255 -74.51 8.08 14.87
CA PHE P 255 -74.89 6.83 15.52
C PHE P 255 -73.70 5.95 15.82
N ILE P 256 -72.64 6.06 15.01
CA ILE P 256 -71.46 5.23 15.23
C ILE P 256 -70.72 5.66 16.49
N GLY P 257 -70.29 6.92 16.54
CA GLY P 257 -69.47 7.36 17.66
C GLY P 257 -70.26 7.50 18.95
N GLN P 258 -71.48 7.99 18.86
CA GLN P 258 -72.29 8.25 20.04
C GLN P 258 -72.87 6.97 20.63
N ALA P 259 -72.86 5.87 19.91
CA ALA P 259 -73.13 4.58 20.53
C ALA P 259 -71.86 3.80 20.84
N TYR P 260 -70.70 4.30 20.42
CA TYR P 260 -69.44 3.64 20.76
C TYR P 260 -68.82 4.22 22.01
N THR P 261 -69.03 5.50 22.29
CA THR P 261 -68.47 6.09 23.51
C THR P 261 -69.28 5.71 24.73
N THR P 262 -70.55 6.07 24.77
CA THR P 262 -71.35 5.77 25.94
C THR P 262 -71.99 4.39 25.91
N GLY P 263 -72.16 3.79 24.73
CA GLY P 263 -72.68 2.44 24.66
C GLY P 263 -74.16 2.30 24.95
N THR P 264 -74.98 3.25 24.52
CA THR P 264 -76.43 3.18 24.70
C THR P 264 -77.12 3.23 23.35
N THR P 265 -78.43 3.12 23.39
CA THR P 265 -79.23 3.35 22.19
C THR P 265 -79.21 4.84 21.87
N PRO P 266 -78.91 5.23 20.62
CA PRO P 266 -78.84 6.65 20.28
C PRO P 266 -80.18 7.36 20.19
N LEU P 267 -81.27 6.70 20.51
CA LEU P 267 -82.48 7.44 20.86
C LEU P 267 -82.50 7.78 22.34
N LYS P 268 -81.82 6.98 23.16
CA LYS P 268 -81.80 7.20 24.60
C LYS P 268 -80.69 8.14 25.04
N ASN P 269 -79.75 8.46 24.15
CA ASN P 269 -78.82 9.55 24.44
C ASN P 269 -79.52 10.89 24.40
N LEU P 270 -80.58 10.98 23.59
CA LEU P 270 -81.44 12.16 23.61
C LEU P 270 -82.16 12.30 24.95
N SER P 271 -82.39 11.18 25.64
CA SER P 271 -83.06 11.24 26.93
C SER P 271 -82.19 11.89 28.00
N THR P 272 -80.89 11.57 28.00
CA THR P 272 -79.99 12.20 28.97
C THR P 272 -79.72 13.65 28.61
N HIS P 273 -79.60 13.95 27.32
CA HIS P 273 -79.42 15.34 26.91
C HIS P 273 -80.72 16.15 27.01
N LEU P 274 -81.86 15.51 27.21
CA LEU P 274 -83.05 16.25 27.59
C LEU P 274 -83.40 16.15 29.06
N ALA P 275 -82.78 15.22 29.79
CA ALA P 275 -82.96 15.20 31.25
C ALA P 275 -82.30 16.42 31.87
N ASP P 276 -81.00 16.55 31.69
CA ASP P 276 -80.23 17.73 32.08
C ASP P 276 -79.33 18.13 30.92
N PRO P 277 -79.75 19.09 30.10
CA PRO P 277 -78.98 19.41 28.89
C PRO P 277 -77.65 20.05 29.17
N TRP P 278 -77.49 20.64 30.34
CA TRP P 278 -76.30 21.39 30.65
C TRP P 278 -75.25 20.54 31.36
N SER P 279 -75.65 19.40 31.91
CA SER P 279 -74.75 18.53 32.62
C SER P 279 -74.31 17.33 31.80
N THR P 280 -74.67 17.26 30.52
CA THR P 280 -74.10 16.26 29.63
C THR P 280 -74.04 16.83 28.20
N THR P 281 -72.91 17.44 27.89
CA THR P 281 -72.53 17.72 26.53
C THR P 281 -71.67 16.55 26.07
N VAL P 282 -71.08 16.69 24.88
CA VAL P 282 -70.08 15.71 24.49
C VAL P 282 -68.82 15.88 25.34
N TRP P 283 -68.57 17.08 25.84
CA TRP P 283 -67.32 17.37 26.55
C TRP P 283 -67.30 16.71 27.92
N GLN P 284 -68.39 16.82 28.68
CA GLN P 284 -68.38 16.25 30.02
C GLN P 284 -68.44 14.74 29.99
N ASN P 285 -69.03 14.15 28.96
CA ASN P 285 -69.01 12.69 28.86
C ASN P 285 -67.67 12.19 28.35
N ASP P 286 -66.99 12.98 27.52
CA ASP P 286 -65.60 12.72 27.20
C ASP P 286 -64.72 12.83 28.43
N LEU P 287 -64.88 13.89 29.22
CA LEU P 287 -63.97 14.14 30.34
C LEU P 287 -64.23 13.19 31.51
N ALA P 288 -65.47 12.75 31.70
CA ALA P 288 -65.72 11.73 32.71
C ALA P 288 -65.14 10.40 32.30
N ARG P 289 -65.20 10.07 31.01
CA ARG P 289 -64.61 8.85 30.49
C ARG P 289 -63.09 8.94 30.44
N LEU P 290 -62.55 10.12 30.16
CA LEU P 290 -61.10 10.32 30.19
C LEU P 290 -60.62 10.36 31.63
N ASP Q 48 -15.50 87.51 23.80
CA ASP Q 48 -14.87 86.19 23.73
C ASP Q 48 -13.50 86.23 24.35
N ARG Q 49 -12.86 87.40 24.29
CA ARG Q 49 -11.45 87.54 24.57
C ARG Q 49 -11.16 87.40 26.07
N LYS Q 50 -9.87 87.51 26.40
CA LYS Q 50 -9.31 87.13 27.71
C LYS Q 50 -9.69 85.68 28.04
N LEU Q 51 -9.04 84.79 27.29
CA LEU Q 51 -9.33 83.37 27.32
C LEU Q 51 -8.83 82.74 28.63
N TRP Q 52 -8.97 81.41 28.71
CA TRP Q 52 -8.61 80.67 29.90
C TRP Q 52 -7.10 80.55 30.11
N ALA Q 53 -6.30 80.91 29.12
CA ALA Q 53 -4.85 80.91 29.23
C ALA Q 53 -4.34 81.92 28.23
N PRO Q 54 -3.15 82.52 28.46
CA PRO Q 54 -2.69 83.61 27.58
C PRO Q 54 -2.41 83.23 26.14
N GLY Q 55 -1.54 82.26 25.92
CA GLY Q 55 -1.07 82.02 24.58
C GLY Q 55 -1.87 81.02 23.77
N VAL Q 56 -3.12 80.79 24.16
CA VAL Q 56 -3.94 79.74 23.57
C VAL Q 56 -4.78 80.34 22.46
N VAL Q 57 -4.74 79.71 21.29
CA VAL Q 57 -5.63 80.07 20.19
C VAL Q 57 -7.01 79.47 20.47
N ALA Q 58 -8.04 80.30 20.38
CA ALA Q 58 -9.41 79.82 20.57
C ALA Q 58 -9.82 78.95 19.40
N PRO Q 59 -10.67 77.95 19.62
CA PRO Q 59 -11.12 77.09 18.53
C PRO Q 59 -12.09 77.81 17.62
N GLU Q 60 -12.26 77.25 16.43
CA GLU Q 60 -12.96 77.91 15.35
C GLU Q 60 -14.46 78.00 15.60
N TYR Q 61 -15.02 77.08 16.38
CA TYR Q 61 -16.43 77.06 16.71
C TYR Q 61 -16.78 77.86 17.95
N LEU Q 62 -15.83 78.62 18.49
CA LEU Q 62 -16.01 79.36 19.74
C LEU Q 62 -15.70 80.83 19.52
N LYS Q 63 -16.35 81.42 18.51
CA LYS Q 63 -16.12 82.81 18.14
C LYS Q 63 -16.90 83.80 19.00
N GLY Q 64 -17.35 83.41 20.19
CA GLY Q 64 -17.93 84.35 21.13
C GLY Q 64 -19.43 84.51 21.07
N ASP Q 65 -20.13 83.61 20.38
CA ASP Q 65 -21.58 83.74 20.28
C ASP Q 65 -22.25 83.41 21.61
N LEU Q 66 -21.93 82.26 22.18
CA LEU Q 66 -22.50 81.85 23.44
C LEU Q 66 -21.87 82.63 24.58
N ALA Q 67 -22.58 82.69 25.70
CA ALA Q 67 -22.08 83.41 26.85
C ALA Q 67 -21.08 82.57 27.62
N GLY Q 68 -20.14 83.25 28.29
CA GLY Q 68 -19.07 82.55 28.97
C GLY Q 68 -18.09 81.87 28.05
N ASP Q 69 -18.01 82.29 26.80
CA ASP Q 69 -17.14 81.65 25.82
C ASP Q 69 -15.71 82.13 26.01
N TYR Q 70 -14.82 81.20 26.40
CA TYR Q 70 -13.44 81.54 26.75
C TYR Q 70 -12.42 80.79 25.91
N GLY Q 71 -12.79 80.35 24.71
CA GLY Q 71 -11.85 79.62 23.87
C GLY Q 71 -11.41 78.30 24.45
N TRP Q 72 -12.22 77.70 25.30
CA TRP Q 72 -11.89 76.52 26.07
C TRP Q 72 -12.27 75.32 25.22
N ASP Q 73 -12.68 74.23 25.87
CA ASP Q 73 -12.89 72.91 25.31
C ASP Q 73 -11.56 72.37 24.80
N PRO Q 74 -10.63 71.96 25.68
CA PRO Q 74 -9.52 71.15 25.20
C PRO Q 74 -9.85 69.67 25.17
N LEU Q 75 -11.06 69.31 24.76
CA LEU Q 75 -11.40 67.90 24.58
C LEU Q 75 -12.32 67.76 23.38
N GLY Q 76 -12.51 68.81 22.60
CA GLY Q 76 -13.13 68.73 21.31
C GLY Q 76 -14.61 68.45 21.30
N LEU Q 77 -15.27 68.59 22.44
CA LEU Q 77 -16.65 68.10 22.57
C LEU Q 77 -17.66 69.00 21.88
N GLY Q 78 -17.34 70.27 21.67
CA GLY Q 78 -18.28 71.15 21.02
C GLY Q 78 -18.02 71.27 19.53
N ALA Q 79 -17.22 70.36 18.98
CA ALA Q 79 -16.87 70.46 17.57
C ALA Q 79 -18.06 70.12 16.67
N ASP Q 80 -18.90 69.20 17.10
CA ASP Q 80 -20.16 68.99 16.42
C ASP Q 80 -21.10 70.14 16.78
N PRO Q 81 -21.68 70.83 15.79
CA PRO Q 81 -22.59 71.93 16.12
C PRO Q 81 -23.87 71.48 16.80
N THR Q 82 -24.39 70.31 16.44
CA THR Q 82 -25.57 69.79 17.10
C THR Q 82 -25.29 69.26 18.49
N ALA Q 83 -24.03 68.91 18.78
CA ALA Q 83 -23.70 68.49 20.13
C ALA Q 83 -23.39 69.68 21.03
N LEU Q 84 -22.94 70.79 20.46
CA LEU Q 84 -22.62 71.97 21.24
C LEU Q 84 -23.86 72.58 21.87
N LYS Q 85 -25.01 72.49 21.20
CA LYS Q 85 -26.25 73.00 21.77
C LYS Q 85 -26.69 72.17 22.95
N TRP Q 86 -26.58 70.85 22.86
CA TRP Q 86 -26.99 69.97 23.94
C TRP Q 86 -26.03 70.08 25.13
N TYR Q 87 -24.75 70.26 24.84
CA TYR Q 87 -23.81 70.48 25.92
C TYR Q 87 -24.01 71.86 26.54
N ARG Q 88 -24.54 72.79 25.77
CA ARG Q 88 -24.92 74.09 26.32
C ARG Q 88 -26.13 73.96 27.23
N GLN Q 89 -27.10 73.16 26.82
CA GLN Q 89 -28.27 72.95 27.66
C GLN Q 89 -27.90 72.19 28.92
N SER Q 90 -27.01 71.22 28.82
CA SER Q 90 -26.61 70.47 29.99
C SER Q 90 -25.67 71.26 30.88
N GLU Q 91 -25.00 72.28 30.33
CA GLU Q 91 -24.23 73.17 31.18
C GLU Q 91 -25.14 74.06 31.99
N LEU Q 92 -26.22 74.53 31.37
CA LEU Q 92 -27.16 75.37 32.09
C LEU Q 92 -27.86 74.59 33.18
N GLN Q 93 -28.18 73.31 32.93
CA GLN Q 93 -28.79 72.48 33.94
C GLN Q 93 -27.83 72.20 35.07
N HIS Q 94 -26.58 71.88 34.75
CA HIS Q 94 -25.59 71.65 35.80
C HIS Q 94 -25.22 72.93 36.52
N ALA Q 95 -25.42 74.10 35.89
CA ALA Q 95 -25.18 75.34 36.62
C ALA Q 95 -26.32 75.65 37.55
N ARG Q 96 -27.55 75.53 37.07
CA ARG Q 96 -28.68 76.02 37.85
C ARG Q 96 -29.03 75.08 38.99
N TRP Q 97 -28.82 73.78 38.82
CA TRP Q 97 -29.04 72.91 39.96
C TRP Q 97 -27.94 73.06 41.00
N ALA Q 98 -26.73 73.40 40.58
CA ALA Q 98 -25.66 73.60 41.56
C ALA Q 98 -25.85 74.91 42.30
N MET Q 99 -26.43 75.91 41.66
CA MET Q 99 -26.69 77.15 42.36
C MET Q 99 -27.83 77.00 43.35
N LEU Q 100 -28.78 76.11 43.08
CA LEU Q 100 -29.69 75.70 44.14
C LEU Q 100 -29.00 74.80 45.15
N GLY Q 101 -28.03 74.01 44.71
CA GLY Q 101 -27.35 73.11 45.62
C GLY Q 101 -26.45 73.83 46.60
N VAL Q 102 -25.72 74.84 46.13
CA VAL Q 102 -24.89 75.63 47.03
C VAL Q 102 -25.76 76.47 47.96
N ALA Q 103 -26.80 77.09 47.44
CA ALA Q 103 -27.72 77.84 48.28
C ALA Q 103 -28.64 76.97 49.10
N GLY Q 104 -28.56 75.65 48.96
CA GLY Q 104 -29.25 74.79 49.89
C GLY Q 104 -28.34 74.42 51.04
N VAL Q 105 -27.10 74.07 50.73
CA VAL Q 105 -26.21 73.47 51.73
C VAL Q 105 -25.73 74.51 52.74
N LEU Q 106 -25.30 75.67 52.26
CA LEU Q 106 -24.86 76.70 53.20
C LEU Q 106 -26.00 77.57 53.72
N VAL Q 107 -27.25 77.18 53.47
CA VAL Q 107 -28.37 77.81 54.15
C VAL Q 107 -29.05 76.86 55.12
N GLN Q 108 -29.05 75.55 54.83
CA GLN Q 108 -29.66 74.58 55.74
C GLN Q 108 -28.88 74.42 57.03
N GLU Q 109 -27.62 74.85 57.07
CA GLU Q 109 -26.88 74.86 58.32
C GLU Q 109 -26.75 76.25 58.93
N ILE Q 110 -27.23 77.30 58.25
CA ILE Q 110 -27.38 78.58 58.93
C ILE Q 110 -28.71 78.63 59.67
N VAL Q 111 -29.76 78.06 59.06
CA VAL Q 111 -31.05 78.00 59.75
C VAL Q 111 -30.99 77.00 60.90
N LYS Q 112 -30.25 75.89 60.73
CA LYS Q 112 -29.98 74.95 61.81
C LYS Q 112 -28.70 74.17 61.52
N PRO Q 113 -27.62 74.46 62.23
CA PRO Q 113 -26.39 73.68 62.07
C PRO Q 113 -26.41 72.36 62.83
N ASP Q 114 -27.53 71.65 62.77
CA ASP Q 114 -27.71 70.38 63.44
C ASP Q 114 -27.90 69.24 62.45
N VAL Q 115 -28.83 69.39 61.53
CA VAL Q 115 -29.08 68.36 60.53
C VAL Q 115 -27.97 68.45 59.48
N TYR Q 116 -27.31 67.34 59.22
CA TYR Q 116 -26.14 67.34 58.35
C TYR Q 116 -26.57 67.02 56.94
N PHE Q 117 -26.08 67.80 55.96
CA PHE Q 117 -26.64 67.78 54.62
C PHE Q 117 -26.34 66.50 53.87
N TYR Q 118 -25.28 65.80 54.24
CA TYR Q 118 -25.01 64.51 53.61
C TYR Q 118 -26.09 63.51 54.02
N GLU Q 119 -26.45 63.47 55.31
CA GLU Q 119 -27.54 62.63 55.80
C GLU Q 119 -28.83 63.40 56.00
N ALA Q 120 -29.05 64.46 55.23
CA ALA Q 120 -30.33 65.15 55.31
C ALA Q 120 -31.42 64.45 54.52
N GLY Q 121 -31.07 63.47 53.70
CA GLY Q 121 -32.06 62.73 52.96
C GLY Q 121 -32.66 61.57 53.69
N LEU Q 122 -32.08 61.20 54.82
CA LEU Q 122 -32.63 60.11 55.61
C LEU Q 122 -33.90 60.57 56.32
N PRO Q 123 -34.92 59.71 56.39
CA PRO Q 123 -36.24 60.17 56.90
C PRO Q 123 -36.24 60.52 58.37
N GLN Q 124 -35.27 60.02 59.14
CA GLN Q 124 -35.14 60.42 60.53
C GLN Q 124 -34.70 61.87 60.66
N ASN Q 125 -34.12 62.43 59.61
CA ASN Q 125 -33.62 63.79 59.64
C ASN Q 125 -34.53 64.78 58.93
N LEU Q 126 -35.64 64.31 58.38
CA LEU Q 126 -36.61 65.22 57.77
C LEU Q 126 -37.33 66.05 58.83
N PRO Q 127 -37.80 67.25 58.47
CA PRO Q 127 -38.45 68.13 59.45
C PRO Q 127 -39.80 67.66 59.98
N GLU Q 128 -40.40 68.56 60.76
CA GLU Q 128 -41.51 68.23 61.66
C GLU Q 128 -42.77 67.65 61.01
N PRO Q 129 -43.26 68.10 59.85
CA PRO Q 129 -44.37 67.35 59.23
C PRO Q 129 -43.95 66.17 58.39
N PHE Q 130 -42.66 65.87 58.29
CA PHE Q 130 -42.17 64.85 57.36
C PHE Q 130 -41.31 63.79 58.03
N THR Q 131 -41.29 63.72 59.35
CA THR Q 131 -40.40 62.81 60.04
C THR Q 131 -40.84 61.37 59.82
N ASN Q 132 -39.93 60.55 59.31
CA ASN Q 132 -40.19 59.16 58.89
C ASN Q 132 -41.32 59.08 57.88
N ILE Q 133 -41.22 59.89 56.83
CA ILE Q 133 -42.15 59.72 55.72
C ILE Q 133 -41.77 58.47 54.93
N ASN Q 134 -42.76 57.90 54.26
CA ASN Q 134 -42.48 56.87 53.28
C ASN Q 134 -41.73 57.50 52.11
N MET Q 135 -40.47 57.12 51.94
CA MET Q 135 -39.67 57.61 50.83
C MET Q 135 -40.16 57.08 49.50
N GLY Q 136 -40.85 55.94 49.49
CA GLY Q 136 -41.44 55.45 48.27
C GLY Q 136 -42.57 56.33 47.78
N GLY Q 137 -43.34 56.91 48.71
CA GLY Q 137 -44.38 57.84 48.32
C GLY Q 137 -43.82 59.16 47.84
N LEU Q 138 -42.77 59.64 48.48
CA LEU Q 138 -42.18 60.92 48.12
C LEU Q 138 -41.45 60.82 46.78
N LEU Q 139 -40.83 59.67 46.51
CA LEU Q 139 -40.25 59.44 45.19
C LEU Q 139 -41.34 59.35 44.12
N ALA Q 140 -42.54 58.91 44.50
CA ALA Q 140 -43.62 58.83 43.52
C ALA Q 140 -44.09 60.22 43.10
N TRP Q 141 -44.10 61.17 44.04
CA TRP Q 141 -44.37 62.56 43.67
C TRP Q 141 -43.27 63.09 42.76
N GLU Q 142 -42.02 62.92 43.18
CA GLU Q 142 -40.91 63.61 42.53
C GLU Q 142 -40.68 63.12 41.12
N PHE Q 143 -40.84 61.82 40.89
CA PHE Q 143 -40.65 61.23 39.57
C PHE Q 143 -41.62 61.80 38.55
N ILE Q 144 -42.89 61.87 38.92
CA ILE Q 144 -43.93 62.26 37.98
C ILE Q 144 -44.00 63.77 37.85
N LEU Q 145 -43.71 64.50 38.92
CA LEU Q 145 -43.63 65.94 38.82
C LEU Q 145 -42.44 66.39 37.98
N MET Q 146 -41.38 65.58 37.92
CA MET Q 146 -40.22 65.91 37.12
C MET Q 146 -40.23 65.28 35.73
N HIS Q 147 -40.94 64.17 35.53
CA HIS Q 147 -41.05 63.64 34.17
C HIS Q 147 -41.98 64.49 33.32
N TRP Q 148 -42.77 65.37 33.94
CA TRP Q 148 -43.49 66.37 33.17
C TRP Q 148 -42.58 67.50 32.76
N VAL Q 149 -41.89 68.10 33.74
CA VAL Q 149 -41.15 69.34 33.55
C VAL Q 149 -40.00 69.15 32.57
N GLU Q 150 -39.21 68.10 32.79
CA GLU Q 150 -38.02 67.85 32.00
C GLU Q 150 -38.35 67.51 30.56
N VAL Q 151 -39.41 66.73 30.33
CA VAL Q 151 -39.77 66.35 28.96
C VAL Q 151 -40.32 67.55 28.20
N ARG Q 152 -41.01 68.46 28.88
CA ARG Q 152 -41.38 69.73 28.26
C ARG Q 152 -40.14 70.55 27.92
N ARG Q 153 -39.14 70.54 28.79
CA ARG Q 153 -37.88 71.20 28.48
C ARG Q 153 -37.13 70.43 27.41
N TRP Q 154 -37.22 69.11 27.43
CA TRP Q 154 -36.55 68.30 26.42
C TRP Q 154 -37.16 68.52 25.04
N GLN Q 155 -38.46 68.74 24.98
CA GLN Q 155 -39.06 68.98 23.68
C GLN Q 155 -38.86 70.42 23.25
N ASP Q 156 -38.53 71.31 24.17
CA ASP Q 156 -38.02 72.62 23.76
C ASP Q 156 -36.66 72.50 23.11
N TYR Q 157 -35.87 71.52 23.52
CA TYR Q 157 -34.63 71.25 22.80
C TYR Q 157 -34.93 70.69 21.41
N LYS Q 158 -35.74 69.64 21.35
CA LYS Q 158 -35.91 68.90 20.10
C LYS Q 158 -36.71 69.70 19.09
N ASN Q 159 -37.74 70.41 19.53
CA ASN Q 159 -38.52 71.27 18.66
C ASN Q 159 -38.64 72.63 19.34
N PHE Q 160 -37.68 73.50 19.05
CA PHE Q 160 -37.64 74.84 19.63
C PHE Q 160 -38.75 75.67 19.02
N GLY Q 161 -39.90 75.74 19.69
CA GLY Q 161 -40.97 76.57 19.17
C GLY Q 161 -42.36 75.97 19.26
N SER Q 162 -42.46 74.64 19.24
CA SER Q 162 -43.77 74.01 19.41
C SER Q 162 -44.06 73.66 20.85
N VAL Q 163 -43.18 74.02 21.78
CA VAL Q 163 -43.49 73.97 23.20
C VAL Q 163 -43.26 75.39 23.73
N ASN Q 164 -44.32 76.18 23.70
CA ASN Q 164 -44.35 77.45 24.41
C ASN Q 164 -45.64 77.68 25.15
N GLU Q 165 -46.73 77.03 24.77
CA GLU Q 165 -48.04 77.30 25.33
C GLU Q 165 -48.31 76.45 26.56
N ASP Q 166 -49.11 77.00 27.46
CA ASP Q 166 -49.79 76.24 28.47
C ASP Q 166 -50.77 75.31 27.77
N PRO Q 167 -50.59 73.99 27.85
CA PRO Q 167 -51.44 73.10 27.05
C PRO Q 167 -52.85 72.96 27.59
N ILE Q 168 -53.04 73.09 28.90
CA ILE Q 168 -54.39 73.05 29.46
C ILE Q 168 -55.13 74.33 29.11
N PHE Q 169 -54.59 75.46 29.55
CA PHE Q 169 -55.22 76.76 29.33
C PHE Q 169 -54.56 77.37 28.10
N LYS Q 170 -55.25 77.30 26.96
CA LYS Q 170 -54.74 77.87 25.72
C LYS Q 170 -54.85 79.38 25.83
N GLY Q 171 -53.89 79.96 26.54
CA GLY Q 171 -53.92 81.34 26.93
C GLY Q 171 -52.57 81.98 26.71
N ASN Q 172 -51.99 82.47 27.80
CA ASN Q 172 -50.69 83.12 27.74
C ASN Q 172 -49.61 82.14 27.34
N LYS Q 173 -48.80 82.55 26.37
CA LYS Q 173 -47.65 81.78 25.93
C LYS Q 173 -46.44 82.14 26.79
N VAL Q 174 -45.33 81.48 26.55
CA VAL Q 174 -44.04 81.85 27.12
C VAL Q 174 -43.16 82.37 25.99
N PRO Q 175 -42.82 83.64 25.97
CA PRO Q 175 -41.94 84.16 24.92
C PRO Q 175 -40.51 83.69 25.12
N ASN Q 176 -40.08 82.75 24.29
CA ASN Q 176 -38.81 82.05 24.46
C ASN Q 176 -37.80 82.64 23.48
N PRO Q 177 -36.88 83.49 23.92
CA PRO Q 177 -35.95 84.11 22.95
C PRO Q 177 -34.89 83.17 22.46
N GLU Q 178 -34.35 82.33 23.33
CA GLU Q 178 -33.32 81.39 22.90
C GLU Q 178 -33.36 80.19 23.82
N MET Q 179 -32.75 79.11 23.36
CA MET Q 179 -32.90 77.81 23.99
C MET Q 179 -32.18 77.77 25.33
N GLY Q 180 -32.87 77.27 26.35
CA GLY Q 180 -32.36 77.30 27.70
C GLY Q 180 -32.83 78.49 28.51
N TYR Q 181 -33.44 79.47 27.89
CA TYR Q 181 -33.84 80.71 28.55
C TYR Q 181 -35.31 80.95 28.23
N PRO Q 182 -36.22 80.28 28.94
CA PRO Q 182 -37.65 80.43 28.63
C PRO Q 182 -38.25 81.80 28.91
N GLY Q 183 -38.12 82.33 30.13
CA GLY Q 183 -38.67 83.64 30.42
C GLY Q 183 -40.17 83.66 30.62
N GLY Q 184 -40.73 84.87 30.55
CA GLY Q 184 -42.17 85.06 30.47
C GLY Q 184 -42.89 84.90 31.78
N ILE Q 185 -43.10 83.65 32.18
CA ILE Q 185 -43.56 83.35 33.53
C ILE Q 185 -42.39 82.88 34.38
N PHE Q 186 -41.29 82.48 33.75
CA PHE Q 186 -40.04 82.25 34.47
C PHE Q 186 -39.29 83.53 34.75
N ASP Q 187 -39.81 84.68 34.31
CA ASP Q 187 -39.35 86.01 34.72
C ASP Q 187 -40.49 86.76 35.37
N PRO Q 188 -40.82 86.47 36.64
CA PRO Q 188 -41.85 87.26 37.31
C PRO Q 188 -41.39 88.66 37.66
N PHE Q 189 -40.08 88.91 37.70
CA PHE Q 189 -39.57 90.21 38.08
C PHE Q 189 -39.17 91.08 36.90
N GLY Q 190 -39.17 90.52 35.69
CA GLY Q 190 -38.78 91.29 34.52
C GLY Q 190 -37.32 91.65 34.48
N PHE Q 191 -36.46 90.91 35.17
CA PHE Q 191 -35.03 91.21 35.20
C PHE Q 191 -34.33 90.92 33.88
N SER Q 192 -35.00 90.25 32.95
CA SER Q 192 -34.52 90.14 31.58
C SER Q 192 -34.92 91.40 30.81
N LYS Q 193 -34.78 91.34 29.47
CA LYS Q 193 -35.09 92.43 28.54
C LYS Q 193 -34.30 93.71 28.87
N GLY Q 194 -33.01 93.54 29.16
CA GLY Q 194 -32.10 94.66 29.25
C GLY Q 194 -30.88 94.32 28.44
N ASN Q 195 -29.69 94.52 29.00
CA ASN Q 195 -28.52 93.87 28.45
C ASN Q 195 -28.62 92.41 28.87
N LEU Q 196 -29.26 91.60 28.02
CA LEU Q 196 -29.49 90.20 28.34
C LEU Q 196 -28.19 89.42 28.28
N LYS Q 197 -27.26 89.80 27.40
CA LYS Q 197 -25.98 89.12 27.28
C LYS Q 197 -25.13 89.27 28.53
N GLU Q 198 -25.28 90.40 29.23
CA GLU Q 198 -24.52 90.63 30.45
C GLU Q 198 -24.97 89.71 31.57
N LEU Q 199 -26.28 89.58 31.76
CA LEU Q 199 -26.79 88.68 32.79
C LEU Q 199 -26.61 87.22 32.41
N GLN Q 200 -26.58 86.94 31.11
CA GLN Q 200 -26.40 85.57 30.63
C GLN Q 200 -24.98 85.09 30.88
N THR Q 201 -24.01 86.01 30.90
CA THR Q 201 -22.67 85.67 31.36
C THR Q 201 -22.61 85.57 32.88
N LYS Q 202 -23.33 86.45 33.58
CA LYS Q 202 -23.33 86.41 35.04
C LYS Q 202 -23.99 85.14 35.57
N GLU Q 203 -24.91 84.57 34.80
CA GLU Q 203 -25.55 83.33 35.23
C GLU Q 203 -24.58 82.16 35.14
N ILE Q 204 -23.68 82.19 34.18
CA ILE Q 204 -22.77 81.07 34.03
C ILE Q 204 -21.59 81.20 34.97
N LYS Q 205 -21.03 82.39 35.11
CA LYS Q 205 -19.82 82.57 35.92
C LYS Q 205 -20.09 82.30 37.39
N ASN Q 206 -21.23 82.80 37.90
CA ASN Q 206 -21.71 82.35 39.20
C ASN Q 206 -22.07 80.87 39.16
N GLY Q 207 -22.52 80.36 38.02
CA GLY Q 207 -22.93 78.96 37.96
C GLY Q 207 -21.77 78.00 37.96
N ARG Q 208 -20.70 78.32 37.22
CA ARG Q 208 -19.55 77.42 37.12
C ARG Q 208 -18.81 77.34 38.45
N LEU Q 209 -18.71 78.46 39.15
CA LEU Q 209 -18.13 78.46 40.48
C LEU Q 209 -18.97 77.65 41.43
N ALA Q 210 -20.30 77.68 41.25
CA ALA Q 210 -21.18 76.93 42.13
C ALA Q 210 -21.11 75.44 41.84
N MET Q 211 -20.74 75.05 40.63
CA MET Q 211 -20.56 73.63 40.33
C MET Q 211 -19.35 73.09 41.08
N ILE Q 212 -18.24 73.82 41.02
CA ILE Q 212 -17.01 73.41 41.69
C ILE Q 212 -17.15 73.53 43.19
N ALA Q 213 -17.88 74.54 43.65
CA ALA Q 213 -18.12 74.65 45.08
C ALA Q 213 -19.04 73.56 45.59
N TYR Q 214 -19.96 73.08 44.76
CA TYR Q 214 -20.80 72.01 45.26
C TYR Q 214 -20.09 70.66 45.23
N MET Q 215 -19.21 70.41 44.26
CA MET Q 215 -18.37 69.23 44.36
C MET Q 215 -17.34 69.38 45.47
N ALA Q 216 -17.00 70.61 45.83
CA ALA Q 216 -16.22 70.82 47.04
C ALA Q 216 -17.05 70.49 48.26
N PHE Q 217 -18.30 70.98 48.31
CA PHE Q 217 -19.22 70.69 49.42
C PHE Q 217 -19.41 69.20 49.65
N ILE Q 218 -19.26 68.39 48.61
CA ILE Q 218 -19.29 66.94 48.81
C ILE Q 218 -17.94 66.42 49.30
N LEU Q 219 -16.83 66.87 48.71
CA LEU Q 219 -15.55 66.26 49.06
C LEU Q 219 -14.97 66.80 50.36
N GLN Q 220 -15.57 67.86 50.89
CA GLN Q 220 -15.17 68.40 52.18
C GLN Q 220 -16.11 67.81 53.24
N ALA Q 221 -16.94 66.86 52.79
CA ALA Q 221 -17.91 66.17 53.63
C ALA Q 221 -17.71 64.67 53.68
N GLN Q 222 -17.13 64.08 52.65
CA GLN Q 222 -16.77 62.69 52.66
C GLN Q 222 -15.38 62.45 53.22
N ALA Q 223 -14.51 63.46 53.15
CA ALA Q 223 -13.17 63.27 53.66
C ALA Q 223 -13.14 63.38 55.17
N THR Q 224 -13.93 64.28 55.75
CA THR Q 224 -13.87 64.53 57.19
C THR Q 224 -15.20 64.42 57.91
N GLY Q 225 -16.32 64.28 57.20
CA GLY Q 225 -17.60 64.12 57.86
C GLY Q 225 -18.07 65.41 58.51
N LYS Q 226 -17.99 66.51 57.77
CA LYS Q 226 -18.16 67.81 58.38
C LYS Q 226 -18.66 68.77 57.32
N GLY Q 227 -19.50 69.71 57.73
CA GLY Q 227 -20.13 70.63 56.81
C GLY Q 227 -19.16 71.65 56.26
N PRO Q 228 -19.55 72.37 55.20
CA PRO Q 228 -18.65 73.33 54.57
C PRO Q 228 -18.28 74.53 55.45
N LEU Q 229 -19.27 75.18 56.04
CA LEU Q 229 -18.95 76.20 57.02
C LEU Q 229 -18.40 75.58 58.30
N ALA Q 230 -18.70 74.31 58.55
CA ALA Q 230 -18.12 73.63 59.70
C ALA Q 230 -16.67 73.22 59.43
N ALA Q 231 -16.36 72.84 58.19
CA ALA Q 231 -14.95 72.63 57.84
C ALA Q 231 -14.22 73.93 57.66
N LEU Q 232 -14.96 75.01 57.40
CA LEU Q 232 -14.35 76.34 57.45
C LEU Q 232 -13.96 76.68 58.88
N SER Q 233 -14.78 76.30 59.85
CA SER Q 233 -14.41 76.50 61.25
C SER Q 233 -13.26 75.58 61.64
N ALA Q 234 -13.22 74.37 61.08
CA ALA Q 234 -12.16 73.42 61.39
C ALA Q 234 -10.83 73.86 60.81
N HIS Q 235 -10.86 74.52 59.65
CA HIS Q 235 -9.64 75.11 59.11
C HIS Q 235 -9.22 76.30 59.94
N LEU Q 236 -10.13 77.26 60.14
CA LEU Q 236 -9.79 78.51 60.81
C LEU Q 236 -9.50 78.37 62.30
N SER Q 237 -9.67 77.18 62.87
CA SER Q 237 -9.20 76.92 64.22
C SER Q 237 -7.72 76.51 64.20
N ASN Q 238 -7.40 75.47 63.45
CA ASN Q 238 -6.02 75.00 63.30
C ASN Q 238 -5.75 74.80 61.82
N PRO Q 239 -5.18 75.79 61.13
CA PRO Q 239 -5.03 75.67 59.67
C PRO Q 239 -3.79 74.90 59.26
N PHE Q 240 -3.43 73.85 60.01
CA PHE Q 240 -2.36 72.95 59.61
C PHE Q 240 -2.67 71.48 59.91
N GLY Q 241 -3.62 71.19 60.78
CA GLY Q 241 -3.98 69.81 61.07
C GLY Q 241 -5.32 69.45 60.46
N ASN Q 242 -6.00 70.46 59.93
CA ASN Q 242 -7.29 70.29 59.26
C ASN Q 242 -7.24 70.90 57.88
N ASN Q 243 -6.23 70.54 57.13
CA ASN Q 243 -6.10 70.95 55.74
C ASN Q 243 -6.47 69.79 54.82
N ILE Q 244 -6.15 69.95 53.53
CA ILE Q 244 -6.27 68.89 52.53
C ILE Q 244 -5.41 67.69 52.90
N LEU Q 245 -4.30 67.92 53.59
CA LEU Q 245 -3.43 66.85 54.03
C LEU Q 245 -4.08 66.15 55.23
N LYS Q 246 -3.84 64.85 55.32
CA LYS Q 246 -4.31 63.96 56.39
C LYS Q 246 -5.83 63.89 56.51
N ASN Q 247 -6.56 64.30 55.48
CA ASN Q 247 -7.97 63.99 55.32
C ASN Q 247 -8.30 63.41 53.97
N ILE Q 248 -7.49 63.65 52.94
CA ILE Q 248 -7.64 62.89 51.71
C ILE Q 248 -7.10 61.50 51.97
N GLY Q 249 -7.89 60.50 51.63
CA GLY Q 249 -7.55 59.14 51.99
C GLY Q 249 -8.27 58.60 53.20
N THR Q 250 -9.33 59.26 53.66
CA THR Q 250 -10.22 58.67 54.65
C THR Q 250 -11.67 59.03 54.33
N CYS Q 251 -12.50 58.01 54.18
CA CYS Q 251 -13.89 58.15 53.76
C CYS Q 251 -14.78 57.91 54.99
N THR Q 252 -15.54 58.93 55.37
CA THR Q 252 -16.37 58.88 56.56
C THR Q 252 -17.75 58.31 56.30
N VAL Q 253 -17.94 57.64 55.18
CA VAL Q 253 -19.25 57.14 54.76
C VAL Q 253 -19.24 55.62 54.92
N PRO Q 254 -20.27 55.03 55.50
CA PRO Q 254 -20.32 53.56 55.61
C PRO Q 254 -20.66 52.91 54.29
N HIS Q 255 -20.64 51.58 54.28
CA HIS Q 255 -20.95 50.82 53.08
C HIS Q 255 -22.43 50.89 52.74
N SER Q 256 -23.29 51.05 53.74
CA SER Q 256 -24.72 51.15 53.50
C SER Q 256 -25.39 51.81 54.69
N VAL Q 257 -26.39 52.64 54.40
CA VAL Q 257 -27.32 53.14 55.40
C VAL Q 257 -28.71 52.69 54.98
N ASP Q 258 -29.34 51.87 55.82
CA ASP Q 258 -30.62 51.27 55.48
C ASP Q 258 -31.73 52.31 55.55
N VAL Q 259 -32.52 52.41 54.48
CA VAL Q 259 -33.64 53.32 54.42
C VAL Q 259 -34.91 52.48 54.33
N GLN Q 260 -35.55 52.25 55.47
CA GLN Q 260 -36.87 51.62 55.59
C GLN Q 260 -36.91 50.22 55.00
N GLY Q 261 -35.78 49.55 54.90
CA GLY Q 261 -35.72 48.22 54.31
C GLY Q 261 -34.93 48.16 53.02
N LEU Q 262 -34.14 49.18 52.72
CA LEU Q 262 -33.34 49.23 51.50
C LEU Q 262 -31.92 49.67 51.81
N THR Q 263 -30.96 48.95 51.25
CA THR Q 263 -29.56 49.32 51.36
C THR Q 263 -29.16 50.21 50.18
N ILE Q 264 -28.08 50.97 50.38
CA ILE Q 264 -27.55 51.87 49.37
C ILE Q 264 -26.04 51.67 49.29
N PRO Q 265 -25.43 51.65 48.09
CA PRO Q 265 -23.98 51.40 48.00
C PRO Q 265 -23.06 52.45 48.63
N LEU Q 266 -23.38 53.74 48.53
CA LEU Q 266 -22.74 54.84 49.30
C LEU Q 266 -21.22 54.92 49.10
N THR Q 267 -20.81 55.28 47.89
CA THR Q 267 -19.40 55.29 47.55
C THR Q 267 -18.85 56.70 47.58
N CYS Q 268 -17.67 56.86 48.20
CA CYS Q 268 -16.89 58.10 48.12
C CYS Q 268 -16.23 58.23 46.75
N LEU Q 269 -15.72 59.42 46.45
CA LEU Q 269 -15.21 59.72 45.11
C LEU Q 269 -13.75 59.31 44.91
N TRP Q 270 -13.14 58.71 45.94
CA TRP Q 270 -11.82 58.10 45.89
C TRP Q 270 -11.87 56.95 46.87
N PRO Q 271 -11.02 55.93 46.72
CA PRO Q 271 -10.98 54.86 47.70
C PRO Q 271 -10.17 55.25 48.92
N GLY Q 272 -10.46 54.60 50.02
CA GLY Q 272 -9.61 54.77 51.17
C GLY Q 272 -10.33 55.04 52.48
N SER Q 273 -10.01 54.24 53.48
CA SER Q 273 -10.59 54.39 54.80
C SER Q 273 -9.62 53.85 55.84
N SER R 89 -50.99 70.16 12.33
CA SER R 89 -51.96 71.10 12.88
C SER R 89 -52.85 70.44 13.93
N ARG R 90 -53.05 69.13 13.78
CA ARG R 90 -53.89 68.40 14.70
C ARG R 90 -53.16 68.22 16.04
N PRO R 91 -53.90 67.97 17.13
CA PRO R 91 -53.23 67.62 18.38
C PRO R 91 -52.53 66.28 18.28
N LEU R 92 -51.45 66.15 19.05
CA LEU R 92 -50.59 64.98 18.98
C LEU R 92 -50.44 64.37 20.37
N TRP R 93 -49.87 63.17 20.40
CA TRP R 93 -49.55 62.51 21.66
C TRP R 93 -48.46 63.25 22.40
N LEU R 94 -47.59 63.93 21.69
CA LEU R 94 -46.53 64.76 22.20
C LEU R 94 -46.51 66.01 21.33
N PRO R 95 -46.85 67.18 21.88
CA PRO R 95 -47.21 68.32 21.02
C PRO R 95 -46.05 68.90 20.23
N GLY R 96 -44.83 68.82 20.73
CA GLY R 96 -43.75 69.34 19.94
C GLY R 96 -43.32 68.45 18.79
N SER R 97 -43.77 67.20 18.79
CA SER R 97 -43.27 66.24 17.82
C SER R 97 -43.95 66.42 16.47
N THR R 98 -43.65 65.52 15.56
CA THR R 98 -44.29 65.33 14.28
C THR R 98 -44.82 63.90 14.19
N PRO R 99 -45.96 63.69 13.55
CA PRO R 99 -46.45 62.33 13.34
C PRO R 99 -45.62 61.63 12.29
N PRO R 100 -45.57 60.30 12.32
CA PRO R 100 -44.88 59.56 11.25
C PRO R 100 -45.65 59.66 9.95
N ALA R 101 -44.97 59.30 8.86
CA ALA R 101 -45.50 59.51 7.52
C ALA R 101 -46.70 58.63 7.21
N HIS R 102 -46.86 57.52 7.91
CA HIS R 102 -47.98 56.63 7.69
C HIS R 102 -49.21 57.01 8.50
N LEU R 103 -49.11 58.02 9.36
CA LEU R 103 -50.25 58.52 10.12
C LEU R 103 -50.49 59.96 9.71
N LYS R 104 -51.62 60.20 9.05
CA LYS R 104 -51.92 61.52 8.51
C LYS R 104 -53.23 62.06 9.05
N GLY R 105 -53.71 61.52 10.18
CA GLY R 105 -54.90 62.03 10.80
C GLY R 105 -56.19 61.66 10.10
N ASP R 106 -56.16 60.63 9.25
CA ASP R 106 -57.36 60.22 8.55
C ASP R 106 -58.32 59.50 9.49
N LEU R 107 -57.79 58.61 10.33
CA LEU R 107 -58.51 57.69 11.18
C LEU R 107 -58.94 58.38 12.48
N PRO R 108 -59.97 57.87 13.16
CA PRO R 108 -60.35 58.45 14.45
C PRO R 108 -59.33 58.11 15.52
N GLY R 109 -59.11 59.08 16.42
CA GLY R 109 -58.14 58.90 17.47
C GLY R 109 -56.70 58.87 17.00
N ASP R 110 -56.42 59.41 15.82
CA ASP R 110 -55.08 59.39 15.24
C ASP R 110 -54.32 60.59 15.78
N PHE R 111 -53.66 60.40 16.91
CA PHE R 111 -52.82 61.42 17.51
C PHE R 111 -51.36 61.25 17.11
N GLY R 112 -51.07 60.41 16.13
CA GLY R 112 -49.73 60.25 15.63
C GLY R 112 -48.83 59.36 16.45
N PHE R 113 -49.37 58.57 17.37
CA PHE R 113 -48.52 57.76 18.24
C PHE R 113 -48.35 56.37 17.67
N ASP R 114 -47.25 56.16 16.97
CA ASP R 114 -46.79 54.81 16.62
C ASP R 114 -45.28 54.85 16.49
N PRO R 115 -44.57 54.76 17.61
CA PRO R 115 -43.10 54.78 17.53
C PRO R 115 -42.51 53.51 16.95
N LEU R 116 -43.18 52.37 17.11
CA LEU R 116 -42.63 51.11 16.65
C LEU R 116 -42.96 50.80 15.20
N GLY R 117 -43.42 51.79 14.43
CA GLY R 117 -43.53 51.62 12.99
C GLY R 117 -44.61 50.68 12.52
N LEU R 118 -45.55 50.32 13.40
CA LEU R 118 -46.48 49.24 13.10
C LEU R 118 -47.58 49.63 12.12
N GLY R 119 -47.76 50.91 11.84
CA GLY R 119 -48.79 51.31 10.90
C GLY R 119 -48.29 51.53 9.49
N ALA R 120 -47.13 50.96 9.17
CA ALA R 120 -46.54 51.18 7.85
C ALA R 120 -47.29 50.41 6.77
N ASN R 121 -47.48 49.11 6.97
CA ASN R 121 -48.18 48.30 5.98
C ASN R 121 -49.67 48.59 6.06
N ALA R 122 -50.25 49.03 4.94
CA ALA R 122 -51.66 49.38 4.93
C ALA R 122 -52.57 48.15 4.92
N GLU R 123 -52.03 47.00 4.53
CA GLU R 123 -52.78 45.76 4.71
C GLU R 123 -52.94 45.42 6.18
N SER R 124 -51.89 45.63 6.95
CA SER R 124 -51.89 45.33 8.38
C SER R 124 -52.42 46.47 9.22
N LEU R 125 -52.57 47.66 8.65
CA LEU R 125 -53.18 48.74 9.42
C LEU R 125 -54.66 48.50 9.62
N LYS R 126 -55.34 47.91 8.63
CA LYS R 126 -56.75 47.61 8.75
C LYS R 126 -57.01 46.55 9.81
N TRP R 127 -56.09 45.59 9.92
CA TRP R 127 -56.19 44.57 10.95
C TRP R 127 -56.02 45.17 12.34
N PHE R 128 -55.16 46.17 12.46
CA PHE R 128 -54.91 46.78 13.76
C PHE R 128 -55.99 47.79 14.12
N LYS R 129 -56.50 48.51 13.12
CA LYS R 129 -57.61 49.43 13.33
C LYS R 129 -58.87 48.68 13.76
N GLU R 130 -59.05 47.46 13.27
CA GLU R 130 -60.12 46.63 13.77
C GLU R 130 -59.81 46.16 15.19
N SER R 131 -58.59 45.69 15.42
CA SER R 131 -58.28 45.04 16.69
C SER R 131 -58.12 46.04 17.82
N GLU R 132 -57.89 47.31 17.52
CA GLU R 132 -57.92 48.29 18.59
C GLU R 132 -59.34 48.54 19.05
N LEU R 133 -60.27 48.55 18.11
CA LEU R 133 -61.66 48.80 18.44
C LEU R 133 -62.25 47.61 19.20
N VAL R 134 -61.86 46.40 18.83
CA VAL R 134 -62.36 45.23 19.53
C VAL R 134 -61.79 45.14 20.93
N HIS R 135 -60.47 45.37 21.07
CA HIS R 135 -59.84 45.41 22.38
C HIS R 135 -60.42 46.51 23.26
N SER R 136 -60.83 47.63 22.67
CA SER R 136 -61.40 48.72 23.46
C SER R 136 -62.79 48.37 23.95
N ARG R 137 -63.61 47.79 23.09
CA ARG R 137 -65.02 47.58 23.43
C ARG R 137 -65.20 46.50 24.49
N TRP R 138 -64.39 45.44 24.42
CA TRP R 138 -64.41 44.45 25.49
C TRP R 138 -63.93 45.05 26.80
N ALA R 139 -62.91 45.92 26.74
CA ALA R 139 -62.35 46.47 27.96
C ALA R 139 -63.24 47.55 28.55
N MET R 140 -63.98 48.29 27.72
CA MET R 140 -64.98 49.20 28.25
C MET R 140 -66.09 48.42 28.95
N ALA R 141 -66.50 47.31 28.36
CA ALA R 141 -67.55 46.48 28.96
C ALA R 141 -67.03 45.76 30.19
N ALA R 142 -65.73 45.49 30.24
CA ALA R 142 -65.18 44.78 31.39
C ALA R 142 -64.96 45.71 32.58
N VAL R 143 -64.44 46.91 32.32
CA VAL R 143 -64.19 47.87 33.40
C VAL R 143 -65.49 48.35 34.00
N ALA R 144 -66.48 48.65 33.14
CA ALA R 144 -67.82 48.91 33.66
C ALA R 144 -68.44 47.66 34.23
N GLY R 145 -67.97 46.48 33.83
CA GLY R 145 -68.43 45.27 34.47
C GLY R 145 -67.94 45.14 35.89
N ILE R 146 -66.67 45.45 36.14
CA ILE R 146 -66.12 45.30 37.47
C ILE R 146 -66.60 46.42 38.38
N LEU R 147 -66.76 47.62 37.83
CA LEU R 147 -67.20 48.76 38.64
C LEU R 147 -68.66 48.62 39.08
N VAL R 148 -69.53 48.13 38.21
CA VAL R 148 -70.92 47.90 38.60
C VAL R 148 -71.01 46.75 39.59
N GLN R 149 -70.24 45.68 39.36
CA GLN R 149 -70.25 44.54 40.27
C GLN R 149 -69.70 44.91 41.65
N GLU R 150 -68.77 45.86 41.71
CA GLU R 150 -68.19 46.22 42.99
C GLU R 150 -69.10 47.15 43.79
N ILE R 151 -69.90 47.98 43.11
CA ILE R 151 -70.78 48.88 43.85
C ILE R 151 -72.09 48.25 44.24
N VAL R 152 -72.41 47.05 43.75
CA VAL R 152 -73.62 46.36 44.18
C VAL R 152 -73.32 45.07 44.94
N ARG R 153 -72.15 44.48 44.78
CA ARG R 153 -71.81 43.24 45.46
C ARG R 153 -70.44 43.37 46.11
N PRO R 154 -70.35 43.93 47.32
CA PRO R 154 -69.07 43.98 48.02
C PRO R 154 -68.61 42.64 48.57
N ASP R 155 -69.44 41.59 48.42
CA ASP R 155 -69.10 40.27 48.92
C ASP R 155 -67.90 39.70 48.17
N VAL R 156 -68.05 39.48 46.88
CA VAL R 156 -67.13 38.63 46.15
C VAL R 156 -66.21 39.49 45.30
N PHE R 157 -65.04 38.95 45.04
CA PHE R 157 -63.96 39.68 44.38
C PHE R 157 -63.85 39.18 42.95
N TRP R 158 -63.73 40.12 42.00
CA TRP R 158 -63.99 39.84 40.59
C TRP R 158 -62.96 38.89 40.01
N TYR R 159 -61.72 38.94 40.50
CA TYR R 159 -60.70 38.00 40.07
C TYR R 159 -61.06 36.58 40.48
N ASN R 160 -61.74 36.44 41.61
CA ASN R 160 -62.21 35.15 42.08
C ASN R 160 -63.62 34.84 41.63
N ALA R 161 -64.33 35.82 41.06
CA ALA R 161 -65.75 35.64 40.75
C ALA R 161 -65.99 34.81 39.49
N GLY R 162 -64.95 34.37 38.81
CA GLY R 162 -65.13 33.39 37.76
C GLY R 162 -65.17 31.98 38.28
N LYS R 163 -64.99 31.82 39.59
CA LYS R 163 -64.92 30.53 40.26
C LYS R 163 -66.12 30.26 41.14
N GLU R 164 -66.78 31.29 41.64
CA GLU R 164 -67.73 31.14 42.74
C GLU R 164 -69.18 31.41 42.35
N VAL R 165 -69.48 31.60 41.07
CA VAL R 165 -70.81 32.08 40.70
C VAL R 165 -71.88 30.99 40.90
N GLU R 166 -71.48 29.72 40.82
CA GLU R 166 -72.34 28.55 41.03
C GLU R 166 -73.59 28.59 40.14
N SER R 167 -73.34 28.55 38.84
CA SER R 167 -74.44 28.52 37.90
C SER R 167 -75.10 27.14 37.92
N PRO R 168 -76.43 27.07 37.86
CA PRO R 168 -77.09 25.77 37.72
C PRO R 168 -76.93 25.17 36.34
N LEU R 169 -76.50 25.95 35.35
CA LEU R 169 -76.36 25.47 33.98
C LEU R 169 -74.99 24.87 33.70
N GLY R 170 -74.33 24.31 34.72
CA GLY R 170 -73.11 23.56 34.53
C GLY R 170 -71.88 24.42 34.36
N PRO R 171 -70.71 23.86 34.65
CA PRO R 171 -69.47 24.61 34.41
C PRO R 171 -69.07 24.61 32.95
N LEU R 172 -69.38 23.54 32.21
CA LEU R 172 -68.98 23.44 30.81
C LEU R 172 -70.13 23.66 29.85
N GLY R 173 -71.37 23.63 30.33
CA GLY R 173 -72.48 23.99 29.46
C GLY R 173 -72.48 25.48 29.15
N LEU R 174 -72.02 26.29 30.10
CA LEU R 174 -71.78 27.70 29.86
C LEU R 174 -70.70 27.90 28.80
N LEU R 175 -69.59 27.16 28.94
CA LEU R 175 -68.49 27.30 28.00
C LEU R 175 -68.86 26.77 26.63
N ALA R 176 -69.79 25.79 26.58
CA ALA R 176 -70.20 25.24 25.29
C ALA R 176 -71.10 26.22 24.54
N VAL R 177 -71.97 26.92 25.27
CA VAL R 177 -72.78 27.95 24.64
C VAL R 177 -71.92 29.11 24.20
N GLU R 178 -71.04 29.59 25.09
CA GLU R 178 -70.18 30.71 24.77
C GLU R 178 -69.24 30.41 23.62
N PHE R 179 -68.80 29.16 23.50
CA PHE R 179 -67.94 28.78 22.38
C PHE R 179 -68.68 28.88 21.06
N PHE R 180 -69.87 28.28 20.98
CA PHE R 180 -70.60 28.28 19.73
C PHE R 180 -71.19 29.64 19.42
N LEU R 181 -71.63 30.36 20.45
CA LEU R 181 -72.28 31.64 20.19
C LEU R 181 -71.28 32.75 19.91
N MET R 182 -69.99 32.52 20.16
CA MET R 182 -68.95 33.44 19.74
C MET R 182 -68.24 32.99 18.48
N HIS R 183 -68.15 31.68 18.22
CA HIS R 183 -67.61 31.22 16.94
C HIS R 183 -68.56 31.51 15.80
N TRP R 184 -69.81 31.85 16.09
CA TRP R 184 -70.68 32.46 15.09
C TRP R 184 -70.37 33.94 14.92
N VAL R 185 -70.36 34.67 16.04
CA VAL R 185 -70.33 36.14 16.02
C VAL R 185 -69.02 36.66 15.47
N GLU R 186 -67.91 36.12 15.97
CA GLU R 186 -66.58 36.55 15.54
C GLU R 186 -66.31 36.26 14.08
N VAL R 187 -66.76 35.11 13.58
CA VAL R 187 -66.51 34.72 12.20
C VAL R 187 -67.32 35.60 11.24
N ARG R 188 -68.52 36.02 11.66
CA ARG R 188 -69.24 37.06 10.93
C ARG R 188 -68.45 38.35 10.92
N ARG R 189 -67.85 38.71 12.05
CA ARG R 189 -67.02 39.91 12.12
C ARG R 189 -65.75 39.75 11.31
N TRP R 190 -65.21 38.54 11.26
CA TRP R 190 -63.98 38.29 10.53
C TRP R 190 -64.20 38.33 9.03
N GLN R 191 -65.33 37.79 8.55
CA GLN R 191 -65.63 37.85 7.13
C GLN R 191 -65.97 39.27 6.70
N ASP R 192 -66.49 40.09 7.62
CA ASP R 192 -66.65 41.51 7.35
C ASP R 192 -65.30 42.19 7.18
N LEU R 193 -64.30 41.73 7.91
CA LEU R 193 -62.95 42.27 7.74
C LEU R 193 -62.37 41.88 6.39
N ARG R 194 -62.57 40.63 5.98
CA ARG R 194 -61.96 40.15 4.74
C ARG R 194 -62.64 40.73 3.52
N LYS R 195 -63.94 40.51 3.38
CA LYS R 195 -64.72 41.13 2.31
C LYS R 195 -65.83 41.97 2.92
N PRO R 196 -65.73 43.31 2.85
CA PRO R 196 -66.69 44.14 3.58
C PRO R 196 -68.08 44.15 2.95
N GLY R 197 -68.20 43.81 1.68
CA GLY R 197 -69.51 43.82 1.06
C GLY R 197 -70.16 42.45 1.07
N SER R 198 -69.64 41.55 1.89
CA SER R 198 -70.08 40.16 1.88
C SER R 198 -71.02 39.83 3.02
N VAL R 199 -70.98 40.58 4.10
CA VAL R 199 -71.80 40.31 5.28
C VAL R 199 -72.67 41.54 5.47
N ASP R 200 -73.88 41.50 4.92
CA ASP R 200 -74.89 42.54 5.12
C ASP R 200 -76.27 41.98 5.38
N GLN R 201 -76.51 40.71 5.12
CA GLN R 201 -77.86 40.16 5.07
C GLN R 201 -78.13 39.29 6.29
N ASP R 202 -79.30 39.46 6.87
CA ASP R 202 -79.80 38.51 7.86
C ASP R 202 -80.07 37.21 7.13
N PRO R 203 -79.34 36.13 7.43
CA PRO R 203 -79.46 34.92 6.61
C PRO R 203 -80.78 34.20 6.80
N ILE R 204 -81.39 34.31 7.96
CA ILE R 204 -82.64 33.63 8.25
C ILE R 204 -83.85 34.54 8.23
N PHE R 205 -83.66 35.84 8.08
CA PHE R 205 -84.75 36.80 7.95
C PHE R 205 -84.43 37.77 6.83
N SER R 206 -84.17 37.19 5.64
CA SER R 206 -83.64 37.86 4.45
C SER R 206 -84.35 39.16 4.04
N GLN R 207 -85.57 39.40 4.53
CA GLN R 207 -86.22 40.69 4.36
C GLN R 207 -85.48 41.82 5.08
N TYR R 208 -84.67 41.51 6.08
CA TYR R 208 -83.89 42.50 6.81
C TYR R 208 -82.44 42.48 6.34
N LYS R 209 -81.81 43.65 6.37
CA LYS R 209 -80.49 43.81 5.78
C LYS R 209 -79.77 44.97 6.46
N LEU R 210 -78.49 44.75 6.77
CA LEU R 210 -77.65 45.78 7.31
C LEU R 210 -77.33 46.82 6.23
N PRO R 211 -77.11 48.08 6.59
CA PRO R 211 -76.74 49.08 5.59
C PRO R 211 -75.27 48.90 5.18
N PRO R 212 -74.89 49.39 3.99
CA PRO R 212 -73.50 49.28 3.55
C PRO R 212 -72.57 50.23 4.27
N HIS R 213 -72.11 49.82 5.44
CA HIS R 213 -71.41 50.67 6.39
C HIS R 213 -69.89 50.63 6.20
N GLU R 214 -69.18 51.14 7.20
CA GLU R 214 -67.73 51.15 7.29
C GLU R 214 -67.26 49.96 8.12
N VAL R 215 -66.05 49.47 7.81
CA VAL R 215 -65.54 48.26 8.44
C VAL R 215 -65.24 48.52 9.91
N GLY R 216 -65.73 47.64 10.78
CA GLY R 216 -65.61 47.81 12.20
C GLY R 216 -66.70 48.62 12.82
N TYR R 217 -67.54 49.26 12.00
CA TYR R 217 -68.63 50.13 12.45
C TYR R 217 -69.90 49.66 11.76
N PRO R 218 -70.59 48.63 12.30
CA PRO R 218 -71.77 48.10 11.62
C PRO R 218 -72.95 49.06 11.50
N GLY R 219 -73.44 49.59 12.61
CA GLY R 219 -74.58 50.48 12.55
C GLY R 219 -75.87 49.75 12.18
N GLY R 220 -76.87 50.56 11.83
CA GLY R 220 -78.13 50.05 11.35
C GLY R 220 -79.01 49.51 12.46
N VAL R 221 -78.69 48.31 12.93
CA VAL R 221 -79.32 47.75 14.10
C VAL R 221 -78.50 48.01 15.35
N PHE R 222 -77.18 47.86 15.22
CA PHE R 222 -76.27 48.10 16.33
C PHE R 222 -76.18 49.56 16.72
N ALA R 223 -76.67 50.48 15.89
CA ALA R 223 -76.67 51.90 16.20
C ALA R 223 -78.00 52.55 15.88
N PRO R 224 -78.96 52.52 16.82
CA PRO R 224 -80.05 53.49 16.75
C PRO R 224 -79.74 54.71 17.60
N PHE R 225 -80.53 55.77 17.40
CA PHE R 225 -80.52 57.07 18.12
C PHE R 225 -79.11 57.59 18.46
N ILE R 226 -78.31 57.74 17.42
CA ILE R 226 -76.95 58.25 17.60
C ILE R 226 -76.99 59.73 17.98
N PRO R 227 -76.35 60.14 19.07
CA PRO R 227 -76.42 61.56 19.46
C PRO R 227 -75.36 62.43 18.80
N GLY R 228 -75.81 63.41 18.04
CA GLY R 228 -74.89 64.38 17.47
C GLY R 228 -74.11 63.84 16.29
N ASP R 229 -72.90 64.37 16.12
CA ASP R 229 -72.05 63.97 15.01
C ASP R 229 -71.52 62.56 15.23
N LEU R 230 -71.36 61.84 14.12
CA LEU R 230 -70.91 60.47 14.18
C LEU R 230 -69.41 60.37 14.36
N ALA R 231 -68.66 61.31 13.80
CA ALA R 231 -67.21 61.27 13.95
C ALA R 231 -66.78 61.80 15.31
N GLU R 232 -67.58 62.68 15.92
CA GLU R 232 -67.34 63.07 17.31
C GLU R 232 -67.46 61.87 18.24
N LEU R 233 -68.51 61.07 18.07
CA LEU R 233 -68.67 59.86 18.86
C LEU R 233 -67.61 58.82 18.50
N LYS R 234 -67.09 58.87 17.28
CA LYS R 234 -66.09 57.90 16.86
C LYS R 234 -64.76 58.15 17.55
N VAL R 235 -64.51 59.40 17.96
CA VAL R 235 -63.33 59.72 18.76
C VAL R 235 -63.61 59.51 20.24
N LYS R 236 -64.87 59.74 20.66
CA LYS R 236 -65.27 59.49 22.04
C LYS R 236 -65.27 58.01 22.36
N GLU R 237 -65.46 57.16 21.35
CA GLU R 237 -65.42 55.72 21.58
C GLU R 237 -64.00 55.26 21.85
N ILE R 238 -63.02 55.86 21.18
CA ILE R 238 -61.67 55.36 21.32
C ILE R 238 -60.97 55.99 22.52
N LYS R 239 -61.26 57.26 22.82
CA LYS R 239 -60.67 57.91 24.00
C LYS R 239 -61.15 57.27 25.29
N ASN R 240 -62.46 57.08 25.44
CA ASN R 240 -62.97 56.24 26.53
C ASN R 240 -62.50 54.80 26.37
N GLY R 241 -62.25 54.34 25.14
CA GLY R 241 -61.80 52.97 24.96
C GLY R 241 -60.36 52.76 25.38
N ARG R 242 -59.48 53.68 24.97
CA ARG R 242 -58.07 53.58 25.35
C ARG R 242 -57.88 53.84 26.83
N LEU R 243 -58.73 54.67 27.42
CA LEU R 243 -58.69 54.86 28.86
C LEU R 243 -59.12 53.59 29.59
N ALA R 244 -60.03 52.82 28.98
CA ALA R 244 -60.53 51.63 29.65
C ALA R 244 -59.59 50.45 29.47
N MET R 245 -58.85 50.39 28.36
CA MET R 245 -57.87 49.31 28.20
C MET R 245 -56.74 49.44 29.21
N LEU R 246 -56.31 50.68 29.48
CA LEU R 246 -55.35 50.89 30.56
C LEU R 246 -55.99 50.67 31.92
N ALA R 247 -57.31 50.82 31.99
CA ALA R 247 -57.99 50.64 33.27
C ALA R 247 -58.06 49.17 33.66
N PHE R 248 -58.34 48.29 32.69
CA PHE R 248 -58.47 46.88 33.02
C PHE R 248 -57.14 46.28 33.43
N VAL R 249 -56.05 46.67 32.78
CA VAL R 249 -54.72 46.25 33.21
C VAL R 249 -54.41 46.83 34.57
N GLY R 250 -54.89 48.05 34.84
CA GLY R 250 -54.79 48.59 36.18
C GLY R 250 -55.62 47.83 37.19
N PHE R 251 -56.72 47.23 36.74
CA PHE R 251 -57.51 46.41 37.65
C PHE R 251 -56.79 45.11 37.97
N VAL R 252 -56.18 44.49 36.95
CA VAL R 252 -55.54 43.19 37.12
C VAL R 252 -54.27 43.33 37.94
N MET R 253 -53.46 44.36 37.65
CA MET R 253 -52.21 44.50 38.38
C MET R 253 -52.42 45.06 39.79
N ALA R 254 -53.55 45.71 40.05
CA ALA R 254 -53.91 45.97 41.44
C ALA R 254 -54.46 44.73 42.12
N ALA R 255 -55.17 43.89 41.37
CA ALA R 255 -55.72 42.67 41.93
C ALA R 255 -54.67 41.60 42.22
N GLN R 256 -53.46 41.73 41.70
CA GLN R 256 -52.41 40.77 42.04
C GLN R 256 -51.44 41.30 43.08
N VAL R 257 -51.49 42.59 43.37
CA VAL R 257 -50.55 43.21 44.30
C VAL R 257 -51.19 43.49 45.65
N THR R 258 -52.34 44.15 45.67
CA THR R 258 -53.07 44.28 46.91
C THR R 258 -54.25 43.32 47.00
N GLY R 259 -54.63 42.69 45.88
CA GLY R 259 -55.63 41.65 45.91
C GLY R 259 -57.05 42.08 46.19
N LYS R 260 -57.34 43.37 46.12
CA LYS R 260 -58.68 43.86 46.40
C LYS R 260 -59.18 44.67 45.22
N GLY R 261 -60.50 44.87 45.20
CA GLY R 261 -61.18 45.43 44.06
C GLY R 261 -60.85 46.89 43.84
N PRO R 262 -61.14 47.40 42.66
CA PRO R 262 -60.71 48.77 42.35
C PRO R 262 -61.62 49.87 42.85
N ILE R 263 -62.18 49.71 44.05
CA ILE R 263 -62.58 50.85 44.84
C ILE R 263 -61.89 50.60 46.17
N ALA R 264 -61.69 49.32 46.49
CA ALA R 264 -60.93 48.96 47.67
C ALA R 264 -59.46 49.31 47.50
N ALA R 265 -58.96 49.22 46.26
CA ALA R 265 -57.65 49.76 45.95
C ALA R 265 -57.68 51.29 45.97
N LEU R 266 -58.80 51.87 45.56
CA LEU R 266 -58.94 53.32 45.64
C LEU R 266 -59.08 53.78 47.08
N GLN R 267 -59.79 53.02 47.91
CA GLN R 267 -59.89 53.40 49.31
C GLN R 267 -58.57 53.24 50.05
N GLU R 268 -57.73 52.30 49.60
CA GLU R 268 -56.38 52.25 50.13
C GLU R 268 -55.56 53.46 49.70
N HIS R 269 -55.79 53.96 48.50
CA HIS R 269 -55.02 55.11 48.06
C HIS R 269 -55.57 56.41 48.62
N LEU R 270 -56.88 56.48 48.85
CA LEU R 270 -57.44 57.70 49.39
C LEU R 270 -57.35 57.80 50.90
N ALA R 271 -57.21 56.67 51.60
CA ALA R 271 -56.97 56.76 53.03
C ALA R 271 -55.54 57.12 53.34
N ASP R 272 -54.61 56.69 52.51
CA ASP R 272 -53.19 56.84 52.79
C ASP R 272 -52.44 56.87 51.47
N PRO R 273 -52.28 58.06 50.87
CA PRO R 273 -51.66 58.12 49.55
C PRO R 273 -50.17 57.87 49.58
N TRP R 274 -49.49 58.37 50.61
CA TRP R 274 -48.04 58.35 50.69
C TRP R 274 -47.47 56.95 50.93
N GLY R 275 -48.29 55.98 51.30
CA GLY R 275 -47.77 54.67 51.61
C GLY R 275 -48.34 53.55 50.78
N THR R 276 -49.39 53.83 50.02
CA THR R 276 -50.10 52.81 49.25
C THR R 276 -49.90 52.98 47.75
N THR R 277 -48.68 53.27 47.34
CA THR R 277 -48.33 53.33 45.94
C THR R 277 -47.49 52.13 45.56
N ILE R 278 -47.29 51.95 44.26
CA ILE R 278 -46.41 50.89 43.82
C ILE R 278 -44.96 51.26 44.09
N PHE R 279 -44.64 52.55 44.11
CA PHE R 279 -43.30 52.95 44.52
C PHE R 279 -43.10 52.81 46.01
N SER R 280 -44.18 52.77 46.79
CA SER R 280 -44.05 52.48 48.21
C SER R 280 -43.98 50.99 48.48
N LYS R 281 -44.71 50.19 47.70
CA LYS R 281 -44.72 48.75 47.92
C LYS R 281 -43.48 48.06 47.39
N ALA R 282 -42.73 48.71 46.50
CA ALA R 282 -41.63 48.03 45.84
C ALA R 282 -40.55 49.03 45.46
N ALA R 283 -39.32 48.54 45.41
CA ALA R 283 -38.19 49.28 44.89
C ALA R 283 -37.09 48.28 44.58
N VAL R 284 -36.31 48.55 43.54
CA VAL R 284 -35.13 47.77 43.24
C VAL R 284 -33.94 48.72 43.24
N VAL R 285 -33.00 48.45 44.15
CA VAL R 285 -31.75 49.16 44.25
C VAL R 285 -30.76 48.22 43.59
N PRO R 286 -29.61 48.69 43.11
CA PRO R 286 -28.59 47.75 42.65
C PRO R 286 -27.91 47.03 43.80
N GLY R 287 -28.49 45.89 44.17
CA GLY R 287 -27.98 45.05 45.24
C GLY R 287 -29.04 44.27 45.97
N GLN R 288 -30.29 44.70 45.88
CA GLN R 288 -31.41 43.87 46.31
C GLN R 288 -32.68 44.34 45.62
N ALA R 289 -33.63 43.42 45.48
CA ALA R 289 -34.88 43.66 44.77
C ALA R 289 -36.04 43.39 45.72
N VAL R 290 -36.70 44.44 46.18
CA VAL R 290 -37.84 44.31 47.08
C VAL R 290 -39.10 44.41 46.24
N ALA R 291 -39.81 43.31 46.11
CA ALA R 291 -41.06 43.23 45.39
C ALA R 291 -42.16 42.75 46.33
N PRO R 292 -43.41 43.13 46.09
CA PRO R 292 -44.49 42.63 46.93
C PRO R 292 -44.75 41.17 46.63
N PRO R 293 -45.27 40.42 47.58
CA PRO R 293 -45.74 39.06 47.30
C PRO R 293 -47.11 39.11 46.64
N CYS R 294 -47.54 37.94 46.16
CA CYS R 294 -48.89 37.82 45.64
C CYS R 294 -49.91 37.86 46.76
N LYS R 295 -51.03 38.53 46.52
CA LYS R 295 -52.23 38.33 47.29
C LYS R 295 -53.15 37.31 46.62
N ILE R 296 -52.59 36.46 45.77
CA ILE R 296 -53.33 35.52 44.94
C ILE R 296 -52.83 34.12 45.27
N PRO R 297 -53.71 33.14 45.48
CA PRO R 297 -53.25 31.76 45.66
C PRO R 297 -52.68 31.21 44.37
N ALA R 298 -51.81 30.22 44.50
CA ALA R 298 -51.18 29.63 43.32
C ALA R 298 -52.16 28.79 42.53
N SER R 299 -53.01 28.04 43.22
CA SER R 299 -54.03 27.22 42.57
C SER R 299 -55.34 27.31 43.33
N VAL R 300 -56.40 26.84 42.67
CA VAL R 300 -57.72 26.75 43.26
C VAL R 300 -58.25 25.35 43.00
N SER R 301 -59.24 24.95 43.81
CA SER R 301 -59.75 23.59 43.66
C SER R 301 -60.76 23.50 42.53
N TYR R 302 -61.91 24.17 42.69
CA TYR R 302 -62.99 24.30 41.69
C TYR R 302 -63.41 22.95 41.11
N LYS R 303 -64.08 22.16 41.97
CA LYS R 303 -64.90 21.02 41.55
C LYS R 303 -64.08 19.92 40.88
N GLY R 304 -63.15 19.36 41.63
CA GLY R 304 -62.37 18.26 41.13
C GLY R 304 -60.96 18.61 40.70
N ILE R 305 -60.75 18.76 39.39
CA ILE R 305 -59.41 19.07 38.89
C ILE R 305 -59.05 20.51 39.24
N GLU R 306 -57.78 20.72 39.60
CA GLU R 306 -57.33 22.02 40.06
C GLU R 306 -56.92 22.90 38.88
N ILE R 307 -57.10 24.21 39.05
CA ILE R 307 -56.86 25.20 38.01
C ILE R 307 -55.72 26.09 38.47
N PRO R 308 -54.66 26.25 37.69
CA PRO R 308 -53.53 27.09 38.12
C PRO R 308 -53.89 28.56 37.98
N THR R 309 -53.62 29.32 39.05
CA THR R 309 -53.89 30.76 39.10
C THR R 309 -52.58 31.50 39.29
N PRO R 310 -51.86 31.85 38.21
CA PRO R 310 -50.57 32.49 38.37
C PRO R 310 -50.63 34.02 38.35
N CYS R 311 -49.74 34.63 39.13
CA CYS R 311 -49.58 36.07 39.17
C CYS R 311 -48.78 36.51 37.94
N PHE R 312 -49.39 37.33 37.09
CA PHE R 312 -49.13 37.38 35.64
C PHE R 312 -47.66 37.37 35.21
N LEU R 313 -46.83 38.21 35.80
CA LEU R 313 -45.39 38.18 35.56
C LEU R 313 -44.65 38.29 36.88
N GLN R 314 -45.05 37.46 37.84
CA GLN R 314 -44.38 37.33 39.13
C GLN R 314 -42.91 37.00 38.94
N GLY R 315 -42.05 37.72 39.66
CA GLY R 315 -40.63 37.53 39.50
C GLY R 315 -40.03 38.67 38.72
N LEU R 316 -40.75 39.10 37.69
CA LEU R 316 -40.36 40.27 36.90
C LEU R 316 -41.03 41.53 37.41
N TRP R 317 -41.83 41.42 38.48
CA TRP R 317 -42.40 42.57 39.14
C TRP R 317 -41.29 43.42 39.76
N PRO R 318 -41.52 44.74 39.88
CA PRO R 318 -40.53 45.57 40.57
C PRO R 318 -40.52 45.33 42.07
N VAL S 29 -15.19 55.75 5.00
CA VAL S 29 -16.03 56.84 5.50
C VAL S 29 -16.89 56.35 6.67
N ARG S 30 -17.28 55.08 6.63
CA ARG S 30 -18.20 54.55 7.62
C ARG S 30 -17.43 54.12 8.86
N PRO S 31 -18.10 53.99 10.01
CA PRO S 31 -17.43 53.45 11.19
C PRO S 31 -17.06 51.99 11.01
N VAL S 32 -15.82 51.67 11.35
CA VAL S 32 -15.25 50.34 11.16
C VAL S 32 -14.91 49.81 12.55
N TRP S 33 -14.71 48.49 12.65
CA TRP S 33 -14.46 47.80 13.92
C TRP S 33 -13.18 48.29 14.60
N PHE S 34 -12.23 48.75 13.81
CA PHE S 34 -10.91 49.17 14.23
C PHE S 34 -10.64 50.46 13.49
N PRO S 35 -10.61 51.59 14.17
CA PRO S 35 -10.45 52.87 13.46
C PRO S 35 -9.08 53.00 12.83
N GLY S 36 -9.05 53.69 11.72
CA GLY S 36 -7.83 53.74 10.95
C GLY S 36 -7.82 52.73 9.83
N ASN S 37 -7.90 51.44 10.15
CA ASN S 37 -7.79 50.42 9.11
C ASN S 37 -9.00 50.45 8.19
N PRO S 38 -8.80 50.36 6.89
CA PRO S 38 -9.91 50.41 5.96
C PRO S 38 -10.64 49.08 5.94
N PRO S 39 -11.90 49.06 5.53
CA PRO S 39 -12.61 47.79 5.40
C PRO S 39 -12.07 47.00 4.23
N PRO S 40 -12.21 45.69 4.23
CA PRO S 40 -11.73 44.89 3.10
C PRO S 40 -12.58 45.12 1.87
N ALA S 41 -12.02 44.70 0.73
CA ALA S 41 -12.60 45.04 -0.56
C ALA S 41 -13.92 44.33 -0.79
N HIS S 42 -14.12 43.18 -0.17
CA HIS S 42 -15.34 42.40 -0.36
C HIS S 42 -16.45 42.84 0.57
N LEU S 43 -16.28 43.93 1.29
CA LEU S 43 -17.17 44.22 2.40
C LEU S 43 -17.57 45.69 2.42
N ASP S 44 -18.08 46.18 1.29
CA ASP S 44 -18.70 47.50 1.26
C ASP S 44 -19.93 47.55 2.15
N GLY S 45 -20.34 48.76 2.52
CA GLY S 45 -21.37 48.85 3.53
C GLY S 45 -22.78 48.77 3.00
N SER S 46 -23.30 47.54 2.99
CA SER S 46 -24.68 47.27 2.64
C SER S 46 -25.35 46.29 3.57
N LEU S 47 -24.60 45.40 4.20
CA LEU S 47 -25.18 44.47 5.16
C LEU S 47 -25.51 45.20 6.44
N ALA S 48 -26.36 44.58 7.24
CA ALA S 48 -26.68 45.12 8.54
C ALA S 48 -25.60 44.72 9.51
N GLY S 49 -25.20 45.66 10.37
CA GLY S 49 -24.13 45.42 11.30
C GLY S 49 -22.78 45.29 10.67
N ASP S 50 -22.60 45.86 9.47
CA ASP S 50 -21.33 45.78 8.77
C ASP S 50 -20.36 46.75 9.42
N TYR S 51 -19.26 46.21 9.91
CA TYR S 51 -18.19 47.04 10.45
C TYR S 51 -16.83 46.63 9.93
N GLY S 52 -16.78 45.97 8.78
CA GLY S 52 -15.52 45.61 8.16
C GLY S 52 -14.71 44.59 8.92
N PHE S 53 -15.31 43.81 9.81
CA PHE S 53 -14.54 42.90 10.65
C PHE S 53 -14.49 41.54 9.97
N ASP S 54 -13.54 41.40 9.07
CA ASP S 54 -13.16 40.09 8.53
C ASP S 54 -11.64 40.09 8.42
N PRO S 55 -10.92 39.89 9.53
CA PRO S 55 -9.46 39.89 9.45
C PRO S 55 -8.91 38.65 8.78
N LEU S 56 -9.63 37.53 8.82
CA LEU S 56 -9.16 36.31 8.21
C LEU S 56 -9.62 36.16 6.77
N PHE S 57 -10.32 37.17 6.24
CA PHE S 57 -10.88 37.17 4.88
C PHE S 57 -11.75 35.94 4.63
N LEU S 58 -12.57 35.58 5.61
CA LEU S 58 -13.39 34.39 5.46
C LEU S 58 -14.58 34.62 4.55
N GLY S 59 -14.97 35.87 4.34
CA GLY S 59 -16.05 36.17 3.42
C GLY S 59 -15.54 36.66 2.09
N GLN S 60 -14.34 36.23 1.71
CA GLN S 60 -13.71 36.73 0.49
C GLN S 60 -14.43 36.24 -0.76
N GLU S 61 -15.10 35.10 -0.68
CA GLU S 61 -15.99 34.69 -1.77
C GLU S 61 -17.33 35.38 -1.62
N PRO S 62 -17.89 35.94 -2.70
CA PRO S 62 -19.20 36.60 -2.58
C PRO S 62 -20.36 35.64 -2.46
N GLN S 63 -20.13 34.33 -2.56
CA GLN S 63 -21.21 33.36 -2.38
C GLN S 63 -21.14 32.59 -1.08
N THR S 64 -19.95 32.43 -0.50
CA THR S 64 -19.90 31.94 0.87
C THR S 64 -20.29 33.03 1.85
N LEU S 65 -20.03 34.30 1.51
CA LEU S 65 -20.50 35.38 2.36
C LEU S 65 -22.02 35.49 2.34
N LYS S 66 -22.65 35.09 1.23
CA LYS S 66 -24.11 34.94 1.23
C LYS S 66 -24.56 33.86 2.20
N TRP S 67 -23.71 32.86 2.45
CA TRP S 67 -24.02 31.82 3.43
C TRP S 67 -23.72 32.30 4.84
N TYR S 68 -22.65 33.06 5.04
CA TYR S 68 -22.35 33.47 6.41
C TYR S 68 -23.24 34.59 6.89
N VAL S 69 -23.82 35.38 5.98
CA VAL S 69 -24.84 36.34 6.37
C VAL S 69 -26.09 35.60 6.83
N GLN S 70 -26.40 34.48 6.19
CA GLN S 70 -27.42 33.59 6.71
C GLN S 70 -26.99 33.01 8.05
N ALA S 71 -25.70 32.73 8.20
CA ALA S 71 -25.23 32.03 9.40
C ALA S 71 -25.15 32.97 10.61
N GLU S 72 -24.82 34.24 10.38
CA GLU S 72 -24.71 35.15 11.51
C GLU S 72 -26.08 35.48 12.07
N LEU S 73 -27.08 35.47 11.21
CA LEU S 73 -28.43 35.78 11.66
C LEU S 73 -29.00 34.64 12.49
N VAL S 74 -29.02 33.41 11.95
CA VAL S 74 -29.64 32.31 12.68
C VAL S 74 -28.84 31.90 13.92
N HIS S 75 -27.53 32.16 13.96
CA HIS S 75 -26.85 32.08 15.24
C HIS S 75 -27.29 33.20 16.17
N GLY S 76 -27.44 34.41 15.65
CA GLY S 76 -27.93 35.51 16.50
C GLY S 76 -29.40 35.38 16.83
N ARG S 77 -30.18 34.83 15.90
CA ARG S 77 -31.60 34.58 16.16
C ARG S 77 -31.81 33.57 17.29
N PHE S 78 -31.05 32.47 17.28
CA PHE S 78 -31.18 31.52 18.39
C PHE S 78 -30.59 32.08 19.67
N ALA S 79 -29.52 32.87 19.57
CA ALA S 79 -28.92 33.39 20.78
C ALA S 79 -29.75 34.49 21.42
N MET S 80 -30.47 35.28 20.62
CA MET S 80 -31.40 36.23 21.20
C MET S 80 -32.54 35.51 21.89
N LEU S 81 -33.01 34.40 21.33
CA LEU S 81 -33.97 33.56 22.05
C LEU S 81 -33.32 32.92 23.26
N GLY S 82 -32.06 32.51 23.12
CA GLY S 82 -31.37 31.85 24.22
C GLY S 82 -31.09 32.80 25.37
N ALA S 83 -30.45 33.94 25.08
CA ALA S 83 -30.05 34.87 26.13
C ALA S 83 -31.25 35.48 26.84
N ALA S 84 -32.36 35.66 26.13
CA ALA S 84 -33.58 35.99 26.83
C ALA S 84 -34.11 34.81 27.64
N GLY S 85 -33.77 33.58 27.23
CA GLY S 85 -34.30 32.43 27.94
C GLY S 85 -33.54 32.15 29.21
N ILE S 86 -32.22 32.35 29.19
CA ILE S 86 -31.44 32.20 30.42
C ILE S 86 -31.82 33.27 31.42
N ILE S 87 -31.93 34.52 30.95
CA ILE S 87 -32.14 35.66 31.84
C ILE S 87 -33.53 35.62 32.47
N LEU S 88 -34.56 35.32 31.69
CA LEU S 88 -35.90 35.35 32.24
C LEU S 88 -36.19 34.20 33.19
N THR S 89 -35.52 33.05 33.04
CA THR S 89 -35.70 32.02 34.05
C THR S 89 -34.81 32.23 35.26
N SER S 90 -33.79 33.09 35.14
CA SER S 90 -32.95 33.43 36.28
C SER S 90 -33.45 34.65 37.02
N ILE S 91 -34.25 35.49 36.36
CA ILE S 91 -34.96 36.54 37.07
C ILE S 91 -35.99 35.94 38.01
N GLY S 92 -36.69 34.90 37.58
CA GLY S 92 -37.68 34.26 38.43
C GLY S 92 -37.05 33.54 39.61
N ALA S 93 -35.95 32.83 39.36
CA ALA S 93 -35.16 32.31 40.47
C ALA S 93 -34.49 33.46 41.21
N LYS S 94 -34.14 33.18 42.48
CA LYS S 94 -33.43 34.05 43.44
C LYS S 94 -34.37 35.16 43.96
N VAL S 95 -35.54 35.30 43.36
CA VAL S 95 -36.61 36.11 43.95
C VAL S 95 -37.42 35.27 44.93
N GLY S 96 -37.61 34.00 44.64
CA GLY S 96 -38.34 33.12 45.53
C GLY S 96 -39.19 32.11 44.79
N LEU S 97 -39.14 32.16 43.47
CA LEU S 97 -39.97 31.26 42.69
C LEU S 97 -39.31 29.89 42.59
N GLY S 98 -40.06 28.94 42.05
CA GLY S 98 -39.60 27.58 41.96
C GLY S 98 -38.92 27.29 40.63
N PHE S 99 -38.08 28.14 40.23
CA PHE S 99 -37.44 27.93 38.94
C PHE S 99 -36.10 27.22 39.09
N PRO S 100 -35.76 26.40 38.10
CA PRO S 100 -34.41 25.86 38.01
C PRO S 100 -33.46 26.86 37.38
N GLU S 101 -32.18 26.57 37.47
CA GLU S 101 -31.20 27.32 36.72
C GLU S 101 -31.05 26.68 35.35
N TRP S 102 -30.47 27.47 34.42
CA TRP S 102 -30.51 27.09 33.01
C TRP S 102 -29.67 25.86 32.73
N TYR S 103 -28.64 25.62 33.53
CA TYR S 103 -27.88 24.40 33.36
C TYR S 103 -28.57 23.20 34.00
N ASP S 104 -29.55 23.43 34.87
CA ASP S 104 -30.31 22.36 35.51
C ASP S 104 -31.75 22.30 35.04
N ALA S 105 -32.14 23.15 34.10
CA ALA S 105 -33.49 23.05 33.54
C ALA S 105 -33.64 21.86 32.61
N GLY S 106 -32.54 21.32 32.10
CA GLY S 106 -32.63 20.15 31.23
C GLY S 106 -33.03 18.91 31.98
N LYS S 107 -32.46 18.69 33.17
CA LYS S 107 -32.78 17.49 33.93
C LYS S 107 -34.14 17.60 34.60
N VAL S 108 -34.53 18.79 35.04
CA VAL S 108 -35.67 18.91 35.93
C VAL S 108 -36.99 18.82 35.19
N VAL S 109 -36.99 18.96 33.86
CA VAL S 109 -38.24 18.94 33.11
C VAL S 109 -38.45 17.63 32.36
N VAL S 110 -37.39 16.82 32.18
CA VAL S 110 -37.58 15.43 31.77
C VAL S 110 -37.74 14.52 32.97
N GLU S 111 -37.80 15.08 34.17
CA GLU S 111 -38.09 14.33 35.38
C GLU S 111 -39.41 14.73 36.02
N LYS S 112 -39.75 16.02 36.03
CA LYS S 112 -41.05 16.41 36.58
C LYS S 112 -42.19 15.95 35.69
N ASN S 113 -42.24 16.48 34.48
CA ASN S 113 -43.05 15.86 33.45
C ASN S 113 -42.32 14.61 32.98
N ASN S 114 -42.99 13.47 33.01
CA ASN S 114 -42.34 12.20 32.67
C ASN S 114 -42.16 12.12 31.17
N ILE S 115 -41.21 12.90 30.68
CA ILE S 115 -40.92 13.02 29.25
C ILE S 115 -39.72 12.15 28.96
N ASP S 116 -39.92 11.15 28.11
CA ASP S 116 -38.82 10.31 27.69
C ASP S 116 -37.88 11.16 26.85
N PHE S 117 -36.62 11.09 27.16
CA PHE S 117 -35.66 11.99 26.57
C PHE S 117 -35.33 11.75 25.09
N PRO S 118 -35.12 10.52 24.59
CA PRO S 118 -34.89 10.39 23.15
C PRO S 118 -36.10 10.75 22.31
N THR S 119 -37.32 10.49 22.77
CA THR S 119 -38.48 10.87 21.97
C THR S 119 -38.78 12.37 22.05
N LEU S 120 -38.10 13.10 22.90
CA LEU S 120 -38.22 14.55 22.87
C LEU S 120 -37.26 15.15 21.86
N MET S 121 -36.04 14.62 21.80
CA MET S 121 -35.00 15.14 20.92
C MET S 121 -35.24 14.77 19.46
N VAL S 122 -35.83 13.60 19.21
CA VAL S 122 -36.08 13.16 17.84
C VAL S 122 -37.14 14.03 17.18
N ILE S 123 -38.21 14.35 17.91
CA ILE S 123 -39.25 15.24 17.39
C ILE S 123 -38.69 16.64 17.18
N GLN S 124 -37.74 17.05 18.01
CA GLN S 124 -37.01 18.29 17.78
C GLN S 124 -36.24 18.22 16.46
N PHE S 125 -35.69 17.07 16.10
CA PHE S 125 -35.05 16.97 14.80
C PHE S 125 -36.06 16.88 13.67
N TYR S 126 -37.24 16.30 13.91
CA TYR S 126 -38.24 16.22 12.84
C TYR S 126 -38.82 17.58 12.51
N LEU S 127 -39.20 18.34 13.54
CA LEU S 127 -39.83 19.62 13.30
C LEU S 127 -38.83 20.63 12.78
N MET S 128 -37.60 20.60 13.28
CA MET S 128 -36.66 21.62 12.87
C MET S 128 -35.91 21.22 11.60
N GLY S 129 -35.60 19.93 11.45
CA GLY S 129 -35.02 19.46 10.20
C GLY S 129 -35.95 19.60 9.02
N TRP S 130 -37.26 19.63 9.29
CA TRP S 130 -38.20 20.17 8.33
C TRP S 130 -37.92 21.64 8.07
N ALA S 131 -37.89 22.45 9.13
CA ALA S 131 -37.78 23.90 8.98
C ALA S 131 -36.40 24.36 8.54
N GLU S 132 -35.40 23.51 8.65
CA GLU S 132 -34.05 23.87 8.25
C GLU S 132 -33.77 23.58 6.78
N THR S 133 -34.26 22.47 6.24
CA THR S 133 -33.98 22.19 4.84
C THR S 133 -34.78 23.10 3.90
N LYS S 134 -35.88 23.66 4.39
CA LYS S 134 -36.54 24.75 3.68
C LYS S 134 -35.60 25.93 3.52
N ARG S 135 -34.88 26.28 4.59
CA ARG S 135 -33.84 27.29 4.49
C ARG S 135 -32.70 26.84 3.60
N TRP S 136 -32.33 25.57 3.69
CA TRP S 136 -31.18 25.06 2.96
C TRP S 136 -31.46 24.97 1.47
N TYR S 137 -32.72 24.99 1.08
CA TYR S 137 -33.12 25.17 -0.31
C TYR S 137 -33.73 26.53 -0.58
N ASP S 138 -33.71 27.43 0.40
CA ASP S 138 -33.79 28.84 0.06
C ASP S 138 -32.44 29.36 -0.39
N PHE S 139 -31.37 28.89 0.25
CA PHE S 139 -30.05 29.35 -0.14
C PHE S 139 -29.65 28.81 -1.50
N LYS S 140 -30.03 27.57 -1.80
CA LYS S 140 -29.65 27.00 -3.09
C LYS S 140 -30.49 27.59 -4.21
N ASN S 141 -31.75 27.89 -3.94
CA ASN S 141 -32.68 28.37 -4.96
C ASN S 141 -33.63 29.35 -4.28
N PRO S 142 -33.35 30.65 -4.34
CA PRO S 142 -34.20 31.61 -3.63
C PRO S 142 -35.59 31.76 -4.20
N GLY S 143 -35.77 31.52 -5.49
CA GLY S 143 -37.12 31.56 -6.03
C GLY S 143 -37.98 30.38 -5.64
N SER S 144 -37.39 29.33 -5.08
CA SER S 144 -38.10 28.09 -4.82
C SER S 144 -38.92 28.19 -3.54
N GLN S 145 -39.49 27.06 -3.13
CA GLN S 145 -40.37 26.88 -1.97
C GLN S 145 -41.65 27.71 -2.07
N ALA S 146 -41.96 28.18 -3.27
CA ALA S 146 -43.05 29.11 -3.54
C ALA S 146 -43.81 28.66 -4.75
N ASP S 147 -43.93 27.34 -4.92
CA ASP S 147 -44.62 26.75 -6.05
C ASP S 147 -45.90 26.05 -5.64
N GLY S 148 -46.37 26.31 -4.42
CA GLY S 148 -47.49 25.56 -3.90
C GLY S 148 -47.14 24.12 -3.58
N SER S 149 -45.85 23.83 -3.42
CA SER S 149 -45.42 22.48 -3.10
C SER S 149 -45.82 22.09 -1.69
N PHE S 150 -45.92 23.07 -0.81
CA PHE S 150 -46.40 22.93 0.57
C PHE S 150 -47.94 22.86 0.52
N LEU S 151 -48.63 23.09 1.62
CA LEU S 151 -50.07 22.87 1.63
C LEU S 151 -50.88 23.90 0.83
N GLY S 152 -50.30 24.79 0.06
CA GLY S 152 -51.04 25.71 -0.75
C GLY S 152 -50.46 27.07 -0.57
N PHE S 153 -49.66 27.21 0.47
CA PHE S 153 -49.01 28.46 0.80
C PHE S 153 -47.91 28.70 -0.21
N THR S 154 -48.03 29.80 -0.96
CA THR S 154 -47.13 30.06 -2.06
C THR S 154 -46.18 31.21 -1.75
N GLU S 155 -46.70 32.41 -1.51
CA GLU S 155 -45.85 33.58 -1.38
C GLU S 155 -45.57 33.92 0.06
N GLU S 156 -45.99 33.06 0.99
CA GLU S 156 -45.60 33.24 2.38
C GLU S 156 -44.15 32.83 2.59
N PHE S 157 -43.73 31.77 1.90
CA PHE S 157 -42.36 31.28 1.94
C PHE S 157 -41.56 31.75 0.74
N LYS S 158 -41.86 32.94 0.23
CA LYS S 158 -41.14 33.45 -0.94
C LYS S 158 -39.73 33.87 -0.56
N GLY S 159 -39.59 34.61 0.54
CA GLY S 159 -38.27 35.05 0.95
C GLY S 159 -37.91 36.37 0.34
N LEU S 160 -37.63 37.37 1.17
CA LEU S 160 -37.38 38.71 0.66
C LEU S 160 -35.93 38.89 0.25
N GLU S 161 -35.01 38.46 1.11
CA GLU S 161 -33.58 38.49 0.82
C GLU S 161 -32.91 37.45 1.71
N ASN S 162 -31.58 37.51 1.79
CA ASN S 162 -30.83 36.51 2.53
C ASN S 162 -31.07 36.66 4.02
N GLY S 163 -31.57 35.61 4.66
CA GLY S 163 -31.76 35.64 6.08
C GLY S 163 -32.98 36.40 6.55
N TYR S 164 -33.79 36.90 5.63
CA TYR S 164 -34.96 37.72 5.97
C TYR S 164 -36.11 37.27 5.10
N PRO S 165 -36.85 36.24 5.51
CA PRO S 165 -37.95 35.74 4.68
C PRO S 165 -39.14 36.68 4.53
N GLY S 166 -39.70 37.13 5.65
CA GLY S 166 -40.85 38.02 5.60
C GLY S 166 -42.14 37.36 5.20
N GLY S 167 -42.98 38.09 4.51
CA GLY S 167 -44.25 37.55 4.11
C GLY S 167 -45.23 37.57 5.26
N ARG S 168 -46.28 36.77 5.10
CA ARG S 168 -47.41 36.83 6.00
C ARG S 168 -47.08 36.20 7.35
N PHE S 169 -46.38 35.07 7.34
CA PHE S 169 -46.16 34.36 8.59
C PHE S 169 -44.96 34.89 9.35
N PHE S 170 -43.82 35.09 8.69
CA PHE S 170 -42.63 35.46 9.45
C PHE S 170 -42.58 36.93 9.80
N ASP S 171 -43.42 37.75 9.18
CA ASP S 171 -43.58 39.15 9.56
C ASP S 171 -45.07 39.45 9.61
N PRO S 172 -45.76 39.03 10.67
CA PRO S 172 -47.19 39.31 10.75
C PRO S 172 -47.52 40.74 11.13
N MET S 173 -46.58 41.49 11.70
CA MET S 173 -46.83 42.91 11.87
C MET S 173 -46.74 43.64 10.54
N GLY S 174 -46.00 43.08 9.60
CA GLY S 174 -45.78 43.77 8.34
C GLY S 174 -44.76 44.88 8.46
N LEU S 175 -43.70 44.68 9.22
CA LEU S 175 -42.72 45.72 9.42
C LEU S 175 -41.67 45.78 8.33
N SER S 176 -41.58 44.77 7.48
CA SER S 176 -40.61 44.77 6.40
C SER S 176 -41.12 45.42 5.13
N ARG S 177 -42.19 46.21 5.21
CA ARG S 177 -42.78 46.83 4.05
C ARG S 177 -43.59 48.03 4.53
N GLY S 178 -43.86 48.95 3.61
CA GLY S 178 -44.36 50.24 4.03
C GLY S 178 -43.26 51.26 3.90
N ASP S 179 -42.62 51.61 5.01
CA ASP S 179 -41.38 52.36 4.99
C ASP S 179 -40.22 51.37 4.99
N ALA S 180 -39.34 51.49 4.01
CA ALA S 180 -38.14 50.66 3.98
C ALA S 180 -36.94 51.38 4.57
N ALA S 181 -37.05 52.66 4.88
CA ALA S 181 -35.95 53.37 5.53
C ALA S 181 -35.82 52.96 6.99
N LYS S 182 -36.95 52.70 7.65
CA LYS S 182 -36.91 52.23 9.02
C LYS S 182 -36.66 50.73 9.07
N TYR S 183 -36.96 50.01 8.00
CA TYR S 183 -36.65 48.57 7.96
C TYR S 183 -35.16 48.32 7.92
N GLN S 184 -34.39 49.16 7.21
CA GLN S 184 -32.94 49.05 7.24
C GLN S 184 -32.40 49.38 8.62
N GLU S 185 -33.10 50.23 9.36
CA GLU S 185 -32.73 50.47 10.74
C GLU S 185 -33.05 49.28 11.61
N TYR S 186 -34.20 48.63 11.40
CA TYR S 186 -34.50 47.42 12.16
C TYR S 186 -33.57 46.28 11.81
N LYS S 187 -33.05 46.24 10.58
CA LYS S 187 -32.06 45.22 10.22
C LYS S 187 -30.81 45.38 11.04
N GLN S 188 -30.38 46.62 11.24
CA GLN S 188 -29.19 46.84 12.04
C GLN S 188 -29.47 46.58 13.51
N LYS S 189 -30.66 46.95 14.00
CA LYS S 189 -30.98 46.72 15.40
C LYS S 189 -31.13 45.24 15.72
N GLU S 190 -31.45 44.42 14.71
CA GLU S 190 -31.49 42.98 14.93
C GLU S 190 -30.09 42.41 15.05
N VAL S 191 -29.17 42.88 14.22
CA VAL S 191 -27.82 42.34 14.23
C VAL S 191 -27.06 42.81 15.46
N LYS S 192 -27.29 44.04 15.90
CA LYS S 192 -26.60 44.57 17.08
C LYS S 192 -27.00 43.84 18.35
N ASN S 193 -28.30 43.67 18.59
CA ASN S 193 -28.76 42.81 19.67
C ASN S 193 -28.39 41.36 19.40
N GLY S 194 -28.24 40.97 18.14
CA GLY S 194 -27.88 39.60 17.83
C GLY S 194 -26.42 39.27 18.08
N ARG S 195 -25.52 40.25 17.89
CA ARG S 195 -24.11 40.04 18.24
C ARG S 195 -23.92 39.85 19.72
N LEU S 196 -24.42 40.78 20.54
CA LEU S 196 -24.13 40.66 21.95
C LEU S 196 -25.02 39.63 22.63
N ALA S 197 -26.00 39.06 21.95
CA ALA S 197 -26.66 37.89 22.50
C ALA S 197 -25.78 36.67 22.35
N MET S 198 -25.05 36.56 21.23
CA MET S 198 -24.11 35.48 21.07
C MET S 198 -22.96 35.60 22.06
N ILE S 199 -22.59 36.83 22.41
CA ILE S 199 -21.53 37.01 23.40
C ILE S 199 -22.05 36.69 24.79
N ALA S 200 -23.32 36.98 25.05
CA ALA S 200 -23.93 36.61 26.31
C ALA S 200 -24.01 35.10 26.47
N CYS S 201 -24.48 34.40 25.43
CA CYS S 201 -24.58 32.95 25.52
C CYS S 201 -23.22 32.27 25.41
N LEU S 202 -22.18 33.00 25.04
CA LEU S 202 -20.83 32.56 25.27
C LEU S 202 -20.35 32.92 26.68
N GLY S 203 -21.01 33.87 27.33
CA GLY S 203 -20.62 34.25 28.66
C GLY S 203 -21.39 33.54 29.76
N PHE S 204 -22.60 33.06 29.45
CA PHE S 204 -23.33 32.28 30.44
C PHE S 204 -22.63 30.95 30.71
N ALA S 205 -22.18 30.28 29.65
CA ALA S 205 -21.37 29.10 29.80
C ALA S 205 -20.05 29.40 30.49
N ALA S 206 -19.49 30.58 30.24
CA ALA S 206 -18.19 30.92 30.83
C ALA S 206 -18.31 31.31 32.30
N GLN S 207 -19.44 31.88 32.68
CA GLN S 207 -19.69 32.25 34.06
C GLN S 207 -20.05 30.99 34.87
N TYR S 208 -20.55 29.97 34.18
CA TYR S 208 -20.92 28.72 34.86
C TYR S 208 -19.73 27.79 35.02
N ALA S 209 -18.89 27.65 33.99
CA ALA S 209 -17.73 26.78 34.11
C ALA S 209 -16.68 27.36 35.06
N ALA S 210 -16.57 28.69 35.11
CA ALA S 210 -15.61 29.31 36.02
C ALA S 210 -16.12 29.27 37.46
N THR S 211 -17.28 29.85 37.71
CA THR S 211 -17.75 30.01 39.08
C THR S 211 -18.48 28.76 39.56
N GLY S 212 -19.54 28.38 38.85
CA GLY S 212 -20.29 27.21 39.26
C GLY S 212 -21.66 27.57 39.79
N LYS S 213 -22.22 28.67 39.32
CA LYS S 213 -23.53 29.09 39.78
C LYS S 213 -24.24 29.82 38.65
N GLY S 214 -25.45 30.28 38.94
CA GLY S 214 -26.31 30.90 37.96
C GLY S 214 -25.82 32.26 37.54
N PRO S 215 -26.39 32.79 36.48
CA PRO S 215 -25.91 34.06 35.93
C PRO S 215 -26.22 35.26 36.78
N LEU S 216 -27.46 35.38 37.24
CA LEU S 216 -27.80 36.53 38.05
C LEU S 216 -27.35 36.36 39.49
N ASP S 217 -26.85 35.19 39.85
CA ASP S 217 -26.08 35.07 41.08
C ASP S 217 -24.69 35.68 40.89
N ASN S 218 -24.14 35.57 39.68
CA ASN S 218 -22.86 36.18 39.39
C ASN S 218 -22.98 37.70 39.24
N LEU S 219 -24.11 38.16 38.72
CA LEU S 219 -24.35 39.59 38.65
C LEU S 219 -24.51 40.18 40.05
N ALA S 220 -25.28 39.52 40.91
CA ALA S 220 -25.53 40.07 42.24
C ALA S 220 -24.31 39.97 43.12
N ASP S 221 -23.42 39.02 42.85
CA ASP S 221 -22.13 39.01 43.53
C ASP S 221 -21.24 40.15 43.06
N HIS S 222 -21.32 40.50 41.77
CA HIS S 222 -20.57 41.64 41.26
C HIS S 222 -21.18 42.95 41.72
N LEU S 223 -22.46 42.95 42.07
CA LEU S 223 -23.07 44.16 42.61
C LEU S 223 -22.97 44.23 44.13
N ALA S 224 -22.66 43.12 44.80
CA ALA S 224 -22.39 43.18 46.23
C ALA S 224 -21.08 43.89 46.51
N ASP S 225 -19.98 43.33 46.00
CA ASP S 225 -18.68 43.97 46.05
C ASP S 225 -18.13 43.97 44.63
N PRO S 226 -18.11 45.11 43.96
CA PRO S 226 -17.58 45.15 42.59
C PRO S 226 -16.11 44.87 42.52
N ASN S 227 -15.35 45.27 43.54
CA ASN S 227 -13.99 44.81 43.67
C ASN S 227 -14.02 43.39 44.21
N HIS S 228 -13.02 42.61 43.81
CA HIS S 228 -12.67 41.30 44.35
C HIS S 228 -13.69 40.21 44.08
N VAL S 229 -14.83 40.50 43.47
CA VAL S 229 -15.80 39.47 43.12
C VAL S 229 -15.98 39.57 41.62
N ASN S 230 -14.90 39.86 40.91
CA ASN S 230 -14.89 39.86 39.46
C ASN S 230 -14.30 38.57 38.92
N PHE S 231 -14.01 38.55 37.61
CA PHE S 231 -13.41 37.37 37.01
C PHE S 231 -11.97 37.18 37.41
N ALA S 232 -11.29 38.25 37.82
CA ALA S 232 -9.87 38.15 38.14
C ALA S 232 -9.62 37.41 39.44
N THR S 233 -10.64 37.29 40.29
CA THR S 233 -10.46 36.72 41.62
C THR S 233 -11.11 35.34 41.74
N ASN S 234 -11.13 34.57 40.66
CA ASN S 234 -11.55 33.19 40.78
C ASN S 234 -10.37 32.25 40.98
N GLY S 235 -9.32 32.44 40.19
CA GLY S 235 -8.33 31.42 40.05
C GLY S 235 -8.66 30.41 38.97
N VAL S 236 -9.72 30.66 38.21
CA VAL S 236 -10.09 29.79 37.11
C VAL S 236 -9.85 30.58 35.82
N SER S 237 -9.94 31.90 35.92
CA SER S 237 -9.85 32.77 34.77
C SER S 237 -8.42 33.21 34.49
N ILE S 238 -7.71 33.65 35.52
CA ILE S 238 -6.28 33.90 35.47
C ILE S 238 -5.59 32.86 36.35
N PRO S 239 -4.58 32.15 35.86
CA PRO S 239 -3.85 31.20 36.70
C PRO S 239 -2.75 31.82 37.53
N ILE S 240 -2.70 33.14 37.64
CA ILE S 240 -1.61 33.83 38.32
C ILE S 240 -2.23 34.40 39.59
N ALA S 241 -3.23 33.71 40.14
CA ALA S 241 -3.95 34.15 41.33
C ALA S 241 -3.05 34.32 42.56
N ARG T 56 -41.85 19.87 -11.66
CA ARG T 56 -43.20 19.59 -11.18
C ARG T 56 -43.20 18.60 -10.01
N GLN T 57 -43.69 19.09 -8.87
CA GLN T 57 -44.03 18.32 -7.66
C GLN T 57 -42.87 17.43 -7.21
N SER T 58 -41.72 18.05 -7.00
CA SER T 58 -40.52 17.29 -6.73
C SER T 58 -40.53 16.83 -5.27
N TRP T 59 -39.66 15.86 -4.99
CA TRP T 59 -39.55 15.32 -3.64
C TRP T 59 -38.91 16.32 -2.69
N LEU T 60 -38.01 17.14 -3.21
CA LEU T 60 -37.54 18.36 -2.58
C LEU T 60 -37.90 19.53 -3.46
N PRO T 61 -38.68 20.48 -2.97
CA PRO T 61 -39.10 21.61 -3.81
C PRO T 61 -37.99 22.55 -4.24
N GLY T 62 -36.79 22.44 -3.70
CA GLY T 62 -35.74 23.37 -4.06
C GLY T 62 -34.68 22.76 -4.92
N SER T 63 -34.75 21.44 -5.11
CA SER T 63 -33.69 20.73 -5.79
C SER T 63 -33.76 20.93 -7.28
N GLN T 64 -32.61 20.84 -7.92
CA GLN T 64 -32.58 20.60 -9.35
C GLN T 64 -32.93 19.14 -9.58
N ILE T 65 -34.02 18.89 -10.27
CA ILE T 65 -34.32 17.53 -10.69
C ILE T 65 -33.26 17.06 -11.66
N PRO T 66 -32.69 15.86 -11.49
CA PRO T 66 -31.71 15.36 -12.45
C PRO T 66 -32.30 15.22 -13.85
N ALA T 67 -31.46 15.47 -14.85
CA ALA T 67 -31.94 15.66 -16.20
C ALA T 67 -32.47 14.39 -16.83
N HIS T 68 -32.10 13.23 -16.30
CA HIS T 68 -32.60 11.96 -16.82
C HIS T 68 -33.94 11.57 -16.22
N LEU T 69 -34.61 12.46 -15.51
CA LEU T 69 -35.99 12.28 -15.15
C LEU T 69 -36.88 13.34 -15.77
N ASP T 70 -36.30 14.23 -16.58
CA ASP T 70 -37.04 15.30 -17.22
C ASP T 70 -37.10 15.15 -18.73
N THR T 71 -36.53 14.08 -19.27
CA THR T 71 -36.72 13.76 -20.67
C THR T 71 -38.17 13.29 -20.87
N PRO T 72 -38.73 13.50 -22.07
CA PRO T 72 -40.14 13.13 -22.29
C PRO T 72 -40.40 11.63 -22.23
N ALA T 73 -39.38 10.78 -22.34
CA ALA T 73 -39.55 9.37 -22.06
C ALA T 73 -39.39 9.03 -20.59
N ALA T 74 -39.27 10.02 -19.72
CA ALA T 74 -39.15 9.79 -18.29
C ALA T 74 -40.18 10.61 -17.52
N GLN T 75 -40.58 11.76 -18.06
CA GLN T 75 -41.73 12.47 -17.52
C GLN T 75 -43.05 11.87 -17.95
N ALA T 76 -43.03 10.88 -18.84
CA ALA T 76 -44.21 10.13 -19.22
C ALA T 76 -44.40 8.91 -18.34
N LEU T 77 -44.02 8.99 -17.09
CA LEU T 77 -43.88 7.83 -16.24
C LEU T 77 -44.52 8.09 -14.89
N ALA T 78 -45.17 7.07 -14.34
CA ALA T 78 -45.85 7.22 -13.07
C ALA T 78 -44.83 7.33 -11.94
N GLY T 79 -45.15 8.13 -10.94
CA GLY T 79 -44.29 8.25 -9.79
C GLY T 79 -43.00 9.01 -10.04
N ASN T 80 -43.00 9.91 -11.02
CA ASN T 80 -41.79 10.67 -11.33
C ASN T 80 -41.82 11.92 -10.48
N PHE T 81 -41.22 11.84 -9.30
CA PHE T 81 -41.08 12.97 -8.39
C PHE T 81 -39.68 13.54 -8.39
N GLY T 82 -38.90 13.28 -9.43
CA GLY T 82 -37.55 13.81 -9.50
C GLY T 82 -36.59 13.20 -8.52
N PHE T 83 -36.86 12.01 -8.02
CA PHE T 83 -36.07 11.39 -6.97
C PHE T 83 -35.10 10.40 -7.58
N ASP T 84 -33.86 10.82 -7.74
CA ASP T 84 -32.76 9.90 -8.03
C ASP T 84 -31.45 10.51 -7.53
N PRO T 85 -31.21 10.49 -6.23
CA PRO T 85 -29.98 11.09 -5.69
C PRO T 85 -28.75 10.21 -5.83
N LEU T 86 -28.85 9.06 -6.48
CA LEU T 86 -27.66 8.32 -6.86
C LEU T 86 -27.45 8.28 -8.37
N GLY T 87 -28.37 8.81 -9.16
CA GLY T 87 -28.22 8.78 -10.60
C GLY T 87 -28.24 7.41 -11.22
N LEU T 88 -28.95 6.46 -10.60
CA LEU T 88 -28.90 5.07 -11.02
C LEU T 88 -29.61 4.83 -12.35
N GLY T 89 -30.52 5.70 -12.74
CA GLY T 89 -31.24 5.49 -13.96
C GLY T 89 -30.92 6.51 -15.04
N LYS T 90 -29.65 6.95 -15.09
CA LYS T 90 -29.26 7.90 -16.12
C LYS T 90 -29.26 7.24 -17.50
N ASP T 91 -28.84 6.00 -17.57
CA ASP T 91 -28.92 5.24 -18.80
C ASP T 91 -30.39 4.92 -19.09
N PRO T 92 -30.86 5.11 -20.33
CA PRO T 92 -32.30 5.01 -20.60
C PRO T 92 -32.86 3.60 -20.48
N VAL T 93 -32.12 2.59 -20.94
CA VAL T 93 -32.62 1.23 -20.80
C VAL T 93 -32.46 0.78 -19.36
N ALA T 94 -31.49 1.34 -18.64
CA ALA T 94 -31.38 1.07 -17.21
C ALA T 94 -32.51 1.73 -16.44
N LEU T 95 -33.00 2.87 -16.91
CA LEU T 95 -34.23 3.43 -16.35
C LEU T 95 -35.42 2.54 -16.68
N ARG T 96 -35.50 2.08 -17.92
CA ARG T 96 -36.59 1.23 -18.36
C ARG T 96 -36.57 -0.12 -17.65
N TRP T 97 -35.38 -0.64 -17.34
CA TRP T 97 -35.28 -1.88 -16.60
C TRP T 97 -35.61 -1.68 -15.12
N TYR T 98 -35.18 -0.56 -14.54
CA TYR T 98 -35.47 -0.31 -13.14
C TYR T 98 -36.91 0.11 -12.94
N GLN T 99 -37.56 0.62 -13.99
CA GLN T 99 -38.98 0.91 -13.92
C GLN T 99 -39.77 -0.38 -13.87
N GLN T 100 -39.29 -1.41 -14.56
CA GLN T 100 -39.93 -2.70 -14.46
C GLN T 100 -39.61 -3.37 -13.15
N ALA T 101 -38.49 -3.03 -12.53
CA ALA T 101 -38.20 -3.60 -11.22
C ALA T 101 -39.06 -2.95 -10.14
N GLU T 102 -39.44 -1.68 -10.34
CA GLU T 102 -40.19 -0.99 -9.29
C GLU T 102 -41.65 -1.41 -9.32
N LEU T 103 -42.20 -1.65 -10.51
CA LEU T 103 -43.59 -2.08 -10.62
C LEU T 103 -43.79 -3.45 -9.99
N ILE T 104 -42.77 -4.29 -10.04
CA ILE T 104 -42.97 -5.65 -9.61
C ILE T 104 -42.45 -5.86 -8.20
N HIS T 105 -41.52 -5.03 -7.74
CA HIS T 105 -41.27 -4.98 -6.30
C HIS T 105 -42.45 -4.36 -5.55
N CYS T 106 -43.24 -3.50 -6.20
CA CYS T 106 -44.33 -2.86 -5.45
C CYS T 106 -45.61 -3.68 -5.48
N ARG T 107 -45.90 -4.35 -6.60
CA ARG T 107 -47.09 -5.17 -6.68
C ARG T 107 -46.97 -6.42 -5.82
N THR T 108 -45.78 -7.01 -5.75
CA THR T 108 -45.56 -8.10 -4.80
C THR T 108 -45.60 -7.60 -3.37
N ALA T 109 -45.24 -6.34 -3.13
CA ALA T 109 -45.32 -5.81 -1.78
C ALA T 109 -46.75 -5.47 -1.40
N MET T 110 -47.53 -4.94 -2.35
CA MET T 110 -48.94 -4.67 -2.06
C MET T 110 -49.71 -5.94 -1.83
N ALA T 111 -49.40 -6.99 -2.58
CA ALA T 111 -50.00 -8.28 -2.30
C ALA T 111 -49.45 -8.87 -1.01
N GLY T 112 -48.19 -8.57 -0.69
CA GLY T 112 -47.60 -9.09 0.52
C GLY T 112 -48.10 -8.43 1.77
N VAL T 113 -48.15 -7.10 1.78
CA VAL T 113 -48.58 -6.36 2.96
C VAL T 113 -50.06 -6.60 3.24
N ALA T 114 -50.86 -6.73 2.19
CA ALA T 114 -52.25 -7.15 2.37
C ALA T 114 -52.37 -8.61 2.78
N GLY T 115 -51.31 -9.40 2.69
CA GLY T 115 -51.25 -10.70 3.29
C GLY T 115 -50.67 -10.72 4.68
N ILE T 116 -50.37 -9.57 5.25
CA ILE T 116 -49.83 -9.45 6.59
C ILE T 116 -50.78 -8.70 7.52
N LEU T 117 -51.19 -7.50 7.12
CA LEU T 117 -52.03 -6.73 8.03
C LEU T 117 -53.51 -7.00 7.87
N ILE T 118 -53.99 -7.31 6.67
CA ILE T 118 -55.40 -7.64 6.49
C ILE T 118 -55.76 -8.94 7.21
N PRO T 119 -54.96 -10.02 7.18
CA PRO T 119 -55.23 -11.08 8.17
C PRO T 119 -54.68 -10.80 9.55
N GLY T 120 -54.06 -9.64 9.78
CA GLY T 120 -53.60 -9.27 11.10
C GLY T 120 -54.58 -8.36 11.80
N LEU T 121 -55.15 -7.41 11.06
CA LEU T 121 -56.21 -6.58 11.60
C LEU T 121 -57.51 -7.37 11.79
N LEU T 122 -57.78 -8.31 10.89
CA LEU T 122 -58.94 -9.18 11.04
C LEU T 122 -58.67 -10.36 11.95
N THR T 123 -57.56 -10.36 12.68
CA THR T 123 -57.31 -11.30 13.76
C THR T 123 -57.40 -10.63 15.11
N LYS T 124 -56.86 -9.41 15.22
CA LYS T 124 -57.01 -8.63 16.44
C LYS T 124 -58.43 -8.15 16.66
N ALA T 125 -59.25 -8.12 15.62
CA ALA T 125 -60.66 -7.80 15.73
C ALA T 125 -61.54 -9.04 15.81
N GLY T 126 -60.95 -10.20 16.00
CA GLY T 126 -61.71 -11.43 15.99
C GLY T 126 -62.03 -11.90 14.59
N ALA T 127 -62.63 -13.08 14.52
CA ALA T 127 -63.11 -13.83 13.36
C ALA T 127 -62.01 -14.44 12.49
N LEU T 128 -60.75 -14.39 12.92
CA LEU T 128 -59.69 -15.19 12.33
C LEU T 128 -58.74 -15.66 13.41
N ASN T 129 -57.89 -16.62 13.04
CA ASN T 129 -56.89 -17.17 13.94
C ASN T 129 -55.55 -17.30 13.20
N VAL T 130 -55.33 -16.42 12.23
CA VAL T 130 -54.04 -16.39 11.53
C VAL T 130 -52.99 -15.82 12.45
N PRO T 131 -51.87 -16.51 12.67
CA PRO T 131 -50.86 -16.00 13.60
C PRO T 131 -50.03 -14.89 12.99
N GLU T 132 -48.98 -14.50 13.69
CA GLU T 132 -48.12 -13.44 13.19
C GLU T 132 -47.36 -13.91 11.96
N TRP T 133 -47.04 -12.94 11.09
CA TRP T 133 -46.49 -13.24 9.77
C TRP T 133 -45.08 -13.81 9.86
N TYR T 134 -44.34 -13.49 10.91
CA TYR T 134 -43.02 -14.06 11.09
C TYR T 134 -43.06 -15.43 11.74
N ASP T 135 -44.24 -15.91 12.13
CA ASP T 135 -44.41 -17.27 12.59
C ASP T 135 -45.39 -18.05 11.74
N ALA T 136 -46.04 -17.42 10.76
CA ALA T 136 -47.01 -18.09 9.91
C ALA T 136 -46.37 -18.97 8.84
N GLY T 137 -45.05 -18.96 8.71
CA GLY T 137 -44.40 -19.91 7.84
C GLY T 137 -44.17 -21.21 8.58
N LYS T 138 -43.97 -21.10 9.89
CA LYS T 138 -43.79 -22.28 10.72
C LYS T 138 -45.06 -23.11 10.80
N VAL T 139 -46.19 -22.46 11.04
CA VAL T 139 -47.49 -23.10 10.89
C VAL T 139 -47.84 -23.05 9.41
N ALA T 140 -48.93 -23.72 9.04
CA ALA T 140 -49.44 -23.93 7.67
C ALA T 140 -48.52 -24.79 6.82
N ILE T 141 -47.49 -25.37 7.42
CA ILE T 141 -46.79 -26.48 6.79
C ILE T 141 -47.18 -27.80 7.45
N GLU T 142 -47.73 -27.76 8.66
CA GLU T 142 -48.32 -28.95 9.27
C GLU T 142 -49.79 -29.10 8.93
N ASN T 143 -50.46 -28.00 8.54
CA ASN T 143 -51.75 -28.06 7.85
C ASN T 143 -51.53 -28.12 6.34
N SER T 144 -50.69 -29.05 5.94
CA SER T 144 -50.17 -29.11 4.58
C SER T 144 -49.63 -30.52 4.32
N PHE T 145 -48.99 -30.67 3.17
CA PHE T 145 -48.75 -31.96 2.57
C PHE T 145 -47.32 -32.19 2.09
N ALA T 146 -46.60 -31.14 1.74
CA ALA T 146 -45.25 -31.30 1.24
C ALA T 146 -44.24 -30.74 2.23
N PRO T 147 -42.99 -31.16 2.17
CA PRO T 147 -41.92 -30.39 2.79
C PRO T 147 -41.74 -29.08 2.08
N TRP T 148 -41.08 -28.13 2.76
CA TRP T 148 -40.86 -26.81 2.17
C TRP T 148 -39.92 -26.89 0.98
N GLY T 149 -39.01 -27.86 0.97
CA GLY T 149 -38.20 -28.09 -0.21
C GLY T 149 -39.01 -28.61 -1.38
N SER T 150 -39.96 -29.52 -1.09
CA SER T 150 -40.83 -30.05 -2.13
C SER T 150 -41.88 -29.08 -2.57
N LEU T 151 -42.05 -27.97 -1.86
CA LEU T 151 -43.02 -26.94 -2.18
C LEU T 151 -42.41 -25.74 -2.88
N LEU T 152 -41.16 -25.40 -2.52
CA LEU T 152 -40.48 -24.27 -3.17
C LEU T 152 -40.02 -24.62 -4.57
N ALA T 153 -39.71 -25.89 -4.82
CA ALA T 153 -39.24 -26.28 -6.13
C ALA T 153 -40.37 -26.27 -7.16
N VAL T 154 -41.58 -26.67 -6.75
CA VAL T 154 -42.73 -26.55 -7.62
C VAL T 154 -43.12 -25.08 -7.74
N GLN T 155 -42.89 -24.29 -6.69
CA GLN T 155 -43.09 -22.85 -6.76
C GLN T 155 -42.19 -22.20 -7.81
N LEU T 156 -40.89 -22.48 -7.76
CA LEU T 156 -39.96 -21.88 -8.69
C LEU T 156 -40.14 -22.42 -10.10
N PHE T 157 -40.76 -23.57 -10.26
CA PHE T 157 -41.17 -23.99 -11.60
C PHE T 157 -42.35 -23.16 -12.08
N LEU T 158 -43.37 -23.01 -11.23
CA LEU T 158 -44.56 -22.26 -11.62
C LEU T 158 -44.27 -20.77 -11.76
N CYS T 159 -43.51 -20.21 -10.83
CA CYS T 159 -43.15 -18.80 -10.94
C CYS T 159 -42.11 -18.57 -12.02
N GLY T 160 -41.24 -19.55 -12.25
CA GLY T 160 -40.18 -19.36 -13.22
C GLY T 160 -40.66 -19.40 -14.64
N PHE T 161 -41.74 -20.11 -14.91
CA PHE T 161 -42.31 -20.06 -16.25
C PHE T 161 -42.94 -18.70 -16.53
N VAL T 162 -43.49 -18.04 -15.50
CA VAL T 162 -44.07 -16.72 -15.67
C VAL T 162 -42.99 -15.68 -15.86
N GLU T 163 -42.04 -15.65 -14.92
CA GLU T 163 -41.00 -14.62 -14.89
C GLU T 163 -40.11 -14.66 -16.12
N ALA T 164 -39.82 -15.86 -16.63
CA ALA T 164 -39.02 -15.96 -17.84
C ALA T 164 -39.79 -15.59 -19.09
N LYS T 165 -41.12 -15.49 -19.02
CA LYS T 165 -41.88 -14.95 -20.14
C LYS T 165 -41.98 -13.44 -20.05
N ARG T 166 -42.05 -12.93 -18.83
CA ARG T 166 -41.99 -11.49 -18.63
C ARG T 166 -40.59 -10.96 -18.95
N TRP T 167 -39.56 -11.76 -18.68
CA TRP T 167 -38.18 -11.42 -19.05
C TRP T 167 -38.05 -11.14 -20.54
N GLN T 168 -38.58 -12.03 -21.37
CA GLN T 168 -38.43 -11.88 -22.82
C GLN T 168 -39.36 -10.80 -23.36
N ASP T 169 -40.48 -10.53 -22.67
CA ASP T 169 -41.32 -9.44 -23.12
C ASP T 169 -40.73 -8.08 -22.77
N ILE T 170 -39.92 -8.00 -21.73
CA ILE T 170 -39.19 -6.77 -21.47
C ILE T 170 -38.11 -6.57 -22.54
N ARG T 171 -37.42 -7.64 -22.91
CA ARG T 171 -36.35 -7.56 -23.91
C ARG T 171 -36.90 -7.19 -25.27
N LYS T 172 -38.07 -7.69 -25.60
CA LYS T 172 -38.71 -7.35 -26.86
C LYS T 172 -40.21 -7.33 -26.61
N PRO T 173 -40.83 -6.15 -26.58
CA PRO T 173 -42.28 -6.09 -26.33
C PRO T 173 -43.08 -6.71 -27.45
N GLY T 174 -44.11 -7.45 -27.06
CA GLY T 174 -44.81 -8.28 -28.02
C GLY T 174 -44.04 -9.51 -28.41
N SER T 175 -43.17 -10.00 -27.52
CA SER T 175 -42.50 -11.28 -27.77
C SER T 175 -43.51 -12.42 -27.75
N GLN T 176 -44.27 -12.53 -26.68
CA GLN T 176 -45.16 -13.66 -26.49
C GLN T 176 -46.44 -13.54 -27.29
N GLY T 177 -46.62 -12.46 -28.04
CA GLY T 177 -47.73 -12.34 -28.96
C GLY T 177 -47.50 -12.93 -30.32
N GLU T 178 -46.36 -13.57 -30.55
CA GLU T 178 -46.11 -14.18 -31.85
C GLU T 178 -46.93 -15.47 -31.97
N PRO T 179 -47.43 -15.80 -33.16
CA PRO T 179 -48.33 -16.96 -33.28
C PRO T 179 -47.60 -18.28 -33.11
N GLY T 180 -48.29 -19.23 -32.53
CA GLY T 180 -47.75 -20.56 -32.34
C GLY T 180 -46.99 -20.76 -31.07
N SER T 181 -46.91 -19.76 -30.20
CA SER T 181 -46.28 -19.92 -28.91
C SER T 181 -47.13 -20.82 -28.04
N PHE T 182 -48.33 -20.36 -27.75
CA PHE T 182 -49.27 -21.10 -26.94
C PHE T 182 -50.32 -21.79 -27.80
N LEU T 183 -51.28 -22.36 -27.12
CA LEU T 183 -52.34 -23.14 -27.74
C LEU T 183 -53.56 -22.24 -27.96
N GLY T 184 -53.34 -21.22 -28.78
CA GLY T 184 -54.32 -20.19 -29.03
C GLY T 184 -54.35 -19.09 -27.99
N PHE T 185 -53.67 -19.25 -26.87
CA PHE T 185 -53.71 -18.26 -25.80
C PHE T 185 -52.66 -17.18 -25.99
N GLU T 186 -51.71 -17.36 -26.91
CA GLU T 186 -50.62 -16.41 -27.08
C GLU T 186 -51.03 -15.11 -27.75
N ALA T 187 -52.27 -15.02 -28.24
CA ALA T 187 -52.70 -13.80 -28.91
C ALA T 187 -52.87 -12.65 -27.94
N SER T 188 -53.33 -12.94 -26.73
CA SER T 188 -53.70 -11.92 -25.76
C SER T 188 -52.52 -11.46 -24.92
N LEU T 189 -51.29 -11.74 -25.35
CA LEU T 189 -50.11 -11.55 -24.53
C LEU T 189 -49.14 -10.56 -25.15
N LYS T 190 -49.64 -9.64 -25.96
CA LYS T 190 -48.83 -8.58 -26.52
C LYS T 190 -48.67 -7.39 -25.58
N GLY T 191 -49.36 -7.39 -24.46
CA GLY T 191 -49.25 -6.26 -23.57
C GLY T 191 -50.00 -5.07 -24.11
N THR T 192 -49.53 -3.90 -23.71
CA THR T 192 -49.98 -2.63 -24.28
C THR T 192 -48.81 -1.98 -25.00
N SER T 193 -49.03 -0.75 -25.45
CA SER T 193 -47.99 0.01 -26.12
C SER T 193 -46.86 0.41 -25.19
N GLU T 194 -47.09 0.35 -23.88
CA GLU T 194 -46.06 0.56 -22.88
C GLU T 194 -45.98 -0.66 -21.98
N LEU T 195 -44.76 -1.01 -21.60
CA LEU T 195 -44.52 -2.27 -20.91
C LEU T 195 -44.66 -2.10 -19.41
N GLY T 196 -44.87 -3.23 -18.74
CA GLY T 196 -45.22 -3.25 -17.34
C GLY T 196 -46.70 -3.23 -17.09
N TYR T 197 -47.50 -3.03 -18.13
CA TYR T 197 -48.95 -2.96 -18.00
C TYR T 197 -49.52 -3.83 -19.11
N PRO T 198 -49.64 -5.14 -18.85
CA PRO T 198 -50.04 -6.05 -19.93
C PRO T 198 -51.50 -5.96 -20.34
N GLY T 199 -52.41 -5.91 -19.38
CA GLY T 199 -53.82 -5.90 -19.75
C GLY T 199 -54.28 -7.24 -20.28
N GLY T 200 -55.35 -7.21 -21.06
CA GLY T 200 -55.89 -8.39 -21.68
C GLY T 200 -56.49 -9.34 -20.68
N PRO T 201 -55.87 -10.51 -20.52
CA PRO T 201 -56.27 -11.43 -19.46
C PRO T 201 -55.81 -11.02 -18.07
N PHE T 202 -54.99 -9.97 -17.97
CA PHE T 202 -54.61 -9.41 -16.69
C PHE T 202 -55.48 -8.23 -16.31
N ASP T 203 -56.50 -7.92 -17.11
CA ASP T 203 -57.47 -6.88 -16.80
C ASP T 203 -58.85 -7.50 -17.05
N PRO T 204 -59.40 -8.20 -16.06
CA PRO T 204 -60.75 -8.75 -16.24
C PRO T 204 -61.83 -7.71 -16.18
N LEU T 205 -61.67 -6.67 -15.36
CA LEU T 205 -62.69 -5.65 -15.22
C LEU T 205 -62.62 -4.59 -16.31
N GLY T 206 -61.53 -4.50 -17.05
CA GLY T 206 -61.47 -3.62 -18.19
C GLY T 206 -61.36 -2.15 -17.82
N LEU T 207 -60.37 -1.83 -16.99
CA LEU T 207 -60.10 -0.45 -16.61
C LEU T 207 -59.07 0.21 -17.52
N SER T 208 -58.45 -0.55 -18.41
CA SER T 208 -57.33 -0.01 -19.18
C SER T 208 -57.80 0.91 -20.28
N LYS T 209 -58.96 0.62 -20.88
CA LYS T 209 -59.37 1.26 -22.13
C LYS T 209 -60.08 2.57 -21.84
N GLU T 210 -59.29 3.53 -21.34
CA GLU T 210 -59.78 4.88 -21.05
C GLU T 210 -59.02 5.94 -21.81
N ALA T 211 -57.67 5.91 -21.73
CA ALA T 211 -56.66 6.86 -22.22
C ALA T 211 -56.70 8.21 -21.50
N ASP T 212 -57.68 8.44 -20.64
CA ASP T 212 -57.68 9.51 -19.65
C ASP T 212 -58.46 8.96 -18.48
N LYS T 213 -58.01 9.32 -17.26
CA LYS T 213 -58.11 8.66 -15.95
C LYS T 213 -57.04 7.57 -15.88
N TRP T 214 -56.28 7.35 -16.95
CA TRP T 214 -55.32 6.25 -16.99
C TRP T 214 -54.03 6.57 -16.27
N ALA T 215 -53.52 7.80 -16.40
CA ALA T 215 -52.35 8.17 -15.62
C ALA T 215 -52.65 8.27 -14.14
N ASP T 216 -53.93 8.42 -13.78
CA ASP T 216 -54.33 8.35 -12.38
C ASP T 216 -54.13 6.95 -11.83
N TRP T 217 -54.66 5.94 -12.53
CA TRP T 217 -54.55 4.56 -12.05
C TRP T 217 -53.11 4.09 -12.03
N LYS T 218 -52.29 4.62 -12.93
CA LYS T 218 -50.84 4.42 -12.85
C LYS T 218 -50.31 4.96 -11.53
N LEU T 219 -50.53 6.25 -11.29
CA LEU T 219 -49.91 6.93 -10.16
C LEU T 219 -50.55 6.52 -8.84
N LYS T 220 -51.78 6.00 -8.87
CA LYS T 220 -52.35 5.45 -7.65
C LYS T 220 -51.74 4.09 -7.34
N GLU T 221 -51.38 3.32 -8.37
CA GLU T 221 -50.75 2.03 -8.17
C GLU T 221 -49.35 2.18 -7.60
N VAL T 222 -48.62 3.18 -8.08
CA VAL T 222 -47.24 3.34 -7.66
C VAL T 222 -47.17 3.87 -6.23
N LYS T 223 -48.07 4.80 -5.89
CA LYS T 223 -48.02 5.40 -4.57
C LYS T 223 -48.53 4.47 -3.47
N ASN T 224 -49.60 3.72 -3.74
CA ASN T 224 -49.93 2.60 -2.85
C ASN T 224 -48.87 1.52 -2.93
N GLY T 225 -48.14 1.43 -4.04
CA GLY T 225 -47.09 0.44 -4.12
C GLY T 225 -45.84 0.82 -3.36
N ARG T 226 -45.42 2.08 -3.47
CA ARG T 226 -44.23 2.54 -2.76
C ARG T 226 -44.48 2.61 -1.26
N LEU T 227 -45.71 2.88 -0.86
CA LEU T 227 -46.05 2.86 0.55
C LEU T 227 -46.01 1.45 1.09
N ALA T 228 -46.37 0.46 0.27
CA ALA T 228 -46.37 -0.91 0.75
C ALA T 228 -44.95 -1.46 0.85
N MET T 229 -44.05 -1.00 -0.01
CA MET T 229 -42.66 -1.43 0.10
C MET T 229 -42.03 -0.88 1.37
N LEU T 230 -42.35 0.36 1.75
CA LEU T 230 -41.91 0.86 3.03
C LEU T 230 -42.64 0.17 4.18
N ALA T 231 -43.84 -0.34 3.92
CA ALA T 231 -44.56 -1.06 4.96
C ALA T 231 -43.90 -2.39 5.27
N PHE T 232 -43.39 -3.08 4.25
CA PHE T 232 -42.74 -4.35 4.49
C PHE T 232 -41.36 -4.15 5.10
N LEU T 233 -40.62 -3.14 4.61
CA LEU T 233 -39.38 -2.75 5.27
C LEU T 233 -39.64 -2.26 6.69
N GLY T 234 -40.82 -1.72 6.93
CA GLY T 234 -41.33 -1.56 8.27
C GLY T 234 -41.42 -2.89 8.96
N PHE T 235 -42.25 -3.79 8.47
CA PHE T 235 -42.63 -5.03 9.15
C PHE T 235 -41.42 -5.86 9.58
N VAL T 236 -40.39 -5.92 8.74
CA VAL T 236 -39.16 -6.63 9.10
C VAL T 236 -38.44 -5.91 10.23
N ALA T 237 -38.38 -4.59 10.14
CA ALA T 237 -37.65 -3.81 11.14
C ALA T 237 -38.40 -3.74 12.46
N GLN T 238 -39.73 -3.73 12.44
CA GLN T 238 -40.48 -3.66 13.69
C GLN T 238 -40.76 -5.07 14.19
N LYS T 239 -40.07 -6.08 13.66
CA LYS T 239 -40.02 -7.44 14.19
C LYS T 239 -38.67 -7.77 14.80
N TYR T 240 -37.62 -7.25 14.22
CA TYR T 240 -36.29 -7.36 14.82
C TYR T 240 -36.20 -6.54 16.09
N ALA T 241 -36.67 -5.29 16.04
CA ALA T 241 -36.41 -4.34 17.12
C ALA T 241 -37.24 -4.62 18.36
N THR T 242 -38.42 -5.22 18.21
CA THR T 242 -39.26 -5.45 19.38
C THR T 242 -39.89 -6.83 19.45
N GLY T 243 -39.90 -7.62 18.38
CA GLY T 243 -40.37 -8.99 18.45
C GLY T 243 -41.86 -9.16 18.55
N ALA T 244 -42.64 -8.09 18.55
CA ALA T 244 -44.09 -8.17 18.62
C ALA T 244 -44.66 -8.07 17.21
N GLY T 245 -45.98 -8.02 17.14
CA GLY T 245 -46.67 -7.95 15.87
C GLY T 245 -46.74 -6.52 15.37
N PRO T 246 -46.97 -6.36 14.07
CA PRO T 246 -47.12 -5.00 13.54
C PRO T 246 -48.38 -4.30 14.00
N VAL T 247 -49.49 -5.02 14.10
CA VAL T 247 -50.67 -4.42 14.71
C VAL T 247 -50.46 -4.24 16.21
N ASP T 248 -49.67 -5.14 16.80
CA ASP T 248 -49.28 -4.99 18.21
C ASP T 248 -48.42 -3.75 18.41
N ASN T 249 -47.55 -3.44 17.44
CA ASN T 249 -46.79 -2.20 17.51
C ASN T 249 -47.66 -0.99 17.23
N LEU T 250 -48.73 -1.17 16.46
CA LEU T 250 -49.66 -0.07 16.26
C LEU T 250 -50.50 0.15 17.51
N ALA T 251 -50.86 -0.93 18.20
CA ALA T 251 -51.58 -0.81 19.45
C ALA T 251 -50.71 -0.22 20.54
N ALA T 252 -49.41 -0.53 20.51
CA ALA T 252 -48.51 0.00 21.51
C ALA T 252 -48.26 1.50 21.30
N HIS T 253 -48.22 1.94 20.04
CA HIS T 253 -48.03 3.36 19.78
C HIS T 253 -49.30 4.16 20.03
N LEU T 254 -50.47 3.56 19.89
CA LEU T 254 -51.68 4.33 20.13
C LEU T 254 -51.99 4.48 21.60
N LYS T 255 -51.66 3.49 22.43
CA LYS T 255 -51.95 3.62 23.84
C LYS T 255 -50.95 4.50 24.56
N ASP T 256 -49.78 4.72 23.97
CA ASP T 256 -48.75 5.58 24.57
C ASP T 256 -47.85 6.06 23.45
N PRO T 257 -48.22 7.15 22.77
CA PRO T 257 -47.37 7.63 21.68
C PRO T 257 -46.07 8.21 22.15
N TRP T 258 -46.11 8.90 23.28
CA TRP T 258 -44.99 9.74 23.69
C TRP T 258 -43.97 8.99 24.50
N HIS T 259 -44.11 7.67 24.65
CA HIS T 259 -43.07 6.85 25.27
C HIS T 259 -42.77 5.55 24.55
N VAL T 260 -43.66 5.07 23.69
CA VAL T 260 -43.49 3.76 23.07
C VAL T 260 -43.27 4.00 21.58
N ASN T 261 -42.00 4.01 21.17
CA ASN T 261 -41.62 4.23 19.77
C ASN T 261 -40.22 3.66 19.56
N TYR T 262 -39.59 4.03 18.43
CA TYR T 262 -38.22 3.61 18.18
C TYR T 262 -37.20 4.46 18.91
N ALA T 263 -37.63 5.45 19.68
CA ALA T 263 -36.73 6.13 20.58
C ALA T 263 -36.61 5.42 21.92
N THR T 264 -37.38 4.36 22.11
CA THR T 264 -37.36 3.63 23.36
C THR T 264 -37.08 2.16 23.06
N ASN T 265 -36.06 1.93 22.24
CA ASN T 265 -35.45 0.62 22.07
C ASN T 265 -34.00 0.83 21.64
N GLY T 266 -33.25 -0.26 21.53
CA GLY T 266 -31.83 -0.13 21.28
C GLY T 266 -31.41 -0.10 19.83
N VAL T 267 -32.09 0.69 19.00
CA VAL T 267 -31.75 0.71 17.58
C VAL T 267 -31.66 2.13 16.99
N SER T 268 -32.24 3.13 17.64
CA SER T 268 -31.83 4.52 17.51
C SER T 268 -30.86 4.89 18.63
N LEU T 269 -29.83 4.07 18.79
CA LEU T 269 -28.88 4.26 19.88
C LEU T 269 -27.87 5.35 19.49
N PRO T 270 -27.51 6.24 20.44
CA PRO T 270 -26.71 7.43 20.11
C PRO T 270 -25.27 7.12 19.69
N ARG U 9 60.41 -46.66 -43.54
CA ARG U 9 61.02 -47.80 -42.87
C ARG U 9 60.10 -48.29 -41.73
N PRO U 10 60.37 -49.48 -41.15
CA PRO U 10 59.64 -49.86 -39.93
C PRO U 10 60.12 -49.14 -38.68
N MET U 11 59.59 -47.94 -38.42
CA MET U 11 60.05 -47.10 -37.32
C MET U 11 59.86 -47.72 -35.94
N TRP U 12 58.61 -47.84 -35.49
CA TRP U 12 58.30 -48.47 -34.21
C TRP U 12 57.07 -49.36 -34.24
N TYR U 13 56.23 -49.24 -35.26
CA TYR U 13 54.92 -49.84 -35.39
C TYR U 13 54.47 -49.62 -36.83
N PRO U 14 53.79 -50.57 -37.46
CA PRO U 14 53.40 -50.40 -38.87
C PRO U 14 52.35 -49.33 -39.07
N GLY U 15 52.30 -48.81 -40.29
CA GLY U 15 51.23 -47.92 -40.71
C GLY U 15 51.42 -46.45 -40.37
N ALA U 16 51.85 -46.18 -39.13
CA ALA U 16 51.95 -44.81 -38.66
C ALA U 16 53.16 -44.11 -39.27
N THR U 17 53.05 -42.80 -39.39
CA THR U 17 54.09 -41.97 -39.97
C THR U 17 54.96 -41.39 -38.87
N ALA U 18 56.22 -41.13 -39.19
CA ALA U 18 57.04 -40.36 -38.27
C ALA U 18 56.64 -38.89 -38.34
N PRO U 19 56.61 -38.18 -37.21
CA PRO U 19 56.27 -36.76 -37.23
C PRO U 19 57.37 -35.94 -37.90
N ALA U 20 56.99 -34.72 -38.30
CA ALA U 20 57.77 -33.92 -39.25
C ALA U 20 59.12 -33.48 -38.71
N HIS U 21 59.30 -33.45 -37.39
CA HIS U 21 60.58 -33.06 -36.82
C HIS U 21 61.57 -34.22 -36.73
N LEU U 22 61.15 -35.44 -37.03
CA LEU U 22 62.05 -36.59 -37.04
C LEU U 22 62.50 -36.86 -38.47
N ASP U 23 63.39 -35.98 -38.95
CA ASP U 23 63.88 -36.03 -40.32
C ASP U 23 65.25 -36.69 -40.43
N GLY U 24 65.60 -37.54 -39.47
CA GLY U 24 66.90 -38.17 -39.50
C GLY U 24 68.06 -37.26 -39.18
N SER U 25 67.80 -36.10 -38.55
CA SER U 25 68.88 -35.24 -38.07
C SER U 25 69.69 -35.95 -37.00
N MET U 26 69.01 -36.48 -35.98
CA MET U 26 69.57 -37.56 -35.19
C MET U 26 69.43 -38.86 -35.97
N LEU U 27 70.47 -39.69 -35.92
CA LEU U 27 70.49 -40.94 -36.66
C LEU U 27 69.44 -41.90 -36.12
N GLY U 28 68.73 -42.57 -37.04
CA GLY U 28 67.67 -43.44 -36.60
C GLY U 28 66.46 -42.71 -36.08
N ASP U 29 65.69 -42.08 -36.96
CA ASP U 29 64.36 -41.60 -36.63
C ASP U 29 63.42 -42.81 -36.54
N TYR U 30 63.21 -43.31 -35.32
CA TYR U 30 62.38 -44.49 -35.09
C TYR U 30 60.93 -44.14 -34.77
N GLY U 31 60.49 -42.94 -35.11
CA GLY U 31 59.10 -42.54 -35.07
C GLY U 31 58.46 -42.51 -33.69
N PHE U 32 59.24 -42.59 -32.62
CA PHE U 32 58.69 -42.75 -31.29
C PHE U 32 58.72 -41.39 -30.60
N ASP U 33 57.69 -40.60 -30.88
CA ASP U 33 57.46 -39.36 -30.14
C ASP U 33 55.96 -39.11 -30.14
N PRO U 34 55.22 -39.73 -29.22
CA PRO U 34 53.78 -39.49 -29.15
C PRO U 34 53.40 -38.22 -28.43
N LEU U 35 54.26 -37.70 -27.57
CA LEU U 35 54.01 -36.45 -26.87
C LEU U 35 54.61 -35.25 -27.58
N ARG U 36 55.13 -35.45 -28.80
CA ARG U 36 55.64 -34.41 -29.70
C ARG U 36 56.79 -33.63 -29.06
N LEU U 37 57.62 -34.32 -28.27
CA LEU U 37 58.69 -33.69 -27.50
C LEU U 37 60.02 -33.69 -28.24
N GLY U 38 59.99 -33.56 -29.56
CA GLY U 38 61.19 -33.37 -30.34
C GLY U 38 61.02 -32.23 -31.33
N VAL U 39 60.13 -31.28 -31.01
CA VAL U 39 59.87 -30.17 -31.93
C VAL U 39 60.94 -29.08 -31.79
N ASN U 40 61.17 -28.62 -30.57
CA ASN U 40 62.13 -27.54 -30.33
C ASN U 40 63.55 -28.04 -30.48
N LYS U 41 64.27 -27.48 -31.44
CA LYS U 41 65.62 -27.93 -31.75
C LYS U 41 66.61 -27.54 -30.66
N ASP U 42 66.33 -26.46 -29.92
CA ASP U 42 67.15 -26.09 -28.78
C ASP U 42 67.05 -27.13 -27.68
N ASN U 43 65.85 -27.66 -27.47
CA ASN U 43 65.69 -28.78 -26.55
C ASN U 43 66.16 -30.09 -27.17
N LEU U 44 66.00 -30.24 -28.50
CA LEU U 44 66.36 -31.48 -29.17
C LEU U 44 67.86 -31.73 -29.15
N LYS U 45 68.67 -30.66 -29.03
CA LYS U 45 70.09 -30.83 -28.75
C LYS U 45 70.32 -31.50 -27.40
N TRP U 46 69.50 -31.14 -26.40
CA TRP U 46 69.65 -31.74 -25.08
C TRP U 46 69.10 -33.16 -25.03
N PHE U 47 67.99 -33.42 -25.73
CA PHE U 47 67.37 -34.75 -25.66
C PHE U 47 68.12 -35.81 -26.44
N ARG U 48 69.02 -35.41 -27.34
CA ARG U 48 69.99 -36.35 -27.90
C ARG U 48 70.90 -36.87 -26.81
N GLU U 49 71.53 -35.96 -26.07
CA GLU U 49 72.40 -36.34 -24.97
C GLU U 49 71.63 -36.90 -23.79
N ALA U 50 70.33 -36.60 -23.68
CA ALA U 50 69.53 -37.22 -22.64
C ALA U 50 69.29 -38.69 -22.94
N GLU U 51 69.21 -39.05 -24.22
CA GLU U 51 69.15 -40.45 -24.62
C GLU U 51 70.53 -41.10 -24.61
N LEU U 52 71.59 -40.30 -24.66
CA LEU U 52 72.92 -40.86 -24.51
C LEU U 52 73.26 -41.05 -23.03
N THR U 53 73.30 -39.95 -22.27
CA THR U 53 73.92 -39.95 -20.95
C THR U 53 73.12 -40.73 -19.91
N ASN U 54 71.81 -40.89 -20.12
CA ASN U 54 71.06 -41.84 -19.31
C ASN U 54 71.38 -43.29 -19.66
N GLY U 55 72.09 -43.53 -20.75
CA GLY U 55 72.53 -44.87 -21.10
C GLY U 55 74.03 -45.05 -21.03
N ARG U 56 74.79 -43.94 -21.00
CA ARG U 56 76.25 -44.05 -20.93
C ARG U 56 76.70 -44.65 -19.61
N TRP U 57 76.08 -44.25 -18.51
CA TRP U 57 76.36 -44.86 -17.23
C TRP U 57 75.60 -46.18 -17.05
N ALA U 58 74.35 -46.23 -17.53
CA ALA U 58 73.48 -47.36 -17.26
C ALA U 58 73.87 -48.60 -18.06
N MET U 59 74.64 -48.44 -19.13
CA MET U 59 75.23 -49.60 -19.79
C MET U 59 76.26 -50.26 -18.88
N ALA U 60 77.23 -49.49 -18.39
CA ALA U 60 78.24 -50.06 -17.51
C ALA U 60 77.69 -50.37 -16.13
N ALA U 61 76.58 -49.74 -15.75
CA ALA U 61 75.95 -50.04 -14.46
C ALA U 61 75.33 -51.43 -14.47
N VAL U 62 74.68 -51.80 -15.57
CA VAL U 62 73.91 -53.03 -15.61
C VAL U 62 74.84 -54.22 -15.86
N VAL U 63 75.85 -54.05 -16.71
CA VAL U 63 76.88 -55.06 -16.85
C VAL U 63 77.69 -55.18 -15.57
N GLY U 64 77.93 -54.05 -14.88
CA GLY U 64 78.70 -54.06 -13.66
C GLY U 64 78.04 -54.78 -12.51
N ILE U 65 76.71 -54.89 -12.54
CA ILE U 65 76.03 -55.69 -11.52
C ILE U 65 75.77 -57.12 -11.99
N LEU U 66 75.47 -57.32 -13.28
CA LEU U 66 75.24 -58.67 -13.81
C LEU U 66 76.52 -59.49 -13.81
N PHE U 67 77.68 -58.82 -13.83
CA PHE U 67 78.92 -59.53 -13.51
C PHE U 67 78.94 -59.97 -12.06
N THR U 68 78.52 -59.09 -11.15
CA THR U 68 78.83 -59.20 -9.73
C THR U 68 77.58 -59.25 -8.85
N ASP U 69 76.56 -60.01 -9.25
CA ASP U 69 75.47 -60.28 -8.32
C ASP U 69 75.80 -61.45 -7.41
N ALA U 70 75.90 -62.64 -7.99
CA ALA U 70 76.26 -63.85 -7.24
C ALA U 70 77.72 -64.23 -7.47
N VAL U 71 78.64 -63.36 -7.06
CA VAL U 71 80.04 -63.76 -7.04
C VAL U 71 80.58 -63.61 -5.64
N GLY U 72 80.69 -62.36 -5.16
CA GLY U 72 81.21 -62.11 -3.83
C GLY U 72 80.63 -60.88 -3.18
N LEU U 73 79.57 -60.32 -3.77
CA LEU U 73 79.13 -59.00 -3.38
C LEU U 73 77.65 -59.00 -3.01
N PRO U 74 77.23 -58.14 -2.06
CA PRO U 74 75.81 -58.07 -1.68
C PRO U 74 74.96 -57.31 -2.68
N LYS U 75 73.70 -57.09 -2.30
CA LYS U 75 72.76 -56.36 -3.14
C LYS U 75 73.15 -54.90 -3.26
N PHE U 76 72.95 -54.33 -4.45
CA PHE U 76 73.26 -52.92 -4.68
C PHE U 76 72.35 -51.98 -3.89
N TRP U 77 71.18 -52.46 -3.47
CA TRP U 77 70.37 -51.72 -2.52
C TRP U 77 71.05 -51.64 -1.15
N THR U 78 71.83 -52.67 -0.78
CA THR U 78 72.57 -52.67 0.47
C THR U 78 74.05 -52.38 0.29
N ALA U 79 74.52 -52.21 -0.94
CA ALA U 79 75.93 -51.88 -1.15
C ALA U 79 76.24 -50.47 -0.70
N GLY U 80 75.26 -49.58 -0.72
CA GLY U 80 75.48 -48.22 -0.29
C GLY U 80 75.54 -48.07 1.21
N ALA U 81 74.61 -48.74 1.92
CA ALA U 81 74.54 -48.69 3.37
C ALA U 81 75.39 -49.77 4.03
N GLU U 82 76.43 -50.21 3.36
CA GLU U 82 77.41 -51.12 3.93
C GLU U 82 78.45 -50.33 4.70
N LYS U 83 78.96 -50.91 5.79
CA LYS U 83 79.92 -50.23 6.64
C LYS U 83 81.31 -50.17 6.00
N TYR U 84 81.57 -49.07 5.30
CA TYR U 84 82.85 -48.78 4.68
C TYR U 84 83.74 -48.05 5.70
N ALA U 85 84.83 -47.45 5.22
CA ALA U 85 85.71 -46.65 6.05
C ALA U 85 85.51 -45.17 5.75
N LEU U 86 85.58 -44.34 6.81
CA LEU U 86 85.54 -42.88 6.74
C LEU U 86 84.23 -42.40 6.11
N ASP U 87 83.16 -42.50 6.91
CA ASP U 87 81.74 -42.57 6.53
C ASP U 87 81.35 -41.66 5.38
N ASN U 88 80.49 -42.17 4.50
CA ASN U 88 80.34 -41.74 3.11
C ASN U 88 79.82 -40.32 2.94
N GLN U 89 79.42 -39.61 3.98
CA GLN U 89 79.19 -38.18 3.83
C GLN U 89 80.51 -37.43 3.62
N THR U 90 81.60 -37.94 4.20
CA THR U 90 82.92 -37.41 3.87
C THR U 90 83.34 -37.86 2.48
N LEU U 91 83.04 -39.11 2.11
CA LEU U 91 83.30 -39.55 0.73
C LEU U 91 82.40 -38.86 -0.28
N ALA U 92 81.21 -38.40 0.14
CA ALA U 92 80.38 -37.59 -0.76
C ALA U 92 81.01 -36.24 -1.04
N LEU U 93 81.84 -35.74 -0.12
CA LEU U 93 82.60 -34.54 -0.39
C LEU U 93 83.68 -34.80 -1.44
N ILE U 94 84.19 -36.02 -1.51
CA ILE U 94 85.04 -36.41 -2.64
C ILE U 94 84.18 -36.67 -3.87
N GLU U 95 83.18 -37.54 -3.76
CA GLU U 95 82.50 -38.11 -4.90
C GLU U 95 81.51 -37.15 -5.56
N VAL U 96 81.32 -35.96 -4.98
CA VAL U 96 80.62 -34.90 -5.71
C VAL U 96 81.61 -33.91 -6.32
N ALA U 97 82.61 -33.46 -5.55
CA ALA U 97 83.54 -32.43 -6.00
C ALA U 97 84.51 -32.91 -7.07
N VAL U 98 84.78 -34.21 -7.15
CA VAL U 98 85.66 -34.73 -8.19
C VAL U 98 84.90 -34.89 -9.50
N PHE U 99 83.68 -35.41 -9.44
CA PHE U 99 82.88 -35.56 -10.66
C PHE U 99 82.33 -34.23 -11.16
N ALA U 100 82.27 -33.20 -10.31
CA ALA U 100 81.91 -31.88 -10.78
C ALA U 100 83.00 -31.27 -11.65
N VAL U 101 84.26 -31.69 -11.43
CA VAL U 101 85.35 -31.29 -12.31
C VAL U 101 85.19 -31.89 -13.69
N LEU U 102 84.63 -33.11 -13.76
CA LEU U 102 84.34 -33.73 -15.06
C LEU U 102 83.22 -32.99 -15.77
N GLU U 103 82.18 -32.59 -15.02
CA GLU U 103 81.11 -31.80 -15.62
C GLU U 103 81.58 -30.39 -15.97
N GLY U 104 82.58 -29.88 -15.24
CA GLY U 104 83.16 -28.59 -15.58
C GLY U 104 84.01 -28.65 -16.84
N LYS U 105 84.67 -29.78 -17.09
CA LYS U 105 85.35 -29.96 -18.36
C LYS U 105 84.35 -30.03 -19.51
N ARG U 106 83.27 -30.77 -19.31
CA ARG U 106 82.28 -30.99 -20.35
C ARG U 106 81.31 -29.83 -20.51
N TYR U 107 81.38 -28.81 -19.64
CA TYR U 107 80.43 -27.70 -19.74
C TYR U 107 80.71 -26.84 -20.96
N GLU U 108 81.97 -26.72 -21.37
CA GLU U 108 82.30 -26.06 -22.63
C GLU U 108 82.18 -27.00 -23.83
N ILE U 109 81.69 -28.22 -23.62
CA ILE U 109 81.53 -29.18 -24.68
C ILE U 109 80.05 -29.42 -25.03
N TYR U 110 79.12 -29.02 -24.15
CA TYR U 110 77.70 -29.11 -24.49
C TYR U 110 77.32 -28.13 -25.60
N LYS U 111 77.73 -26.87 -25.45
CA LYS U 111 77.11 -25.76 -26.18
C LYS U 111 77.92 -25.29 -27.37
N LYS U 112 79.22 -25.08 -27.20
CA LYS U 112 80.00 -24.37 -28.21
C LYS U 112 80.34 -25.27 -29.39
N THR U 113 81.12 -26.32 -29.15
CA THR U 113 81.61 -27.20 -30.19
C THR U 113 81.57 -28.65 -29.71
N GLY U 114 81.45 -29.57 -30.66
CA GLY U 114 81.67 -30.98 -30.35
C GLY U 114 80.61 -31.68 -29.51
N GLU U 115 79.45 -31.99 -30.11
CA GLU U 115 78.39 -32.70 -29.38
C GLU U 115 78.89 -34.03 -28.84
N THR U 116 78.54 -34.32 -27.59
CA THR U 116 79.20 -35.36 -26.82
C THR U 116 78.81 -36.75 -27.32
N GLY U 117 79.60 -37.73 -26.91
CA GLY U 117 79.48 -39.08 -27.41
C GLY U 117 80.44 -39.36 -28.56
N PHE U 118 80.26 -38.69 -29.70
CA PHE U 118 81.15 -38.89 -30.84
C PHE U 118 82.15 -37.73 -30.94
N LEU U 119 83.09 -37.74 -29.99
CA LEU U 119 84.19 -36.77 -29.97
C LEU U 119 85.50 -37.36 -30.44
N SER U 120 85.83 -38.57 -29.97
CA SER U 120 86.97 -39.39 -30.41
C SER U 120 88.31 -38.67 -30.22
N PHE U 121 88.64 -38.42 -28.96
CA PHE U 121 89.95 -37.88 -28.62
C PHE U 121 91.01 -38.98 -28.71
N ALA U 122 92.26 -38.62 -28.42
CA ALA U 122 93.36 -39.57 -28.60
C ALA U 122 93.45 -40.62 -27.47
N PRO U 123 93.30 -40.31 -26.18
CA PRO U 123 93.17 -41.41 -25.22
C PRO U 123 91.75 -41.95 -25.08
N PHE U 124 90.76 -41.33 -25.72
CA PHE U 124 89.37 -41.77 -25.63
C PHE U 124 88.86 -42.43 -26.89
N ASP U 125 89.60 -42.35 -27.99
CA ASP U 125 89.46 -43.27 -29.13
C ASP U 125 90.87 -43.70 -29.53
N PRO U 126 91.52 -44.57 -28.75
CA PRO U 126 92.89 -44.96 -29.11
C PRO U 126 92.96 -45.94 -30.26
N MET U 127 91.85 -46.58 -30.62
CA MET U 127 91.84 -47.58 -31.68
C MET U 127 91.19 -47.09 -32.96
N GLY U 128 90.63 -45.88 -32.96
CA GLY U 128 90.06 -45.31 -34.17
C GLY U 128 88.75 -45.93 -34.61
N MET U 129 87.68 -45.68 -33.86
CA MET U 129 86.37 -46.21 -34.19
C MET U 129 85.78 -45.46 -35.40
N LYS U 130 84.65 -45.97 -35.91
CA LYS U 130 84.26 -45.66 -37.28
C LYS U 130 82.80 -45.27 -37.48
N SER U 131 82.36 -45.29 -38.74
CA SER U 131 81.08 -44.81 -39.24
C SER U 131 79.93 -45.77 -38.97
N GLU U 132 78.85 -45.61 -39.74
CA GLU U 132 77.58 -46.31 -39.56
C GLU U 132 77.73 -47.83 -39.54
N GLU U 133 76.74 -48.47 -38.89
CA GLU U 133 76.61 -49.85 -38.42
C GLU U 133 77.46 -50.09 -37.17
N MET U 134 78.30 -49.12 -36.80
CA MET U 134 78.91 -49.10 -35.48
C MET U 134 78.35 -48.00 -34.59
N LYS U 135 77.60 -47.06 -35.16
CA LYS U 135 76.84 -46.12 -34.33
C LYS U 135 75.53 -46.73 -33.87
N LEU U 136 74.93 -47.61 -34.68
CA LEU U 136 73.68 -48.25 -34.27
C LEU U 136 73.92 -49.31 -33.21
N LYS U 137 75.04 -50.01 -33.27
CA LYS U 137 75.34 -51.04 -32.28
C LYS U 137 75.64 -50.43 -30.91
N GLU U 138 76.24 -49.23 -30.89
CA GLU U 138 76.33 -48.52 -29.63
C GLU U 138 74.96 -47.98 -29.22
N LEU U 139 74.11 -47.64 -30.20
CA LEU U 139 72.78 -47.10 -29.89
C LEU U 139 71.88 -48.17 -29.29
N LYS U 140 71.83 -49.35 -29.92
CA LYS U 140 70.86 -50.37 -29.54
C LYS U 140 71.18 -51.02 -28.21
N ASN U 141 72.46 -51.08 -27.83
CA ASN U 141 72.84 -51.60 -26.52
C ASN U 141 72.49 -50.63 -25.40
N GLY U 142 72.28 -49.36 -25.70
CA GLY U 142 71.96 -48.38 -24.69
C GLY U 142 70.49 -48.36 -24.30
N ARG U 143 69.62 -48.75 -25.23
CA ARG U 143 68.18 -48.77 -24.97
C ARG U 143 67.82 -49.78 -23.90
N LEU U 144 68.10 -51.06 -24.14
CA LEU U 144 67.69 -52.10 -23.20
C LEU U 144 68.54 -52.12 -21.94
N ALA U 145 69.66 -51.40 -21.93
CA ALA U 145 70.37 -51.17 -20.68
C ALA U 145 69.62 -50.19 -19.79
N MET U 146 69.04 -49.15 -20.39
CA MET U 146 68.13 -48.29 -19.65
C MET U 146 66.88 -49.05 -19.22
N LEU U 147 66.39 -49.94 -20.08
CA LEU U 147 65.26 -50.80 -19.70
C LEU U 147 65.65 -51.85 -18.68
N ALA U 148 66.94 -52.12 -18.54
CA ALA U 148 67.38 -53.05 -17.51
C ALA U 148 67.26 -52.43 -16.13
N PHE U 149 67.66 -51.16 -15.98
CA PHE U 149 67.83 -50.58 -14.64
C PHE U 149 66.49 -50.31 -13.96
N LEU U 150 65.49 -49.86 -14.73
CA LEU U 150 64.15 -49.80 -14.17
C LEU U 150 63.49 -51.18 -14.11
N GLY U 151 64.14 -52.22 -14.65
CA GLY U 151 63.73 -53.56 -14.31
C GLY U 151 64.34 -54.04 -13.00
N PHE U 152 65.65 -53.81 -12.82
CA PHE U 152 66.37 -54.35 -11.67
C PHE U 152 65.90 -53.75 -10.36
N CYS U 153 65.54 -52.47 -10.36
CA CYS U 153 64.90 -51.89 -9.18
C CYS U 153 63.56 -52.55 -8.91
N SER U 154 62.80 -52.84 -9.96
CA SER U 154 61.48 -53.43 -9.80
C SER U 154 61.50 -54.94 -9.64
N GLN U 155 62.62 -55.56 -10.00
CA GLN U 155 62.81 -56.99 -9.81
C GLN U 155 63.16 -57.24 -8.34
N ALA U 156 63.91 -56.30 -7.74
CA ALA U 156 64.30 -56.40 -6.34
C ALA U 156 63.20 -55.90 -5.40
N ALA U 157 62.33 -55.01 -5.89
CA ALA U 157 61.23 -54.54 -5.06
C ALA U 157 60.12 -55.56 -4.96
N VAL U 158 59.93 -56.37 -6.00
CA VAL U 158 58.87 -57.37 -6.02
C VAL U 158 59.37 -58.72 -5.52
N TYR U 159 60.53 -59.17 -6.00
CA TYR U 159 61.14 -60.42 -5.58
C TYR U 159 62.42 -60.10 -4.81
N GLY U 160 62.47 -60.48 -3.54
CA GLY U 160 63.62 -60.17 -2.71
C GLY U 160 64.88 -60.98 -2.99
N LYS U 161 64.84 -61.88 -3.97
CA LYS U 161 65.99 -62.73 -4.29
C LYS U 161 66.95 -61.99 -5.22
N GLY U 162 67.92 -62.71 -5.76
CA GLY U 162 68.90 -62.15 -6.65
C GLY U 162 68.43 -62.10 -8.09
N PRO U 163 68.80 -61.03 -8.81
CA PRO U 163 68.31 -60.87 -10.20
C PRO U 163 68.92 -61.86 -11.19
N ILE U 164 70.05 -62.49 -10.86
CA ILE U 164 70.53 -63.60 -11.67
C ILE U 164 69.60 -64.79 -11.55
N GLU U 165 69.23 -65.14 -10.31
CA GLU U 165 68.40 -66.30 -10.06
C GLU U 165 66.92 -66.07 -10.36
N THR U 166 66.52 -64.83 -10.66
CA THR U 166 65.18 -64.60 -11.19
C THR U 166 65.05 -65.15 -12.60
N LEU U 167 66.16 -65.21 -13.34
CA LEU U 167 66.15 -65.83 -14.66
C LEU U 167 65.86 -67.32 -14.54
N GLN U 168 66.49 -67.99 -13.57
CA GLN U 168 66.20 -69.39 -13.31
C GLN U 168 64.82 -69.56 -12.68
N LEU U 169 64.31 -68.52 -12.02
CA LEU U 169 62.97 -68.56 -11.44
C LEU U 169 61.90 -68.53 -12.53
N HIS U 170 62.14 -67.76 -13.59
CA HIS U 170 61.21 -67.75 -14.70
C HIS U 170 61.33 -69.02 -15.54
N LEU U 171 62.52 -69.60 -15.61
CA LEU U 171 62.67 -70.88 -16.30
C LEU U 171 62.14 -72.04 -15.48
N ALA U 172 61.94 -71.85 -14.18
CA ALA U 172 61.32 -72.89 -13.37
C ALA U 172 59.81 -72.95 -13.59
N ASP U 173 59.19 -71.83 -13.94
CA ASP U 173 57.76 -71.76 -14.19
C ASP U 173 57.45 -70.56 -15.07
N PRO U 174 57.34 -70.74 -16.39
CA PRO U 174 56.95 -69.61 -17.24
C PRO U 174 55.52 -69.17 -17.06
N GLY U 175 54.64 -70.06 -16.58
CA GLY U 175 53.24 -69.72 -16.44
C GLY U 175 52.92 -68.87 -15.23
N HIS U 176 53.12 -69.40 -14.03
CA HIS U 176 52.74 -68.67 -12.82
C HIS U 176 53.79 -67.64 -12.43
N ASN U 177 55.06 -68.05 -12.39
CA ASN U 177 56.15 -67.12 -12.05
C ASN U 177 56.35 -66.15 -13.20
N ASN U 178 55.82 -64.95 -13.04
CA ASN U 178 55.94 -63.88 -14.00
C ASN U 178 56.16 -62.58 -13.24
N ILE U 179 56.03 -61.47 -13.97
CA ILE U 179 55.92 -60.15 -13.35
C ILE U 179 54.55 -59.97 -12.69
N TYR U 180 53.57 -60.79 -13.09
CA TYR U 180 52.16 -60.59 -12.74
C TYR U 180 51.97 -61.01 -11.28
N THR U 181 52.14 -60.05 -10.38
CA THR U 181 52.05 -60.28 -8.94
C THR U 181 50.92 -59.49 -8.31
N PRO V 29 17.58 -64.41 -56.92
CA PRO V 29 18.27 -63.63 -55.88
C PRO V 29 17.30 -62.80 -55.03
N THR V 30 16.15 -63.37 -54.71
CA THR V 30 15.15 -62.70 -53.90
C THR V 30 14.95 -63.44 -52.59
N TRP V 31 14.74 -62.69 -51.51
CA TRP V 31 14.38 -63.29 -50.22
C TRP V 31 12.96 -63.84 -50.24
N LEU V 32 12.12 -63.27 -51.13
CA LEU V 32 10.76 -63.64 -51.49
C LEU V 32 10.52 -62.90 -52.79
N PRO V 33 9.80 -63.49 -53.76
CA PRO V 33 9.50 -62.73 -54.99
C PRO V 33 8.50 -61.60 -54.81
N GLY V 34 8.87 -60.57 -54.04
CA GLY V 34 8.03 -59.39 -53.94
C GLY V 34 8.74 -58.11 -54.34
N LEU V 35 10.04 -58.01 -54.08
CA LEU V 35 10.75 -56.74 -54.22
C LEU V 35 12.26 -56.96 -54.18
N ASN V 36 12.99 -55.97 -54.70
CA ASN V 36 14.45 -55.96 -54.73
C ASN V 36 14.90 -54.54 -54.43
N PRO V 37 15.15 -54.22 -53.16
CA PRO V 37 15.25 -52.80 -52.74
C PRO V 37 16.44 -52.00 -53.27
N PRO V 38 17.71 -52.41 -53.07
CA PRO V 38 18.78 -51.41 -53.10
C PRO V 38 19.20 -51.04 -54.52
N ALA V 39 19.98 -49.95 -54.59
CA ALA V 39 20.81 -49.65 -55.75
C ALA V 39 22.08 -50.47 -55.74
N HIS V 40 22.36 -51.17 -54.64
CA HIS V 40 23.42 -52.17 -54.54
C HIS V 40 22.89 -53.57 -54.90
N LEU V 41 21.75 -53.64 -55.59
CA LEU V 41 21.22 -54.93 -56.00
C LEU V 41 22.04 -55.50 -57.15
N LYS V 42 22.51 -54.65 -58.06
CA LYS V 42 23.37 -55.10 -59.14
C LYS V 42 24.83 -55.16 -58.70
N GLY V 43 25.31 -54.10 -58.04
CA GLY V 43 26.67 -54.06 -57.55
C GLY V 43 26.90 -55.04 -56.43
N ALA V 44 27.81 -55.99 -56.63
CA ALA V 44 28.09 -57.02 -55.66
C ALA V 44 29.59 -57.08 -55.38
N LEU V 45 29.93 -57.82 -54.33
CA LEU V 45 31.31 -58.16 -53.99
C LEU V 45 31.44 -59.66 -53.85
N ALA V 46 30.80 -60.39 -54.76
CA ALA V 46 30.71 -61.86 -54.80
C ALA V 46 30.16 -62.44 -53.50
N GLY V 47 29.23 -61.72 -52.87
CA GLY V 47 28.55 -62.22 -51.68
C GLY V 47 27.11 -61.78 -51.63
N ASP V 48 26.54 -61.49 -52.79
CA ASP V 48 25.22 -60.89 -52.85
C ASP V 48 24.15 -61.94 -52.60
N ASN V 49 23.13 -61.56 -51.83
CA ASN V 49 21.94 -62.38 -51.70
C ASN V 49 20.66 -61.56 -51.78
N GLY V 50 20.73 -60.23 -51.82
CA GLY V 50 19.58 -59.40 -52.06
C GLY V 50 18.59 -59.32 -50.92
N PHE V 51 19.01 -58.74 -49.79
CA PHE V 51 18.10 -58.52 -48.65
C PHE V 51 18.64 -57.37 -47.81
N ASP V 52 17.94 -56.24 -47.84
CA ASP V 52 18.27 -55.11 -46.97
C ASP V 52 17.00 -54.31 -46.72
N PRO V 53 16.24 -54.66 -45.67
CA PRO V 53 14.96 -54.01 -45.42
C PRO V 53 15.04 -52.82 -44.49
N LEU V 54 16.21 -52.53 -43.93
CA LEU V 54 16.35 -51.49 -42.94
C LEU V 54 17.15 -50.29 -43.43
N GLY V 55 17.97 -50.46 -44.46
CA GLY V 55 18.65 -49.35 -45.09
C GLY V 55 20.14 -49.26 -44.86
N LEU V 56 20.80 -50.37 -44.53
CA LEU V 56 22.23 -50.37 -44.23
C LEU V 56 23.05 -50.93 -45.39
N GLY V 57 22.57 -50.78 -46.62
CA GLY V 57 23.31 -51.20 -47.78
C GLY V 57 23.24 -50.16 -48.88
N GLN V 58 23.13 -48.90 -48.48
CA GLN V 58 22.87 -47.83 -49.44
C GLN V 58 23.97 -46.77 -49.54
N ASP V 59 24.85 -46.64 -48.54
CA ASP V 59 25.94 -45.69 -48.63
C ASP V 59 27.11 -46.37 -49.33
N GLU V 60 27.46 -45.86 -50.52
CA GLU V 60 28.34 -46.59 -51.42
C GLU V 60 29.78 -46.63 -50.92
N GLY V 61 30.19 -45.64 -50.11
CA GLY V 61 31.53 -45.68 -49.56
C GLY V 61 31.72 -46.67 -48.44
N ARG V 62 30.64 -47.19 -47.87
CA ARG V 62 30.72 -48.03 -46.69
C ARG V 62 30.48 -49.51 -46.97
N LEU V 63 30.00 -49.87 -48.16
CA LEU V 63 29.86 -51.30 -48.49
C LEU V 63 31.21 -51.97 -48.69
N LYS V 64 32.28 -51.19 -48.88
CA LYS V 64 33.62 -51.73 -48.75
C LYS V 64 33.97 -52.05 -47.30
N TRP V 65 33.21 -51.53 -46.34
CA TRP V 65 33.38 -51.89 -44.94
C TRP V 65 32.31 -52.84 -44.42
N TYR V 66 31.08 -52.76 -44.93
CA TYR V 66 30.03 -53.68 -44.49
C TYR V 66 30.35 -55.12 -44.90
N ALA V 67 30.80 -55.30 -46.13
CA ALA V 67 31.02 -56.66 -46.64
C ALA V 67 32.25 -57.30 -46.01
N GLU V 68 33.26 -56.49 -45.69
CA GLU V 68 34.42 -57.03 -45.01
C GLU V 68 34.13 -57.37 -43.56
N ALA V 69 33.31 -56.55 -42.90
CA ALA V 69 32.94 -56.85 -41.51
C ALA V 69 31.99 -58.04 -41.43
N GLU V 70 31.17 -58.24 -42.46
CA GLU V 70 30.35 -59.43 -42.52
C GLU V 70 31.20 -60.66 -42.77
N LYS V 71 32.26 -60.50 -43.57
CA LYS V 71 33.21 -61.58 -43.80
C LYS V 71 33.96 -61.93 -42.53
N THR V 72 34.49 -60.93 -41.82
CA THR V 72 35.34 -61.20 -40.67
C THR V 72 34.56 -61.64 -39.45
N ASN V 73 33.29 -61.21 -39.31
CA ASN V 73 32.43 -61.80 -38.29
C ASN V 73 32.12 -63.25 -38.60
N GLY V 74 32.20 -63.63 -39.87
CA GLY V 74 32.04 -65.02 -40.26
C GLY V 74 33.30 -65.84 -40.08
N ARG V 75 34.46 -65.28 -40.47
CA ARG V 75 35.70 -66.05 -40.47
C ARG V 75 36.16 -66.36 -39.05
N TRP V 76 35.98 -65.42 -38.13
CA TRP V 76 36.25 -65.71 -36.73
C TRP V 76 35.17 -66.56 -36.08
N ALA V 77 34.02 -66.74 -36.74
CA ALA V 77 33.00 -67.66 -36.27
C ALA V 77 33.13 -69.04 -36.90
N MET V 78 33.77 -69.15 -38.06
CA MET V 78 34.02 -70.46 -38.66
C MET V 78 34.96 -71.28 -37.79
N MET V 79 36.06 -70.67 -37.33
CA MET V 79 36.99 -71.37 -36.46
C MET V 79 36.36 -71.65 -35.10
N ALA V 80 35.38 -70.84 -34.69
CA ALA V 80 34.64 -71.11 -33.48
C ALA V 80 33.84 -72.40 -33.58
N VAL V 81 32.98 -72.49 -34.59
CA VAL V 81 32.06 -73.63 -34.76
C VAL V 81 32.82 -74.93 -34.98
N ALA V 82 33.99 -74.86 -35.62
CA ALA V 82 34.87 -76.03 -35.71
C ALA V 82 35.37 -76.46 -34.34
N GLY V 83 35.52 -75.52 -33.41
CA GLY V 83 35.96 -75.86 -32.08
C GLY V 83 34.85 -75.82 -31.04
N ILE V 84 33.61 -76.02 -31.47
CA ILE V 84 32.47 -76.18 -30.57
C ILE V 84 31.84 -77.56 -30.72
N LEU V 85 31.49 -77.93 -31.95
CA LEU V 85 31.09 -79.30 -32.21
C LEU V 85 32.27 -80.25 -32.36
N GLY V 86 33.50 -79.72 -32.29
CA GLY V 86 34.67 -80.58 -32.41
C GLY V 86 34.87 -81.46 -31.17
N GLN V 87 34.66 -80.89 -29.98
CA GLN V 87 34.82 -81.61 -28.73
C GLN V 87 33.55 -82.36 -28.32
N GLU V 88 32.62 -82.57 -29.26
CA GLU V 88 31.47 -83.43 -29.04
C GLU V 88 31.79 -84.88 -29.37
N LEU V 89 32.37 -85.14 -30.54
CA LEU V 89 32.92 -86.47 -30.80
C LEU V 89 34.21 -86.67 -30.01
N LEU V 90 34.98 -85.60 -29.86
CA LEU V 90 36.20 -85.61 -29.07
C LEU V 90 35.88 -85.42 -27.60
N GLY V 91 36.91 -85.08 -26.81
CA GLY V 91 36.90 -85.08 -25.35
C GLY V 91 35.76 -84.39 -24.62
N VAL V 92 35.11 -85.17 -23.75
CA VAL V 92 34.02 -84.68 -22.92
C VAL V 92 34.55 -84.15 -21.59
N THR V 93 35.80 -84.47 -21.24
CA THR V 93 36.41 -83.95 -20.02
C THR V 93 36.53 -82.42 -19.95
N PRO V 94 36.70 -81.66 -21.04
CA PRO V 94 36.42 -80.23 -20.93
C PRO V 94 34.93 -79.95 -20.90
N ALA V 95 34.55 -78.96 -20.09
CA ALA V 95 33.19 -78.46 -20.02
C ALA V 95 33.04 -77.33 -21.03
N TRP V 96 31.96 -76.55 -20.92
CA TRP V 96 31.78 -75.41 -21.82
C TRP V 96 31.98 -74.05 -21.17
N TRP V 97 31.23 -73.75 -20.11
CA TRP V 97 31.35 -72.44 -19.48
C TRP V 97 32.58 -72.36 -18.60
N GLU V 98 33.16 -73.51 -18.25
CA GLU V 98 34.42 -73.59 -17.54
C GLU V 98 35.59 -73.71 -18.51
N ALA V 99 35.32 -73.87 -19.81
CA ALA V 99 36.38 -73.99 -20.80
C ALA V 99 37.17 -72.70 -20.97
N GLY V 100 36.57 -71.56 -20.63
CA GLY V 100 37.31 -70.32 -20.64
C GLY V 100 38.30 -70.17 -19.50
N ALA V 101 38.13 -70.95 -18.42
CA ALA V 101 39.02 -70.88 -17.25
C ALA V 101 39.22 -72.28 -16.69
N LYS V 102 40.28 -72.96 -17.13
CA LYS V 102 40.72 -74.19 -16.50
C LYS V 102 42.18 -74.03 -16.08
N GLU V 103 42.82 -75.10 -15.65
CA GLU V 103 44.24 -75.05 -15.31
C GLU V 103 45.04 -75.18 -16.59
N TYR V 104 45.47 -74.05 -17.12
CA TYR V 104 46.24 -74.03 -18.35
C TYR V 104 47.73 -73.96 -18.04
N ASP V 105 48.55 -73.73 -19.07
CA ASP V 105 49.99 -73.57 -18.87
C ASP V 105 50.28 -72.29 -18.11
N ILE V 106 49.84 -71.16 -18.65
CA ILE V 106 49.82 -69.91 -17.90
C ILE V 106 48.49 -69.87 -17.16
N PRO V 107 48.33 -69.04 -16.13
CA PRO V 107 46.98 -68.73 -15.66
C PRO V 107 46.18 -67.99 -16.71
N ALA V 108 44.85 -68.11 -16.61
CA ALA V 108 43.96 -67.62 -17.64
C ALA V 108 43.97 -66.10 -17.74
N GLN V 109 44.10 -65.42 -16.60
CA GLN V 109 44.30 -63.98 -16.63
C GLN V 109 45.73 -63.60 -17.00
N ALA V 110 46.67 -64.53 -16.84
CA ALA V 110 48.07 -64.25 -17.16
C ALA V 110 48.40 -64.51 -18.63
N LEU V 111 47.64 -65.36 -19.32
CA LEU V 111 47.89 -65.61 -20.72
C LEU V 111 47.24 -64.59 -21.64
N THR V 112 46.54 -63.61 -21.08
CA THR V 112 45.87 -62.56 -21.85
C THR V 112 46.78 -61.56 -22.58
N PRO V 113 47.94 -61.11 -22.07
CA PRO V 113 48.76 -60.20 -22.89
C PRO V 113 49.48 -60.90 -24.02
N ILE V 114 49.59 -62.22 -23.99
CA ILE V 114 49.97 -62.94 -25.20
C ILE V 114 48.88 -62.78 -26.25
N GLU V 115 47.62 -62.83 -25.80
CA GLU V 115 46.50 -62.62 -26.70
C GLU V 115 46.40 -61.17 -27.18
N PHE V 116 46.80 -60.20 -26.35
CA PHE V 116 46.74 -58.81 -26.82
C PHE V 116 47.80 -58.48 -27.85
N ILE V 117 48.88 -59.26 -27.91
CA ILE V 117 49.96 -58.97 -28.86
C ILE V 117 49.77 -59.79 -30.12
N VAL V 118 49.68 -61.12 -29.96
CA VAL V 118 49.79 -62.04 -31.09
C VAL V 118 48.55 -61.96 -31.98
N MET V 119 47.37 -61.85 -31.37
CA MET V 119 46.14 -61.68 -32.15
C MET V 119 46.13 -60.36 -32.90
N GLY V 120 46.56 -59.29 -32.22
CA GLY V 120 46.60 -57.99 -32.86
C GLY V 120 47.67 -57.88 -33.94
N PHE V 121 48.76 -58.63 -33.79
CA PHE V 121 49.88 -58.53 -34.73
C PHE V 121 49.49 -59.05 -36.11
N LEU V 122 48.67 -60.10 -36.16
CA LEU V 122 48.14 -60.55 -37.43
C LEU V 122 46.94 -59.73 -37.87
N GLU V 123 46.24 -59.11 -36.90
CA GLU V 123 45.07 -58.30 -37.19
C GLU V 123 45.46 -57.03 -37.93
N ILE V 124 46.53 -56.36 -37.48
CA ILE V 124 46.99 -55.15 -38.13
C ILE V 124 47.47 -55.44 -39.55
N LYS V 125 48.15 -56.58 -39.73
CA LYS V 125 48.60 -56.96 -41.05
C LYS V 125 47.45 -57.41 -41.94
N ARG V 126 46.34 -57.83 -41.34
CA ARG V 126 45.11 -58.04 -42.10
C ARG V 126 44.47 -56.71 -42.49
N TYR V 127 44.63 -55.70 -41.63
CA TYR V 127 43.98 -54.41 -41.84
C TYR V 127 44.60 -53.62 -42.98
N GLN V 128 45.85 -53.93 -43.35
CA GLN V 128 46.69 -53.12 -44.24
C GLN V 128 46.06 -52.90 -45.61
N GLY V 129 45.66 -51.65 -45.87
CA GLY V 129 45.08 -51.28 -47.15
C GLY V 129 43.63 -51.65 -47.37
N PHE V 130 43.10 -52.61 -46.60
CA PHE V 130 41.82 -53.31 -46.76
C PHE V 130 41.46 -53.61 -48.21
N LYS V 131 42.44 -54.02 -49.02
CA LYS V 131 42.22 -54.14 -50.46
C LYS V 131 41.50 -55.43 -50.87
N GLN V 132 40.36 -55.70 -50.23
CA GLN V 132 39.45 -56.82 -50.51
C GLN V 132 40.17 -58.16 -50.35
N THR V 133 40.51 -58.43 -49.09
CA THR V 133 41.35 -59.55 -48.65
C THR V 133 42.71 -59.55 -49.35
N GLY V 134 43.49 -58.51 -49.05
CA GLY V 134 44.84 -58.42 -49.57
C GLY V 134 45.76 -59.37 -48.82
N THR V 135 46.49 -60.20 -49.57
CA THR V 135 47.33 -61.25 -49.01
C THR V 135 48.60 -60.61 -48.45
N SER V 136 48.51 -60.16 -47.20
CA SER V 136 49.63 -59.55 -46.48
C SER V 136 50.07 -60.39 -45.29
N GLY V 137 49.12 -60.89 -44.49
CA GLY V 137 49.44 -61.75 -43.37
C GLY V 137 48.62 -63.03 -43.41
N PHE V 138 47.80 -63.16 -44.43
CA PHE V 138 46.96 -64.33 -44.68
C PHE V 138 47.07 -64.75 -46.14
N ILE V 139 48.32 -64.86 -46.60
CA ILE V 139 48.57 -65.27 -47.98
C ILE V 139 48.13 -66.72 -48.15
N ASN V 140 47.45 -66.98 -49.26
CA ASN V 140 46.97 -68.33 -49.55
C ASN V 140 47.74 -68.98 -50.70
N SER V 141 48.48 -70.03 -50.38
CA SER V 141 49.26 -70.75 -51.38
C SER V 141 48.63 -72.10 -51.73
N ALA V 147 47.69 -72.45 -56.23
CA ALA V 147 47.19 -71.67 -55.10
C ALA V 147 45.67 -71.78 -55.00
N GLY V 148 45.05 -70.75 -54.41
CA GLY V 148 43.61 -70.73 -54.25
C GLY V 148 43.05 -69.33 -54.13
N MET V 149 42.30 -68.89 -55.14
CA MET V 149 41.72 -67.55 -55.14
C MET V 149 40.19 -67.55 -55.26
N ASN V 150 39.61 -68.45 -56.06
CA ASN V 150 38.17 -68.71 -56.13
C ASN V 150 37.36 -67.47 -56.53
N SER V 151 37.62 -67.00 -57.74
CA SER V 151 36.80 -65.94 -58.32
C SER V 151 35.35 -66.32 -58.69
N PRO V 152 35.01 -67.59 -59.08
CA PRO V 152 33.58 -67.91 -59.21
C PRO V 152 32.84 -68.08 -57.88
N SER V 153 31.66 -68.70 -57.96
CA SER V 153 30.70 -68.88 -56.86
C SER V 153 31.21 -69.53 -55.58
N MET V 154 32.44 -70.06 -55.58
CA MET V 154 33.09 -70.47 -54.34
C MET V 154 33.26 -69.31 -53.36
N ALA V 155 33.34 -68.08 -53.87
CA ALA V 155 33.31 -66.91 -53.01
C ALA V 155 31.94 -66.74 -52.36
N THR V 156 30.87 -66.90 -53.14
CA THR V 156 29.51 -66.80 -52.58
C THR V 156 29.20 -67.95 -51.64
N LYS V 157 29.76 -69.13 -51.88
CA LYS V 157 29.52 -70.27 -51.01
C LYS V 157 30.21 -70.09 -49.67
N GLU V 158 31.39 -69.45 -49.66
CA GLU V 158 32.04 -69.12 -48.41
C GLU V 158 31.26 -68.07 -47.65
N VAL V 159 30.57 -67.17 -48.37
CA VAL V 159 29.65 -66.22 -47.75
C VAL V 159 28.46 -66.96 -47.15
N LYS V 160 27.88 -67.91 -47.90
CA LYS V 160 26.73 -68.65 -47.41
C LYS V 160 27.12 -69.61 -46.28
N ASN V 161 28.33 -70.18 -46.34
CA ASN V 161 28.87 -70.86 -45.17
C ASN V 161 29.16 -69.87 -44.05
N GLY V 162 29.55 -68.64 -44.39
CA GLY V 162 29.83 -67.62 -43.40
C GLY V 162 28.59 -67.03 -42.76
N ARG V 163 27.56 -66.76 -43.57
CA ARG V 163 26.31 -66.22 -43.04
C ARG V 163 25.49 -67.29 -42.31
N LEU V 164 25.90 -68.55 -42.40
CA LEU V 164 25.30 -69.63 -41.62
C LEU V 164 26.20 -70.10 -40.48
N ALA V 165 27.49 -69.78 -40.51
CA ALA V 165 28.33 -70.03 -39.35
C ALA V 165 28.09 -69.00 -38.25
N MET V 166 27.68 -67.79 -38.61
CA MET V 166 27.34 -66.80 -37.61
C MET V 166 26.02 -67.12 -36.93
N VAL V 167 25.07 -67.69 -37.69
CA VAL V 167 23.84 -68.18 -37.10
C VAL V 167 24.13 -69.43 -36.27
N ALA V 168 25.20 -70.14 -36.61
CA ALA V 168 25.59 -71.32 -35.86
C ALA V 168 26.09 -70.95 -34.46
N PHE V 169 26.90 -69.89 -34.36
CA PHE V 169 27.44 -69.52 -33.05
C PHE V 169 26.39 -68.92 -32.14
N ILE V 170 25.46 -68.14 -32.71
CA ILE V 170 24.38 -67.61 -31.89
C ILE V 170 23.38 -68.72 -31.56
N GLY V 171 23.40 -69.83 -32.29
CA GLY V 171 22.69 -71.00 -31.87
C GLY V 171 23.41 -71.66 -30.70
N PHE V 172 24.75 -71.65 -30.78
CA PHE V 172 25.55 -72.32 -29.75
C PHE V 172 25.62 -71.52 -28.46
N CYS V 173 25.21 -70.26 -28.47
CA CYS V 173 25.26 -69.40 -27.30
C CYS V 173 23.93 -68.74 -26.99
N VAL V 174 22.83 -69.40 -27.35
CA VAL V 174 21.52 -69.05 -26.81
C VAL V 174 20.89 -70.28 -26.19
N GLN V 175 20.74 -71.35 -26.99
CA GLN V 175 20.08 -72.54 -26.50
C GLN V 175 20.95 -73.32 -25.53
N ALA V 176 22.27 -73.16 -25.62
CA ALA V 176 23.12 -73.62 -24.54
C ALA V 176 23.06 -72.65 -23.37
N LEU V 177 22.92 -71.37 -23.67
CA LEU V 177 23.13 -70.29 -22.72
C LEU V 177 22.01 -70.19 -21.69
N ALA V 178 20.95 -70.99 -21.81
CA ALA V 178 19.96 -71.14 -20.76
C ALA V 178 20.37 -72.17 -19.71
N THR V 179 21.70 -72.39 -19.55
CA THR V 179 22.39 -73.32 -18.64
C THR V 179 21.79 -74.73 -18.62
N ARG V 180 21.11 -75.12 -19.71
CA ARG V 180 20.41 -76.39 -19.76
C ARG V 180 21.16 -77.42 -20.58
N THR V 181 21.47 -77.11 -21.84
CA THR V 181 22.13 -78.09 -22.67
C THR V 181 23.65 -77.95 -22.55
N GLN V 182 24.32 -79.07 -22.72
CA GLN V 182 25.73 -79.29 -22.49
C GLN V 182 26.52 -78.83 -23.73
N PRO V 183 27.84 -79.06 -23.72
CA PRO V 183 28.65 -78.66 -24.87
C PRO V 183 27.73 -78.66 -26.06
N ILE V 184 27.15 -79.82 -26.35
CA ILE V 184 26.20 -80.01 -27.43
C ILE V 184 25.46 -81.33 -27.23
N GLU V 185 24.24 -81.25 -26.71
CA GLU V 185 23.41 -82.44 -26.55
C GLU V 185 21.97 -82.14 -26.94
N GLY V 186 21.71 -80.99 -27.55
CA GLY V 186 20.38 -80.63 -27.98
C GLY V 186 20.00 -81.33 -29.26
N LEU V 187 20.96 -81.51 -30.16
CA LEU V 187 20.70 -82.26 -31.38
C LEU V 187 20.51 -83.73 -31.07
N THR V 188 21.33 -84.27 -30.17
CA THR V 188 21.19 -85.66 -29.76
C THR V 188 19.90 -85.90 -28.98
N ALA V 189 19.37 -84.86 -28.34
CA ALA V 189 18.05 -84.96 -27.73
C ALA V 189 16.95 -84.86 -28.78
N HIS V 190 17.11 -83.95 -29.74
CA HIS V 190 16.08 -83.75 -30.75
C HIS V 190 16.02 -84.88 -31.76
N LEU V 191 17.11 -85.61 -31.96
CA LEU V 191 17.04 -86.86 -32.71
C LEU V 191 16.27 -87.92 -31.92
N ALA V 192 16.32 -87.86 -30.60
CA ALA V 192 15.56 -88.80 -29.78
C ALA V 192 14.11 -88.36 -29.65
N ASP V 193 13.89 -87.10 -29.26
CA ASP V 193 12.54 -86.56 -29.07
C ASP V 193 12.37 -85.34 -29.98
N PRO V 194 11.96 -85.54 -31.23
CA PRO V 194 11.73 -84.41 -32.13
C PRO V 194 10.53 -83.57 -31.73
N PHE V 195 9.39 -84.23 -31.53
CA PHE V 195 8.17 -83.59 -31.09
C PHE V 195 8.07 -83.51 -29.58
N GLY V 196 9.09 -83.94 -28.88
CA GLY V 196 9.17 -83.86 -27.43
C GLY V 196 10.01 -82.68 -27.03
N LYS V 197 11.30 -82.92 -26.77
CA LYS V 197 12.22 -81.87 -26.35
C LYS V 197 12.42 -80.82 -27.43
N ASN V 198 11.84 -79.65 -27.23
CA ASN V 198 11.94 -78.52 -28.14
C ASN V 198 12.10 -77.26 -27.30
N ILE V 199 11.85 -76.11 -27.90
CA ILE V 199 12.05 -74.84 -27.22
C ILE V 199 11.01 -74.63 -26.11
N THR V 200 9.75 -74.98 -26.37
CA THR V 200 8.66 -74.74 -25.43
C THR V 200 8.36 -75.95 -24.57
N TYR V 201 9.37 -76.78 -24.31
CA TYR V 201 9.17 -78.01 -23.55
C TYR V 201 10.21 -78.24 -22.48
N TYR V 202 11.21 -77.36 -22.34
CA TYR V 202 12.17 -77.52 -21.24
C TYR V 202 11.60 -76.96 -19.94
N LEU V 203 11.47 -75.62 -19.90
CA LEU V 203 10.73 -74.85 -18.88
C LEU V 203 11.14 -75.21 -17.44
N THR V 204 12.43 -75.43 -17.23
CA THR V 204 12.96 -75.81 -15.92
C THR V 204 14.25 -75.03 -15.69
N HIS V 205 15.02 -75.50 -14.71
CA HIS V 205 16.35 -74.98 -14.37
C HIS V 205 17.31 -75.08 -15.54
N ALA W 1 52.24 -56.70 -9.11
CA ALA W 1 51.40 -55.86 -9.94
C ALA W 1 50.79 -56.67 -11.07
N ALA W 2 49.83 -57.54 -10.73
CA ALA W 2 49.25 -58.42 -11.71
C ALA W 2 48.29 -57.68 -12.63
N ALA W 3 47.19 -57.15 -12.08
CA ALA W 3 46.21 -56.43 -12.87
C ALA W 3 46.69 -55.04 -13.27
N ALA W 4 47.80 -54.56 -12.71
CA ALA W 4 48.39 -53.31 -13.17
C ALA W 4 49.15 -53.52 -14.47
N ALA W 5 50.02 -54.53 -14.50
CA ALA W 5 50.79 -54.81 -15.71
C ALA W 5 49.93 -55.42 -16.80
N ALA W 6 48.87 -56.16 -16.43
CA ALA W 6 47.97 -56.71 -17.43
C ALA W 6 47.12 -55.62 -18.06
N ALA W 7 46.72 -54.62 -17.28
CA ALA W 7 46.03 -53.48 -17.88
C ALA W 7 46.99 -52.62 -18.69
N ALA W 8 48.26 -52.55 -18.27
CA ALA W 8 49.24 -51.80 -19.04
C ALA W 8 49.57 -52.52 -20.34
N ALA W 9 49.70 -53.84 -20.31
CA ALA W 9 49.89 -54.59 -21.53
C ALA W 9 48.63 -54.65 -22.38
N ALA W 10 47.46 -54.41 -21.78
CA ALA W 10 46.26 -54.19 -22.57
C ALA W 10 46.25 -52.78 -23.16
N ALA W 11 46.75 -51.80 -22.39
CA ALA W 11 46.82 -50.43 -22.89
C ALA W 11 47.85 -50.27 -23.99
N ALA W 12 48.83 -51.18 -24.09
CA ALA W 12 49.75 -51.15 -25.21
C ALA W 12 49.04 -51.47 -26.52
N ALA W 13 48.24 -52.53 -26.52
CA ALA W 13 47.48 -52.87 -27.73
C ALA W 13 46.35 -51.88 -27.98
N ALA W 14 45.85 -51.25 -26.91
CA ALA W 14 44.84 -50.22 -27.08
C ALA W 14 45.45 -48.95 -27.66
N ALA W 15 46.69 -48.64 -27.31
CA ALA W 15 47.34 -47.49 -27.91
C ALA W 15 47.76 -47.77 -29.34
N ALA W 16 48.05 -49.03 -29.66
CA ALA W 16 48.41 -49.38 -31.02
C ALA W 16 47.22 -49.29 -31.95
N ALA W 17 46.03 -49.66 -31.46
CA ALA W 17 44.81 -49.40 -32.19
C ALA W 17 44.51 -47.91 -32.26
N ALA W 18 44.93 -47.16 -31.25
CA ALA W 18 44.76 -45.71 -31.29
C ALA W 18 45.66 -45.08 -32.33
N ALA W 19 46.79 -45.71 -32.64
CA ALA W 19 47.60 -45.25 -33.77
C ALA W 19 46.94 -45.60 -35.10
N ALA W 20 46.08 -46.62 -35.12
CA ALA W 20 45.29 -46.89 -36.32
C ALA W 20 44.14 -45.89 -36.44
N ALA W 21 43.55 -45.51 -35.31
CA ALA W 21 42.47 -44.54 -35.34
C ALA W 21 42.96 -43.13 -35.64
N ALA W 22 44.18 -42.79 -35.20
CA ALA W 22 44.75 -41.48 -35.42
C ALA W 22 45.23 -41.24 -36.84
N ALA W 23 45.22 -42.28 -37.68
CA ALA W 23 45.59 -42.14 -39.08
C ALA W 23 44.45 -42.40 -40.04
N ALA W 24 43.61 -43.40 -39.75
CA ALA W 24 42.54 -43.78 -40.68
C ALA W 24 41.37 -42.81 -40.69
N ALA W 25 41.32 -41.87 -39.74
CA ALA W 25 40.23 -40.90 -39.71
C ALA W 25 40.53 -39.68 -40.57
N ALA W 26 41.79 -39.35 -40.79
CA ALA W 26 42.18 -38.21 -41.61
C ALA W 26 43.21 -38.61 -42.65
MG CLA X . 19.32 -9.97 10.33
CHA CLA X . 20.82 -6.95 10.85
CHB CLA X . 19.15 -9.29 7.04
CHC CLA X . 18.57 -13.27 9.74
CHD CLA X . 19.78 -10.75 13.69
NA CLA X . 19.73 -8.30 9.19
C1A CLA X . 20.41 -7.15 9.57
C2A CLA X . 20.50 -6.21 8.38
C3A CLA X . 19.52 -6.82 7.37
C4A CLA X . 19.45 -8.24 7.86
CMA CLA X . 18.18 -6.20 7.60
CAA CLA X . 21.88 -6.17 7.78
CBA CLA X . 22.14 -4.80 7.20
CGA CLA X . 23.17 -4.88 6.14
O1A CLA X . 23.15 -4.35 5.03
O2A CLA X . 24.24 -5.64 6.48
NB CLA X . 18.94 -11.07 8.70
C1B CLA X . 19.04 -10.64 7.43
C2B CLA X . 18.98 -11.79 6.50
C3B CLA X . 18.81 -12.90 7.25
C4B CLA X . 18.74 -12.46 8.67
CMB CLA X . 19.05 -11.70 5.05
CAB CLA X . 18.62 -14.25 6.83
CBB CLA X . 17.44 -14.73 6.44
NC CLA X . 19.02 -11.63 11.53
C1C CLA X . 18.66 -12.86 11.09
C2C CLA X . 18.53 -13.78 12.20
C3C CLA X . 18.96 -13.09 13.32
C4C CLA X . 19.28 -11.75 12.88
CMC CLA X . 18.11 -15.18 12.12
CAC CLA X . 19.03 -13.56 14.70
CBC CLA X . 17.70 -13.37 15.39
ND CLA X . 19.71 -8.94 12.01
C1D CLA X . 20.03 -9.46 13.28
C2D CLA X . 20.62 -8.41 14.09
C3D CLA X . 20.93 -7.40 13.22
C4D CLA X . 20.42 -7.83 11.91
CMD CLA X . 20.87 -8.55 15.50
CAD CLA X . 21.39 -6.05 13.04
OBD CLA X . 21.54 -5.14 13.84
CBD CLA X . 21.71 -5.95 11.53
CGD CLA X . 21.76 -4.55 11.00
O1D CLA X . 20.85 -3.92 10.49
O2D CLA X . 22.98 -3.96 11.12
CED CLA X . 24.13 -4.60 10.57
C1 CLA X . 25.49 -4.96 6.70
C2 CLA X . 26.32 -5.93 7.42
C3 CLA X . 27.32 -5.60 8.24
C4 CLA X . 27.70 -4.21 8.53
C5 CLA X . 28.09 -6.65 8.94
C6 CLA X . 27.59 -6.83 10.35
C7 CLA X . 27.71 -8.26 10.79
C8 CLA X . 29.16 -8.69 10.89
C9 CLA X . 29.26 -10.16 11.21
C10 CLA X . 29.88 -7.89 11.96
C11 CLA X . 31.35 -8.17 11.89
C12 CLA X . 32.15 -7.02 12.44
C13 CLA X . 33.62 -7.36 12.33
C14 CLA X . 34.45 -6.44 13.18
C15 CLA X . 34.06 -7.29 10.88
C16 CLA X . 33.84 -5.94 10.25
C17 CLA X . 34.33 -6.01 8.82
C18 CLA X . 33.64 -5.08 7.83
C19 CLA X . 34.51 -3.93 7.42
C20 CLA X . 32.28 -4.61 8.26
MG CLA Y . 10.27 -7.75 -6.16
CHA CLA Y . 7.74 -7.71 -8.50
CHB CLA Y . 8.00 -7.05 -3.74
CHC CLA Y . 12.74 -7.97 -3.76
CHD CLA Y . 12.60 -8.10 -8.68
NA CLA Y . 8.22 -7.43 -6.17
C1A CLA Y . 7.34 -7.49 -7.23
C2A CLA Y . 5.94 -7.20 -6.75
C3A CLA Y . 6.15 -6.67 -5.34
C4A CLA Y . 7.55 -7.10 -5.04
CMA CLA Y . 6.11 -5.17 -5.32
CAA CLA Y . 5.22 -8.54 -6.67
CBA CLA Y . 3.75 -8.32 -6.47
CGA CLA Y . 3.47 -8.38 -5.01
O1A CLA Y . 3.74 -9.28 -4.23
O2A CLA Y . 2.90 -7.23 -4.53
NB CLA Y . 10.35 -7.65 -4.15
C1B CLA Y . 9.30 -7.34 -3.35
C2B CLA Y . 9.71 -7.26 -1.94
C3B CLA Y . 11.04 -7.53 -1.92
C4B CLA Y . 11.47 -7.75 -3.33
CMB CLA Y . 8.74 -6.88 -0.93
CAB CLA Y . 11.97 -7.55 -0.85
CBB CLA Y . 11.76 -8.07 0.35
NC CLA Y . 12.32 -7.96 -6.22
C1C CLA Y . 13.13 -8.01 -5.13
C2C CLA Y . 14.50 -8.19 -5.56
C3C CLA Y . 14.46 -8.24 -6.95
C4C CLA Y . 13.08 -8.09 -7.36
CMC CLA Y . 15.66 -8.27 -4.70
CAC CLA Y . 15.60 -8.38 -7.84
CBC CLA Y . 15.95 -7.04 -8.38
ND CLA Y . 10.26 -7.75 -8.15
C1D CLA Y . 11.30 -7.94 -9.06
C2D CLA Y . 10.74 -7.98 -10.40
C3D CLA Y . 9.37 -7.95 -10.26
C4D CLA Y . 9.13 -7.80 -8.82
CMD CLA Y . 11.58 -8.07 -11.56
CAD CLA Y . 8.09 -7.89 -10.93
OBD CLA Y . 7.85 -7.88 -12.12
CBD CLA Y . 7.02 -7.86 -9.82
CGD CLA Y . 5.90 -6.88 -10.02
O1D CLA Y . 5.95 -5.68 -10.23
O2D CLA Y . 4.69 -7.48 -9.91
CED CLA Y . 3.53 -6.64 -9.87
C1 CLA Y . 2.66 -7.12 -3.12
C2 CLA Y . 3.52 -6.03 -2.63
C3 CLA Y . 3.62 -5.73 -1.32
C4 CLA Y . 2.85 -6.46 -0.30
C5 CLA Y . 4.49 -4.64 -0.84
C6 CLA Y . 3.64 -3.48 -0.38
C7 CLA Y . 3.83 -3.19 1.09
C8 CLA Y . 2.59 -2.54 1.66
C9 CLA Y . 1.34 -3.34 1.39
C10 CLA Y . 2.39 -1.15 1.08
C11 CLA Y . 1.66 -0.24 2.04
C12 CLA Y . 2.38 -0.18 3.36
C13 CLA Y . 2.50 1.23 3.89
C14 CLA Y . 1.15 1.92 3.95
C15 CLA Y . 3.48 2.04 3.05
C16 CLA Y . 4.31 2.93 3.95
C17 CLA Y . 4.97 4.05 3.17
C18 CLA Y . 4.71 5.42 3.78
C19 CLA Y . 3.23 5.64 4.02
C20 CLA Y . 5.47 5.57 5.07
MG CLA Z . 29.91 -6.73 4.53
CHA CLA Z . 28.34 -9.60 5.58
CHB CLA Z . 32.85 -7.93 5.68
CHC CLA Z . 31.45 -4.08 3.12
CHD CLA Z . 26.82 -5.51 3.35
NA CLA Z . 30.47 -8.47 5.54
C1A CLA Z . 29.66 -9.54 5.91
C2A CLA Z . 30.48 -10.58 6.64
C3A CLA Z . 31.78 -9.84 6.95
C4A CLA Z . 31.73 -8.67 5.99
CMA CLA Z . 31.79 -9.35 8.37
CAA CLA Z . 30.78 -11.70 5.68
CBA CLA Z . 30.91 -12.99 6.43
CGA CLA Z . 32.36 -13.27 6.52
O1A CLA Z . 33.30 -12.58 6.15
O2A CLA Z . 32.61 -14.48 7.10
NB CLA Z . 31.78 -6.03 4.58
C1B CLA Z . 32.83 -6.84 4.81
C2B CLA Z . 33.99 -6.41 4.01
C3B CLA Z . 33.61 -5.32 3.28
C4B CLA Z . 32.21 -5.07 3.63
CMB CLA Z . 35.25 -7.12 4.10
CAB CLA Z . 34.26 -4.50 2.32
CBB CLA Z . 35.56 -4.36 2.04
NC CLA Z . 29.23 -5.02 3.56
C1C CLA Z . 30.04 -4.03 3.13
C2C CLA Z . 29.26 -2.95 2.56
C3C CLA Z . 27.94 -3.39 2.56
C4C CLA Z . 27.94 -4.69 3.20
CMC CLA Z . 29.80 -1.70 2.05
CAC CLA Z . 26.76 -2.64 2.14
CBC CLA Z . 26.20 -1.83 3.28
ND CLA Z . 28.01 -7.35 4.45
C1D CLA Z . 26.85 -6.77 3.90
C2D CLA Z . 25.75 -7.73 3.99
C3D CLA Z . 26.27 -8.84 4.61
C4D CLA Z . 27.67 -8.54 4.92
CMD CLA Z . 24.43 -7.48 3.42
CAD CLA Z . 26.06 -10.20 5.03
OBD CLA Z . 25.15 -10.95 4.80
CBD CLA Z . 27.31 -10.67 5.78
CGD CLA Z . 26.99 -10.82 7.22
O1D CLA Z . 26.96 -9.95 8.06
O2D CLA Z . 26.68 -12.08 7.58
CED CLA Z . 26.42 -12.32 8.96
C1 CLA Z . 33.98 -14.82 7.36
C2 CLA Z . 34.47 -15.52 6.15
C3 CLA Z . 35.07 -16.72 6.20
C4 CLA Z . 35.27 -17.44 7.47
C5 CLA Z . 35.54 -17.36 4.96
C6 CLA Z . 36.54 -16.47 4.26
C7 CLA Z . 37.05 -17.08 2.97
C8 CLA Z . 38.30 -16.38 2.48
C9 CLA Z . 38.09 -14.89 2.37
C10 CLA Z . 38.71 -16.89 1.11
C11 CLA Z . 38.86 -18.39 1.12
C12 CLA Z . 39.80 -18.88 0.05
C13 CLA Z . 39.88 -20.40 0.03
C14 CLA Z . 40.15 -20.94 1.42
C15 CLA Z . 40.94 -20.86 -0.94
C16 CLA Z . 41.13 -22.36 -0.89
C17 CLA Z . 40.20 -23.04 -1.84
C18 CLA Z . 40.99 -23.68 -2.97
C19 CLA Z . 40.45 -23.23 -4.30
C20 CLA Z . 40.91 -25.17 -2.82
MG CLA AA . 3.56 16.72 -1.84
CHA CLA AA . 2.31 14.14 -3.78
CHB CLA AA . 4.61 14.49 0.48
CHC CLA AA . 4.69 19.31 0.07
CHD CLA AA . 2.38 19.02 -4.23
NA CLA AA . 3.52 14.65 -1.72
C1A CLA AA . 2.92 13.76 -2.62
C2A CLA AA . 3.14 12.33 -2.14
C3A CLA AA . 3.76 12.50 -0.76
C4A CLA AA . 4.01 13.99 -0.66
CMA CLA AA . 2.76 12.09 0.28
CAA CLA AA . 4.21 11.71 -3.02
CBA CLA AA . 3.81 10.32 -3.45
CGA CLA AA . 3.57 9.57 -2.19
O1A CLA AA . 4.32 9.47 -1.23
O2A CLA AA . 2.33 8.99 -2.14
NB CLA AA . 4.51 16.87 -0.08
C1B CLA AA . 4.86 15.85 0.72
C2B CLA AA . 5.52 16.37 1.95
C3B CLA AA . 5.54 17.73 1.84
C4B CLA AA . 4.89 18.07 0.55
CMB CLA AA . 5.98 15.50 3.02
CAB CLA AA . 6.01 18.75 2.73
CBB CLA AA . 5.55 18.97 3.96
NC CLA AA . 3.54 18.79 -2.05
C1C CLA AA . 4.03 19.65 -1.14
C2C CLA AA . 3.81 21.01 -1.57
C3C CLA AA . 3.18 20.95 -2.79
C4C CLA AA . 3.00 19.54 -3.09
CMC CLA AA . 4.21 22.17 -0.79
CAC CLA AA . 2.73 22.08 -3.62
CBC CLA AA . 3.85 22.70 -4.41
ND CLA AA . 2.62 16.67 -3.61
C1D CLA AA . 2.21 17.70 -4.48
C2D CLA AA . 1.56 17.08 -5.65
C3D CLA AA . 1.54 15.73 -5.42
C4D CLA AA . 2.21 15.52 -4.13
CMD CLA AA . 1.06 17.84 -6.77
CAD CLA AA . 1.16 14.44 -5.92
OBD CLA AA . 0.58 14.14 -6.96
CBD CLA AA . 1.62 13.39 -4.90
CGD CLA AA . 0.44 12.56 -4.49
O1D CLA AA . -0.25 11.86 -5.22
O2D CLA AA . 0.11 12.60 -3.16
CED CLA AA . -0.93 11.73 -2.70
C1 CLA AA . 2.22 7.72 -1.49
C2 CLA AA . 1.76 7.93 -0.10
C3 CLA AA . 0.50 8.21 0.22
C4 CLA AA . -0.60 8.35 -0.77
C5 CLA AA . 0.12 8.41 1.64
C6 CLA AA . -0.31 9.82 1.96
C7 CLA AA . -0.41 9.91 3.46
C8 CLA AA . -0.54 11.33 3.99
C9 CLA AA . 0.58 12.21 3.47
C10 CLA AA . -0.53 11.31 5.51
C11 CLA AA . -1.62 10.39 6.03
C12 CLA AA . -1.08 9.40 7.04
C13 CLA AA . -2.18 8.51 7.61
C14 CLA AA . -3.29 9.33 8.22
C15 CLA AA . -1.61 7.58 8.65
C16 CLA AA . -1.47 6.18 8.10
C17 CLA AA . -0.04 5.84 7.77
C18 CLA AA . 0.04 5.05 6.47
C19 CLA AA . -0.36 5.91 5.29
C20 CLA AA . -0.84 3.83 6.54
MG CLA BA . 9.40 22.71 1.81
CHA CLA BA . 8.40 25.05 -0.53
CHB CLA BA . 10.46 25.20 3.82
CHC CLA BA . 10.20 20.36 4.19
CHD CLA BA . 8.44 20.16 -0.39
NA CLA BA . 9.40 24.78 1.64
C1A CLA BA . 8.94 25.58 0.60
C2A CLA BA . 9.13 27.06 0.92
C3A CLA BA . 9.98 27.02 2.20
C4A CLA BA . 9.93 25.57 2.62
CMA CLA BA . 11.41 27.37 1.94
CAA CLA BA . 7.79 27.73 1.15
CBA CLA BA . 7.57 28.20 2.57
CGA CLA BA . 6.11 28.16 2.89
O1A CLA BA . 5.15 28.18 2.13
O2A CLA BA . 5.90 28.13 4.24
NB CLA BA . 10.23 22.76 3.62
C1B CLA BA . 10.50 23.89 4.30
C2B CLA BA . 10.89 23.58 5.68
C3B CLA BA . 10.83 22.21 5.83
C4B CLA BA . 10.38 21.67 4.51
CMB CLA BA . 11.22 24.65 6.61
CAB CLA BA . 11.10 21.39 6.95
CBB CLA BA . 12.24 21.46 7.64
NC CLA BA . 9.34 20.63 1.87
C1C CLA BA . 9.70 19.87 2.94
C2C CLA BA . 9.53 18.46 2.61
C3C CLA BA . 9.05 18.40 1.32
C4C CLA BA . 8.94 19.78 0.85
CMC CLA BA . 9.81 17.34 3.48
CAC CLA BA . 8.74 17.19 0.57
CBC CLA BA . 9.94 16.69 -0.20
ND CLA BA . 8.54 22.57 0.00
C1D CLA BA . 8.22 21.46 -0.80
C2D CLA BA . 7.67 21.93 -2.08
C3D CLA BA . 7.70 23.29 -2.02
C4D CLA BA . 8.28 23.64 -0.73
CMD CLA BA . 7.17 21.06 -3.14
CAD CLA BA . 7.43 24.51 -2.72
OBD CLA BA . 6.92 24.68 -3.82
CBD CLA BA . 7.91 25.68 -1.81
CGD CLA BA . 9.04 26.47 -2.42
O1D CLA BA . 10.19 26.59 -2.01
O2D CLA BA . 8.69 27.14 -3.53
CED CLA BA . 9.54 28.21 -3.94
C1 CLA BA . 4.60 28.54 4.73
C2 CLA BA . 3.95 27.31 5.22
C3 CLA BA . 3.40 27.17 6.44
C4 CLA BA . 2.76 25.89 6.85
C5 CLA BA . 3.39 28.28 7.42
C6 CLA BA . 3.82 27.84 8.81
C7 CLA BA . 2.76 28.14 9.84
MG CLA CA . 20.15 25.13 5.24
CHA CLA CA . 22.36 25.24 7.85
CHB CLA CA . 17.75 23.93 7.30
CHC CLA CA . 18.01 24.85 2.57
CHD CLA CA . 22.69 26.24 3.08
NA CLA CA . 20.08 24.71 7.27
C1A CLA CA . 21.11 24.82 8.19
C2A CLA CA . 20.59 24.45 9.57
C3A CLA CA . 19.23 23.82 9.29
C4A CLA CA . 18.97 24.20 7.86
CMA CLA CA . 19.36 22.35 9.37
CAA CLA CA . 20.11 25.72 10.23
CBA CLA CA . 21.06 26.39 11.16
CGA CLA CA . 21.16 25.63 12.43
O1A CLA CA . 22.05 25.69 13.26
O2A CLA CA . 20.11 24.77 12.64
NB CLA CA . 18.22 24.60 4.99
C1B CLA CA . 17.41 24.15 5.97
C2B CLA CA . 16.07 23.82 5.40
C3B CLA CA . 16.14 24.09 4.06
C4B CLA CA . 17.52 24.55 3.79
CMB CLA CA . 14.99 23.30 6.22
CAB CLA CA . 15.19 23.90 3.00
CBB CLA CA . 13.93 24.30 3.00
NC CLA CA . 20.33 25.48 3.20
C1C CLA CA . 19.34 25.25 2.30
C2C CLA CA . 19.83 25.53 0.97
C3C CLA CA . 21.12 25.97 1.10
C4C CLA CA . 21.44 25.93 2.52
CMC CLA CA . 19.05 25.37 -0.25
CAC CLA CA . 21.99 26.34 -0.01
CBC CLA CA . 22.94 25.24 -0.38
ND CLA CA . 22.09 25.59 5.35
C1D CLA CA . 23.01 26.08 4.40
C2D CLA CA . 24.29 26.35 5.06
C3D CLA CA . 24.12 25.98 6.37
C4D CLA CA . 22.72 25.53 6.51
CMD CLA CA . 25.47 26.87 4.39
CAD CLA CA . 24.72 25.87 7.66
OBD CLA CA . 25.87 26.12 7.99
CBD CLA CA . 23.61 25.42 8.66
CGD CLA CA . 23.95 24.13 9.33
O1D CLA CA . 23.46 23.63 10.34
O2D CLA CA . 24.95 23.45 8.70
CED CLA CA . 25.54 22.37 9.42
C1 CLA CA . 20.38 23.61 13.45
C2 CLA CA . 19.95 23.93 14.83
C3 CLA CA . 20.78 23.93 15.88
C4 CLA CA . 22.23 23.63 15.76
C5 CLA CA . 20.30 24.27 17.24
C6 CLA CA . 18.83 24.60 17.29
C7 CLA CA . 18.62 25.65 18.36
C8 CLA CA . 17.57 25.27 19.36
C9 CLA CA . 16.21 25.47 18.73
C10 CLA CA . 17.74 26.13 20.60
C11 CLA CA . 16.92 25.67 21.79
C12 CLA CA . 16.56 26.85 22.65
C13 CLA CA . 17.74 27.29 23.51
C14 CLA CA . 18.00 26.27 24.59
C15 CLA CA . 17.50 28.61 24.20
C16 CLA CA . 16.99 29.68 23.26
C17 CLA CA . 17.59 31.01 23.65
C18 CLA CA . 16.53 31.97 24.10
C19 CLA CA . 17.16 33.31 24.43
C20 CLA CA . 15.47 32.16 23.03
MG CLA DA . 16.25 18.70 10.10
CHA CLA DA . 14.53 18.54 7.12
CHB CLA DA . 19.15 18.94 8.40
CHC CLA DA . 17.92 18.77 13.09
CHD CLA DA . 13.22 18.21 11.84
NA CLA DA . 16.72 18.80 8.08
C1A CLA DA . 15.87 18.72 6.98
C2A CLA DA . 16.66 18.82 5.69
C3A CLA DA . 18.13 18.87 6.16
C4A CLA DA . 18.00 18.90 7.65
CMA CLA DA . 18.87 17.64 5.74
CAA CLA DA . 16.40 20.15 5.03
CBA CLA DA . 17.24 20.36 3.81
CGA CLA DA . 16.66 19.62 2.66
O1A CLA DA . 15.56 19.74 2.15
O2A CLA DA . 17.54 18.72 2.13
NB CLA DA . 18.16 18.88 10.65
C1B CLA DA . 19.21 18.95 9.80
C2B CLA DA . 20.46 19.07 10.56
C3B CLA DA . 20.13 19.03 11.89
C4B CLA DA . 18.65 18.89 11.97
CMB CLA DA . 21.75 19.16 9.90
CAB CLA DA . 20.98 19.07 13.04
CBB CLA DA . 21.01 20.06 13.91
NC CLA DA . 15.67 18.53 12.09
C1C CLA DA . 16.51 18.60 13.15
C2C CLA DA . 15.77 18.45 14.39
C3C CLA DA . 14.44 18.27 14.03
C4C CLA DA . 14.39 18.33 12.59
CMC CLA DA . 16.34 18.46 15.73
CAC CLA DA . 13.31 18.05 14.91
CBC CLA DA . 13.02 16.58 15.04
ND CLA DA . 14.31 18.46 9.66
C1D CLA DA . 13.18 18.28 10.47
C2D CLA DA . 12.00 18.13 9.61
C3D CLA DA . 12.47 18.19 8.33
C4D CLA DA . 13.91 18.41 8.40
CMD CLA DA . 10.66 17.93 10.10
CAD CLA DA . 12.12 18.12 6.93
OBD CLA DA . 11.03 17.87 6.44
CBD CLA DA . 13.41 18.39 6.12
CGD CLA DA . 13.72 17.32 5.12
O1D CLA DA . 13.43 17.33 3.93
O2D CLA DA . 14.41 16.27 5.61
CED CLA DA . 14.34 15.04 4.89
C1 CLA DA . 16.97 17.49 1.66
C2 CLA DA . 17.56 16.39 2.45
C3 CLA DA . 18.27 15.41 1.89
C4 CLA DA . 18.56 15.33 0.44
C5 CLA DA . 18.84 14.33 2.72
C6 CLA DA . 17.78 13.83 3.68
C7 CLA DA . 18.28 13.97 5.08
C8 CLA DA . 18.85 12.66 5.53
C9 CLA DA . 17.71 11.76 5.94
C10 CLA DA . 19.90 12.91 6.63
C11 CLA DA . 19.47 12.55 8.02
C12 CLA DA . 20.22 13.31 9.09
C13 CLA DA . 19.94 14.81 9.05
C14 CLA DA . 20.68 15.51 10.15
C15 CLA DA . 18.46 15.15 9.16
C16 CLA DA . 17.82 14.70 10.46
C17 CLA DA . 16.38 15.13 10.51
C18 CLA DA . 15.39 14.09 10.01
C19 CLA DA . 14.93 14.37 8.60
C20 CLA DA . 14.17 14.13 10.90
MG CLA EA . 1.94 15.33 20.93
CHA CLA EA . -0.50 13.09 21.92
CHB CLA EA . 3.47 12.88 19.17
CHC CLA EA . 4.25 17.63 19.85
CHD CLA EA . 0.19 17.90 22.60
NA CLA EA . 1.53 13.32 20.62
C1A CLA EA . 0.45 12.57 21.09
C2A CLA EA . 0.53 11.12 20.59
C3A CLA EA . 1.86 11.08 19.82
C4A CLA EA . 2.33 12.53 19.85
CMA CLA EA . 2.83 10.16 20.49
CAA CLA EA . -0.58 10.80 19.60
CBA CLA EA . -0.84 11.90 18.60
CGA CLA EA . -2.11 11.65 17.84
O1A CLA EA . -2.86 10.69 17.90
O2A CLA EA . -2.43 12.66 16.98
NB CLA EA . 3.58 15.25 19.80
C1B CLA EA . 4.00 14.17 19.12
C2B CLA EA . 5.17 14.51 18.27
C3B CLA EA . 5.39 15.85 18.46
C4B CLA EA . 4.38 16.34 19.43
CMB CLA EA . 5.82 13.54 17.43
CAB CLA EA . 6.37 16.71 17.88
CBB CLA EA . 7.68 16.56 18.00
NC CLA EA . 2.20 17.38 21.23
C1C CLA EA . 3.22 18.11 20.70
C2C CLA EA . 3.09 19.50 21.11
C3C CLA EA . 1.92 19.58 21.85
C4C CLA EA . 1.35 18.25 21.91
CMC CLA EA . 4.02 20.56 20.78
CAC CLA EA . 1.37 20.78 22.48
CBC CLA EA . 0.39 21.49 21.59
ND CLA EA . 0.25 15.52 22.03
C1D CLA EA . -0.35 16.63 22.66
C2D CLA EA . -1.55 16.17 23.39
C3D CLA EA . -1.60 14.81 23.20
C4D CLA EA . -0.49 14.46 22.31
CMD CLA EA . -2.43 17.01 24.18
CAD CLA EA . -2.34 13.61 23.46
OBD CLA EA . -3.32 13.44 24.18
CBD CLA EA . -1.66 12.46 22.66
CGD CLA EA . -1.18 11.36 23.56
O1D CLA EA . -0.05 10.89 23.66
O2D CLA EA . -2.13 10.80 24.36
CED CLA EA . -1.68 10.03 25.46
C1 CLA EA . -3.80 12.78 16.56
C2 CLA EA . -3.75 13.31 15.17
C3 CLA EA . -4.53 14.29 14.71
C4 CLA EA . -5.56 14.96 15.54
C5 CLA EA . -4.41 14.76 13.30
MG CLA FA . 7.76 7.04 19.94
CHA CLA FA . 9.96 9.16 21.60
CHB CLA FA . 6.01 9.70 18.87
CHC CLA FA . 5.93 4.95 17.92
CHD CLA FA . 9.64 4.32 21.06
NA CLA FA . 7.93 9.08 20.27
C1A CLA FA . 8.93 9.78 20.94
C2A CLA FA . 8.65 11.27 20.90
C3A CLA FA . 7.25 11.35 20.29
C4A CLA FA . 7.03 9.94 19.74
CMA CLA FA . 6.26 11.68 21.36
CAA CLA FA . 9.61 12.01 20.00
CBA CLA FA . 10.01 11.32 18.72
CGA CLA FA . 10.08 12.31 17.61
O1A CLA FA . 10.09 13.54 17.66
O2A CLA FA . 10.12 11.72 16.39
NB CLA FA . 6.24 7.28 18.65
C1B CLA FA . 5.69 8.45 18.32
C2B CLA FA . 4.64 8.26 17.30
C3B CLA FA . 4.61 6.92 17.02
C4B CLA FA . 5.63 6.28 17.88
CMB CLA FA . 3.88 9.38 16.77
CAB CLA FA . 3.80 6.19 16.10
CBB CLA FA . 2.47 6.20 16.07
NC CLA FA . 7.74 4.99 19.62
C1C CLA FA . 6.91 4.33 18.76
C2C CLA FA . 7.22 2.91 18.78
C3C CLA FA . 8.26 2.75 19.68
C4C CLA FA . 8.59 4.06 20.19
CMC CLA FA . 6.56 1.87 18.00
CAC CLA FA . 8.93 1.51 20.07
CBC CLA FA . 8.39 1.00 21.39
ND CLA FA . 9.31 6.73 21.17
C1D CLA FA . 10.02 5.55 21.51
C2D CLA FA . 11.14 5.89 22.38
C3D CLA FA . 11.17 7.26 22.43
C4D CLA FA . 10.03 7.74 21.65
CMD CLA FA . 12.06 4.91 22.97
CAD CLA FA . 11.82 8.41 22.99
OBD CLA FA . 12.75 8.47 23.77
CBD CLA FA . 11.13 9.66 22.40
CGD CLA FA . 10.83 10.58 23.55
O1D CLA FA . 11.66 11.13 24.26
O2D CLA FA . 9.52 10.78 23.83
CED CLA FA . 9.19 11.74 24.82
C1 CLA FA . 10.70 12.50 15.33
C2 CLA FA . 11.04 11.52 14.28
C3 CLA FA . 11.14 11.81 12.98
C4 CLA FA . 10.92 13.18 12.46
C5 CLA FA . 11.48 10.74 12.01
C6 CLA FA . 10.54 10.68 10.83
C7 CLA FA . 9.13 10.20 11.19
C8 CLA FA . 8.14 10.60 10.11
C9 CLA FA . 8.14 12.10 9.96
C10 CLA FA . 6.73 10.08 10.39
C11 CLA FA . 5.76 10.53 9.32
C12 CLA FA . 4.56 9.63 9.14
C13 CLA FA . 3.65 10.16 8.04
C14 CLA FA . 2.34 10.68 8.59
C15 CLA FA . 3.36 9.10 6.97
C16 CLA FA . 4.15 9.35 5.71
C17 CLA FA . 3.59 10.53 4.93
C18 CLA FA . 3.92 10.50 3.45
C19 CLA FA . 5.26 11.12 3.12
C20 CLA FA . 3.79 9.13 2.82
MG CLA GA . -0.77 2.42 16.76
CHA CLA GA . -0.28 5.40 18.41
CHB CLA GA . -3.77 3.52 15.67
CHC CLA GA . -1.14 -0.51 15.05
CHD CLA GA . 2.31 1.28 18.01
NA CLA GA . -1.81 4.20 16.99
C1A CLA GA . -1.42 5.34 17.69
C2A CLA GA . -2.49 6.43 17.59
C3A CLA GA . -3.61 5.76 16.78
C4A CLA GA . -3.03 4.40 16.42
CMA CLA GA . -4.83 5.60 17.64
CAA CLA GA . -2.06 7.69 16.86
CBA CLA GA . -0.96 7.59 15.82
CGA CLA GA . -0.80 8.95 15.19
O1A CLA GA . -1.30 9.38 14.17
O2A CLA GA . 0.03 9.79 15.89
NB CLA GA . -2.20 1.64 15.61
C1B CLA GA . -3.35 2.25 15.27
C2B CLA GA . -4.15 1.36 14.41
C3B CLA GA . -3.40 0.23 14.22
C4B CLA GA . -2.16 0.39 14.98
CMB CLA GA . -5.46 1.72 13.88
CAB CLA GA . -3.69 -0.92 13.42
CBB CLA GA . -3.31 -1.06 12.15
NC CLA GA . 0.40 0.72 16.55
C1C CLA GA . 0.07 -0.34 15.77
C2C CLA GA . 1.14 -1.33 15.83
C3C CLA GA . 2.10 -0.84 16.69
C4C CLA GA . 1.62 0.45 17.13
CMC CLA GA . 1.12 -2.59 15.09
CAC CLA GA . 3.36 -1.45 17.09
CBC CLA GA . 4.51 -1.00 16.23
ND CLA GA . 0.75 3.14 17.87
C1D CLA GA . 1.90 2.53 18.38
C2D CLA GA . 2.55 3.44 19.30
C3D CLA GA . 1.79 4.58 19.33
C4D CLA GA . 0.66 4.33 18.44
CMD CLA GA . 3.77 3.10 19.99
CAD CLA GA . 1.61 5.89 19.91
OBD CLA GA . 2.32 6.53 20.68
CBD CLA GA . 0.26 6.43 19.36
CGD CLA GA . -0.69 6.67 20.47
O1D CLA GA . -1.56 5.90 20.89
O2D CLA GA . -0.53 7.88 21.05
CED CLA GA . -1.36 8.16 22.17
C1 CLA GA . 0.82 10.73 15.11
C2 CLA GA . 0.18 12.06 15.18
C3 CLA GA . 0.84 13.23 15.28
C4 CLA GA . 2.31 13.31 15.33
C5 CLA GA . 0.11 14.52 15.35
MG CLA HA . 15.30 39.76 12.80
CHA CLA HA . 15.12 43.09 12.00
CHB CLA HA . 18.49 39.66 11.59
CHC CLA HA . 15.68 36.66 14.18
CHD CLA HA . 12.02 39.92 14.04
NA CLA HA . 16.55 41.14 11.88
C1A CLA HA . 16.32 42.51 11.71
C2A CLA HA . 17.52 43.17 11.06
C3A CLA HA . 18.39 41.99 10.64
C4A CLA HA . 17.81 40.84 11.44
CMA CLA HA . 18.25 41.79 9.16
CAA CLA HA . 18.25 44.02 12.09
CBA CLA HA . 18.19 43.53 13.52
CGA CLA HA . 18.70 44.54 14.48
O1A CLA HA . 19.51 45.44 14.29
O2A CLA HA . 18.19 44.37 15.73
NB CLA HA . 16.78 38.41 12.83
C1B CLA HA . 18.01 38.57 12.31
C2B CLA HA . 18.83 37.37 12.58
C3B CLA HA . 18.05 36.51 13.31
C4B CLA HA . 16.74 37.17 13.49
CMB CLA HA . 20.21 37.28 12.11
CAB CLA HA . 18.33 35.23 13.88
CBB CLA HA . 18.86 34.19 13.24
NC CLA HA . 14.04 38.50 13.86
C1C CLA HA . 14.42 37.28 14.35
C2C CLA HA . 13.34 36.71 15.12
C3C CLA HA . 12.28 37.60 15.06
C4C CLA HA . 12.73 38.74 14.27
CMC CLA HA . 13.39 35.42 15.79
CAC CLA HA . 10.96 37.44 15.68
CBC CLA HA . 10.81 38.19 16.98
ND CLA HA . 13.81 41.11 12.89
C1D CLA HA . 12.51 41.04 13.42
C2D CLA HA . 11.84 42.33 13.18
C3D CLA HA . 12.80 43.15 12.65
C4D CLA HA . 14.02 42.35 12.51
CMD CLA HA . 10.46 42.65 13.52
CAD CLA HA . 13.10 44.45 12.09
OBD CLA HA . 12.34 45.39 11.89
CBD CLA HA . 14.62 44.49 11.76
CGD CLA HA . 14.83 44.93 10.34
O1D CLA HA . 15.74 45.61 9.87
O2D CLA HA . 13.87 44.50 9.51
CED CLA HA . 14.28 43.45 8.63
C1 CLA HA . 19.15 44.43 16.80
C2 CLA HA . 18.53 43.75 17.96
C3 CLA HA . 17.93 44.41 18.96
C4 CLA HA . 17.83 45.88 18.98
C5 CLA HA . 17.33 43.67 20.10
C6 CLA HA . 15.83 43.56 19.97
C7 CLA HA . 15.20 43.06 21.25
C8 CLA HA . 15.38 41.56 21.46
C9 CLA HA . 14.07 40.85 21.22
C10 CLA HA . 15.86 41.29 22.87
C11 CLA HA . 17.18 40.54 22.90
C12 CLA HA . 17.01 39.07 22.61
C13 CLA HA . 18.27 38.28 22.94
C14 CLA HA . 18.97 37.84 21.67
C15 CLA HA . 17.99 37.07 23.80
C16 CLA HA . 17.20 37.42 25.05
C17 CLA HA . 18.01 38.21 26.04
C18 CLA HA . 17.23 38.34 27.34
C19 CLA HA . 17.17 37.01 28.03
C20 CLA HA . 17.83 39.39 28.25
MG CLA IA . 5.96 32.08 2.09
CHA CLA IA . 7.57 31.54 -0.89
CHB CLA IA . 3.04 32.53 0.44
CHC CLA IA . 4.32 32.10 5.08
CHD CLA IA . 8.99 31.40 3.77
NA CLA IA . 5.43 32.12 0.09
C1A CLA IA . 6.24 31.80 -1.01
C2A CLA IA . 5.42 31.85 -2.29
C3A CLA IA . 4.08 32.45 -1.84
C4A CLA IA . 4.16 32.35 -0.33
CMA CLA IA . 3.97 33.88 -2.29
CAA CLA IA . 5.11 30.43 -2.79
CBA CLA IA . 5.14 29.37 -1.69
CGA CLA IA . 4.78 27.96 -1.96
O1A CLA IA . 4.87 27.30 -3.00
O2A CLA IA . 4.31 27.42 -0.79
NB CLA IA . 4.05 32.25 2.65
C1B CLA IA . 3.02 32.50 1.83
C2B CLA IA . 1.80 32.79 2.62
C3B CLA IA . 2.14 32.67 3.93
C4B CLA IA . 3.58 32.34 3.96
CMB CLA IA . 0.52 33.07 2.00
CAB CLA IA . 1.35 32.84 5.11
CBB CLA IA . 0.94 31.86 5.90
NC CLA IA . 6.56 31.86 4.06
C1C CLA IA . 5.72 31.88 5.12
C2C CLA IA . 6.43 31.59 6.33
C3C CLA IA . 7.76 31.41 5.97
C4C CLA IA . 7.83 31.59 4.54
CMC CLA IA . 5.80 31.46 7.63
CAC CLA IA . 8.86 31.02 6.85
CBC CLA IA . 9.06 29.52 6.87
ND CLA IA . 7.90 31.80 1.62
C1D CLA IA . 9.03 31.50 2.41
C2D CLA IA . 10.18 31.27 1.52
C3D CLA IA . 9.67 31.26 0.25
C4D CLA IA . 8.24 31.55 0.36
CMD CLA IA . 11.54 31.04 1.97
CAD CLA IA . 9.96 31.13 -1.16
OBD CLA IA . 11.03 30.99 -1.72
CBD CLA IA . 8.61 31.18 -1.91
CGD CLA IA . 8.69 32.12 -3.07
O1D CLA IA . 8.83 33.33 -3.06
O2D CLA IA . 8.59 31.47 -4.27
CED CLA IA . 8.53 32.26 -5.47
C1 CLA IA . 3.99 26.02 -0.66
C2 CLA IA . 4.93 25.51 0.37
C3 CLA IA . 4.61 24.85 1.50
C4 CLA IA . 3.22 24.56 1.88
C5 CLA IA . 5.69 24.40 2.41
C6 CLA IA . 5.33 23.42 3.50
C7 CLA IA . 6.51 23.17 4.39
C8 CLA IA . 6.28 23.62 5.83
C9 CLA IA . 6.71 25.05 6.00
C10 CLA IA . 7.03 22.76 6.81
C11 CLA IA . 6.43 21.38 6.96
C12 CLA IA . 7.44 20.39 7.46
C13 CLA IA . 6.76 19.10 7.90
C14 CLA IA . 6.31 19.16 9.33
C15 CLA IA . 7.69 17.92 7.73
C16 CLA IA . 6.90 16.74 7.22
C17 CLA IA . 6.92 15.60 8.21
C18 CLA IA . 5.76 14.65 7.96
C19 CLA IA . 5.16 14.19 9.27
C20 CLA IA . 6.19 13.49 7.08
MG CLA JA . 25.37 43.68 16.61
CHA CLA JA . 24.77 44.07 13.22
CHB CLA JA . 28.06 45.70 16.37
CHC CLA JA . 25.84 43.38 19.99
CHD CLA JA . 22.52 41.65 16.83
NA CLA JA . 26.27 44.70 15.03
C1A CLA JA . 25.88 44.75 13.69
C2A CLA JA . 26.81 45.65 12.89
C3A CLA JA . 27.89 46.04 13.91
C4A CLA JA . 27.38 45.45 15.21
CMA CLA JA . 29.21 45.42 13.60
CAA CLA JA . 26.12 46.91 12.38
CBA CLA JA . 25.44 47.73 13.47
CGA CLA JA . 24.00 47.38 13.68
O1A CLA JA . 23.14 47.21 12.83
O2A CLA JA . 23.66 47.21 14.99
NB CLA JA . 26.70 44.39 17.93
C1B CLA JA . 27.71 45.23 17.63
C2B CLA JA . 28.46 45.57 18.86
C3B CLA JA . 27.85 44.92 19.89
C4B CLA JA . 26.72 44.16 19.31
CMB CLA JA . 29.60 46.47 18.82
CAB CLA JA . 28.13 44.90 21.30
CBB CLA JA . 28.30 45.95 22.09
NC CLA JA . 24.36 42.69 18.12
C1C CLA JA . 24.73 42.70 19.43
C2C CLA JA . 23.80 41.90 20.21
C3C CLA JA . 22.86 41.40 19.31
C4C CLA JA . 23.23 41.90 18.01
CMC CLA JA . 23.86 41.71 21.65
CAC CLA JA . 21.73 40.55 19.62
CBC CLA JA . 20.51 41.39 19.91
ND CLA JA . 23.95 42.98 15.36
C1D CLA JA . 22.84 42.15 15.59
C2D CLA JA . 22.14 41.93 14.31
C3D CLA JA . 22.84 42.64 13.37
C4D CLA JA . 23.95 43.28 14.08
CMD CLA JA . 20.96 41.10 14.16
CAD CLA JA . 22.94 43.01 11.98
OBD CLA JA . 22.24 42.70 11.03
CBD CLA JA . 24.17 43.94 11.84
CGD CLA JA . 25.20 43.37 10.91
O1D CLA JA . 26.32 42.96 11.18
O2D CLA JA . 24.79 43.30 9.62
CED CLA JA . 25.73 42.78 8.67
C1 CLA JA . 22.50 46.41 15.32
C2 CLA JA . 22.73 45.84 16.67
C3 CLA JA . 22.14 46.24 17.82
C4 CLA JA . 21.16 47.34 17.89
C5 CLA JA . 22.46 45.58 19.11
C6 CLA JA . 23.43 46.42 19.91
C7 CLA JA . 23.31 46.16 21.39
C8 CLA JA . 24.46 46.81 22.13
C9 CLA JA . 24.76 46.03 23.39
MG CLA KA . 22.78 34.98 13.18
CHA CLA KA . 21.66 32.02 11.81
CHB CLA KA . 22.02 33.81 16.28
CHC CLA KA . 23.90 37.90 14.50
CHD CLA KA . 23.38 36.20 9.94
NA CLA KA . 21.97 33.20 13.90
C1A CLA KA . 21.60 32.07 13.17
C2A CLA KA . 21.05 31.01 14.10
C3A CLA KA . 21.04 31.67 15.48
C4A CLA KA . 21.74 32.98 15.22
CMA CLA KA . 19.62 31.91 15.91
CAA CLA KA . 21.97 29.82 14.18
CBA CLA KA . 21.10 28.61 14.38
CGA CLA KA . 21.54 27.92 15.61
O1A CLA KA . 22.64 27.44 15.84
O2A CLA KA . 20.59 27.88 16.57
NB CLA KA . 22.96 35.69 15.04
C1B CLA KA . 22.63 35.06 16.18
C2B CLA KA . 22.94 35.91 17.36
C3B CLA KA . 23.46 37.07 16.86
C4B CLA KA . 23.46 36.96 15.38
CMB CLA KA . 22.66 35.50 18.72
CAB CLA KA . 23.91 38.24 17.54
CBB CLA KA . 24.89 38.27 18.44
NC CLA KA . 23.55 36.72 12.35
C1C CLA KA . 23.96 37.78 13.09
C2C CLA KA . 24.46 38.82 12.21
C3C CLA KA . 24.29 38.37 10.90
C4C CLA KA . 23.70 37.05 11.01
CMC CLA KA . 25.04 40.06 12.67
CAC CLA KA . 24.65 39.08 9.68
CBC CLA KA . 26.10 39.00 9.29
ND CLA KA . 22.61 34.32 11.29
C1D CLA KA . 22.88 34.93 10.04
C2D CLA KA . 22.52 33.99 8.97
C3D CLA KA . 22.04 32.86 9.59
C4D CLA KA . 22.12 33.12 11.03
CMD CLA KA . 22.65 34.27 7.55
CAD CLA KA . 21.46 31.54 9.41
OBD CLA KA . 21.15 30.96 8.39
CBD CLA KA . 21.23 30.96 10.83
CGD CLA KA . 19.80 30.59 11.03
O1D CLA KA . 19.33 29.70 11.75
O2D CLA KA . 18.92 31.36 10.35
CED CLA KA . 17.69 31.61 10.99
C1 CLA KA . 20.78 28.74 17.70
C2 CLA KA . 19.42 29.09 18.16
C3 CLA KA . 19.17 29.86 19.23
C4 CLA KA . 20.26 30.44 20.05
C5 CLA KA . 17.77 30.18 19.61
C6 CLA KA . 17.60 31.62 20.01
C7 CLA KA . 17.24 32.47 18.81
C8 CLA KA . 17.34 33.96 19.10
C9 CLA KA . 16.18 34.43 19.93
C10 CLA KA . 17.36 34.70 17.79
C11 CLA KA . 18.77 35.16 17.53
C12 CLA KA . 19.01 36.51 18.17
C13 CLA KA . 18.81 37.58 17.13
C14 CLA KA . 19.94 37.57 16.13
C15 CLA KA . 18.77 38.94 17.77
C16 CLA KA . 17.79 39.82 17.04
C17 CLA KA . 16.42 39.68 17.66
C18 CLA KA . 15.30 40.00 16.69
C19 CLA KA . 15.58 41.28 15.93
C20 CLA KA . 14.01 40.14 17.46
MG CLA LA . 17.03 29.36 33.25
CHA CLA LA . 14.16 28.02 34.60
CHB CLA LA . 16.86 27.15 30.70
CHC CLA LA . 19.61 31.00 31.71
CHD CLA LA . 17.17 31.65 35.92
NA CLA LA . 15.73 27.79 32.79
C1A CLA LA . 14.56 27.41 33.44
C2A CLA LA . 13.93 26.21 32.75
C3A CLA LA . 14.96 25.83 31.68
C4A CLA LA . 15.93 27.01 31.70
CMA CLA LA . 15.67 24.56 32.02
CAA CLA LA . 12.57 26.49 32.13
CBA CLA LA . 12.56 27.74 31.29
CGA CLA LA . 11.22 28.41 31.37
O1A CLA LA . 10.53 28.63 32.36
O2A CLA LA . 10.77 28.84 30.16
NB CLA LA . 18.08 29.08 31.56
C1B CLA LA . 17.79 28.18 30.61
C2B CLA LA . 18.61 28.41 29.41
C3B CLA LA . 19.40 29.50 29.68
C4B CLA LA . 19.06 29.94 31.06
CMB CLA LA . 18.50 27.57 28.22
CAB CLA LA . 20.36 30.19 28.89
CBB CLA LA . 21.36 29.62 28.23
NC CLA LA . 18.21 30.98 33.77
C1C CLA LA . 19.21 31.47 32.99
C2C CLA LA . 19.80 32.62 33.64
C3C CLA LA . 19.11 32.82 34.81
C4C CLA LA . 18.11 31.78 34.89
CMC CLA LA . 20.90 33.42 33.10
CAC CLA LA . 19.35 33.87 35.80
CBC CLA LA . 20.37 33.45 36.81
ND CLA LA . 16.01 29.74 34.95
C1D CLA LA . 16.18 30.71 35.97
C2D CLA LA . 15.12 30.53 36.97
C3D CLA LA . 14.30 29.54 36.49
C4D CLA LA . 14.90 29.08 35.23
CMD CLA LA . 14.99 31.32 38.19
CAD CLA LA . 13.13 28.74 36.71
OBD CLA LA . 12.31 28.79 37.62
CBD CLA LA . 12.99 27.77 35.52
CGD CLA LA . 13.00 26.36 35.94
O1D CLA LA . 12.53 25.39 35.35
O2D CLA LA . 13.62 26.15 37.12
CED CLA LA . 14.32 24.92 37.19
C1 CLA LA . 9.81 29.91 30.17
C2 CLA LA . 10.55 31.19 30.19
C3 CLA LA . 10.05 32.32 30.69
C4 CLA LA . 8.67 32.38 31.26
C5 CLA LA . 10.84 33.59 30.70
MG CLA MA . 25.40 35.76 39.25
CHA CLA MA . 24.52 37.01 42.36
CHB CLA MA . 22.59 37.07 37.92
CHC CLA MA . 26.37 34.60 36.17
CHD CLA MA . 28.37 34.48 40.66
NA CLA MA . 23.83 36.87 40.04
C1A CLA MA . 23.65 37.32 41.35
C2A CLA MA . 22.36 38.12 41.47
C3A CLA MA . 21.77 38.07 40.05
C4A CLA MA . 22.80 37.29 39.26
CMA CLA MA . 20.45 37.37 40.02
CAA CLA MA . 22.61 39.57 41.80
CBA CLA MA . 23.76 40.13 41.02
CGA CLA MA . 24.24 41.34 41.75
O1A CLA MA . 24.40 41.48 42.96
O2A CLA MA . 24.54 42.37 40.91
NB CLA MA . 24.65 35.85 37.40
C1B CLA MA . 23.45 36.36 37.07
C2B CLA MA . 23.14 36.06 35.64
C3B CLA MA . 24.20 35.37 35.14
C4B CLA MA . 25.17 35.22 36.25
CMB CLA MA . 21.90 36.50 35.02
CAB CLA MA . 24.45 34.85 33.82
CBB CLA MA . 24.31 35.49 32.66
NC CLA MA . 27.06 34.72 38.56
C1C CLA MA . 27.25 34.37 37.26
C2C CLA MA . 28.52 33.69 37.11
C3C CLA MA . 29.10 33.65 38.38
C4C CLA MA . 28.17 34.31 39.28
CMC CLA MA . 29.04 33.17 35.86
CAC CLA MA . 30.39 33.08 38.74
CBC CLA MA . 31.48 34.12 38.63
ND CLA MA . 26.27 35.67 41.07
C1D CLA MA . 27.49 35.11 41.51
C2D CLA MA . 27.58 35.28 42.97
C3D CLA MA . 26.46 35.97 43.36
C4D CLA MA . 25.69 36.22 42.13
CMD CLA MA . 28.69 34.76 43.78
CAD CLA MA . 25.70 36.53 44.46
OBD CLA MA . 25.90 36.47 45.66
CBD CLA MA . 24.49 37.27 43.84
CGD CLA MA . 23.21 36.77 44.43
O2D CLA MA . 22.73 35.66 43.79
CED CLA MA . 21.56 35.03 44.32
MG CLA NA . 10.22 32.63 37.62
CHA CLA NA . 7.39 30.88 38.60
CHB CLA NA . 10.52 30.64 34.91
CHC CLA NA . 13.04 34.37 36.71
CHD CLA NA . 9.78 34.81 40.36
NA CLA NA . 9.12 31.02 36.89
C1A CLA NA . 7.97 30.44 37.43
C2A CLA NA . 7.48 29.30 36.53
C3A CLA NA . 8.51 29.26 35.40
C4A CLA NA . 9.46 30.39 35.73
CMA CLA NA . 9.21 27.95 35.35
CAA CLA NA . 6.13 29.60 35.90
CBA CLA NA . 6.01 31.01 35.40
CGA CLA NA . 4.72 31.15 34.66
O1A CLA NA . 3.81 30.33 34.55
O2A CLA NA . 4.58 32.38 34.06
NB CLA NA . 11.53 32.53 36.10
C1B CLA NA . 11.49 31.63 35.10
C2B CLA NA . 12.67 31.80 34.23
C3B CLA NA . 13.39 32.86 34.71
C4B CLA NA . 12.67 33.34 35.92
CMB CLA NA . 12.90 30.98 33.05
CAB CLA NA . 14.61 33.45 34.25
CBB CLA NA . 14.81 33.96 33.03
NC CLA NA . 11.23 34.28 38.41
C1C CLA NA . 12.36 34.82 37.87
C2C CLA NA . 12.80 35.94 38.66
C3C CLA NA . 11.87 36.10 39.69
C4C CLA NA . 10.87 35.05 39.51
CMC CLA NA . 14.00 36.71 38.38
CAC CLA NA . 11.92 37.12 40.74
CBC CLA NA . 11.29 38.41 40.30
ND CLA NA . 8.95 32.83 39.16
C1D CLA NA . 8.89 33.75 40.23
C2D CLA NA . 7.75 33.39 41.08
C3D CLA NA . 7.17 32.30 40.52
C4D CLA NA . 7.93 32.00 39.31
CMD CLA NA . 7.35 34.05 42.32
CAD CLA NA . 6.08 31.36 40.61
OBD CLA NA . 5.20 31.28 41.46
CBD CLA NA . 6.20 30.41 39.40
CGD CLA NA . 6.28 29.02 39.92
O1D CLA NA . 5.46 28.43 40.62
O2D CLA NA . 7.39 28.32 39.56
CED CLA NA . 8.35 28.06 40.58
MG CLA OA . 39.04 29.68 36.22
CHA CLA OA . 40.73 27.83 38.61
CHB CLA OA . 37.12 31.08 38.63
CHC CLA OA . 37.64 31.73 33.85
CHD CLA OA . 41.14 28.30 33.75
NA CLA OA . 38.94 29.44 38.28
C1A CLA OA . 39.76 28.66 39.10
C2A CLA OA . 39.36 28.82 40.58
C3A CLA OA . 38.15 29.77 40.51
C4A CLA OA . 38.05 30.15 39.04
CMA CLA OA . 36.90 29.12 41.00
CAA CLA OA . 40.50 29.48 41.36
CBA CLA OA . 40.85 30.86 40.86
CGA CLA OA . 42.13 30.91 40.11
O1A CLA OA . 43.26 31.13 40.55
O2A CLA OA . 41.99 30.70 38.77
NB CLA OA . 37.57 31.03 36.22
C1B CLA OA . 36.96 31.52 37.31
C2B CLA OA . 36.08 32.66 36.94
C3B CLA OA . 36.24 32.85 35.59
C4B CLA OA . 37.20 31.83 35.13
CMB CLA OA . 35.31 33.37 37.96
CAB CLA OA . 35.75 33.83 34.65
CBB CLA OA . 34.67 34.61 34.72
NC CLA OA . 39.31 29.93 34.17
C1C CLA OA . 38.65 30.83 33.40
C2C CLA OA . 39.11 30.76 32.03
C3C CLA OA . 40.12 29.80 32.00
C4C CLA OA . 40.24 29.29 33.35
CMC CLA OA . 38.62 31.59 30.93
CAC CLA OA . 40.92 29.40 30.84
CBC CLA OA . 40.50 28.10 30.21
ND CLA OA . 40.58 28.39 36.13
C1D CLA OA . 41.30 27.87 35.04
C2D CLA OA . 42.23 26.84 35.53
C3D CLA OA . 42.08 26.80 36.90
C4D CLA OA . 41.03 27.78 37.22
CMD CLA OA . 43.12 26.09 34.67
CAD CLA OA . 42.50 26.19 38.12
OBD CLA OA . 43.36 25.35 38.33
CBD CLA OA . 41.64 26.80 39.25
CGD CLA OA . 40.87 25.73 39.94
O1D CLA OA . 39.67 25.49 39.87
O2D CLA OA . 41.65 24.95 40.73
CED CLA OA . 41.03 23.87 41.44
C1 CLA OA . 42.16 31.82 37.86
C2 CLA OA . 42.83 31.26 36.66
C3 CLA OA . 42.74 31.75 35.41
C4 CLA OA . 43.47 31.07 34.31
C5 CLA OA . 41.92 32.94 35.02
C6 CLA OA . 42.50 33.76 33.88
C7 CLA OA . 41.41 34.18 32.91
C8 CLA OA . 41.97 34.80 31.64
C9 CLA OA . 42.00 36.31 31.76
C10 CLA OA . 41.13 34.43 30.44
C11 CLA OA . 41.90 34.56 29.14
C12 CLA OA . 41.21 33.81 28.01
C13 CLA OA . 41.90 33.97 26.65
C14 CLA OA . 43.05 33.01 26.50
C15 CLA OA . 42.36 35.40 26.41
MG CLA PA . 36.02 21.58 29.57
CHA CLA PA . 34.58 18.50 28.96
CHB CLA PA . 35.47 21.18 32.87
CHC CLA PA . 37.56 24.60 30.12
CHD CLA PA . 36.59 21.94 26.10
NA CLA PA . 35.16 20.05 30.71
C1A CLA PA . 34.62 18.85 30.28
C2A CLA PA . 34.12 18.04 31.47
C3A CLA PA . 34.26 19.00 32.65
C4A CLA PA . 35.04 20.16 32.05
CMA CLA PA . 32.91 19.44 33.10
CAA CLA PA . 35.02 16.84 31.70
CBA CLA PA . 35.38 16.58 33.14
CGA CLA PA . 36.83 16.87 33.35
O1A CLA PA . 37.54 16.53 34.29
O2A CLA PA . 37.41 17.60 32.36
NB CLA PA . 36.45 22.67 31.18
C1B CLA PA . 36.16 22.31 32.44
C2B CLA PA . 36.64 23.35 33.36
C3B CLA PA . 37.23 24.33 32.61
C4B CLA PA . 37.12 23.91 31.20
CMB CLA PA . 36.41 23.24 34.80
CAB CLA PA . 37.88 25.53 33.02
CBB CLA PA . 38.92 25.60 33.85
NC CLA PA . 36.87 23.01 28.33
C1C CLA PA . 37.42 24.18 28.76
C2C CLA PA . 37.90 24.95 27.62
C3C CLA PA . 37.65 24.19 26.49
C4C CLA PA . 37.01 22.97 26.95
CMC CLA PA . 38.52 26.25 27.70
CAC CLA PA . 37.94 24.55 25.11
CBC CLA PA . 39.25 23.99 24.64
ND CLA PA . 35.67 20.54 27.88
C1D CLA PA . 35.97 20.79 26.53
C2D CLA PA . 35.51 19.66 25.73
C3D CLA PA . 34.93 18.77 26.60
C4D CLA PA . 35.08 19.35 27.94
CMD CLA PA . 35.61 19.57 24.29
CAD CLA PA . 34.26 17.51 26.74
OBD CLA PA . 33.90 16.72 25.87
CBD CLA PA . 34.02 17.30 28.24
CGD CLA PA . 32.55 17.19 28.51
O1D CLA PA . 31.80 18.09 28.85
O2D CLA PA . 32.03 15.96 28.32
CED CLA PA . 30.67 15.77 28.66
C1 CLA PA . 38.49 18.47 32.73
C2 CLA PA . 38.57 19.51 31.66
C3 CLA PA . 39.61 19.63 30.82
C4 CLA PA . 40.77 18.72 30.87
C5 CLA PA . 39.62 20.69 29.77
C6 CLA PA . 40.88 21.51 29.83
C7 CLA PA . 41.01 22.35 28.57
C8 CLA PA . 42.09 23.41 28.71
C9 CLA PA . 41.82 24.28 29.93
C10 CLA PA . 42.17 24.22 27.42
C11 CLA PA . 42.82 25.59 27.56
C12 CLA PA . 42.88 26.35 26.25
C13 CLA PA . 43.48 27.73 26.44
C14 CLA PA . 44.24 28.17 25.20
MG CLA QA . 27.62 23.08 26.92
CHA CLA QA . 25.32 21.19 28.62
CHB CLA QA . 29.94 20.68 27.42
CHC CLA QA . 29.80 24.82 24.93
CHD CLA QA . 25.11 25.43 26.16
NA CLA QA . 27.62 21.27 27.93
C1A CLA QA . 26.56 20.64 28.56
C2A CLA QA . 27.01 19.28 29.11
C3A CLA QA . 28.53 19.34 28.98
C4A CLA QA . 28.73 20.50 28.02
CMA CLA QA . 29.19 19.60 30.31
CAA CLA QA . 26.42 18.22 28.19
CBA CLA QA . 27.38 17.42 27.33
CGA CLA QA . 27.52 18.10 26.02
O1A CLA QA . 27.11 19.20 25.70
O2A CLA QA . 28.22 17.38 25.10
NB CLA QA . 29.54 22.88 26.42
C1B CLA QA . 30.21 21.73 26.55
C2B CLA QA . 31.35 21.69 25.64
C3B CLA QA . 31.35 22.85 24.93
C4B CLA QA . 30.18 23.63 25.43
CMB CLA QA . 32.18 20.53 25.60
CAB CLA QA . 32.21 23.32 23.90
CBB CLA QA . 33.55 23.35 23.97
NC CLA QA . 27.49 24.84 25.84
C1C CLA QA . 28.52 25.37 25.14
C2C CLA QA . 28.12 26.60 24.52
C3C CLA QA . 26.78 26.77 24.80
C4C CLA QA . 26.38 25.65 25.63
CMC CLA QA . 29.04 27.39 23.73
CAC CLA QA . 25.91 27.85 24.37
CBC CLA QA . 25.24 27.55 23.06
ND CLA QA . 25.66 23.33 27.29
C1D CLA QA . 24.76 24.35 26.93
C2D CLA QA . 23.44 24.03 27.51
C3D CLA QA . 23.61 22.84 28.20
C4D CLA QA . 25.00 22.44 28.02
CMD CLA QA . 22.26 24.84 27.34
CAD CLA QA . 22.99 21.82 28.99
OBD CLA QA . 21.83 21.73 29.39
CBD CLA QA . 24.05 20.75 29.30
CGD CLA QA . 24.23 20.74 30.78
O1D CLA QA . 23.87 21.63 31.54
O2D CLA QA . 24.83 19.64 31.28
CED CLA QA . 24.90 19.54 32.70
C1 CLA QA . 29.59 17.73 24.94
C2 CLA QA . 29.74 18.62 23.75
C3 CLA QA . 30.82 18.59 22.97
C4 CLA QA . 31.92 17.64 23.22
C5 CLA QA . 31.00 19.47 21.78
C6 CLA QA . 30.47 20.86 21.92
C7 CLA QA . 30.44 21.56 20.57
C8 CLA QA . 30.70 23.06 20.66
C9 CLA QA . 29.45 23.82 20.35
C10 CLA QA . 31.81 23.47 19.70
C11 CLA QA . 33.00 24.02 20.46
C12 CLA QA . 34.20 24.26 19.58
C13 CLA QA . 35.40 24.61 20.43
C14 CLA QA . 36.55 25.14 19.61
C15 CLA QA . 35.87 23.39 21.21
C16 CLA QA . 36.27 22.28 20.27
C17 CLA QA . 36.68 21.04 21.03
C18 CLA QA . 36.33 19.79 20.25
C19 CLA QA . 34.83 19.68 20.10
C20 CLA QA . 36.86 18.57 20.96
MG CLA RA . 32.27 44.15 21.79
CHA CLA RA . 33.08 45.23 18.60
CHB CLA RA . 34.35 46.45 23.13
CHC CLA RA . 31.37 43.07 24.91
CHD CLA RA . 30.15 41.72 20.37
NA CLA RA . 33.49 45.63 20.96
C1A CLA RA . 33.68 45.94 19.62
C2A CLA RA . 34.65 47.11 19.48
C3A CLA RA . 35.07 47.42 20.94
C4A CLA RA . 34.23 46.45 21.75
CMA CLA RA . 36.52 47.16 21.15
CAA CLA RA . 33.96 48.34 18.89
CBA CLA RA . 33.36 49.29 19.90
CGA CLA RA . 31.86 49.28 19.82
O1A CLA RA . 31.12 49.82 18.98
O2A CLA RA . 31.29 48.55 20.82
NB CLA RA . 32.72 44.70 23.67
C1B CLA RA . 33.66 45.61 24.01
C2B CLA RA . 33.88 45.57 25.48
C3B CLA RA . 33.04 44.61 25.98
C4B CLA RA . 32.30 44.06 24.84
CMB CLA RA . 34.84 46.42 26.17
CAB CLA RA . 32.84 44.16 27.32
CBB CLA RA . 31.74 44.34 28.06
NC CLA RA . 30.99 42.67 22.49
C1C CLA RA . 30.75 42.43 23.81
C2C CLA RA . 29.80 41.36 23.97
C3C CLA RA . 29.46 40.94 22.69
C4C CLA RA . 30.22 41.78 21.77
CMC CLA RA . 29.34 40.86 25.25
CAC CLA RA . 28.55 39.84 22.36
CBC CLA RA . 27.24 40.27 21.77
ND CLA RA . 31.74 43.55 19.96
C1D CLA RA . 30.85 42.54 19.52
C2D CLA RA . 30.82 42.53 18.06
C3D CLA RA . 31.67 43.53 17.65
C4D CLA RA . 32.21 44.14 18.87
CMD CLA RA . 30.00 41.62 17.28
CAD CLA RA . 32.24 44.22 16.53
OBD CLA RA . 32.06 44.04 15.33
CBD CLA RA . 33.16 45.32 17.10
CGD CLA RA . 34.55 45.09 16.64
O1D CLA RA . 35.16 45.66 15.72
O2D CLA RA . 35.19 44.13 17.32
CED CLA RA . 36.35 43.54 16.72
C1 CLA RA . 30.38 49.21 21.73
C2 CLA RA . 30.75 48.76 23.09
C3 CLA RA . 29.89 48.69 24.13
C4 CLA RA . 28.47 49.05 24.00
C5 CLA RA . 30.36 48.23 25.46
C6 CLA RA . 29.56 47.05 25.99
C7 CLA RA . 29.29 47.18 27.47
C8 CLA RA . 28.11 46.32 27.91
MG CLA SA . 38.02 30.17 15.23
CHA CLA SA . 39.91 30.95 12.45
CHB CLA SA . 35.59 28.92 13.21
CHC CLA SA . 36.30 29.15 18.00
CHD CLA SA . 40.57 31.45 17.28
NA CLA SA . 37.79 30.01 13.17
C1A CLA SA . 38.70 30.37 12.17
C2A CLA SA . 38.16 30.04 10.80
C3A CLA SA . 36.73 29.58 11.08
C4A CLA SA . 36.68 29.48 12.60
CMA CLA SA . 35.77 30.61 10.57
CAA CLA SA . 38.91 28.88 10.16
CBA CLA SA . 39.28 27.78 11.13
CGA CLA SA . 40.52 27.08 10.73
O1A CLA SA . 41.66 27.51 10.67
O2A CLA SA . 40.29 25.78 10.36
NB CLA SA . 36.25 29.28 15.55
C1B CLA SA . 35.46 28.77 14.59
C2B CLA SA . 34.37 27.99 15.18
C3B CLA SA . 34.55 28.04 16.54
C4B CLA SA . 35.76 28.85 16.80
CMB CLA SA . 33.36 27.33 14.37
CAB CLA SA . 33.79 27.42 17.59
CBB CLA SA . 32.48 27.56 17.78
NC CLA SA . 38.36 30.34 17.27
C1C CLA SA . 37.52 29.85 18.22
C2C CLA SA . 38.06 30.13 19.53
C3C CLA SA . 39.28 30.77 19.36
C4C CLA SA . 39.46 30.89 17.92
CMC CLA SA . 37.39 29.76 20.77
CAC CLA SA . 40.19 31.27 20.39
CBC CLA SA . 41.37 30.36 20.64
ND CLA SA . 39.81 31.06 15.00
C1D CLA SA . 40.76 31.52 15.93
C2D CLA SA . 41.90 32.07 15.20
C3D CLA SA . 41.64 31.88 13.87
C4D CLA SA . 40.32 31.23 13.79
CMD CLA SA . 43.07 32.66 15.84
CAD CLA SA . 42.07 32.07 12.51
OBD CLA SA . 43.08 32.61 12.09
CBD CLA SA . 41.02 31.45 11.57
CGD CLA SA . 40.59 32.45 10.55
O1D CLA SA . 40.64 33.67 10.65
O2D CLA SA . 40.11 31.94 9.39
CED CLA SA . 40.48 32.64 8.21
C1 CLA SA . 40.46 24.76 11.36
C2 CLA SA . 40.02 23.53 10.67
C3 CLA SA . 39.85 22.34 11.25
C4 CLA SA . 40.09 22.11 12.69
C5 CLA SA . 39.39 21.16 10.46
C6 CLA SA . 39.37 21.41 8.97
C7 CLA SA . 39.38 20.11 8.22
C8 CLA SA . 38.92 20.25 6.78
C9 CLA SA . 37.48 20.72 6.72
C10 CLA SA . 39.05 18.90 6.11
C11 CLA SA . 39.15 19.02 4.61
C12 CLA SA . 39.19 17.64 3.99
C13 CLA SA . 39.04 17.59 2.49
C14 CLA SA . 39.79 16.37 2.00
C15 CLA SA . 39.53 18.86 1.78
C16 CLA SA . 39.76 18.68 0.29
C17 CLA SA . 38.65 19.28 -0.54
C18 CLA SA . 39.16 19.54 -1.95
C19 CLA SA . 38.06 20.01 -2.87
C20 CLA SA . 40.24 20.58 -1.91
MG CLA TA . 45.20 39.08 16.25
CHA CLA TA . 45.69 42.43 15.50
CHB CLA TA . 48.16 38.30 14.78
CHC CLA TA . 44.70 35.80 17.10
CHD CLA TA . 42.17 39.96 17.82
NA CLA TA . 46.69 40.20 15.31
C1A CLA TA . 46.72 41.59 15.13
C2A CLA TA . 48.00 41.99 14.44
C3A CLA TA . 48.71 40.65 14.16
C4A CLA TA . 47.81 39.63 14.82
CMA CLA TA . 48.81 40.41 12.67
CAA CLA TA . 48.89 42.77 15.41
CBA CLA TA . 49.04 42.17 16.79
NB CLA TA . 46.24 37.38 16.00
C1B CLA TA . 47.40 37.26 15.33
C2B CLA TA . 47.76 35.82 15.21
C3B CLA TA . 46.79 35.12 15.87
C4B CLA TA . 45.80 36.10 16.38
CMB CLA TA . 48.95 35.33 14.53
CAB CLA TA . 46.66 33.70 16.08
CBB CLA TA . 46.93 33.08 17.24
NC CLA TA . 43.71 38.07 17.27
C1C CLA TA . 43.71 36.73 17.52
C2C CLA TA . 42.54 36.37 18.27
C3C CLA TA . 41.83 37.54 18.48
C4C CLA TA . 42.57 38.62 17.86
CMC CLA TA . 42.24 35.01 18.72
CAC CLA TA . 40.59 37.71 19.23
CBC CLA TA . 40.95 38.12 20.64
ND CLA TA . 44.12 40.75 16.61
C1D CLA TA . 42.88 40.96 17.23
C2D CLA TA . 42.51 42.39 17.13
C3D CLA TA . 43.55 42.99 16.45
C4D CLA TA . 44.53 41.93 16.17
CMD CLA TA . 41.27 42.97 17.65
CAD CLA TA . 44.07 44.22 15.93
OBD CLA TA . 43.58 45.33 15.94
CBD CLA TA . 45.44 43.91 15.30
CGD CLA TA . 45.38 44.31 13.86
O1D CLA TA . 45.34 45.46 13.42
O2D CLA TA . 45.33 43.29 12.96
CED CLA TA . 44.71 43.55 11.69
MG CLA UA . 49.37 32.32 10.69
CHA CLA UA . 49.21 35.77 10.36
CHB CLA UA . 52.39 32.32 9.17
CHC CLA UA . 49.55 28.95 11.22
CHD CLA UA . 46.25 32.38 12.33
NA CLA UA . 50.57 33.82 9.88
C1A CLA UA . 50.33 35.19 9.85
C2A CLA UA . 51.48 35.92 9.19
C3A CLA UA . 52.28 34.78 8.56
C4A CLA UA . 51.75 33.54 9.26
CMA CLA UA . 51.93 34.76 7.10
CAA CLA UA . 52.33 36.56 10.27
NB CLA UA . 50.69 30.90 10.23
C1B CLA UA . 51.93 31.10 9.72
C2B CLA UA . 52.69 29.82 9.75
C3B CLA UA . 51.88 28.88 10.33
C4B CLA UA . 50.60 29.55 10.63
CMB CLA UA . 54.05 29.68 9.26
CAB CLA UA . 52.07 27.49 10.62
CBB CLA UA . 52.96 26.99 11.46
NC CLA UA . 48.10 30.92 11.58
C1C CLA UA . 48.37 29.60 11.65
C2C CLA UA . 47.28 28.90 12.31
C3C CLA UA . 46.34 29.87 12.66
C4C CLA UA . 46.87 31.14 12.18
CMC CLA UA . 47.26 27.46 12.57
CAC CLA UA . 45.07 29.67 13.34
CBC CLA UA . 43.99 29.15 12.42
ND CLA UA . 48.00 33.70 11.24
C1D CLA UA . 46.76 33.58 11.91
C2D CLA UA . 46.19 34.93 12.03
C3D CLA UA . 47.07 35.80 11.44
C4D CLA UA . 48.19 34.98 10.97
CMD CLA UA . 44.92 35.23 12.67
CAD CLA UA . 47.36 37.17 11.13
OBD CLA UA . 46.71 38.18 11.37
CBD CLA UA . 48.72 37.19 10.39
CGD CLA UA . 48.51 37.70 9.00
O1D CLA UA . 48.73 37.11 7.95
O2D CLA UA . 47.98 38.95 8.94
CED CLA UA . 47.80 39.56 7.66
MG CLA VA . 44.47 25.32 4.28
CHA CLA VA . 43.34 27.43 6.76
CHB CLA VA . 47.39 24.91 5.95
CHC CLA VA . 45.35 22.83 2.08
CHD CLA VA . 41.39 25.68 2.61
NA CLA VA . 45.24 26.11 6.03
C1A CLA VA . 44.60 26.93 6.96
C2A CLA VA . 45.54 27.24 8.14
C3A CLA VA . 46.88 26.63 7.70
C4A CLA VA . 46.50 25.80 6.48
CMA CLA VA . 47.89 27.68 7.34
CAA CLA VA . 45.03 26.60 9.41
CBA CLA VA . 45.76 25.33 9.86
CGA CLA VA . 44.77 24.25 10.16
O1A CLA VA . 43.56 24.36 10.37
O2A CLA VA . 45.32 23.00 10.18
NB CLA VA . 46.04 24.08 4.08
C1B CLA VA . 47.17 24.11 4.83
C2B CLA VA . 48.17 23.17 4.27
C3B CLA VA . 47.60 22.58 3.17
C4B CLA VA . 46.24 23.16 3.04
CMB CLA VA . 49.49 22.98 4.85
CAB CLA VA . 48.11 21.60 2.25
CBB CLA VA . 48.48 20.36 2.58
NC CLA VA . 43.55 24.48 2.62
C1C CLA VA . 44.09 23.46 1.88
C2C CLA VA . 43.17 23.07 0.84
C3C CLA VA . 42.06 23.89 0.94
C4C CLA VA . 42.31 24.77 2.08
CMC CLA VA . 43.45 22.00 -0.11
CAC CLA VA . 40.87 23.85 0.11
CBC CLA VA . 41.04 24.59 -1.18
ND CLA VA . 42.82 26.45 4.46
C1D CLA VA . 41.61 26.46 3.73
C2D CLA VA . 40.69 27.42 4.36
C3D CLA VA . 41.30 27.82 5.52
C4D CLA VA . 42.60 27.15 5.56
CMD CLA VA . 39.37 27.77 3.83
CAD CLA VA . 41.23 28.68 6.68
OBD CLA VA . 40.41 29.53 6.96
CBD CLA VA . 42.46 28.34 7.57
CGD CLA VA . 43.21 29.57 7.95
O1D CLA VA . 43.84 29.79 8.99
O2D CLA VA . 43.22 30.53 7.02
CED CLA VA . 44.44 31.23 6.86
C1 CLA VA . 44.56 21.96 10.83
C2 CLA VA . 45.02 20.65 10.30
C3 CLA VA . 44.19 19.70 9.85
C4 CLA VA . 42.74 19.88 9.84
C5 CLA VA . 44.66 18.40 9.31
C6 CLA VA . 44.19 18.22 7.88
C7 CLA VA . 43.44 16.93 7.68
C8 CLA VA . 43.35 16.59 6.20
C9 CLA VA . 42.01 16.02 5.86
C10 CLA VA . 44.42 15.58 5.82
C11 CLA VA . 44.30 14.30 6.60
C12 CLA VA . 44.81 13.12 5.80
C13 CLA VA . 46.34 13.08 5.72
C14 CLA VA . 46.81 13.27 4.29
C15 CLA VA . 46.88 11.77 6.27
C16 CLA VA . 47.76 11.98 7.46
C17 CLA VA . 46.96 12.19 8.73
C18 CLA VA . 47.17 11.04 9.70
C19 CLA VA . 48.62 10.91 10.09
C20 CLA VA . 46.33 11.23 10.92
MG CLA WA . 33.37 28.63 8.84
CHA CLA WA . 30.50 28.84 10.77
CHB CLA WA . 33.96 25.54 10.04
CHC CLA WA . 36.37 28.60 7.18
CHD CLA WA . 32.74 31.85 7.59
NA CLA WA . 32.32 27.38 10.13
C1A CLA WA . 31.14 27.63 10.86
C2A CLA WA . 30.75 26.37 11.66
C3A CLA WA . 31.76 25.31 11.19
C4A CLA WA . 32.76 26.12 10.39
CMA CLA WA . 32.43 24.49 12.26
CAA CLA WA . 29.37 25.87 11.27
CBA CLA WA . 28.83 24.73 12.09
CGA CLA WA . 27.36 24.58 11.84
O2A CLA WA . 26.66 25.26 12.78
NB CLA WA . 34.87 27.32 8.63
C1B CLA WA . 34.96 26.16 9.28
C2B CLA WA . 36.29 25.56 9.08
C3B CLA WA . 37.00 26.40 8.26
C4B CLA WA . 36.08 27.54 7.96
CMB CLA WA . 36.61 24.27 9.69
CAB CLA WA . 38.32 26.37 7.69
CBB CLA WA . 39.11 25.32 7.47
NC CLA WA . 34.34 29.96 7.56
C1C CLA WA . 35.54 29.73 6.97
C2C CLA WA . 35.91 30.86 6.15
C3C CLA WA . 34.90 31.80 6.26
C4C CLA WA . 33.90 31.21 7.15
CMC CLA WA . 37.14 30.96 5.39
CAC CLA WA . 34.84 33.09 5.59
CBC CLA WA . 33.94 33.12 4.39
ND CLA WA . 31.91 30.00 8.98
C1D CLA WA . 31.83 31.31 8.45
C2D CLA WA . 30.63 31.97 9.01
C3D CLA WA . 30.10 31.07 9.91
C4D CLA WA . 30.94 29.86 9.86
CMD CLA WA . 30.23 33.31 8.65
CAD CLA WA . 29.04 30.82 10.85
OBD CLA WA . 28.11 31.53 11.20
CBD CLA WA . 29.29 29.43 11.46
CGD CLA WA . 29.42 29.55 12.94
O1D CLA WA . 28.59 29.23 13.78
O2D CLA WA . 30.58 30.11 13.37
CED CLA WA . 30.84 30.07 14.76
C1 CLA WA . 25.24 25.35 12.57
C2 CLA WA . 24.97 26.62 11.87
C3 CLA WA . 24.97 27.82 12.47
C4 CLA WA . 25.24 28.01 13.91
C5 CLA WA . 24.67 29.04 11.69
C6 CLA WA . 25.48 29.09 10.42
C7 CLA WA . 25.29 30.43 9.75
C8 CLA WA . 25.15 30.28 8.25
C9 CLA WA . 24.00 29.35 7.92
C10 CLA WA . 26.44 29.73 7.68
C11 CLA WA . 27.27 30.85 7.11
C12 CLA WA . 26.53 31.58 6.00
C13 CLA WA . 27.41 32.05 4.85
C14 CLA WA . 28.79 32.46 5.34
C15 CLA WA . 26.72 33.19 4.13
C16 CLA WA . 27.62 33.98 3.20
C17 CLA WA . 27.82 33.29 1.88
C18 CLA WA . 26.56 33.29 1.05
C19 CLA WA . 26.10 34.70 0.75
C20 CLA WA . 26.79 32.54 -0.24
MG CLA XA . 36.20 10.96 10.64
CHA CLA XA . 36.60 10.04 13.92
CHB CLA XA . 38.79 13.10 10.94
CHC CLA XA . 36.00 11.57 7.29
CHD CLA XA . 33.34 8.92 10.46
NA CLA XA . 37.47 11.46 12.19
C1A CLA XA . 37.49 10.94 13.48
C2A CLA XA . 38.61 11.56 14.28
C3A CLA XA . 39.06 12.73 13.41
C4A CLA XA . 38.44 12.39 12.07
CMA CLA XA . 38.50 14.00 13.95
CAA CLA XA . 39.68 10.51 14.22
CBA CLA XA . 41.01 11.03 14.64
CGA CLA XA . 41.89 9.85 14.87
O1A CLA XA . 41.58 8.67 14.95
O2A CLA XA . 43.18 10.24 15.03
NB CLA XA . 37.18 12.15 9.37
C1B CLA XA . 38.25 12.89 9.68
C2B CLA XA . 38.82 13.50 8.46
C3B CLA XA . 38.04 13.08 7.41
C4B CLA XA . 36.98 12.21 7.98
CMB CLA XA . 40.01 14.34 8.53
CAB CLA XA . 38.12 13.34 5.99
CBB CLA XA . 39.20 13.38 5.22
NC CLA XA . 34.90 10.33 9.13
C1C CLA XA . 35.04 10.67 7.83
C2C CLA XA . 34.02 10.00 7.05
C3C CLA XA . 33.21 9.32 7.95
C4C CLA XA . 33.78 9.53 9.27
CMC CLA XA . 33.89 10.10 5.60
CAC CLA XA . 32.03 8.51 7.64
CBC CLA XA . 32.32 7.04 7.62
ND CLA XA . 35.20 9.69 11.83
C1D CLA XA . 34.00 8.96 11.65
C2D CLA XA . 33.68 8.31 12.92
C3D CLA XA . 34.67 8.63 13.81
C4D CLA XA . 35.57 9.54 13.09
CMD CLA XA . 32.56 7.43 13.15
CAD CLA XA . 35.16 8.50 15.15
OBD CLA XA . 34.74 7.82 16.05
CBD CLA XA . 36.38 9.44 15.27
CGD CLA XA . 36.09 10.50 16.26
O1D CLA XA . 35.75 11.67 16.04
O2D CLA XA . 36.24 10.11 17.54
CED CLA XA . 35.42 10.75 18.49
C1 CLA XA . 44.19 9.22 15.13
C2 CLA XA . 45.14 9.68 16.17
C3 CLA XA . 46.14 10.56 15.95
C4 CLA XA . 46.39 11.15 14.63
C5 CLA XA . 47.03 10.96 17.07
C6 CLA XA . 47.31 12.45 17.08
C7 CLA XA . 47.65 12.92 18.48
C8 CLA XA . 47.56 14.43 18.61
C9 CLA XA . 46.15 14.89 18.30
C10 CLA XA . 48.57 15.10 17.67
C11 CLA XA . 49.97 15.10 18.23
C12 CLA XA . 50.42 16.48 18.65
C13 CLA XA . 51.88 16.50 19.08
C14 CLA XA . 52.16 17.59 20.08
MG CLA YA . 38.60 13.37 23.15
CHA CLA YA . 39.24 13.31 19.77
CHB CLA YA . 39.35 16.67 23.22
CHC CLA YA . 37.99 13.37 26.50
CHD CLA YA . 37.86 9.91 23.05
NA CLA YA . 39.20 14.74 21.70
C1A CLA YA . 39.40 14.53 20.33
C2A CLA YA . 39.85 15.82 19.65
C3A CLA YA . 39.95 16.82 20.80
C4A CLA YA . 39.46 16.04 22.01
CMA CLA YA . 41.37 17.27 20.99
CAA CLA YA . 38.83 16.37 18.67
CBA CLA YA . 39.37 17.52 17.87
CGA CLA YA . 38.43 17.74 16.75
O1A CLA YA . 37.39 17.11 16.50
O2A CLA YA . 38.77 18.78 15.94
NB CLA YA . 38.59 14.78 24.57
C1B CLA YA . 38.95 16.06 24.42
C2B CLA YA . 38.89 16.76 25.72
C3B CLA YA . 38.52 15.83 26.65
C4B CLA YA . 38.34 14.55 25.93
CMB CLA YA . 39.24 18.17 25.90
CAB CLA YA . 38.34 15.93 28.07
CBB CLA YA . 37.56 16.80 28.70
NC CLA YA . 38.03 11.91 24.51
C1C CLA YA . 37.85 12.14 25.83
C2C CLA YA . 37.48 10.91 26.51
C3C CLA YA . 37.42 9.93 25.53
C4C CLA YA . 37.77 10.57 24.28
CMC CLA YA . 37.22 10.82 27.93
CAC CLA YA . 37.08 8.51 25.72
CBC CLA YA . 38.28 7.67 26.03
ND CLA YA . 38.60 11.89 21.79
C1D CLA YA . 38.24 10.52 21.88
C2D CLA YA . 38.39 9.92 20.54
C3D CLA YA . 38.78 10.93 19.72
C4D CLA YA . 38.88 12.15 20.53
CMD CLA YA . 38.15 8.52 20.23
CAD CLA YA . 39.15 11.28 18.38
OBD CLA YA . 39.28 10.56 17.42
CBD CLA YA . 39.39 12.81 18.35
CGD CLA YA . 40.73 13.14 17.80
O1D CLA YA . 41.07 14.15 17.16
O2D CLA YA . 41.66 12.20 18.08
CED CLA YA . 42.99 12.39 17.60
C1 CLA YA . 37.82 19.12 14.90
C2 CLA YA . 37.14 20.35 15.36
C3 CLA YA . 35.84 20.40 15.66
C4 CLA YA . 34.98 19.20 15.57
C5 CLA YA . 35.18 21.65 16.14
C6 CLA YA . 35.34 22.86 15.24
C7 CLA YA . 36.43 23.80 15.70
C8 CLA YA . 36.74 24.98 14.78
C9 CLA YA . 36.28 24.77 13.35
C10 CLA YA . 38.23 25.27 14.78
C11 CLA YA . 38.64 26.01 16.03
C12 CLA YA . 40.05 26.53 15.94
C13 CLA YA . 40.44 27.19 17.27
C14 CLA YA . 41.87 27.68 17.21
C15 CLA YA . 40.25 26.22 18.43
C16 CLA YA . 40.59 26.84 19.78
C17 CLA YA . 40.19 25.93 20.92
C18 CLA YA . 41.29 25.74 21.95
C19 CLA YA . 41.46 26.96 22.81
C20 CLA YA . 42.61 25.36 21.31
MG CLA ZA . 17.64 8.74 16.60
CHA CLA ZA . 15.40 10.43 18.57
CHB CLA ZA . 18.40 6.71 19.21
CHC CLA ZA . 19.49 6.82 14.48
CHD CLA ZA . 16.80 10.86 13.90
NA CLA ZA . 17.05 8.67 18.58
C1A CLA ZA . 16.08 9.44 19.22
C2A CLA ZA . 15.98 9.06 20.68
C3A CLA ZA . 17.18 8.14 20.90
C4A CLA ZA . 17.59 7.79 19.47
CMA CLA ZA . 18.27 8.90 21.59
CAA CLA ZA . 14.69 8.34 21.05
CBA CLA ZA . 14.33 7.12 20.23
CGA CLA ZA . 13.43 7.53 19.11
O1A CLA ZA . 12.47 8.28 19.16
O2A CLA ZA . 13.80 6.98 17.93
NB CLA ZA . 18.80 7.12 16.83
C1B CLA ZA . 18.81 6.33 17.92
C2B CLA ZA . 19.34 4.99 17.59
C3B CLA ZA . 19.65 5.02 16.25
C4B CLA ZA . 19.33 6.38 15.77
CMB CLA ZA . 19.47 3.94 18.59
CAB CLA ZA . 20.20 4.05 15.36
CBB CLA ZA . 20.01 2.74 15.32
NC CLA ZA . 18.13 8.88 14.58
C1C CLA ZA . 18.96 8.00 13.93
C2C CLA ZA . 19.10 8.41 12.55
C3C CLA ZA . 18.32 9.52 12.36
C4C CLA ZA . 17.72 9.83 13.65
CMC CLA ZA . 19.90 7.72 11.55
CAC CLA ZA . 18.16 10.27 11.11
CBC CLA ZA . 16.88 9.93 10.39
ND CLA ZA . 16.48 10.34 16.27
C1D CLA ZA . 16.18 11.09 15.11
C2D CLA ZA . 15.18 12.11 15.43
C3D CLA ZA . 14.84 11.89 16.74
C4D CLA ZA . 15.66 10.77 17.21
CMD CLA ZA . 14.69 13.08 14.48
CAD CLA ZA . 14.02 12.31 17.84
OBD CLA ZA . 13.20 13.21 17.91
CBD CLA ZA . 14.32 11.38 19.04
CGD CLA ZA . 14.78 12.20 20.20
O1D CLA ZA . 15.72 12.97 20.23
O2D CLA ZA . 14.04 12.09 21.32
CED CLA ZA . 12.91 12.95 21.32
C1 CLA ZA . 13.09 7.41 16.76
C2 CLA ZA . 11.93 6.48 16.64
C3 CLA ZA . 10.67 6.92 16.60
C4 CLA ZA . 10.34 8.35 16.65
C5 CLA ZA . 9.55 5.96 16.46
C6 CLA ZA . 8.43 6.43 15.56
C7 CLA ZA . 8.77 6.21 14.10
C8 CLA ZA . 7.79 5.28 13.40
C9 CLA ZA . 6.43 5.93 13.26
C10 CLA ZA . 7.69 3.92 14.09
C11 CLA ZA . 6.76 3.00 13.36
C12 CLA ZA . 5.99 2.15 14.34
C13 CLA ZA . 4.59 1.85 13.83
C14 CLA ZA . 4.68 1.19 12.48
C15 CLA ZA . 3.73 3.13 13.85
C16 CLA ZA . 2.51 3.06 12.95
C17 CLA ZA . 1.32 2.40 13.60
C18 CLA ZA . 0.48 1.61 12.60
C19 CLA ZA . 1.09 0.27 12.28
C20 CLA ZA . 0.22 2.36 11.32
MG CLA AB . 21.46 15.90 19.84
CHA CLA AB . 21.24 15.99 23.27
CHB CLA AB . 18.34 14.59 19.66
CHC CLA AB . 21.53 16.29 16.46
CHD CLA AB . 24.64 17.40 20.06
NA CLA AB . 20.07 15.30 21.26
C1A CLA AB . 20.14 15.45 22.64
C2A CLA AB . 18.89 14.87 23.31
C3A CLA AB . 18.16 14.18 22.12
C4A CLA AB . 18.89 14.72 20.91
CMA CLA AB . 18.29 12.69 22.22
CAA CLA AB . 18.01 15.92 23.94
CBA CLA AB . 17.63 17.06 23.02
CGA CLA AB . 17.60 18.34 23.78
O1A CLA AB . 16.77 18.75 24.59
O2A CLA AB . 18.67 19.13 23.51
NB CLA AB . 20.22 15.41 18.34
C1B CLA AB . 18.94 15.04 18.49
C2B CLA AB . 18.22 15.16 17.20
C3B CLA AB . 19.12 15.64 16.30
C4B CLA AB . 20.40 15.81 17.01
CMB CLA AB . 16.81 14.84 17.03
CAB CLA AB . 18.95 15.98 14.92
CBB CLA AB . 19.13 15.16 13.91
NC CLA AB . 22.87 16.62 18.52
C1C CLA AB . 22.70 16.66 17.18
C2C CLA AB . 23.85 17.20 16.55
C3C CLA AB . 24.74 17.57 17.54
C4C CLA AB . 24.11 17.20 18.79
CMC CLA AB . 23.93 17.34 15.10
CAC CLA AB . 26.07 18.16 17.37
CBC CLA AB . 26.13 19.64 17.65
ND CLA AB . 22.73 16.49 21.29
C1D CLA AB . 24.00 17.11 21.23
C2D CLA AB . 24.47 17.33 22.60
C3D CLA AB . 23.45 16.94 23.42
C4D CLA AB . 22.38 16.44 22.56
CMD CLA AB . 25.77 17.89 22.92
CAD CLA AB . 23.02 16.76 24.78
OBD CLA AB . 23.61 16.94 25.82
CBD CLA AB . 21.56 16.25 24.72
CGD CLA AB . 21.41 15.03 25.56
O1D CLA AB . 22.23 14.14 25.72
O2D CLA AB . 20.23 14.96 26.22
CED CLA AB . 19.87 13.68 26.72
C1 CLA AB . 19.43 19.51 24.66
C2 CLA AB . 20.58 20.21 24.07
C3 CLA AB . 21.71 20.45 24.74
C4 CLA AB . 21.89 20.03 26.14
C5 CLA AB . 22.83 21.16 24.07
C6 CLA AB . 24.20 20.77 24.55
C7 CLA AB . 25.17 21.88 24.27
C8 CLA AB . 25.46 22.02 22.80
C9 CLA AB . 26.85 21.52 22.52
C10 CLA AB . 25.34 23.48 22.41
C11 CLA AB . 25.69 23.72 20.96
C12 CLA AB . 24.62 24.59 20.37
C13 CLA AB . 25.10 25.33 19.13
C14 CLA AB . 23.93 26.06 18.53
C15 CLA AB . 25.73 24.41 18.10
C16 CLA AB . 27.06 24.97 17.67
C17 CLA AB . 27.63 24.22 16.50
C18 CLA AB . 28.75 24.98 15.82
C19 CLA AB . 28.31 26.37 15.45
C20 CLA AB . 29.97 25.05 16.71
MG CLA BB . 21.56 17.83 0.75
CHA CLA BB . 20.51 17.85 -2.52
CHB CLA BB . 20.31 20.94 1.17
CHC CLA BB . 22.23 17.62 4.11
CHD CLA BB . 22.78 14.57 0.33
NA CLA BB . 20.61 19.18 -0.50
C1A CLA BB . 20.21 18.99 -1.83
C2A CLA BB . 19.51 20.23 -2.37
C3A CLA BB . 19.67 21.25 -1.23
C4A CLA BB . 20.21 20.41 -0.09
CMA CLA BB . 20.66 22.30 -1.62
CAA CLA BB . 18.03 20.02 -2.62
CBA CLA BB . 17.37 19.10 -1.64
CGA CLA BB . 15.92 18.96 -1.98
O1A CLA BB . 15.23 19.73 -2.63
O2A CLA BB . 15.35 17.82 -1.49
NB CLA BB . 21.32 19.02 2.33
C1B CLA BB . 20.82 20.25 2.27
C2B CLA BB . 20.88 20.86 3.59
C3B CLA BB . 21.42 19.97 4.47
C4B CLA BB . 21.71 18.77 3.65
CMB CLA BB . 20.39 22.18 3.73
CAB CLA BB . 21.67 20.05 5.88
CBB CLA BB . 22.27 21.07 6.50
NC CLA BB . 22.39 16.37 1.97
C1C CLA BB . 22.53 16.50 3.30
C2C CLA BB . 23.04 15.29 3.87
C3C CLA BB . 23.24 14.41 2.81
C4C CLA BB . 22.83 15.10 1.62
CMC CLA BB . 23.24 15.14 5.30
CAC CLA BB . 23.73 13.04 2.89
CBC CLA BB . 22.58 12.09 3.07
ND CLA BB . 21.77 16.52 -0.75
C1D CLA BB . 22.30 15.23 -0.79
C2D CLA BB . 22.17 14.71 -2.14
C3D CLA BB . 21.46 15.66 -2.85
C4D CLA BB . 21.23 16.77 -1.93
CMD CLA BB . 22.64 13.40 -2.54
CAD CLA BB . 20.87 16.03 -4.11
OBD CLA BB . 20.81 15.41 -5.16
CBD CLA BB . 20.23 17.43 -3.94
CGD CLA BB . 20.77 18.43 -4.91
O1D CLA BB . 21.41 19.45 -4.68
O2D CLA BB . 20.49 18.15 -6.21
CED CLA BB . 21.36 18.70 -7.20
C1 CLA BB . 14.00 17.96 -1.02
C2 CLA BB . 13.77 16.95 0.04
C3 CLA BB . 13.45 15.67 -0.19
C4 CLA BB . 13.29 15.12 -1.55
C5 CLA BB . 13.24 14.71 0.92
C6 CLA BB . 14.02 13.43 0.71
C7 CLA BB . 13.31 12.27 1.37
C8 CLA BB . 14.23 11.56 2.35
C9 CLA BB . 15.41 10.97 1.62
C10 CLA BB . 13.49 10.46 3.07
C11 CLA BB . 13.98 10.34 4.49
C12 CLA BB . 13.04 11.00 5.46
C13 CLA BB . 13.09 10.34 6.83
C14 CLA BB . 14.50 10.40 7.38
C15 CLA BB . 12.64 8.89 6.77
C16 CLA BB . 11.45 8.64 7.65
C17 CLA BB . 10.20 9.23 7.04
C18 CLA BB . 8.98 8.33 7.21
C19 CLA BB . 7.78 8.93 6.50
C20 CLA BB . 9.24 6.93 6.67
MG CLA CB . 48.86 16.37 -2.34
CHA CLA CB . 50.86 18.82 -3.75
CHB CLA CB . 51.00 14.01 -3.42
CHC CLA CB . 46.96 14.00 -0.75
CHD CLA CB . 46.58 18.84 -1.33
NA CLA CB . 50.64 16.44 -3.42
C1A CLA CB . 51.34 17.57 -3.89
C2A CLA CB . 52.59 17.13 -4.66
C3A CLA CB . 52.49 15.59 -4.66
C4A CLA CB . 51.31 15.31 -3.75
CMA CLA CB . 52.17 15.10 -6.04
CAA CLA CB . 53.91 17.58 -4.08
CBA CLA CB . 54.01 17.48 -2.58
CGA CLA CB . 55.43 17.75 -2.23
O1A CLA CB . 56.39 17.90 -2.99
O2A CLA CB . 55.67 17.81 -0.89
NB CLA CB . 48.91 14.37 -2.19
C1B CLA CB . 49.94 13.60 -2.60
C2B CLA CB . 49.76 12.22 -2.08
C3B CLA CB . 48.62 12.21 -1.33
C4B CLA CB . 48.07 13.59 -1.38
CMB CLA CB . 50.70 11.15 -2.35
CAB CLA CB . 48.01 11.16 -0.59
CBB CLA CB . 48.55 10.58 0.48
NC CLA CB . 47.09 16.42 -1.24
C1C CLA CB . 46.50 15.34 -0.68
C2C CLA CB . 45.30 15.73 0.02
C3C CLA CB . 45.18 17.09 -0.15
C4C CLA CB . 46.32 17.53 -0.94
CMC CLA CB . 44.42 14.79 0.73
CAC CLA CB . 44.10 17.95 0.37
CBC CLA CB . 44.41 18.49 1.75
ND CLA CB . 48.74 18.37 -2.40
C1D CLA CB . 47.71 19.24 -2.00
C2D CLA CB . 48.06 20.58 -2.45
C3D CLA CB . 49.27 20.50 -3.09
C4D CLA CB . 49.65 19.09 -3.04
CMD CLA CB . 47.19 21.72 -2.22
CAD CLA CB . 50.29 21.21 -3.81
OBD CLA CB . 50.40 22.38 -4.08
CBD CLA CB . 51.32 20.16 -4.27
CGD CLA CB . 51.41 20.18 -5.76
O1D CLA CB . 52.37 19.92 -6.48
O2D CLA CB . 50.25 20.56 -6.34
CED CLA CB . 49.98 20.08 -7.67
C1 CLA CB . 56.73 17.00 -0.36
C2 CLA CB . 56.09 16.02 0.54
C3 CLA CB . 55.72 16.31 1.80
C4 CLA CB . 55.92 17.64 2.41
C5 CLA CB . 55.07 15.26 2.65
MG CLA DB . 53.71 7.54 -3.25
CHA CLA DB . 54.50 10.16 -5.35
CHB CLA DB . 53.59 5.45 -5.91
CHC CLA DB . 53.00 4.96 -1.11
CHD CLA DB . 53.83 9.76 -0.53
NA CLA DB . 54.00 7.79 -5.30
C1A CLA DB . 54.35 8.95 -5.98
C2A CLA DB . 54.46 8.69 -7.48
C3A CLA DB . 54.01 7.24 -7.61
C4A CLA DB . 53.87 6.76 -6.17
CMA CLA DB . 52.69 7.19 -8.32
CAA CLA DB . 55.90 8.79 -7.98
CBA CLA DB . 56.90 8.20 -7.01
CGA CLA DB . 58.05 9.12 -6.84
O1A CLA DB . 58.44 10.05 -7.56
O2A CLA DB . 58.76 8.84 -5.70
NB CLA DB . 53.36 5.59 -3.47
C1B CLA DB . 53.40 4.91 -4.63
C2B CLA DB . 53.16 3.48 -4.39
C3B CLA DB . 52.99 3.32 -3.03
C4B CLA DB . 53.11 4.67 -2.43
CMB CLA DB . 53.15 2.54 -5.50
CAB CLA DB . 52.74 2.18 -2.21
CBB CLA DB . 53.35 1.00 -2.29
NC CLA DB . 53.46 7.40 -1.18
C1C CLA DB . 53.17 6.25 -0.52
C2C CLA DB . 53.05 6.51 0.90
C3C CLA DB . 53.30 7.87 1.08
C4C CLA DB . 53.56 8.41 -0.24
CMC CLA DB . 52.73 5.52 1.92
CAC CLA DB . 53.29 8.60 2.34
CBC CLA DB . 52.02 9.39 2.54
ND CLA DB . 54.08 9.50 -2.94
C1D CLA DB . 54.07 10.28 -1.77
C2D CLA DB . 54.33 11.67 -2.13
C3D CLA DB . 54.50 11.68 -3.49
C4D CLA DB . 54.34 10.30 -3.95
CMD CLA DB . 54.37 12.77 -1.18
CAD CLA DB . 54.76 12.49 -4.66
OBD CLA DB . 54.94 13.69 -4.75
CBD CLA DB . 54.77 11.53 -5.89
CGD CLA DB . 53.74 11.91 -6.90
O1D CLA DB . 52.52 11.79 -6.80
O2D CLA DB . 54.25 12.42 -8.06
CED CLA DB . 53.34 13.04 -8.96
MG CLA EB . 51.57 -7.22 4.46
CHA CLA EB . 50.63 -5.91 1.39
CHB CLA EB . 50.10 -10.15 3.67
CHC CLA EB . 52.64 -8.50 7.45
CHD CLA EB . 53.13 -4.18 5.24
NA CLA EB . 50.53 -7.89 2.79
C1A CLA EB . 50.25 -7.20 1.61
C2A CLA EB . 49.44 -8.09 0.66
C3A CLA EB . 49.13 -9.34 1.51
C4A CLA EB . 50.00 -9.14 2.75
CMA CLA EB . 47.68 -9.44 1.88
CAA CLA EB . 50.25 -8.49 -0.54
CBA CLA EB . 49.39 -9.26 -1.52
CGA CLA EB . 49.06 -8.35 -2.65
O1A CLA EB . 49.77 -8.05 -3.61
O2A CLA EB . 47.82 -7.84 -2.54
NB CLA EB . 51.29 -8.95 5.44
C1B CLA EB . 50.84 -10.08 4.85
C2B CLA EB . 51.25 -11.27 5.63
C3B CLA EB . 51.97 -10.80 6.69
C4B CLA EB . 51.99 -9.33 6.59
CMB CLA EB . 50.91 -12.64 5.27
CAB CLA EB . 52.62 -11.51 7.74
CBB CLA EB . 52.18 -11.54 9.00
NC CLA EB . 52.65 -6.46 6.07
C1C CLA EB . 52.93 -7.15 7.21
C2C CLA EB . 53.67 -6.30 8.13
C3C CLA EB . 53.87 -5.10 7.48
C4C CLA EB . 53.21 -5.19 6.19
CMC CLA EB . 54.13 -6.72 9.45
CAC CLA EB . 54.59 -3.92 7.98
CBC CLA EB . 53.70 -2.97 8.73
ND CLA EB . 51.93 -5.47 3.55
C1D CLA EB . 52.55 -4.29 4.01
C2D CLA EB . 52.43 -3.26 2.97
C3D CLA EB . 51.72 -3.83 1.94
C4D CLA EB . 51.42 -5.20 2.36
CMD CLA EB . 53.00 -1.92 3.10
CAD CLA EB . 51.17 -3.63 0.63
OBD CLA EB . 51.30 -2.67 -0.10
CBD CLA EB . 50.39 -4.93 0.28
CGD CLA EB . 48.93 -4.67 0.15
O1D CLA EB . 47.99 -5.40 0.45
O2D CLA EB . 48.61 -3.47 -0.36
CED CLA EB . 47.90 -3.47 -1.59
C1 CLA EB . 46.78 -8.62 -3.15
C2 CLA EB . 46.29 -7.79 -4.27
C3 CLA EB . 45.21 -8.09 -4.99
C4 CLA EB . 44.78 -7.20 -6.09
C5 CLA EB . 44.42 -9.32 -4.72
C6 CLA EB . 43.98 -10.06 -5.98
C7 CLA EB . 44.34 -11.52 -5.87
C8 CLA EB . 43.12 -12.42 -6.06
C9 CLA EB . 43.46 -13.83 -5.67
C10 CLA EB . 42.66 -12.39 -7.51
C11 CLA EB . 43.73 -12.89 -8.44
C12 CLA EB . 43.70 -12.09 -9.74
C13 CLA EB . 44.07 -12.95 -10.93
C14 CLA EB . 45.49 -12.67 -11.33
C15 CLA EB . 43.13 -12.72 -12.10
C16 CLA EB . 43.52 -13.59 -13.27
C17 CLA EB . 42.34 -14.28 -13.91
C18 CLA EB . 42.23 -13.90 -15.38
C19 CLA EB . 43.46 -14.32 -16.15
C20 CLA EB . 40.99 -14.53 -15.97
MG CLA FB . 47.24 -15.83 7.56
CHA CLA FB . 49.45 -18.29 8.50
CHB CLA FB . 49.27 -13.47 8.89
CHC CLA FB . 45.18 -13.39 6.31
CHD CLA FB . 45.10 -18.28 6.22
NA CLA FB . 49.07 -15.90 8.53
C1A CLA FB . 49.86 -17.02 8.79
C2A CLA FB . 51.14 -16.61 9.52
C3A CLA FB . 50.93 -15.11 9.80
C4A CLA FB . 49.68 -14.77 9.00
CMA CLA FB . 50.72 -14.85 11.26
CAA CLA FB . 52.32 -16.80 8.59
CBA CLA FB . 52.10 -16.38 7.16
CGA CLA FB . 53.35 -16.70 6.43
O1A CLA FB . 53.70 -17.79 5.98
O2A CLA FB . 54.14 -15.61 6.28
NB CLA FB . 47.15 -13.83 7.71
C1B CLA FB . 48.14 -13.04 8.18
C2B CLA FB . 47.90 -11.62 7.81
C3B CLA FB . 46.75 -11.60 7.10
C4B CLA FB . 46.27 -13.00 7.00
CMB CLA FB . 48.80 -10.53 8.16
CAB CLA FB . 46.09 -10.51 6.44
CBB CLA FB . 46.17 -10.26 5.14
NC CLA FB . 45.46 -15.84 6.48
C1C CLA FB . 44.80 -14.72 6.07
C2C CLA FB . 43.63 -15.09 5.31
C3C CLA FB . 43.57 -16.47 5.30
C4C CLA FB . 44.74 -16.94 6.04
CMC CLA FB . 42.75 -14.10 4.72
CAC CLA FB . 42.57 -17.33 4.67
CBC CLA FB . 42.86 -17.51 3.21
ND CLA FB . 47.28 -17.81 7.24
C1D CLA FB . 46.29 -18.70 6.76
C2D CLA FB . 46.76 -20.08 6.96
C3D CLA FB . 47.97 -19.98 7.61
C4D CLA FB . 48.23 -18.55 7.79
CMD CLA FB . 46.02 -21.26 6.51
CAD CLA FB . 49.09 -20.69 8.17
OBD CLA FB . 49.34 -21.89 8.13
CBD CLA FB . 50.01 -19.65 8.86
CGD CLA FB . 50.04 -19.95 10.33
O1D CLA FB . 50.15 -21.06 10.84
O2D CLA FB . 49.92 -18.90 11.18
CED CLA FB . 50.69 -18.99 12.38
C1 CLA FB . 54.59 -15.30 4.94
C2 CLA FB . 54.29 -13.87 4.73
C3 CLA FB . 54.93 -13.07 3.88
C4 CLA FB . 56.02 -13.57 3.01
C5 CLA FB . 54.54 -11.65 3.75
C6 CLA FB . 55.69 -10.66 3.70
C7 CLA FB . 55.16 -9.33 3.23
C8 CLA FB . 55.94 -8.18 3.83
C9 CLA FB . 55.72 -8.13 5.32
C10 CLA FB . 55.53 -6.87 3.19
C11 CLA FB . 56.47 -5.75 3.60
C12 CLA FB . 56.65 -4.72 2.50
C13 CLA FB . 57.54 -3.59 2.98
C14 CLA FB . 56.86 -2.85 4.11
C15 CLA FB . 57.89 -2.63 1.85
C16 CLA FB . 59.28 -2.02 2.01
MG CLA GB . 46.10 13.92 25.75
CHA CLA GB . 45.39 15.69 28.65
CHB CLA GB . 42.83 13.95 24.93
CHC CLA GB . 46.89 12.35 22.80
CHD CLA GB . 49.48 13.85 26.70
NA CLA GB . 44.40 14.69 26.66
C1A CLA GB . 44.31 15.44 27.84
C2A CLA GB . 42.87 15.83 28.11
C3A CLA GB . 42.09 15.10 27.02
C4A CLA GB . 43.18 14.56 26.11
CMA CLA GB . 41.36 13.94 27.63
CAA CLA GB . 42.65 17.32 27.95
CBA CLA GB . 43.41 17.90 26.78
CGA CLA GB . 43.04 19.32 26.58
O1A CLA GB . 43.25 20.28 27.31
O2A CLA GB . 42.39 19.52 25.40
NB CLA GB . 45.06 13.27 24.17
C1B CLA GB . 43.73 13.37 24.03
C2B CLA GB . 43.30 12.71 22.77
C3B CLA GB . 44.44 12.25 22.15
C4B CLA GB . 45.58 12.61 23.04
CMB CLA GB . 41.91 12.68 22.36
CAB CLA GB . 44.61 11.57 20.91
CBB CLA GB . 43.99 10.45 20.56
NC CLA GB . 47.87 13.25 24.91
C1C CLA GB . 47.96 12.67 23.68
C2C CLA GB . 49.34 12.36 23.39
C3C CLA GB . 50.08 12.76 24.51
C4C CLA GB . 49.14 13.32 25.45
CMC CLA GB . 49.82 11.75 22.17
CAC CLA GB . 51.53 12.67 24.68
CBC CLA GB . 52.22 13.91 24.16
ND CLA GB . 47.23 14.59 27.28
C1D CLA GB . 48.60 14.44 27.57
C2D CLA GB . 48.87 15.01 28.90
C3D CLA GB . 47.68 15.53 29.34
C4D CLA GB . 46.69 15.24 28.30
CMD CLA GB . 50.18 15.00 29.54
CAD CLA GB . 46.99 16.21 30.42
OBD CLA GB . 47.42 16.60 31.49
CBD CLA GB . 45.50 16.32 30.01
CGD CLA GB . 44.61 15.59 30.96
O1D CLA GB . 44.11 14.48 30.83
O2D CLA GB . 44.34 16.27 32.10
CED CLA GB . 43.01 16.19 32.58
C1 CLA GB . 41.80 20.83 25.21
C2 CLA GB . 40.90 20.77 24.03
C3 CLA GB . 41.27 21.18 22.81
C4 CLA GB . 42.61 21.75 22.55
C5 CLA GB . 40.30 21.08 21.69
C6 CLA GB . 40.89 21.12 20.31
C7 CLA GB . 40.43 22.39 19.60
C8 CLA GB . 40.90 22.46 18.16
C9 CLA GB . 40.05 21.58 17.28
C10 CLA GB . 42.37 22.09 18.02
C11 CLA GB . 43.20 23.20 17.43
C12 CLA GB . 43.45 22.98 15.96
C13 CLA GB . 44.31 24.09 15.37
C14 CLA GB . 44.12 24.18 13.88
C15 CLA GB . 45.79 23.93 15.75
C16 CLA GB . 46.50 22.85 14.97
C17 CLA GB . 47.95 23.23 14.73
C18 CLA GB . 48.63 22.41 13.64
C19 CLA GB . 47.96 22.61 12.30
C20 CLA GB . 50.08 22.81 13.52
MG CLA HB . 49.66 20.82 32.10
CHA CLA HB . 47.83 22.90 34.18
CHB CLA HB . 46.92 20.35 30.16
CHC CLA HB . 51.56 18.90 30.00
CHD CLA HB . 52.48 21.31 34.18
NA CLA HB . 47.69 21.51 32.20
C1A CLA HB . 47.13 22.39 33.11
C2A CLA HB . 45.65 22.62 32.79
C3A CLA HB . 45.38 21.69 31.60
C4A CLA HB . 46.76 21.14 31.27
CMA CLA HB . 44.42 20.58 31.95
CAA CLA HB . 45.30 24.06 32.45
CBA CLA HB . 45.43 24.40 30.99
CGA CLA HB . 46.54 25.38 30.81
O1A CLA HB . 46.67 26.24 29.94
O2A CLA HB . 47.50 25.25 31.78
NB CLA HB . 49.30 19.79 30.42
C1B CLA HB . 48.13 19.77 29.75
C2B CLA HB . 48.29 19.03 28.48
C3B CLA HB . 49.59 18.61 28.42
C4B CLA HB . 50.26 19.09 29.65
CMB CLA HB . 47.20 18.84 27.53
CAB CLA HB . 50.26 17.86 27.39
CBB CLA HB . 51.21 18.34 26.59
NC CLA HB . 51.65 20.21 32.11
C1C CLA HB . 52.21 19.43 31.14
C2C CLA HB . 53.61 19.20 31.45
C3C CLA HB . 53.88 19.89 32.63
C4C CLA HB . 52.63 20.52 33.04
CMC CLA HB . 54.54 18.43 30.63
CAC CLA HB . 55.17 19.97 33.32
CBC CLA HB . 55.28 19.00 34.47
ND CLA HB . 50.12 21.83 33.78
C1D CLA HB . 51.31 21.94 34.53
C2D CLA HB . 51.07 22.80 35.71
C3D CLA HB . 49.76 23.20 35.62
C4D CLA HB . 49.20 22.57 34.40
CMD CLA HB . 52.06 23.13 36.72
CAD CLA HB . 48.71 23.94 36.24
OBD CLA HB . 48.70 24.58 37.29
CBD CLA HB . 47.46 23.78 35.34
CGD CLA HB . 46.37 23.16 36.11
O1D CLA HB . 46.47 22.34 37.02
O2D CLA HB . 45.14 23.57 35.73
CED CLA HB . 44.08 22.67 35.99
MG CLA IB . 38.51 4.70 20.04
CHA CLA IB . 41.21 5.44 22.07
CHB CLA IB . 40.01 6.23 17.45
CHC CLA IB . 35.75 4.04 18.12
CHD CLA IB . 37.00 3.03 22.73
NA CLA IB . 40.33 5.67 19.83
C1A CLA IB . 41.35 5.87 20.77
C2A CLA IB . 42.51 6.65 20.15
C3A CLA IB . 42.08 6.84 18.70
C4A CLA IB . 40.70 6.21 18.63
CMA CLA IB . 42.05 8.28 18.27
CAA CLA IB . 43.85 5.96 20.17
CBA CLA IB . 44.92 7.04 20.30
CGA CLA IB . 46.29 6.55 19.99
O1A CLA IB . 46.85 5.55 20.41
O2A CLA IB . 47.00 7.37 19.16
NB CLA IB . 37.98 5.08 18.15
C1B CLA IB . 38.74 5.69 17.23
C2B CLA IB . 38.04 5.71 15.92
C3B CLA IB . 36.83 5.09 16.13
C4B CLA IB . 36.78 4.69 17.55
CMB CLA IB . 38.65 6.31 14.75
CAB CLA IB . 35.70 4.78 15.32
CBB CLA IB . 35.36 5.26 14.13
NC CLA IB . 36.71 3.71 20.37
C1C CLA IB . 35.71 3.57 19.46
C2C CLA IB . 34.59 2.86 20.04
C3C CLA IB . 34.98 2.52 21.32
C4C CLA IB . 36.31 3.06 21.53
CMC CLA IB . 33.33 2.56 19.35
CAC CLA IB . 34.23 1.77 22.33
CBC CLA IB . 33.43 2.71 23.18
ND CLA IB . 38.92 4.32 21.97
C1D CLA IB . 38.20 3.64 22.97
C2D CLA IB . 38.95 3.71 24.22
C3D CLA IB . 40.09 4.40 23.95
C4D CLA IB . 40.05 4.74 22.52
CMD CLA IB . 38.47 3.15 25.47
CAD CLA IB . 41.31 4.93 24.48
OBD CLA IB . 41.71 4.94 25.63
CBD CLA IB . 42.07 5.56 23.30
CGD CLA IB . 42.35 6.99 23.54
O1D CLA IB . 43.42 7.55 23.74
O2D CLA IB . 41.22 7.74 23.50
CED CLA IB . 41.39 9.12 23.21
C1 CLA IB . 48.38 7.62 19.53
C2 CLA IB . 49.09 8.33 18.44
C3 CLA IB . 50.27 8.95 18.62
C4 CLA IB . 50.96 8.97 19.93
C5 CLA IB . 50.97 9.66 17.51
MG CLA JB . 47.45 1.72 13.44
CHA CLA JB . 46.38 2.50 16.61
CHB CLA JB . 44.98 3.65 12.11
CHC CLA JB . 48.61 0.96 10.32
CHD CLA JB . 50.05 -0.20 14.86
NA CLA JB . 45.92 2.88 14.25
C1A CLA JB . 45.63 3.07 15.60
C2A CLA JB . 44.45 4.03 15.77
C3A CLA JB . 43.98 4.27 14.33
C4A CLA JB . 45.03 3.56 13.48
CMA CLA JB . 42.60 3.72 14.10
CAA CLA JB . 44.91 5.37 16.36
CBA CLA JB . 46.00 6.09 15.59
CGA CLA JB . 47.39 5.76 16.03
O1A CLA JB . 47.75 5.29 17.09
O2A CLA JB . 48.34 6.03 15.08
NB CLA JB . 46.86 2.15 11.58
C1B CLA JB . 45.89 3.03 11.24
C2B CLA JB . 45.89 3.25 9.77
C3B CLA JB . 46.91 2.51 9.26
C4B CLA JB . 47.55 1.80 10.39
CMB CLA JB . 44.97 4.14 9.09
CAB CLA JB . 47.32 2.40 7.90
CBB CLA JB . 48.47 2.86 7.42
NC CLA JB . 49.02 0.57 12.73
C1C CLA JB . 49.30 0.39 11.42
C2C CLA JB . 50.45 -0.47 11.27
C3C CLA JB . 50.89 -0.79 12.55
C4C CLA JB . 49.98 -0.13 13.47
CMC CLA JB . 50.98 -0.85 9.97
CAC CLA JB . 52.04 -1.62 12.92
CBC CLA JB . 51.67 -3.05 13.27
ND CLA JB . 48.14 1.26 15.27
C1D CLA JB . 49.20 0.44 15.71
C2D CLA JB . 49.21 0.43 17.18
C3D CLA JB . 48.15 1.19 17.58
C4D CLA JB . 47.51 1.68 16.35
CMD CLA JB . 50.20 -0.28 17.98
CAD CLA JB . 47.43 1.75 18.69
OBD CLA JB . 47.67 1.71 19.88
CBD CLA JB . 46.22 2.51 18.09
CGD CLA JB . 44.93 1.82 18.38
O1D CLA JB . 44.45 0.87 17.78
O2D CLA JB . 44.22 2.37 19.40
CED CLA JB . 43.06 1.66 19.83
C1 CLA JB . 48.63 4.99 14.14
C2 CLA JB . 50.03 4.57 14.39
C3 CLA JB . 50.87 4.15 13.43
C4 CLA JB . 52.26 3.74 13.70
C5 CLA JB . 50.45 4.06 12.01
C6 CLA JB . 51.37 4.86 11.11
C7 CLA JB . 51.33 4.32 9.69
C8 CLA JB . 52.63 4.63 8.96
C9 CLA JB . 52.57 6.02 8.36
C10 CLA JB . 52.90 3.60 7.88
MG CLA KB . 44.77 8.76 6.36
CHA CLA KB . 43.72 8.71 9.65
CHB CLA KB . 42.07 10.58 5.50
CHC CLA KB . 45.91 8.81 3.15
CHD CLA KB . 47.68 7.01 7.33
NA CLA KB . 43.16 9.51 7.44
C1A CLA KB . 42.90 9.39 8.80
C2A CLA KB . 41.59 10.10 9.15
C3A CLA KB . 41.08 10.62 7.80
C4A CLA KB . 42.18 10.23 6.83
CMA CLA KB . 39.80 9.92 7.43
CAA CLA KB . 41.70 11.23 10.16
CBA CLA KB . 42.77 12.26 9.91
CGA CLA KB . 42.68 13.21 11.07
O1A CLA KB . 41.93 13.11 12.05
O2A CLA KB . 43.52 14.27 11.01
NB CLA KB . 44.03 9.41 4.62
C1B CLA KB . 43.02 10.30 4.52
C2B CLA KB . 43.02 10.95 3.19
C3B CLA KB . 44.11 10.45 2.52
C4B CLA KB . 44.77 9.47 3.42
CMB CLA KB . 42.06 11.97 2.84
CAB CLA KB . 44.65 10.76 1.23
CBB CLA KB . 43.99 10.90 0.09
NC CLA KB . 46.47 8.02 5.42
C1C CLA KB . 46.72 8.12 4.09
C2C CLA KB . 47.97 7.47 3.75
C3C CLA KB . 48.51 7.00 4.95
C4C CLA KB . 47.56 7.35 5.98
CMC CLA KB . 48.51 7.41 2.40
CAC CLA KB . 49.78 6.30 5.15
CBC CLA KB . 49.76 4.84 4.73
ND CLA KB . 45.63 8.11 8.06
C1D CLA KB . 46.79 7.35 8.31
C2D CLA KB . 46.85 7.01 9.72
C3D CLA KB . 45.69 7.48 10.28
C4D CLA KB . 44.95 8.16 9.21
CMD CLA KB . 47.93 6.25 10.33
CAD CLA KB . 44.92 7.61 11.48
OBD CLA KB . 45.17 7.24 12.61
CBD CLA KB . 43.61 8.34 11.10
CGD CLA KB . 42.44 7.42 11.34
O1D CLA KB . 42.47 6.20 11.44
O2D CLA KB . 41.24 8.04 11.43
CED CLA KB . 40.09 7.34 10.95
C1 CLA KB . 43.77 14.94 12.26
C2 CLA KB . 45.09 15.60 12.20
C3 CLA KB . 45.80 15.89 13.30
C4 CLA KB . 45.32 15.55 14.66
C5 CLA KB . 47.13 16.56 13.22
C6 CLA KB . 47.30 17.70 14.20
C7 CLA KB . 48.73 17.89 14.63
MG CLA LB . -4.82 -0.27 -10.98
CHA CLA LB . -4.08 -3.54 -11.80
CHB CLA LB . -8.01 -0.72 -12.01
CHC CLA LB . -5.60 2.78 -9.69
CHD CLA LB . -1.50 0.14 -9.87
NA CLA LB . -5.84 -1.87 -11.83
C1A CLA LB . -5.37 -3.15 -12.08
C2A CLA LB . -6.47 -4.01 -12.70
C3A CLA LB . -7.59 -2.98 -12.99
C4A CLA LB . -7.14 -1.75 -12.22
CMA CLA LB . -7.67 -2.68 -14.46
CAA CLA LB . -6.96 -5.11 -11.78
CBA CLA LB . -7.79 -4.66 -10.62
CGA CLA LB . -6.92 -4.48 -9.42
O1A CLA LB . -6.55 -5.35 -8.64
O2A CLA LB . -6.50 -3.20 -9.18
NB CLA LB . -6.48 0.84 -10.91
C1B CLA LB . -7.70 0.45 -11.33
C2B CLA LB . -8.71 1.47 -10.94
C3B CLA LB . -8.04 2.46 -10.28
C4B CLA LB . -6.61 2.07 -10.25
CMB CLA LB . -10.13 1.34 -11.26
CAB CLA LB . -8.52 3.67 -9.70
CBB CLA LB . -9.02 4.68 -10.38
NC CLA LB . -3.71 1.23 -10.06
C1C CLA LB . -4.23 2.41 -9.64
C2C CLA LB . -3.19 3.21 -9.02
C3C CLA LB . -2.03 2.46 -9.05
C4C CLA LB . -2.37 1.21 -9.69
CMC CLA LB . -3.37 4.54 -8.46
CAC CLA LB . -0.71 2.84 -8.52
CBC CLA LB . -0.46 2.32 -7.14
ND CLA LB . -3.11 -1.34 -10.96
C1D CLA LB . -1.84 -1.07 -10.42
C2D CLA LB . -0.98 -2.24 -10.56
C3D CLA LB . -1.78 -3.23 -11.11
C4D CLA LB . -3.10 -2.62 -11.30
CMD CLA LB . 0.41 -2.27 -10.12
CAD CLA LB . -1.86 -4.58 -11.59
OBD CLA LB . -0.98 -5.43 -11.70
CBD CLA LB . -3.35 -4.84 -11.97
CGD CLA LB . -3.50 -5.32 -13.37
O1D CLA LB . -2.98 -4.85 -14.39
O2D CLA LB . -4.34 -6.38 -13.50
CED CLA LB . -5.04 -6.53 -14.74
C1 CLA LB . -5.23 -3.10 -8.54
C2 CLA LB . -5.36 -2.23 -7.35
C3 CLA LB . -4.29 -1.73 -6.73
C4 CLA LB . -2.90 -1.97 -7.16
C5 CLA LB . -4.42 -0.86 -5.54
C6 CLA LB . -3.95 0.53 -5.87
C7 CLA LB . -5.13 1.34 -6.36
C8 CLA LB . -5.24 2.67 -5.64
C9 CLA LB . -5.21 2.51 -4.14
C10 CLA LB . -6.53 3.34 -6.04
C11 CLA LB . -6.35 4.82 -6.28
C12 CLA LB . -7.68 5.45 -6.61
C13 CLA LB . -7.73 6.97 -6.45
C14 CLA LB . -6.87 7.50 -5.32
C15 CLA LB . -9.18 7.38 -6.22
C16 CLA LB . -9.31 8.88 -6.24
C17 CLA LB . -10.73 9.28 -5.93
C18 CLA LB . -11.12 10.51 -6.71
C19 CLA LB . -10.29 11.71 -6.27
C20 CLA LB . -12.59 10.79 -6.52
MG CLA MB . 8.88 3.99 0.38
CHA CLA MB . 10.37 6.94 -0.59
CHB CLA MB . 9.81 4.57 3.60
CHC CLA MB . 7.13 1.21 1.35
CHD CLA MB . 7.91 3.42 -2.96
NA CLA MB . 9.96 5.50 1.32
C1A CLA MB . 10.48 6.66 0.74
C2A CLA MB . 11.15 7.51 1.80
C3A CLA MB . 11.13 6.64 3.07
C4A CLA MB . 10.23 5.48 2.66
CMA CLA MB . 12.52 6.20 3.40
CAA CLA MB . 10.38 8.81 2.04
CBA CLA MB . 9.36 8.80 3.16
CGA CLA MB . 8.01 8.39 2.66
O1A CLA MB . 6.98 8.27 3.32
O2A CLA MB . 7.95 8.14 1.32
NB CLA MB . 8.57 3.03 2.12
C1B CLA MB . 9.00 3.46 3.33
C2B CLA MB . 8.50 2.54 4.37
C3B CLA MB . 7.75 1.58 3.75
C4B CLA MB . 7.78 1.90 2.30
CMB CLA MB . 8.76 2.72 5.79
CAB CLA MB . 7.02 0.49 4.29
CBB CLA MB . 7.37 -0.79 4.13
NC CLA MB . 7.76 2.57 -0.63
C1C CLA MB . 7.12 1.53 -0.03
C2C CLA MB . 6.37 0.78 -1.02
C3C CLA MB . 6.61 1.37 -2.26
C4C CLA MB . 7.48 2.51 -2.00
CMC CLA MB . 5.55 -0.38 -0.72
CAC CLA MB . 6.04 0.97 -3.54
CBC CLA MB . 6.98 0.20 -4.42
ND CLA MB . 9.08 4.90 -1.40
C1D CLA MB . 8.65 4.54 -2.69
C2D CLA MB . 9.09 5.57 -3.64
C3D CLA MB . 9.72 6.53 -2.89
C4D CLA MB . 9.71 6.07 -1.50
CMD CLA MB . 8.82 5.51 -5.06
CAD CLA MB . 10.42 7.78 -2.89
OBD CLA MB . 10.67 8.54 -3.82
CBD CLA MB . 10.85 8.08 -1.45
CGD CLA MB . 12.34 8.17 -1.32
O1D CLA MB . 13.08 7.34 -0.85
O2D CLA MB . 12.85 9.32 -1.80
CED CLA MB . 14.26 9.52 -1.67
C1 CLA MB . 6.68 8.12 0.65
C2 CLA MB . 6.11 6.75 0.64
C3 CLA MB . 5.75 6.11 -0.48
C4 CLA MB . 5.92 6.71 -1.82
C5 CLA MB . 5.19 4.75 -0.43
C6 CLA MB . 3.91 4.53 -1.22
C7 CLA MB . 3.44 3.09 -1.06
C8 CLA MB . 1.93 2.93 -1.01
C9 CLA MB . 1.34 3.08 -2.39
C10 CLA MB . 1.27 3.91 -0.06
C11 CLA MB . -0.24 3.72 -0.02
C12 CLA MB . -0.94 4.53 1.06
C13 CLA MB . -2.00 3.72 1.78
C14 CLA MB . -2.86 2.92 0.82
C15 CLA MB . -2.88 4.61 2.66
C16 CLA MB . -4.05 3.87 3.28
C17 CLA MB . -4.13 4.07 4.78
C18 CLA MB . -5.41 4.78 5.21
C19 CLA MB . -6.55 3.79 5.29
C20 CLA MB . -5.23 5.46 6.54
MG CLA NB . 49.23 -3.89 -9.17
CHA CLA NB . 48.77 -1.34 -6.89
CHB CLA NB . 52.55 -3.23 -9.26
CHC CLA NB . 49.67 -6.63 -11.17
CHD CLA NB . 45.77 -4.57 -9.05
NA CLA NB . 50.44 -2.46 -8.25
C1A CLA NB . 50.06 -1.50 -7.31
C2A CLA NB . 51.26 -0.67 -6.88
C3A CLA NB . 52.39 -1.18 -7.79
C4A CLA NB . 51.77 -2.39 -8.49
CMA CLA NB . 52.78 -0.11 -8.76
CAA CLA NB . 51.64 -0.86 -5.42
CBA CLA NB . 51.93 -2.30 -5.09
CGA CLA NB . 50.90 -2.90 -4.19
O1A CLA NB . 50.91 -2.94 -2.96
O2A CLA NB . 49.85 -3.46 -4.84
NB CLA NB . 50.80 -4.74 -10.07
C1B CLA NB . 52.08 -4.36 -9.93
C2B CLA NB . 52.96 -5.33 -10.63
C3B CLA NB . 52.16 -6.29 -11.18
C4B CLA NB . 50.77 -5.93 -10.83
CMB CLA NB . 54.40 -5.21 -10.68
CAB CLA NB . 52.51 -7.45 -11.94
CBB CLA NB . 52.46 -8.70 -11.48
NC CLA NB . 47.94 -5.31 -9.99
C1C CLA NB . 48.35 -6.34 -10.77
C2C CLA NB . 47.23 -7.17 -11.15
C3C CLA NB . 46.10 -6.59 -10.57
C4C CLA NB . 46.57 -5.42 -9.84
CMC CLA NB . 47.33 -8.35 -11.98
CAC CLA NB . 44.72 -7.08 -10.68
CBC CLA NB . 44.40 -8.19 -9.71
ND CLA NB . 47.60 -3.14 -8.28
C1D CLA NB . 46.24 -3.51 -8.32
C2D CLA NB . 45.47 -2.60 -7.45
C3D CLA NB . 46.39 -1.77 -6.86
C4D CLA NB . 47.70 -2.14 -7.41
CMD CLA NB . 44.04 -2.67 -7.27
CAD CLA NB . 46.60 -0.65 -5.97
OBD CLA NB . 45.78 0.00 -5.34
CBD CLA NB . 48.11 -0.37 -5.93
CGD CLA NB . 48.40 1.03 -6.36
O1D CLA NB . 48.27 1.49 -7.50
O2D CLA NB . 48.87 1.84 -5.38
CED CLA NB . 48.98 3.23 -5.67
C1 CLA NB . 49.64 -4.86 -4.61
C2 CLA NB . 50.64 -5.58 -5.42
C3 CLA NB . 50.30 -6.49 -6.34
C4 CLA NB . 48.89 -6.83 -6.61
C5 CLA NB . 51.34 -7.18 -7.14
C6 CLA NB . 51.98 -8.32 -6.39
C7 CLA NB . 53.29 -8.69 -7.04
C8 CLA NB . 53.13 -9.77 -8.10
C10 CLA NB . 52.39 -10.99 -7.57
C11 CLA NB . 53.31 -11.89 -6.79
C12 CLA NB . 52.92 -11.94 -5.34
C13 CLA NB . 54.11 -12.31 -4.48
C14 CLA NB . 53.72 -13.36 -3.47
C15 CLA NB . 54.69 -11.08 -3.78
C16 CLA NB . 56.19 -10.97 -3.99
C17 CLA NB . 56.95 -11.13 -2.70
C18 CLA NB . 58.20 -10.25 -2.64
C19 CLA NB . 58.99 -10.52 -1.37
C20 CLA NB . 59.08 -10.45 -3.85
C1 PQN OB . 12.14 -0.39 -9.21
O1 PQN OB . 12.78 -1.39 -8.48
C2 PQN OB . 10.76 -0.29 -9.20
C2M PQN OB . 9.94 -1.29 -8.36
C3 PQN OB . 10.13 0.72 -9.94
C4 PQN OB . 10.89 1.61 -10.68
O4 PQN OB . 10.26 2.61 -11.40
C5 PQN OB . 12.32 1.50 -10.69
C6 PQN OB . 13.11 2.40 -11.45
C7 PQN OB . 14.50 2.29 -11.44
C8 PQN OB . 15.11 1.28 -10.70
C9 PQN OB . 14.34 0.41 -9.96
C10 PQN OB . 12.93 0.52 -9.97
C11 PQN OB . 8.58 0.86 -9.93
C12 PQN OB . 8.11 1.83 -8.82
C13 PQN OB . 6.84 2.61 -9.20
C14 PQN OB . 7.11 3.34 -10.49
C15 PQN OB . 6.56 3.62 -8.09
C16 PQN OB . 6.05 2.92 -6.80
C17 PQN OB . 4.63 3.38 -6.42
C18 PQN OB . 4.48 4.90 -6.49
C19 PQN OB . 5.02 5.48 -5.21
C20 PQN OB . 3.01 5.30 -6.67
C21 PQN OB . 2.12 4.97 -5.43
C22 PQN OB . 1.46 6.22 -4.78
C23 PQN OB . 0.89 7.21 -5.78
C24 PQN OB . 1.01 8.61 -5.22
C25 PQN OB . -0.60 6.87 -6.02
C26 PQN OB . -1.41 6.96 -4.71
C27 PQN OB . -2.82 6.32 -4.87
C28 PQN OB . -3.35 5.81 -3.52
C29 PQN OB . -3.58 6.98 -2.57
C30 PQN OB . -2.37 4.80 -2.91
MG CLA PB . 55.67 26.13 5.36
CHA CLA PB . 58.90 25.59 4.26
CHB CLA PB . 55.44 22.91 6.37
CHC CLA PB . 52.55 26.79 6.62
CHD CLA PB . 55.98 29.51 4.43
NA CLA PB . 56.97 24.51 5.25
C1A CLA PB . 58.29 24.49 4.81
C2A CLA PB . 58.87 23.08 4.96
C3A CLA PB . 57.69 22.25 5.47
C4A CLA PB . 56.61 23.28 5.73
CMA CLA PB . 57.25 21.24 4.44
CAA CLA PB . 60.03 23.01 5.96
CBA CLA PB . 59.59 23.19 7.39
CGA CLA PB . 60.73 23.67 8.27
O1A CLA PB . 61.03 24.81 8.59
O2A CLA PB . 61.47 22.63 8.73
NB CLA PB . 54.28 25.07 6.34
C1B CLA PB . 54.36 23.75 6.64
C2B CLA PB . 53.10 23.31 7.30
C3B CLA PB . 52.29 24.39 7.37
C4B CLA PB . 53.01 25.53 6.75
CMB CLA PB . 52.90 21.93 7.73
CAB CLA PB . 50.95 24.54 7.88
CBB CLA PB . 50.55 24.23 9.11
NC CLA PB . 54.48 27.83 5.46
C1C CLA PB . 53.24 27.87 6.02
C2C CLA PB . 52.70 29.21 5.94
C3C CLA PB . 53.68 30.00 5.34
C4C CLA PB . 54.80 29.12 5.06
CMC CLA PB . 51.39 29.58 6.42
CAC CLA PB . 53.61 31.44 5.05
CBC CLA PB . 54.40 32.23 6.06
ND CLA PB . 57.02 27.29 4.42
C1D CLA PB . 57.03 28.67 4.13
C2D CLA PB . 58.29 29.02 3.46
C3D CLA PB . 59.03 27.86 3.45
C4D CLA PB . 58.21 26.83 4.11
CMD CLA PB . 58.59 30.34 2.93
CAD CLA PB . 60.26 27.24 3.04
OBD CLA PB . 61.16 27.67 2.33
CBD CLA PB . 60.27 25.81 3.66
CGD CLA PB . 60.60 24.76 2.64
O1D CLA PB . 61.14 23.68 2.84
O2D CLA PB . 60.24 25.08 1.37
CED CLA PB . 60.96 24.47 0.29
C1 CLA PB . 62.12 22.77 10.02
C2 CLA PB . 63.07 21.63 10.08
C3 CLA PB . 62.72 20.39 10.45
C4 CLA PB . 61.33 20.04 10.82
C5 CLA PB . 63.73 19.30 10.48
O1 LHG QB . 15.43 16.52 -14.51
C1 LHG QB . 16.20 16.53 -13.31
C2 LHG QB . 15.27 16.46 -12.12
O2 LHG QB . 14.88 17.75 -11.73
C3 LHG QB . 15.89 15.83 -10.91
O3 LHG QB . 15.34 14.53 -10.99
P LHG QB . 16.28 13.22 -11.08
O4 LHG QB . 17.67 13.70 -11.33
O5 LHG QB . 15.43 12.21 -11.73
O6 LHG QB . 16.29 12.93 -9.46
C4 LHG QB . 15.11 12.93 -8.75
C5 LHG QB . 15.37 12.12 -7.49
C6 LHG QB . 16.79 12.28 -6.98
O7 LHG QB . 14.50 12.59 -6.52
C7 LHG QB . 13.77 11.62 -5.95
O9 LHG QB . 14.29 10.65 -5.47
C8 LHG QB . 12.46 12.16 -5.58
C9 LHG QB . 12.36 12.18 -4.09
C10 LHG QB . 11.14 12.92 -3.69
O8 LHG QB . 16.65 12.63 -5.60
C23 LHG QB . 17.04 13.88 -5.26
O10 LHG QB . 17.02 14.73 -6.11
C24 LHG QB . 17.82 14.12 -4.01
C11 LHG QB . 10.50 11.97 -2.72
C12 LHG QB . 9.10 12.40 -2.50
C13 LHG QB . 8.60 11.77 -1.23
C14 LHG QB . 9.40 12.22 -0.05
C15 LHG QB . 8.54 13.22 0.66
C16 LHG QB . 8.50 12.86 2.11
C17 LHG QB . 9.86 13.07 2.74
C18 LHG QB . 9.53 13.37 4.16
C19 LHG QB . 10.69 13.91 4.92
C20 LHG QB . 10.16 14.01 6.32
C21 LHG QB . 11.18 14.64 7.19
C22 LHG QB . 11.16 13.97 8.54
C25 LHG QB . 17.03 14.09 -2.73
C26 LHG QB . 16.90 12.72 -2.06
C27 LHG QB . 18.32 12.31 -1.79
C28 LHG QB . 18.54 10.85 -1.53
C29 LHG QB . 19.92 10.75 -0.98
C30 LHG QB . 20.02 10.46 0.49
C31 LHG QB . 19.06 9.44 1.04
C32 LHG QB . 19.42 8.89 2.38
C33 LHG QB . 18.20 8.97 3.22
C34 LHG QB . 17.93 7.75 4.04
C35 LHG QB . 17.58 8.07 5.45
C36 LHG QB . 16.69 6.96 5.94
C37 LHG QB . 16.52 7.14 7.41
C38 LHG QB . 17.76 6.87 8.21
O1 LHG RB . 49.89 26.98 1.01
C1 LHG RB . 49.50 26.08 2.02
C2 LHG RB . 50.20 26.49 3.26
O2 LHG RB . 49.60 27.65 3.78
C3 LHG RB . 51.61 26.89 3.01
O3 LHG RB . 52.10 25.66 2.55
P LHG RB . 53.66 25.41 2.47
O4 LHG RB . 54.27 26.00 3.68
O5 LHG RB . 53.95 25.54 1.01
O6 LHG RB . 53.57 23.83 2.84
C4 LHG RB . 52.72 23.00 2.12
C5 LHG RB . 53.13 21.61 2.54
C6 LHG RB . 52.89 21.36 4.00
O7 LHG RB . 52.29 20.76 1.84
C7 LHG RB . 52.85 20.29 0.71
O9 LHG RB . 54.05 20.23 0.55
C8 LHG RB . 51.88 19.47 0.00
C9 LHG RB . 51.37 18.44 0.95
C10 LHG RB . 51.09 17.17 0.21
O8 LHG RB . 52.42 20.03 4.05
C23 LHG RB . 53.05 19.15 4.87
O10 LHG RB . 53.90 19.57 5.62
C24 LHG RB . 52.93 17.66 4.66
C11 LHG RB . 51.51 16.14 1.19
C12 LHG RB . 50.58 14.98 1.13
C13 LHG RB . 51.15 13.89 1.98
C14 LHG RB . 50.08 13.02 2.57
C25 LHG RB . 51.68 17.03 5.20
C26 LHG RB . 51.88 15.88 6.17
C27 LHG RB . 50.51 15.63 6.71
C1 BCR SB . 12.45 27.96 25.96
C2 BCR SB . 12.03 26.76 25.14
C3 BCR SB . 13.24 26.20 24.42
C4 BCR SB . 14.28 25.69 25.39
C5 BCR SB . 14.26 26.44 26.70
C6 BCR SB . 13.65 27.62 26.81
C7 BCR SB . 14.10 28.59 27.83
C8 BCR SB . 15.17 29.34 27.62
C9 BCR SB . 15.62 30.33 28.61
C10 BCR SB . 16.60 31.14 28.27
C11 BCR SB . 17.13 32.15 29.17
C33 BCR SB . 14.93 25.80 27.88
C31 BCR SB . 11.33 28.40 26.87
C32 BCR SB . 12.80 29.09 25.00
C34 BCR SB . 14.98 30.39 29.96
C12 BCR SB . 18.02 32.98 28.65
C13 BCR SB . 18.64 34.03 29.47
C14 BCR SB . 19.71 34.65 28.97
C15 BCR SB . 20.39 35.70 29.72
C16 BCR SB . 21.52 36.18 29.23
C17 BCR SB . 22.25 37.19 29.98
C18 BCR SB . 23.46 37.59 29.59
C19 BCR SB . 24.17 38.58 30.38
C20 BCR SB . 25.26 39.14 29.92
C21 BCR SB . 25.94 40.11 30.77
C22 BCR SB . 27.15 40.56 30.43
C23 BCR SB . 27.83 41.51 31.33
C24 BCR SB . 28.59 42.48 30.85
C25 BCR SB . 29.24 43.36 31.82
C26 BCR SB . 30.21 42.90 32.59
C27 BCR SB . 30.16 43.10 34.08
C28 BCR SB . 29.03 44.05 34.42
C29 BCR SB . 28.91 45.22 33.45
C30 BCR SB . 28.86 44.80 31.98
C35 BCR SB . 18.08 34.38 30.79
C36 BCR SB . 24.11 37.01 28.37
C37 BCR SB . 27.83 40.10 29.19
C38 BCR SB . 31.38 42.22 31.96
C39 BCR SB . 29.86 45.62 31.19
C40 BCR SB . 27.45 45.06 31.44
C1 BCR TB . 19.17 20.30 19.53
C2 BCR TB . 18.94 20.08 18.06
C3 BCR TB . 20.18 19.53 17.39
C4 BCR TB . 21.33 20.50 17.56
C5 BCR TB . 21.52 20.79 19.02
C6 BCR TB . 20.48 21.01 19.80
C7 BCR TB . 20.59 21.94 20.95
C8 BCR TB . 20.70 23.26 20.79
C9 BCR TB . 20.82 24.14 21.95
C10 BCR TB . 21.37 25.34 21.80
C11 BCR TB . 21.50 26.26 22.93
C33 BCR TB . 22.92 20.80 19.56
C31 BCR TB . 19.24 18.95 20.22
C32 BCR TB . 17.99 21.07 20.11
C34 BCR TB . 20.30 23.70 23.29
C12 BCR TB . 21.57 27.55 22.63
C13 BCR TB . 21.69 28.56 23.68
C14 BCR TB . 21.43 29.82 23.37
C15 BCR TB . 21.52 30.91 24.33
C16 BCR TB . 21.45 32.13 23.83
C17 BCR TB . 21.53 33.29 24.68
C18 BCR TB . 21.77 34.49 24.14
C19 BCR TB . 21.87 35.65 25.03
C20 BCR TB . 21.86 36.87 24.54
C21 BCR TB . 21.98 37.92 25.53
C22 BCR TB . 21.88 39.20 25.24
C23 BCR TB . 22.04 40.15 26.35
C24 BCR TB . 22.51 41.37 26.13
C25 BCR TB . 22.66 42.28 27.27
C26 BCR TB . 21.64 42.53 28.09
C27 BCR TB . 21.87 42.44 29.58
C28 BCR TB . 23.36 42.58 29.91
C29 BCR TB . 24.08 43.50 28.92
C30 BCR TB . 24.00 42.94 27.51
C35 BCR TB . 22.12 28.16 25.05
C36 BCR TB . 21.96 34.66 22.67
C37 BCR TB . 21.62 39.68 23.85
C38 BCR TB . 20.30 42.96 27.57
C39 BCR TB . 25.10 41.90 27.33
C40 BCR TB . 24.18 44.04 26.49
C1 BCR UB . 55.81 19.07 13.77
C2 BCR UB . 55.86 19.94 15.03
C3 BCR UB . 54.49 20.28 15.62
C4 BCR UB . 53.67 19.02 15.85
C5 BCR UB . 53.75 18.12 14.64
C6 BCR UB . 54.42 18.52 13.57
C7 BCR UB . 53.82 18.36 12.22
C8 BCR UB . 52.78 19.11 11.88
C9 BCR UB . 52.16 18.97 10.55
C10 BCR UB . 50.97 19.55 10.34
C11 BCR UB . 50.24 19.46 9.08
C33 BCR UB . 53.09 16.77 14.67
C31 BCR UB . 56.76 17.90 13.91
C32 BCR UB . 56.23 19.92 12.58
C34 BCR UB . 52.84 18.19 9.47
C12 BCR UB . 49.18 20.25 8.94
C13 BCR UB . 48.34 20.26 7.74
C14 BCR UB . 47.29 21.10 7.71
C15 BCR UB . 46.38 21.13 6.57
C16 BCR UB . 45.14 21.58 6.75
C17 BCR UB . 44.19 21.60 5.64
C18 BCR UB . 42.99 22.14 5.74
C19 BCR UB . 42.08 22.10 4.59
C20 BCR UB . 40.85 22.59 4.64
C21 BCR UB . 40.05 22.46 3.44
C22 BCR UB . 38.81 22.95 3.34
C23 BCR UB . 38.08 22.76 2.08
C24 BCR UB . 37.01 23.50 1.84
C25 BCR UB . 36.22 23.34 0.60
C26 BCR UB . 35.52 22.24 0.38
C27 BCR UB . 35.34 21.72 -1.01
C28 BCR UB . 34.85 22.88 -1.84
C29 BCR UB . 35.88 24.00 -1.81
C30 BCR UB . 36.16 24.47 -0.39
C35 BCR UB . 48.62 19.34 6.60
C36 BCR UB . 42.54 22.79 7.01
C37 BCR UB . 38.17 23.68 4.46
C38 BCR UB . 34.85 21.51 1.50
C39 BCR UB . 35.05 25.37 0.07
C40 BCR UB . 37.46 25.27 -0.39
C1 BCR VB . 34.85 14.49 2.40
C2 BCR VB . 34.69 14.75 0.91
C3 BCR VB . 35.69 15.81 0.51
C4 BCR VB . 35.33 17.15 1.13
C5 BCR VB . 34.85 16.98 2.56
C6 BCR VB . 34.83 15.79 3.18
C7 BCR VB . 34.75 15.70 4.66
C8 BCR VB . 35.79 16.00 5.42
C9 BCR VB . 35.74 15.92 6.88
C10 BCR VB . 36.70 16.52 7.57
C11 BCR VB . 36.78 16.50 9.02
C33 BCR VB . 34.34 18.23 3.20
C31 BCR VB . 36.17 13.78 2.62
C32 BCR VB . 33.71 13.62 2.88
C34 BCR VB . 34.65 15.18 7.58
C12 BCR VB . 37.89 17.06 9.48
C13 BCR VB . 38.23 17.12 10.89
C14 BCR VB . 39.49 17.42 11.21
C15 BCR VB . 39.94 17.48 12.57
C16 BCR VB . 41.12 17.98 12.88
C17 BCR VB . 41.50 18.00 14.29
C18 BCR VB . 42.54 18.72 14.72
C19 BCR VB . 42.88 18.70 16.15
C20 BCR VB . 44.07 19.12 16.54
C21 BCR VB . 44.40 19.09 17.94
C22 BCR VB . 45.62 19.48 18.35
C23 BCR VB . 45.95 19.46 19.78
C24 BCR VB . 46.55 18.37 20.26
C25 BCR VB . 46.95 18.21 21.66
C26 BCR VB . 48.23 18.36 21.98
C27 BCR VB . 48.93 17.28 22.76
C28 BCR VB . 47.91 16.34 23.41
C29 BCR VB . 46.69 17.10 23.88
C30 BCR VB . 45.98 17.82 22.74
C35 BCR VB . 37.20 16.86 11.95
C36 BCR VB . 43.33 19.57 13.76
C37 BCR VB . 46.65 19.95 17.38
C38 BCR VB . 48.99 19.61 21.62
C39 BCR VB . 45.35 19.09 23.29
C40 BCR VB . 44.92 16.91 22.16
C1 BCR WB . 14.28 6.65 12.54
C2 BCR WB . 15.60 6.37 13.23
C3 BCR WB . 16.00 4.94 12.97
C4 BCR WB . 15.03 4.04 13.72
C5 BCR WB . 13.60 4.47 13.50
C6 BCR WB . 13.30 5.51 12.72
C7 BCR WB . 12.00 5.64 12.02
C8 BCR WB . 11.50 4.79 11.11
C9 BCR WB . 10.19 5.13 10.54
C10 BCR WB . 9.40 4.20 10.01
C11 BCR WB . 9.72 2.78 9.93
C33 BCR WB . 12.55 3.73 14.27
C31 BCR WB . 14.53 6.87 11.06
C32 BCR WB . 13.66 7.91 13.14
C34 BCR WB . 9.76 6.57 10.52
C12 BCR WB . 8.77 2.03 9.38
C13 BCR WB . 8.89 0.58 9.17
C14 BCR WB . 7.82 -0.05 8.66
C15 BCR WB . 7.80 -1.48 8.35
C16 BCR WB . 6.81 -1.92 7.56
C17 BCR WB . 6.72 -3.31 7.16
C18 BCR WB . 5.64 -3.79 6.53
C19 BCR WB . 4.50 -2.95 6.22
C20 BCR WB . 3.32 -3.56 6.14
C21 BCR WB . 2.16 -2.79 5.80
C22 BCR WB . 1.15 -3.39 5.15
C23 BCR WB . 0.01 -2.56 4.79
C24 BCR WB . -1.24 -2.95 4.99
C25 BCR WB . -2.37 -2.08 4.59
C26 BCR WB . -2.61 -0.88 5.17
C27 BCR WB . -3.32 0.21 4.41
C28 BCR WB . -3.92 -0.29 3.10
C29 BCR WB . -4.44 -1.70 3.28
C30 BCR WB . -3.24 -2.62 3.50
C35 BCR WB . 10.18 -0.11 9.46
C36 BCR WB . 5.55 -5.22 6.09
C37 BCR WB . 1.19 -4.84 4.76
C38 BCR WB . -2.21 -0.58 6.59
C39 BCR WB . -2.46 -2.73 2.20
C40 BCR WB . -3.66 -4.02 3.91
FE1 SF4 XB . 23.17 1.67 -19.53
FE2 SF4 XB . 23.61 2.04 -16.74
FE3 SF4 XB . 21.20 3.00 -17.92
FE4 SF4 XB . 23.71 4.27 -18.53
S1 SF4 XB . 22.70 3.84 -16.80
S2 SF4 XB . 22.19 3.49 -19.59
S3 SF4 XB . 24.63 2.51 -18.47
S4 SF4 XB . 22.16 1.18 -17.86
MG CLA YB . 11.82 -11.24 1.38
CHA CLA YB . 13.16 -10.75 4.52
CHB CLA YB . 8.77 -11.33 2.76
CHC CLA YB . 10.52 -11.19 -1.73
CHD CLA YB . 15.07 -11.16 0.02
NA CLA YB . 11.12 -11.16 3.34
C1A CLA YB . 11.82 -10.93 4.51
C2A CLA YB . 10.88 -10.98 5.72
C3A CLA YB . 9.61 -11.57 5.10
C4A CLA YB . 9.81 -11.33 3.63
CMA CLA YB . 9.50 -13.03 5.33
CAA CLA YB . 10.58 -9.64 6.33
CBA CLA YB . 9.97 -9.82 7.70
CGA CLA YB . 8.63 -9.15 7.74
O1A CLA YB . 8.11 -8.42 6.91
O2A CLA YB . 7.93 -9.44 8.88
NB CLA YB . 9.98 -11.41 0.65
C1B CLA YB . 8.88 -11.14 1.38
C2B CLA YB . 7.79 -10.60 0.54
C3B CLA YB . 8.28 -10.57 -0.75
C4B CLA YB . 9.67 -11.08 -0.68
CMB CLA YB . 6.52 -10.21 1.13
CAB CLA YB . 7.72 -10.15 -1.99
CBB CLA YB . 6.44 -10.18 -2.35
NC CLA YB . 12.65 -11.31 -0.52
C1C CLA YB . 11.93 -11.36 -1.67
C2C CLA YB . 12.83 -11.45 -2.80
C3C CLA YB . 14.13 -11.37 -2.30
C4C CLA YB . 13.99 -11.29 -0.86
CMC CLA YB . 12.40 -11.54 -4.19
CAC CLA YB . 15.41 -11.44 -2.99
CBC CLA YB . 16.04 -12.81 -3.00
ND CLA YB . 13.70 -11.08 2.05
C1D CLA YB . 14.94 -11.04 1.38
C2D CLA YB . 16.00 -10.80 2.35
C3D CLA YB . 15.38 -10.63 3.58
C4D CLA YB . 13.94 -10.84 3.33
CMD CLA YB . 17.38 -10.68 1.94
CAD CLA YB . 15.49 -10.34 4.99
OBD CLA YB . 16.42 -10.00 5.67
CBD CLA YB . 14.10 -10.46 5.64
CGD CLA YB . 14.05 -11.55 6.65
O1D CLA YB . 13.41 -12.59 6.60
O2D CLA YB . 14.79 -11.34 7.76
CED CLA YB . 14.15 -11.62 8.99
C1 CLA YB . 6.50 -9.24 8.76
C2 CLA YB . 5.98 -8.62 9.99
C3 CLA YB . 6.06 -7.31 10.25
C4 CLA YB . 6.72 -6.41 9.29
C5 CLA YB . 5.50 -6.74 11.49
C6 CLA YB . 5.66 -5.24 11.65
C7 CLA YB . 4.36 -4.51 11.44
C8 CLA YB . 4.59 -3.16 10.79
C9 CLA YB . 5.61 -2.34 11.54
C10 CLA YB . 3.29 -2.39 10.68
C11 CLA YB . 3.51 -1.17 9.83
C12 CLA YB . 2.37 -0.87 8.87
C13 CLA YB . 2.26 0.63 8.61
C14 CLA YB . 1.18 0.89 7.59
C15 CLA YB . 3.57 1.26 8.17
C16 CLA YB . 3.93 2.41 9.09
C17 CLA YB . 5.10 3.23 8.59
C18 CLA YB . 5.03 4.63 9.16
C19 CLA YB . 3.76 5.34 8.76
C20 CLA YB . 6.22 5.45 8.72
C1 BCR ZB . -9.18 6.09 21.04
C2 BCR ZB . -9.52 5.69 22.47
C3 BCR ZB . -9.83 6.82 23.44
C4 BCR ZB . -8.81 7.93 23.25
C5 BCR ZB . -9.04 8.43 21.85
C6 BCR ZB . -9.13 7.60 20.83
C7 BCR ZB . -9.24 8.14 19.44
C8 BCR ZB . -8.16 8.24 18.66
C9 BCR ZB . -8.17 8.76 17.29
C10 BCR ZB . -7.01 8.79 16.64
C11 BCR ZB . -6.87 9.32 15.29
C33 BCR ZB . -9.20 9.92 21.68
C31 BCR ZB . -10.23 5.56 20.08
C32 BCR ZB . -7.89 5.38 20.66
C34 BCR ZB . -9.44 9.21 16.66
C12 BCR ZB . -5.66 9.29 14.74
C13 BCR ZB . -5.44 9.88 13.42
C14 BCR ZB . -4.19 10.25 13.13
C15 BCR ZB . -3.81 10.92 11.89
C16 BCR ZB . -2.56 11.31 11.73
C17 BCR ZB . -2.17 12.04 10.54
C18 BCR ZB . -0.97 12.61 10.42
C19 BCR ZB . -0.69 13.40 9.22
C20 BCR ZB . 0.50 13.81 8.81
C21 BCR ZB . 0.42 14.64 7.61
C22 BCR ZB . 1.18 15.75 7.52
C23 BCR ZB . 1.05 16.66 6.39
C24 BCR ZB . 2.07 17.25 5.74
C25 BCR ZB . 1.78 18.23 4.66
C26 BCR ZB . 1.92 19.52 4.96
C27 BCR ZB . 1.75 20.59 3.93
C28 BCR ZB . 2.36 20.09 2.65
C29 BCR ZB . 1.61 18.86 2.18
C30 BCR ZB . 1.37 17.80 3.26
C35 BCR ZB . -6.57 10.12 12.46
C36 BCR ZB . 0.05 12.52 11.50
C37 BCR ZB . 2.09 16.14 8.64
C38 BCR ZB . 2.24 20.00 6.35
C39 BCR ZB . 2.14 16.54 2.91
C40 BCR ZB . -0.11 17.48 3.18
C1B LMU AC . 19.77 40.31 48.59
C2B LMU AC . 19.77 39.48 49.85
C3B LMU AC . 19.89 40.37 51.02
C4B LMU AC . 18.74 41.32 51.15
C5B LMU AC . 18.53 42.11 49.85
C6B LMU AC . 18.71 43.55 50.16
O1B LMU AC . 18.83 39.80 47.76
O2B LMU AC . 18.53 38.76 49.91
O3B LMU AC . 21.09 41.17 50.84
O4' LMU AC . 17.55 40.58 51.44
O5B LMU AC . 19.52 41.77 48.81
O6B LMU AC . 19.97 43.92 49.72
C1' LMU AC . 18.52 40.30 43.60
C2' LMU AC . 19.53 39.31 44.12
C3' LMU AC . 19.51 39.09 45.59
C4' LMU AC . 19.11 40.27 46.43
C5' LMU AC . 17.83 40.96 45.93
C6' LMU AC . 18.00 42.46 45.94
O1' LMU AC . 18.04 39.75 42.44
O2' LMU AC . 19.21 38.06 43.51
O3' LMU AC . 20.85 38.66 45.95
O5' LMU AC . 17.41 40.52 44.58
O6' LMU AC . 19.35 42.80 45.82
C1 LMU AC . 16.63 39.86 42.22
C2 LMU AC . 16.27 39.07 40.91
C3 LMU AC . 16.51 39.99 39.67
C4 LMU AC . 17.51 39.28 38.70
C5 LMU AC . 17.37 39.85 37.27
C6 LMU AC . 18.56 39.35 36.40
C7 LMU AC . 19.61 40.48 36.31
C8 LMU AC . 20.80 39.98 35.47
C9 LMU AC . 21.68 41.13 34.93
C10 LMU AC . 21.62 41.11 33.41
C11 LMU AC . 20.34 41.83 32.93
C12 LMU AC . 19.49 40.87 32.08
C1B LMU BC . -6.74 13.31 24.29
C2B LMU BC . -7.39 11.93 24.52
C3B LMU BC . -6.73 11.12 25.60
C4B LMU BC . -6.14 11.84 26.77
C5B LMU BC . -6.44 13.34 26.81
C6B LMU BC . -5.64 14.02 27.87
O1B LMU BC . -7.71 14.13 23.79
O2B LMU BC . -8.78 12.09 24.85
O4' LMU BC . -6.67 11.21 27.95
O5B LMU BC . -6.14 13.97 25.51
O6B LMU BC . -5.87 15.38 27.80
C1' LMU BC . -5.50 16.01 20.63
C2' LMU BC . -6.29 16.84 21.65
C3' LMU BC . -6.50 16.05 22.89
C4' LMU BC . -7.37 14.86 22.58
C5' LMU BC . -6.82 13.97 21.45
C6' LMU BC . -8.01 13.31 20.81
O1' LMU BC . -4.21 15.83 21.06
O2' LMU BC . -5.60 18.06 21.95
O3' LMU BC . -7.18 16.90 23.85
O5' LMU BC . -6.09 14.66 20.36
O6' LMU BC . -8.86 14.28 20.26
C1 LMU BC . -3.45 15.01 20.18
C2 LMU BC . -3.04 15.85 18.93
C3 LMU BC . -1.94 16.88 19.34
C4 LMU BC . -0.86 16.93 18.21
C5 LMU BC . 0.11 18.11 18.49
C6 LMU BC . 1.15 18.17 17.35
C7 LMU BC . 1.85 19.55 17.40
C8 LMU BC . 0.94 20.63 16.79
C9 LMU BC . 0.76 21.78 17.81
C10 LMU BC . 0.88 23.14 17.10
C11 LMU BC . 0.50 24.29 18.05
C12 LMU BC . -1.00 24.21 18.40
C1B LMU CC . 53.68 -15.97 18.18
C2B LMU CC . 52.97 -16.48 19.44
C3B LMU CC . 52.54 -17.90 19.39
C4B LMU CC . 51.95 -18.25 18.07
C5B LMU CC . 53.07 -18.21 17.02
C6B LMU CC . 52.50 -18.31 15.65
O1B LMU CC . 54.86 -15.39 18.54
O2B LMU CC . 53.85 -16.29 20.57
O3B LMU CC . 51.55 -18.14 20.42
O4' LMU CC . 51.41 -19.57 18.14
O5B LMU CC . 53.95 -17.03 17.12
O6B LMU CC . 52.91 -19.50 15.05
C1' LMU CC . 54.92 -11.47 16.67
C2' LMU CC . 55.54 -12.69 15.99
C3' LMU CC . 55.00 -13.98 16.49
C4' LMU CC . 55.14 -14.08 17.98
C5' LMU CC . 54.33 -12.97 18.67
C6' LMU CC . 54.66 -12.96 20.14
O1' LMU CC . 53.77 -11.13 16.00
O3' LMU CC . 55.77 -15.05 15.85
O5' LMU CC . 54.63 -11.61 18.14
O6' LMU CC . 53.62 -13.53 20.87
C1 LMU CC . 54.00 -10.44 14.76
C2 LMU CC . 52.68 -9.70 14.32
C3 LMU CC . 52.70 -9.42 12.78
C4 LMU CC . 51.38 -9.97 12.13
C5 LMU CC . 50.79 -8.92 11.15
C6 LMU CC . 50.07 -7.82 11.97
C7 LMU CC . 49.19 -6.91 11.07
C8 LMU CC . 50.02 -5.70 10.61
C9 LMU CC . 49.06 -4.58 10.18
C10 LMU CC . 48.49 -3.91 11.44
C11 LMU CC . 46.98 -3.64 11.27
C12 LMU CC . 46.75 -2.77 10.01
C1 LMG DC . -5.43 38.07 -0.91
O1 LMG DC . -5.20 37.95 0.45
C2 LMG DC . -4.18 38.75 -1.49
O2 LMG DC . -4.19 40.05 -0.98
C3 LMG DC . -4.46 38.82 -3.01
O3 LMG DC . -3.30 39.37 -3.56
C4 LMG DC . -4.69 37.40 -3.60
O4 LMG DC . -3.52 36.69 -3.50
C5 LMG DC . -5.76 36.67 -2.74
O5 LMG DC . -5.02 34.56 -2.14
C6 LMG DC . -5.77 35.19 -3.13
O6 LMG DC . -5.44 36.74 -1.37
C7 LMG DC . -6.17 37.16 1.09
C8 LMG DC . -5.41 36.42 2.19
C9 LMG DC . -4.52 37.42 2.89
O7 LMG DC . -6.35 36.01 3.15
C10 LMG DC . -6.72 34.71 3.19
O9 LMG DC . -6.93 34.12 2.14
C11 LMG DC . -6.55 34.13 4.55
C12 LMG DC . -6.81 32.64 4.51
C13 LMG DC . -7.66 32.18 5.68
C14 LMG DC . -6.94 30.99 6.29
C15 LMG DC . -7.74 30.52 7.47
C16 LMG DC . -7.13 29.25 8.01
C17 LMG DC . -8.27 28.37 8.46
C18 LMG DC . -7.65 27.15 9.11
C19 LMG DC . -7.43 26.11 8.04
C20 LMG DC . -6.19 25.33 8.42
C21 LMG DC . -6.36 23.93 7.91
O8 LMG DC . -3.88 36.72 3.92
C28 LMG DC . -2.54 36.60 3.82
O10 LMG DC . -2.03 36.48 2.72
C29 LMG DC . -1.84 36.54 5.14
C30 LMG DC . -1.85 35.12 5.66
C31 LMG DC . -2.82 35.05 6.81
C32 LMG DC . -2.66 33.67 7.42
C33 LMG DC . -2.71 33.84 8.92
C34 LMG DC . -1.66 32.96 9.55
C35 LMG DC . -2.13 31.53 9.35
C36 LMG DC . -0.91 30.72 9.08
C1 BCR EC . -13.87 -5.37 5.89
C2 BCR EC . -13.69 -6.56 6.80
C3 BCR EC . -13.27 -6.12 8.18
C4 BCR EC . -11.92 -5.45 8.06
C5 BCR EC . -12.04 -4.26 7.14
C6 BCR EC . -12.75 -4.35 6.00
C7 BCR EC . -12.49 -3.41 4.86
C8 BCR EC . -11.39 -3.46 4.11
C9 BCR EC . -11.15 -2.54 2.99
C10 BCR EC . -9.89 -2.26 2.63
C11 BCR EC . -9.44 -1.40 1.54
C33 BCR EC . -11.37 -2.99 7.60
C31 BCR EC . -15.18 -4.68 6.20
C32 BCR EC . -13.92 -5.91 4.48
C34 BCR EC . -12.29 -1.93 2.26
C12 BCR EC . -8.13 -1.34 1.34
C13 BCR EC . -7.49 -0.54 0.28
C14 BCR EC . -6.15 -0.58 0.17
C15 BCR EC . -5.38 0.14 -0.85
C16 BCR EC . -4.09 -0.18 -0.97
C17 BCR EC . -3.18 0.41 -1.95
C18 BCR EC . -1.96 -0.12 -2.13
C19 BCR EC . -1.01 0.42 -3.13
C20 BCR EC . 0.04 -0.30 -3.49
C21 BCR EC . 1.02 0.16 -4.48
C22 BCR EC . 1.90 -0.70 -5.02
C23 BCR EC . 2.89 -0.30 -6.02
C24 BCR EC . 2.79 -0.95 -7.18
C25 BCR EC . 3.64 -0.81 -8.40
C26 BCR EC . 3.58 0.23 -9.24
C27 BCR EC . 4.36 0.21 -10.52
C28 BCR EC . 4.30 -1.21 -11.06
C29 BCR EC . 5.05 -2.10 -10.09
C30 BCR EC . 4.54 -1.99 -8.65
C35 BCR EC . -8.30 0.27 -0.67
C36 BCR EC . -1.53 -1.30 -1.32
C37 BCR EC . 1.93 -2.13 -4.61
C38 BCR EC . 2.75 1.47 -9.03
C39 BCR EC . 5.74 -1.88 -7.72
C40 BCR EC . 3.80 -3.27 -8.36
MG CLA FC . 22.02 -14.81 7.63
CHA CLA FC . 20.45 -16.95 5.46
CHB CLA FC . 22.45 -12.60 5.09
CHC CLA FC . 22.84 -12.45 9.94
CHD CLA FC . 21.20 -17.00 10.25
NA CLA FC . 21.69 -14.88 5.60
C1A CLA FC . 20.97 -15.83 4.89
C2A CLA FC . 20.95 -15.46 3.42
C3A CLA FC . 22.05 -14.39 3.33
C4A CLA FC . 22.08 -13.89 4.76
CMA CLA FC . 23.34 -15.06 3.00
CAA CLA FC . 19.63 -14.87 3.04
CBA CLA FC . 19.57 -14.75 1.54
CGA CLA FC . 18.25 -14.21 1.12
O1A CLA FC . 17.99 -13.51 0.16
O2A CLA FC . 17.23 -14.55 1.96
NB CLA FC . 22.62 -12.91 7.53
C1B CLA FC . 22.52 -12.12 6.41
C2B CLA FC . 22.57 -10.69 6.82
C3B CLA FC . 22.69 -10.68 8.17
C4B CLA FC . 22.76 -12.07 8.64
CMB CLA FC . 22.50 -9.57 5.90
CAB CLA FC . 22.80 -9.56 9.06
CBB CLA FC . 23.94 -9.16 9.61
NC CLA FC . 22.18 -14.81 9.70
C1C CLA FC . 22.60 -13.75 10.44
C2C CLA FC . 22.59 -14.08 11.84
C3C CLA FC . 22.03 -15.34 11.96
C4C CLA FC . 21.78 -15.79 10.60
CMC CLA FC . 23.00 -13.19 12.91
CAC CLA FC . 21.79 -16.12 13.18
CBC CLA FC . 22.85 -17.14 13.45
ND CLA FC . 21.36 -16.70 7.83
C1D CLA FC . 20.97 -17.42 8.98
C2D CLA FC . 20.33 -18.66 8.58
C3D CLA FC . 20.09 -18.54 7.24
C4D CLA FC . 20.69 -17.27 6.82
CMD CLA FC . 19.97 -19.70 9.53
CAD CLA FC . 19.61 -19.17 6.04
OBD CLA FC . 19.27 -20.32 5.84
CBD CLA FC . 19.58 -18.07 4.95
CGD CLA FC . 19.91 -18.57 3.59
O1D CLA FC . 20.81 -19.32 3.25
O2D CLA FC . 19.07 -18.16 2.62
CED CLA FC . 18.38 -19.21 1.98
C1 CLA FC . 16.18 -15.39 1.43
C2 CLA FC . 15.30 -15.69 2.58
C3 CLA FC . 14.04 -15.24 2.66
C4 CLA FC . 13.43 -14.42 1.60
C5 CLA FC . 13.19 -15.55 3.83
C6 CLA FC . 13.95 -15.38 5.12
C7 CLA FC . 13.28 -16.10 6.27
C8 CLA FC . 11.78 -15.93 6.39
C9 CLA FC . 11.46 -15.17 7.65
C10 CLA FC . 11.13 -17.29 6.50
C11 CLA FC . 10.37 -17.69 5.27
C12 CLA FC . 9.18 -16.78 5.02
C13 CLA FC . 7.87 -17.53 4.81
C14 CLA FC . 8.03 -18.75 3.94
C15 CLA FC . 6.76 -16.66 4.23
C16 CLA FC . 7.24 -15.49 3.39
C17 CLA FC . 6.19 -15.11 2.38
C18 CLA FC . 5.81 -13.65 2.38
C19 CLA FC . 5.54 -13.13 3.77
C20 CLA FC . 4.60 -13.42 1.52
MG CLA GC . 33.27 -3.40 -1.71
CHA CLA GC . 35.89 -1.23 -2.26
CHB CLA GC . 35.42 -5.88 -1.04
CHC CLA GC . 30.66 -5.26 -0.54
CHD CLA GC . 31.08 -0.91 -2.71
NA CLA GC . 35.33 -3.52 -1.71
C1A CLA GC . 36.25 -2.50 -1.92
C2A CLA GC . 37.67 -3.06 -1.83
C3A CLA GC . 37.41 -4.58 -1.84
C4A CLA GC . 35.96 -4.69 -1.46
CMA CLA GC . 37.60 -5.15 -3.21
CAA CLA GC . 38.33 -2.57 -0.56
CBA CLA GC . 38.70 -3.65 0.43
CGA CLA GC . 40.00 -4.29 0.10
O1A CLA GC . 40.81 -4.01 -0.78
O2A CLA GC . 40.26 -5.32 0.93
NB CLA GC . 33.06 -5.23 -0.91
C1B CLA GC . 34.09 -6.07 -0.67
C2B CLA GC . 33.60 -7.26 0.06
C3B CLA GC . 32.26 -7.10 0.21
C4B CLA GC . 31.90 -5.80 -0.40
CMB CLA GC . 34.51 -8.34 0.42
CAB CLA GC . 31.30 -7.97 0.82
CBB CLA GC . 31.41 -8.49 2.05
NC CLA GC . 31.22 -3.15 -1.72
C1C CLA GC . 30.36 -4.04 -1.19
C2C CLA GC . 29.02 -3.52 -1.34
C3C CLA GC . 29.08 -2.29 -1.99
C4C CLA GC . 30.50 -2.06 -2.21
CMC CLA GC . 27.87 -4.25 -0.90
CAC CLA GC . 27.89 -1.50 -2.37
CBC CLA GC . 27.81 -0.02 -2.07
ND CLA GC . 33.39 -1.57 -2.51
C1D CLA GC . 32.40 -0.64 -2.82
C2D CLA GC . 33.00 0.61 -3.23
C3D CLA GC . 34.34 0.49 -2.97
C4D CLA GC . 34.54 -0.90 -2.53
CMD CLA GC . 32.18 1.73 -3.67
CAD CLA GC . 35.65 1.08 -3.09
OBD CLA GC . 35.99 2.15 -3.55
CBD CLA GC . 36.64 0.04 -2.51
CGD CLA GC . 37.73 -0.17 -3.49
O1D CLA GC . 37.79 -1.01 -4.38
O2D CLA GC . 38.76 0.69 -3.33
CED CLA GC . 39.61 0.35 -2.25
C1 CLA GC . 40.84 -6.50 0.36
C2 CLA GC . 39.84 -7.58 0.22
C3 CLA GC . 39.22 -8.22 1.23
C4 CLA GC . 39.44 -7.90 2.66
C5 CLA GC . 38.25 -9.31 0.97
C6 CLA GC . 38.64 -10.58 1.70
C7 CLA GC . 39.84 -11.25 1.06
C8 CLA GC . 40.72 -12.02 2.05
C9 CLA GC . 41.13 -11.13 3.18
C10 CLA GC . 42.00 -12.57 1.42
C11 CLA GC . 41.89 -12.90 -0.05
C12 CLA GC . 41.76 -14.38 -0.30
C13 CLA GC . 43.06 -15.00 -0.77
C14 CLA GC . 43.76 -14.18 -1.84
C15 CLA GC . 42.84 -16.44 -1.24
C16 CLA GC . 42.36 -16.55 -2.67
C17 CLA GC . 42.15 -18.00 -3.06
C18 CLA GC . 42.59 -18.35 -4.47
C19 CLA GC . 42.12 -17.31 -5.46
C20 CLA GC . 42.01 -19.68 -4.87
MG CLA HC . 34.30 -25.49 -23.24
CHA CLA HC . 35.77 -24.55 -26.24
CHB CLA HC . 33.21 -28.33 -24.71
CHC CLA HC . 33.10 -26.53 -20.19
CHD CLA HC . 35.55 -22.56 -21.77
NA CLA HC . 34.46 -26.28 -25.17
C1A CLA HC . 35.13 -25.74 -26.27
C2A CLA HC . 35.02 -26.68 -27.47
C3A CLA HC . 34.03 -27.75 -27.00
C4A CLA HC . 33.90 -27.46 -25.51
CMA CLA HC . 32.71 -27.57 -27.69
CAA CLA HC . 36.34 -27.37 -27.71
NB CLA HC . 33.31 -27.10 -22.59
C1B CLA HC . 32.99 -28.16 -23.33
C2B CLA HC . 32.31 -29.18 -22.51
C3B CLA HC . 32.27 -28.69 -21.23
C4B CLA HC . 32.91 -27.35 -21.25
CMB CLA HC . 31.87 -30.43 -23.11
CAB CLA HC . 31.76 -29.25 -20.04
CBB CLA HC . 30.54 -29.77 -19.91
NC CLA HC . 34.29 -24.67 -21.34
C1C CLA HC . 33.76 -25.26 -20.22
C2C CLA HC . 33.96 -24.40 -19.07
C3C CLA HC . 34.64 -23.29 -19.52
C4C CLA HC . 34.85 -23.46 -20.94
CMC CLA HC . 33.53 -24.66 -17.71
CAC CLA HC . 35.05 -22.14 -18.70
CBC CLA HC . 34.00 -21.07 -18.66
ND CLA HC . 35.38 -23.89 -23.81
C1D CLA HC . 35.82 -22.75 -23.09
C2D CLA HC . 36.54 -21.87 -24.01
C3D CLA HC . 36.51 -22.49 -25.25
C4D CLA HC . 35.80 -23.76 -25.06
CMD CLA HC . 37.11 -20.60 -23.63
CAD CLA HC . 36.91 -22.42 -26.65
OBD CLA HC . 37.48 -21.54 -27.27
CBD CLA HC . 36.45 -23.75 -27.32
CGD CLA HC . 35.52 -23.48 -28.46
O1D CLA HC . 34.32 -23.76 -28.55
O2D CLA HC . 36.10 -22.85 -29.51
CED CLA HC . 35.62 -23.18 -30.82
MG CLA IC . 23.02 -29.15 -25.05
CHA CLA IC . 20.50 -31.30 -24.10
CHB CLA IC . 25.05 -30.47 -22.70
CHC CLA IC . 25.47 -26.94 -25.97
CHD CLA IC . 20.83 -27.65 -27.36
NA CLA IC . 22.79 -30.69 -23.66
C1A CLA IC . 21.66 -31.47 -23.41
C2A CLA IC . 21.94 -32.46 -22.29
C3A CLA IC . 23.33 -32.04 -21.80
C4A CLA IC . 23.78 -31.00 -22.80
CMA CLA IC . 23.16 -31.34 -20.49
CAA CLA IC . 21.99 -33.91 -22.78
CBA CLA IC . 23.02 -34.79 -22.12
CGA CLA IC . 22.72 -35.06 -20.68
O1A CLA IC . 23.25 -34.59 -19.66
O2A CLA IC . 21.73 -35.97 -20.46
NB CLA IC . 24.92 -28.83 -24.50
C1B CLA IC . 25.58 -29.48 -23.52
C2B CLA IC . 26.97 -28.97 -23.40
C3B CLA IC . 27.09 -27.96 -24.35
C4B CLA IC . 25.79 -27.85 -25.03
CMB CLA IC . 27.87 -29.51 -22.40
CAB CLA IC . 28.15 -27.04 -24.69
CBB CLA IC . 29.46 -27.16 -24.47
NC CLA IC . 23.11 -27.59 -26.41
C1C CLA IC . 24.21 -26.81 -26.60
C2C CLA IC . 23.92 -25.79 -27.60
C3C CLA IC . 22.61 -26.00 -27.99
C4C CLA IC . 22.11 -27.13 -27.25
CMC CLA IC . 24.84 -24.76 -28.04
CAC CLA IC . 21.84 -25.20 -28.94
CBC CLA IC . 21.04 -24.14 -28.24
ND CLA IC . 21.11 -29.36 -25.64
C1D CLA IC . 20.35 -28.71 -26.63
C2D CLA IC . 19.01 -29.28 -26.66
C3D CLA IC . 18.99 -30.26 -25.68
C4D CLA IC . 20.33 -30.27 -25.08
CMD CLA IC . 17.96 -28.83 -27.57
CAD CLA IC . 18.20 -31.26 -25.01
OBD CLA IC . 17.03 -31.51 -25.13
CBD CLA IC . 19.16 -31.97 -24.02
CGD CLA IC . 18.64 -31.90 -22.62
O1D CLA IC . 18.88 -32.66 -21.70
O2D CLA IC . 17.81 -30.86 -22.39
CED CLA IC . 17.64 -30.51 -21.02
C1 CLA IC . 20.87 -35.66 -19.34
C2 CLA IC . 19.60 -35.29 -19.99
C3 CLA IC . 18.39 -35.50 -19.47
C4 CLA IC . 18.18 -36.14 -18.15
C5 CLA IC . 17.18 -35.11 -20.22
C6 CLA IC . 16.89 -36.07 -21.35
C7 CLA IC . 17.29 -35.48 -22.69
C8 CLA IC . 16.68 -36.28 -23.82
C9 CLA IC . 17.20 -37.70 -23.80
C10 CLA IC . 16.92 -35.65 -25.18
C11 CLA IC . 18.39 -35.54 -25.49
C12 CLA IC . 18.60 -35.50 -26.98
C13 CLA IC . 18.35 -34.10 -27.53
C14 CLA IC . 17.51 -34.17 -28.78
C15 CLA IC . 19.68 -33.40 -27.76
C16 CLA IC . 19.59 -32.20 -28.68
C17 CLA IC . 20.59 -32.33 -29.80
C18 CLA IC . 20.36 -31.35 -30.93
C19 CLA IC . 21.21 -31.74 -32.11
C20 CLA IC . 18.90 -31.35 -31.37
MG CLA JC . 25.89 -30.10 -16.61
CHA CLA JC . 28.06 -27.69 -17.83
CHB CLA JC . 23.32 -28.57 -18.17
CHC CLA JC . 23.77 -32.45 -15.28
CHD CLA JC . 28.56 -31.52 -14.81
NA CLA JC . 25.76 -28.43 -17.85
C1A CLA JC . 26.77 -27.54 -18.24
C2A CLA JC . 26.21 -26.44 -19.13
C3A CLA JC . 24.70 -26.73 -19.14
C4A CLA JC . 24.57 -28.01 -18.35
CMA CLA JC . 23.95 -25.65 -18.40
CAA CLA JC . 26.72 -26.53 -20.55
CBA CLA JC . 26.04 -25.55 -21.49
CGA CLA JC . 26.40 -24.14 -21.13
O1A CLA JC . 27.50 -23.61 -21.14
O2A CLA JC . 25.28 -23.43 -20.78
NB CLA JC . 23.93 -30.47 -16.74
C1B CLA JC . 23.04 -29.72 -17.42
C2B CLA JC . 21.68 -30.29 -17.26
C3B CLA JC . 21.80 -31.38 -16.45
C4B CLA JC . 23.23 -31.51 -16.10
CMB CLA JC . 20.50 -29.68 -17.87
CAB CLA JC . 20.82 -32.29 -15.94
CBB CLA JC . 19.95 -32.98 -16.67
NC CLA JC . 26.13 -31.69 -15.30
C1C CLA JC . 25.13 -32.53 -14.90
C2C CLA JC . 25.67 -33.53 -14.01
C3C CLA JC . 27.01 -33.27 -13.86
C4C CLA JC . 27.30 -32.10 -14.68
CMC CLA JC . 24.90 -34.60 -13.38
CAC CLA JC . 27.99 -34.00 -13.08
CBC CLA JC . 28.11 -33.42 -11.70
ND CLA JC . 27.86 -29.77 -16.37
C1D CLA JC . 28.84 -30.43 -15.59
C2D CLA JC . 30.13 -29.76 -15.78
C3D CLA JC . 29.88 -28.71 -16.63
C4D CLA JC . 28.45 -28.74 -16.95
CMD CLA JC . 31.38 -30.16 -15.17
CAD CLA JC . 30.46 -27.60 -17.33
OBD CLA JC . 31.63 -27.27 -17.37
CBD CLA JC . 29.32 -26.89 -18.08
CGD CLA JC . 29.15 -25.49 -17.60
O1D CLA JC . 29.09 -25.10 -16.43
O2D CLA JC . 29.05 -24.58 -18.59
CED CLA JC . 29.90 -23.44 -18.49
C1 CLA JC . 25.43 -22.12 -20.18
C2 CLA JC . 25.83 -22.30 -18.76
C3 CLA JC . 25.10 -21.89 -17.72
C4 CLA JC . 23.81 -21.21 -17.91
C5 CLA JC . 25.58 -22.09 -16.32
C6 CLA JC . 24.83 -23.13 -15.50
C7 CLA JC . 23.94 -22.48 -14.45
C8 CLA JC . 24.22 -22.87 -13.00
C9 CLA JC . 25.70 -22.83 -12.70
C10 CLA JC . 23.68 -24.25 -12.64
C11 CLA JC . 22.32 -24.55 -13.22
C12 CLA JC . 21.97 -26.01 -13.08
C13 CLA JC . 22.56 -26.83 -14.19
C14 CLA JC . 21.47 -27.54 -14.94
C15 CLA JC . 23.53 -27.86 -13.65
C16 CLA JC . 24.95 -27.54 -14.00
C17 CLA JC . 25.89 -28.15 -13.00
C18 CLA JC . 27.33 -27.77 -13.27
C19 CLA JC . 27.52 -26.27 -13.35
C20 CLA JC . 28.21 -28.34 -12.18
MG CLA KC . 39.36 -38.58 -6.92
CHA CLA KC . 41.64 -37.90 -4.44
CHB CLA KC . 37.57 -35.84 -6.03
CHC CLA KC . 37.32 -39.12 -9.59
CHD CLA KC . 41.28 -41.39 -7.86
NA CLA KC . 39.58 -37.14 -5.45
C1A CLA KC . 40.61 -37.02 -4.51
C2A CLA KC . 40.39 -35.79 -3.63
C3A CLA KC . 38.97 -35.33 -4.01
C4A CLA KC . 38.68 -36.14 -5.27
CMA CLA KC . 38.02 -35.66 -2.91
CAA CLA KC . 41.41 -34.69 -3.92
CBA CLA KC . 41.47 -34.18 -5.34
CGA CLA KC . 42.47 -34.94 -6.14
O1A CLA KC . 43.70 -34.89 -6.08
O2A CLA KC . 41.90 -35.79 -7.05
NB CLA KC . 37.71 -37.69 -7.63
C1B CLA KC . 37.21 -36.52 -7.19
C2B CLA KC . 36.16 -36.03 -8.12
C3B CLA KC . 36.08 -36.95 -9.13
C4B CLA KC . 37.07 -38.01 -8.85
CMB CLA KC . 35.43 -34.79 -7.89
CAB CLA KC . 35.23 -36.94 -10.28
CBB CLA KC . 35.67 -36.70 -11.51
NC CLA KC . 39.27 -40.04 -8.40
C1C CLA KC . 38.33 -40.09 -9.37
C2C CLA KC . 38.55 -41.25 -10.22
C3C CLA KC . 39.71 -41.87 -9.76
C4C CLA KC . 40.15 -41.09 -8.62
CMC CLA KC . 37.71 -41.64 -11.34
CAC CLA KC . 40.33 -43.08 -10.28
CBC CLA KC . 41.44 -42.78 -11.25
ND CLA KC . 41.03 -39.51 -6.31
C1D CLA KC . 41.71 -40.65 -6.79
C2D CLA KC . 42.88 -40.90 -5.94
C3D CLA KC . 42.90 -39.87 -5.02
C4D CLA KC . 41.75 -39.03 -5.31
CMD CLA KC . 43.80 -42.01 -6.10
CAD CLA KC . 43.57 -39.30 -3.89
OBD CLA KC . 44.55 -39.72 -3.30
CBD CLA KC . 42.79 -38.03 -3.49
CGD CLA KC . 42.20 -38.19 -2.14
O1D CLA KC . 41.50 -39.12 -1.77
O2D CLA KC . 42.47 -37.19 -1.27
CED CLA KC . 41.82 -37.25 0.00
C1 CLA KC . 42.76 -36.57 -7.89
C2 CLA KC . 41.86 -37.13 -8.94
C3 CLA KC . 42.24 -38.04 -9.85
C4 CLA KC . 43.60 -38.59 -9.89
C5 CLA KC . 41.26 -38.53 -10.87
C6 CLA KC . 41.66 -38.21 -12.29
C7 CLA KC . 40.51 -38.42 -13.25
MG CLA LC . 33.48 -33.47 -1.08
CHA CLA LC . 31.05 -35.84 -1.90
CHB CLA LC . 35.01 -33.99 -4.03
CHC CLA LC . 35.64 -30.91 -0.34
CHD CLA LC . 31.65 -32.74 1.83
NA CLA LC . 33.11 -34.77 -2.66
C1A CLA LC . 32.06 -35.67 -2.81
C2A CLA LC . 32.15 -36.32 -4.17
C3A CLA LC . 33.55 -35.94 -4.66
C4A CLA LC . 33.94 -34.80 -3.74
CMA CLA LC . 34.49 -37.09 -4.45
CAA CLA LC . 31.08 -35.71 -5.10
CBA CLA LC . 31.00 -34.21 -5.35
CGA CLA LC . 30.35 -33.45 -4.24
O1A CLA LC . 29.45 -33.83 -3.51
O2A CLA LC . 30.87 -32.22 -3.96
NB CLA LC . 35.09 -32.68 -1.96
C1B CLA LC . 35.47 -32.93 -3.22
C2B CLA LC . 36.49 -31.96 -3.67
C3B CLA LC . 36.68 -31.09 -2.62
C4B CLA LC . 35.79 -31.54 -1.53
CMB CLA LC . 37.10 -31.97 -4.99
CAB CLA LC . 37.54 -29.95 -2.53
CBB CLA LC . 37.14 -28.69 -2.56
NC CLA LC . 33.66 -32.14 0.50
C1C CLA LC . 34.63 -31.19 0.62
C2C CLA LC . 34.43 -30.45 1.83
C3C CLA LC . 33.29 -30.93 2.43
C4C CLA LC . 32.81 -32.00 1.59
CMC CLA LC . 35.29 -29.33 2.22
CAC CLA LC . 32.66 -30.48 3.66
CBC CLA LC . 31.79 -29.28 3.36
ND CLA LC . 31.81 -34.15 -0.17
C1D CLA LC . 31.17 -33.73 1.02
C2D CLA LC . 29.96 -34.50 1.20
C3D CLA LC . 29.86 -35.32 0.12
C4D CLA LC . 31.02 -35.06 -0.72
CMD CLA LC . 29.06 -34.31 2.33
CAD CLA LC . 29.06 -36.33 -0.52
OBD CLA LC . 28.02 -36.84 -0.16
CBD CLA LC . 29.78 -36.69 -1.85
CGD CLA LC . 29.95 -38.17 -1.93
O1D CLA LC . 29.08 -39.03 -1.69
O2D CLA LC . 31.18 -38.63 -2.29
CED CLA LC . 31.28 -39.98 -2.76
C1 CLA LC . 30.77 -31.88 -2.57
C2 CLA LC . 31.32 -30.53 -2.33
C3 CLA LC . 30.94 -29.79 -1.28
C4 CLA LC . 29.97 -30.26 -0.27
C5 CLA LC . 31.49 -28.43 -1.07
C6 CLA LC . 32.96 -28.39 -1.37
C7 CLA LC . 33.27 -27.10 -2.08
C8 CLA LC . 33.79 -27.36 -3.47
C9 CLA LC . 34.77 -26.27 -3.83
C10 CLA LC . 32.65 -27.40 -4.47
C11 CLA LC . 33.06 -28.09 -5.76
C12 CLA LC . 33.56 -29.48 -5.51
C13 CLA LC . 34.02 -30.19 -6.78
C14 CLA LC . 35.03 -29.36 -7.54
C15 CLA LC . 32.85 -30.56 -7.68
C16 CLA LC . 33.22 -31.79 -8.48
C17 CLA LC . 32.14 -32.20 -9.45
C18 CLA LC . 32.61 -32.13 -10.89
C19 CLA LC . 33.21 -33.44 -11.34
C20 CLA LC . 31.45 -31.77 -11.78
MG CLA MC . 40.35 -27.37 3.62
CHA CLA MC . 39.78 -30.24 1.82
CHB CLA MC . 42.81 -26.50 1.48
CHC CLA MC . 40.56 -24.34 5.20
CHD CLA MC . 37.85 -28.35 5.90
NA CLA MC . 41.19 -28.28 1.95
C1A CLA MC . 40.78 -29.46 1.33
C2A CLA MC . 41.66 -29.75 0.12
C3A CLA MC . 42.77 -28.69 0.23
C4A CLA MC . 42.23 -27.73 1.27
CMA CLA MC . 44.05 -29.34 0.69
CAA CLA MC . 40.87 -29.47 -1.13
CBA CLA MC . 41.35 -30.28 -2.31
CGA CLA MC . 41.66 -29.34 -3.41
O1A CLA MC . 42.17 -28.22 -3.34
O2A CLA MC . 41.32 -29.82 -4.64
NB CLA MC . 41.52 -25.76 3.43
C1B CLA MC . 42.38 -25.55 2.42
C2B CLA MC . 42.84 -24.15 2.45
C3B CLA MC . 42.21 -23.54 3.50
C4B CLA MC . 41.37 -24.57 4.14
CMB CLA MC . 43.76 -23.65 1.46
CAB CLA MC . 42.25 -22.19 4.01
CBB CLA MC . 43.32 -21.42 4.13
NC CLA MC . 39.40 -26.53 5.27
C1C CLA MC . 39.63 -25.27 5.72
C2C CLA MC . 38.76 -24.98 6.84
C3C CLA MC . 38.03 -26.13 7.07
C4C CLA MC . 38.42 -27.09 6.07
CMC CLA MC . 38.72 -23.71 7.56
CAC CLA MC . 37.01 -26.34 8.10
CBC CLA MC . 37.59 -27.00 9.31
ND CLA MC . 39.11 -28.92 3.89
C1D CLA MC . 38.15 -29.21 4.88
C2D CLA MC . 37.55 -30.52 4.59
C3D CLA MC . 38.10 -30.93 3.41
C4D CLA MC . 39.08 -29.92 3.01
CMD CLA MC . 36.50 -31.11 5.42
CAD CLA MC . 38.16 -31.98 2.41
OBD CLA MC . 37.54 -33.02 2.34
CBD CLA MC . 39.20 -31.55 1.37
CGD CLA MC . 40.23 -32.63 1.24
O1D CLA MC . 41.01 -33.04 2.11
O2D CLA MC . 40.29 -33.21 0.02
CED CLA MC . 41.59 -33.56 -0.41
C1 CLA MC . 41.18 -28.82 -5.67
C2 CLA MC . 39.82 -28.26 -5.54
C3 CLA MC . 39.29 -27.39 -6.41
C4 CLA MC . 40.04 -26.89 -7.59
C5 CLA MC . 37.90 -26.88 -6.21
C6 CLA MC . 37.75 -25.41 -6.47
C7 CLA MC . 36.37 -25.12 -7.01
C8 CLA MC . 36.40 -24.47 -8.38
C9 CLA MC . 35.76 -23.10 -8.32
C10 CLA MC . 35.71 -25.34 -9.42
C11 CLA MC . 35.81 -24.73 -10.80
C12 CLA MC . 37.23 -24.71 -11.33
C13 CLA MC . 37.63 -23.34 -11.88
C14 CLA MC . 36.60 -22.81 -12.86
C15 CLA MC . 39.00 -23.36 -12.55
C16 CLA MC . 40.10 -23.83 -11.63
C17 CLA MC . 40.77 -25.09 -12.16
C18 CLA MC . 42.01 -24.79 -12.99
C19 CLA MC . 41.73 -24.99 -14.47
C20 CLA MC . 43.11 -25.73 -12.56
MG CLA NC . 48.57 -23.99 1.64
CHA CLA NC . 50.56 -23.32 4.37
CHB CLA NC . 49.76 -27.15 1.55
CHC CLA NC . 46.59 -24.58 -1.06
CHD CLA NC . 47.39 -20.66 1.75
NA CLA NC . 49.92 -25.05 2.81
C1A CLA NC . 50.64 -24.61 3.92
C2A CLA NC . 51.48 -25.73 4.48
C3A CLA NC . 51.37 -26.84 3.44
C4A CLA NC . 50.24 -26.34 2.55
CMA CLA NC . 52.63 -26.98 2.65
CAA CLA NC . 50.75 -26.22 5.71
CBA CLA NC . 51.58 -26.16 6.97
CGA CLA NC . 52.28 -27.47 7.11
O2A CLA NC . 53.35 -27.57 6.27
NB CLA NC . 48.24 -25.57 0.45
C1B CLA NC . 48.76 -26.80 0.63
C2B CLA NC . 48.15 -27.75 -0.32
C3B CLA NC . 47.25 -27.03 -1.07
C4B CLA NC . 47.31 -25.62 -0.59
CMB CLA NC . 48.50 -29.15 -0.40
CAB CLA NC . 46.41 -27.47 -2.13
CBB CLA NC . 45.07 -27.43 -2.17
NC CLA NC . 47.24 -22.81 0.54
C1C CLA NC . 46.55 -23.27 -0.54
C2C CLA NC . 45.74 -22.20 -1.08
C3C CLA NC . 45.94 -21.09 -0.27
C4C CLA NC . 46.89 -21.49 0.76
CMC CLA NC . 44.88 -22.31 -2.25
CAC CLA NC . 45.35 -19.77 -0.43
CBC CLA NC . 44.16 -19.59 0.47
ND CLA NC . 48.82 -22.35 2.77
C1D CLA NC . 48.28 -21.05 2.71
C2D CLA NC . 48.89 -20.22 3.76
C3D CLA NC . 49.81 -21.03 4.38
C4D CLA NC . 49.72 -22.35 3.74
CMD CLA NC . 48.59 -18.81 3.99
CAD CLA NC . 50.84 -21.11 5.36
OBD CLA NC . 51.36 -20.21 5.99
CBD CLA NC . 51.30 -22.58 5.44
CGD CLA NC . 52.77 -22.62 5.18
O1D CLA NC . 53.70 -22.62 5.99
O2D CLA NC . 53.07 -22.64 3.86
CED CLA NC . 54.13 -23.53 3.47
C1 CLA NC . 54.44 -26.67 6.56
C2 CLA NC . 55.59 -27.19 5.79
C3 CLA NC . 56.63 -26.43 5.45
C4 CLA NC . 56.70 -25.00 5.83
C5 CLA NC . 57.76 -27.00 4.68
C6 CLA NC . 57.92 -26.35 3.31
C7 CLA NC . 57.12 -27.07 2.26
C8 CLA NC . 57.08 -26.27 0.96
C9 CLA NC . 55.64 -26.02 0.58
C10 CLA NC . 57.84 -26.97 -0.15
C11 CLA NC . 58.07 -26.11 -1.36
C12 CLA NC . 57.41 -26.69 -2.60
C13 CLA NC . 58.07 -26.39 -3.95
C14 CLA NC . 59.57 -26.18 -3.84
C15 CLA NC . 57.39 -25.22 -4.68
C16 CLA NC . 56.02 -25.60 -5.21
C17 CLA NC . 56.03 -26.09 -6.64
C18 CLA NC . 55.58 -25.03 -7.67
C19 CLA NC . 54.29 -24.36 -7.28
C20 CLA NC . 55.45 -25.65 -9.04
MG CLA OC . 27.99 -43.36 -33.27
CHA CLA OC . 28.41 -44.06 -36.64
CHB CLA OC . 25.08 -41.78 -33.95
CHC CLA OC . 27.42 -43.11 -29.90
CHD CLA OC . 31.04 -45.01 -32.58
NA CLA OC . 26.97 -42.94 -35.03
C1A CLA OC . 27.27 -43.37 -36.33
C2A CLA OC . 26.24 -42.84 -37.32
C3A CLA OC . 25.40 -41.87 -36.46
C4A CLA OC . 25.81 -42.23 -35.04
CMA CLA OC . 25.78 -40.46 -36.80
CAA CLA OC . 25.35 -43.94 -37.90
CBA CLA OC . 25.07 -45.05 -36.90
CGA CLA OC . 24.49 -46.26 -37.59
O1A CLA OC . 24.94 -46.88 -38.55
O2A CLA OC . 23.31 -46.66 -37.05
NB CLA OC . 26.56 -42.52 -32.14
C1B CLA OC . 25.39 -42.02 -32.61
C2B CLA OC . 24.48 -41.75 -31.47
C3B CLA OC . 25.13 -42.12 -30.33
C4B CLA OC . 26.47 -42.62 -30.74
CMB CLA OC . 23.14 -41.22 -31.63
CAB CLA OC . 24.70 -42.09 -28.97
NC CLA OC . 29.06 -43.91 -31.58
C1C CLA OC . 28.64 -43.70 -30.29
C2C CLA OC . 29.60 -44.24 -29.35
C3C CLA OC . 30.64 -44.78 -30.11
C4C CLA OC . 30.29 -44.56 -31.50
CMC CLA OC . 29.44 -44.22 -27.90
CAC CLA OC . 31.85 -45.43 -29.62
CBC CLA OC . 31.65 -46.92 -29.50
ND CLA OC . 29.44 -44.28 -34.31
C1D CLA OC . 30.65 -44.90 -33.91
C2D CLA OC . 31.36 -45.39 -35.10
C3D CLA OC . 30.53 -45.11 -36.17
C4D CLA OC . 29.35 -44.42 -35.63
CMD CLA OC . 32.65 -46.06 -35.08
CAD CLA OC . 30.37 -45.16 -37.60
OBD CLA OC . 31.14 -45.61 -38.44
CBD CLA OC . 28.99 -44.54 -37.94
CGD CLA OC . 29.13 -43.43 -38.94
O1D CLA OC . 29.57 -42.29 -38.76
O2D CLA OC . 28.74 -43.76 -40.20
C1 CLA OC . 23.26 -48.02 -36.56
C2 CLA OC . 21.93 -48.50 -37.00
C3 CLA OC . 21.19 -49.43 -36.38
C4 CLA OC . 19.88 -49.80 -36.96
C5 CLA OC . 21.65 -50.09 -35.13
C6 CLA OC . 20.67 -51.06 -34.48
C7 CLA OC . 21.01 -52.51 -34.78
C8 CLA OC . 20.01 -53.48 -34.18
C9 CLA OC . 20.65 -54.83 -33.99
C10 CLA OC . 18.76 -53.59 -35.04
MG CLA PC . 17.49 -47.85 -35.36
CHA CLA PC . 18.58 -45.48 -37.64
CHB CLA PC . 14.73 -48.39 -37.24
CHC CLA PC . 16.54 -50.31 -33.17
CHD CLA PC . 20.30 -47.14 -33.35
NA CLA PC . 16.79 -47.03 -37.15
C1A CLA PC . 17.40 -46.08 -37.97
C2A CLA PC . 16.50 -45.75 -39.17
C3A CLA PC . 15.21 -46.54 -38.87
C4A CLA PC . 15.59 -47.41 -37.68
CMA CLA PC . 14.10 -45.61 -38.50
CAA CLA PC . 16.99 -46.09 -40.57
CBA CLA PC . 18.18 -46.99 -40.70
CGA CLA PC . 19.03 -46.46 -41.82
NB CLA PC . 15.90 -49.07 -35.20
C1B CLA PC . 14.94 -49.23 -36.14
C2B CLA PC . 14.13 -50.42 -35.85
C3B CLA PC . 14.63 -50.97 -34.70
C4B CLA PC . 15.76 -50.12 -34.26
CMB CLA PC . 13.02 -50.85 -36.68
CAB CLA PC . 14.20 -52.13 -33.97
CBB CLA PC . 14.89 -53.28 -33.92
NC CLA PC . 18.29 -48.58 -33.58
C1C CLA PC . 17.74 -49.59 -32.85
C2C CLA PC . 18.56 -49.85 -31.68
C3C CLA PC . 19.61 -48.95 -31.72
C4C CLA PC . 19.43 -48.15 -32.92
CMC CLA PC . 18.27 -50.88 -30.68
CAC CLA PC . 20.70 -48.83 -30.74
CBC CLA PC . 21.87 -49.72 -31.09
ND CLA PC . 19.12 -46.67 -35.45
C1D CLA PC . 20.17 -46.44 -34.53
C2D CLA PC . 21.06 -45.39 -35.08
C3D CLA PC . 20.53 -45.03 -36.29
C4D CLA PC . 19.31 -45.83 -36.45
CMD CLA PC . 22.27 -44.92 -34.41
CAD CLA PC . 20.66 -44.19 -37.46
OBD CLA PC . 21.58 -43.44 -37.78
CBD CLA PC . 19.38 -44.39 -38.30
CGD CLA PC . 18.58 -43.13 -38.31
O1D CLA PC . 17.57 -42.88 -37.66
O2D CLA PC . 19.04 -42.18 -39.15
CED CLA PC . 18.08 -41.43 -39.88
MG CLA QC . 20.33 -40.81 -29.39
CHA CLA QC . 21.57 -38.21 -27.50
CHB CLA QC . 20.56 -42.86 -26.69
CHC CLA QC . 19.08 -43.36 -31.28
CHD CLA QC . 20.12 -38.64 -32.17
NA CLA QC . 20.96 -40.54 -27.42
C1A CLA QC . 21.41 -39.38 -26.81
C2A CLA QC . 21.75 -39.63 -25.35
C3A CLA QC . 21.59 -41.16 -25.19
C4A CLA QC . 20.97 -41.56 -26.51
CMA CLA QC . 22.91 -41.84 -25.02
CAA CLA QC . 20.68 -38.99 -24.50
CBA CLA QC . 21.26 -38.17 -23.38
CGA CLA QC . 21.15 -38.92 -22.10
O1A CLA QC . 21.93 -39.73 -21.61
O2A CLA QC . 19.98 -38.66 -21.44
NB CLA QC . 19.89 -42.74 -29.05
C1B CLA QC . 20.01 -43.38 -27.87
C2B CLA QC . 19.51 -44.77 -27.99
C3B CLA QC . 19.08 -44.92 -29.27
C4B CLA QC . 19.34 -43.63 -29.98
CMB CLA QC . 19.52 -45.70 -26.88
CAB CLA QC . 18.52 -46.08 -29.92
CBB CLA QC . 17.42 -46.71 -29.53
NC CLA QC . 19.72 -40.96 -31.38
C1C CLA QC . 19.25 -42.11 -31.94
C2C CLA QC . 18.96 -41.87 -33.35
C3C CLA QC . 19.22 -40.53 -33.61
C4C CLA QC . 19.70 -39.97 -32.35
CMC CLA QC . 18.47 -42.90 -34.27
CAC CLA QC . 19.10 -39.82 -34.89
CBC CLA QC . 17.71 -39.47 -35.35
ND CLA QC . 20.73 -38.88 -29.81
C1D CLA QC . 20.61 -38.11 -31.00
C2D CLA QC . 21.11 -36.76 -30.73
C3D CLA QC . 21.53 -36.76 -29.42
C4D CLA QC . 21.25 -38.09 -28.89
CMD CLA QC . 21.18 -35.69 -31.70
CAD CLA QC . 22.13 -35.98 -28.35
OBD CLA QC . 22.60 -34.85 -28.36
CBD CLA QC . 22.12 -36.88 -27.09
CGD CLA QC . 23.50 -37.08 -26.56
O1D CLA QC . 23.87 -37.03 -25.40
O2D CLA QC . 24.41 -37.36 -27.52
CED CLA QC . 25.14 -38.58 -27.36
C1 CLA QC . 19.18 -39.81 -21.10
C2 CLA QC . 18.22 -39.34 -20.07
C3 CLA QC . 17.73 -40.14 -19.12
C4 CLA QC . 18.13 -41.56 -19.02
C5 CLA QC . 16.78 -39.62 -18.10
C6 CLA QC . 15.32 -39.60 -18.52
C7 CLA QC . 14.60 -40.88 -18.12
C8 CLA QC . 13.45 -40.70 -17.11
C9 CLA QC . 12.16 -40.35 -17.82
C10 CLA QC . 13.77 -39.68 -16.03
C11 CLA QC . 13.41 -40.14 -14.64
C12 CLA QC . 13.88 -41.55 -14.33
C13 CLA QC . 15.36 -41.59 -14.00
C14 CLA QC . 16.12 -42.40 -15.02
C15 CLA QC . 15.59 -42.19 -12.62
C16 CLA QC . 17.04 -42.03 -12.26
C17 CLA QC . 17.46 -42.94 -11.15
C18 CLA QC . 18.98 -43.04 -11.05
C19 CLA QC . 19.61 -43.31 -12.39
C20 CLA QC . 19.55 -41.75 -10.51
MG CLA RC . 23.15 -54.82 -13.61
CHA CLA RC . 25.74 -55.31 -11.37
CHB CLA RC . 23.44 -51.49 -13.22
CHC CLA RC . 20.80 -54.41 -16.07
CHD CLA RC . 22.85 -58.32 -13.93
NA CLA RC . 24.40 -53.62 -12.46
C1A CLA RC . 25.44 -54.00 -11.62
C2A CLA RC . 26.10 -52.79 -10.98
C3A CLA RC . 25.14 -51.65 -11.39
C4A CLA RC . 24.28 -52.27 -12.46
CMA CLA RC . 24.28 -51.32 -10.22
CAA CLA RC . 27.50 -52.53 -11.51
CBA CLA RC . 27.68 -52.86 -12.98
CGA CLA RC . 28.85 -53.77 -13.16
O1A CLA RC . 29.19 -54.74 -12.48
O2A CLA RC . 29.62 -53.44 -14.24
NB CLA RC . 22.26 -53.25 -14.47
C1B CLA RC . 22.56 -51.96 -14.22
C2B CLA RC . 21.81 -51.07 -15.13
C3B CLA RC . 21.07 -51.89 -15.94
C4B CLA RC . 21.35 -53.29 -15.53
CMB CLA RC . 21.95 -49.62 -15.07
CAB CLA RC . 20.18 -51.60 -17.03
CBB CLA RC . 19.25 -50.63 -17.07
NC CLA RC . 22.00 -56.14 -14.74
C1C CLA RC . 21.09 -55.74 -15.69
C2C CLA RC . 20.47 -56.90 -16.28
C3C CLA RC . 21.05 -58.02 -15.69
C4C CLA RC . 22.02 -57.53 -14.73
CMC CLA RC . 19.43 -56.86 -17.30
CAC CLA RC . 20.69 -59.43 -15.93
CBC CLA RC . 21.67 -60.24 -16.73
ND CLA RC . 24.01 -56.46 -12.84
C1D CLA RC . 23.80 -57.84 -13.08
C2D CLA RC . 24.72 -58.60 -12.22
C3D CLA RC . 25.46 -57.69 -11.51
C4D CLA RC . 25.00 -56.37 -11.95
CMD CLA RC . 24.76 -60.06 -12.20
CAD CLA RC . 26.49 -57.49 -10.53
OBD CLA RC . 27.11 -58.31 -9.86
CBD CLA RC . 26.73 -55.95 -10.43
CGD CLA RC . 26.48 -55.48 -9.04
O1D CLA RC . 27.28 -54.94 -8.27
O2D CLA RC . 25.21 -55.67 -8.62
CED CLA RC . 25.07 -56.11 -7.28
C1 CLA RC . 30.38 -54.51 -14.83
C2 CLA RC . 29.70 -54.88 -16.10
C3 CLA RC . 29.94 -56.02 -16.77
C4 CLA RC . 30.92 -57.02 -16.28
C5 CLA RC . 29.24 -56.35 -18.04
C6 CLA RC . 28.23 -55.32 -18.50
C7 CLA RC . 27.56 -55.75 -19.79
C8 CLA RC . 27.64 -54.69 -20.90
C9 CLA RC . 29.05 -54.17 -21.08
C10 CLA RC . 26.69 -53.53 -20.63
C11 CLA RC . 26.31 -52.81 -21.90
C12 CLA RC . 25.70 -51.44 -21.60
C13 CLA RC . 26.34 -50.30 -22.37
C14 CLA RC . 27.86 -50.40 -22.43
C15 CLA RC . 25.95 -48.94 -21.79
C16 CLA RC . 25.47 -47.98 -22.84
C17 CLA RC . 26.55 -47.01 -23.29
C18 CLA RC . 27.10 -47.36 -24.66
C19 CLA RC . 26.01 -47.28 -25.72
MG CLA SC . 15.17 -62.33 -17.23
CHA CLA SC . 15.73 -65.72 -16.90
CHB CLA SC . 18.05 -62.01 -18.97
CHC CLA SC . 14.41 -59.04 -17.82
CHD CLA SC . 12.23 -62.66 -15.32
NA CLA SC . 16.65 -63.67 -17.82
C1A CLA SC . 16.69 -65.06 -17.64
C2A CLA SC . 17.96 -65.63 -18.24
C3A CLA SC . 18.74 -64.39 -18.71
C4A CLA SC . 17.74 -63.27 -18.52
CMA CLA SC . 19.93 -64.14 -17.85
CAA CLA SC . 17.69 -66.57 -19.42
CBA CLA SC . 16.60 -66.09 -20.33
CGA CLA SC . 16.51 -67.02 -21.50
NB CLA SC . 16.06 -60.81 -18.20
C1B CLA SC . 17.24 -60.89 -18.85
C2B CLA SC . 17.58 -59.56 -19.42
C3B CLA SC . 16.55 -58.72 -19.10
C4B CLA SC . 15.57 -59.50 -18.32
CMB CLA SC . 18.80 -59.32 -20.18
CAB CLA SC . 16.35 -57.33 -19.41
CBB CLA SC . 16.27 -56.85 -20.66
NC CLA SC . 13.61 -61.09 -16.64
C1C CLA SC . 13.49 -59.79 -17.02
C2C CLA SC . 12.27 -59.23 -16.50
C3C CLA SC . 11.65 -60.23 -15.76
C4C CLA SC . 12.51 -61.40 -15.87
CMC CLA SC . 11.83 -57.86 -16.75
CAC CLA SC . 10.37 -60.12 -15.03
CBC CLA SC . 9.16 -60.37 -15.88
ND CLA SC . 14.20 -63.78 -16.24
C1D CLA SC . 12.99 -63.78 -15.51
C2D CLA SC . 12.75 -65.13 -14.99
C3D CLA SC . 13.77 -65.92 -15.49
C4D CLA SC . 14.64 -65.03 -16.27
CMD CLA SC . 11.62 -65.46 -14.15
CAD CLA SC . 14.38 -67.23 -15.51
OBD CLA SC . 14.06 -68.24 -14.90
CBD CLA SC . 15.59 -67.16 -16.49
CGD CLA SC . 16.86 -67.70 -15.94
O1D CLA SC . 17.53 -68.63 -16.38
O2D CLA SC . 17.31 -67.05 -14.85
CED CLA SC . 18.70 -66.74 -14.85
MG CLA TC . 1.01 -55.93 -14.72
CHA CLA TC . -0.96 -56.89 -12.03
CHB CLA TC . 2.70 -58.85 -14.55
CHC CLA TC . 2.74 -55.03 -17.55
CHD CLA TC . -0.78 -52.90 -14.87
NA CLA TC . 0.87 -57.58 -13.47
C1A CLA TC . -0.03 -57.81 -12.43
C2A CLA TC . 0.24 -59.18 -11.80
C3A CLA TC . 1.50 -59.68 -12.51
C4A CLA TC . 1.71 -58.65 -13.61
CMA CLA TC . 2.68 -59.67 -11.59
CAA CLA TC . -0.88 -60.18 -12.05
CBA CLA TC . -1.59 -60.00 -13.37
CGA CLA TC . -2.96 -59.46 -13.08
O2A CLA TC . -3.64 -59.02 -14.18
NB CLA TC . 2.47 -56.76 -15.82
C1B CLA TC . 3.01 -57.98 -15.60
C2B CLA TC . 4.01 -58.28 -16.66
C3B CLA TC . 4.02 -57.21 -17.51
C4B CLA TC . 3.04 -56.22 -16.99
CMB CLA TC . 4.76 -59.54 -16.68
CAB CLA TC . 4.78 -56.94 -18.71
CBB CLA TC . 4.93 -57.76 -19.75
NC CLA TC . 0.99 -54.26 -15.96
C1C CLA TC . 1.77 -54.10 -17.06
C2C CLA TC . 1.48 -52.83 -17.70
C3C CLA TC . 0.49 -52.22 -16.94
C4C CLA TC . 0.19 -53.13 -15.85
CMC CLA TC . 2.11 -52.33 -18.92
CAC CLA TC . -0.13 -50.91 -17.19
CBC CLA TC . -1.46 -51.01 -17.91
ND CLA TC . -0.51 -55.06 -13.74
C1D CLA TC . -1.12 -53.78 -13.87
C2D CLA TC . -2.14 -53.62 -12.82
C3D CLA TC . -2.14 -54.78 -12.10
C4D CLA TC . -1.10 -55.64 -12.71
CMD CLA TC . -2.97 -52.43 -12.65
CAD CLA TC . -2.73 -55.51 -11.00
OBD CLA TC . -3.65 -55.17 -10.28
CBD CLA TC . -1.96 -56.86 -10.90
CGD CLA TC . -1.28 -57.01 -9.56
O1D CLA TC . -0.13 -57.37 -9.33
O2D CLA TC . -2.05 -56.67 -8.50
CED CLA TC . -2.11 -57.60 -7.41
C1 CLA TC . -3.85 -57.60 -14.30
C2 CLA TC . -3.47 -57.29 -15.70
C3 CLA TC . -3.89 -56.23 -16.39
C4 CLA TC . -4.81 -55.21 -15.83
C5 CLA TC . -3.43 -56.04 -17.80
C6 CLA TC . -1.94 -56.25 -17.94
C7 CLA TC . -1.55 -56.41 -19.40
C8 CLA TC . -0.61 -55.33 -19.88
C9 CLA TC . -1.39 -54.06 -20.15
C10 CLA TC . 0.13 -55.74 -21.15
MG CLA UC . 4.20 -46.12 -10.80
CHA CLA UC . 5.42 -43.97 -8.42
CHB CLA UC . 4.51 -48.70 -8.63
CHC CLA UC . 2.81 -48.21 -13.15
CHD CLA UC . 3.85 -43.42 -13.02
NA CLA UC . 4.85 -46.29 -8.84
C1A CLA UC . 5.31 -45.27 -8.01
C2A CLA UC . 5.66 -45.83 -6.64
C3A CLA UC . 5.56 -47.34 -6.83
C4A CLA UC . 4.90 -47.48 -8.19
CMA CLA UC . 6.91 -47.99 -6.84
CAA CLA UC . 4.57 -45.43 -5.67
CBA CLA UC . 4.56 -46.34 -4.47
CGA CLA UC . 3.18 -46.52 -3.92
O1A CLA UC . 2.86 -46.72 -2.76
O2A CLA UC . 2.20 -46.49 -4.87
NB CLA UC . 3.73 -48.07 -10.87
C1B CLA UC . 3.94 -48.95 -9.88
C2B CLA UC . 3.52 -50.29 -10.32
C3B CLA UC . 3.04 -50.17 -11.58
C4B CLA UC . 3.17 -48.75 -11.96
CMB CLA UC . 3.68 -51.46 -9.48
CAB CLA UC . 2.48 -51.17 -12.44
CBB CLA UC . 1.25 -51.64 -12.25
NC CLA UC . 3.50 -45.85 -12.74
C1C CLA UC . 2.99 -46.85 -13.51
C2C CLA UC . 2.59 -46.33 -14.78
C3C CLA UC . 2.86 -44.96 -14.77
C4C CLA UC . 3.43 -44.67 -13.46
CMC CLA UC . 2.02 -47.14 -15.84
CAC CLA UC . 2.61 -44.01 -15.84
CBC CLA UC . 1.23 -43.42 -15.75
ND CLA UC . 4.59 -44.15 -10.82
C1D CLA UC . 4.40 -43.15 -11.80
C2D CLA UC . 4.88 -41.88 -11.26
C3D CLA UC . 5.32 -42.14 -9.98
C4D CLA UC . 5.09 -43.57 -9.75
CMD CLA UC . 4.87 -40.61 -12.00
CAD CLA UC . 5.90 -41.60 -8.78
OBD CLA UC . 6.29 -40.45 -8.56
CBD CLA UC . 5.95 -42.75 -7.74
CGD CLA UC . 7.36 -43.00 -7.32
O1D CLA UC . 8.24 -43.57 -7.96
O2D CLA UC . 7.66 -42.55 -6.06
CED CLA UC . 9.02 -42.62 -5.65
C1 CLA UC . 0.95 -47.07 -4.47
C2 CLA UC . -0.02 -46.99 -5.59
C3 CLA UC . -0.68 -45.88 -5.93
C4 CLA UC . -0.49 -44.59 -5.22
C5 CLA UC . -1.64 -45.90 -7.05
C6 CLA UC . -1.28 -44.96 -8.19
C7 CLA UC . 0.04 -45.31 -8.85
C8 CLA UC . -0.16 -46.31 -9.96
C9 CLA UC . 0.60 -47.57 -9.64
C10 CLA UC . 0.30 -45.74 -11.29
C11 CLA UC . -0.81 -45.74 -12.32
C12 CLA UC . -0.93 -47.08 -13.02
C13 CLA UC . -2.14 -47.10 -13.96
C14 CLA UC . -3.39 -47.43 -13.19
MG CLA VC . 13.03 -45.12 -12.73
CHA CLA VC . 14.91 -45.87 -9.93
CHB CLA VC . 10.45 -44.18 -10.78
CHC CLA VC . 11.30 -44.21 -15.53
CHD CLA VC . 15.74 -46.10 -14.77
NA CLA VC . 12.74 -45.07 -10.68
C1A CLA VC . 13.64 -45.42 -9.67
C2A CLA VC . 13.00 -45.21 -8.30
C3A CLA VC . 11.53 -44.90 -8.63
C4A CLA VC . 11.56 -44.68 -10.14
CMA CLA VC . 10.57 -45.99 -8.25
CAA CLA VC . 13.67 -44.04 -7.61
CBA CLA VC . 12.84 -42.78 -7.47
CGA CLA VC . 13.02 -41.96 -8.70
O1A CLA VC . 13.57 -42.29 -9.74
O2A CLA VC . 12.50 -40.70 -8.64
NB CLA VC . 11.18 -44.47 -13.08
C1B CLA VC . 10.36 -43.95 -12.14
C2B CLA VC . 9.32 -43.11 -12.75
C3B CLA VC . 9.56 -43.11 -14.09
C4B CLA VC . 10.74 -43.98 -14.32
CMB CLA VC . 8.31 -42.42 -11.97
CAB CLA VC . 8.90 -42.46 -15.18
CBB CLA VC . 7.63 -42.64 -15.54
NC CLA VC . 13.44 -45.19 -14.78
C1C CLA VC . 12.57 -44.78 -15.73
C2C CLA VC . 13.14 -44.98 -17.05
C3C CLA VC . 14.41 -45.49 -16.82
C4C CLA VC . 14.58 -45.64 -15.40
CMC CLA VC . 12.47 -44.63 -18.30
CAC CLA VC . 15.40 -45.86 -17.84
CBC CLA VC . 16.16 -44.68 -18.38
ND CLA VC . 14.93 -45.76 -12.48
C1D CLA VC . 15.91 -46.15 -13.41
C2D CLA VC . 17.11 -46.59 -12.66
C3D CLA VC . 16.78 -46.50 -11.32
C4D CLA VC . 15.40 -46.00 -11.26
CMD CLA VC . 18.35 -46.99 -13.30
CAD CLA VC . 17.25 -46.65 -9.97
OBD CLA VC . 18.36 -46.93 -9.54
CBD CLA VC . 16.04 -46.37 -9.06
CGD CLA VC . 15.71 -47.70 -8.48
O1D CLA VC . 15.40 -48.71 -9.11
O2D CLA VC . 15.80 -47.77 -7.13
CED CLA VC . 16.12 -49.06 -6.59
C1 CLA VC . 11.15 -40.56 -9.12
C2 CLA VC . 11.16 -40.33 -10.59
C3 CLA VC . 10.41 -39.39 -11.20
C4 CLA VC . 9.53 -38.52 -10.41
C5 CLA VC . 10.46 -39.21 -12.68
C6 CLA VC . 9.36 -38.36 -13.31
C7 CLA VC . 8.14 -39.15 -13.73
C8 CLA VC . 7.67 -38.98 -15.18
C9 CLA VC . 8.84 -38.94 -16.13
C10 CLA VC . 6.77 -37.77 -15.37
C11 CLA VC . 5.33 -38.20 -15.59
C12 CLA VC . 4.36 -37.62 -14.60
C13 CLA VC . 2.94 -37.58 -15.15
C14 CLA VC . 2.35 -38.97 -15.25
C15 CLA VC . 2.90 -36.89 -16.51
MG CLA WC . 4.28 -38.48 -25.83
CHA CLA WC . 2.83 -36.39 -28.17
CHB CLA WC . 7.10 -36.58 -25.84
CHC CLA WC . 5.54 -40.44 -23.32
CHD CLA WC . 1.26 -40.31 -25.70
NA CLA WC . 4.87 -36.78 -26.88
C1A CLA WC . 4.10 -36.03 -27.79
C2A CLA WC . 4.92 -34.84 -28.30
C3A CLA WC . 6.32 -35.05 -27.69
C4A CLA WC . 6.11 -36.22 -26.72
CMA CLA WC . 7.34 -35.34 -28.76
CAA CLA WC . 4.34 -33.52 -27.82
CBA CLA WC . 4.19 -33.43 -26.30
CGA CLA WC . 2.82 -32.97 -25.90
O1A CLA WC . 1.90 -32.58 -26.62
O2A CLA WC . 2.65 -33.01 -24.55
NB CLA WC . 5.97 -38.47 -24.74
C1B CLA WC . 7.02 -37.63 -24.92
C2B CLA WC . 8.12 -37.99 -23.99
C3B CLA WC . 7.69 -39.07 -23.26
C4B CLA WC . 6.32 -39.42 -23.76
CMB CLA WC . 9.38 -37.30 -23.93
CAB CLA WC . 8.39 -39.83 -22.27
CBB CLA WC . 8.36 -39.61 -20.96
NC CLA WC . 3.56 -40.13 -24.78
C1C CLA WC . 4.26 -40.79 -23.82
C2C CLA WC . 3.46 -41.89 -23.30
C3C CLA WC . 2.23 -41.82 -23.94
C4C CLA WC . 2.29 -40.71 -24.85
CMC CLA WC . 3.92 -42.82 -22.29
CAC CLA WC . 1.06 -42.71 -23.75
CBC CLA WC . 1.00 -43.82 -24.77
ND CLA WC . 2.53 -38.54 -26.84
C1D CLA WC . 1.34 -39.29 -26.62
C2D CLA WC . 0.31 -38.83 -27.57
C3D CLA WC . 0.86 -37.77 -28.25
C4D CLA WC . 2.21 -37.58 -27.69
CMD CLA WC . -0.99 -39.45 -27.72
CAD CLA WC . 0.66 -36.79 -29.28
OBD CLA WC . -0.20 -36.71 -30.14
CBD CLA WC . 1.84 -35.78 -29.12
CGD CLA WC . 2.48 -35.46 -30.44
O1D CLA WC . 2.87 -36.26 -31.28
O2D CLA WC . 2.62 -34.14 -30.66
CED CLA WC . 2.35 -33.68 -31.98
C1 CLA WC . 2.24 -31.80 -23.87
C2 CLA WC . 2.26 -32.15 -22.42
C3 CLA WC . 1.51 -31.53 -21.49
C4 CLA WC . 0.59 -30.41 -21.81
C5 CLA WC . 1.59 -31.94 -20.06
C6 CLA WC . 0.40 -32.77 -19.64
C7 CLA WC . 0.85 -34.08 -19.03
C8 CLA WC . -0.18 -34.62 -18.04
C9 CLA WC . 0.22 -34.28 -16.63
C10 CLA WC . -0.39 -36.13 -18.19
MG CLA XC . 9.61 -51.97 -33.25
CHA CLA XC . 9.33 -49.88 -36.01
CHB CLA XC . 7.43 -54.13 -34.65
CHC CLA XC . 10.06 -54.07 -30.57
CHD CLA XC . 11.97 -49.74 -31.87
NA CLA XC . 8.53 -51.95 -35.03
C1A CLA XC . 8.55 -51.01 -36.06
C2A CLA XC . 7.61 -51.43 -37.18
C3A CLA XC . 6.85 -52.63 -36.58
C4A CLA XC . 7.65 -52.96 -35.34
CMA CLA XC . 5.43 -52.27 -36.23
CAA CLA XC . 8.38 -51.90 -38.41
CBA CLA XC . 9.67 -52.64 -38.14
CGA CLA XC . 9.44 -54.11 -38.02
O1A CLA XC . 8.95 -54.89 -38.85
O2A CLA XC . 9.84 -54.63 -36.82
NB CLA XC . 8.80 -53.72 -32.67
C1B CLA XC . 8.08 -54.53 -33.47
C2B CLA XC . 8.03 -55.91 -32.92
C3B CLA XC . 8.77 -55.88 -31.76
C4B CLA XC . 9.26 -54.50 -31.59
CMB CLA XC . 7.32 -57.00 -33.58
CAB CLA XC . 9.11 -56.93 -30.83
CBB CLA XC . 8.25 -57.61 -30.06
NC CLA XC . 10.76 -51.88 -31.51
C1C CLA XC . 10.76 -52.84 -30.54
C2C CLA XC . 11.64 -52.44 -29.46
C3C CLA XC . 12.23 -51.24 -29.85
C4C CLA XC . 11.67 -50.90 -31.14
CMC CLA XC . 11.86 -53.22 -28.24
CAC CLA XC . 13.22 -50.45 -29.10
CBC CLA XC . 14.64 -50.79 -29.49
ND CLA XC . 10.48 -50.24 -33.75
C1D CLA XC . 11.43 -49.41 -33.08
C2D CLA XC . 11.69 -48.21 -33.89
C3D CLA XC . 10.91 -48.34 -35.02
C4D CLA XC . 10.18 -49.61 -34.89
CMD CLA XC . 12.60 -47.14 -33.52
CAD CLA XC . 10.51 -47.74 -36.27
OBD CLA XC . 10.88 -46.68 -36.76
CBD CLA XC . 9.48 -48.70 -36.94
CGD CLA XC . 8.20 -47.94 -37.20
O1D CLA XC . 7.52 -47.94 -38.22
O2D CLA XC . 7.81 -47.16 -36.17
CED CLA XC . 6.47 -46.66 -36.19
C1 CLA XC . 11.14 -55.26 -36.79
C2 CLA XC . 10.92 -56.72 -36.61
C3 CLA XC . 11.15 -57.65 -37.56
C4 CLA XC . 10.91 -59.09 -37.32
C5 CLA XC . 11.65 -57.26 -38.91
MG CLA YC . -2.27 -43.71 -34.06
CHA CLA YC . -2.75 -44.13 -37.47
CHB CLA YC . -5.01 -41.72 -33.90
CHC CLA YC . -1.68 -43.25 -30.71
CHD CLA YC . 0.54 -45.85 -34.24
NA CLA YC . -3.66 -43.08 -35.47
C1A CLA YC . -3.70 -43.36 -36.85
C2A CLA YC . -4.94 -42.71 -37.50
C3A CLA YC . -5.65 -42.03 -36.31
C4A CLA YC . -4.72 -42.28 -35.13
CMA CLA YC . -5.91 -40.57 -36.56
CAA CLA YC . -5.91 -43.72 -38.07
CBA CLA YC . -6.51 -44.59 -36.99
CGA CLA YC . -6.48 -46.02 -37.43
O1A CLA YC . -5.55 -46.65 -37.91
O2A CLA YC . -7.67 -46.66 -37.25
NB CLA YC . -3.14 -42.64 -32.61
C1B CLA YC . -4.26 -41.90 -32.74
C2B CLA YC . -4.62 -41.28 -31.44
C3B CLA YC . -3.68 -41.71 -30.53
C4B CLA YC . -2.74 -42.60 -31.26
CMB CLA YC . -5.78 -40.42 -31.25
CAB CLA YC . -3.59 -41.44 -29.12
CBB CLA YC . -3.84 -42.33 -28.15
NC CLA YC . -0.84 -44.44 -32.73
C1C CLA YC . -0.80 -44.13 -31.40
C2C CLA YC . 0.32 -44.81 -30.76
C3C CLA YC . 0.96 -45.55 -31.75
C4C CLA YC . 0.21 -45.32 -32.99
CMC CLA YC . 0.67 -44.70 -29.34
ND CLA YC . -1.34 -44.84 -35.45
C1D CLA YC . -0.17 -45.65 -35.39
C2D CLA YC . 0.13 -46.15 -36.73
C3D CLA YC . -0.79 -45.56 -37.59
C4D CLA YC . -1.69 -44.76 -36.74
CMD CLA YC . 1.23 -47.06 -37.01
CAD CLA YC . -1.29 -45.47 -38.94
OBD CLA YC . -0.89 -46.00 -39.96
CBD CLA YC . -2.49 -44.49 -38.91
CGD CLA YC . -2.15 -43.23 -39.65
O1D CLA YC . -1.03 -42.78 -39.92
O2D CLA YC . -3.23 -42.51 -40.08
C1 CLA YC . -8.11 -46.84 -35.89
MG CLA ZC . -6.67 -35.19 -32.26
CHA CLA ZC . -5.79 -36.46 -35.35
CHB CLA ZC . -9.47 -33.86 -33.62
CHC CLA ZC . -7.50 -33.93 -29.18
CHD CLA ZC . -3.72 -36.53 -30.92
NA CLA ZC . -7.50 -35.21 -34.18
C1A CLA ZC . -6.98 -35.80 -35.34
C2A CLA ZC . -7.90 -35.56 -36.53
C3A CLA ZC . -9.01 -34.66 -35.95
C4A CLA ZC . -8.66 -34.59 -34.48
CMA CLA ZC . -8.97 -33.30 -36.60
CAA CLA ZC . -8.55 -36.85 -37.03
CBA CLA ZC . -8.71 -36.83 -38.53
NB CLA ZC . -8.13 -33.99 -31.57
C1B CLA ZC . -9.26 -33.69 -32.25
C2B CLA ZC . -10.28 -33.13 -31.33
C3B CLA ZC . -9.73 -33.15 -30.07
C4B CLA ZC . -8.36 -33.72 -30.21
CMB CLA ZC . -11.59 -32.73 -31.80
CAB CLA ZC . -10.26 -32.77 -28.79
CBB CLA ZC . -10.82 -31.60 -28.50
NC CLA ZC . -5.78 -35.24 -30.38
C1C CLA ZC . -6.28 -34.66 -29.26
C2C CLA ZC . -5.38 -34.87 -28.14
C3C CLA ZC . -4.31 -35.62 -28.63
C4C CLA ZC . -4.57 -35.84 -30.04
CMC CLA ZC . -5.60 -34.38 -26.78
CAC CLA ZC . -3.15 -36.10 -27.88
CBC CLA ZC . -2.06 -35.07 -27.76
ND CLA ZC . -5.20 -36.44 -32.86
C1D CLA ZC . -3.98 -36.80 -32.23
C2D CLA ZC . -3.12 -37.50 -33.20
C3D CLA ZC . -3.78 -37.43 -34.41
C4D CLA ZC . -5.04 -36.71 -34.15
CMD CLA ZC . -1.83 -38.10 -32.87
CAD CLA ZC . -3.79 -37.79 -35.82
OBD CLA ZC . -3.06 -38.54 -36.44
CBD CLA ZC . -4.96 -37.01 -36.48
CGD CLA ZC . -4.42 -35.89 -37.33
O1D CLA ZC . -4.23 -34.72 -36.99
O2D CLA ZC . -4.13 -36.24 -38.61
CED CLA ZC . -4.48 -35.31 -39.65
MG CLA AD . -0.64 -26.35 -27.96
CHA CLA AD . 0.14 -29.63 -28.72
CHB CLA AD . -3.78 -27.29 -27.13
CHC CLA AD . -1.31 -23.11 -27.04
CHD CLA AD . 2.63 -25.40 -28.87
NA CLA AD . -1.63 -28.18 -27.94
C1A CLA AD . -1.13 -29.44 -28.28
C2A CLA AD . -2.20 -30.51 -28.08
C3A CLA AD . -3.46 -29.70 -27.80
C4A CLA AD . -2.94 -28.29 -27.58
CMA CLA AD . -4.34 -29.75 -29.01
CAA CLA AD . -1.82 -31.32 -26.85
CBA CLA AD . -2.98 -31.80 -26.01
CGA CLA AD . -2.43 -32.73 -24.97
O1A CLA AD . -1.38 -33.36 -24.98
O2A CLA AD . -3.24 -32.84 -23.87
NB CLA AD . -2.26 -25.39 -27.26
C1B CLA AD . -3.44 -25.96 -26.94
C2B CLA AD . -4.37 -24.95 -26.38
C3B CLA AD . -3.68 -23.74 -26.35
C4B CLA AD . -2.33 -24.02 -26.91
CMB CLA AD . -5.70 -25.33 -25.95
CAB CLA AD . -4.02 -22.40 -25.92
CBB CLA AD . -4.89 -22.04 -24.97
NC CLA AD . 0.47 -24.58 -27.96
C1C CLA AD . 0.00 -23.38 -27.51
C2C CLA AD . 1.04 -22.38 -27.62
C3C CLA AD . 2.16 -23.01 -28.17
C4C CLA AD . 1.79 -24.40 -28.38
CMC CLA AD . 0.90 -20.99 -27.22
CAC CLA AD . 3.47 -22.40 -28.46
CBC CLA AD . 4.50 -22.70 -27.39
ND CLA AD . 1.05 -27.24 -28.60
C1D CLA AD . 2.31 -26.73 -28.99
C2D CLA AD . 3.15 -27.85 -29.47
C3D CLA AD . 2.38 -28.98 -29.37
C4D CLA AD . 1.06 -28.54 -28.84
CMD CLA AD . 4.52 -27.71 -29.93
CAD CLA AD . 2.31 -30.41 -29.56
OBD CLA AD . 3.19 -31.18 -29.91
CBD CLA AD . 0.86 -30.85 -29.23
CGD CLA AD . 0.11 -31.36 -30.42
O1D CLA AD . -0.16 -30.76 -31.46
O2D CLA AD . -0.34 -32.64 -30.30
CED CLA AD . -1.68 -32.87 -30.74
MG CLA BD . 9.75 -32.61 -28.05
CHA CLA BD . 12.31 -34.68 -26.93
CHB CLA BD . 8.95 -31.92 -24.85
CHC CLA BD . 7.12 -30.70 -29.17
CHD CLA BD . 10.65 -33.34 -31.36
NA CLA BD . 10.57 -33.17 -26.22
C1A CLA BD . 11.65 -34.02 -25.94
C2A CLA BD . 11.91 -34.10 -24.43
C3A CLA BD . 10.87 -33.12 -23.85
C4A CLA BD . 10.08 -32.67 -25.05
CMA CLA BD . 9.91 -33.83 -22.94
CAA CLA BD . 13.28 -33.57 -24.06
CBA CLA BD . 13.60 -33.71 -22.59
CGA CLA BD . 13.58 -35.14 -22.14
O1A CLA BD . 13.45 -36.17 -22.80
O2A CLA BD . 13.72 -35.26 -20.80
NB CLA BD . 8.39 -31.41 -27.18
C1B CLA BD . 8.11 -31.46 -25.87
C2B CLA BD . 6.74 -30.95 -25.59
C3B CLA BD . 6.20 -30.59 -26.81
C4B CLA BD . 7.25 -30.88 -27.83
CMB CLA BD . 6.23 -30.91 -24.23
CAB CLA BD . 4.92 -30.02 -27.15
CBB CLA BD . 4.25 -29.07 -26.49
NC CLA BD . 9.05 -32.07 -29.94
C1C CLA BD . 7.99 -31.25 -30.16
C2C CLA BD . 7.82 -31.05 -31.59
C3C CLA BD . 8.80 -31.82 -32.21
C4C CLA BD . 9.59 -32.44 -31.16
CMC CLA BD . 6.77 -30.24 -32.20
CAC CLA BD . 9.03 -31.95 -33.67
CBC CLA BD . 10.17 -31.07 -34.15
ND CLA BD . 11.09 -33.76 -28.99
C1D CLA BD . 11.35 -33.97 -30.37
C2D CLA BD . 12.45 -34.96 -30.48
C3D CLA BD . 12.81 -35.29 -29.21
C4D CLA BD . 11.96 -34.49 -28.31
CMD CLA BD . 12.99 -35.49 -31.71
CAD CLA BD . 13.69 -36.11 -28.41
OBD CLA BD . 14.49 -36.97 -28.74
CBD CLA BD . 13.45 -35.69 -26.94
CGD CLA BD . 13.23 -36.89 -26.09
O1D CLA BD . 14.06 -37.43 -25.37
O2D CLA BD . 12.01 -37.47 -26.15
CED CLA BD . 12.03 -38.89 -25.95
C1 CLA BD . 12.78 -36.16 -20.16
C2 CLA BD . 11.47 -35.47 -20.17
C3 CLA BD . 10.34 -36.01 -19.68
C4 CLA BD . 10.36 -37.36 -19.07
C5 CLA BD . 9.03 -35.32 -19.68
C6 CLA BD . 8.00 -36.11 -20.46
C7 CLA BD . 6.58 -35.68 -20.15
C8 CLA BD . 5.86 -35.26 -21.42
C9 CLA BD . 6.33 -33.89 -21.86
C10 CLA BD . 4.35 -35.22 -21.23
C11 CLA BD . 3.80 -36.53 -20.70
C12 CLA BD . 3.43 -37.47 -21.82
C13 CLA BD . 2.05 -38.11 -21.66
C14 CLA BD . 0.96 -37.12 -22.06
C15 CLA BD . 1.80 -38.63 -20.24
C16 CLA BD . 2.50 -39.95 -20.02
C17 CLA BD . 3.56 -39.85 -18.95
C18 CLA BD . 4.68 -40.86 -19.16
C19 CLA BD . 4.30 -42.23 -18.64
C20 CLA BD . 5.95 -40.41 -18.47
MG CLA CD . 6.37 -24.69 -11.87
CHA CLA CD . 5.63 -27.23 -9.70
CHB CLA CD . 3.57 -25.44 -13.66
CHC CLA CD . 6.99 -22.02 -13.84
CHD CLA CD . 9.27 -23.99 -10.00
NA CLA CD . 4.87 -26.12 -11.70
C1A CLA CD . 4.73 -27.08 -10.70
C2A CLA CD . 3.47 -27.88 -10.91
C3A CLA CD . 3.07 -27.52 -12.33
C4A CLA CD . 3.86 -26.24 -12.57
CMA CLA CD . 3.54 -28.59 -13.28
CAA CLA CD . 2.46 -27.22 -10.00
CBA CLA CD . 1.04 -27.63 -10.28
CGA CLA CD . 0.15 -26.98 -9.28
O1A CLA CD . 0.44 -26.51 -8.18
O2A CLA CD . -1.15 -26.94 -9.69
NB CLA CD . 5.44 -23.88 -13.44
C1B CLA CD . 4.28 -24.29 -13.99
C2B CLA CD . 3.88 -23.38 -15.07
C3B CLA CD . 4.84 -22.41 -15.14
C4B CLA CD . 5.87 -22.73 -14.11
CMB CLA CD . 2.66 -23.58 -15.85
CAB CLA CD . 4.98 -21.29 -16.02
CBB CLA CD . 4.08 -20.36 -16.27
NC CLA CD . 7.87 -23.26 -11.90
C1C CLA CD . 7.92 -22.24 -12.80
C2C CLA CD . 9.09 -21.42 -12.54
C3C CLA CD . 9.75 -21.99 -11.46
C4C CLA CD . 8.98 -23.15 -11.07
CMC CLA CD . 9.46 -20.23 -13.30
CAC CLA CD . 10.99 -21.51 -10.83
CBC CLA CD . 10.74 -20.76 -9.54
ND CLA CD . 7.31 -25.42 -10.26
C1D CLA CD . 8.49 -25.05 -9.61
C2D CLA CD . 8.71 -25.95 -8.50
C3D CLA CD . 7.65 -26.83 -8.47
C4D CLA CD . 6.79 -26.44 -9.59
CMD CLA CD . 9.87 -25.81 -7.65
CAD CLA CD . 7.03 -27.96 -7.83
OBD CLA CD . 7.39 -28.63 -6.87
CBD CLA CD . 5.71 -28.24 -8.60
CGD CLA CD . 5.78 -29.59 -9.19
O1D CLA CD . 5.89 -29.93 -10.37
O2D CLA CD . 5.68 -30.55 -8.24
CED CLA CD . 5.99 -31.87 -8.64
C1 CLA CD . -2.17 -27.04 -8.67
C2 CLA CD . -3.31 -26.21 -9.13
C3 CLA CD . -4.41 -26.69 -9.71
C4 CLA CD . -4.62 -28.14 -9.96
C5 CLA CD . -5.50 -25.77 -10.15
C6 CLA CD . -4.98 -24.41 -10.58
C7 CLA CD . -4.58 -24.43 -12.04
C8 CLA CD . -4.52 -23.05 -12.69
C9 CLA CD . -5.73 -22.21 -12.37
C10 CLA CD . -4.42 -23.22 -14.20
C11 CLA CD . -3.52 -22.18 -14.81
C12 CLA CD . -2.49 -22.78 -15.75
C13 CLA CD . -1.86 -21.71 -16.62
C14 CLA CD . -2.92 -20.98 -17.42
C15 CLA CD . -0.77 -22.27 -17.54
C16 CLA CD . -1.30 -22.99 -18.76
C17 CLA CD . -0.25 -23.85 -19.42
MG CLA DD . 2.38 -36.17 -7.19
CHA CLA DD . 2.31 -33.25 -9.05
CHB CLA DD . 1.59 -37.94 -9.94
CHC CLA DD . 2.35 -38.99 -5.27
CHD CLA DD . 3.08 -34.23 -4.32
NA CLA DD . 2.05 -35.65 -9.18
C1A CLA DD . 2.07 -34.39 -9.77
C2A CLA DD . 1.76 -34.48 -11.27
C3A CLA DD . 1.52 -35.98 -11.49
C4A CLA DD . 1.74 -36.59 -10.11
CMA CLA DD . 0.14 -36.24 -12.00
CAA CLA DD . 2.93 -34.08 -12.15
CBA CLA DD . 2.47 -33.53 -13.47
CGA CLA DD . 3.65 -33.41 -14.38
O1A CLA DD . 4.85 -33.39 -14.06
O2A CLA DD . 3.34 -33.31 -15.70
NB CLA DD . 2.02 -38.10 -7.52
C1B CLA DD . 1.73 -38.64 -8.73
C2B CLA DD . 1.59 -40.10 -8.61
C3B CLA DD . 1.80 -40.42 -7.28
C4B CLA DD . 2.08 -39.14 -6.58
CMB CLA DD . 1.29 -40.93 -9.77
CAB CLA DD . 1.78 -41.67 -6.58
CBB CLA DD . 2.34 -42.82 -6.98
NC CLA DD . 2.70 -36.54 -5.16
C1C CLA DD . 2.65 -37.77 -4.59
C2C CLA DD . 2.93 -37.66 -3.18
C3C CLA DD . 3.13 -36.32 -2.90
C4C CLA DD . 2.98 -35.61 -4.16
CMC CLA DD . 2.96 -38.80 -2.28
CAC CLA DD . 3.47 -35.68 -1.62
CBC CLA DD . 2.29 -35.08 -0.88
ND CLA DD . 2.73 -34.24 -6.74
C1D CLA DD . 2.96 -33.57 -5.51
C2D CLA DD . 3.00 -32.12 -5.74
C3D CLA DD . 2.76 -31.95 -7.07
C4D CLA DD . 2.58 -33.30 -7.65
CMD CLA DD . 3.21 -31.11 -4.72
CAD CLA DD . 2.60 -31.00 -8.13
OBD CLA DD . 2.68 -29.79 -8.06
CBD CLA DD . 2.28 -31.80 -9.42
CGD CLA DD . 0.97 -31.40 -10.04
O1D CLA DD . 0.62 -31.54 -11.21
O2D CLA DD . 0.10 -30.82 -9.16
CED CLA DD . -1.22 -30.54 -9.64
C1 CLA DD . 4.44 -33.30 -16.63
C2 CLA DD . 4.60 -31.89 -17.09
C3 CLA DD . 5.60 -31.49 -17.88
C4 CLA DD . 6.66 -32.42 -18.35
C5 CLA DD . 5.71 -30.08 -18.32
C6 CLA DD . 5.29 -29.87 -19.75
C7 CLA DD . 5.54 -28.43 -20.16
C8 CLA DD . 4.86 -28.04 -21.48
C9 CLA DD . 5.63 -26.94 -22.16
C10 CLA DD . 3.42 -27.58 -21.25
MG CLA ED . 24.01 -29.75 -4.86
CHA CLA ED . 26.04 -32.53 -5.02
CHB CLA ED . 22.93 -30.75 -1.81
CHC CLA ED . 22.16 -26.89 -4.64
CHD CLA ED . 25.18 -28.77 -8.03
NA CLA ED . 24.41 -31.40 -3.66
C1A CLA ED . 25.29 -32.44 -3.89
C2A CLA ED . 25.27 -33.44 -2.74
C3A CLA ED . 24.05 -32.98 -1.91
C4A CLA ED . 23.77 -31.60 -2.46
CMA CLA ED . 22.88 -33.86 -2.17
CAA CLA ED . 26.56 -33.31 -1.95
CBA CLA ED . 26.37 -33.52 -0.48
CGA CLA ED . 26.51 -32.20 0.19
O1A CLA ED . 26.81 -31.97 1.36
O2A CLA ED . 26.24 -31.14 -0.62
NB CLA ED . 22.70 -29.01 -3.52
C1B CLA ED . 22.56 -29.47 -2.27
C2B CLA ED . 21.94 -28.45 -1.40
C3B CLA ED . 21.72 -27.35 -2.19
C4B CLA ED . 22.18 -27.71 -3.56
CMB CLA ED . 21.68 -28.71 0.01
CAB CLA ED . 21.12 -26.08 -1.91
CBB CLA ED . 21.29 -25.32 -0.82
NC CLA ED . 23.70 -28.15 -6.14
C1C CLA ED . 22.88 -27.09 -5.86
C2C CLA ED . 22.86 -26.18 -6.98
C3C CLA ED . 23.74 -26.68 -7.94
C4C CLA ED . 24.25 -27.93 -7.39
CMC CLA ED . 22.07 -24.97 -7.01
CAC CLA ED . 24.02 -26.11 -9.26
CBC CLA ED . 25.40 -25.53 -9.44
ND CLA ED . 25.34 -30.41 -6.22
C1D CLA ED . 25.71 -29.92 -7.48
C2D CLA ED . 26.70 -30.84 -8.08
C3D CLA ED . 26.87 -31.85 -7.18
C4D CLA ED . 25.99 -31.55 -6.04
CMD CLA ED . 27.34 -30.64 -9.37
CAD CLA ED . 27.56 -33.08 -6.86
OBD CLA ED . 28.45 -33.65 -7.47
CBD CLA ED . 27.01 -33.57 -5.52
CGD CLA ED . 26.35 -34.91 -5.62
O1D CLA ED . 25.43 -35.21 -6.34
O2D CLA ED . 26.85 -35.85 -4.79
CED CLA ED . 26.77 -37.20 -5.26
C1 CLA ED . 26.14 -29.84 0.00
C2 CLA ED . 26.03 -28.86 -1.09
C3 CLA ED . 26.65 -27.67 -1.12
C4 CLA ED . 27.53 -27.20 -0.02
C5 CLA ED . 26.47 -26.78 -2.28
C6 CLA ED . 26.53 -27.52 -3.59
C7 CLA ED . 27.77 -27.17 -4.39
C8 CLA ED . 28.17 -28.32 -5.29
C9 CLA ED . 28.56 -29.50 -4.43
C10 CLA ED . 29.33 -27.93 -6.19
C11 CLA ED . 28.91 -26.87 -7.19
C12 CLA ED . 30.01 -25.88 -7.40
C13 CLA ED . 30.36 -25.69 -8.87
C14 CLA ED . 29.14 -25.41 -9.72
C15 CLA ED . 31.14 -26.87 -9.45
C16 CLA ED . 32.04 -26.39 -10.57
C17 CLA ED . 31.95 -27.31 -11.78
MG CLA FD . 19.89 -36.05 -9.54
CHA CLA FD . 19.80 -38.92 -7.60
CHB CLA FD . 22.85 -35.22 -8.15
CHC CLA FD . 20.11 -33.43 -11.73
CHD CLA FD . 16.84 -37.01 -11.02
NA CLA FD . 21.08 -36.92 -8.06
C1A CLA FD . 20.90 -38.13 -7.39
C2A CLA FD . 22.02 -38.39 -6.40
C3A CLA FD . 22.82 -37.07 -6.44
C4A CLA FD . 22.23 -36.34 -7.64
CMA CLA FD . 22.60 -36.30 -5.18
CAA CLA FD . 22.91 -39.57 -6.76
CBA CLA FD . 23.87 -39.34 -7.92
CGA CLA FD . 23.34 -39.98 -9.15
O1A CLA FD . 22.22 -39.91 -9.64
O2A CLA FD . 24.28 -40.74 -9.80
NB CLA FD . 21.18 -34.54 -9.82
C1B CLA FD . 22.39 -34.48 -9.24
C2B CLA FD . 23.22 -33.48 -9.96
C3B CLA FD . 22.45 -32.97 -10.97
C4B CLA FD . 21.15 -33.63 -10.88
CMB CLA FD . 24.59 -33.21 -9.55
CAB CLA FD . 22.73 -32.00 -11.96
CBB CLA FD . 23.22 -30.79 -11.71
NC CLA FD . 18.65 -35.31 -11.03
C1C CLA FD . 18.93 -34.21 -11.79
C2C CLA FD . 17.86 -33.99 -12.74
C3C CLA FD . 16.95 -35.02 -12.57
C4C CLA FD . 17.45 -35.85 -11.49
CMC CLA FD . 17.83 -32.89 -13.69
CAC CLA FD . 15.70 -35.24 -13.30
CBC CLA FD . 15.89 -36.19 -14.45
ND CLA FD . 18.54 -37.54 -9.34
C1D CLA FD . 17.34 -37.82 -10.03
C2D CLA FD . 16.78 -39.05 -9.49
C3D CLA FD . 17.67 -39.50 -8.55
C4D CLA FD . 18.77 -38.54 -8.52
CMD CLA FD . 15.53 -39.66 -9.89
CAD CLA FD . 17.95 -40.52 -7.58
OBD CLA FD . 17.25 -41.46 -7.24
CBD CLA FD . 19.35 -40.23 -7.01
CGD CLA FD . 19.28 -40.15 -5.53
O1D CLA FD . 18.48 -39.53 -4.85
O2D CLA FD . 20.24 -40.87 -4.89
CED CLA FD . 19.96 -41.22 -3.54
C1 CLA FD . 24.37 -40.56 -11.22
C2 CLA FD . 23.83 -41.77 -11.87
C3 CLA FD . 23.87 -41.99 -13.20
C4 CLA FD . 24.45 -41.05 -14.16
C5 CLA FD . 23.31 -43.24 -13.77
C6 CLA FD . 22.35 -43.08 -14.93
C7 CLA FD . 21.77 -44.43 -15.18
C8 CLA FD . 20.89 -44.55 -16.40
C9 CLA FD . 19.52 -43.97 -16.14
C10 CLA FD . 20.79 -46.02 -16.80
C11 CLA FD . 21.50 -46.25 -18.12
C12 CLA FD . 22.09 -47.64 -18.26
C13 CLA FD . 21.71 -48.32 -19.55
C14 CLA FD . 20.21 -48.33 -19.67
C15 CLA FD . 22.31 -49.72 -19.66
C16 CLA FD . 21.46 -50.76 -20.40
C17 CLA FD . 21.81 -50.85 -21.87
C18 CLA FD . 21.12 -52.02 -22.56
C19 CLA FD . 21.42 -53.32 -21.88
C20 CLA FD . 19.63 -51.79 -22.58
MG CLA GD . 21.75 -21.42 -21.23
CHA CLA GD . 23.03 -18.66 -22.91
CHB CLA GD . 23.15 -23.45 -23.55
CHC CLA GD . 20.76 -24.14 -19.39
CHD CLA GD . 20.49 -19.30 -18.75
NA CLA GD . 22.87 -21.09 -22.96
C1A CLA GD . 23.35 -19.87 -23.46
C2A CLA GD . 24.19 -20.09 -24.70
C3A CLA GD . 24.07 -21.60 -24.95
C4A CLA GD . 23.32 -22.11 -23.73
CMA CLA GD . 23.27 -21.89 -26.19
CAA CLA GD . 25.64 -19.71 -24.44
CBA CLA GD . 26.38 -20.61 -23.48
CGA CLA GD . 27.09 -19.83 -22.43
O1A CLA GD . 26.96 -18.64 -22.16
O2A CLA GD . 27.96 -20.58 -21.70
NB CLA GD . 21.88 -23.40 -21.44
C1B CLA GD . 22.47 -24.02 -22.47
C2B CLA GD . 22.32 -25.46 -22.32
C3B CLA GD . 21.66 -25.71 -21.16
C4B CLA GD . 21.37 -24.38 -20.58
CMB CLA GD . 22.90 -26.31 -23.30
CAB CLA GD . 21.29 -26.94 -20.52
CBB CLA GD . 20.67 -27.96 -21.09
NC CLA GD . 20.78 -21.67 -19.42
C1C CLA GD . 20.51 -22.86 -18.85
C2C CLA GD . 19.91 -22.68 -17.55
C3C CLA GD . 19.82 -21.31 -17.34
C4C CLA GD . 20.38 -20.68 -18.53
CMC CLA GD . 19.53 -23.80 -16.70
CAC CLA GD . 19.32 -20.63 -16.14
CBC CLA GD . 20.34 -20.55 -15.03
ND CLA GD . 21.66 -19.46 -20.89
C1D CLA GD . 21.07 -18.72 -19.85
C2D CLA GD . 21.22 -17.30 -20.18
C3D CLA GD . 21.95 -17.22 -21.33
C4D CLA GD . 22.23 -18.60 -21.73
CMD CLA GD . 20.69 -16.20 -19.41
CAD CLA GD . 22.52 -16.34 -22.31
OBD CLA GD . 22.45 -15.11 -22.38
CBD CLA GD . 23.28 -17.23 -23.33
CGD CLA GD . 22.85 -16.96 -24.74
O1D CLA GD . 22.38 -17.76 -25.56
O2D CLA GD . 23.01 -15.68 -25.14
CED CLA GD . 22.06 -15.15 -26.06
C1 CLA GD . 28.99 -19.92 -20.94
C2 CLA GD . 28.71 -20.13 -19.50
C3 CLA GD . 29.54 -19.73 -18.52
C4 CLA GD . 30.82 -19.07 -18.78
C5 CLA GD . 29.21 -19.96 -17.09
C6 CLA GD . 29.07 -18.66 -16.36
C7 CLA GD . 29.27 -18.86 -14.87
C8 CLA GD . 28.18 -19.74 -14.27
C9 CLA GD . 27.13 -18.90 -13.59
C10 CLA GD . 28.77 -20.76 -13.31
C11 CLA GD . 29.27 -20.16 -12.02
C12 CLA GD . 29.43 -21.22 -10.97
C13 CLA GD . 30.46 -20.86 -9.91
C14 CLA GD . 31.81 -20.61 -10.56
C15 CLA GD . 30.50 -21.97 -8.85
C16 CLA GD . 31.81 -22.13 -8.12
C17 CLA GD . 31.76 -21.53 -6.74
C18 CLA GD . 33.02 -21.88 -5.96
C19 CLA GD . 33.05 -21.17 -4.63
C20 CLA GD . 33.09 -23.38 -5.73
MG CLA HD . -4.94 -16.29 -23.95
CHA CLA HD . -6.55 -15.82 -26.97
CHB CLA HD . -6.68 -13.69 -22.61
CHC CLA HD . -3.68 -17.09 -20.87
CHD CLA HD . -3.09 -18.95 -25.37
NA CLA HD . -6.36 -14.97 -24.70
C1A CLA HD . -6.93 -14.97 -25.98
C2A CLA HD . -7.95 -13.83 -26.11
C3A CLA HD . -7.77 -13.05 -24.79
C4A CLA HD . -6.89 -13.96 -23.94
CMA CLA HD . -7.10 -11.74 -25.06
CAA CLA HD . -9.39 -14.31 -26.22
CBA CLA HD . -9.72 -15.45 -25.28
CGA CLA HD . -11.19 -15.49 -25.03
NB CLA HD . -5.14 -15.54 -22.10
C1B CLA HD . -5.88 -14.46 -21.75
C2B CLA HD . -5.72 -14.21 -20.30
C3B CLA HD . -4.89 -15.17 -19.81
C4B CLA HD . -4.53 -16.04 -20.94
CMB CLA HD . -6.36 -13.13 -19.57
CAB CLA HD . -4.43 -15.40 -18.47
CBB CLA HD . -4.90 -16.38 -17.69
NC CLA HD . -3.58 -17.71 -23.27
C1C CLA HD . -3.21 -17.85 -21.97
C2C CLA HD . -2.27 -18.94 -21.80
C3C CLA HD . -2.09 -19.49 -23.08
C4C CLA HD . -2.94 -18.72 -24.00
CMC CLA HD . -1.67 -19.29 -20.52
CAC CLA HD . -1.21 -20.61 -23.42
CBC CLA HD . -1.82 -21.96 -23.07
ND CLA HD . -4.73 -17.15 -25.75
C1D CLA HD . -3.92 -18.23 -26.21
C2D CLA HD . -4.17 -18.42 -27.65
C3D CLA HD . -5.18 -17.55 -27.99
C4D CLA HD . -5.51 -16.78 -26.77
CMD CLA HD . -3.47 -19.39 -28.47
CAD CLA HD . -6.02 -17.02 -29.05
OBD CLA HD . -6.03 -17.32 -30.24
CBD CLA HD . -6.94 -15.94 -28.42
CGD CLA HD . -6.80 -14.63 -29.13
O1D CLA HD . -7.68 -13.95 -29.66
O2D CLA HD . -5.52 -14.16 -29.16
CED CLA HD . -5.31 -12.77 -29.40
MG CLA ID . -9.50 -11.03 -16.72
CHA CLA ID . -9.92 -10.71 -20.14
CHB CLA ID . -9.67 -7.67 -16.36
CHC CLA ID . -9.21 -11.42 -13.34
CHD CLA ID . -9.36 -14.52 -17.13
NA CLA ID . -9.73 -9.46 -18.06
C1A CLA ID . -9.91 -9.53 -19.45
C2A CLA ID . -10.04 -8.12 -20.03
C3A CLA ID . -9.86 -7.19 -18.81
C4A CLA ID . -9.74 -8.16 -17.65
CMA CLA ID . -8.63 -6.34 -18.89
CAA CLA ID . -11.42 -7.90 -20.61
CBA CLA ID . -12.54 -8.38 -19.71
CGA CLA ID . -13.31 -9.48 -20.39
O1A CLA ID . -13.25 -9.85 -21.55
O2A CLA ID . -14.20 -10.09 -19.54
NB CLA ID . -9.35 -9.78 -15.16
C1B CLA ID . -9.55 -8.45 -15.21
C2B CLA ID . -9.66 -7.89 -13.83
C3B CLA ID . -9.53 -8.95 -12.97
C4B CLA ID . -9.34 -10.16 -13.80
CMB CLA ID . -9.90 -6.46 -13.64
CAB CLA ID . -9.57 -9.09 -11.54
CBB CLA ID . -9.76 -8.17 -10.59
NC CLA ID . -9.32 -12.68 -15.47
C1C CLA ID . -9.23 -12.61 -14.12
C2C CLA ID . -9.11 -13.94 -13.57
C3C CLA ID . -9.15 -14.83 -14.64
C4C CLA ID . -9.28 -14.02 -15.84
CMC CLA ID . -9.01 -14.23 -12.14
CAC CLA ID . -9.06 -16.30 -14.60
CBC CLA ID . -10.40 -16.99 -14.66
ND CLA ID . -9.67 -12.37 -18.22
C1D CLA ID . -9.56 -13.78 -18.25
C2D CLA ID . -9.67 -14.24 -19.64
C3D CLA ID . -9.82 -13.12 -20.41
C4D CLA ID . -9.80 -11.97 -19.47
CMD CLA ID . -9.62 -15.64 -20.04
CAD CLA ID . -9.99 -12.59 -21.74
OBD CLA ID . -10.12 -13.18 -22.80
CBD CLA ID . -10.02 -11.04 -21.60
CGD CLA ID . -8.93 -10.35 -22.37
O1D CLA ID . -7.74 -10.26 -22.08
O2D CLA ID . -9.35 -9.74 -23.51
CED CLA ID . -8.70 -8.53 -23.87
C1 CLA ID . -15.54 -9.55 -19.52
C2 CLA ID . -15.86 -9.20 -18.11
C3 CLA ID . -16.79 -9.87 -17.39
C4 CLA ID . -17.57 -11.00 -17.95
C5 CLA ID . -17.06 -9.48 -15.97
C6 CLA ID . -17.27 -10.67 -15.07
C7 CLA ID . -16.95 -10.34 -13.63
C8 CLA ID . -17.43 -11.45 -12.69
C9 CLA ID . -17.04 -11.15 -11.27
C10 CLA ID . -16.89 -12.80 -13.11
C11 CLA ID . -17.83 -13.94 -12.81
C12 CLA ID . -17.35 -15.26 -13.37
C13 CLA ID . -17.30 -15.23 -14.89
C14 CLA ID . -18.66 -15.55 -15.48
C15 CLA ID . -16.26 -16.20 -15.44
C16 CLA ID . -15.39 -15.55 -16.49
C17 CLA ID . -14.75 -16.59 -17.38
C18 CLA ID . -13.47 -16.10 -18.08
C19 CLA ID . -12.98 -17.15 -19.04
C20 CLA ID . -13.69 -14.79 -18.80
MG CLA JD . -8.41 -7.58 -0.46
CHA CLA JD . -7.35 -6.51 -3.57
CHB CLA JD . -6.70 -5.07 1.01
CHC CLA JD . -9.72 -8.52 2.56
CHD CLA JD . -10.21 -10.18 -2.02
NA CLA JD . -7.21 -6.06 -1.19
C1A CLA JD . -6.89 -5.76 -2.52
C2A CLA JD . -5.98 -4.53 -2.60
C3A CLA JD . -5.72 -4.19 -1.10
C4A CLA JD . -6.62 -5.17 -0.36
CMA CLA JD . -4.30 -4.32 -0.66
CAA CLA JD . -6.66 -3.34 -3.25
CBA CLA JD . -8.07 -3.18 -2.74
CGA CLA JD . -8.86 -2.07 -3.36
O1A CLA JD . -9.95 -1.62 -2.98
O2A CLA JD . -8.28 -1.50 -4.45
NB CLA JD . -8.12 -7.01 1.44
C1B CLA JD . -7.51 -5.87 1.82
C2B CLA JD . -7.82 -5.53 3.23
C3B CLA JD . -8.68 -6.51 3.66
C4B CLA JD . -8.90 -7.44 2.52
CMB CLA JD . -7.30 -4.33 3.88
CAB CLA JD . -9.39 -6.70 4.89
CBB CLA JD . -9.06 -6.30 6.12
NC CLA JD . -9.70 -9.10 0.16
C1C CLA JD . -10.09 -9.30 1.44
C2C CLA JD . -10.99 -10.44 1.52
C3C CLA JD . -11.14 -10.90 0.22
C4C CLA JD . -10.33 -10.05 -0.63
CMC CLA JD . -11.59 -10.93 2.75
CAC CLA JD . -11.94 -12.03 -0.24
CBC CLA JD . -11.20 -13.32 -0.13
ND CLA JD . -8.81 -8.20 -2.34
C1D CLA JD . -9.51 -9.32 -2.83
C2D CLA JD . -9.37 -9.36 -4.29
C3D CLA JD . -8.57 -8.29 -4.63
C4D CLA JD . -8.23 -7.62 -3.37
CMD CLA JD . -9.98 -10.35 -5.14
CAD CLA JD . -7.92 -7.58 -5.70
OBD CLA JD . -7.97 -7.77 -6.91
CBD CLA JD . -7.09 -6.45 -5.05
CGD CLA JD . -5.64 -6.67 -5.24
O1D CLA JD . -4.93 -7.42 -4.59
O2D CLA JD . -5.08 -5.94 -6.23
CED CLA JD . -4.00 -6.54 -6.92
C1 CLA JD . -9.12 -0.57 -5.16
C2 CLA JD . -9.85 -1.38 -6.16
C3 CLA JD . -9.58 -1.32 -7.47
C4 CLA JD . -8.54 -0.41 -8.00
C5 CLA JD . -10.30 -2.16 -8.46
C6 CLA JD . -11.38 -3.02 -7.84
C7 CLA JD . -11.10 -4.49 -8.03
C8 CLA JD . -11.95 -5.37 -7.13
C9 CLA JD . -11.70 -6.83 -7.44
C10 CLA JD . -13.43 -5.04 -7.27
C11 CLA JD . -14.00 -5.48 -8.60
C12 CLA JD . -15.44 -5.94 -8.48
C13 CLA JD . -15.76 -6.93 -9.58
C14 CLA JD . -16.64 -6.30 -10.64
C15 CLA JD . -16.43 -8.17 -9.01
MG CLA KD . -5.78 -6.78 10.36
CHA CLA KD . -7.87 -6.30 13.02
CHB CLA KD . -8.27 -8.44 8.73
CHC CLA KD . -3.82 -6.87 7.54
CHD CLA KD . -3.28 -4.95 12.02
NA CLA KD . -7.74 -7.28 10.82
C1A CLA KD . -8.44 -6.94 11.97
C2A CLA KD . -9.87 -7.44 11.87
C3A CLA KD . -9.88 -8.31 10.62
C4A CLA KD . -8.56 -7.97 9.98
CMA CLA KD . -9.98 -9.75 11.01
CAA CLA KD . -10.59 -6.20 11.41
CBA CLA KD . -11.63 -5.64 12.35
CGA CLA KD . -12.10 -4.33 11.79
O1A CLA KD . -11.49 -3.28 11.72
O2A CLA KD . -13.39 -4.40 11.30
NB CLA KD . -6.02 -7.48 8.48
C1B CLA KD . -7.06 -8.22 8.04
C2B CLA KD . -6.76 -8.78 6.71
C3B CLA KD . -5.52 -8.34 6.37
C4B CLA KD . -5.02 -7.50 7.49
CMB CLA KD . -7.68 -9.64 5.97
CAB CLA KD . -4.75 -8.57 5.18
CBB CLA KD . -5.04 -8.01 4.01
NC CLA KD . -3.87 -6.09 9.90
C1C CLA KD . -3.28 -6.24 8.69
C2C CLA KD . -2.00 -5.57 8.69
C3C CLA KD . -1.83 -5.03 9.96
C4C CLA KD . -3.03 -5.35 10.71
CMC CLA KD . -1.10 -5.53 7.56
CAC CLA KD . -0.68 -4.26 10.43
CBC CLA KD . -0.85 -2.80 10.14
ND CLA KD . -5.51 -5.95 12.16
C1D CLA KD . -4.44 -5.19 12.71
C2D CLA KD . -4.80 -4.81 14.10
C3D CLA KD . -6.08 -5.26 14.28
C4D CLA KD . -6.50 -5.90 13.03
CMD CLA KD . -3.93 -4.09 15.02
CAD CLA KD . -7.19 -5.38 15.20
OBD CLA KD . -7.24 -5.12 16.39
CBD CLA KD . -8.39 -5.94 14.39
CGD CLA KD . -8.95 -7.16 15.03
O1D CLA KD . -10.00 -7.28 15.65
O2D CLA KD . -8.20 -8.29 14.85
CED CLA KD . -8.90 -9.51 14.69
C1 CLA KD . -13.87 -3.27 10.55
C2 CLA KD . -15.35 -3.38 10.50
C3 CLA KD . -16.14 -2.73 9.63
C4 CLA KD . -17.61 -2.94 9.68
C5 CLA KD . -15.58 -1.79 8.61
C6 CLA KD . -16.52 -1.47 7.45
C7 CLA KD . -16.41 -0.04 6.97
C8 CLA KD . -17.71 0.74 7.06
C9 CLA KD . -18.33 0.62 8.45
C10 CLA KD . -18.72 0.30 5.99
C11 CLA KD . -19.34 1.48 5.28
C12 CLA KD . -20.61 2.00 5.96
C13 CLA KD . -21.05 3.37 5.48
C14 CLA KD . -21.88 3.25 4.22
C15 CLA KD . -19.89 4.35 5.28
C16 CLA KD . -20.11 5.62 6.08
C17 CLA KD . -19.61 6.84 5.33
C18 CLA KD . -20.65 7.95 5.22
C19 CLA KD . -20.09 9.15 4.51
C20 CLA KD . -21.88 7.45 4.51
MG CLA LD . -5.32 -37.55 -6.17
CHA CLA LD . -4.97 -40.99 -6.14
CHB CLA LD . -1.95 -37.23 -6.43
CHC CLA LD . -5.75 -34.20 -6.58
CHD CLA LD . -8.79 -37.95 -5.71
NA CLA LD . -3.74 -38.90 -6.24
C1A CLA LD . -3.80 -40.29 -6.26
C2A CLA LD . -2.40 -40.89 -6.34
C3A CLA LD . -1.51 -39.68 -6.07
C4A CLA LD . -2.44 -38.50 -6.30
CMA CLA LD . -1.08 -39.73 -4.65
CAA CLA LD . -2.13 -41.46 -7.71
CBA CLA LD . -2.73 -40.71 -8.88
CGA CLA LD . -2.68 -41.49 -10.15
O1A CLA LD . -1.73 -41.64 -10.91
O2A CLA LD . -3.86 -42.11 -10.45
NB CLA LD . -4.08 -35.99 -6.38
C1B CLA LD . -2.74 -36.08 -6.59
C2B CLA LD . -2.20 -34.75 -6.99
C3B CLA LD . -3.26 -33.89 -7.03
C4B CLA LD . -4.47 -34.68 -6.66
CMB CLA LD . -0.80 -34.53 -7.29
CAB CLA LD . -3.31 -32.50 -7.39
CBB CLA LD . -3.59 -31.50 -6.55
NC CLA LD . -6.97 -36.30 -6.15
C1C CLA LD . -6.92 -34.97 -6.35
C2C CLA LD . -8.25 -34.40 -6.29
C3C CLA LD . -9.11 -35.46 -6.03
C4C CLA LD . -8.30 -36.66 -5.94
CMC CLA LD . -8.58 -32.99 -6.48
CAC CLA LD . -10.57 -35.39 -5.91
CBC CLA LD . -10.98 -35.14 -4.48
ND CLA LD . -6.64 -39.07 -6.02
C1D CLA LD . -8.02 -39.09 -5.75
C2D CLA LD . -8.45 -40.49 -5.57
C3D CLA LD . -7.33 -41.26 -5.79
C4D CLA LD . -6.22 -40.33 -6.02
CMD CLA LD . -9.81 -40.92 -5.29
CAD CLA LD . -6.78 -42.60 -5.81
OBD CLA LD . -7.36 -43.67 -5.69
CBD CLA LD . -5.25 -42.46 -6.00
CGD CLA LD . -4.56 -42.99 -4.79
O1D CLA LD . -4.58 -42.53 -3.64
O2D CLA LD . -3.83 -44.11 -5.03
CED CLA LD . -3.99 -45.17 -4.08
C1 CLA LD . -3.93 -42.89 -11.66
C2 CLA LD . -4.82 -42.20 -12.62
C3 CLA LD . -4.50 -42.04 -13.91
C4 CLA LD . -3.24 -42.55 -14.50
C5 CLA LD . -5.42 -41.34 -14.87
C6 CLA LD . -6.88 -41.42 -14.50
C7 CLA LD . -7.55 -40.07 -14.68
C8 CLA LD . -8.88 -39.90 -13.94
C9 CLA LD . -9.09 -38.44 -13.61
C10 CLA LD . -9.00 -40.76 -12.69
C11 CLA LD . -10.20 -41.67 -12.77
C12 CLA LD . -11.46 -41.01 -12.26
C13 CLA LD . -12.72 -41.79 -12.61
C14 CLA LD . -13.92 -41.21 -11.92
C15 CLA LD . -12.58 -43.26 -12.27
MG CLA MD . -10.55 -43.20 -9.15
CHA CLA MD . -10.18 -46.58 -9.83
CHB CLA MD . -7.25 -42.72 -9.59
CHC CLA MD . -11.02 -39.85 -8.53
CHD CLA MD . -14.03 -43.73 -8.77
NA CLA MD . -8.97 -44.48 -9.63
C1A CLA MD . -9.00 -45.87 -9.89
C2A CLA MD . -7.58 -46.38 -10.19
C3A CLA MD . -6.70 -45.11 -10.08
C4A CLA MD . -7.70 -44.01 -9.75
CMA CLA MD . -5.60 -45.20 -9.05
CAA CLA MD . -7.34 -46.99 -11.58
CBA CLA MD . -8.28 -46.55 -12.68
CGA CLA MD . -7.70 -45.53 -13.61
O1A CLA MD . -6.82 -45.66 -14.47
O2A CLA MD . -8.25 -44.29 -13.44
NB CLA MD . -9.35 -41.61 -8.95
C1B CLA MD . -8.05 -41.60 -9.31
C2B CLA MD . -7.56 -40.20 -9.43
C3B CLA MD . -8.61 -39.39 -9.13
C4B CLA MD . -9.77 -40.27 -8.83
CMB CLA MD . -6.20 -39.87 -9.82
CAB CLA MD . -8.70 -37.94 -9.12
CBB CLA MD . -8.47 -37.14 -10.16
NC CLA MD . -12.23 -42.03 -8.70
C1C CLA MD . -12.18 -40.68 -8.47
C2C CLA MD . -13.51 -40.17 -8.19
C3C CLA MD . -14.38 -41.26 -8.28
C4C CLA MD . -13.56 -42.41 -8.60
CMC CLA MD . -13.81 -38.77 -7.91
CAC CLA MD . -15.85 -41.22 -8.10
CBC CLA MD . -16.38 -41.87 -6.85
ND CLA MD . -11.86 -44.72 -9.35
C1D CLA MD . -13.25 -44.80 -9.12
C2D CLA MD . -13.70 -46.19 -9.32
C3D CLA MD . -12.57 -46.91 -9.60
C4D CLA MD . -11.44 -45.96 -9.59
CMD CLA MD . -15.09 -46.62 -9.20
CAD CLA MD . -12.03 -48.21 -9.94
OBD CLA MD . -12.62 -49.26 -10.13
CBD CLA MD . -10.49 -48.04 -10.01
CGD CLA MD . -9.88 -48.80 -8.88
O1D CLA MD . -9.40 -48.30 -7.86
O2D CLA MD . -9.91 -50.16 -8.99
CED CLA MD . -9.51 -50.80 -10.20
MG CLA ND . 2.60 -28.84 -1.50
CHA CLA ND . -0.49 -30.32 -1.33
CHB CLA ND . 1.77 -27.49 -4.49
CHC CLA ND . 5.77 -27.57 -1.76
CHD CLA ND . 3.57 -30.55 1.43
NA CLA ND . 0.87 -28.85 -2.66
C1A CLA ND . -0.33 -29.53 -2.43
C2A CLA ND . -1.35 -29.27 -3.55
C3A CLA ND . -0.57 -28.35 -4.51
C4A CLA ND . 0.78 -28.20 -3.84
CMA CLA ND . -0.41 -28.95 -5.88
CAA CLA ND . -2.63 -28.57 -3.12
CBA CLA ND . -3.68 -28.70 -4.22
CGA CLA ND . -5.08 -28.32 -3.85
O1A CLA ND . -5.62 -28.29 -2.74
O2A CLA ND . -5.84 -27.99 -4.95
NB CLA ND . 3.57 -27.73 -2.85
C1B CLA ND . 3.07 -27.30 -4.02
C2B CLA ND . 4.11 -26.58 -4.81
C3B CLA ND . 5.26 -26.61 -4.04
C4B CLA ND . 4.92 -27.33 -2.78
CMB CLA ND . 3.80 -26.03 -6.12
CAB CLA ND . 6.60 -26.11 -4.22
CBB CLA ND . 7.15 -25.55 -5.30
NC CLA ND . 4.31 -28.94 -0.30
C1C CLA ND . 5.47 -28.30 -0.58
C2C CLA ND . 6.44 -28.58 0.44
C3C CLA ND . 5.88 -29.49 1.31
C4C CLA ND . 4.53 -29.73 0.83
CMC CLA ND . 7.78 -28.03 0.44
CAC CLA ND . 6.56 -30.09 2.46
CBC CLA ND . 6.05 -29.71 3.82
ND CLA ND . 1.72 -29.97 -0.10
C1D CLA ND . 2.26 -30.69 1.00
C2D CLA ND . 1.20 -31.52 1.59
C3D CLA ND . 0.13 -31.36 0.76
C4D CLA ND . 0.52 -30.46 -0.32
CMD CLA ND . 1.31 -32.30 2.81
CAD CLA ND . -1.24 -31.70 0.53
OBD CLA ND . -2.05 -32.20 1.29
CBD CLA ND . -1.60 -31.24 -0.90
CGD CLA ND . -1.62 -32.44 -1.77
O1D CLA ND . -2.51 -33.28 -1.87
O2D CLA ND . -0.50 -32.61 -2.52
CED CLA ND . -0.62 -33.31 -3.76
C1 CLA ND . -7.27 -28.10 -4.81
C2 CLA ND . -7.81 -28.90 -5.93
C3 CLA ND . -8.24 -28.38 -7.08
C4 CLA ND . -8.20 -26.92 -7.35
C5 CLA ND . -8.78 -29.25 -8.17
MG CLA OD . -5.93 -20.21 -2.52
CHA CLA OD . -5.32 -23.43 -1.45
CHB CLA OD . -3.38 -20.46 -4.72
CHC CLA OD . -6.63 -17.04 -3.59
CHD CLA OD . -8.51 -19.97 -0.12
NA CLA OD . -4.60 -21.73 -3.01
C1A CLA OD . -4.51 -23.00 -2.44
C2A CLA OD . -3.40 -23.81 -3.12
C3A CLA OD . -2.73 -22.78 -4.04
C4A CLA OD . -3.64 -21.56 -3.95
CMA CLA OD . -1.35 -22.47 -3.57
CAA CLA OD . -3.93 -24.97 -3.94
CBA CLA OD . -4.87 -24.59 -5.07
CGA CLA OD . -6.30 -24.57 -4.61
O1A CLA OD . -6.79 -25.11 -3.63
O2A CLA OD . -7.10 -23.80 -5.38
NB CLA OD . -5.08 -18.94 -3.82
C1B CLA OD . -4.14 -19.29 -4.72
C2B CLA OD . -4.00 -18.24 -5.74
C3B CLA OD . -4.91 -17.26 -5.44
C4B CLA OD . -5.63 -17.70 -4.22
CMB CLA OD . -3.05 -18.34 -6.84
CAB CLA OD . -5.20 -16.03 -6.12
CBB CLA OD . -5.56 -15.90 -7.39
NC CLA OD . -7.32 -18.77 -1.95
C1C CLA OD . -7.44 -17.53 -2.53
C2C CLA OD . -8.51 -16.81 -1.87
C3C CLA OD . -9.03 -17.64 -0.89
C4C CLA OD . -8.27 -18.87 -0.95
CMC CLA OD . -8.94 -15.47 -2.23
CAC CLA OD . -10.13 -17.38 0.04
CBC CLA OD . -9.63 -16.83 1.35
ND CLA OD . -6.86 -21.41 -1.21
C1D CLA OD . -7.87 -21.16 -0.24
C2D CLA OD . -8.06 -22.37 0.57
C3D CLA OD . -7.12 -23.27 0.14
C4D CLA OD . -6.38 -22.62 -0.94
CMD CLA OD . -9.05 -22.49 1.63
CAD CLA OD . -6.57 -24.58 0.29
OBD CLA OD . -6.96 -25.50 1.00
CBD CLA OD . -5.35 -24.69 -0.64
CGD CLA OD . -4.11 -24.85 0.16
O1D CLA OD . -3.92 -24.45 1.31
O2D CLA OD . -3.13 -25.53 -0.46
CED CLA OD . -2.23 -26.26 0.36
C1 CLA OD . -7.81 -22.77 -4.67
C2 CLA OD . -8.22 -21.81 -5.71
C3 CLA OD . -8.92 -20.71 -5.46
C4 CLA OD . -9.38 -20.36 -4.10
C5 CLA OD . -9.29 -19.81 -6.58
C6 CLA OD . -9.16 -18.34 -6.29
C7 CLA OD . -9.23 -17.59 -7.59
C8 CLA OD . -10.06 -16.33 -7.48
C9 CLA OD . -10.25 -15.70 -8.84
C10 CLA OD . -9.40 -15.34 -6.56
C11 CLA OD . -10.34 -14.22 -6.23
C12 CLA OD . -11.29 -14.65 -5.12
C13 CLA OD . -12.33 -13.57 -4.87
C14 CLA OD . -13.20 -13.93 -3.69
C15 CLA OD . -13.18 -13.34 -6.12
C16 CLA OD . -13.20 -11.88 -6.50
C17 CLA OD . -13.57 -11.67 -7.94
C18 CLA OD . -12.48 -10.88 -8.65
C19 CLA OD . -13.08 -9.75 -9.47
C20 CLA OD . -11.66 -11.80 -9.53
MG CLA PD . -1.93 -19.60 -12.03
CHA CLA PD . -0.97 -22.25 -10.02
CHB CLA PD . 0.83 -20.01 -13.92
CHC CLA PD . -2.98 -17.04 -14.05
CHD CLA PD . -4.79 -19.20 -10.04
NA CLA PD . -0.35 -20.93 -11.97
C1A CLA PD . -0.13 -21.97 -11.06
C2A CLA PD . 1.14 -22.72 -11.42
C3A CLA PD . 1.76 -21.86 -12.53
C4A CLA PD . 0.67 -20.86 -12.87
CMA CLA PD . 2.97 -21.12 -12.03
CAA CLA PD . 0.80 -24.10 -11.96
CBA CLA PD . -0.44 -24.18 -12.83
CGA CLA PD . -0.49 -25.42 -13.66
O1A CLA PD . 0.22 -25.74 -14.61
O2A CLA PD . -1.49 -26.27 -13.28
NB CLA PD . -1.15 -18.61 -13.59
C1B CLA PD . -0.10 -19.04 -14.32
C2B CLA PD . -0.03 -18.32 -15.62
C3B CLA PD . -1.11 -17.47 -15.65
C4B CLA PD . -1.84 -17.67 -14.37
CMB CLA PD . 0.99 -18.58 -16.61
CAB CLA PD . -1.62 -16.58 -16.64
CBB CLA PD . -0.94 -15.73 -17.39
NC CLA PD . -3.59 -18.35 -12.03
C1C CLA PD . -3.81 -17.37 -12.95
C2C CLA PD . -5.05 -16.70 -12.66
C3C CLA PD . -5.57 -17.30 -11.52
C4C CLA PD . -4.64 -18.34 -11.12
CMC CLA PD . -5.57 -15.60 -13.48
CAC CLA PD . -6.82 -16.96 -10.82
CBC CLA PD . -7.98 -17.80 -11.30
ND CLA PD . -2.81 -20.56 -10.50
C1D CLA PD . -3.97 -20.25 -9.74
C2D CLA PD . -4.06 -21.20 -8.62
C3D CLA PD . -2.93 -21.97 -8.66
C4D CLA PD . -2.17 -21.51 -9.84
CMD CLA PD . -5.18 -21.23 -7.69
CAD CLA PD . -2.20 -23.06 -8.06
OBD CLA PD . -2.53 -23.77 -7.14
CBD CLA PD . -0.87 -23.20 -8.85
CGD CLA PD . 0.35 -22.91 -8.03
O1D CLA PD . 1.42 -22.45 -8.41
O2D CLA PD . 0.25 -23.19 -6.70
CED CLA PD . 1.44 -23.12 -5.92
C1 CLA PD . -1.95 -27.21 -14.26
C2 CLA PD . -3.33 -27.59 -13.89
MG CLA QD . 45.71 -7.10 -14.82
CHA CLA QD . 48.66 -8.63 -15.72
CHB CLA QD . 43.99 -9.87 -15.78
CHC CLA QD . 42.82 -5.62 -13.75
CHD CLA QD . 47.56 -4.31 -13.72
NA CLA QD . 46.26 -8.92 -15.63
C1A CLA QD . 47.54 -9.39 -15.89
C2A CLA QD . 47.50 -10.80 -16.43
C3A CLA QD . 46.02 -11.06 -16.63
C4A CLA QD . 45.35 -9.89 -15.95
CMA CLA QD . 45.77 -11.00 -18.10
CAA CLA QD . 48.04 -11.80 -15.43
CBA CLA QD . 47.70 -11.50 -14.00
CGA CLA QD . 48.92 -11.39 -13.17
O1A CLA QD . 49.90 -10.65 -13.31
O2A CLA QD . 48.93 -12.24 -12.10
NB CLA QD . 43.79 -7.66 -14.75
C1B CLA QD . 43.28 -8.81 -15.22
C2B CLA QD . 41.81 -8.80 -15.12
C3B CLA QD . 41.47 -7.60 -14.56
C4B CLA QD . 42.72 -6.85 -14.31
CMB CLA QD . 40.99 -9.92 -15.57
CAB CLA QD . 40.19 -7.05 -14.23
CBB CLA QD . 39.20 -6.85 -15.10
NC CLA QD . 45.28 -5.28 -13.92
C1C CLA QD . 44.02 -4.88 -13.56
C2C CLA QD . 44.10 -3.57 -12.94
C3C CLA QD . 45.44 -3.20 -12.93
C4C CLA QD . 46.17 -4.29 -13.54
CMC CLA QD . 42.95 -2.81 -12.45
CAC CLA QD . 46.03 -1.97 -12.41
CBC CLA QD . 46.23 -0.94 -13.49
ND CLA QD . 47.62 -6.50 -14.79
C1D CLA QD . 48.25 -5.33 -14.30
C2D CLA QD . 49.69 -5.43 -14.56
C3D CLA QD . 49.90 -6.64 -15.16
C4D CLA QD . 48.58 -7.29 -15.24
CMD CLA QD . 50.66 -4.40 -14.24
CAD CLA QD . 50.85 -7.55 -15.74
OBD CLA QD . 52.03 -7.38 -15.97
CBD CLA QD . 50.10 -8.86 -16.06
CGD CLA QD . 50.20 -9.19 -17.52
O1D CLA QD . 49.40 -8.89 -18.40
O2D CLA QD . 51.32 -9.88 -17.86
CED CLA QD . 51.75 -9.77 -19.21
C1 CLA QD . 49.63 -11.76 -10.94
C2 CLA QD . 48.74 -11.95 -9.78
C3 CLA QD . 48.51 -10.99 -8.87
C4 CLA QD . 49.13 -9.66 -8.97
C5 CLA QD . 47.61 -11.21 -7.71
C6 CLA QD . 48.27 -10.84 -6.40
C7 CLA QD . 49.08 -12.01 -5.88
C8 CLA QD . 48.20 -12.95 -5.08
C9 CLA QD . 48.39 -12.73 -3.59
C10 CLA QD . 48.45 -14.40 -5.49
C11 CLA QD . 49.69 -15.00 -4.85
C12 CLA QD . 49.66 -16.51 -5.00
C13 CLA QD . 50.65 -17.20 -4.10
C14 CLA QD . 52.08 -16.86 -4.49
C15 CLA QD . 50.44 -18.71 -4.14
C16 CLA QD . 50.60 -19.23 -5.56
C17 CLA QD . 49.64 -20.34 -5.87
C18 CLA QD . 50.20 -21.23 -6.98
C19 CLA QD . 49.11 -21.96 -7.70
C20 CLA QD . 51.19 -22.21 -6.40
MG CLA RD . 34.72 -13.50 -6.68
CHA CLA RD . 33.99 -15.18 -9.60
CHB CLA RD . 33.96 -16.28 -4.90
CHC CLA RD . 35.58 -11.85 -3.83
CHD CLA RD . 35.44 -10.62 -8.56
NA CLA RD . 34.05 -15.40 -7.19
C1A CLA RD . 33.82 -15.92 -8.46
C2A CLA RD . 33.32 -17.36 -8.37
C3A CLA RD . 33.09 -17.56 -6.86
C4A CLA RD . 33.75 -16.34 -6.24
CMA CLA RD . 31.62 -17.52 -6.59
CAA CLA RD . 34.32 -18.39 -8.87
CBA CLA RD . 35.75 -18.12 -8.50
CGA CLA RD . 36.57 -19.27 -9.00
O1A CLA RD . 36.28 -20.09 -9.87
O2A CLA RD . 37.78 -19.38 -8.40
NB CLA RD . 34.70 -13.96 -4.73
C1B CLA RD . 34.52 -15.20 -4.23
C2B CLA RD . 34.94 -15.23 -2.82
C3B CLA RD . 35.40 -14.00 -2.50
C4B CLA RD . 35.26 -13.16 -3.71
CMB CLA RD . 34.86 -16.42 -2.01
CAB CLA RD . 35.92 -13.53 -1.26
CBB CLA RD . 35.37 -12.56 -0.53
NC CLA RD . 35.36 -11.57 -6.27
C1C CLA RD . 35.62 -11.10 -5.03
C2C CLA RD . 35.98 -9.70 -5.08
C3C CLA RD . 35.98 -9.35 -6.42
C4C CLA RD . 35.59 -10.54 -7.17
CMC CLA RD . 36.30 -8.89 -3.91
CAC CLA RD . 36.25 -8.03 -6.98
CBC CLA RD . 37.71 -7.81 -7.19
ND CLA RD . 34.75 -12.96 -8.61
C1D CLA RD . 35.06 -11.75 -9.24
C2D CLA RD . 34.91 -11.91 -10.69
C3D CLA RD . 34.52 -13.20 -10.89
C4D CLA RD . 34.42 -13.83 -9.56
CMD CLA RD . 35.17 -10.83 -11.63
CAD CLA RD . 34.15 -14.22 -11.84
OBD CLA RD . 34.13 -14.17 -13.06
CBD CLA RD . 33.76 -15.49 -11.04
CGD CLA RD . 32.31 -15.82 -11.24
O1D CLA RD . 31.42 -15.86 -10.40
O2D CLA RD . 31.98 -16.11 -12.52
CED CLA RD . 30.68 -15.72 -12.95
C1 CLA RD . 38.94 -19.64 -9.24
C2 CLA RD . 39.95 -18.64 -8.87
C3 CLA RD . 40.99 -18.28 -9.65
C4 CLA RD . 41.22 -18.86 -10.99
C5 CLA RD . 41.97 -17.25 -9.19
C6 CLA RD . 43.40 -17.78 -9.16
C7 CLA RD . 44.37 -16.62 -9.11
C8 CLA RD . 45.74 -17.02 -8.57
C9 CLA RD . 45.78 -16.93 -7.06
C10 CLA RD . 46.81 -16.13 -9.18
C11 CLA RD . 48.19 -16.43 -8.66
C12 CLA RD . 49.24 -15.56 -9.33
C13 CLA RD . 50.52 -15.51 -8.50
C14 CLA RD . 51.42 -14.38 -8.93
C15 CLA RD . 51.29 -16.83 -8.49
C16 CLA RD . 51.53 -17.39 -9.87
C17 CLA RD . 50.89 -18.75 -10.03
C18 CLA RD . 51.16 -19.40 -11.37
C19 CLA RD . 52.56 -19.97 -11.41
C20 CLA RD . 50.93 -18.43 -12.52
MG CLA SD . -12.89 -28.25 -29.44
CHA CLA SD . -9.55 -27.58 -28.87
CHB CLA SD . -13.59 -27.56 -26.19
CHC CLA SD . -16.20 -28.89 -30.10
CHD CLA SD . -12.06 -29.16 -32.77
NA CLA SD . -11.74 -27.62 -27.82
C1A CLA SD . -10.36 -27.38 -27.78
C2A CLA SD . -9.93 -26.95 -26.37
C3A CLA SD . -11.24 -27.05 -25.54
C4A CLA SD . -12.28 -27.41 -26.59
CMA CLA SD . -11.14 -28.13 -24.50
CAA CLA SD . -9.38 -25.53 -26.29
CBA CLA SD . -10.19 -24.49 -27.04
CGA CLA SD . -9.56 -23.15 -26.80
NB CLA SD . -14.57 -28.29 -28.33
C1B CLA SD . -14.66 -27.90 -27.04
C2B CLA SD . -16.08 -27.86 -26.62
C3B CLA SD . -16.83 -28.24 -27.71
C4B CLA SD . -15.88 -28.50 -28.83
CMB CLA SD . -16.51 -27.48 -25.27
CAB CLA SD . -18.26 -28.33 -27.85
CBB CLA SD . -18.98 -29.42 -28.09
NC CLA SD . -13.92 -28.87 -31.13
C1C CLA SD . -15.28 -29.06 -31.19
C2C CLA SD . -15.64 -29.49 -32.52
C3C CLA SD . -14.49 -29.59 -33.27
C4C CLA SD . -13.41 -29.18 -32.40
CMC CLA SD . -16.95 -29.81 -33.01
CAC CLA SD . -14.41 -30.00 -34.67
CBC CLA SD . -14.18 -31.48 -34.82
ND CLA SD . -11.27 -28.24 -30.64
C1D CLA SD . -11.05 -28.73 -31.95
C2D CLA SD . -9.61 -28.70 -32.27
C3D CLA SD . -8.98 -28.24 -31.13
C4D CLA SD . -10.06 -28.01 -30.13
CMD CLA SD . -9.05 -29.10 -33.55
CAD CLA SD . -7.74 -27.91 -30.49
OBD CLA SD . -6.60 -27.89 -30.97
CBD CLA SD . -8.06 -27.57 -29.01
CGD CLA SD . -7.48 -28.55 -28.05
O1D CLA SD . -6.79 -28.32 -27.05
O2D CLA SD . -7.77 -29.84 -28.35
CED CLA SD . -7.53 -30.81 -27.33
C1 PQN TD . 32.65 -4.03 -8.96
O1 PQN TD . 31.89 -4.22 -7.81
C2 PQN TD . 34.00 -4.18 -8.92
C2M PQN TD . 34.64 -4.53 -7.57
C3 PQN TD . 34.77 -3.99 -10.08
C4 PQN TD . 34.13 -3.69 -11.26
O4 PQN TD . 34.88 -3.51 -12.42
C5 PQN TD . 32.72 -3.54 -11.30
C6 PQN TD . 32.08 -3.22 -12.51
C7 PQN TD . 30.70 -3.09 -12.51
C8 PQN TD . 29.95 -3.26 -11.35
C9 PQN TD . 30.58 -3.58 -10.17
C10 PQN TD . 31.99 -3.72 -10.17
C11 PQN TD . 36.31 -4.15 -10.09
C12 PQN TD . 36.71 -5.63 -10.29
C13 PQN TD . 37.86 -5.88 -11.27
C14 PQN TD . 37.83 -4.91 -12.41
C15 PQN TD . 37.62 -7.28 -11.81
C16 PQN TD . 38.02 -8.37 -10.80
C17 PQN TD . 39.50 -8.23 -10.40
C18 PQN TD . 40.26 -9.55 -10.48
C19 PQN TD . 40.16 -10.06 -11.90
C20 PQN TD . 39.65 -10.51 -9.43
C21 PQN TD . 39.11 -11.86 -9.97
C22 PQN TD . 39.14 -12.96 -8.87
C23 PQN TD . 38.35 -14.19 -9.25
C24 PQN TD . 38.66 -15.27 -8.25
C25 PQN TD . 38.80 -14.66 -10.65
C26 PQN TD . 38.12 -15.98 -11.05
C27 PQN TD . 37.75 -15.99 -12.56
C28 PQN TD . 38.28 -17.25 -13.26
C29 PQN TD . 37.72 -18.49 -12.61
C30 PQN TD . 37.92 -17.20 -14.74
C1 BCR UD . -3.61 -49.14 -34.73
C2 BCR UD . -4.86 -48.26 -34.81
C3 BCR UD . -4.49 -46.81 -34.61
C4 BCR UD . -3.99 -46.61 -33.19
C5 BCR UD . -3.10 -47.75 -32.76
C6 BCR UD . -2.65 -48.65 -33.67
C7 BCR UD . -1.30 -49.28 -33.80
C8 BCR UD . -0.19 -49.08 -33.09
C9 BCR UD . 1.02 -49.87 -33.40
C10 BCR UD . 1.68 -50.37 -32.36
C11 BCR UD . 2.89 -51.18 -32.41
C33 BCR UD . -2.87 -47.84 -31.27
C31 BCR UD . -2.92 -49.12 -36.08
C32 BCR UD . -3.97 -50.56 -34.30
C34 BCR UD . 1.49 -50.07 -34.80
C12 BCR UD . 3.28 -51.55 -31.20
C13 BCR UD . 4.45 -52.39 -30.89
C14 BCR UD . 4.66 -52.70 -29.60
C15 BCR UD . 5.77 -53.56 -29.18
C16 BCR UD . 5.87 -53.88 -27.90
C17 BCR UD . 6.93 -54.79 -27.46
C18 BCR UD . 7.24 -54.96 -26.16
C19 BCR UD . 8.29 -55.94 -25.81
C20 BCR UD . 8.27 -56.55 -24.62
C21 BCR UD . 9.30 -57.54 -24.29
C22 BCR UD . 9.32 -58.16 -23.10
C23 BCR UD . 10.37 -59.17 -22.85
C24 BCR UD . 10.95 -59.35 -21.65
C25 BCR UD . 12.00 -60.38 -21.42
C26 BCR UD . 13.23 -60.23 -21.92
C27 BCR UD . 14.12 -61.44 -22.05
C28 BCR UD . 14.19 -62.04 -20.68
C29 BCR UD . 12.82 -62.51 -20.22
C30 BCR UD . 11.65 -61.59 -20.58
C35 BCR UD . 5.33 -52.91 -31.97
C36 BCR UD . 6.52 -54.20 -25.09
C37 BCR UD . 8.31 -57.84 -22.05
C38 BCR UD . 13.82 -58.91 -22.35
C39 BCR UD . 11.00 -61.08 -19.30
C40 BCR UD . 10.67 -62.45 -21.33
C1 BCR VD . 18.27 -56.23 -24.76
C2 BCR VD . 17.14 -57.16 -24.27
C3 BCR VD . 16.12 -57.53 -25.33
C4 BCR VD . 15.58 -56.26 -25.94
C5 BCR VD . 16.74 -55.60 -26.65
C6 BCR VD . 17.96 -55.52 -26.07
C7 BCR VD . 19.05 -54.77 -26.75
C8 BCR VD . 19.31 -53.46 -26.62
C9 BCR VD . 20.45 -52.87 -27.36
C10 BCR VD . 20.86 -51.61 -27.13
C11 BCR VD . 20.27 -50.69 -26.17
C33 BCR VD . 16.47 -55.07 -28.03
C31 BCR VD . 19.53 -57.06 -24.97
C32 BCR VD . 18.51 -55.23 -23.65
C34 BCR VD . 21.16 -53.70 -28.39
C12 BCR VD . 21.05 -49.72 -25.68
C13 BCR VD . 20.56 -48.74 -24.71
C14 BCR VD . 21.43 -47.97 -24.01
C15 BCR VD . 20.98 -46.97 -23.04
C16 BCR VD . 21.84 -46.11 -22.49
C17 BCR VD . 21.39 -45.10 -21.53
C18 BCR VD . 22.21 -44.15 -21.04
C19 BCR VD . 21.67 -43.17 -20.09
C20 BCR VD . 22.40 -42.22 -19.51
C21 BCR VD . 21.69 -41.33 -18.59
C22 BCR VD . 22.23 -40.30 -17.91
C23 BCR VD . 21.36 -39.51 -17.03
C24 BCR VD . 21.82 -39.17 -15.83
C25 BCR VD . 21.10 -38.39 -14.79
C26 BCR VD . 20.26 -38.95 -13.92
C27 BCR VD . 20.50 -38.75 -12.44
C28 BCR VD . 21.77 -37.91 -12.26
C29 BCR VD . 21.68 -36.66 -13.12
C30 BCR VD . 21.35 -36.93 -14.58
C35 BCR VD . 19.10 -48.58 -24.51
C36 BCR VD . 23.65 -44.07 -21.46
C37 BCR VD . 23.68 -39.97 -18.04
C38 BCR VD . 19.07 -39.75 -14.35
C39 BCR VD . 22.49 -36.47 -15.45
C40 BCR VD . 20.11 -36.16 -15.01
C1 BCR WD . 18.13 -63.05 -24.61
C2 BCR WD . 17.29 -62.47 -25.76
C3 BCR WD . 17.49 -60.98 -25.91
C4 BCR WD . 18.95 -60.62 -26.19
C5 BCR WD . 19.90 -61.59 -25.53
C6 BCR WD . 19.49 -62.39 -24.55
C7 BCR WD . 20.37 -62.71 -23.41
C8 BCR WD . 20.76 -61.79 -22.53
C9 BCR WD . 21.64 -62.19 -21.42
C10 BCR WD . 22.34 -61.32 -20.72
C11 BCR WD . 22.31 -59.90 -20.99
C33 BCR WD . 21.31 -61.65 -26.02
C31 BCR WD . 18.34 -64.53 -24.82
C32 BCR WD . 17.39 -62.80 -23.31
C34 BCR WD . 21.75 -63.63 -21.04
C12 BCR WD . 22.63 -59.11 -19.98
C13 BCR WD . 22.66 -57.66 -20.09
C14 BCR WD . 23.25 -56.97 -19.12
C15 BCR WD . 23.34 -55.52 -19.17
C16 BCR WD . 23.91 -54.89 -18.16
C17 BCR WD . 24.01 -53.43 -18.22
C18 BCR WD . 24.72 -52.75 -17.32
C19 BCR WD . 24.78 -51.29 -17.50
C20 BCR WD . 25.19 -50.44 -16.57
C21 BCR WD . 25.17 -49.04 -16.95
C22 BCR WD . 25.22 -48.05 -16.06
C23 BCR WD . 25.28 -48.36 -14.63
C24 BCR WD . 25.73 -47.43 -13.77
C25 BCR WD . 25.86 -47.60 -12.30
C26 BCR WD . 26.85 -48.32 -11.75
C27 BCR WD . 26.88 -48.62 -10.27
C28 BCR WD . 26.34 -47.43 -9.52
C29 BCR WD . 24.91 -47.25 -9.98
C30 BCR WD . 24.88 -46.83 -11.44
C35 BCR WD . 22.03 -56.98 -21.28
C36 BCR WD . 25.44 -53.44 -16.21
C37 BCR WD . 25.21 -46.63 -16.51
C38 BCR WD . 28.02 -48.86 -12.52
C39 BCR WD . 25.29 -45.39 -11.53
C40 BCR WD . 23.45 -46.99 -11.95
C1 BCR XD . -13.20 -36.53 -26.23
C2 BCR XD . -12.92 -37.87 -26.91
C3 BCR XD . -12.68 -39.01 -25.93
C4 BCR XD . -11.55 -38.66 -24.98
C5 BCR XD . -11.91 -37.36 -24.30
C6 BCR XD . -12.30 -36.33 -25.04
C7 BCR XD . -11.89 -34.95 -24.69
C8 BCR XD . -10.61 -34.58 -24.72
C9 BCR XD . -10.24 -33.20 -24.37
C10 BCR XD . -8.99 -32.97 -24.00
C11 BCR XD . -8.52 -31.62 -23.66
C33 BCR XD . -11.88 -37.29 -22.80
C31 BCR XD . -14.63 -36.45 -25.72
C32 BCR XD . -12.98 -35.43 -27.27
C34 BCR XD . -11.25 -32.08 -24.46
C12 BCR XD . -7.23 -31.41 -23.81
C13 BCR XD . -6.59 -30.12 -23.55
C14 BCR XD . -5.26 -30.09 -23.65
C15 BCR XD . -4.48 -28.89 -23.41
C16 BCR XD . -3.20 -28.91 -23.74
C17 BCR XD . -2.43 -27.71 -23.48
C18 BCR XD . -1.20 -27.48 -23.97
C19 BCR XD . -0.58 -26.21 -23.58
C20 BCR XD . 0.48 -25.69 -24.18
C21 BCR XD . 0.84 -24.44 -23.54
C22 BCR XD . 2.04 -23.86 -23.59
C23 BCR XD . 2.17 -22.62 -22.83
C24 BCR XD . 3.32 -22.29 -22.26
C25 BCR XD . 3.41 -21.02 -21.50
C26 BCR XD . 2.82 -20.92 -20.33
C27 BCR XD . 1.94 -19.72 -20.02
C28 BCR XD . 2.62 -18.47 -20.58
C29 BCR XD . 3.18 -18.66 -21.99
C30 BCR XD . 4.15 -19.82 -22.04
C35 BCR XD . -7.39 -28.91 -23.22
C36 BCR XD . -0.45 -28.45 -24.83
C37 BCR XD . 3.18 -24.45 -24.36
C38 BCR XD . 3.04 -21.99 -19.32
C39 BCR XD . 5.35 -19.49 -21.17
C40 BCR XD . 4.58 -20.13 -23.46
C1 BCR YD . -3.96 -37.02 -12.65
C2 BCR YD . -3.25 -37.64 -11.45
C3 BCR YD . -3.72 -37.06 -10.12
C4 BCR YD . -3.66 -35.54 -10.11
C5 BCR YD . -4.41 -35.04 -11.31
C6 BCR YD . -4.06 -35.52 -12.49
C7 BCR YD . -3.82 -34.61 -13.62
C8 BCR YD . -2.87 -33.69 -13.51
C9 BCR YD . -2.59 -32.77 -14.63
C10 BCR YD . -1.71 -31.79 -14.45
C11 BCR YD . -1.37 -30.87 -15.52
C33 BCR YD . -5.54 -34.08 -11.18
C31 BCR YD . -5.37 -37.59 -12.76
C32 BCR YD . -3.20 -37.36 -13.92
C34 BCR YD . -3.28 -32.95 -15.95
C12 BCR YD . -0.24 -30.20 -15.36
C13 BCR YD . 0.25 -29.24 -16.37
C14 BCR YD . 1.50 -28.80 -16.23
C15 BCR YD . 2.08 -27.87 -17.19
C16 BCR YD . 3.19 -27.20 -16.89
C17 BCR YD . 3.70 -26.33 -17.91
C18 BCR YD . 4.90 -25.73 -17.86
C19 BCR YD . 5.28 -24.90 -19.00
C20 BCR YD . 6.43 -24.28 -19.14
C21 BCR YD . 6.54 -23.54 -20.39
C22 BCR YD . 7.60 -22.81 -20.74
C23 BCR YD . 7.57 -22.13 -22.03
C24 BCR YD . 8.69 -21.71 -22.60
C25 BCR YD . 8.66 -21.02 -23.91
C26 BCR YD . 8.31 -19.74 -24.01
C27 BCR YD . 7.70 -19.19 -25.27
C28 BCR YD . 8.11 -19.98 -26.50
C29 BCR YD . 9.33 -20.85 -26.29
C30 BCR YD . 9.10 -21.79 -25.12
C35 BCR YD . -0.62 -28.80 -17.51
C36 BCR YD . 5.83 -25.93 -16.70
C37 BCR YD . 8.77 -22.69 -19.85
C38 BCR YD . 8.55 -18.78 -22.88
C39 BCR YD . 10.39 -22.49 -24.77
C40 BCR YD . 8.08 -22.87 -25.49
C1 BCR ZD . 37.43 -25.36 1.18
C2 BCR ZD . 37.19 -26.22 2.41
C3 BCR ZD . 36.24 -25.52 3.36
C4 BCR ZD . 34.90 -25.42 2.68
C5 BCR ZD . 35.02 -24.73 1.35
C6 BCR ZD . 36.17 -24.69 0.67
C7 BCR ZD . 36.29 -24.05 -0.68
C8 BCR ZD . 36.55 -22.75 -0.83
C9 BCR ZD . 36.70 -22.09 -2.13
C10 BCR ZD . 36.87 -20.77 -2.10
C11 BCR ZD . 37.05 -19.91 -3.26
C33 BCR ZD . 33.76 -24.12 0.82
C31 BCR ZD . 37.96 -26.23 0.07
C32 BCR ZD . 38.49 -24.35 1.61
C34 BCR ZD . 36.72 -22.87 -3.40
C12 BCR ZD . 37.59 -18.75 -2.93
C13 BCR ZD . 37.89 -17.69 -3.90
C14 BCR ZD . 38.27 -16.51 -3.43
C15 BCR ZD . 38.59 -15.39 -4.31
C16 BCR ZD . 38.98 -14.25 -3.75
C17 BCR ZD . 39.33 -13.11 -4.61
C18 BCR ZD . 39.56 -11.91 -4.09
C19 BCR ZD . 39.92 -10.79 -4.96
C20 BCR ZD . 40.32 -9.63 -4.44
C21 BCR ZD . 40.68 -8.51 -5.30
C22 BCR ZD . 40.90 -7.29 -4.79
C23 BCR ZD . 41.28 -6.17 -5.65
C24 BCR ZD . 40.31 -5.58 -6.37
C25 BCR ZD . 40.38 -4.43 -7.31
C26 BCR ZD . 40.89 -4.50 -8.55
C27 BCR ZD . 40.67 -3.42 -9.57
C28 BCR ZD . 39.52 -2.52 -9.20
C29 BCR ZD . 39.77 -2.03 -7.79
C30 BCR ZD . 39.71 -3.17 -6.80
C35 BCR ZD . 37.76 -17.95 -5.36
C36 BCR ZD . 39.48 -11.70 -2.61
C37 BCR ZD . 40.79 -7.07 -3.32
C38 BCR ZD . 41.70 -5.65 -9.05
C39 BCR ZD . 38.27 -3.52 -6.49
C40 BCR ZD . 40.39 -2.73 -5.52
C1A DGD AE . 30.50 -12.06 -18.86
C2A DGD AE . 31.91 -12.42 -18.82
C3A DGD AE . 32.27 -12.95 -17.43
C4A DGD AE . 31.87 -14.40 -17.32
C5A DGD AE . 32.60 -15.03 -16.16
C6A DGD AE . 33.29 -16.29 -16.61
C7A DGD AE . 33.01 -17.30 -15.52
C8A DGD AE . 34.28 -18.02 -15.17
C9A DGD AE . 33.93 -19.07 -14.14
CAA DGD AE . 33.15 -20.16 -14.82
CBA DGD AE . 33.25 -21.42 -14.01
CCA DGD AE . 32.07 -22.27 -14.41
CDA DGD AE . 32.29 -23.66 -13.82
CEA DGD AE . 30.96 -24.35 -13.79
O1A DGD AE . 29.73 -11.95 -17.93
C1B DGD AE . 26.56 -13.63 -20.62
C2B DGD AE . 26.90 -15.02 -20.99
C3B DGD AE . 25.75 -15.89 -20.64
C4B DGD AE . 26.01 -16.58 -19.32
C5B DGD AE . 24.73 -17.33 -19.08
C6B DGD AE . 24.11 -16.69 -17.86
C7B DGD AE . 24.30 -17.71 -16.80
C8B DGD AE . 23.39 -17.33 -15.69
C9B DGD AE . 23.51 -18.43 -14.70
CAB DGD AE . 23.61 -17.72 -13.39
CBB DGD AE . 23.31 -18.81 -12.43
CCB DGD AE . 23.47 -18.25 -11.06
CDB DGD AE . 24.79 -18.85 -10.68
CEB DGD AE . 24.55 -20.17 -10.03
CFB DGD AE . 25.88 -20.44 -9.38
CGB DGD AE . 25.94 -21.88 -9.01
CHB DGD AE . 25.52 -22.00 -7.56
CIB DGD AE . 26.48 -22.93 -6.87
O1B DGD AE . 25.85 -13.30 -19.70
O1G DGD AE . 30.02 -12.25 -20.11
C1G DGD AE . 28.74 -11.79 -20.40
C2G DGD AE . 28.29 -12.43 -21.70
O2G DGD AE . 26.95 -12.75 -21.58
C3G DGD AE . 28.34 -11.31 -22.73
O3G DGD AE . 27.23 -11.65 -23.52
C1D DGD AE . 27.52 -11.69 -24.86
C2D DGD AE . 26.21 -12.15 -25.57
O2D DGD AE . 26.59 -13.11 -26.50
C3D DGD AE . 25.64 -10.93 -26.32
O3D DGD AE . 25.53 -9.93 -25.40
C4D DGD AE . 26.69 -10.35 -27.29
O4D DGD AE . 26.26 -9.11 -27.73
C5D DGD AE . 28.01 -10.10 -26.50
O5D DGD AE . 28.64 -8.48 -27.96
C6D DGD AE . 28.51 -8.65 -26.58
O6D DGD AE . 27.81 -10.33 -25.13
C1E DGD AE . 29.64 -7.61 -28.37
C2E DGD AE . 29.08 -6.84 -29.60
O2E DGD AE . 27.92 -6.23 -29.18
C3E DGD AE . 28.75 -7.85 -30.71
O3E DGD AE . 28.37 -7.09 -31.80
C4E DGD AE . 30.03 -8.65 -31.06
O4E DGD AE . 31.02 -7.75 -31.38
C5E DGD AE . 30.48 -9.36 -29.78
O6E DGD AE . 30.72 -8.44 -28.74
C6E DGD AE . 31.83 -10.03 -29.96
O5E DGD AE . 31.59 -11.12 -30.83
O1 LHG BE . -16.84 -26.00 -34.06
C1 LHG BE . -17.82 -25.04 -33.70
C2 LHG BE . -17.65 -24.69 -32.26
O2 LHG BE . -16.99 -23.45 -32.13
C3 LHG BE . -16.81 -25.69 -31.50
O3 LHG BE . -15.52 -25.13 -31.66
P LHG BE . -14.43 -25.06 -30.46
O4 LHG BE . -14.11 -26.46 -30.02
O5 LHG BE . -13.60 -23.89 -30.79
O6 LHG BE . -15.53 -24.58 -29.32
C4 LHG BE . -15.72 -23.21 -29.11
C5 LHG BE . -16.88 -23.16 -28.12
C6 LHG BE . -16.52 -23.87 -26.82
O7 LHG BE . -17.07 -21.78 -27.82
C7 LHG BE . -18.32 -21.32 -28.12
O9 LHG BE . -18.85 -21.53 -29.20
C8 LHG BE . -18.67 -20.20 -27.20
C9 LHG BE . -19.70 -20.67 -26.19
C10 LHG BE . -19.12 -21.70 -25.26
O8 LHG BE . -15.12 -23.63 -26.63
C23 LHG BE . -14.77 -22.60 -25.82
O10 LHG BE . -14.39 -21.56 -26.33
C24 LHG BE . -14.62 -22.80 -24.34
C11 LHG BE . -19.50 -21.18 -23.90
C12 LHG BE . -18.61 -21.81 -22.90
C13 LHG BE . -17.46 -20.85 -22.68
C14 LHG BE . -16.65 -21.21 -21.47
C15 LHG BE . -15.75 -20.02 -21.22
C25 LHG BE . -13.21 -22.82 -23.82
C26 LHG BE . -12.54 -24.19 -23.79
C27 LHG BE . -11.11 -23.87 -23.48
C28 LHG BE . -10.34 -24.94 -22.75
C29 LHG BE . -10.23 -24.48 -21.32
C30 LHG BE . -8.85 -24.38 -20.72
C31 LHG BE . -7.67 -24.62 -21.64
C32 LHG BE . -6.36 -24.07 -21.13
C33 LHG BE . -5.31 -25.16 -21.27
C34 LHG BE . -4.19 -24.83 -22.22
FE1 SF4 CE . 26.03 8.76 -30.78
FE2 SF4 CE . 28.08 8.16 -28.83
FE3 SF4 CE . 28.22 10.60 -30.37
FE4 SF4 CE . 28.74 8.05 -31.68
S1 SF4 CE . 29.51 9.03 -30.05
S2 SF4 CE . 27.42 9.66 -32.01
S3 SF4 CE . 27.26 7.17 -30.42
S4 SF4 CE . 26.80 9.76 -29.17
FE1 SF4 DE . 17.20 13.87 -34.97
FE2 SF4 DE . 19.88 13.33 -35.91
FE3 SF4 DE . 18.55 15.81 -36.71
FE4 SF4 DE . 17.69 13.21 -37.75
S1 SF4 DE . 19.48 14.24 -37.69
S2 SF4 DE . 16.76 14.75 -36.79
S3 SF4 DE . 18.13 12.34 -35.97
S4 SF4 DE . 19.01 14.89 -34.89
MG CLA EE . -1.09 6.93 -10.70
CHA CLA EE . -4.00 8.52 -9.79
CHB CLA EE . 0.72 9.22 -8.99
CHC CLA EE . 1.73 5.03 -11.25
CHD CLA EE . -2.99 4.48 -12.33
NA CLA EE . -1.58 8.66 -9.67
C1A CLA EE . -2.86 9.13 -9.35
C2A CLA EE . -2.76 10.42 -8.54
C3A CLA EE . -1.25 10.74 -8.55
C4A CLA EE . -0.64 9.46 -9.10
CMA CLA EE . -0.95 11.94 -9.39
CAA CLA EE . -3.18 10.19 -7.11
CBA CLA EE . -4.29 11.13 -6.75
CGA CLA EE . -4.62 11.02 -5.29
O1A CLA EE . -3.85 11.05 -4.34
O2A CLA EE . -5.95 10.86 -5.04
NB CLA EE . 0.84 7.11 -10.23
C1B CLA EE . 1.38 8.09 -9.48
C2B CLA EE . 2.83 7.79 -9.27
C3B CLA EE . 3.10 6.63 -9.91
C4B CLA EE . 1.85 6.18 -10.55
CMB CLA EE . 3.75 8.60 -8.51
CAB CLA EE . 4.34 5.93 -10.03
CBB CLA EE . 5.33 6.39 -10.78
NC CLA EE . -0.69 5.14 -11.68
C1C CLA EE . 0.52 4.54 -11.79
C2C CLA EE . 0.41 3.28 -12.49
C3C CLA EE . -0.92 3.12 -12.79
C4C CLA EE . -1.61 4.29 -12.28
CMC CLA EE . 1.51 2.35 -12.77
CAC CLA EE . -1.53 1.99 -13.49
CBC CLA EE . -1.82 2.32 -14.92
ND CLA EE . -3.02 6.64 -11.19
C1D CLA EE . -3.66 5.56 -11.82
C2D CLA EE . -5.10 5.78 -11.80
C3D CLA EE . -5.30 6.89 -11.02
C4D CLA EE . -3.97 7.37 -10.63
CMD CLA EE . -6.06 4.90 -12.47
CAD CLA EE . -6.26 7.81 -10.46
OBD CLA EE . -7.47 7.89 -10.63
CBD CLA EE . -5.48 8.79 -9.56
CGD CLA EE . -5.84 10.21 -9.86
O1D CLA EE . -5.16 11.05 -10.44
O2D CLA EE . -7.08 10.56 -9.42
CED CLA EE . -7.19 11.87 -8.91
C1 CLA EE . -6.42 11.41 -3.79
C2 CLA EE . -7.82 10.96 -3.61
C3 CLA EE . -8.40 10.81 -2.41
C4 CLA EE . -7.66 11.07 -1.16
C5 CLA EE . -9.80 10.35 -2.27
C6 CLA EE . -10.82 11.42 -2.60
C7 CLA EE . -11.42 12.04 -1.35
C8 CLA EE . -12.72 12.78 -1.65
C9 CLA EE . -12.51 13.79 -2.75
C10 CLA EE . -13.29 13.45 -0.40
C11 CLA EE . -12.50 14.67 0.03
C12 CLA EE . -13.22 15.45 1.12
MG CLA FE . -12.04 3.90 1.57
CHA CLA FE . -15.18 5.22 1.00
CHB CLA FE . -13.31 2.03 4.09
CHC CLA FE . -8.90 2.64 2.15
CHD CLA FE . -10.76 5.92 -1.02
NA CLA FE . -13.96 3.64 2.36
C1A CLA FE . -15.13 4.29 2.00
C2A CLA FE . -16.31 3.80 2.83
C3A CLA FE . -15.65 2.89 3.87
C4A CLA FE . -14.21 2.81 3.41
CMA CLA FE . -15.73 3.47 5.25
CAA CLA FE . -17.24 2.93 1.99
CBA CLA FE . -18.64 3.49 1.87
NB CLA FE . -11.25 2.63 2.90
C1B CLA FE . -11.95 1.91 3.81
C2B CLA FE . -11.06 0.98 4.53
C3B CLA FE . -9.80 1.14 4.01
C4B CLA FE . -9.90 2.19 2.95
CMB CLA FE . -11.55 0.07 5.56
CAB CLA FE . -8.57 0.47 4.34
CBB CLA FE . -8.00 0.51 5.55
NC CLA FE . -10.18 4.19 0.68
C1C CLA FE . -9.03 3.56 1.08
C2C CLA FE . -7.93 4.01 0.24
C3C CLA FE . -8.45 4.96 -0.63
C4C CLA FE . -9.87 5.07 -0.36
CMC CLA FE . -6.54 3.55 0.34
CAC CLA FE . -7.72 5.66 -1.67
CBC CLA FE . -7.87 4.86 -2.93
ND CLA FE . -12.77 5.15 0.16
C1D CLA FE . -12.12 5.97 -0.81
C2D CLA FE . -13.14 6.83 -1.45
C3D CLA FE . -14.32 6.58 -0.80
C4D CLA FE . -14.03 5.55 0.21
CMD CLA FE . -12.87 7.76 -2.55
CAD CLA FE . -15.73 6.89 -0.70
OBD CLA FE . -16.43 7.60 -1.42
CBD CLA FE . -16.28 6.11 0.52
CGD CLA FE . -16.82 7.00 1.61
O1D CLA FE . -16.56 6.98 2.81
O2D CLA FE . -17.72 7.93 1.17
CED CLA FE . -19.01 7.48 0.79
MG CLA GE . -16.88 -26.12 -2.86
CHA CLA GE . -18.81 -28.63 -1.40
CHB CLA GE . -14.12 -28.03 -2.47
CHC CLA GE . -15.11 -23.77 -4.61
CHD CLA GE . -19.84 -24.30 -3.48
NA CLA GE . -16.53 -27.98 -1.98
C1A CLA GE . -17.45 -28.88 -1.44
C2A CLA GE . -16.74 -30.13 -0.93
C3A CLA GE . -15.24 -29.76 -1.04
C4A CLA GE . -15.28 -28.50 -1.89
CMA CLA GE . -14.57 -29.53 0.28
CAA CLA GE . -17.00 -31.31 -1.83
NB CLA GE . -14.94 -25.90 -3.35
C1B CLA GE . -14.02 -26.87 -3.26
C2B CLA GE . -12.83 -26.55 -4.11
C3B CLA GE . -13.11 -25.34 -4.71
C4B CLA GE . -14.45 -24.91 -4.22
CMB CLA GE . -11.69 -27.44 -4.20
CAB CLA GE . -12.41 -24.51 -5.65
CBB CLA GE . -11.10 -24.43 -5.87
NC CLA GE . -17.37 -24.31 -3.76
C1C CLA GE . -16.47 -23.50 -4.37
C2C CLA GE . -17.15 -22.30 -4.87
C3C CLA GE . -18.51 -22.48 -4.63
C4C CLA GE . -18.64 -23.75 -3.93
CMC CLA GE . -16.51 -21.22 -5.58
CAC CLA GE . -19.60 -21.58 -4.99
CBC CLA GE . -19.88 -20.48 -3.99
ND CLA GE . -18.84 -26.28 -2.42
C1D CLA GE . -19.96 -25.49 -2.80
C2D CLA GE . -21.20 -26.13 -2.31
C3D CLA GE . -20.80 -27.32 -1.74
C4D CLA GE . -19.34 -27.39 -1.88
CMD CLA GE . -22.52 -25.55 -2.44
CAD CLA GE . -21.24 -28.49 -1.05
OBD CLA GE . -22.34 -28.76 -0.58
CBD CLA GE . -20.02 -29.43 -0.96
CGD CLA GE . -19.93 -30.06 0.40
O1D CLA GE . -20.13 -29.53 1.49
O2D CLA GE . -19.63 -31.39 0.38
CED CLA GE . -20.56 -32.27 -0.27
C1 BCR HE . -13.57 -18.18 -2.46
C2 BCR HE . -13.60 -17.09 -1.40
C3 BCR HE . -14.99 -16.90 -0.85
C4 BCR HE . -15.90 -16.46 -1.97
C5 BCR HE . -15.85 -17.48 -3.08
C6 BCR HE . -14.68 -17.99 -3.47
C7 BCR HE . -14.47 -18.38 -4.88
C8 BCR HE . -14.43 -17.45 -5.83
C9 BCR HE . -14.25 -17.78 -7.24
C10 BCR HE . -14.29 -16.77 -8.10
C11 BCR HE . -14.10 -16.94 -9.53
C33 BCR HE . -17.15 -17.92 -3.67
C31 BCR HE . -13.75 -19.54 -1.81
C32 BCR HE . -12.21 -18.13 -3.13
C34 BCR HE . -14.01 -19.19 -7.70
C12 BCR HE . -13.80 -15.80 -10.12
C13 BCR HE . -13.56 -15.60 -11.54
C14 BCR HE . -13.45 -14.31 -11.92
C15 BCR HE . -13.22 -13.87 -13.28
C16 BCR HE . -13.21 -12.56 -13.45
C17 BCR HE . -12.99 -12.03 -14.79
C18 BCR HE . -13.08 -10.74 -15.03
C19 BCR HE . -13.40 -9.77 -13.96
C20 BCR HE . -13.44 -8.48 -14.31
C21 BCR HE . -13.75 -7.38 -13.42
C22 BCR HE . -13.88 -6.15 -13.94
C23 BCR HE . -14.22 -4.99 -13.10
C24 BCR HE . -13.99 -3.75 -13.55
C25 BCR HE . -14.35 -2.56 -12.75
C26 BCR HE . -15.63 -2.26 -12.57
C27 BCR HE . -16.13 -1.73 -11.24
C28 BCR HE . -14.98 -1.64 -10.26
C29 BCR HE . -13.84 -0.90 -10.95
C30 BCR HE . -13.31 -1.67 -12.15
C35 BCR HE . -13.45 -16.73 -12.52
C36 BCR HE . -12.86 -10.26 -16.44
C37 BCR HE . -13.71 -5.92 -15.41
C38 BCR HE . -16.61 -2.41 -13.71
C39 BCR HE . -12.11 -2.48 -11.71
C40 BCR HE . -12.89 -0.69 -13.23
MG CLA IE . 3.24 -65.25 -31.13
CHA CLA IE . 0.84 -67.77 -30.96
CHB CLA IE . 2.75 -64.98 -34.47
CHC CLA IE . 5.54 -62.71 -31.21
CHD CLA IE . 3.86 -65.70 -27.69
NA CLA IE . 1.96 -66.21 -32.48
C1A CLA IE . 1.01 -67.22 -32.21
C2A CLA IE . 0.28 -67.60 -33.50
C3A CLA IE . 0.97 -66.76 -34.59
C4A CLA IE . 1.95 -65.89 -33.80
CMA CLA IE . 1.68 -67.61 -35.61
CAA CLA IE . -1.17 -67.15 -33.41
CBA CLA IE . -1.91 -67.21 -34.73
NB CLA IE . 3.91 -63.97 -32.54
C1B CLA IE . 3.73 -64.15 -33.87
C2B CLA IE . 4.73 -63.37 -34.64
C3B CLA IE . 5.52 -62.72 -33.72
C4B CLA IE . 5.00 -63.09 -32.38
CMB CLA IE . 4.79 -63.38 -36.10
CAB CLA IE . 6.65 -61.84 -33.94
CBB CLA IE . 7.92 -62.09 -33.64
NC CLA IE . 4.45 -64.37 -29.70
C1C CLA IE . 5.29 -63.32 -29.94
C2C CLA IE . 5.95 -62.91 -28.72
C3C CLA IE . 5.53 -63.79 -27.73
C4C CLA IE . 4.57 -64.68 -28.35
CMC CLA IE . 6.92 -61.81 -28.64
CAC CLA IE . 5.92 -63.80 -26.32
CBC CLA IE . 7.04 -64.76 -26.05
ND CLA IE . 2.62 -66.48 -29.65
C1D CLA IE . 2.95 -66.55 -28.27
C2D CLA IE . 2.16 -67.61 -27.63
C3D CLA IE . 1.34 -68.12 -28.61
C4D CLA IE . 1.65 -67.38 -29.84
CMD CLA IE . 2.27 -67.99 -26.21
CAD CLA IE . 0.31 -69.09 -28.93
OBD CLA IE . -0.23 -69.94 -28.21
CBD CLA IE . -0.05 -68.88 -30.43
CGD CLA IE . 0.09 -70.15 -31.21
O1D CLA IE . -0.82 -70.85 -31.69
O2D CLA IE . 1.38 -70.55 -31.40
CED CLA IE . 1.67 -71.94 -31.44
MG CLA JE . -3.45 -62.33 -47.00
CHA CLA JE . -0.44 -62.42 -48.71
CHB CLA JE . -1.91 -61.08 -44.27
CHC CLA JE . -6.45 -62.47 -45.31
CHD CLA JE . -5.06 -63.63 -49.88
NA CLA JE . -1.48 -61.79 -46.59
C1A CLA JE . -0.35 -61.90 -47.43
C2A CLA JE . 0.89 -61.39 -46.68
C3A CLA JE . 0.36 -60.87 -45.33
C4A CLA JE . -1.12 -61.27 -45.38
CMA CLA JE . 1.11 -61.48 -44.17
CAA CLA JE . 1.67 -60.24 -47.31
CBA CLA JE . 3.12 -60.69 -47.46
CGA CLA JE . 3.99 -59.62 -48.02
O1A CLA JE . 4.26 -58.51 -47.57
O2A CLA JE . 4.58 -59.99 -49.20
NB CLA JE . -4.09 -61.74 -45.20
C1B CLA JE . -3.27 -61.41 -44.16
C2B CLA JE . -3.98 -61.48 -42.87
C3B CLA JE . -5.27 -61.88 -43.14
C4B CLA JE . -5.35 -62.06 -44.63
CMB CLA JE . -3.33 -61.20 -41.60
CAB CLA JE . -6.37 -62.14 -42.25
CBB CLA JE . -6.36 -63.03 -41.26
NC CLA JE . -5.39 -62.91 -47.52
C1C CLA JE . -6.47 -62.86 -46.67
C2C CLA JE . -7.67 -63.30 -47.37
C3C CLA JE . -7.28 -63.65 -48.65
C4C CLA JE . -5.85 -63.40 -48.75
CMC CLA JE . -9.01 -63.37 -46.80
CAC CLA JE . -8.16 -64.13 -49.73
CBC CLA JE . -8.57 -62.97 -50.60
ND CLA JE . -2.93 -62.99 -48.85
C1D CLA JE . -3.69 -63.46 -49.95
C2D CLA JE . -2.79 -63.71 -51.10
C3D CLA JE . -1.53 -63.38 -50.66
C4D CLA JE . -1.67 -62.89 -49.27
CMD CLA JE . -3.21 -64.26 -52.40
CAD CLA JE . -0.13 -63.28 -51.02
OBD CLA JE . 0.44 -63.58 -52.06
CBD CLA JE . 0.59 -62.61 -49.81
CGD CLA JE . 1.78 -63.40 -49.34
O1D CLA JE . 1.79 -64.25 -48.45
O2D CLA JE . 2.94 -63.08 -49.97
CED CLA JE . 3.54 -64.05 -50.82
C1 BCR KE . 3.95 -57.98 -24.43
C2 BCR KE . 3.14 -59.01 -23.65
C3 BCR KE . 3.99 -60.17 -23.17
C4 BCR KE . 4.70 -60.84 -24.33
C5 BCR KE . 5.45 -59.79 -25.10
C6 BCR KE . 4.82 -58.67 -25.44
C7 BCR KE . 4.97 -58.11 -26.81
C8 BCR KE . 4.47 -58.81 -27.83
C9 BCR KE . 4.52 -58.37 -29.23
C10 BCR KE . 4.30 -59.29 -30.17
C11 BCR KE . 4.29 -59.03 -31.60
C33 BCR KE . 6.90 -59.99 -25.43
C31 BCR KE . 4.87 -57.21 -23.49
C32 BCR KE . 2.99 -57.00 -25.09
C34 BCR KE . 4.77 -56.95 -29.61
C12 BCR KE . 3.61 -59.95 -32.25
C13 BCR KE . 3.39 -60.01 -33.70
C14 BCR KE . 2.45 -60.82 -34.17
C15 BCR KE . 2.14 -61.00 -35.58
C16 BCR KE . 1.38 -62.03 -35.94
C17 BCR KE . 1.09 -62.20 -37.35
C18 BCR KE . 0.36 -63.24 -37.79
C19 BCR KE . 0.12 -63.31 -39.24
C20 BCR KE . -0.88 -64.05 -39.70
C21 BCR KE . -1.09 -64.11 -41.13
C22 BCR KE . -1.85 -65.08 -41.67
C23 BCR KE . -2.03 -65.11 -43.13
C24 BCR KE . -2.49 -66.23 -43.71
C25 BCR KE . -2.70 -66.39 -45.17
C26 BCR KE . -1.66 -66.43 -46.01
C27 BCR KE . -1.80 -65.91 -47.42
C28 BCR KE . -3.07 -66.48 -48.02
C29 BCR KE . -4.26 -66.11 -47.15
C30 BCR KE . -4.11 -66.58 -45.70
C35 BCR KE . 4.20 -59.20 -34.67
C36 BCR KE . -0.20 -64.28 -36.88
C37 BCR KE . -2.50 -66.12 -40.81
C38 BCR KE . -0.34 -67.01 -45.60
C39 BCR KE . -4.43 -68.07 -45.62
C40 BCR KE . -5.10 -65.79 -44.85
MG CLA LE . -13.86 11.15 16.82
CHA CLA LE . -15.75 11.21 19.72
CHB CLA LE . -16.53 9.96 15.08
CHC CLA LE . -12.06 11.47 13.91
CHD CLA LE . -11.18 12.57 18.61
NA CLA LE . -15.79 10.60 17.35
C1A CLA LE . -16.41 10.75 18.61
C2A CLA LE . -17.86 10.25 18.54
C3A CLA LE . -17.96 9.64 17.13
C4A CLA LE . -16.68 10.10 16.45
CMA CLA LE . -18.04 8.13 17.19
CAA CLA LE . -18.86 11.39 18.67
CBA CLA LE . -18.42 12.71 18.07
NB CLA LE . -14.22 10.79 14.87
C1B CLA LE . -15.38 10.32 14.36
C2B CLA LE . -15.27 10.20 12.88
C3B CLA LE . -14.02 10.63 12.54
C4B CLA LE . -13.33 10.99 13.80
CMB CLA LE . -16.35 9.72 12.02
CAB CLA LE . -13.40 10.70 11.25
CBB CLA LE . -13.20 11.84 10.56
NC CLA LE . -11.94 11.81 16.36
C1C CLA LE . -11.41 11.83 15.11
C2C CLA LE . -10.06 12.38 15.15
C3C CLA LE . -9.82 12.73 16.48
C4C CLA LE . -11.01 12.37 17.23
CMC CLA LE . -9.20 12.53 13.98
CAC CLA LE . -8.61 13.33 17.02
CBC CLA LE . -7.53 12.32 17.30
ND CLA LE . -13.41 11.59 18.74
C1D CLA LE . -12.29 12.21 19.33
C2D CLA LE . -12.55 12.42 20.78
C3D CLA LE . -13.85 12.03 20.98
C4D CLA LE . -14.36 11.58 19.67
CMD CLA LE . -11.60 12.95 21.74
CAD CLA LE . -14.91 11.88 21.95
OBD CLA LE . -14.89 12.04 23.16
CBD CLA LE . -16.17 11.45 21.14
CGD CLA LE . -16.80 10.22 21.73
O1D CLA LE . -16.23 9.25 22.24
O2D CLA LE . -18.16 10.20 21.66
CED CLA LE . -18.91 11.17 22.40
C1 BCR ME . 7.78 16.45 13.28
C2 BCR ME . 7.94 17.94 12.99
C3 BCR ME . 7.00 18.82 13.79
C4 BCR ME . 5.58 18.41 13.49
C5 BCR ME . 5.45 17.00 14.01
C6 BCR ME . 6.37 16.07 13.70
C7 BCR ME . 6.11 14.61 13.82
C8 BCR ME . 5.29 13.93 13.02
C9 BCR ME . 5.12 12.49 13.22
C10 BCR ME . 4.15 11.90 12.54
C11 BCR ME . 3.89 10.47 12.63
C33 BCR ME . 4.25 16.73 14.88
C31 BCR ME . 8.74 16.05 14.39
C32 BCR ME . 8.18 15.71 12.02
C34 BCR ME . 6.03 11.72 14.12
C12 BCR ME . 2.71 10.10 12.17
C13 BCR ME . 2.26 8.71 12.12
C14 BCR ME . 0.96 8.48 12.09
C15 BCR ME . 0.44 7.13 12.02
C16 BCR ME . -0.85 6.91 12.18
C17 BCR ME . -1.31 5.55 12.05
C18 BCR ME . -2.59 5.31 11.75
C19 BCR ME . -3.00 3.93 11.60
C20 BCR ME . -3.91 3.64 10.69
C21 BCR ME . -4.27 2.24 10.56
C22 BCR ME . -5.28 1.79 9.81
C23 BCR ME . -5.50 0.35 9.79
C24 BCR ME . -6.59 -0.16 9.27
C25 BCR ME . -6.81 -1.62 9.22
C26 BCR ME . -6.18 -2.38 8.33
C27 BCR ME . -6.07 -3.84 8.57
C28 BCR ME . -7.51 -4.27 8.68
C29 BCR ME . -8.16 -3.66 9.91
C30 BCR ME . -7.80 -2.22 10.21
C35 BCR ME . 3.25 7.60 12.10
C36 BCR ME . -3.57 6.43 11.56
C37 BCR ME . -6.16 2.70 9.01
C38 BCR ME . -5.66 -1.85 7.02
C39 BCR ME . -7.24 -2.14 11.62
C40 BCR ME . -9.07 -1.39 10.16
C1A DGD NE . -16.79 -7.98 10.89
C2A DGD NE . -15.33 -8.23 10.80
C3A DGD NE . -15.03 -9.53 10.12
C4A DGD NE . -13.55 -9.57 9.81
C5A DGD NE . -13.32 -10.16 8.44
C6A DGD NE . -12.47 -11.40 8.54
C7A DGD NE . -11.42 -11.23 7.48
C8A DGD NE . -10.73 -12.54 7.25
C9A DGD NE . -10.82 -12.85 5.79
CAA DGD NE . -9.80 -13.89 5.47
CBA DGD NE . -9.41 -13.78 4.01
CCA DGD NE . -8.41 -12.67 3.94
CDA DGD NE . -7.98 -12.55 2.50
CEA DGD NE . -7.09 -13.71 2.20
CFA DGD NE . -6.97 -13.88 0.71
CGA DGD NE . -6.29 -15.21 0.46
CHA DGD NE . -4.82 -15.03 0.36
CIA DGD NE . -4.19 -15.95 1.37
O1A DGD NE . -17.60 -7.92 9.99
C1B DGD NE . -19.50 -3.88 13.12
C2B DGD NE . -20.82 -3.57 12.50
C3B DGD NE . -21.36 -2.26 12.98
C4B DGD NE . -20.82 -1.11 12.14
C5B DGD NE . -21.61 0.09 12.62
C6B DGD NE . -20.79 1.33 12.29
C7B DGD NE . -21.70 2.17 11.44
C8B DGD NE . -21.74 3.53 12.11
C9B DGD NE . -20.47 4.24 11.75
CAB DGD NE . -20.66 4.68 10.33
O1B DGD NE . -18.86 -3.16 13.86
O1G DGD NE . -17.03 -7.42 12.11
C1G DGD NE . -18.34 -7.32 12.59
C2G DGD NE . -18.42 -6.05 13.42
O2G DGD NE . -18.96 -5.03 12.59
C3G DGD NE . -19.43 -6.38 14.54
O3G DGD NE . -18.57 -6.22 15.65
C1D DGD NE . -18.87 -7.03 16.75
C2D DGD NE . -17.49 -7.27 17.42
O2D DGD NE . -17.06 -8.49 16.89
C3D DGD NE . -17.65 -7.49 18.95
O3D DGD NE . -16.41 -7.27 19.57
C4D DGD NE . -18.66 -6.51 19.61
O4D DGD NE . -18.23 -5.19 19.50
C5D DGD NE . -19.98 -6.59 18.81
O5D DGD NE . -22.21 -6.19 19.48
C6D DGD NE . -20.98 -5.53 19.30
O6D DGD NE . -19.73 -6.18 17.50
C1E DGD NE . -23.35 -5.39 19.33
C2E DGD NE . -23.34 -4.25 20.37
O2E DGD NE . -23.35 -4.85 21.63
C3E DGD NE . -24.61 -3.37 20.18
O3E DGD NE . -24.47 -2.77 18.93
C4E DGD NE . -25.90 -4.26 20.23
O4E DGD NE . -26.96 -3.57 19.63
C5E DGD NE . -25.75 -5.64 19.46
O6E DGD NE . -24.45 -6.23 19.54
C6E DGD NE . -26.02 -5.51 17.93
O5E DGD NE . -26.68 -6.69 17.56
C1 LMG OE . -13.32 23.97 -4.68
O1 LMG OE . -13.59 23.65 -3.35
C2 LMG OE . -12.75 25.43 -4.70
O2 LMG OE . -13.85 26.24 -4.47
C3 LMG OE . -12.24 25.68 -6.16
O3 LMG OE . -11.61 26.92 -6.13
C4 LMG OE . -11.23 24.60 -6.56
O4 LMG OE . -10.21 24.58 -5.63
C5 LMG OE . -11.95 23.26 -6.44
O5 LMG OE . -10.63 22.48 -8.18
C6 LMG OE . -10.99 22.16 -6.88
O6 LMG OE . -12.30 23.04 -5.09
C7 LMG OE . -12.47 23.37 -2.54
C8 LMG OE . -13.05 22.72 -1.27
C9 LMG OE . -12.50 23.47 -0.04
O7 LMG OE . -14.44 22.94 -1.26
C10 LMG OE . -15.26 21.88 -1.42
O9 LMG OE . -15.67 21.63 -2.55
C11 LMG OE . -15.84 21.37 -0.15
C12 LMG OE . -16.99 20.43 -0.44
C13 LMG OE . -17.93 20.25 0.74
C14 LMG OE . -17.40 19.09 1.60
C15 LMG OE . -18.48 18.05 1.79
C16 LMG OE . -18.67 17.27 0.49
C17 LMG OE . -19.23 15.90 0.83
C18 LMG OE . -18.08 15.06 1.38
C19 LMG OE . -18.18 13.67 0.79
C20 LMG OE . -18.06 12.71 1.93
C21 LMG OE . -18.56 11.38 1.44
O8 LMG OE . -11.28 22.85 0.28
C28 LMG OE . -11.33 21.57 0.68
O10 LMG OE . -10.71 20.72 0.05
C29 LMG OE . -11.92 21.36 2.04
C30 LMG OE . -12.16 19.90 2.29
C31 LMG OE . -11.44 19.52 3.56
C32 LMG OE . -12.16 20.19 4.72
C33 LMG OE . -12.04 19.29 5.93
C34 LMG OE . -10.65 19.40 6.50
C35 LMG OE . -10.47 20.84 7.00
C36 LMG OE . -9.07 21.24 6.61
MG CLA PE . 43.64 63.38 24.79
CHA CLA PE . 40.38 62.36 24.16
CHB CLA PE . 42.92 66.48 23.70
CHC CLA PE . 46.89 64.32 25.46
CHD CLA PE . 44.30 60.23 26.26
NA CLA PE . 41.90 64.25 24.03
C1A CLA PE . 40.63 63.70 23.85
C2A CLA PE . 39.64 64.76 23.33
C3A CLA PE . 40.47 66.07 23.41
C4A CLA PE . 41.88 65.59 23.72
CMA CLA PE . 40.39 66.96 22.20
CAA CLA PE . 38.45 65.00 24.24
CBA CLA PE . 37.14 64.80 23.52
CGA CLA PE . 36.60 66.10 23.00
O1A CLA PE . 35.63 66.31 22.26
O2A CLA PE . 37.28 67.19 23.46
NB CLA PE . 44.68 65.08 24.64
C1B CLA PE . 44.26 66.20 24.01
C2B CLA PE . 45.41 67.12 23.73
C3B CLA PE . 46.52 66.49 24.24
C4B CLA PE . 46.08 65.21 24.84
CMB CLA PE . 45.27 68.40 23.08
CAB CLA PE . 47.89 66.92 24.29
CBB CLA PE . 48.45 67.47 25.38
NC CLA PE . 45.28 62.43 25.68
C1C CLA PE . 46.51 63.02 25.86
C2C CLA PE . 47.41 62.09 26.53
C3C CLA PE . 46.67 60.93 26.76
C4C CLA PE . 45.34 61.16 26.24
CMC CLA PE . 48.81 62.40 26.86
CAC CLA PE . 47.12 59.70 27.42
CBC CLA PE . 46.83 59.72 28.89
ND CLA PE . 42.68 61.63 25.04
C1D CLA PE . 43.06 60.43 25.70
C2D CLA PE . 41.93 59.49 25.67
C3D CLA PE . 40.91 60.14 25.00
C4D CLA PE . 41.40 61.49 24.69
CMD CLA PE . 42.01 58.14 26.21
CAD CLA PE . 39.54 60.06 24.53
OBD CLA PE . 38.80 59.10 24.49
CBD CLA PE . 39.14 61.48 24.08
CGD CLA PE . 38.51 61.49 22.71
O1D CLA PE . 38.90 62.06 21.70
O2D CLA PE . 37.34 60.81 22.64
CED CLA PE . 36.91 60.35 21.35
C1 BCR QE . 28.69 38.57 37.19
C2 BCR QE . 27.58 39.01 38.13
C3 BCR QE . 26.18 38.95 37.55
C4 BCR QE . 26.20 39.55 36.16
C5 BCR QE . 27.04 38.62 35.35
C6 BCR QE . 28.28 38.35 35.74
C7 BCR QE . 29.33 37.83 34.85
C8 BCR QE . 29.82 38.57 33.85
C9 BCR QE . 30.89 38.12 32.96
C10 BCR QE . 30.97 38.68 31.74
C11 BCR QE . 32.03 38.35 30.82
C33 BCR QE . 26.39 37.98 34.15
C31 BCR QE . 29.27 37.27 37.69
C32 BCR QE . 29.77 39.65 37.23
C34 BCR QE . 31.88 37.10 33.40
C12 BCR QE . 32.21 39.19 29.82
C13 BCR QE . 33.32 38.98 28.88
C14 BCR QE . 33.57 39.90 27.94
C15 BCR QE . 34.72 39.74 27.07
C16 BCR QE . 35.18 40.80 26.42
C17 BCR QE . 36.38 40.65 25.60
C18 BCR QE . 36.75 41.58 24.72
C19 BCR QE . 38.01 41.36 23.98
C20 BCR QE . 38.51 42.31 23.22
C21 BCR QE . 39.77 42.06 22.56
C22 BCR QE . 40.42 43.02 21.91
C23 BCR QE . 41.71 42.69 21.31
C24 BCR QE . 42.75 43.48 21.55
C25 BCR QE . 44.07 43.14 20.98
C26 BCR QE . 44.58 41.96 21.22
C27 BCR QE . 45.10 41.18 20.05
C28 BCR QE . 46.21 42.04 19.48
C29 BCR QE . 45.74 43.45 19.13
C30 BCR QE . 44.83 44.13 20.16
C35 BCR QE . 34.18 37.76 29.02
C36 BCR QE . 35.96 42.82 24.50
C37 BCR QE . 39.88 44.40 21.78
C38 BCR QE . 44.74 41.41 22.61
C39 BCR QE . 43.85 45.03 19.41
C40 BCR QE . 45.66 45.03 21.07
MG CLA RE . 49.10 32.81 33.10
CHA CLA RE . 47.76 29.68 33.72
CHB CLA RE . 51.52 32.24 35.41
CHC CLA RE . 50.36 35.94 32.46
CHD CLA RE . 46.53 33.39 30.74
NA CLA RE . 49.55 31.19 34.34
C1A CLA RE . 48.89 29.96 34.45
C2A CLA RE . 49.56 29.06 35.49
C3A CLA RE . 50.73 29.93 36.01
C4A CLA RE . 50.62 31.21 35.20
CMA CLA RE . 50.57 30.22 37.47
CAA CLA RE . 50.13 27.71 35.02
CBA CLA RE . 50.55 27.62 33.56
CGA CLA RE . 50.78 26.19 33.19
O1A CLA RE . 51.29 25.30 33.87
O2A CLA RE . 50.36 25.86 31.93
NB CLA RE . 50.65 33.88 33.80
C1B CLA RE . 51.51 33.47 34.76
C2B CLA RE . 52.45 34.59 35.08
C3B CLA RE . 52.14 35.64 34.26
C4B CLA RE . 50.98 35.20 33.42
CMB CLA RE . 53.49 34.44 36.10
CAB CLA RE . 52.73 36.93 34.14
CBB CLA RE . 53.44 37.37 33.08
NC CLA RE . 48.56 34.36 31.80
C1C CLA RE . 49.24 35.53 31.70
C2C CLA RE . 48.61 36.38 30.70
C3C CLA RE . 47.50 35.69 30.22
C4C CLA RE . 47.49 34.41 30.92
CMC CLA RE . 49.07 37.71 30.33
CAC CLA RE . 46.54 36.12 29.20
CBC CLA RE . 46.89 35.63 27.82
ND CLA RE . 47.54 31.81 32.32
C1D CLA RE . 46.55 32.18 31.38
C2D CLA RE . 45.58 31.09 31.25
C3D CLA RE . 46.00 30.10 32.13
C4D CLA RE . 47.21 30.61 32.77
CMD CLA RE . 44.44 31.10 30.35
CAD CLA RE . 45.73 28.79 32.68
OBD CLA RE . 44.82 28.01 32.42
CBD CLA RE . 46.83 28.50 33.72
CGD CLA RE . 46.25 28.34 35.08
O1D CLA RE . 45.81 29.23 35.81
O2D CLA RE . 46.22 27.06 35.55
CED CLA RE . 46.00 26.86 36.94
C1 CLA RE . 51.06 24.77 31.28
C2 CLA RE . 50.14 24.17 30.28
C3 CLA RE . 50.54 23.55 29.16
C4 CLA RE . 51.97 23.41 28.80
C5 CLA RE . 49.56 22.96 28.21
C6 CLA RE . 48.77 23.98 27.42
C7 CLA RE . 48.06 23.34 26.25
C8 CLA RE . 46.58 23.72 26.16
C9 CLA RE . 45.87 23.35 27.45
C10 CLA RE . 45.87 23.04 24.99
C11 CLA RE . 46.59 23.20 23.68
C12 CLA RE . 46.45 24.59 23.10
C13 CLA RE . 47.06 24.71 21.71
C14 CLA RE . 46.54 23.64 20.77
C15 CLA RE . 48.58 24.72 21.75
C16 CLA RE . 49.21 25.34 20.50
C17 CLA RE . 48.60 26.68 20.15
C18 CLA RE . 49.61 27.82 20.07
C19 CLA RE . 49.85 28.21 18.64
C20 CLA RE . 49.10 29.00 20.86
MG CLA SE . 37.54 47.35 35.52
CHA CLA SE . 40.01 48.98 37.26
CHB CLA SE . 36.79 50.24 33.88
CHC CLA SE . 35.04 45.71 33.88
CHD CLA SE . 38.23 44.40 37.37
NA CLA SE . 38.33 49.27 35.55
C1A CLA SE . 39.38 49.76 36.34
C2A CLA SE . 39.64 51.24 36.05
C3A CLA SE . 38.57 51.60 35.01
C4A CLA SE . 37.85 50.28 34.77
CMA CLA SE . 37.62 52.64 35.54
CAA CLA SE . 40.98 51.50 35.42
CBA CLA SE . 41.40 52.94 35.59
CGA CLA SE . 42.70 53.13 34.87
O1A CLA SE . 43.13 52.49 33.90
O2A CLA SE . 43.45 54.15 35.38
NB CLA SE . 36.21 47.86 34.12
C1B CLA SE . 36.02 49.11 33.61
C2B CLA SE . 34.84 49.13 32.72
C3B CLA SE . 34.34 47.85 32.71
C4B CLA SE . 35.21 47.03 33.60
CMB CLA SE . 34.39 50.34 32.04
CAB CLA SE . 33.20 47.30 32.03
CBB CLA SE . 33.08 47.20 30.70
NC CLA SE . 36.82 45.40 35.58
C1C CLA SE . 35.80 44.95 34.79
C2C CLA SE . 35.55 43.54 35.07
C3C CLA SE . 36.44 43.17 36.08
C4C CLA SE . 37.23 44.34 36.39
CMC CLA SE . 34.54 42.74 34.41
CAC CLA SE . 36.58 41.86 36.69
CBC CLA SE . 37.69 41.06 36.07
ND CLA SE . 38.85 46.74 36.92
C1D CLA SE . 38.99 45.51 37.64
C2D CLA SE . 40.04 45.68 38.66
C3D CLA SE . 40.47 46.98 38.56
C4D CLA SE . 39.69 47.60 37.47
CMD CLA SE . 40.47 44.64 39.59
CAD CLA SE . 41.36 47.99 39.06
OBD CLA SE . 42.23 47.88 39.92
CBD CLA SE . 41.05 49.30 38.30
CGD CLA SE . 40.43 50.33 39.18
O1D CLA SE . 40.52 51.55 39.08
O2D CLA SE . 39.68 49.81 40.18
CED CLA SE . 39.84 50.36 41.48
C1 CLA SE . 43.01 55.50 35.12
MG CLA TE . 53.51 47.21 21.99
CHA CLA TE . 56.01 47.94 19.71
CHB CLA TE . 51.78 45.58 19.58
CHC CLA TE . 51.13 46.39 24.33
CHD CLA TE . 55.38 48.84 24.51
NA CLA TE . 53.85 46.86 19.96
C1A CLA TE . 54.96 47.23 19.19
C2A CLA TE . 54.78 46.74 17.75
C3A CLA TE . 53.37 46.13 17.74
C4A CLA TE . 52.95 46.18 19.19
CMA CLA TE . 52.44 46.95 16.88
CAA CLA TE . 55.80 45.69 17.33
CBA CLA TE . 55.81 44.47 18.23
CGA CLA TE . 57.19 44.17 18.72
O1A CLA TE . 57.62 43.12 19.21
O2A CLA TE . 58.05 45.22 18.59
NB CLA TE . 51.77 46.21 21.96
C1B CLA TE . 51.26 45.56 20.88
C2B CLA TE . 50.03 44.84 21.28
C3B CLA TE . 49.85 45.06 22.61
C4B CLA TE . 50.94 45.94 23.07
CMB CLA TE . 49.26 44.05 20.32
CAB CLA TE . 48.83 44.58 23.50
CBB CLA TE . 48.55 43.30 23.75
NC CLA TE . 53.30 47.58 24.03
C1C CLA TE . 52.23 47.17 24.79
C2C CLA TE . 52.41 47.60 26.17
C3C CLA TE . 53.62 48.27 26.22
C4C CLA TE . 54.17 48.26 24.88
CMC CLA TE . 51.48 47.32 27.25
CAC CLA TE . 54.24 48.89 27.40
CBC CLA TE . 55.11 47.92 28.14
ND CLA TE . 55.26 48.21 22.14
C1D CLA TE . 55.91 48.82 23.24
C2D CLA TE . 57.17 49.41 22.77
C3D CLA TE . 57.25 49.12 21.43
C4D CLA TE . 56.05 48.35 21.08
CMD CLA TE . 58.11 50.15 23.61
CAD CLA TE . 58.02 49.28 20.22
OBD CLA TE . 59.05 49.91 20.04
CBD CLA TE . 57.28 48.49 19.10
CGD CLA TE . 57.03 49.34 17.88
O1D CLA TE . 56.77 50.54 17.84
O2D CLA TE . 57.12 48.67 16.71
CED CLA TE . 56.32 49.14 15.61
C1 BCR UE . 38.58 39.46 30.66
C2 BCR UE . 38.68 38.04 31.20
C3 BCR UE . 38.37 38.06 32.69
C4 BCR UE . 36.92 38.44 32.91
C5 BCR UE . 36.46 39.51 31.95
C6 BCR UE . 37.25 40.08 31.05
C7 BCR UE . 36.89 41.33 30.35
C8 BCR UE . 36.98 42.54 30.89
C9 BCR UE . 36.62 43.74 30.12
C10 BCR UE . 36.75 44.93 30.71
C11 BCR UE . 36.45 46.19 30.03
C33 BCR UE . 35.01 39.88 32.04
C31 BCR UE . 38.69 39.45 29.15
C32 BCR UE . 39.71 40.28 31.26
C34 BCR UE . 36.15 43.61 28.71
C12 BCR UE . 37.16 47.20 30.48
C13 BCR UE . 37.09 48.58 29.97
C14 BCR UE . 37.88 49.51 30.54
C15 BCR UE . 37.90 50.89 30.09
C16 BCR UE . 38.78 51.72 30.65
C17 BCR UE . 38.83 53.09 30.20
C18 BCR UE . 39.55 54.04 30.82
C19 BCR UE . 39.54 55.41 30.28
C20 BCR UE . 40.45 56.30 30.65
C21 BCR UE . 40.39 57.64 30.08
C22 BCR UE . 41.13 58.65 30.56
C23 BCR UE . 41.02 59.99 29.96
C24 BCR UE . 41.68 61.01 30.51
C25 BCR UE . 41.59 62.36 29.92
C26 BCR UE . 40.40 62.94 29.70
C27 BCR UE . 40.12 63.49 28.33
C28 BCR UE . 41.39 63.57 27.51
C29 BCR UE . 42.61 64.00 28.33
C30 BCR UE . 42.82 63.16 29.58
C35 BCR UE . 36.19 48.93 28.83
C36 BCR UE . 40.35 53.72 32.04
C37 BCR UE . 42.08 58.44 31.70
C38 BCR UE . 39.38 63.10 30.80
C39 BCR UE . 43.13 64.06 30.77
C40 BCR UE . 44.00 62.22 29.34
C1B LMU VE . 35.71 46.76 48.88
C2B LMU VE . 36.07 47.65 50.08
C3B LMU VE . 37.02 47.02 51.04
C4B LMU VE . 36.85 45.54 51.22
C5B LMU VE . 36.81 44.78 49.88
C6B LMU VE . 35.62 43.89 49.85
O1B LMU VE . 35.58 47.52 47.75
O2B LMU VE . 36.66 48.88 49.62
O3B LMU VE . 36.86 47.69 52.32
O4' LMU VE . 37.95 45.03 52.00
O5B LMU VE . 36.74 45.68 48.71
O6B LMU VE . 35.86 42.85 48.95
C1' LMU VE . 36.81 46.37 43.83
C2' LMU VE . 35.44 45.90 44.33
C3' LMU VE . 35.10 46.18 45.78
C4' LMU VE . 36.14 46.94 46.55
C5' LMU VE . 36.69 48.09 45.71
C6' LMU VE . 37.70 48.84 46.53
O1' LMU VE . 36.71 46.47 42.47
O2' LMU VE . 34.44 46.50 43.51
O3' LMU VE . 34.82 44.89 46.38
O5' LMU VE . 37.31 47.65 44.43
O6' LMU VE . 37.24 50.15 46.77
C1 LMU VE . 37.71 47.23 41.82
C2 LMU VE . 37.10 47.80 40.49
C3 LMU VE . 35.99 46.85 39.96
C4 LMU VE . 35.63 47.28 38.50
C5 LMU VE . 34.65 48.47 38.54
C6 LMU VE . 33.21 47.97 38.24
C7 LMU VE . 33.12 47.47 36.78
C8 LMU VE . 32.57 48.61 35.88
C9 LMU VE . 31.09 48.88 36.23
C10 LMU VE . 30.36 49.48 35.03
C11 LMU VE . 31.00 50.83 34.61
C12 LMU VE . 30.29 51.37 33.35
C1 BCR WE . 56.67 -1.39 -5.21
C2 BCR WE . 57.67 -1.51 -6.33
C3 BCR WE . 58.38 -2.83 -6.13
C4 BCR WE . 59.31 -2.70 -4.94
C5 BCR WE . 58.57 -2.12 -3.77
C6 BCR WE . 57.27 -1.78 -3.87
C7 BCR WE . 56.40 -1.73 -2.68
C8 BCR WE . 55.97 -2.82 -2.05
C9 BCR WE . 55.11 -2.69 -0.88
C10 BCR WE . 54.42 -3.73 -0.42
C11 BCR WE . 54.48 -5.03 -1.07
C33 BCR WE . 59.35 -1.91 -2.52
C31 BCR WE . 55.54 -2.34 -5.55
C32 BCR WE . 56.16 0.03 -5.11
C34 BCR WE . 55.01 -1.38 -0.17
C12 BCR WE . 53.82 -6.01 -0.48
C13 BCR WE . 53.81 -7.37 -1.02
C14 BCR WE . 53.76 -8.37 -0.13
C15 BCR WE . 53.77 -9.77 -0.52
C16 BCR WE . 53.29 -10.68 0.32
C17 BCR WE . 53.35 -12.08 -0.06
C18 BCR WE . 52.64 -13.03 0.55
C19 BCR WE . 52.81 -14.42 0.10
C20 BCR WE . 52.52 -15.45 0.88
C21 BCR WE . 52.74 -16.76 0.29
C22 BCR WE . 52.50 -17.91 0.91
C23 BCR WE . 52.81 -19.14 0.16
C24 BCR WE . 52.66 -20.36 0.69
C25 BCR WE . 53.01 -21.55 -0.11
C26 BCR WE . 54.28 -21.83 -0.38
C27 BCR WE . 54.68 -22.49 -1.68
C28 BCR WE . 53.68 -23.58 -2.01
C29 BCR WE . 52.26 -23.04 -1.96
C30 BCR WE . 51.92 -22.49 -0.58
C35 BCR WE . 53.87 -7.62 -2.50
C36 BCR WE . 51.68 -12.71 1.63
C37 BCR WE . 51.94 -17.97 2.29
C38 BCR WE . 55.38 -21.53 0.60
C39 BCR WE . 51.83 -23.62 0.42
C40 BCR WE . 50.59 -21.78 -0.68
MG CLA XE . 74.25 -4.41 -3.70
CHA CLA XE . 76.45 -6.90 -4.74
CHB CLA XE . 72.92 -6.55 -1.42
CHC CLA XE . 72.19 -1.88 -2.59
CHD CLA XE . 75.69 -2.22 -6.06
NA CLA XE . 74.65 -6.40 -3.18
C1A CLA XE . 75.61 -7.27 -3.73
C2A CLA XE . 75.55 -8.62 -3.04
C3A CLA XE . 74.28 -8.53 -2.16
C4A CLA XE . 73.92 -7.04 -2.23
CMA CLA XE . 73.15 -9.32 -2.72
CAA CLA XE . 76.76 -8.82 -2.14
CBA CLA XE . 76.62 -10.03 -1.24
CGA CLA XE . 77.15 -9.73 0.13
O1A CLA XE . 78.27 -9.35 0.47
O2A CLA XE . 76.22 -9.92 1.11
NB CLA XE . 72.75 -4.28 -2.36
C1B CLA XE . 72.48 -5.21 -1.41
C2B CLA XE . 71.63 -4.65 -0.32
C3B CLA XE . 71.42 -3.32 -0.65
C4B CLA XE . 72.12 -3.07 -1.95
CMB CLA XE . 71.20 -5.43 0.83
CAB CLA XE . 70.69 -2.29 0.05
CBB CLA XE . 69.41 -2.37 0.44
NC CLA XE . 73.98 -2.42 -4.24
C1C CLA XE . 73.07 -1.57 -3.67
C2C CLA XE . 73.15 -0.26 -4.31
C3C CLA XE . 74.16 -0.35 -5.27
C4C CLA XE . 74.68 -1.71 -5.22
CMC CLA XE . 72.32 0.89 -3.93
CAC CLA XE . 74.66 0.70 -6.17
CBC CLA XE . 75.87 1.40 -5.60
ND CLA XE . 75.78 -4.44 -5.02
C1D CLA XE . 76.21 -3.49 -5.98
C2D CLA XE . 77.25 -4.11 -6.84
C3D CLA XE . 77.38 -5.41 -6.40
C4D CLA XE . 76.43 -5.57 -5.29
CMD CLA XE . 77.93 -3.40 -7.92
CAD CLA XE . 78.07 -6.68 -6.57
OBD CLA XE . 78.97 -6.97 -7.34
CBD CLA XE . 77.44 -7.69 -5.57
CGD CLA XE . 76.75 -8.81 -6.29
O1D CLA XE . 75.64 -8.80 -6.80
O2D CLA XE . 77.49 -9.97 -6.37
CED CLA XE . 76.97 -11.05 -7.17
MG CLA YE . 61.74 -5.41 -4.38
CHA CLA YE . 64.83 -4.17 -5.35
CHB CLA YE . 62.66 -5.19 -1.13
CHC CLA YE . 58.56 -6.32 -3.49
CHD CLA YE . 60.84 -5.58 -7.77
NA CLA YE . 63.49 -4.81 -3.42
C1A CLA YE . 64.66 -4.29 -3.99
C2A CLA YE . 65.69 -3.98 -2.91
C3A CLA YE . 65.03 -4.53 -1.63
C4A CLA YE . 63.61 -4.86 -2.06
CMA CLA YE . 65.72 -5.78 -1.18
CAA CLA YE . 65.93 -2.48 -2.75
CBA CLA YE . 64.68 -1.65 -2.87
CGA CLA YE . 64.92 -0.33 -2.23
O1A CLA YE . 65.35 -0.09 -1.10
O2A CLA YE . 64.61 0.73 -3.05
NB CLA YE . 60.80 -5.75 -2.64
C1B CLA YE . 61.34 -5.54 -1.41
C2B CLA YE . 60.30 -5.74 -0.38
C3B CLA YE . 59.13 -6.07 -1.04
C4B CLA YE . 59.44 -6.06 -2.49
CMB CLA YE . 60.58 -5.59 1.05
CAB CLA YE . 57.83 -6.33 -0.50
CBB CLA YE . 57.21 -7.51 -0.50
NC CLA YE . 60.02 -5.92 -5.45
C1C CLA YE . 58.84 -6.27 -4.88
C2C CLA YE . 57.86 -6.53 -5.92
C3C CLA YE . 58.49 -6.29 -7.14
C4C CLA YE . 59.85 -5.91 -6.82
CMC CLA YE . 56.47 -6.94 -5.69
CAC CLA YE . 57.91 -6.41 -8.47
CBC CLA YE . 57.62 -5.04 -9.05
ND CLA YE . 62.59 -5.04 -6.16
C1D CLA YE . 62.11 -5.18 -7.49
C2D CLA YE . 63.16 -4.82 -8.44
C3D CLA YE . 64.23 -4.41 -7.67
C4D CLA YE . 63.82 -4.56 -6.27
CMD CLA YE . 62.98 -4.88 -9.88
CAD CLA YE . 65.59 -3.93 -7.66
OBD CLA YE . 66.34 -3.72 -8.61
CBD CLA YE . 66.01 -3.74 -6.19
CGD CLA YE . 67.23 -4.56 -5.85
O1D CLA YE . 67.46 -5.72 -6.18
O2D CLA YE . 68.14 -3.90 -5.10
CED CLA YE . 69.25 -4.65 -4.58
MG CLA ZE . 64.08 -8.50 8.03
CHA CLA ZE . 67.21 -9.57 9.11
CHB CLA ZE . 62.60 -10.75 10.11
CHC CLA ZE . 61.02 -7.33 7.02
CHD CLA ZE . 65.67 -6.04 6.06
NA CLA ZE . 64.81 -9.92 9.37
C1A CLA ZE . 66.14 -10.20 9.72
C2A CLA ZE . 66.21 -11.30 10.79
C3A CLA ZE . 64.74 -11.71 10.98
C4A CLA ZE . 63.97 -10.72 10.11
CMA CLA ZE . 64.52 -13.12 10.54
CAA CLA ZE . 66.78 -10.79 12.11
CBA CLA ZE . 65.77 -10.18 13.07
CGA CLA ZE . 65.92 -8.69 13.16
O1A CLA ZE . 65.62 -7.93 14.10
O2A CLA ZE . 66.44 -8.11 12.04
NB CLA ZE . 62.18 -8.91 8.52
C1B CLA ZE . 61.78 -9.92 9.33
C2B CLA ZE . 60.30 -10.08 9.27
C3B CLA ZE . 59.84 -9.12 8.39
C4B CLA ZE . 61.02 -8.37 7.90
CMB CLA ZE . 59.60 -11.11 10.03
CAB CLA ZE . 58.48 -8.84 7.96
CBB CLA ZE . 57.43 -8.63 8.75
NC CLA ZE . 63.47 -6.98 6.74
C1C CLA ZE . 62.16 -6.68 6.47
C2C CLA ZE . 62.11 -5.55 5.55
C3C CLA ZE . 63.43 -5.16 5.29
C4C CLA ZE . 64.27 -6.06 6.06
CMC CLA ZE . 60.85 -4.97 5.04
CAC CLA ZE . 63.92 -4.05 4.46
CBC CLA ZE . 63.83 -4.22 2.97
ND CLA ZE . 65.97 -7.98 7.53
C1D CLA ZE . 66.48 -6.93 6.73
C2D CLA ZE . 67.96 -6.99 6.74
C3D CLA ZE . 68.28 -8.04 7.58
C4D CLA ZE . 67.01 -8.58 8.10
CMD CLA ZE . 68.82 -6.11 5.95
CAD CLA ZE . 69.36 -8.81 8.16
OBD CLA ZE . 70.55 -8.82 7.92
CBD CLA ZE . 68.71 -9.72 9.24
CGD CLA ZE . 69.15 -11.16 9.12
O1D CLA ZE . 70.15 -11.68 9.59
O2D CLA ZE . 68.32 -11.93 8.37
CED CLA ZE . 68.22 -13.31 8.72
C1 BCR AF . 39.49 -21.30 -17.47
C2 BCR AF . 38.74 -22.01 -18.59
C3 BCR AF . 39.66 -22.35 -19.76
C4 BCR AF . 40.15 -21.06 -20.38
C5 BCR AF . 40.68 -20.11 -19.30
C6 BCR AF . 40.65 -20.49 -18.01
C7 BCR AF . 41.75 -20.17 -17.07
C8 BCR AF . 41.88 -19.07 -16.31
C9 BCR AF . 43.05 -18.97 -15.42
C10 BCR AF . 43.81 -17.88 -15.45
C11 BCR AF . 44.97 -17.70 -14.59
C33 BCR AF . 41.20 -18.79 -19.76
C31 BCR AF . 40.03 -22.36 -16.53
C32 BCR AF . 38.54 -20.38 -16.73
C34 BCR AF . 43.37 -20.10 -14.48
C12 BCR AF . 45.87 -16.79 -14.95
C13 BCR AF . 47.08 -16.53 -14.16
C14 BCR AF . 48.06 -15.81 -14.69
C15 BCR AF . 49.28 -15.49 -13.95
C16 BCR AF . 50.05 -14.52 -14.43
C17 BCR AF . 51.29 -14.11 -13.78
C18 BCR AF . 52.04 -13.13 -14.30
C19 BCR AF . 53.27 -12.76 -13.62
C20 BCR AF . 53.85 -11.59 -13.72
C21 BCR AF . 55.07 -11.47 -12.93
C22 BCR AF . 55.79 -10.36 -12.81
C23 BCR AF . 56.99 -10.42 -11.98
C24 BCR AF . 57.21 -9.60 -10.95
C25 BCR AF . 58.43 -9.66 -10.11
C26 BCR AF . 59.52 -8.96 -10.45
C27 BCR AF . 60.82 -9.16 -9.73
C28 BCR AF . 60.49 -9.08 -8.25
C29 BCR AF . 59.56 -10.22 -7.87
C30 BCR AF . 58.40 -10.46 -8.83
C35 BCR AF . 47.18 -17.04 -12.76
C36 BCR AF . 51.68 -12.38 -15.53
C37 BCR AF . 55.38 -9.11 -13.53
C38 BCR AF . 59.49 -7.94 -11.56
C39 BCR AF . 57.09 -10.08 -8.12
C40 BCR AF . 58.37 -11.95 -9.12
MG CLA BF . -38.42 -23.72 -24.11
CHA CLA BF . -39.93 -21.16 -22.33
CHB CLA BF . -35.69 -23.47 -22.11
CHC CLA BF . -36.99 -26.25 -25.88
CHD CLA BF . -41.34 -23.99 -26.09
NA CLA BF . -37.93 -22.49 -22.49
C1A CLA BF . -38.69 -21.50 -21.87
C2A CLA BF . -37.92 -20.87 -20.70
C3A CLA BF . -36.58 -21.61 -20.71
C4A CLA BF . -36.72 -22.61 -21.85
CMA CLA BF . -35.42 -20.69 -20.96
CAA CLA BF . -38.56 -21.11 -19.34
CBA CLA BF . -39.07 -22.53 -19.19
CGA CLA BF . -38.70 -23.09 -17.85
O1A CLA BF . -38.13 -22.52 -16.92
O2A CLA BF . -39.05 -24.41 -17.70
NB CLA BF . -36.69 -24.71 -23.98
C1B CLA BF . -35.68 -24.42 -23.13
C2B CLA BF . -34.50 -25.24 -23.45
C3B CLA BF . -34.84 -26.04 -24.51
C4B CLA BF . -36.24 -25.70 -24.88
CMB CLA BF . -33.24 -25.15 -22.71
CAB CLA BF . -34.04 -26.99 -25.22
CBB CLA BF . -34.33 -28.28 -25.38
NC CLA BF . -39.07 -24.91 -25.68
C1C CLA BF . -38.31 -25.89 -26.25
C2C CLA BF . -39.05 -26.52 -27.33
C3C CLA BF . -40.28 -25.89 -27.39
C4C CLA BF . -40.29 -24.88 -26.34
CMC CLA BF . -38.54 -27.59 -28.18
CAC CLA BF . -41.38 -26.15 -28.32
CBC CLA BF . -41.36 -25.22 -29.51
ND CLA BF . -40.20 -22.80 -24.27
C1D CLA BF . -41.30 -23.01 -25.13
C2D CLA BF . -42.35 -22.03 -24.82
C3D CLA BF . -41.86 -21.27 -23.78
C4D CLA BF . -40.53 -21.82 -23.44
CMD CLA BF . -43.60 -21.93 -25.54
CAD CLA BF . -42.13 -20.20 -22.87
OBD CLA BF . -43.12 -19.49 -22.82
CBD CLA BF . -40.91 -20.08 -21.91
CGD CLA BF . -40.27 -18.74 -22.03
O1D CLA BF . -40.06 -18.09 -23.05
O2D CLA BF . -39.90 -18.19 -20.84
C1 CLA BF . -39.75 -24.80 -16.50
C2 CLA BF . -40.68 -25.88 -16.89
C3 CLA BF . -41.95 -25.98 -16.43
C4 CLA BF . -42.54 -25.01 -15.49
C5 CLA BF . -42.84 -27.09 -16.87
C6 CLA BF . -43.53 -27.81 -15.71
C7 CLA BF . -42.59 -28.77 -15.00
C8 CLA BF . -43.08 -30.21 -15.02
C9 CLA BF . -43.00 -30.79 -16.41
C10 CLA BF . -44.51 -30.33 -14.50
MG CLA CF . -29.59 -31.05 -29.91
CHA CLA CF . -30.28 -28.42 -32.03
CHB CLA CF . -26.73 -31.66 -31.61
CHC CLA CF . -28.86 -33.54 -27.67
CHD CLA CF . -32.53 -30.31 -28.10
NA CLA CF . -28.69 -30.17 -31.56
C1A CLA CF . -29.12 -29.06 -32.29
C2A CLA CF . -28.13 -28.73 -33.42
C3A CLA CF . -27.14 -29.91 -33.36
C4A CLA CF . -27.51 -30.63 -32.07
CMA CLA CF . -27.36 -30.79 -34.56
CAA CLA CF . -27.37 -27.43 -33.18
CBA CLA CF . -27.02 -27.18 -31.74
CGA CLA CF . -25.62 -27.64 -31.47
O1A CLA CF . -24.57 -27.23 -31.96
O2A CLA CF . -25.57 -28.67 -30.57
NB CLA CF . -28.09 -32.36 -29.68
C1B CLA CF . -26.99 -32.42 -30.46
C2B CLA CF . -26.08 -33.48 -29.96
C3B CLA CF . -26.67 -34.02 -28.84
C4B CLA CF . -27.96 -33.32 -28.67
CMB CLA CF . -24.81 -33.78 -30.62
CAB CLA CF . -26.23 -35.07 -27.96
CBB CLA CF . -25.05 -35.14 -27.35
NC CLA CF . -30.55 -31.81 -28.22
C1C CLA CF . -30.08 -32.84 -27.48
C2C CLA CF . -31.00 -33.11 -26.39
C3C CLA CF . -32.02 -32.18 -26.48
C4C CLA CF . -31.73 -31.37 -27.64
CMC CLA CF . -30.81 -34.17 -25.40
CAC CLA CF . -33.19 -32.06 -25.60
CBC CLA CF . -32.87 -31.32 -24.32
ND CLA CF . -31.11 -29.73 -30.01
C1D CLA CF . -32.25 -29.54 -29.21
C2D CLA CF . -33.04 -28.43 -29.77
C3D CLA CF . -32.36 -28.00 -30.88
C4D CLA CF . -31.14 -28.82 -30.96
CMD CLA CF . -34.30 -27.97 -29.19
CAD CLA CF . -32.31 -27.06 -31.99
OBD CLA CF . -33.11 -26.22 -32.34
CBD CLA CF . -30.99 -27.32 -32.76
CGD CLA CF . -31.32 -27.82 -34.12
O1D CLA CF . -31.34 -27.23 -35.20
O2D CLA CF . -31.64 -29.14 -34.12
CED CLA CF . -31.04 -29.98 -35.11
C1 CLA CF . -24.31 -29.35 -30.43
C2 CLA CF . -24.38 -30.05 -29.13
C3 CLA CF . -23.37 -30.73 -28.58
C4 CLA CF . -22.05 -30.86 -29.23
C5 CLA CF . -23.53 -31.38 -27.26
C6 CLA CF . -22.65 -30.67 -26.26
C7 CLA CF . -22.88 -31.16 -24.85
C8 CLA CF . -22.04 -30.38 -23.86
C9 CLA CF . -20.56 -30.56 -24.16
C10 CLA CF . -22.31 -30.81 -22.43
C11 CLA CF . -23.79 -30.78 -22.11
C12 CLA CF . -24.05 -31.33 -20.73
C13 CLA CF . -25.53 -31.64 -20.53
C14 CLA CF . -26.37 -30.41 -20.79
C15 CLA CF . -25.80 -32.17 -19.13
C16 CLA CF . -24.90 -33.34 -18.77
MG CLA DF . -21.73 -38.83 -26.17
CHA CLA DF . -19.63 -38.13 -28.85
CHB CLA DF . -22.07 -35.52 -25.55
CHC CLA DF . -23.71 -39.59 -23.48
CHD CLA DF . -21.18 -42.27 -26.69
NA CLA DF . -21.01 -37.12 -27.11
C1A CLA DF . -20.16 -37.02 -28.22
C2A CLA DF . -19.88 -35.55 -28.54
C3A CLA DF . -20.69 -34.78 -27.48
C4A CLA DF . -21.33 -35.87 -26.65
CMA CLA DF . -19.80 -33.93 -26.62
CAA CLA DF . -20.36 -35.12 -29.92
CBA CLA DF . -19.50 -33.98 -30.40
CGA CLA DF . -18.05 -34.36 -30.22
O2A CLA DF . -17.40 -33.67 -29.23
NB CLA DF . -22.82 -37.76 -24.86
C1B CLA DF . -22.69 -36.43 -24.68
C2B CLA DF . -23.27 -36.04 -23.35
C3B CLA DF . -23.74 -37.18 -22.77
C4B CLA DF . -23.44 -38.29 -23.71
CMB CLA DF . -23.27 -34.67 -22.84
CAB CLA DF . -24.35 -37.39 -21.48
CBB CLA DF . -25.57 -37.87 -21.22
NC CLA DF . -22.38 -40.60 -25.31
C1C CLA DF . -23.21 -40.68 -24.23
C2C CLA DF . -23.49 -42.06 -23.91
C3C CLA DF . -22.74 -42.81 -24.79
C4C CLA DF . -22.05 -41.90 -25.67
CMC CLA DF . -24.36 -42.51 -22.82
CAC CLA DF . -22.71 -44.26 -24.90
CBC CLA DF . -23.82 -44.64 -25.86
ND CLA DF . -20.67 -39.98 -27.43
C1D CLA DF . -20.51 -41.39 -27.50
C2D CLA DF . -19.58 -41.71 -28.59
C3D CLA DF . -19.22 -40.50 -29.15
C4D CLA DF . -19.93 -39.46 -28.38
CMD CLA DF . -19.15 -43.06 -28.94
CAD CLA DF . -18.44 -39.84 -30.17
OBD CLA DF . -17.72 -40.33 -31.01
CBD CLA DF . -18.66 -38.33 -29.99
CGD CLA DF . -17.34 -37.65 -29.74
O1D CLA DF . -16.56 -37.21 -30.59
O2D CLA DF . -17.00 -37.55 -28.43
C1 CLA DF . -16.86 -32.39 -29.60
C2 CLA DF . -15.58 -32.16 -28.87
C3 CLA DF . -15.49 -31.85 -27.57
C4 CLA DF . -14.16 -31.65 -26.93
C5 CLA DF . -16.66 -31.68 -26.67
C6 CLA DF . -16.55 -32.45 -25.37
C7 CLA DF . -16.71 -31.54 -24.18
C8 CLA DF . -15.58 -31.69 -23.16
C9 CLA DF . -16.05 -32.52 -21.98
C10 CLA DF . -15.08 -30.32 -22.69
MG CLA EF . -31.66 -55.20 -23.39
CHA CLA EF . -31.13 -57.74 -21.07
CHB CLA EF . -28.34 -54.50 -23.37
CHC CLA EF . -32.19 -52.84 -25.83
CHD CLA EF . -35.10 -55.96 -23.38
NA CLA EF . -30.03 -55.99 -22.37
C1A CLA EF . -30.00 -57.07 -21.46
C2A CLA EF . -28.58 -57.33 -20.97
C3A CLA EF . -27.77 -56.17 -21.59
C4A CLA EF . -28.76 -55.50 -22.53
CMA CLA EF . -27.30 -55.21 -20.53
CAA CLA EF . -28.04 -58.66 -21.47
CBA CLA EF . -27.98 -58.78 -22.98
CGA CLA EF . -28.32 -60.16 -23.45
O1A CLA EF . -28.06 -61.24 -22.92
O2A CLA EF . -28.99 -60.15 -24.64
NB CLA EF . -30.49 -53.93 -24.42
C1B CLA EF . -29.15 -53.79 -24.26
C2B CLA EF . -28.64 -52.72 -25.17
C3B CLA EF . -29.73 -52.24 -25.87
C4B CLA EF . -30.92 -53.00 -25.40
CMB CLA EF . -27.25 -52.33 -25.23
CAB CLA EF . -29.82 -51.23 -26.87
CBB CLA EF . -29.20 -51.25 -28.05
NC CLA EF . -33.34 -54.52 -24.41
C1C CLA EF . -33.32 -53.56 -25.37
C2C CLA EF . -34.66 -53.33 -25.88
C3C CLA EF . -35.50 -54.22 -25.19
C4C CLA EF . -34.66 -54.97 -24.27
CMC CLA EF . -35.01 -52.37 -26.92
CAC CLA EF . -36.96 -54.36 -25.37
CBC CLA EF . -37.31 -55.50 -26.29
ND CLA EF . -32.89 -56.48 -22.45
C1D CLA EF . -34.29 -56.69 -22.53
C2D CLA EF . -34.67 -57.75 -21.58
C3D CLA EF . -33.51 -58.19 -20.99
C4D CLA EF . -32.42 -57.37 -21.58
CMD CLA EF . -36.03 -58.21 -21.34
CAD CLA EF . -32.92 -59.08 -20.03
OBD CLA EF . -33.47 -59.89 -19.29
CBD CLA EF . -31.38 -58.86 -20.09
CGD CLA EF . -30.76 -58.61 -18.74
O1D CLA EF . -29.59 -58.79 -18.41
O2D CLA EF . -31.62 -58.14 -17.81
CED CLA EF . -31.49 -58.65 -16.48
C1 CLA EF . -28.19 -60.23 -25.83
C2 CLA EF . -28.30 -61.62 -26.33
C3 CLA EF . -28.74 -61.95 -27.56
C4 CLA EF . -29.16 -60.94 -28.56
MG CLA FF . -24.24 -56.58 -25.30
CHA CLA FF . -24.61 -59.56 -27.05
CHB CLA FF . -24.10 -54.89 -28.23
CHC CLA FF . -23.78 -53.68 -23.53
CHD CLA FF . -24.32 -58.41 -22.27
NA CLA FF . -24.37 -57.16 -27.30
C1A CLA FF . -24.51 -58.44 -27.84
C2A CLA FF . -24.54 -58.41 -29.37
C3A CLA FF . -24.36 -56.91 -29.70
C4A CLA FF . -24.27 -56.25 -28.32
CMA CLA FF . -23.10 -56.66 -30.49
NB CLA FF . -23.97 -54.65 -25.79
C1B CLA FF . -23.98 -54.15 -27.04
C2B CLA FF . -23.81 -52.67 -27.00
C3B CLA FF . -23.72 -52.33 -25.68
C4B CLA FF . -23.82 -53.58 -24.88
CMB CLA FF . -23.78 -51.84 -28.20
CAB CLA FF . -23.54 -51.02 -25.11
CBB CLA FF . -24.40 -50.36 -24.35
NC CLA FF . -24.10 -56.13 -23.27
C1C CLA FF . -23.91 -54.87 -22.77
C2C CLA FF . -23.85 -54.92 -21.31
C3C CLA FF . -23.98 -56.26 -20.95
C4C CLA FF . -24.14 -57.02 -22.19
CMC CLA FF . -23.67 -53.75 -20.46
CAC CLA FF . -23.99 -56.81 -19.59
CBC CLA FF . -22.61 -57.01 -19.02
ND CLA FF . -24.50 -58.50 -24.72
C1D CLA FF . -24.48 -59.11 -23.44
C2D CLA FF . -24.66 -60.57 -23.61
C3D CLA FF . -24.70 -60.80 -24.97
C4D CLA FF . -24.57 -59.48 -25.62
CMD CLA FF . -24.77 -61.52 -22.51
CAD CLA FF . -24.84 -61.79 -26.02
OBD CLA FF . -25.04 -62.99 -25.93
CBD CLA FF . -24.70 -61.03 -27.37
CGD CLA FF . -23.47 -61.44 -28.12
O2D CLA FF . -23.25 -62.77 -28.21
CED CLA FF . -23.76 -63.46 -29.35
MG CLA GF . -21.49 -50.55 -18.07
CHA CLA GF . -20.95 -50.90 -14.65
CHB CLA GF . -23.05 -47.59 -17.52
CHC CLA GF . -21.72 -50.08 -21.47
CHD CLA GF . -19.84 -53.62 -18.60
NA CLA GF . -21.95 -49.46 -16.34
C1A CLA GF . -21.62 -49.75 -15.01
C2A CLA GF . -22.15 -48.67 -14.07
C3A CLA GF . -22.95 -47.74 -15.01
C4A CLA GF . -22.63 -48.28 -16.40
CMA CLA GF . -24.43 -47.81 -14.73
CAA CLA GF . -21.06 -47.85 -13.39
NB CLA GF . -22.28 -49.13 -19.25
C1B CLA GF . -22.81 -47.96 -18.85
C2B CLA GF . -23.12 -47.10 -20.01
C3B CLA GF . -22.74 -47.80 -21.13
C4B CLA GF . -22.21 -49.11 -20.67
CMB CLA GF . -23.70 -45.77 -19.88
CAB CLA GF . -22.81 -47.44 -22.52
CBB CLA GF . -23.93 -47.15 -23.19
NC CLA GF . -20.93 -51.67 -19.72
C1C CLA GF . -21.11 -51.29 -21.02
C2C CLA GF . -20.57 -52.29 -21.91
C3C CLA GF . -20.05 -53.30 -21.12
C4C CLA GF . -20.28 -52.91 -19.73
CMC CLA GF . -20.58 -52.18 -23.37
CAC CLA GF . -19.39 -54.54 -21.55
CBC CLA GF . -20.39 -55.60 -21.96
ND CLA GF . -20.64 -52.00 -16.95
C1D CLA GF . -20.00 -53.20 -17.30
C2D CLA GF . -19.54 -53.88 -16.07
C3D CLA GF . -19.89 -53.05 -15.03
C4D CLA GF . -20.56 -51.88 -15.62
CMD CLA GF . -18.85 -55.17 -16.02
CAD CLA GF . -19.89 -52.86 -13.59
OBD CLA GF . -19.49 -53.62 -12.71
CBD CLA GF . -20.51 -51.46 -13.32
CGD CLA GF . -21.63 -51.54 -12.32
O1D CLA GF . -22.62 -52.28 -12.37
O2D CLA GF . -21.50 -50.68 -11.27
MG CLA HF . -25.03 -49.68 -39.88
CHA CLA HF . -26.94 -48.17 -37.40
CHB CLA HF . -25.08 -52.60 -38.16
CHC CLA HF . -23.34 -51.17 -42.46
CHD CLA HF . -25.02 -46.63 -41.67
NA CLA HF . -25.85 -50.25 -38.05
C1A CLA HF . -26.64 -49.50 -37.16
C2A CLA HF . -27.04 -50.33 -35.95
C3A CLA HF . -26.28 -51.65 -36.15
C4A CLA HF . -25.69 -51.52 -37.56
CMA CLA HF . -25.20 -51.87 -35.12
CAA CLA HF . -28.54 -50.62 -35.92
CBA CLA HF . -29.08 -51.05 -37.26
CGA CLA HF . -30.53 -50.72 -37.42
O1A CLA HF . -31.45 -50.86 -36.62
O2A CLA HF . -30.82 -50.18 -38.65
NB CLA HF . -24.27 -51.50 -40.21
C1B CLA HF . -24.51 -52.60 -39.44
C2B CLA HF . -24.09 -53.83 -40.16
C3B CLA HF . -23.59 -53.43 -41.37
C4B CLA HF . -23.70 -51.95 -41.42
CMB CLA HF . -24.25 -55.16 -39.59
CAB CLA HF . -23.05 -54.20 -42.46
CBB CLA HF . -21.98 -54.99 -42.40
NC CLA HF . -24.27 -49.00 -41.70
C1C CLA HF . -23.60 -49.78 -42.60
C2C CLA HF . -23.22 -48.98 -43.76
C3C CLA HF . -23.71 -47.70 -43.55
C4C CLA HF . -24.37 -47.72 -42.26
CMC CLA HF . -22.48 -49.52 -44.91
CAC CLA HF . -23.55 -46.54 -44.42
CBC CLA HF . -24.63 -46.44 -45.46
ND CLA HF . -25.77 -47.82 -39.65
C1D CLA HF . -25.68 -46.66 -40.46
C2D CLA HF . -26.40 -45.55 -39.79
C3D CLA HF . -26.90 -46.08 -38.62
C4D CLA HF . -26.48 -47.49 -38.57
CMD CLA HF . -26.51 -44.20 -40.32
CAD CLA HF . -27.63 -45.81 -37.41
OBD CLA HF . -28.11 -44.76 -37.02
CBD CLA HF . -27.72 -47.14 -36.61
CGD CLA HF . -27.18 -47.00 -35.22
O1D CLA HF . -26.09 -46.57 -34.86
O2D CLA HF . -28.06 -47.42 -34.25
MG CLA IF . -19.05 -45.64 -31.81
CHA CLA IF . -19.84 -42.49 -32.99
CHB CLA IF . -16.20 -45.64 -33.66
CHC CLA IF . -18.16 -48.62 -30.37
CHD CLA IF . -22.01 -45.62 -29.90
NA CLA IF . -18.22 -44.28 -33.16
C1A CLA IF . -18.68 -43.01 -33.51
C2A CLA IF . -17.74 -42.37 -34.55
C3A CLA IF . -16.73 -43.49 -34.86
C4A CLA IF . -17.05 -44.55 -33.82
CMA CLA IF . -16.91 -44.02 -36.24
CAA CLA IF . -16.99 -41.12 -34.08
NB CLA IF . -17.43 -46.84 -31.91
C1B CLA IF . -16.39 -46.70 -32.77
C2B CLA IF . -15.49 -47.87 -32.66
C3B CLA IF . -16.03 -48.72 -31.73
C4B CLA IF . -17.29 -48.07 -31.26
CMB CLA IF . -14.28 -48.05 -33.47
CAB CLA IF . -15.62 -50.01 -31.27
NC CLA IF . -19.97 -46.93 -30.45
C1C CLA IF . -19.43 -48.10 -30.03
C2C CLA IF . -20.32 -48.75 -29.08
C3C CLA IF . -21.42 -47.90 -28.92
C4C CLA IF . -21.18 -46.75 -29.78
CMC CLA IF . -20.03 -50.05 -28.44
CAC CLA IF . -22.61 -48.11 -28.07
CBC CLA IF . -22.38 -47.91 -26.60
ND CLA IF . -20.70 -44.49 -31.64
C1D CLA IF . -21.79 -44.57 -30.75
C2D CLA IF . -22.59 -43.34 -30.85
C3D CLA IF . -21.88 -42.51 -31.69
C4D CLA IF . -20.70 -43.26 -32.13
CMD CLA IF . -23.82 -43.09 -30.11
CAD CLA IF . -21.84 -41.21 -32.34
OBD CLA IF . -22.63 -40.29 -32.31
CBD CLA IF . -20.50 -41.15 -33.13
CGD CLA IF . -20.73 -40.84 -34.57
O1D CLA IF . -21.50 -41.40 -35.34
O2D CLA IF . -19.96 -39.83 -35.06
CED CLA IF . -20.11 -38.54 -34.47
MG CLA JF . -35.46 -44.40 -37.77
CHA CLA JF . -34.85 -44.54 -41.16
CHB CLA JF . -38.28 -42.60 -38.36
CHC CLA JF . -36.26 -44.65 -34.45
CHD CLA JF . -32.58 -46.35 -37.23
NA CLA JF . -36.35 -43.64 -39.49
C1A CLA JF . -35.98 -43.85 -40.83
C2A CLA JF . -36.93 -43.14 -41.77
C3A CLA JF . -37.81 -42.31 -40.81
C4A CLA JF . -37.49 -42.89 -39.46
CMA CLA JF . -37.41 -40.86 -40.87
NB CLA JF . -37.03 -43.83 -36.65
C1B CLA JF . -38.05 -43.06 -37.07
C2B CLA JF . -38.91 -42.69 -35.92
C3B CLA JF . -38.36 -43.26 -34.81
C4B CLA JF . -37.13 -43.98 -35.25
CMB CLA JF . -40.08 -41.82 -36.06
CAB CLA JF . -38.77 -43.18 -33.44
CBB CLA JF . -39.50 -44.12 -32.82
NC CLA JF . -34.52 -45.26 -36.12
C1C CLA JF . -35.02 -45.23 -34.85
C2C CLA JF . -34.13 -45.96 -33.97
C3C CLA JF . -33.10 -46.47 -34.76
C4C CLA JF . -33.37 -46.04 -36.12
CMC CLA JF . -34.31 -46.10 -32.53
CAC CLA JF . -31.96 -47.29 -34.33
ND CLA JF . -33.88 -45.04 -38.85
C1D CLA JF . -32.80 -45.89 -38.51
C2D CLA JF . -32.02 -46.21 -39.73
C3D CLA JF . -32.77 -45.69 -40.77
C4D CLA JF . -33.94 -45.03 -40.18
CMD CLA JF . -30.77 -46.95 -39.76
CAD CLA JF . -32.85 -45.49 -42.20
OBD CLA JF . -32.03 -45.75 -43.06
CBD CLA JF . -34.25 -44.89 -42.51
CGD CLA JF . -34.11 -43.71 -43.43
O1D CLA JF . -34.22 -42.52 -43.15
O2D CLA JF . -33.82 -44.06 -44.71
CED CLA JF . -33.69 -43.01 -45.67
MG CLA KF . -45.66 -32.31 -28.74
CHA CLA KF . -45.35 -34.02 -31.74
CHB CLA KF . -48.18 -30.47 -30.05
CHC CLA KF . -46.07 -30.79 -25.71
CHD CLA KF . -43.13 -34.33 -27.37
NA CLA KF . -46.56 -32.23 -30.62
C1A CLA KF . -46.30 -33.02 -31.75
C2A CLA KF . -47.22 -32.61 -32.90
C3A CLA KF . -47.89 -31.32 -32.40
C4A CLA KF . -47.54 -31.32 -30.92
CMA CLA KF . -47.38 -30.10 -33.09
CAA CLA KF . -48.28 -33.65 -33.21
CBA CLA KF . -48.84 -34.35 -31.98
CGA CLA KF . -49.55 -35.61 -32.38
O1A CLA KF . -49.97 -35.93 -33.49
O2A CLA KF . -49.71 -36.46 -31.33
NB CLA KF . -46.80 -30.80 -28.06
C1B CLA KF . -47.92 -30.38 -28.68
C2B CLA KF . -48.88 -29.81 -27.71
C3B CLA KF . -48.28 -29.89 -26.47
C4B CLA KF . -46.95 -30.50 -26.69
CMB CLA KF . -50.18 -29.28 -28.12
CAB CLA KF . -48.76 -29.49 -25.18
CBB CLA KF . -49.02 -30.28 -24.13
NC CLA KF . -44.70 -32.47 -26.90
C1C CLA KF . -44.99 -31.72 -25.81
C2C CLA KF . -44.10 -32.03 -24.71
C3C CLA KF . -43.31 -33.08 -25.15
C4C CLA KF . -43.68 -33.35 -26.53
CMC CLA KF . -44.12 -31.40 -23.40
CAC CLA KF . -42.24 -33.75 -24.37
CBC CLA KF . -42.70 -35.06 -23.80
ND CLA KF . -44.47 -33.80 -29.35
C1D CLA KF . -43.50 -34.57 -28.67
C2D CLA KF . -42.98 -35.61 -29.56
C3D CLA KF . -43.64 -35.44 -30.77
C4D CLA KF . -44.56 -34.30 -30.58
CMD CLA KF . -41.99 -36.59 -29.14
CAD CLA KF . -43.81 -35.92 -32.12
OBD CLA KF . -43.23 -36.82 -32.71
CBD CLA KF . -44.93 -35.04 -32.78
CGD CLA KF . -44.49 -34.51 -34.12
O1D CLA KF . -43.34 -34.40 -34.55
O2D CLA KF . -45.51 -34.14 -34.96
CED CLA KF . -45.28 -33.01 -35.80
C1 CLA KF . -51.02 -37.04 -31.16
C2 CLA KF . -50.91 -38.42 -31.70
C3 CLA KF . -50.51 -39.46 -30.97
C4 CLA KF . -50.42 -40.81 -31.56
C5 CLA KF . -50.15 -39.33 -29.52
C6 CLA KF . -48.78 -39.88 -29.21
C7 CLA KF . -48.83 -41.04 -28.24
C8 CLA KF . -47.66 -42.02 -28.36
C9 CLA KF . -47.34 -42.33 -29.80
C10 CLA KF . -47.95 -43.32 -27.61
C11 CLA KF . -49.32 -43.87 -27.93
C12 CLA KF . -49.27 -45.32 -28.38
C13 CLA KF . -50.38 -45.70 -29.35
C14 CLA KF . -50.10 -47.07 -29.92
C15 CLA KF . -50.54 -44.67 -30.48
C16 CLA KF . -51.59 -45.09 -31.48
C17 CLA KF . -51.60 -44.17 -32.68
C18 CLA KF . -51.40 -44.91 -33.99
C19 CLA KF . -52.63 -45.74 -34.34
C20 CLA KF . -51.13 -43.93 -35.10
MG CLA LF . -43.51 -41.62 -29.23
CHA CLA LF . -45.00 -40.32 -32.08
CHB CLA LF . -42.46 -44.30 -30.98
CHC CLA LF . -42.39 -43.04 -26.31
CHD CLA LF . -44.79 -38.90 -27.38
NA CLA LF . -43.65 -42.15 -31.24
C1A CLA LF . -44.30 -41.50 -32.29
C2A CLA LF . -44.16 -42.28 -33.61
C3A CLA LF . -43.22 -43.44 -33.21
C4A CLA LF . -43.08 -43.30 -31.71
CMA CLA LF . -43.81 -44.78 -33.57
CAA CLA LF . -43.50 -41.51 -34.75
CBA CLA LF . -43.85 -42.06 -36.12
CGA CLA LF . -45.30 -41.89 -36.41
O1A CLA LF . -45.89 -40.91 -36.89
O2A CLA LF . -46.05 -43.00 -36.11
NB CLA LF . -42.48 -43.28 -28.76
C1B CLA LF . -42.30 -44.32 -29.60
C2B CLA LF . -41.91 -45.53 -28.84
C3B CLA LF . -41.89 -45.18 -27.51
C4B CLA LF . -42.26 -43.75 -27.46
CMB CLA LF . -41.66 -46.80 -29.52
CAB CLA LF . -41.63 -45.92 -26.30
CBB CLA LF . -40.77 -46.93 -26.11
NC CLA LF . -43.50 -41.02 -27.24
C1C CLA LF . -42.97 -41.73 -26.21
C2C CLA LF . -43.13 -41.03 -24.96
C3C CLA LF . -43.86 -39.89 -25.25
C4C CLA LF . -44.08 -39.89 -26.68
CMC CLA LF . -42.65 -41.54 -23.67
CAC CLA LF . -44.30 -38.84 -24.31
CBC CLA LF . -45.72 -39.03 -23.86
ND CLA LF . -44.57 -39.95 -29.59
C1D CLA LF . -45.04 -38.92 -28.73
C2D CLA LF . -45.82 -37.96 -29.51
C3D CLA LF . -45.87 -38.47 -30.78
C4D CLA LF . -45.08 -39.70 -30.79
CMD CLA LF . -46.45 -36.78 -28.96
CAD CLA LF . -46.38 -38.29 -32.12
OBD CLA LF . -47.13 -37.44 -32.57
CBD CLA LF . -45.82 -39.44 -32.98
CGD CLA LF . -46.95 -40.23 -33.59
O1D CLA LF . -47.38 -41.33 -33.23
O2D CLA LF . -47.50 -39.61 -34.67
CED CLA LF . -48.94 -39.57 -34.76
MG CLA MF . -36.75 -37.13 -12.96
CHA CLA MF . -37.30 -37.89 -9.62
CHB CLA MF . -39.91 -38.09 -13.70
CHC CLA MF . -36.25 -36.09 -16.20
CHD CLA MF . -33.50 -36.04 -12.13
NA CLA MF . -38.30 -37.92 -11.83
C1A CLA MF . -38.36 -38.13 -10.45
C2A CLA MF . -39.72 -38.68 -10.04
C3A CLA MF . -40.47 -38.83 -11.37
C4A CLA MF . -39.50 -38.24 -12.40
CMA CLA MF . -40.76 -40.27 -11.62
CAA CLA MF . -40.53 -37.76 -9.14
CBA CLA MF . -41.01 -36.48 -9.79
CGA CLA MF . -39.97 -35.43 -9.65
O1A CLA MF . -39.13 -35.29 -8.77
O2A CLA MF . -39.93 -34.54 -10.67
NB CLA MF . -37.86 -37.12 -14.64
C1B CLA MF . -39.14 -37.55 -14.74
C2B CLA MF . -39.63 -37.34 -16.12
C3B CLA MF . -38.59 -36.78 -16.83
C4B CLA MF . -37.45 -36.64 -15.90
CMB CLA MF . -40.97 -37.69 -16.56
CAB CLA MF . -38.55 -36.38 -18.20
CBB CLA MF . -37.86 -36.99 -19.16
NC CLA MF . -35.15 -36.27 -13.97
C1C CLA MF . -35.16 -35.92 -15.29
C2C CLA MF . -33.90 -35.31 -15.66
C3C CLA MF . -33.11 -35.30 -14.51
C4C CLA MF . -33.91 -35.89 -13.45
CMC CLA MF . -33.55 -34.84 -17.00
CAC CLA MF . -31.75 -34.76 -14.37
CBC CLA MF . -31.72 -33.27 -14.15
ND CLA MF . -35.57 -37.08 -11.32
C1D CLA MF . -34.26 -36.59 -11.12
C2D CLA MF . -33.90 -36.77 -9.70
C3D CLA MF . -35.04 -37.26 -9.08
C4D CLA MF . -36.05 -37.41 -10.13
CMD CLA MF . -32.60 -36.43 -9.14
CAD CLA MF . -35.60 -37.72 -7.83
OBD CLA MF . -35.08 -37.85 -6.73
CBD CLA MF . -37.09 -38.04 -8.12
CGD CLA MF . -37.57 -39.36 -7.57
O1D CLA MF . -37.86 -40.37 -8.20
O2D CLA MF . -37.71 -39.36 -6.22
CED CLA MF . -37.93 -40.61 -5.57
C1 CLA MF . -38.69 -34.60 -11.37
C2 CLA MF . -38.45 -33.31 -12.04
C3 CLA MF . -37.21 -32.83 -12.17
C4 CLA MF . -36.05 -33.57 -11.64
C5 CLA MF . -36.93 -31.53 -12.83
C6 CLA MF . -35.96 -31.72 -13.99
C7 CLA MF . -36.60 -32.48 -15.13
C8 CLA MF . -37.22 -31.52 -16.14
C9 CLA MF . -38.73 -31.71 -16.17
C10 CLA MF . -36.61 -31.72 -17.51
C11 CLA MF . -35.26 -31.05 -17.61
C12 CLA MF . -34.71 -31.07 -19.02
C13 CLA MF . -34.82 -29.70 -19.68
C14 CLA MF . -35.22 -29.81 -21.13
C15 CLA MF . -33.53 -28.90 -19.53
C16 CLA MF . -32.34 -29.65 -20.11
C17 CLA MF . -31.04 -28.98 -19.75
C18 CLA MF . -30.81 -27.69 -20.54
C19 CLA MF . -29.99 -26.69 -19.75
C20 CLA MF . -30.09 -28.01 -21.83
MG CLA NF . -46.07 -35.61 -10.89
CHA CLA NF . -44.09 -32.93 -9.96
CHB CLA NF . -48.26 -34.85 -8.44
CHC CLA NF . -48.13 -38.08 -12.04
CHD CLA NF . -43.79 -36.34 -13.49
NA CLA NF . -46.09 -34.16 -9.39
C1A CLA NF . -45.19 -33.13 -9.17
C2A CLA NF . -45.60 -32.30 -7.95
C3A CLA NF . -46.75 -33.14 -7.33
C4A CLA NF . -47.08 -34.12 -8.45
CAA CLA NF . -46.12 -30.92 -8.32
NB CLA NF . -47.79 -36.43 -10.24
C1B CLA NF . -48.64 -35.77 -9.41
C2B CLA NF . -50.04 -36.18 -9.67
C3B CLA NF . -50.01 -37.10 -10.69
C4B CLA NF . -48.57 -37.27 -11.05
CMB CLA NF . -51.20 -35.66 -8.95
CAB CLA NF . -51.06 -37.81 -11.35
NC CLA NF . -45.93 -37.02 -12.42
C1C CLA NF . -46.86 -37.98 -12.68
C2C CLA NF . -46.42 -38.81 -13.78
C3C CLA NF . -45.23 -38.27 -14.24
C4C CLA NF . -44.92 -37.15 -13.36
CMC CLA NF . -47.18 -39.95 -14.32
CAC CLA NF . -44.39 -38.75 -15.33
ND CLA NF . -44.35 -34.86 -11.61
C1D CLA NF . -43.52 -35.25 -12.70
C2D CLA NF . -42.39 -34.32 -12.80
C3D CLA NF . -42.56 -33.41 -11.77
C4D CLA NF . -43.78 -33.79 -11.05
CMD CLA NF . -41.37 -34.43 -13.84
CAD CLA NF . -42.03 -32.23 -11.11
OBD CLA NF . -41.05 -31.56 -11.37
CBD CLA NF . -42.98 -31.92 -9.92
CGD CLA NF . -42.23 -32.04 -8.62
O1D CLA NF . -42.48 -32.80 -7.70
O2D CLA NF . -41.18 -31.19 -8.50
MG CLA OF . -29.21 -29.06 -7.51
CHA CLA OF . -28.66 -32.14 -9.02
CHB CLA OF . -26.09 -29.13 -6.23
CHC CLA OF . -29.80 -25.98 -6.17
CHD CLA OF . -32.47 -29.05 -8.89
NA CLA OF . -27.65 -30.44 -7.60
C1A CLA OF . -27.60 -31.67 -8.29
C2A CLA OF . -26.25 -32.37 -8.07
C3A CLA OF . -25.54 -31.44 -7.06
C4A CLA OF . -26.48 -30.24 -6.94
CMA CLA OF . -25.31 -32.13 -5.74
CAA CLA OF . -25.40 -32.46 -9.33
CBA CLA OF . -25.49 -31.22 -10.19
CGA CLA OF . -25.71 -31.60 -11.62
O1A CLA OF . -26.64 -32.25 -12.11
O2A CLA OF . -24.73 -31.15 -12.46
NB CLA OF . -28.19 -27.84 -6.30
C1B CLA OF . -26.87 -27.97 -6.06
C2B CLA OF . -26.31 -26.67 -5.59
C3B CLA OF . -27.34 -25.78 -5.57
C4B CLA OF . -28.56 -26.50 -6.03
CMB CLA OF . -24.90 -26.49 -5.25
CAB CLA OF . -27.33 -24.38 -5.21
NC CLA OF . -30.85 -27.78 -7.50
C1C CLA OF . -30.88 -26.58 -6.86
C2C CLA OF . -32.19 -25.95 -7.02
C3C CLA OF . -32.94 -26.80 -7.83
C4C CLA OF . -32.09 -27.95 -8.12
CMC CLA OF . -32.58 -24.67 -6.45
CAC CLA OF . -34.33 -26.61 -8.25
ND CLA OF . -30.33 -30.22 -8.73
C1D CLA OF . -31.65 -30.10 -9.19
C2D CLA OF . -31.97 -31.27 -10.01
C3D CLA OF . -30.87 -32.09 -9.98
C4D CLA OF . -29.88 -31.40 -9.15
CMD CLA OF . -33.24 -31.46 -10.69
CAD CLA OF . -30.29 -33.34 -10.43
OBD CLA OF . -30.76 -34.22 -11.13
CBD CLA OF . -28.87 -33.42 -9.80
CGD CLA OF . -28.78 -34.60 -8.89
O1D CLA OF . -29.17 -34.67 -7.73
O2D CLA OF . -28.22 -35.70 -9.47
CED CLA OF . -27.93 -36.82 -8.63
C1 LUT PF . -40.86 -42.81 -16.51
C2 LUT PF . -40.42 -43.48 -15.21
C3 LUT PF . -39.67 -42.51 -14.32
C4 LUT PF . -38.42 -42.07 -15.02
C5 LUT PF . -38.75 -41.47 -16.36
C6 LUT PF . -39.79 -41.92 -17.09
C7 LUT PF . -39.93 -41.48 -18.51
C8 LUT PF . -39.26 -42.04 -19.52
C9 LUT PF . -39.44 -41.58 -20.89
C10 LUT PF . -38.93 -42.36 -21.85
C11 LUT PF . -39.03 -42.05 -23.27
C12 LUT PF . -38.78 -43.09 -24.04
C13 LUT PF . -38.80 -43.06 -25.51
C14 LUT PF . -38.58 -44.22 -26.13
C15 LUT PF . -38.57 -44.37 -27.58
C16 LUT PF . -42.07 -41.93 -16.23
C17 LUT PF . -41.30 -43.93 -17.42
C18 LUT PF . -37.87 -40.34 -16.79
C19 LUT PF . -40.15 -40.30 -21.20
C20 LUT PF . -39.03 -41.78 -26.25
O3 LUT PF . -39.31 -43.16 -13.10
C21 LUT PF . -39.01 -49.94 -38.91
C22 LUT PF . -39.44 -49.47 -40.29
C23 LUT PF . -38.30 -49.20 -41.25
C24 LUT PF . -37.15 -48.49 -40.57
C25 LUT PF . -36.86 -48.76 -39.30
C26 LUT PF . -38.00 -48.96 -38.33
C27 LUT PF . -37.54 -49.42 -36.97
C28 LUT PF . -37.66 -48.53 -35.99
C29 LUT PF . -37.31 -48.80 -34.58
C30 LUT PF . -37.59 -47.84 -33.70
C31 LUT PF . -37.36 -47.95 -32.28
C32 LUT PF . -37.79 -46.91 -31.58
C33 LUT PF . -37.69 -46.82 -30.12
C34 LUT PF . -38.16 -45.71 -29.53
C35 LUT PF . -38.15 -45.54 -28.08
C36 LUT PF . -38.46 -51.36 -38.97
C37 LUT PF . -40.25 -49.99 -38.02
C38 LUT PF . -35.44 -48.90 -38.86
C39 LUT PF . -36.69 -50.10 -34.17
C40 LUT PF . -37.11 -47.95 -29.31
O23 LUT PF . -38.77 -48.43 -42.35
C1 XAT QF . -27.20 -50.37 -20.33
C2 XAT QF . -27.52 -51.64 -19.55
C3 XAT QF . -28.98 -51.71 -19.18
C4 XAT QF . -29.71 -51.92 -20.49
C5 XAT QF . -29.63 -50.63 -21.32
C6 XAT QF . -28.32 -49.82 -21.22
C7 XAT QF . -27.92 -49.14 -22.51
C8 XAT QF . -28.09 -47.82 -22.54
C9 XAT QF . -27.77 -46.94 -23.68
C10 XAT QF . -27.80 -45.63 -23.44
C11 XAT QF . -27.50 -44.59 -24.40
C12 XAT QF . -27.69 -43.35 -23.95
C13 XAT QF . -27.41 -42.13 -24.71
C14 XAT QF . -27.59 -40.96 -24.10
C15 XAT QF . -27.31 -39.68 -24.75
C16 XAT QF . -25.96 -50.65 -21.16
C17 XAT QF . -26.83 -49.30 -19.31
C18 XAT QF . -30.22 -50.70 -22.72
C19 XAT QF . -27.43 -47.47 -25.04
C20 XAT QF . -26.91 -42.21 -26.13
O3 XAT QF . -29.23 -52.84 -18.33
O4 XAT QF . -29.56 -49.40 -20.62
C21 XAT QF . -26.41 -26.79 -25.16
C22 XAT QF . -26.35 -25.43 -25.83
C23 XAT QF . -25.89 -25.54 -27.27
C24 XAT QF . -27.04 -26.19 -28.01
C25 XAT QF . -27.22 -27.63 -27.53
C26 XAT QF . -26.90 -27.94 -26.05
C27 XAT QF . -27.77 -29.00 -25.40
C28 XAT QF . -27.13 -30.15 -25.19
C29 XAT QF . -27.74 -31.32 -24.55
C30 XAT QF . -27.06 -32.47 -24.61
C31 XAT QF . -27.53 -33.71 -24.00
C32 XAT QF . -27.13 -34.86 -24.53
C33 XAT QF . -27.54 -36.14 -23.94
C34 XAT QF . -27.15 -37.27 -24.55
C35 XAT QF . -27.48 -38.58 -24.02
C36 XAT QF . -27.31 -26.65 -23.93
C37 XAT QF . -25.03 -27.18 -24.68
C38 XAT QF . -28.46 -28.37 -28.05
C39 XAT QF . -29.06 -31.23 -23.85
C40 XAT QF . -28.37 -36.17 -22.70
O23 XAT QF . -25.69 -24.23 -27.81
O24 XAT QF . -26.07 -28.36 -27.13
C1 BCR RF . -15.45 -54.77 -47.43
C2 BCR RF . -14.00 -54.71 -47.92
C3 BCR RF . -13.08 -55.60 -47.08
C4 BCR RF . -13.50 -57.06 -47.13
C5 BCR RF . -15.01 -57.18 -47.19
C6 BCR RF . -15.80 -56.15 -46.89
C7 BCR RF . -17.02 -56.39 -46.10
C8 BCR RF . -16.97 -56.63 -44.78
C9 BCR RF . -18.19 -56.90 -44.01
C10 BCR RF . -18.09 -57.14 -42.69
C11 BCR RF . -19.27 -57.45 -41.87
C33 BCR RF . -15.62 -58.49 -47.61
C31 BCR RF . -16.42 -54.46 -48.56
C32 BCR RF . -15.60 -53.72 -46.34
C34 BCR RF . -19.52 -56.91 -44.69
C12 BCR RF . -19.23 -57.32 -40.54
C13 BCR RF . -20.41 -57.66 -39.72
C14 BCR RF . -20.74 -56.92 -38.65
C15 BCR RF . -21.89 -57.26 -37.81
C16 BCR RF . -22.29 -56.45 -36.82
C17 BCR RF . -23.43 -56.85 -35.98
C18 BCR RF . -23.75 -56.14 -34.89
C19 BCR RF . -24.87 -56.56 -34.02
C20 BCR RF . -25.45 -55.70 -33.18
C21 BCR RF . -26.53 -56.18 -32.31
C22 BCR RF . -27.12 -55.40 -31.39
C23 BCR RF . -28.16 -55.99 -30.52
C24 BCR RF . -28.86 -55.23 -29.65
C25 BCR RF . -29.90 -55.79 -28.75
C26 BCR RF . -29.52 -56.38 -27.61
C27 BCR RF . -30.42 -57.34 -26.92
C28 BCR RF . -31.72 -56.58 -26.71
C29 BCR RF . -32.33 -56.28 -28.07
C30 BCR RF . -31.38 -55.64 -29.09
C35 BCR RF . -21.22 -58.87 -40.09
C36 BCR RF . -22.96 -54.94 -34.49
C37 BCR RF . -26.70 -53.98 -31.21
C38 BCR RF . -28.20 -56.06 -26.97
C39 BCR RF . -31.69 -54.16 -29.17
C40 BCR RF . -31.70 -56.27 -30.44
O1 LHG SF . -45.22 -24.72 -30.64
C1 LHG SF . -46.46 -25.38 -30.45
C2 LHG SF . -46.21 -26.80 -29.99
O2 LHG SF . -46.20 -26.86 -28.59
C3 LHG SF . -44.86 -27.32 -30.41
O3 LHG SF . -44.87 -28.54 -29.72
P LHG SF . -43.86 -29.73 -30.15
O4 LHG SF . -44.68 -30.88 -30.59
O5 LHG SF . -42.72 -29.01 -30.75
O6 LHG SF . -43.47 -30.12 -28.62
C4 LHG SF . -43.05 -29.13 -27.74
C5 LHG SF . -41.97 -29.81 -26.93
C6 LHG SF . -40.85 -30.33 -27.81
O7 LHG SF . -41.43 -28.82 -26.09
C7 LHG SF . -40.94 -29.29 -24.92
O9 LHG SF . -41.20 -30.40 -24.50
C8 LHG SF . -39.86 -28.42 -24.43
C9 LHG SF . -40.16 -27.97 -23.02
C10 LHG SF . -39.22 -26.86 -22.64
O8 LHG SF . -40.38 -31.48 -27.12
C23 LHG SF . -39.37 -32.19 -27.70
O10 LHG SF . -39.10 -31.99 -28.86
C24 LHG SF . -38.31 -32.81 -26.82
C11 LHG SF . -39.83 -26.40 -21.36
C12 LHG SF . -38.79 -25.77 -20.52
C13 LHG SF . -37.86 -26.85 -20.01
C14 LHG SF . -37.25 -26.47 -18.68
C15 LHG SF . -36.01 -25.67 -19.00
C16 LHG SF . -35.78 -24.64 -17.93
C17 LHG SF . -35.52 -25.32 -16.60
C18 LHG SF . -34.24 -24.67 -16.16
C19 LHG SF . -34.42 -23.33 -15.48
C20 LHG SF . -34.94 -23.72 -14.13
C21 LHG SF . -34.78 -22.58 -13.18
C22 LHG SF . -34.84 -23.12 -11.77
C25 LHG SF . -37.66 -31.85 -25.85
C26 LHG SF . -37.10 -32.47 -24.57
C27 LHG SF . -38.29 -32.52 -23.65
C28 LHG SF . -38.41 -31.38 -22.67
C29 LHG SF . -38.45 -32.02 -21.30
C30 LHG SF . -39.70 -31.79 -20.49
C31 LHG SF . -40.08 -32.90 -19.55
C32 LHG SF . -41.46 -32.80 -18.95
C33 LHG SF . -41.93 -34.21 -18.71
C34 LHG SF . -43.40 -34.47 -18.99
C35 LHG SF . -43.62 -35.12 -20.34
C36 LHG SF . -42.82 -36.42 -20.38
C37 LHG SF . -43.55 -37.35 -21.29
C38 LHG SF . -44.86 -37.87 -20.75
MG CLA TF . -75.55 -11.75 -18.11
CHA CLA TF . -76.86 -9.06 -16.38
CHB CLA TF . -72.73 -11.58 -16.24
CHC CLA TF . -74.32 -14.43 -19.84
CHD CLA TF . -78.55 -11.95 -19.97
NA CLA TF . -74.93 -10.51 -16.56
C1A CLA TF . -75.62 -9.46 -15.96
C2A CLA TF . -74.78 -8.82 -14.85
C3A CLA TF . -73.47 -9.64 -14.87
C4A CLA TF . -73.71 -10.66 -15.97
CMA CLA TF . -72.29 -8.78 -15.21
CAA CLA TF . -75.37 -8.98 -13.45
CBA CLA TF . -75.94 -10.37 -13.22
CGA CLA TF . -75.54 -10.89 -11.88
O1A CLA TF . -74.91 -10.32 -10.99
O2A CLA TF . -75.96 -12.18 -11.67
NB CLA TF . -73.87 -12.84 -18.03
C1B CLA TF . -72.81 -12.57 -17.23
C2B CLA TF . -71.68 -13.46 -17.57
C3B CLA TF . -72.11 -14.27 -18.58
C4B CLA TF . -73.52 -13.88 -18.90
CMB CLA TF . -70.40 -13.40 -16.87
CAB CLA TF . -71.38 -15.29 -19.28
CBB CLA TF . -71.75 -16.57 -19.37
NC CLA TF . -76.31 -12.97 -19.62
C1C CLA TF . -75.63 -14.01 -20.17
C2C CLA TF . -76.45 -14.64 -21.21
C3C CLA TF . -77.66 -13.95 -21.24
C4C CLA TF . -77.57 -12.91 -20.23
CMC CLA TF . -76.03 -15.78 -22.03
CAC CLA TF . -78.81 -14.19 -22.12
CBC CLA TF . -78.79 -13.31 -23.34
ND CLA TF . -77.29 -10.76 -18.24
C1D CLA TF . -78.43 -10.94 -19.05
C2D CLA TF . -79.41 -9.90 -18.74
C3D CLA TF . -78.85 -9.14 -17.75
C4D CLA TF . -77.54 -9.73 -17.44
CMD CLA TF . -80.69 -9.75 -19.42
CAD CLA TF . -79.03 -8.02 -16.87
OBD CLA TF . -79.99 -7.26 -16.80
CBD CLA TF . -77.77 -7.93 -15.97
CGD CLA TF . -77.07 -6.62 -16.16
O1D CLA TF . -76.87 -6.02 -17.21
O2D CLA TF . -76.62 -6.06 -15.01
C1 CLA TF . -76.63 -12.50 -10.42
C2 CLA TF . -77.62 -13.55 -10.74
C3 CLA TF . -78.87 -13.57 -10.23
C4 CLA TF . -79.38 -12.53 -9.30
C5 CLA TF . -79.84 -14.65 -10.59
C6 CLA TF . -80.51 -15.28 -9.37
C7 CLA TF . -79.58 -16.26 -8.67
C8 CLA TF . -80.16 -17.68 -8.62
C9 CLA TF . -80.15 -18.31 -9.99
C10 CLA TF . -81.56 -17.70 -8.04
MG CLA UF . -67.34 -19.74 -23.97
CHA CLA UF . -67.99 -17.15 -26.17
CHB CLA UF . -64.59 -20.56 -25.76
CHC CLA UF . -66.64 -22.19 -21.67
CHD CLA UF . -70.15 -18.78 -22.09
NA CLA UF . -66.45 -18.96 -25.69
C1A CLA UF . -66.86 -17.86 -26.45
C2A CLA UF . -65.91 -17.62 -27.63
C3A CLA UF . -64.98 -18.84 -27.57
C4A CLA UF . -65.33 -19.50 -26.23
CMA CLA UF . -65.29 -19.76 -28.71
CAA CLA UF . -65.08 -16.35 -27.47
CBA CLA UF . -64.65 -16.07 -26.05
CGA CLA UF . -63.27 -16.59 -25.83
O1A CLA UF . -62.22 -16.24 -26.37
O2A CLA UF . -63.23 -17.59 -24.89
NB CLA UF . -65.90 -21.11 -23.76
C1B CLA UF . -64.83 -21.26 -24.58
C2B CLA UF . -63.96 -22.34 -24.07
C3B CLA UF . -64.53 -22.80 -22.92
C4B CLA UF . -65.78 -22.04 -22.71
CMB CLA UF . -62.74 -22.73 -24.77
CAB CLA UF . -64.11 -23.85 -22.01
CBB CLA UF . -62.91 -23.96 -21.45
NC CLA UF . -68.27 -20.39 -22.23
C1C CLA UF . -67.81 -21.42 -21.46
C2C CLA UF . -68.70 -21.60 -20.33
C3C CLA UF . -69.68 -20.63 -20.42
C4C CLA UF . -69.39 -19.86 -21.62
CMC CLA UF . -68.53 -22.62 -19.31
CAC CLA UF . -70.80 -20.40 -19.49
CBC CLA UF . -70.40 -19.63 -18.26
ND CLA UF . -68.79 -18.35 -24.07
C1D CLA UF . -69.88 -18.06 -23.23
C2D CLA UF . -70.65 -16.94 -23.80
C3D CLA UF . -69.99 -16.58 -24.96
C4D CLA UF . -68.83 -17.47 -25.06
CMD CLA UF . -71.86 -16.39 -23.19
CAD CLA UF . -69.95 -15.69 -26.10
OBD CLA UF . -70.72 -14.82 -26.45
CBD CLA UF . -68.67 -16.03 -26.91
CGD CLA UF . -69.07 -16.58 -28.24
O1D CLA UF . -69.11 -16.02 -29.33
O2D CLA UF . -69.46 -17.88 -28.18
CED CLA UF . -68.94 -18.78 -29.16
C1 CLA UF . -62.00 -18.32 -24.77
C2 CLA UF . -62.06 -18.97 -23.45
C3 CLA UF . -61.06 -19.68 -22.90
C4 CLA UF . -59.78 -19.90 -23.60
C5 CLA UF . -61.20 -20.28 -21.56
C6 CLA UF . -60.24 -19.58 -20.62
C7 CLA UF . -60.44 -20.01 -19.19
C8 CLA UF . -59.52 -19.24 -18.26
C9 CLA UF . -58.07 -19.49 -18.62
C10 CLA UF . -59.76 -19.60 -16.81
C11 CLA UF . -61.22 -19.48 -16.43
C12 CLA UF . -61.46 -19.97 -15.02
C13 CLA UF . -62.93 -20.20 -14.75
C14 CLA UF . -63.73 -18.94 -15.02
C15 CLA UF . -63.17 -20.66 -13.32
C16 CLA UF . -62.31 -21.86 -12.95
MG CLA VF . -59.73 -27.76 -20.26
CHA CLA VF . -57.71 -27.27 -23.04
CHB CLA VF . -59.89 -24.43 -19.75
CHC CLA VF . -61.63 -28.33 -17.46
CHD CLA VF . -59.36 -31.24 -20.67
NA CLA VF . -58.96 -26.13 -21.29
C1A CLA VF . -58.15 -26.11 -22.44
C2A CLA VF . -57.81 -24.67 -22.82
C3A CLA VF . -58.54 -23.82 -21.77
C4A CLA VF . -59.20 -24.85 -20.87
CMA CLA VF . -57.57 -22.99 -20.97
CAA CLA VF . -58.33 -24.26 -24.20
CBA CLA VF . -57.43 -23.18 -24.76
NB CLA VF . -60.71 -26.59 -18.94
C1B CLA VF . -60.50 -25.27 -18.82
C2B CLA VF . -61.01 -24.80 -17.49
C3B CLA VF . -61.51 -25.90 -16.84
C4B CLA VF . -61.31 -27.05 -17.76
CMB CLA VF . -60.92 -23.42 -17.03
CAB CLA VF . -62.07 -26.02 -15.53
CBB CLA VF . -63.30 -26.44 -15.20
NC CLA VF . -60.43 -29.47 -19.30
C1C CLA VF . -61.22 -29.47 -18.20
C2C CLA VF . -61.55 -30.82 -17.80
C3C CLA VF . -60.87 -31.64 -18.69
C4C CLA VF . -60.18 -30.79 -19.63
CMC CLA VF . -62.39 -31.18 -16.67
CAC CLA VF . -60.92 -33.09 -18.74
CBC CLA VF . -62.09 -33.44 -19.65
ND CLA VF . -58.78 -29.01 -21.51
C1D CLA VF . -58.69 -30.43 -21.54
C2D CLA VF . -57.82 -30.83 -22.65
C3D CLA VF . -57.43 -29.67 -23.26
C4D CLA VF . -58.05 -28.57 -22.52
CMD CLA VF . -57.47 -32.21 -22.97
CAD CLA VF . -56.66 -29.09 -24.33
OBD CLA VF . -55.99 -29.65 -25.19
CBD CLA VF . -56.79 -27.55 -24.21
CGD CLA VF . -55.44 -26.93 -24.04
O1D CLA VF . -54.68 -26.56 -24.93
O2D CLA VF . -55.03 -26.81 -22.75
CED CLA VF . -53.77 -26.20 -22.50
MG CLA WF . -70.32 -43.51 -16.48
CHA CLA WF . -69.84 -45.98 -14.09
CHB CLA WF . -66.98 -42.96 -16.63
CHC CLA WF . -70.84 -41.20 -18.98
CHD CLA WF . -73.79 -44.09 -16.32
NA CLA WF . -68.70 -44.34 -15.48
C1A CLA WF . -68.69 -45.38 -14.55
C2A CLA WF . -67.26 -45.69 -14.10
C3A CLA WF . -66.42 -44.60 -14.79
C4A CLA WF . -67.42 -43.90 -15.72
CMA CLA WF . -65.86 -43.63 -13.79
CAA CLA WF . -66.80 -47.07 -14.57
CBA CLA WF . -66.83 -47.24 -16.07
CGA CLA WF . -67.24 -48.62 -16.48
O1A CLA WF . -67.02 -49.69 -15.92
O2A CLA WF . -67.96 -48.62 -17.65
NB CLA WF . -69.13 -42.32 -17.60
C1B CLA WF . -67.79 -42.24 -17.51
C2B CLA WF . -67.27 -41.24 -18.46
C3B CLA WF . -68.36 -40.74 -19.14
C4B CLA WF . -69.56 -41.41 -18.59
CMB CLA WF . -65.86 -40.93 -18.59
CAB CLA WF . -68.44 -39.75 -20.18
CBB CLA WF . -67.87 -39.85 -21.37
NC CLA WF . -72.01 -42.78 -17.45
C1C CLA WF . -71.99 -41.84 -18.45
C2C CLA WF . -73.34 -41.58 -18.91
C3C CLA WF . -74.18 -42.38 -18.16
C4C CLA WF . -73.34 -43.14 -17.25
CMC CLA WF . -73.67 -40.63 -19.97
CAC CLA WF . -75.65 -42.46 -18.28
CBC CLA WF . -76.11 -43.61 -19.14
ND CLA WF . -71.58 -44.68 -15.43
C1D CLA WF . -72.99 -44.82 -15.46
C2D CLA WF . -73.39 -45.83 -14.46
C3D CLA WF . -72.22 -46.30 -13.90
C4D CLA WF . -71.12 -45.56 -14.55
CMD CLA WF . -74.76 -46.21 -14.15
CAD CLA WF . -71.64 -47.20 -12.92
OBD CLA WF . -72.21 -47.95 -12.14
CBD CLA WF . -70.09 -47.06 -13.05
CGD CLA WF . -69.41 -46.78 -11.74
O1D CLA WF . -68.24 -47.00 -11.45
O2D CLA WF . -70.21 -46.23 -10.79
CED CLA WF . -70.04 -46.70 -9.45
C1 CLA WF . -67.21 -48.79 -18.86
C2 CLA WF . -67.41 -50.19 -19.31
C3 CLA WF . -67.92 -50.53 -20.50
C4 CLA WF . -68.33 -49.54 -21.52
MG CLA XF . -63.08 -45.33 -18.61
CHA CLA XF . -63.66 -48.35 -20.24
CHB CLA XF . -62.96 -43.74 -21.61
CHC CLA XF . -62.39 -42.39 -16.98
CHD CLA XF . -63.11 -47.03 -15.53
NA CLA XF . -63.31 -45.96 -20.59
C1A CLA XF . -63.54 -47.26 -21.07
C2A CLA XF . -63.63 -47.28 -22.59
C3A CLA XF . -63.39 -45.81 -22.99
C4A CLA XF . -63.21 -45.10 -21.65
CMA CLA XF . -62.16 -45.64 -23.84
CAA CLA XF . -65.01 -47.64 -23.13
CBA CLA XF . -64.92 -48.46 -24.41
CGA CLA XF . -66.24 -48.39 -25.11
O1A CLA XF . -67.33 -48.04 -24.64
O2A CLA XF . -66.19 -48.77 -26.42
NB CLA XF . -62.73 -43.42 -19.19
C1B CLA XF . -62.76 -42.97 -20.46
C2B CLA XF . -62.52 -41.51 -20.48
C3B CLA XF . -62.35 -41.11 -19.18
C4B CLA XF . -62.49 -42.33 -18.33
CMB CLA XF . -62.49 -40.73 -21.72
CAB CLA XF . -62.09 -39.80 -18.67
CBB CLA XF . -62.88 -39.07 -17.90
NC CLA XF . -62.83 -44.81 -16.61
C1C CLA XF . -62.56 -43.55 -16.17
C2C CLA XF . -62.44 -43.55 -14.72
C3C CLA XF . -62.62 -44.86 -14.30
C4C CLA XF . -62.87 -45.65 -15.50
CMC CLA XF . -62.16 -42.35 -13.91
CAC CLA XF . -62.61 -45.36 -12.91
CBC CLA XF . -61.21 -45.61 -12.40
ND CLA XF . -63.40 -47.20 -17.96
C1D CLA XF . -63.37 -47.77 -16.66
C2D CLA XF . -63.63 -49.23 -16.76
C3D CLA XF . -63.72 -49.50 -18.11
C4D CLA XF . -63.56 -48.21 -18.82
CMD CLA XF . -63.72 -50.13 -15.62
CAD CLA XF . -63.95 -50.51 -19.12
OBD CLA XF . -64.21 -51.71 -18.97
CBD CLA XF . -63.84 -49.82 -20.51
CGD CLA XF . -62.65 -50.30 -21.28
O2D CLA XF . -62.51 -51.66 -21.33
CED CLA XF . -63.10 -52.35 -22.43
MG CLA YF . -59.73 -39.17 -11.73
CHA CLA YF . -59.07 -39.44 -8.33
CHB CLA YF . -61.12 -36.13 -11.23
CHC CLA YF . -60.07 -38.83 -15.13
CHD CLA YF . -58.27 -42.34 -12.22
NA CLA YF . -60.06 -38.01 -10.03
C1A CLA YF . -59.70 -38.28 -8.70
C2A CLA YF . -60.13 -37.13 -7.79
C3A CLA YF . -60.93 -36.20 -8.73
C4A CLA YF . -60.68 -36.80 -10.11
CMA CLA YF . -62.39 -36.18 -8.39
CAA CLA YF . -58.97 -36.35 -7.20
CBA CLA YF . -57.83 -36.07 -8.15
CGA CLA YF . -56.91 -35.05 -7.55
O1A CLA YF . -56.11 -34.30 -8.11
O2A CLA YF . -56.98 -34.98 -6.18
NB CLA YF . -60.50 -37.78 -12.95
C1B CLA YF . -60.95 -36.56 -12.55
C2B CLA YF . -61.27 -35.73 -13.74
C3B CLA YF . -60.98 -36.48 -14.85
C4B CLA YF . -60.49 -37.80 -14.36
CMB CLA YF . -61.77 -34.36 -13.65
CAB CLA YF . -61.07 -36.18 -16.24
CBB CLA YF . -62.20 -35.85 -16.87
NC CLA YF . -59.30 -40.40 -13.36
C1C CLA YF . -59.51 -40.04 -14.67
C2C CLA YF . -59.06 -41.11 -15.55
C3C CLA YF . -58.56 -42.11 -14.72
C4C CLA YF . -58.71 -41.66 -13.35
CMC CLA YF . -59.12 -41.05 -17.01
CAC CLA YF . -57.98 -43.40 -15.15
CBC CLA YF . -59.04 -44.42 -15.47
ND CLA YF . -58.91 -40.63 -10.60
C1D CLA YF . -58.33 -41.88 -10.92
C2D CLA YF . -57.87 -42.54 -9.69
C3D CLA YF . -58.13 -41.65 -8.67
C4D CLA YF . -58.77 -40.47 -9.29
CMD CLA YF . -57.25 -43.85 -9.62
CAD CLA YF . -58.06 -41.42 -7.23
OBD CLA YF . -57.67 -42.16 -6.34
CBD CLA YF . -58.61 -39.97 -6.99
CGD CLA YF . -59.69 -39.96 -5.95
O1D CLA YF . -60.71 -40.65 -5.93
O2D CLA YF . -59.48 -39.07 -4.94
CED CLA YF . -58.25 -39.10 -4.21
MG CLA ZF . -64.11 -38.92 -33.41
CHA CLA ZF . -65.85 -37.23 -30.92
CHB CLA ZF . -64.25 -41.77 -31.57
CHC CLA ZF . -62.61 -40.58 -36.00
CHD CLA ZF . -64.02 -35.94 -35.31
NA CLA ZF . -64.89 -39.38 -31.53
C1A CLA ZF . -65.60 -38.55 -30.64
C2A CLA ZF . -66.00 -39.32 -29.38
C3A CLA ZF . -65.30 -40.68 -29.56
C4A CLA ZF . -64.77 -40.63 -31.00
CMA CLA ZF . -64.20 -40.92 -28.57
CAA CLA ZF . -67.50 -39.53 -29.28
CBA CLA ZF . -68.12 -39.99 -30.58
CGA CLA ZF . -69.56 -39.58 -30.70
O1A CLA ZF . -70.45 -39.65 -29.86
O2A CLA ZF . -69.87 -39.09 -31.94
NB CLA ZF . -63.46 -40.80 -33.69
C1B CLA ZF . -63.73 -41.84 -32.88
C2B CLA ZF . -63.40 -43.11 -33.57
C3B CLA ZF . -62.93 -42.78 -34.81
C4B CLA ZF . -62.96 -41.30 -34.91
CMB CLA ZF . -63.59 -44.42 -32.94
CAB CLA ZF . -62.48 -43.62 -35.90
CBB CLA ZF . -61.44 -44.46 -35.83
NC CLA ZF . -63.41 -38.34 -35.28
C1C CLA ZF . -62.81 -39.18 -36.18
C2C CLA ZF . -62.43 -38.46 -37.38
C3C CLA ZF . -62.84 -37.14 -37.20
C4C CLA ZF . -63.45 -37.08 -35.88
CMC CLA ZF . -61.77 -39.07 -38.53
CAC CLA ZF . -62.67 -36.01 -38.12
CBC CLA ZF . -63.78 -35.90 -39.12
ND CLA ZF . -64.76 -37.01 -33.22
C1D CLA ZF . -64.64 -35.89 -34.08
C2D CLA ZF . -65.27 -34.73 -33.42
C3D CLA ZF . -65.75 -35.18 -32.21
C4D CLA ZF . -65.40 -36.62 -32.14
CMD CLA ZF . -65.35 -33.38 -34.00
CAD CLA ZF . -66.43 -34.83 -30.98
OBD CLA ZF . -66.83 -33.74 -30.62
CBD CLA ZF . -66.54 -36.13 -30.14
CGD CLA ZF . -65.94 -35.97 -28.77
O1D CLA ZF . -64.81 -35.58 -28.48
O2D CLA ZF . -66.79 -36.31 -27.76
MG CLA AG . -57.62 -34.90 -25.74
CHA CLA AG . -58.30 -31.76 -27.00
CHB CLA AG . -54.86 -35.10 -27.70
CHC CLA AG . -56.82 -37.87 -24.23
CHD CLA AG . -60.50 -34.66 -23.71
NA CLA AG . -56.78 -33.64 -27.16
C1A CLA AG . -57.19 -32.36 -27.55
C2A CLA AG . -56.26 -31.80 -28.65
C3A CLA AG . -55.33 -32.98 -28.95
C4A CLA AG . -55.66 -34.00 -27.87
CMA CLA AG . -55.59 -33.55 -30.32
CAA CLA AG . -55.43 -30.58 -28.25
CBA CLA AG . -53.96 -30.85 -28.05
CGA CLA AG . -53.46 -29.96 -26.98
O1A CLA AG . -53.75 -28.77 -26.80
O2A CLA AG . -52.56 -30.57 -26.13
NB CLA AG . -56.07 -36.18 -25.86
C1B CLA AG . -55.05 -36.13 -26.76
C2B CLA AG . -54.21 -37.34 -26.64
C3B CLA AG . -54.77 -38.12 -25.66
C4B CLA AG . -55.96 -37.40 -25.16
CMB CLA AG . -53.05 -37.61 -27.49
CAB CLA AG . -54.39 -39.42 -25.17
CBB CLA AG . -53.88 -39.65 -23.96
NC CLA AG . -58.54 -36.09 -24.30
C1C CLA AG . -58.05 -37.27 -23.85
C2C CLA AG . -58.93 -37.85 -22.84
C3C CLA AG . -59.97 -36.93 -22.67
C4C CLA AG . -59.72 -35.83 -23.59
CMC CLA AG . -58.67 -39.12 -22.17
CAC CLA AG . -61.14 -37.04 -21.78
CBC CLA AG . -60.84 -36.81 -20.32
ND CLA AG . -59.21 -33.67 -25.55
C1D CLA AG . -60.25 -33.65 -24.60
C2D CLA AG . -60.99 -32.38 -24.72
C3D CLA AG . -60.28 -31.62 -25.63
C4D CLA AG . -59.16 -32.45 -26.09
CMD CLA AG . -62.18 -32.05 -23.95
CAD CLA AG . -60.20 -30.36 -26.32
OBD CLA AG . -60.95 -29.39 -26.30
CBD CLA AG . -58.90 -30.38 -27.17
CGD CLA AG . -59.17 -30.12 -28.61
O1D CLA AG . -60.00 -30.66 -29.33
O2D CLA AG . -58.37 -29.17 -29.17
C1 CLA AG . -52.58 -30.23 -24.73
C2 CLA AG . -52.25 -31.47 -23.99
C3 CLA AG . -52.80 -31.82 -22.83
C4 CLA AG . -52.42 -33.08 -22.15
C5 CLA AG . -53.84 -30.98 -22.16
C6 CLA AG . -53.35 -30.37 -20.87
C7 CLA AG . -54.26 -30.70 -19.70
C8 CLA AG . -55.52 -29.84 -19.69
C9 CLA AG . -55.18 -28.37 -19.64
C10 CLA AG . -56.46 -30.28 -18.56
C11 CLA AG . -56.29 -29.53 -17.25
C12 CLA AG . -57.60 -28.91 -16.81
C13 CLA AG . -57.45 -28.07 -15.55
C14 CLA AG . -58.78 -27.84 -14.87
C15 CLA AG . -56.76 -26.74 -15.86
C16 CLA AG . -55.61 -26.47 -14.91
C17 CLA AG . -56.02 -25.59 -13.74
C18 CLA AG . -56.04 -24.10 -14.07
C19 CLA AG . -57.46 -23.55 -14.06
C20 CLA AG . -55.19 -23.32 -13.10
MG CLA BG . -74.18 -33.05 -31.10
CHA CLA BG . -73.72 -33.33 -34.50
CHB CLA BG . -76.92 -31.13 -31.65
CHC CLA BG . -74.85 -33.14 -27.74
CHD CLA BG . -71.37 -35.12 -30.59
NA CLA BG . -75.10 -32.31 -32.80
C1A CLA BG . -74.79 -32.58 -34.14
C2A CLA BG . -75.75 -31.86 -35.07
C3A CLA BG . -76.54 -30.94 -34.12
C4A CLA BG . -76.19 -31.50 -32.75
CMA CLA BG . -76.07 -29.52 -34.24
CAA CLA BG . -76.73 -32.79 -35.77
CBA CLA BG . -77.17 -33.97 -34.94
CGA CLA BG . -78.37 -33.68 -34.07
O1A CLA BG . -79.13 -32.72 -34.11
O2A CLA BG . -78.61 -34.64 -33.12
NB CLA BG . -75.67 -32.36 -29.94
C1B CLA BG . -76.66 -31.54 -30.34
C2B CLA BG . -77.46 -31.10 -29.17
C3B CLA BG . -76.89 -31.65 -28.06
C4B CLA BG . -75.73 -32.45 -28.52
CMB CLA BG . -78.58 -30.18 -29.31
CAB CLA BG . -77.25 -31.51 -26.69
CBB CLA BG . -77.98 -32.39 -26.01
NC CLA BG . -73.23 -33.89 -29.45
C1C CLA BG . -73.66 -33.78 -28.17
C2C CLA BG . -72.77 -34.53 -27.29
C3C CLA BG . -71.80 -35.12 -28.10
C4C CLA BG . -72.11 -34.72 -29.46
CMC CLA BG . -72.90 -34.61 -25.84
CAC CLA BG . -70.68 -35.98 -27.69
ND CLA BG . -72.68 -33.80 -32.21
C1D CLA BG . -71.62 -34.69 -31.88
C2D CLA BG . -70.92 -35.09 -33.12
C3D CLA BG . -71.68 -34.57 -34.15
C4D CLA BG . -72.80 -33.84 -33.53
CMD CLA BG . -69.71 -35.90 -33.16
CAD CLA BG . -71.81 -34.43 -35.58
OBD CLA BG . -71.04 -34.76 -36.46
CBD CLA BG . -73.18 -33.76 -35.85
CGD CLA BG . -73.03 -32.62 -36.83
O1D CLA BG . -73.06 -31.41 -36.59
O2D CLA BG . -72.81 -33.03 -38.10
CED CLA BG . -72.67 -32.03 -39.11
C1 CLA BG . -79.78 -34.48 -32.29
C2 CLA BG . -79.40 -34.78 -30.89
C3 CLA BG . -80.26 -34.66 -29.85
C4 CLA BG . -81.65 -34.20 -30.01
C5 CLA BG . -79.83 -34.98 -28.46
C6 CLA BG . -80.68 -36.07 -27.83
C7 CLA BG . -80.31 -36.30 -26.38
C8 CLA BG . -79.64 -37.64 -26.07
C9 CLA BG . -80.06 -38.75 -27.02
C10 CLA BG . -79.95 -38.06 -24.64
C11 CLA BG . -78.91 -39.00 -24.07
C12 CLA BG . -79.04 -39.10 -22.56
C13 CLA BG . -77.86 -39.82 -21.92
C14 CLA BG . -77.89 -41.30 -22.27
C15 CLA BG . -77.85 -39.66 -20.41
MG CLA CG . -83.39 -20.13 -22.13
CHA CLA CG . -83.30 -21.97 -25.07
CHB CLA CG . -85.87 -18.20 -23.41
CHC CLA CG . -83.59 -18.49 -19.15
CHD CLA CG . -80.91 -22.23 -20.78
NA CLA CG . -84.36 -20.07 -23.98
C1A CLA CG . -84.18 -20.92 -25.08
C2A CLA CG . -85.13 -20.50 -26.22
C3A CLA CG . -85.72 -19.17 -25.74
C4A CLA CG . -85.30 -19.13 -24.27
CMA CLA CG . -85.17 -18.00 -26.50
CAA CLA CG . -86.25 -21.50 -26.44
NB CLA CG . -84.43 -18.55 -21.46
C1B CLA CG . -85.55 -18.09 -22.06
C2B CLA CG . -86.44 -17.43 -21.08
C3B CLA CG . -85.80 -17.50 -19.86
C4B CLA CG . -84.50 -18.19 -20.10
CMB CLA CG . -87.72 -16.86 -21.45
CAB CLA CG . -86.20 -17.03 -18.57
NC CLA CG . -82.36 -20.28 -20.33
C1C CLA CG . -82.58 -19.46 -19.26
C2C CLA CG . -81.66 -19.79 -18.18
C3C CLA CG . -80.94 -20.90 -18.61
C4C CLA CG . -81.38 -21.19 -19.97
CMC CLA CG . -81.59 -19.11 -16.89
CAC CLA CG . -79.87 -21.59 -17.85
ND CLA CG . -82.30 -21.71 -22.73
C1D CLA CG . -81.34 -22.49 -22.05
C2D CLA CG . -80.91 -23.59 -22.93
C3D CLA CG . -81.61 -23.44 -24.12
C4D CLA CG . -82.46 -22.24 -23.95
CMD CLA CG . -79.96 -24.61 -22.51
CAD CLA CG . -81.86 -23.95 -25.44
OBD CLA CG . -81.35 -24.90 -26.03
CBD CLA CG . -82.96 -23.04 -26.09
CGD CLA CG . -82.55 -22.58 -27.47
O1D CLA CG . -81.42 -22.54 -27.95
O2D CLA CG . -83.59 -22.19 -28.28
MG CLA DG . -81.73 -29.55 -22.36
CHA CLA DG . -83.26 -28.28 -25.19
CHB CLA DG . -80.88 -32.35 -24.05
CHC CLA DG . -80.56 -30.92 -19.43
CHD CLA DG . -82.80 -26.71 -20.56
NA CLA DG . -81.97 -30.15 -24.34
C1A CLA DG . -82.63 -29.50 -25.39
C2A CLA DG . -82.57 -30.33 -26.67
C3A CLA DG . -81.69 -31.53 -26.28
C4A CLA DG . -81.48 -31.34 -24.78
CMA CLA DG . -82.36 -32.84 -26.56
CAA CLA DG . -81.94 -29.64 -27.87
CBA CLA DG . -82.37 -30.22 -29.20
CGA CLA DG . -83.83 -29.99 -29.45
O1A CLA DG . -84.38 -29.01 -29.93
O2A CLA DG . -84.60 -31.05 -29.08
NB CLA DG . -80.77 -31.24 -21.86
C1B CLA DG . -80.66 -32.32 -22.67
C2B CLA DG . -80.30 -33.53 -21.88
C3B CLA DG . -80.21 -33.13 -20.57
C4B CLA DG . -80.51 -31.68 -20.55
CMB CLA DG . -80.14 -34.83 -22.53
CAB CLA DG . -79.94 -33.84 -19.34
CBB CLA DG . -79.12 -34.87 -19.14
NC CLA DG . -81.60 -28.88 -20.39
C1C CLA DG . -81.07 -29.59 -19.36
C2C CLA DG . -81.14 -28.84 -18.13
C3C CLA DG . -81.82 -27.66 -18.43
C4C CLA DG . -82.10 -27.70 -19.85
CMC CLA DG . -80.64 -29.31 -16.84
CAC CLA DG . -82.17 -26.56 -17.52
CBC CLA DG . -83.59 -26.66 -17.00
ND CLA DG . -82.72 -27.84 -22.73
C1D CLA DG . -83.09 -26.76 -21.90
C2D CLA DG . -83.87 -25.79 -22.69
C3D CLA DG . -83.99 -26.34 -23.94
C4D CLA DG . -83.25 -27.62 -23.92
CMD CLA DG . -84.42 -24.55 -22.15
CAD CLA DG . -84.54 -26.18 -25.27
OBD CLA DG . -85.28 -25.32 -25.70
CBD CLA DG . -84.08 -27.40 -26.10
CGD CLA DG . -85.26 -28.14 -26.64
O1D CLA DG . -85.73 -29.21 -26.21
O2D CLA DG . -85.84 -27.54 -27.71
CED CLA DG . -87.26 -27.42 -27.74
MG CLA EG . -74.09 -24.84 -6.54
CHA CLA EG . -74.53 -25.45 -3.16
CHB CLA EG . -77.32 -25.65 -7.13
CHC CLA EG . -73.67 -23.93 -9.83
CHD CLA EG . -70.76 -23.88 -5.88
NA CLA EG . -75.64 -25.50 -5.33
C1A CLA EG . -75.64 -25.66 -3.93
C2A CLA EG . -77.02 -26.12 -3.45
C3A CLA EG . -77.82 -26.28 -4.75
C4A CLA EG . -76.87 -25.78 -5.83
CMA CLA EG . -78.20 -27.72 -4.93
CAA CLA EG . -77.74 -25.12 -2.56
CBA CLA EG . -78.18 -23.85 -3.24
CGA CLA EG . -77.08 -22.85 -3.18
O1A CLA EG . -76.20 -22.73 -2.34
O2A CLA EG . -77.05 -21.99 -4.22
NB CLA EG . -75.26 -24.82 -8.17
C1B CLA EG . -76.56 -25.19 -8.21
C2B CLA EG . -77.10 -25.01 -9.59
C3B CLA EG . -76.07 -24.53 -10.35
C4B CLA EG . -74.89 -24.40 -9.47
CMB CLA EG . -78.48 -25.30 -9.96
CAB CLA EG . -76.06 -24.17 -11.74
CBB CLA EG . -75.44 -24.86 -12.70
NC CLA EG . -72.49 -24.09 -7.65
C1C CLA EG . -72.54 -23.79 -8.98
C2C CLA EG . -71.26 -23.26 -9.42
C3C CLA EG . -70.43 -23.24 -8.30
C4C CLA EG . -71.21 -23.75 -7.19
CMC CLA EG . -70.96 -22.85 -10.78
CAC CLA EG . -69.05 -22.78 -8.24
CBC CLA EG . -68.93 -21.27 -8.08
ND CLA EG . -72.85 -24.79 -4.96
C1D CLA EG . -71.50 -24.36 -4.83
C2D CLA EG . -71.10 -24.50 -3.42
C3D CLA EG . -72.22 -24.91 -2.73
C4D CLA EG . -73.29 -25.06 -3.73
CMD CLA EG . -69.77 -24.22 -2.92
CAD CLA EG . -72.76 -25.30 -1.45
OBD CLA EG . -72.20 -25.42 -0.36
CBD CLA EG . -74.28 -25.55 -1.67
CGD CLA EG . -74.80 -26.82 -1.05
O1D CLA EG . -75.17 -27.85 -1.63
O2D CLA EG . -74.88 -26.77 0.30
CED CLA EG . -75.14 -27.99 1.01
C1 CLA EG . -75.83 -22.16 -4.97
C2 CLA EG . -75.56 -20.90 -5.70
C3 CLA EG . -74.30 -20.49 -5.90
C4 CLA EG . -73.16 -21.27 -5.39
C5 CLA EG . -73.99 -19.23 -6.63
C6 CLA EG . -73.08 -19.50 -7.81
C7 CLA EG . -73.80 -20.27 -8.89
C8 CLA EG . -74.42 -19.33 -9.91
C9 CLA EG . -75.93 -19.43 -9.87
C10 CLA EG . -73.87 -19.61 -11.30
C11 CLA EG . -72.49 -19.01 -11.48
C12 CLA EG . -72.00 -19.10 -12.91
C13 CLA EG . -72.08 -17.75 -13.60
C14 CLA EG . -72.54 -17.89 -15.04
C15 CLA EG . -70.74 -17.02 -13.55
C16 CLA EG . -69.61 -17.84 -14.14
C17 CLA EG . -68.26 -17.23 -13.85
C18 CLA EG . -68.00 -15.99 -14.70
C19 CLA EG . -67.11 -15.00 -13.98
C20 CLA EG . -67.36 -16.38 -16.01
MG CLA FG . -83.23 -22.77 -4.16
CHA CLA FG . -81.08 -20.17 -3.41
CHB CLA FG . -85.28 -21.80 -1.67
CHC CLA FG . -85.45 -25.18 -5.15
CHD CLA FG . -81.10 -23.71 -6.83
NA CLA FG . -83.13 -21.27 -2.73
C1A CLA FG . -82.15 -20.27 -2.58
C2A CLA FG . -82.48 -19.39 -1.37
C3A CLA FG . -83.63 -20.14 -0.68
C4A CLA FG . -84.07 -21.14 -1.75
CAA CLA FG . -82.94 -18.00 -1.78
CBA CLA FG . -83.81 -17.93 -3.02
CGA CLA FG . -83.58 -16.66 -3.76
O1A CLA FG . -82.56 -16.29 -4.35
O2A CLA FG . -84.66 -15.83 -3.78
NB CLA FG . -84.96 -23.47 -3.43
C1B CLA FG . -85.74 -22.75 -2.59
C2B CLA FG . -87.18 -23.10 -2.78
C3B CLA FG . -87.21 -24.04 -3.76
C4B CLA FG . -85.82 -24.31 -4.17
CMB CLA FG . -88.27 -22.48 -2.04
CAB CLA FG . -88.34 -24.72 -4.35
CBB CLA FG . -88.77 -25.93 -3.99
NC CLA FG . -83.22 -24.24 -5.65
C1C CLA FG . -84.20 -25.15 -5.84
C2C CLA FG . -83.86 -26.05 -6.92
C3C CLA FG . -82.66 -25.58 -7.45
C4C CLA FG . -82.27 -24.46 -6.63
CMC CLA FG . -84.69 -27.17 -7.38
CAC CLA FG . -81.89 -26.15 -8.55
CBC CLA FG . -82.24 -25.49 -9.87
ND CLA FG . -81.51 -22.14 -4.99
C1D CLA FG . -80.75 -22.60 -6.09
C2D CLA FG . -79.57 -21.74 -6.27
C3D CLA FG . -79.65 -20.78 -5.27
C4D CLA FG . -80.87 -21.08 -4.50
CMD CLA FG . -78.60 -21.93 -7.34
CAD CLA FG . -79.05 -19.61 -4.68
OBD CLA FG . -78.04 -19.00 -5.00
CBD CLA FG . -79.92 -19.21 -3.46
CGD CLA FG . -79.13 -19.32 -2.20
O1D CLA FG . -79.38 -20.03 -1.23
O2D CLA FG . -78.03 -18.52 -2.13
CED CLA FG . -77.94 -17.75 -0.94
C1 CLA FG . -84.83 -14.96 -2.66
C2 CLA FG . -86.25 -15.13 -2.21
C3 CLA FG . -87.26 -14.32 -2.56
C4 CLA FG . -88.64 -14.55 -2.09
C5 CLA FG . -87.04 -13.14 -3.44
C6 CLA FG . -87.55 -11.83 -2.85
C7 CLA FG . -87.50 -10.74 -3.91
C8 CLA FG . -87.21 -9.37 -3.33
C9 CLA FG . -88.32 -8.92 -2.41
C10 CLA FG . -87.00 -8.34 -4.46
MG CLA GG . -65.95 -16.97 -1.71
CHA CLA GG . -65.60 -20.12 -3.12
CHB CLA GG . -62.79 -17.15 -0.54
CHC CLA GG . -66.32 -13.81 -0.46
CHD CLA GG . -69.25 -16.84 -2.96
NA CLA GG . -64.46 -18.43 -1.80
C1A CLA GG . -64.50 -19.68 -2.44
C2A CLA GG . -63.18 -20.43 -2.25
C3A CLA GG . -62.38 -19.52 -1.31
C4A CLA GG . -63.25 -18.27 -1.20
CMA CLA GG . -62.13 -20.17 0.03
CAA CLA GG . -62.38 -20.62 -3.54
CBA CLA GG . -62.45 -19.40 -4.44
CGA CLA GG . -62.75 -19.83 -5.84
O1A CLA GG . -63.72 -20.45 -6.27
O2A CLA GG . -61.78 -19.45 -6.73
NB CLA GG . -64.81 -15.75 -0.59
C1B CLA GG . -63.49 -15.95 -0.39
C2B CLA GG . -62.85 -14.66 0.01
C3B CLA GG . -63.84 -13.71 0.04
C4B CLA GG . -65.11 -14.39 -0.35
CMB CLA GG . -61.43 -14.54 0.28
CAB CLA GG . -63.75 -12.31 0.34
CBB CLA GG . -64.33 -11.67 1.35
NC CLA GG . -67.52 -15.60 -1.68
C1C CLA GG . -67.46 -14.37 -1.09
C2C CLA GG . -68.75 -13.70 -1.21
C3C CLA GG . -69.57 -14.54 -1.96
C4C CLA GG . -68.79 -15.73 -2.24
CMC CLA GG . -69.05 -12.37 -0.67
CAC CLA GG . -70.97 -14.29 -2.33
CBC CLA GG . -71.18 -13.87 -3.77
ND CLA GG . -67.17 -18.12 -2.83
C1D CLA GG . -68.50 -17.94 -3.26
C2D CLA GG . -68.92 -19.13 -4.00
C3D CLA GG . -67.85 -20.00 -3.99
C4D CLA GG . -66.79 -19.32 -3.23
CMD CLA GG . -70.21 -19.27 -4.63
CAD CLA GG . -67.35 -21.29 -4.41
OBD CLA GG . -67.90 -22.17 -5.06
CBD CLA GG . -65.92 -21.42 -3.84
CGD CLA GG . -65.85 -22.57 -2.88
O1D CLA GG . -66.20 -22.57 -1.71
O2D CLA GG . -65.36 -23.72 -3.45
CED CLA GG . -65.10 -24.82 -2.57
C1 LUT HG . -78.62 -30.42 -9.70
C2 LUT HG . -78.16 -31.06 -8.41
C3 LUT HG . -77.33 -30.11 -7.59
C4 LUT HG . -76.08 -29.75 -8.35
C5 LUT HG . -76.44 -29.19 -9.69
C6 LUT HG . -77.52 -29.60 -10.37
C7 LUT HG . -77.71 -29.20 -11.80
C8 LUT HG . -77.11 -29.84 -12.81
C9 LUT HG . -77.32 -29.42 -14.20
C10 LUT HG . -76.89 -30.26 -15.14
C11 LUT HG . -77.03 -30.00 -16.56
C12 LUT HG . -76.87 -31.07 -17.30
C13 LUT HG . -76.94 -31.09 -18.77
C14 LUT HG . -76.80 -32.28 -19.36
C15 LUT HG . -76.87 -32.50 -20.79
C16 LUT HG . -79.77 -29.47 -9.42
C17 LUT HG . -79.16 -31.55 -10.57
C18 LUT HG . -75.53 -28.11 -10.21
C19 LUT HG . -77.98 -28.12 -14.52
C20 LUT HG . -77.14 -29.83 -19.55
O3 LUT HG . -76.95 -30.72 -6.35
C21 LUT HG . -78.04 -38.43 -31.88
C22 LUT HG . -78.51 -37.99 -33.26
C23 LUT HG . -77.39 -37.81 -34.28
C24 LUT HG . -76.18 -37.13 -33.67
C25 LUT HG . -75.85 -37.39 -32.39
C26 LUT HG . -76.95 -37.48 -31.38
C27 LUT HG . -76.47 -37.92 -30.02
C28 LUT HG . -76.51 -36.99 -29.07
C29 LUT HG . -76.11 -37.23 -27.67
C30 LUT HG . -76.32 -36.23 -26.82
C31 LUT HG . -76.02 -36.29 -25.40
C32 LUT HG . -76.38 -35.21 -24.72
C33 LUT HG . -76.21 -35.07 -23.27
C34 LUT HG . -76.60 -33.92 -22.70
C35 LUT HG . -76.52 -33.69 -21.27
C36 LUT HG . -77.56 -39.88 -31.91
C37 LUT HG . -79.25 -38.38 -30.95
C38 LUT HG . -74.42 -37.57 -32.00
C39 LUT HG . -75.54 -38.54 -27.24
C40 LUT HG . -75.66 -36.20 -22.45
O23 LUT HG . -77.87 -37.06 -35.39
C1 XAT IG . -65.51 -38.80 -13.77
C2 XAT IG . -65.87 -40.02 -12.94
C3 XAT IG . -67.31 -40.01 -12.51
C4 XAT IG . -68.10 -40.21 -13.78
C5 XAT IG . -68.00 -38.98 -14.65
C6 XAT IG . -66.65 -38.23 -14.64
C7 XAT IG . -66.26 -37.61 -15.98
C8 XAT IG . -66.37 -36.29 -16.05
C9 XAT IG . -66.05 -35.46 -17.23
C10 XAT IG . -66.01 -34.14 -17.03
C11 XAT IG . -65.70 -33.15 -18.05
C12 XAT IG . -65.80 -31.89 -17.64
C13 XAT IG . -65.50 -30.72 -18.45
C14 XAT IG . -65.59 -29.52 -17.89
C15 XAT IG . -65.27 -28.29 -18.58
C16 XAT IG . -64.32 -39.17 -14.64
C17 XAT IG . -65.06 -37.71 -12.82
C18 XAT IG . -68.65 -39.06 -16.03
C19 XAT IG . -65.80 -36.06 -18.57
C20 XAT IG . -65.05 -30.87 -19.88
O3 XAT IG . -67.58 -41.07 -11.61
O4 XAT IG . -67.82 -37.71 -14.01
C21 XAT IG . -63.77 -15.47 -19.52
C22 XAT IG . -63.66 -14.15 -20.25
C23 XAT IG . -63.27 -14.32 -21.70
C24 XAT IG . -64.47 -14.94 -22.35
C25 XAT IG . -64.71 -16.36 -21.83
C26 XAT IG . -64.34 -16.63 -20.35
C27 XAT IG . -65.23 -17.62 -19.63
C28 XAT IG . -64.65 -18.80 -19.40
C29 XAT IG . -65.29 -19.91 -18.69
C30 XAT IG . -64.66 -21.09 -18.73
C31 XAT IG . -65.17 -22.28 -18.06
C32 XAT IG . -64.85 -23.46 -18.56
C33 XAT IG . -65.30 -24.71 -17.91
C34 XAT IG . -65.00 -25.87 -18.49
C35 XAT IG . -65.36 -27.15 -17.90
C36 XAT IG . -64.60 -15.24 -18.27
C37 XAT IG . -62.38 -15.90 -19.08
C38 XAT IG . -66.00 -17.04 -22.26
C39 XAT IG . -66.57 -19.73 -17.95
C40 XAT IG . -66.08 -24.65 -16.64
O23 XAT IG . -63.02 -13.05 -22.29
O24 XAT IG . -63.58 -17.14 -21.44
C1 BCR JG . -55.12 -44.76 -41.14
C2 BCR JG . -53.69 -44.79 -41.67
C3 BCR JG . -52.78 -45.69 -40.83
C4 BCR JG . -53.28 -47.13 -40.82
C5 BCR JG . -54.78 -47.17 -40.81
C6 BCR JG . -55.51 -46.09 -40.53
C7 BCR JG . -56.71 -46.25 -39.69
C8 BCR JG . -56.61 -46.44 -38.36
C9 BCR JG . -57.81 -46.61 -37.52
C10 BCR JG . -57.67 -46.82 -36.20
C11 BCR JG . -58.82 -47.04 -35.33
C33 BCR JG . -55.48 -48.45 -41.16
C31 BCR JG . -56.11 -44.44 -42.24
C32 BCR JG . -55.16 -43.66 -40.07
C34 BCR JG . -59.18 -46.59 -38.16
C12 BCR JG . -58.74 -46.86 -34.01
C13 BCR JG . -59.90 -47.11 -33.13
C14 BCR JG . -60.15 -46.31 -32.08
C15 BCR JG . -61.27 -46.56 -31.18
C16 BCR JG . -61.59 -45.71 -30.20
C17 BCR JG . -62.71 -46.01 -29.31
C18 BCR JG . -62.96 -45.25 -28.23
C19 BCR JG . -64.06 -45.58 -27.30
C20 BCR JG . -64.57 -44.67 -26.47
C21 BCR JG . -65.62 -45.06 -25.55
C22 BCR JG . -66.13 -44.22 -24.63
C23 BCR JG . -67.17 -44.72 -23.71
C24 BCR JG . -67.79 -43.90 -22.84
C25 BCR JG . -68.83 -44.37 -21.87
C26 BCR JG . -68.42 -44.94 -20.73
C27 BCR JG . -69.35 -45.83 -19.96
C28 BCR JG . -70.59 -45.00 -19.75
C29 BCR JG . -71.23 -44.71 -21.08
C30 BCR JG . -70.30 -44.16 -22.16
C35 BCR JG . -60.77 -48.30 -33.41
C36 BCR JG . -62.09 -44.08 -27.91
C37 BCR JG . -65.64 -42.81 -24.52
C38 BCR JG . -67.07 -44.67 -20.16
C39 BCR JG . -70.54 -42.66 -22.29
C40 BCR JG . -70.71 -44.82 -23.47
O1 LHG KG . -82.64 -13.04 -24.00
C1 LHG KG . -83.89 -13.64 -23.71
C2 LHG KG . -83.64 -15.05 -23.22
O2 LHG KG . -83.53 -15.08 -21.82
C3 LHG KG . -82.36 -15.63 -23.72
O3 LHG KG . -82.34 -16.84 -23.00
P LHG KG . -81.42 -18.06 -23.48
O4 LHG KG . -82.30 -19.20 -23.82
O5 LHG KG . -80.30 -17.40 -24.18
O6 LHG KG . -80.91 -18.43 -21.97
C4 LHG KG . -80.41 -17.43 -21.14
C5 LHG KG . -79.29 -18.13 -20.39
C6 LHG KG . -78.26 -18.71 -21.35
O7 LHG KG . -78.66 -17.13 -19.63
C7 LHG KG . -78.11 -17.59 -18.48
O9 LHG KG . -78.37 -18.69 -18.02
C8 LHG KG . -76.96 -16.75 -18.10
C9 LHG KG . -77.14 -16.25 -16.69
C10 LHG KG . -76.14 -15.17 -16.41
O8 LHG KG . -77.78 -19.86 -20.66
C23 LHG KG . -76.83 -20.61 -21.29
O10 LHG KG . -76.64 -20.45 -22.47
C24 LHG KG . -75.73 -21.24 -20.46
C11 LHG KG . -76.64 -14.65 -15.10
C12 LHG KG . -75.52 -14.03 -14.36
C13 LHG KG . -74.59 -15.13 -13.87
C14 LHG KG . -73.87 -14.74 -12.60
C15 LHG KG . -72.63 -13.99 -13.05
C16 LHG KG . -72.29 -12.95 -12.02
C17 LHG KG . -71.95 -13.59 -10.70
C18 LHG KG . -70.63 -12.99 -10.36
C19 LHG KG . -70.72 -11.62 -9.72
C20 LHG KG . -71.15 -11.96 -8.32
C21 LHG KG . -70.88 -10.79 -7.41
C22 LHG KG . -70.85 -11.30 -5.99
C25 LHG KG . -74.98 -20.29 -19.57
C26 LHG KG . -74.34 -20.88 -18.33
C27 LHG KG . -75.47 -20.87 -17.32
C28 LHG KG . -75.47 -19.71 -16.37
C29 LHG KG . -75.43 -20.33 -14.98
C30 LHG KG . -76.61 -20.03 -14.09
C31 LHG KG . -76.95 -21.10 -13.08
C32 LHG KG . -78.28 -20.93 -12.40
C33 LHG KG . -78.79 -22.32 -12.09
C34 LHG KG . -80.28 -22.53 -12.25
C35 LHG KG . -80.61 -23.21 -13.56
C36 LHG KG . -79.87 -24.53 -13.63
C37 LHG KG . -80.69 -25.47 -14.45
C38 LHG KG . -81.96 -25.94 -13.80
MG CLA LG . 19.07 57.49 21.47
CHA CLA LG . 20.50 59.12 18.78
CHB CLA LG . 16.97 55.84 19.38
CHC CLA LG . 17.80 55.83 24.16
CHD CLA LG . 21.40 59.09 23.60
NA CLA LG . 18.78 57.52 19.41
C1A CLA LG . 19.49 58.26 18.45
C2A CLA LG . 18.97 57.94 17.05
C3A CLA LG . 17.77 57.02 17.30
C4A CLA LG . 17.84 56.75 18.79
CMA CLA LG . 16.48 57.67 16.94
CAA CLA LG . 20.00 57.18 16.24
CBA CLA LG . 20.72 56.07 16.99
CGA CLA LG . 19.99 54.78 16.76
O1A CLA LG . 19.39 54.49 15.74
O2A CLA LG . 19.94 53.92 17.82
NB CLA LG . 17.67 56.08 21.72
C1B CLA LG . 16.90 55.54 20.75
C2B CLA LG . 15.90 54.63 21.35
C3B CLA LG . 16.13 54.64 22.70
C4B CLA LG . 17.25 55.56 22.95
CMB CLA LG . 14.91 53.90 20.57
CAB CLA LG . 15.48 53.94 23.77
CBB CLA LG . 15.41 52.62 23.89
NC CLA LG . 19.50 57.50 23.51
C1C CLA LG . 18.85 56.74 24.44
C2C CLA LG . 19.42 56.98 25.76
C3C CLA LG . 20.45 57.89 25.60
C4C CLA LG . 20.50 58.20 24.18
CMC CLA LG . 19.00 56.37 27.01
CAC CLA LG . 21.32 58.42 26.64
CBC CLA LG . 22.65 57.71 26.69
ND CLA LG . 20.52 58.87 21.32
C1D CLA LG . 21.40 59.43 22.27
C2D CLA LG . 22.32 60.35 21.60
C3D CLA LG . 21.99 60.31 20.26
C4D CLA LG . 20.90 59.35 20.13
CMD CLA LG . 23.30 61.12 22.33
CAD CLA LG . 22.31 60.78 18.94
OBD CLA LG . 23.14 61.61 18.58
CBD CLA LG . 21.36 60.06 17.96
CGD CLA LG . 20.48 61.06 17.30
O1D CLA LG . 20.64 61.63 16.23
O2D CLA LG . 19.39 61.36 18.03
CED CLA LG . 18.18 61.59 17.30
C1 CLA LG . 18.76 53.06 17.87
C2 CLA LG . 18.65 52.51 19.24
C3 CLA LG . 18.11 51.32 19.53
C4 CLA LG . 17.56 50.44 18.50
C5 CLA LG . 18.03 50.83 20.94
C6 CLA LG . 18.65 49.45 21.09
C7 CLA LG . 19.06 49.21 22.52
C8 CLA LG . 19.94 47.98 22.68
C9 CLA LG . 19.13 46.74 22.39
C10 CLA LG . 20.53 47.85 24.08
C11 CLA LG . 21.02 49.16 24.65
C12 CLA LG . 21.22 49.07 26.14
C13 CLA LG . 22.69 48.90 26.50
C14 CLA LG . 22.86 48.83 28.00
C15 CLA LG . 23.53 50.04 25.95
MG CLA MG . 12.04 49.01 25.24
CHA CLA MG . 10.70 48.80 22.09
CHB CLA MG . 15.14 49.15 23.97
CHC CLA MG . 13.27 49.35 28.43
CHD CLA MG . 8.82 48.61 26.58
NA CLA MG . 12.77 49.02 23.31
C1A CLA MG . 12.06 48.97 22.11
C2A CLA MG . 13.00 49.03 20.92
C3A CLA MG . 14.38 49.02 21.55
C4A CLA MG . 14.10 49.10 23.05
CMA CLA MG . 15.10 47.75 21.18
CAA CLA MG . 12.87 50.39 20.27
CBA CLA MG . 12.30 50.34 18.87
CGA CLA MG . 13.23 49.55 18.01
O1A CLA MG . 14.45 49.49 18.06
O2A CLA MG . 12.59 48.81 17.06
NB CLA MG . 13.84 49.36 26.04
C1B CLA MG . 14.99 49.19 25.36
C2B CLA MG . 16.11 49.06 26.32
C3B CLA MG . 15.58 49.12 27.58
C4B CLA MG . 14.13 49.29 27.40
CMB CLA MG . 17.48 48.85 25.88
CAB CLA MG . 16.12 48.98 28.91
CBB CLA MG . 17.29 49.40 29.36
NC CLA MG . 11.19 49.01 27.14
C1C CLA MG . 11.88 49.21 28.30
C2C CLA MG . 10.98 49.24 29.42
C3C CLA MG . 9.72 48.97 28.91
C4C CLA MG . 9.86 48.85 27.48
CMC CLA MG . 11.39 49.47 30.81
CAC CLA MG . 8.47 48.95 29.65
CBC CLA MG . 7.97 50.37 29.66
ND CLA MG . 10.18 48.65 24.58
C1D CLA MG . 8.95 48.50 25.23
C2D CLA MG . 7.90 48.26 24.23
C3D CLA MG . 8.52 48.38 23.01
C4D CLA MG . 9.94 48.64 23.27
CMD CLA MG . 6.50 47.97 24.53
CAD CLA MG . 8.37 48.27 21.59
OBD CLA MG . 7.40 47.92 20.95
CBD CLA MG . 9.71 48.65 20.96
CGD CLA MG . 10.09 47.60 19.98
O1D CLA MG . 10.91 46.69 20.11
O2D CLA MG . 9.40 47.68 18.82
CED CLA MG . 8.83 46.45 18.40
C1 CLA MG . 12.57 47.42 17.37
C2 CLA MG . 13.58 46.77 16.50
C3 CLA MG . 13.83 45.46 16.54
C4 CLA MG . 14.83 44.85 15.66
C5 CLA MG . 13.10 44.54 17.46
C6 CLA MG . 12.20 43.62 16.68
C7 CLA MG . 10.84 43.52 17.36
C8 CLA MG . 10.63 42.14 17.99
C9 CLA MG . 9.21 41.68 17.76
C10 CLA MG . 10.91 42.21 19.49
MG CLA NG . 2.86 56.81 40.98
CHA CLA NG . 1.51 55.64 43.95
CHB CLA NG . 2.00 53.90 39.45
CHC CLA NG . 3.88 58.14 38.00
CHD CLA NG . 3.55 59.88 42.57
NA CLA NG . 1.95 55.06 41.63
C1A CLA NG . 1.42 54.77 42.90
C2A CLA NG . 0.81 53.37 42.93
C3A CLA NG . 1.26 52.79 41.59
C4A CLA NG . 1.75 53.99 40.80
CMA CLA NG . 2.40 51.85 41.84
CAA CLA NG . -0.71 53.40 43.05
CBA CLA NG . -1.46 54.13 41.95
CGA CLA NG . -2.86 54.52 42.34
O1A CLA NG . -3.40 54.41 43.44
O2A CLA NG . -3.57 55.07 41.33
NB CLA NG . 2.99 56.12 39.10
C1B CLA NG . 2.49 54.95 38.67
C2B CLA NG . 2.51 54.92 37.19
C3B CLA NG . 3.03 56.10 36.75
C4B CLA NG . 3.36 56.89 37.97
CMB CLA NG . 2.01 53.78 36.45
CAB CLA NG . 3.26 56.58 35.42
CBB CLA NG . 4.02 55.96 34.52
NC CLA NG . 3.65 58.64 40.41
C1C CLA NG . 4.02 58.96 39.14
C2C CLA NG . 4.54 60.31 39.10
C3C CLA NG . 4.39 60.82 40.38
C4C CLA NG . 3.83 59.77 41.20
CMC CLA NG . 5.06 60.98 37.91
CAC CLA NG . 4.77 62.16 40.84
CBC CLA NG . 3.59 63.09 40.89
ND CLA NG . 2.70 57.60 42.82
C1D CLA NG . 3.03 58.87 43.34
C2D CLA NG . 2.73 58.89 44.78
C3D CLA NG . 2.18 57.66 45.07
C4D CLA NG . 2.15 56.91 43.81
CMD CLA NG . 3.01 60.02 45.66
CAD CLA NG . 1.63 56.81 46.09
OBD CLA NG . 1.54 56.99 47.29
CBD CLA NG . 1.12 55.52 45.39
CGD CLA NG . 1.74 54.30 46.00
O1D CLA NG . 2.74 53.69 45.63
O2D CLA NG . 1.07 53.83 47.09
CED CLA NG . 1.11 52.42 47.33
C1 CLA NG . -4.39 56.21 41.67
C2 CLA NG . -5.26 56.53 40.51
C3 CLA NG . -5.42 57.77 39.99
C4 CLA NG . -4.71 58.95 40.53
C5 CLA NG . -6.30 58.00 38.82
C6 CLA NG . -7.80 57.95 39.15
C7 CLA NG . -8.60 58.77 38.17
C8 CLA NG . -10.08 58.40 38.19
C9 CLA NG . -10.26 57.00 37.67
C10 CLA NG . -10.94 59.37 37.39
C11 CLA NG . -11.33 60.61 38.16
C12 CLA NG . -12.30 61.50 37.40
C13 CLA NG . -11.80 62.93 37.26
C14 CLA NG . -10.48 62.96 36.51
C15 CLA NG . -11.68 63.63 38.62
C16 CLA NG . -11.04 65.01 38.53
C17 CLA NG . -9.85 65.11 39.45
C18 CLA NG . -9.61 66.52 39.99
C19 CLA NG . -10.16 66.66 41.39
C20 CLA NG . -8.13 66.82 40.01
MG CLA OG . -1.93 51.65 37.45
CHA CLA OG . -4.93 53.26 37.96
CHB CLA OG . -1.95 52.63 34.21
CHC CLA OG . 1.07 50.05 37.02
CHD CLA OG . -2.02 50.51 40.79
NA CLA OG . -3.22 52.81 36.31
C1A CLA OG . -4.42 53.39 36.70
C2A CLA OG . -5.05 54.17 35.55
C3A CLA OG . -4.15 53.82 34.35
C4A CLA OG . -3.00 53.05 34.99
CMA CLA OG . -4.87 52.95 33.37
CAA CLA OG . -4.86 55.64 35.90
CBA CLA OG . -5.43 56.63 34.91
CGA CLA OG . -6.90 56.54 34.82
O1A CLA OG . -7.74 57.19 35.43
O2A CLA OG . -7.34 55.61 33.93
NB CLA OG . -0.70 51.35 35.89
C1B CLA OG . -0.84 51.89 34.67
C2B CLA OG . 0.35 51.57 33.83
C3B CLA OG . 1.18 50.85 34.62
C4B CLA OG . 0.54 50.68 35.94
CMB CLA OG . 0.51 52.00 32.45
CAB CLA OG . 2.48 50.32 34.34
CBB CLA OG . 3.54 51.07 34.13
NC CLA OG . -0.69 50.52 38.69
C1C CLA OG . 0.51 49.98 38.31
C2C CLA OG . 1.11 49.28 39.43
C3C CLA OG . 0.22 49.37 40.48
C4C CLA OG . -0.91 50.16 40.01
CMC CLA OG . 2.39 48.60 39.38
CAC CLA OG . 0.37 48.79 41.81
CBC CLA OG . -0.23 47.40 41.87
ND CLA OG . -3.07 51.92 39.08
C1D CLA OG . -3.04 51.33 40.37
C2D CLA OG . -4.23 51.74 41.11
C3D CLA OG . -4.99 52.49 40.24
C4D CLA OG . -4.24 52.54 38.99
CMD CLA OG . -4.50 51.38 42.49
CAD CLA OG . -6.21 53.24 40.06
OBD CLA OG . -7.08 53.54 40.87
CBD CLA OG . -6.26 53.66 38.57
CGD CLA OG . -7.36 52.95 37.82
O1D CLA OG . -8.45 53.40 37.47
O2D CLA OG . -7.04 51.67 37.51
C1 CLA OG . -8.39 54.76 34.41
C2 CLA OG . -9.32 54.48 33.29
C3 CLA OG . -10.34 55.26 32.95
C4 CLA OG . -11.24 54.91 31.82
C5 CLA OG . -10.65 56.52 33.68
C6 CLA OG . -10.67 57.75 32.79
C7 CLA OG . -11.87 58.63 33.11
C8 CLA OG . -13.12 58.23 32.34
C9 CLA OG . -13.68 59.41 31.57
C10 CLA OG . -14.20 57.68 33.27
MG CLA PG . 5.20 42.01 36.97
CHA CLA PG . 2.46 43.89 36.11
CHB CLA PG . 3.16 39.68 38.36
CHC CLA PG . 7.93 40.00 37.47
CHD CLA PG . 7.24 44.29 35.20
NA CLA PG . 3.15 41.87 37.26
C1A CLA PG . 2.17 42.74 36.79
C2A CLA PG . 0.79 42.23 37.16
C3A CLA PG . 1.08 41.08 38.13
C4A CLA PG . 2.56 40.82 37.90
CMA CLA PG . 0.80 41.54 39.53
CAA CLA PG . 0.10 41.61 35.95
CBA CLA PG . 0.97 41.06 34.83
CGA CLA PG . 0.52 39.70 34.38
O1A CLA PG . -0.12 38.86 35.01
O2A CLA PG . 0.91 39.38 33.09
NB CLA PG . 5.50 40.21 37.82
C1B CLA PG . 4.52 39.37 38.24
C2B CLA PG . 5.12 38.07 38.62
C3B CLA PG . 6.45 38.15 38.36
C4B CLA PG . 6.72 39.52 37.85
CMB CLA PG . 4.33 36.95 39.12
CAB CLA PG . 7.49 37.17 38.53
NC CLA PG . 7.23 42.18 36.51
C1C CLA PG . 8.17 41.26 36.85
C2C CLA PG . 9.48 41.71 36.41
C3C CLA PG . 9.27 42.87 35.69
C4C CLA PG . 7.85 43.16 35.76
CMC CLA PG . 10.71 40.97 36.63
CAC CLA PG . 10.26 43.71 35.02
CBC CLA PG . 10.72 44.88 35.86
ND CLA PG . 4.99 43.76 36.01
C1D CLA PG . 5.90 44.58 35.31
C2D CLA PG . 5.19 45.75 34.76
C3D CLA PG . 3.86 45.55 35.08
C4D CLA PG . 3.79 44.28 35.81
CMD CLA PG . 5.81 46.84 34.04
CAD CLA PG . 2.51 46.06 34.98
OBD CLA PG . 2.11 47.11 34.51
CBD CLA PG . 1.58 45.00 35.60
CGD CLA PG . 0.87 45.60 36.77
O1D CLA PG . 1.37 45.87 37.86
O2D CLA PG . -0.46 45.84 36.61
CED CLA PG . -1.16 46.47 37.67
C1 CLA PG . -0.12 38.94 32.17
C2 CLA PG . 0.55 38.13 31.11
C3 CLA PG . 0.02 37.84 29.89
C4 CLA PG . 0.80 37.02 28.92
C5 CLA PG . -1.32 38.31 29.44
C6 CLA PG . -2.12 37.27 28.66
C7 CLA PG . -2.46 37.72 27.24
C8 CLA PG . -3.95 37.67 26.88
C9 CLA PG . -4.80 38.34 27.92
C10 CLA PG . -4.45 36.24 26.67
C11 CLA PG . -5.83 36.27 26.07
C12 CLA PG . -6.78 35.32 26.79
MG CLA QG . -2.60 59.07 23.53
CHA CLA QG . 0.47 59.70 24.98
CHB CLA QG . -3.92 58.40 26.55
CHC CLA QG . -5.64 58.58 22.02
CHD CLA QG . -1.22 59.91 20.41
NA CLA QG . -1.80 59.03 25.46
C1A CLA QG . -0.51 59.36 25.87
C2A CLA QG . -0.37 59.20 27.39
C3A CLA QG . -1.76 58.71 27.82
C4A CLA QG . -2.57 58.70 26.53
CMA CLA QG . -1.64 57.32 28.39
CAA CLA QG . -0.11 60.51 28.11
CBA CLA QG . -1.16 61.55 27.84
CGA CLA QG . -0.49 62.79 27.34
O1A CLA QG . 0.68 62.96 27.04
O2A CLA QG . -1.34 63.85 27.21
NB CLA QG . -4.43 58.58 24.16
C1B CLA QG . -4.76 58.34 25.44
C2B CLA QG . -6.19 57.97 25.51
C3B CLA QG . -6.69 58.02 24.24
C4B CLA QG . -5.56 58.41 23.36
CMB CLA QG . -6.82 57.68 26.77
CAB CLA QG . -8.01 57.77 23.73
CBB CLA QG . -8.75 56.69 23.96
NC CLA QG . -3.28 59.19 21.57
C1C CLA QG . -4.56 58.95 21.17
C2C CLA QG . -4.67 59.18 19.74
C3C CLA QG . -3.43 59.58 19.31
C4C CLA QG . -2.56 59.59 20.46
CMC CLA QG . -5.85 59.02 18.90
CAC CLA QG . -3.04 59.94 17.97
CBC CLA QG . -3.20 61.42 17.73
ND CLA QG . -0.82 59.59 22.79
C1D CLA QG . -0.39 59.91 21.48
C2D CLA QG . 1.06 60.19 21.50
C3D CLA QG . 1.41 60.12 22.81
C4D CLA QG . 0.22 59.77 23.59
CMD CLA QG . 1.88 60.47 20.34
CAD CLA QG . 2.49 60.23 23.72
OBD CLA QG . 3.65 60.44 23.44
CBD CLA QG . 1.93 60.02 25.15
CGD CLA QG . 2.65 58.94 25.88
O1D CLA QG . 2.52 57.73 25.74
O2D CLA QG . 3.52 59.39 26.80
CED CLA QG . 3.74 58.56 27.94
C1 CLA QG . -0.73 65.14 27.30
C2 CLA QG . -0.64 65.47 28.74
C3 CLA QG . -1.31 66.51 29.26
C4 CLA QG . -2.16 67.39 28.43
C5 CLA QG . -1.21 66.84 30.71
C6 CLA QG . -1.90 65.79 31.56
C7 CLA QG . -3.04 66.40 32.34
C8 CLA QG . -2.98 66.04 33.82
C9 CLA QG . -1.64 66.41 34.43
C10 CLA QG . -3.27 64.55 34.03
MG CLA RG . 2.89 49.88 24.62
CHA CLA RG . 5.23 50.85 22.28
CHB CLA RG . 0.95 48.64 22.16
CHC CLA RG . 0.77 48.61 27.01
CHD CLA RG . 4.97 51.07 27.15
NA CLA RG . 3.06 49.82 22.55
C1A CLA RG . 4.11 50.28 21.74
C2A CLA RG . 3.78 50.05 20.27
C3A CLA RG . 2.29 49.65 20.31
C4A CLA RG . 2.07 49.32 21.77
CMA CLA RG . 1.43 50.83 20.01
CAA CLA RG . 4.65 48.99 19.60
CBA CLA RG . 3.98 47.67 19.37
CGA CLA RG . 4.59 46.66 20.28
O1A CLA RG . 4.51 46.61 21.50
O2A CLA RG . 5.31 45.70 19.63
NB CLA RG . 1.27 48.72 24.60
C1B CLA RG . 0.59 48.35 23.49
C2B CLA RG . -0.67 47.67 23.87
C3B CLA RG . -0.73 47.65 25.23
C4B CLA RG . 0.48 48.36 25.72
CMB CLA RG . -1.61 47.24 22.86
CAB CLA RG . -1.74 47.17 26.14
CBB CLA RG . -1.62 46.05 26.84
NC CLA RG . 2.82 49.96 26.70
C1C CLA RG . 1.85 49.42 27.47
C2C CLA RG . 2.12 49.65 28.87
C3C CLA RG . 3.35 50.31 28.93
C4C CLA RG . 3.78 50.49 27.56
CMC CLA RG . 1.21 49.19 29.93
CAC CLA RG . 4.09 50.79 30.11
CBC CLA RG . 4.65 49.66 30.96
ND CLA RG . 4.56 51.01 24.74
C1D CLA RG . 5.37 51.31 25.85
C2D CLA RG . 6.65 51.87 25.38
C3D CLA RG . 6.64 51.75 24.02
C4D CLA RG . 5.35 51.15 23.67
CMD CLA RG . 7.72 52.36 26.23
CAD CLA RG . 7.37 51.95 22.79
OBD CLA RG . 8.43 52.51 22.58
CBD CLA RG . 6.55 51.28 21.68
CGD CLA RG . 6.36 52.26 20.59
O1D CLA RG . 7.12 52.50 19.65
O2D CLA RG . 5.23 52.98 20.70
CED CLA RG . 4.61 53.37 19.48
C1 CLA RG . 5.49 44.47 20.34
C2 CLA RG . 6.88 44.51 20.85
C3 CLA RG . 7.38 43.60 21.70
C4 CLA RG . 6.56 42.46 22.19
C5 CLA RG . 8.79 43.69 22.17
C6 CLA RG . 9.01 44.57 23.38
C7 CLA RG . 10.18 44.07 24.20
C8 CLA RG . 11.31 45.09 24.31
C9 CLA RG . 12.14 45.08 23.05
C10 CLA RG . 12.14 44.80 25.56
C11 CLA RG . 13.53 45.38 25.58
C12 CLA RG . 14.59 44.29 25.69
C13 CLA RG . 15.95 44.81 26.12
C14 CLA RG . 16.98 44.58 25.03
C15 CLA RG . 16.41 44.09 27.38
MG CLA SG . 6.02 66.61 26.10
CHA CLA SG . 4.20 67.91 23.46
CHB CLA SG . 8.14 69.26 25.93
CHC CLA SG . 7.44 65.59 29.02
CHD CLA SG . 3.70 63.98 26.31
NA CLA SG . 6.18 68.24 24.83
C1A CLA SG . 5.29 68.65 23.83
C2A CLA SG . 5.75 69.95 23.20
C3A CLA SG . 7.16 70.12 23.77
C4A CLA SG . 7.18 69.17 24.95
CMA CLA SG . 8.07 69.61 22.71
CAA CLA SG . 4.81 71.08 23.61
CBA CLA SG . 5.32 72.05 24.65
CGA CLA SG . 5.12 71.50 26.02
O1A CLA SG . 4.71 70.39 26.33
O2A CLA SG . 5.48 72.35 27.03
NB CLA SG . 7.47 67.32 27.28
C1B CLA SG . 8.26 68.39 27.02
C2B CLA SG . 9.34 68.48 28.02
C3B CLA SG . 9.15 67.44 28.91
C4B CLA SG . 7.97 66.68 28.43
CMB CLA SG . 10.34 69.53 27.98
CAB CLA SG . 9.89 67.03 30.07
CBB CLA SG . 10.18 67.83 31.09
NC CLA SG . 5.67 65.02 27.39
C1C CLA SG . 6.37 64.80 28.54
C2C CLA SG . 5.81 63.65 29.23
C3C CLA SG . 4.76 63.20 28.46
C4C CLA SG . 4.67 64.06 27.30
CMC CLA SG . 6.22 63.11 30.51
CAC CLA SG . 3.88 62.08 28.81
CBC CLA SG . 2.70 62.50 29.64
ND CLA SG . 4.47 65.90 25.01
C1D CLA SG . 3.57 64.84 25.24
C2D CLA SG . 2.57 64.82 24.18
C3D CLA SG . 2.78 65.97 23.45
C4D CLA SG . 3.93 66.65 24.05
CMD CLA SG . 1.57 63.78 24.00
CAD CLA SG . 2.35 66.76 22.32
OBD CLA SG . 1.51 66.52 21.47
CBD CLA SG . 3.16 68.08 22.36
CGD CLA SG . 3.75 68.37 21.02
O1D CLA SG . 4.94 68.42 20.72
O2D CLA SG . 2.86 68.61 20.04
CED CLA SG . 3.35 69.31 18.89
C1 CLA SG . 6.83 72.29 27.46
C2 CLA SG . 6.95 71.34 28.58
C3 CLA SG . 7.09 71.72 29.87
C4 CLA SG . 7.15 73.16 30.24
C5 CLA SG . 7.20 70.70 30.94
C6 CLA SG . 7.07 71.22 32.36
C7 CLA SG . 7.27 70.12 33.36
C8 CLA SG . 6.21 70.14 34.44
C9 CLA SG . 6.64 69.27 35.60
C10 CLA SG . 4.87 69.66 33.90
C11 CLA SG . 3.77 70.68 34.02
C12 CLA SG . 2.94 70.44 35.25
C13 CLA SG . 1.51 70.90 35.04
C14 CLA SG . 1.40 72.37 35.34
C15 CLA SG . 0.56 70.05 35.87
C16 CLA SG . -0.84 70.61 35.89
C17 CLA SG . -1.60 70.33 34.61
C18 CLA SG . -2.76 71.31 34.42
C19 CLA SG . -3.58 70.92 33.21
C20 CLA SG . -3.66 71.38 35.64
MG CLA TG . 23.48 70.26 30.09
CHA CLA TG . 20.70 71.70 28.58
CHB CLA TG . 25.46 72.68 28.77
CHC CLA TG . 26.14 68.93 31.80
CHD CLA TG . 21.40 67.74 31.40
NA CLA TG . 23.11 71.91 28.85
C1A CLA TG . 21.88 72.35 28.35
C2A CLA TG . 22.08 73.61 27.51
C3A CLA TG . 23.61 73.77 27.44
C4A CLA TG . 24.11 72.73 28.44
CMA CLA TG . 24.12 73.49 26.04
CAA CLA TG . 21.52 74.83 28.23
NB CLA TG . 25.43 70.72 30.25
C1B CLA TG . 26.04 71.76 29.65
C2B CLA TG . 27.47 71.77 30.02
C3B CLA TG . 27.68 70.72 30.88
C4B CLA TG . 26.38 70.03 31.03
CMB CLA TG . 28.40 72.78 29.51
CAB CLA TG . 28.89 70.28 31.52
NC CLA TG . 23.72 68.61 31.34
C1C CLA TG . 24.90 68.25 31.93
C2C CLA TG . 24.70 67.07 32.76
C3C CLA TG . 23.36 66.73 32.64
C4C CLA TG . 22.75 67.70 31.74
CMC CLA TG . 25.74 66.42 33.54
CAC CLA TG . 22.66 65.61 33.31
ND CLA TG . 21.54 69.75 30.00
C1D CLA TG . 20.81 68.69 30.60
C2D CLA TG . 19.40 68.81 30.22
C3D CLA TG . 19.28 69.96 29.46
C4D CLA TG . 20.65 70.50 29.35
CMD CLA TG . 18.36 67.89 30.67
CAD CLA TG . 18.40 70.84 28.72
OBD CLA TG . 17.20 70.80 28.55
CBD CLA TG . 19.29 71.97 28.13
CGD CLA TG . 19.17 72.00 26.64
O1D CLA TG . 18.34 72.60 25.98
O2D CLA TG . 20.12 71.27 26.01
MG CLA UG . 14.85 69.10 34.18
CHA CLA UG . 14.99 71.85 32.09
CHB CLA UG . 11.47 69.25 34.18
CHC CLA UG . 14.77 66.51 36.44
CHD CLA UG . 18.37 69.10 34.37
NA CLA UG . 13.48 70.32 33.21
C1A CLA UG . 13.72 71.42 32.38
C2A CLA UG . 12.40 72.05 31.91
C3A CLA UG . 11.33 71.20 32.64
C4A CLA UG . 12.14 70.17 33.39
CMA CLA UG . 10.57 72.04 33.62
CAA CLA UG . 12.15 71.90 30.43
CBA CLA UG . 10.86 72.58 30.00
CGA CLA UG . 11.05 74.05 29.77
NB CLA UG . 13.40 68.00 35.04
C1B CLA UG . 12.07 68.27 34.97
C2B CLA UG . 11.34 67.41 35.92
C3B CLA UG . 12.24 66.63 36.56
C4B CLA UG . 13.58 67.01 36.03
CMB CLA UG . 9.89 67.49 36.14
CAB CLA UG . 12.00 65.66 37.61
CBB CLA UG . 12.48 65.66 38.85
NC CLA UG . 16.30 67.99 35.19
C1C CLA UG . 16.05 66.98 36.07
C2C CLA UG . 17.29 66.44 36.60
C3C CLA UG . 18.31 67.19 36.03
C4C CLA UG . 17.69 68.15 35.14
CMC CLA UG . 17.36 65.36 37.58
CAC CLA UG . 19.76 67.03 36.23
CBC CLA UG . 20.31 67.91 37.34
ND CLA UG . 16.37 70.18 33.44
C1D CLA UG . 17.78 70.06 33.59
C2D CLA UG . 18.43 71.11 32.80
C3D CLA UG . 17.41 71.84 32.23
C4D CLA UG . 16.15 71.21 32.66
CMD CLA UG . 19.87 71.30 32.74
CAD CLA UG . 17.08 72.96 31.37
OBD CLA UG . 17.80 73.77 30.82
CBD CLA UG . 15.53 72.99 31.27
CGD CLA UG . 15.07 74.29 31.85
O1D CLA UG . 15.63 74.93 32.74
O2D CLA UG . 13.91 74.77 31.30
CED CLA UG . 13.24 75.78 32.03
MG CLA VG . 23.78 54.68 39.97
CHA CLA VG . 24.89 53.41 43.01
CHB CLA VG . 23.76 57.81 41.28
CHC CLA VG . 22.96 55.90 36.88
CHD CLA VG . 23.88 51.43 38.63
NA CLA VG . 24.23 55.45 41.86
C1A CLA VG . 24.71 54.77 42.99
C2A CLA VG . 24.93 55.75 44.13
C3A CLA VG . 24.50 57.10 43.56
C4A CLA VG . 24.14 56.79 42.12
CMA CLA VG . 23.33 57.69 44.30
CAA CLA VG . 26.40 55.84 44.55
CBA CLA VG . 27.31 56.28 43.42
CGA CLA VG . 27.91 55.11 42.69
O2A CLA VG . 27.78 55.30 41.35
NB CLA VG . 23.44 56.51 39.21
C1B CLA VG . 23.40 57.65 39.94
C2B CLA VG . 22.93 58.77 39.08
C3B CLA VG . 22.69 58.25 37.83
C4B CLA VG . 23.03 56.80 37.91
CMB CLA VG . 22.79 60.13 39.57
CAB CLA VG . 22.23 58.91 36.64
CBB CLA VG . 21.10 58.67 35.99
NC CLA VG . 23.47 53.81 38.11
C1C CLA VG . 23.17 54.51 36.97
C2C CLA VG . 23.08 53.60 35.85
C3C CLA VG . 23.31 52.32 36.34
C4C CLA VG . 23.57 52.47 37.75
CMC CLA VG . 22.78 54.00 34.48
CAC CLA VG . 23.32 51.06 35.59
CBC CLA VG . 24.70 50.67 35.12
ND CLA VG . 24.18 52.82 40.63
C1D CLA VG . 24.15 51.58 39.97
C2D CLA VG . 24.48 50.52 40.93
C3D CLA VG . 24.79 51.16 42.12
C4D CLA VG . 24.61 52.60 41.86
CMD CLA VG . 24.47 49.11 40.59
CAD CLA VG . 25.19 51.02 43.50
OBD CLA VG . 25.42 50.01 44.15
CBD CLA VG . 25.29 52.45 44.10
CGD CLA VG . 24.43 52.57 45.31
O1D CLA VG . 23.37 52.00 45.53
O2D CLA VG . 24.90 53.42 46.26
C1 CLA VG . 27.39 54.17 40.55
C2 CLA VG . 27.47 54.58 39.13
C3 CLA VG . 27.61 53.72 38.12
C4 CLA VG . 27.71 52.26 38.35
C5 CLA VG . 27.69 54.18 36.71
C6 CLA VG . 26.87 55.42 36.45
C7 CLA VG . 26.94 55.75 34.97
C8 CLA VG . 25.99 56.87 34.56
C9 CLA VG . 26.15 57.18 33.09
C10 CLA VG . 26.27 58.12 35.39
MG CLA WG . 29.49 60.86 43.98
CHA CLA WG . 31.16 58.41 42.20
CHB CLA WG . 32.24 61.32 45.90
CHC CLA WG . 27.91 63.48 45.50
CHD CLA WG . 26.68 60.39 41.90
NA CLA WG . 31.37 59.96 44.05
C1A CLA WG . 31.89 58.96 43.21
C2A CLA WG . 33.32 58.62 43.60
C3A CLA WG . 33.53 59.38 44.91
C4A CLA WG . 32.31 60.30 44.97
CMA CLA WG . 33.60 58.42 46.07
CAA CLA WG . 34.31 59.16 42.59
NB CLA WG . 29.93 62.05 45.54
C1B CLA WG . 31.18 62.22 46.02
C2B CLA WG . 31.28 63.51 46.73
C3B CLA WG . 30.06 64.12 46.63
C4B CLA WG . 29.18 63.21 45.86
CMB CLA WG . 32.51 63.98 47.35
CAB CLA WG . 29.62 65.41 47.07
CBB CLA WG . 29.76 66.53 46.36
NC CLA WG . 27.61 61.73 43.77
C1C CLA WG . 27.17 62.79 44.51
C2C CLA WG . 25.82 63.14 44.11
C3C CLA WG . 25.47 62.28 43.07
C4C CLA WG . 26.61 61.39 42.87
CMC CLA WG . 25.05 64.22 44.69
CAC CLA WG . 24.21 62.26 42.33
CBC CLA WG . 24.25 63.19 41.15
ND CLA WG . 29.00 59.74 42.38
C1D CLA WG . 27.79 59.61 41.65
C2D CLA WG . 27.96 58.55 40.64
C3D CLA WG . 29.23 58.06 40.80
C4D CLA WG . 29.83 58.82 41.91
CMD CLA WG . 26.94 58.17 39.67
CAD CLA WG . 30.22 57.12 40.34
OBD CLA WG . 30.16 56.32 39.42
CBD CLA WG . 31.47 57.29 41.24
CGD CLA WG . 31.85 56.04 41.99
O1D CLA WG . 31.72 55.80 43.19
O2D CLA WG . 32.40 55.07 41.18
MG CLA XG . -1.85 59.31 48.61
CHA CLA XG . -3.60 57.32 50.85
CHB CLA XG . -2.17 56.92 46.22
CHC CLA XG . -0.29 61.40 46.39
CHD CLA XG . -1.75 61.86 51.05
NA CLA XG . -2.71 57.40 48.58
C1A CLA XG . -3.40 56.76 49.61
C2A CLA XG . -3.88 55.38 49.14
C3A CLA XG . -3.27 55.25 47.74
C4A CLA XG . -2.67 56.61 47.47
CMA CLA XG . -2.22 54.17 47.73
CAA CLA XG . -5.40 55.30 48.99
CBA CLA XG . -6.03 56.58 48.52
NB CLA XG . -1.29 59.17 46.69
C1B CLA XG . -1.57 58.14 45.87
C2B CLA XG . -1.15 58.48 44.48
C3B CLA XG . -0.62 59.75 44.53
C4B CLA XG . -0.69 60.19 45.94
CMB CLA XG . -1.34 57.59 43.36
CAB CLA XG . -0.06 60.55 43.48
CBB CLA XG . -0.73 61.06 42.46
NC CLA XG . -1.09 61.24 48.73
C1C CLA XG . -0.47 61.89 47.71
C2C CLA XG . -0.04 63.21 48.14
C3C CLA XG . -0.51 63.37 49.44
C4C CLA XG . -1.17 62.12 49.80
CMC CLA XG . 0.68 64.16 47.31
CAC CLA XG . -0.33 64.53 50.31
ND CLA XG . -2.41 59.57 50.53
C1D CLA XG . -2.32 60.67 51.41
C2D CLA XG . -2.96 60.31 52.70
C3D CLA XG . -3.45 59.04 52.54
C4D CLA XG . -3.11 58.63 51.16
CMD CLA XG . -3.01 61.20 53.87
CAD CLA XG . -4.17 57.95 53.16
OBD CLA XG . -4.63 57.85 54.28
CBD CLA XG . -4.31 56.84 52.09
CGD CLA XG . -3.77 55.52 52.54
O1D CLA XG . -4.35 54.45 52.60
O2D CLA XG . -2.47 55.59 52.95
MG CLA YG . -4.06 43.04 22.70
CHA CLA YG . -7.23 42.30 21.57
CHB CLA YG . -4.83 41.68 25.72
CHC CLA YG . -0.78 43.38 23.64
CHD CLA YG . -3.28 44.40 19.56
NA CLA YG . -5.78 42.19 23.50
C1A CLA YG . -6.99 41.95 22.86
C2A CLA YG . -7.98 41.26 23.80
C3A CLA YG . -7.27 41.30 25.16
C4A CLA YG . -5.85 41.73 24.78
CMA CLA YG . -7.95 42.31 26.03
CAA CLA YG . -8.18 39.80 23.43
NB CLA YG . -3.00 42.61 24.35
C1B CLA YG . -3.51 42.07 25.48
C2B CLA YG . -2.43 41.92 26.49
C3B CLA YG . -1.28 42.40 25.92
C4B CLA YG . -1.63 42.84 24.55
CMB CLA YG . -2.66 41.37 27.81
CAB CLA YG . 0.06 42.49 26.44
CBB CLA YG . 0.43 43.15 27.54
NC CLA YG . -2.35 43.81 21.78
C1C CLA YG . -1.11 43.84 22.35
C2C CLA YG . -0.16 44.40 21.41
C3C CLA YG . -0.87 44.72 20.26
C4C CLA YG . -2.25 44.34 20.50
CMC CLA YG . 1.27 44.59 21.67
CAC CLA YG . -0.32 45.34 19.04
CBC CLA YG . -0.02 44.36 17.94
ND CLA YG . -5.01 43.41 20.97
C1D CLA YG . -4.56 43.96 19.76
C2D CLA YG . -5.66 43.92 18.78
C3D CLA YG . -6.71 43.27 19.42
C4D CLA YG . -6.25 42.98 20.78
CMD CLA YG . -5.53 44.41 17.42
CAD CLA YG . -8.06 42.74 19.31
OBD CLA YG . -8.79 42.71 18.35
CBD CLA YG . -8.44 42.16 20.68
CGD CLA YG . -9.61 42.86 21.31
O1D CLA YG . -9.64 43.50 22.35
O2D CLA YG . -10.77 42.76 20.60
C1 LUT ZG . 18.90 59.81 42.00
C2 LUT ZG . 19.43 58.88 43.08
C3 LUT ZG . 19.93 57.50 42.68
C4 LUT ZG . 19.16 56.94 41.51
C5 LUT ZG . 19.19 57.94 40.39
C6 LUT ZG . 18.94 59.22 40.61
C7 LUT ZG . 18.71 60.14 39.47
C8 LUT ZG . 17.52 60.27 38.91
C9 LUT ZG . 17.29 61.18 37.79
C10 LUT ZG . 16.01 61.42 37.48
C11 LUT ZG . 15.61 62.29 36.40
C12 LUT ZG . 14.32 62.29 36.15
C13 LUT ZG . 13.73 63.12 35.10
C14 LUT ZG . 12.42 63.30 35.14
C15 LUT ZG . 11.68 64.12 34.20
C16 LUT ZG . 19.77 61.05 41.95
C17 LUT ZG . 17.50 60.21 42.42
C18 LUT ZG . 19.54 57.40 39.03
C19 LUT ZG . 18.42 61.79 37.01
C20 LUT ZG . 14.59 63.73 34.05
O3 LUT ZG . 19.71 56.60 43.76
C21 LUT ZG . 1.95 70.68 29.50
C22 LUT ZG . 1.47 71.68 28.45
C23 LUT ZG . 0.68 71.05 27.32
C24 LUT ZG . 1.41 69.86 26.78
C25 LUT ZG . 2.10 69.05 27.59
C26 LUT ZG . 2.76 69.57 28.85
C27 LUT ZG . 3.00 68.45 29.84
C28 LUT ZG . 4.24 68.14 30.15
C29 LUT ZG . 4.54 67.08 31.11
C30 LUT ZG . 5.75 67.04 31.66
C31 LUT ZG . 6.19 66.06 32.63
C32 LUT ZG . 7.51 65.93 32.66
C33 LUT ZG . 8.23 65.02 33.56
C34 LUT ZG . 9.56 65.05 33.52
C35 LUT ZG . 10.37 64.23 34.39
C36 LUT ZG . 0.76 70.14 30.29
C37 LUT ZG . 2.84 71.43 30.47
C38 LUT ZG . 2.23 67.60 27.21
C39 LUT ZG . 3.50 66.06 31.47
C40 LUT ZG . 7.50 64.11 34.50
O23 LUT ZG . 0.57 71.99 26.27
C1 XAT AH . 6.36 50.69 37.89
C2 XAT AH . 5.50 50.64 39.13
C3 XAT AH . 6.18 51.43 40.22
C4 XAT AH . 5.91 52.87 39.84
C5 XAT AH . 6.51 53.24 38.49
C6 XAT AH . 6.76 52.11 37.47
C7 XAT AH . 6.61 52.49 36.00
C8 XAT AH . 7.76 52.60 35.35
C9 XAT AH . 7.93 52.93 33.93
C10 XAT AH . 9.17 52.91 33.48
C11 XAT AH . 9.61 53.16 32.12
C12 XAT AH . 10.90 52.92 31.93
C13 XAT AH . 11.61 53.05 30.65
C14 XAT AH . 12.95 52.99 30.66
C15 XAT AH . 13.72 53.06 29.42
C16 XAT AH . 5.62 49.96 36.79
C17 XAT AH . 7.66 49.93 38.16
C18 XAT AH . 5.98 54.51 37.82
C19 XAT AH . 6.77 53.24 33.04
C20 XAT AH . 10.85 53.22 29.38
O3 XAT AH . 5.60 51.13 41.48
O4 XAT AH . 7.81 52.75 38.18
C21 XAT AH . 23.23 52.24 20.84
C22 XAT AH . 24.13 52.57 19.66
C23 XAT AH . 23.39 53.41 18.64
C24 XAT AH . 23.27 54.75 19.30
C25 XAT AH . 22.33 54.70 20.50
C26 XAT AH . 22.29 53.38 21.29
C27 XAT AH . 22.07 53.51 22.79
C28 XAT AH . 20.94 53.03 23.27
C29 XAT AH . 20.62 53.10 24.70
C30 XAT AH . 19.38 52.79 25.08
C31 XAT AH . 18.94 52.80 26.47
C32 XAT AH . 17.64 52.84 26.68
C33 XAT AH . 17.08 52.85 28.03
C34 XAT AH . 15.75 52.88 28.15
C35 XAT AH . 15.03 52.86 29.42
C36 XAT AH . 24.15 51.84 21.98
C37 XAT AH . 22.38 51.05 20.46
C38 XAT AH . 22.29 55.93 21.41
C39 XAT AH . 21.65 53.48 25.71
C40 XAT AH . 17.99 52.84 29.21
O23 XAT AH . 24.18 53.51 17.46
O24 XAT AH . 21.22 53.81 20.45
C1 BCR BH . -17.22 53.50 21.08
C2 BCR BH . -16.97 52.49 19.98
C3 BCR BH . -17.35 51.09 20.39
C4 BCR BH . -16.56 50.69 21.63
C5 BCR BH . -16.85 51.71 22.69
C6 BCR BH . -16.71 52.99 22.40
C7 BCR BH . -16.10 53.86 23.43
C8 BCR BH . -14.81 53.75 23.72
C9 BCR BH . -14.24 54.60 24.77
C10 BCR BH . -12.96 54.45 25.14
C11 BCR BH . -12.38 55.27 26.20
C33 BCR BH . -17.31 51.26 24.04
C31 BCR BH . -18.72 53.65 21.15
C32 BCR BH . -16.61 54.84 20.74
C34 BCR BH . -15.10 55.59 25.49
C12 BCR BH . -11.28 54.85 26.79
C13 BCR BH . -10.64 55.60 27.88
C14 BCR BH . -9.40 55.24 28.24
C15 BCR BH . -8.63 55.88 29.30
C16 BCR BH . -7.36 55.48 29.45
C17 BCR BH . -6.50 55.99 30.50
C18 BCR BH . -5.18 55.79 30.48
C19 BCR BH . -4.38 56.30 31.59
C20 BCR BH . -3.06 56.20 31.70
C21 BCR BH . -2.46 56.72 32.93
C22 BCR BH . -1.21 56.43 33.26
C23 BCR BH . -0.62 56.90 34.52
C24 BCR BH . -1.39 57.30 35.52
C25 BCR BH . -0.89 57.75 36.84
C26 BCR BH . -0.89 56.87 37.84
C27 BCR BH . -0.21 57.19 39.13
C28 BCR BH . -0.76 58.54 39.54
C29 BCR BH . -0.33 59.59 38.53
C30 BCR BH . -0.44 59.18 37.06
C35 BCR BH . -11.38 56.71 28.56
C36 BCR BH . -4.52 55.02 29.38
C37 BCR BH . -0.38 55.58 32.34
C38 BCR BH . -1.60 55.55 37.73
C39 BCR BH . 0.92 59.44 36.42
C40 BCR BH . -1.49 60.08 36.40
C1 BCR CH . 4.39 45.41 27.64
C2 BCR CH . 3.38 45.37 26.50
C3 BCR CH . 4.09 45.18 25.18
C4 BCR CH . 4.85 43.86 25.15
C5 BCR CH . 5.48 43.54 26.48
C6 BCR CH . 5.55 44.45 27.44
C7 BCR CH . 6.71 44.54 28.38
C8 BCR CH . 7.97 44.80 28.02
C9 BCR CH . 9.01 44.87 29.07
C10 BCR CH . 10.31 45.11 28.80
C11 BCR CH . 11.27 45.18 29.92
C33 BCR CH . 5.98 42.15 26.71
C31 BCR CH . 3.67 45.03 28.93
C32 BCR CH . 4.95 46.82 27.77
C34 BCR CH . 8.57 44.68 30.49
C12 BCR CH . 12.57 45.54 29.90
C13 BCR CH . 13.25 45.53 31.21
C14 BCR CH . 14.56 45.68 31.44
C15 BCR CH . 15.61 45.88 30.46
C16 BCR CH . 16.89 45.85 30.87
C17 BCR CH . 17.94 46.08 29.89
C18 BCR CH . 19.27 46.13 30.13
C19 BCR CH . 19.87 45.92 31.45
C20 BCR CH . 21.16 46.20 31.60
C21 BCR CH . 21.84 46.00 32.87
C22 BCR CH . 23.17 46.20 32.99
C23 BCR CH . 23.80 45.96 34.30
C24 BCR CH . 25.13 45.86 34.45
C25 BCR CH . 25.78 45.61 35.78
C26 BCR CH . 25.96 44.35 36.22
C27 BCR CH . 26.59 44.08 37.56
C28 BCR CH . 27.73 45.05 37.73
C29 BCR CH . 27.17 46.46 37.77
C30 BCR CH . 26.26 46.80 36.59
C35 BCR CH . 12.42 45.33 32.45
C36 BCR CH . 20.17 46.40 28.96
C37 BCR CH . 24.00 46.64 31.83
C38 BCR CH . 25.57 43.14 35.42
C39 BCR CH . 27.02 47.71 35.64
C40 BCR CH . 25.07 47.55 37.17
C1 BCR DH . -7.99 62.08 27.26
C2 BCR DH . -9.25 61.74 26.49
C3 BCR DH . -10.41 61.66 27.46
C4 BCR DH . -10.19 60.46 28.36
C5 BCR DH . -8.88 60.63 29.05
C6 BCR DH . -7.81 61.15 28.43
C7 BCR DH . -6.48 60.79 28.99
C8 BCR DH . -5.66 61.64 29.62
C9 BCR DH . -4.40 61.12 30.18
C10 BCR DH . -3.46 61.94 30.68
C11 BCR DH . -2.26 61.35 31.25
C33 BCR DH . -8.82 60.20 30.49
C31 BCR DH . -8.14 63.49 27.77
C32 BCR DH . -6.82 61.97 26.28
C34 BCR DH . -4.21 59.64 30.21
C12 BCR DH . -1.29 62.00 31.89
C13 BCR DH . -0.19 61.17 32.41
C14 BCR DH . 0.82 61.65 33.13
C15 BCR DH . 0.96 63.06 33.45
C16 BCR DH . 1.97 63.39 34.26
C17 BCR DH . 2.13 64.79 34.56
C18 BCR DH . 3.05 65.30 35.38
C19 BCR DH . 4.05 64.52 36.15
C20 BCR DH . 4.77 65.25 37.01
C21 BCR DH . 5.81 64.78 37.92
C22 BCR DH . 6.32 65.64 38.82
C23 BCR DH . 7.36 65.24 39.78
C24 BCR DH . 7.42 65.87 40.96
C25 BCR DH . 8.42 65.54 41.99
C26 BCR DH . 9.70 65.80 41.79
C27 BCR DH . 10.75 64.82 42.22
C28 BCR DH . 10.43 64.39 43.65
C29 BCR DH . 9.00 63.87 43.74
C30 BCR DH . 8.00 64.95 43.32
C35 BCR DH . -0.18 59.70 32.16
C36 BCR DH . 3.02 66.79 35.50
C37 BCR DH . 5.81 67.06 38.89
C38 BCR DH . 10.10 67.10 41.15
C39 BCR DH . 7.95 66.07 44.34
C40 BCR DH . 6.62 64.31 43.21
O1 LHG EH . -10.08 50.10 50.98
C1 LHG EH . -10.76 48.88 50.69
C2 LHG EH . -11.97 49.18 49.83
O2 LHG EH . -12.59 48.00 49.38
C3 LHG EH . -11.66 49.98 48.60
O3 LHG EH . -12.89 49.89 47.90
P LHG EH . -14.21 50.74 48.31
O4 LHG EH . -15.30 49.77 48.60
O5 LHG EH . -13.66 51.91 49.07
O6 LHG EH . -14.58 51.24 46.75
C4 LHG EH . -13.56 51.65 45.89
C5 LHG EH . -14.27 52.29 44.71
C6 LHG EH . -14.20 53.79 44.81
O7 LHG EH . -13.53 51.92 43.58
C7 LHG EH . -14.27 51.35 42.60
O9 LHG EH . -14.83 50.28 42.72
C8 LHG EH . -13.93 51.98 41.31
C9 LHG EH . -14.59 51.23 40.20
C10 LHG EH . -13.71 51.26 38.99
O8 LHG EH . -14.77 54.26 43.59
C23 LHG EH . -14.85 55.62 43.44
O10 LHG EH . -14.12 56.32 44.10
C24 LHG EH . -16.07 56.21 42.82
C11 LHG EH . -14.32 52.39 38.21
C12 LHG EH . -15.39 51.85 37.33
C13 LHG EH . -15.57 52.79 36.18
C14 LHG EH . -15.06 52.19 34.90
C15 LHG EH . -16.23 51.43 34.30
C16 LHG EH . -15.94 51.14 32.86
C17 LHG EH . -16.08 52.40 32.03
C18 LHG EH . -17.50 52.33 31.52
C19 LHG EH . -17.75 51.20 30.55
C20 LHG EH . -19.08 51.55 29.91
C21 LHG EH . -19.18 50.93 28.56
C22 LHG EH . -19.34 49.44 28.71
C25 LHG EH . -17.01 55.21 42.20
C26 LHG EH . -18.49 55.58 42.25
C27 LHG EH . -18.81 55.97 40.83
C28 LHG EH . -19.77 57.12 40.68
C29 LHG EH . -20.31 57.02 39.27
C30 LHG EH . -21.71 57.56 39.05
C31 LHG EH . -22.80 56.54 38.81
C32 LHG EH . -22.89 56.02 37.39
C33 LHG EH . -24.27 56.37 36.86
C34 LHG EH . -24.56 55.92 35.45
O1 LHG FH . 26.13 70.55 23.54
C1 LHG FH . 27.20 69.83 24.16
C2 LHG FH . 27.12 70.04 25.64
O2 LHG FH . 28.15 70.89 26.10
C3 LHG FH . 27.29 68.77 26.43
O3 LHG FH . 26.45 69.08 27.52
P LHG FH . 25.06 68.31 27.75
O4 LHG FH . 24.55 68.67 29.10
O5 LHG FH . 24.42 68.29 26.42
O6 LHG FH . 25.74 66.80 28.03
C4 LHG FH . 25.07 65.65 27.61
C5 LHG FH . 25.78 64.50 28.31
C6 LHG FH . 25.56 63.15 27.58
O7 LHG FH . 27.16 64.82 28.30
C7 LHG FH . 27.74 64.78 29.53
O9 LHG FH . 27.35 65.48 30.46
C8 LHG FH . 28.69 63.65 29.62
C9 LHG FH . 29.37 63.65 30.96
C10 LHG FH . 28.81 62.55 31.82
O8 LHG FH . 24.19 63.18 27.10
C23 LHG FH . 23.19 62.61 27.87
O10 LHG FH . 22.07 63.07 27.82
C24 LHG FH . 23.49 61.45 28.81
C11 LHG FH . 29.99 61.60 31.95
C12 LHG FH . 29.83 60.43 31.03
C13 LHG FH . 28.67 59.59 31.52
C14 LHG FH . 27.63 59.37 30.44
C15 LHG FH . 28.00 58.07 29.77
C16 LHG FH . 26.74 57.43 29.28
C17 LHG FH . 27.08 56.32 28.30
C18 LHG FH . 25.72 55.91 27.80
C19 LHG FH . 25.72 54.64 27.01
C20 LHG FH . 26.30 55.08 25.68
C21 LHG FH . 25.91 54.09 24.62
C22 LHG FH . 26.64 52.80 24.86
C25 LHG FH . 23.45 61.77 30.30
C26 LHG FH . 24.79 61.85 31.01
C27 LHG FH . 24.46 61.68 32.47
C28 LHG FH . 25.62 61.30 33.35
C29 LHG FH . 25.22 61.61 34.78
C30 LHG FH . 26.19 62.45 35.58
C31 LHG FH . 27.17 61.70 36.46
C32 LHG FH . 27.03 61.96 37.96
C33 LHG FH . 27.81 63.23 38.28
C34 LHG FH . 27.69 63.72 39.72
C35 LHG FH . 28.99 64.36 40.20
C36 LHG FH . 28.67 65.23 41.39
C37 LHG FH . 29.92 65.94 41.77
C38 LHG FH . 31.04 65.03 42.26
MG CLA GH . -71.92 27.40 6.78
CHA CLA GH . -71.41 30.47 8.28
CHB CLA GH . -68.98 26.27 8.04
CHC CLA GH . -72.52 24.37 5.30
CHD CLA GH . -74.87 28.64 5.40
NA CLA GH . -70.47 28.25 8.01
C1A CLA GH . -70.45 29.54 8.56
C2A CLA GH . -69.19 29.74 9.41
C3A CLA GH . -68.45 28.40 9.28
C4A CLA GH . -69.37 27.56 8.40
CMA CLA GH . -67.11 28.58 8.63
CAA CLA GH . -69.54 30.01 10.88
CBA CLA GH . -69.11 28.95 11.86
CGA CLA GH . -70.34 28.33 12.44
O1A CLA GH . -71.49 28.41 11.99
O2A CLA GH . -70.14 27.63 13.59
NB CLA GH . -70.94 25.65 6.69
C1B CLA GH . -69.72 25.41 7.23
C2B CLA GH . -69.26 24.07 6.81
C3B CLA GH . -70.26 23.52 6.03
C4B CLA GH . -71.35 24.52 5.96
CMB CLA GH . -67.98 23.52 7.23
CAB CLA GH . -70.35 22.24 5.40
CBB CLA GH . -70.32 21.07 6.02
NC CLA GH . -73.44 26.64 5.60
C1C CLA GH . -73.51 25.37 5.11
C2C CLA GH . -74.73 25.17 4.37
C3C CLA GH . -75.39 26.39 4.35
C4C CLA GH . -74.56 27.31 5.13
CMC CLA GH . -75.13 23.90 3.77
CAC CLA GH . -76.68 26.71 3.74
CBC CLA GH . -76.59 27.58 2.51
ND CLA GH . -72.99 29.10 6.87
C1D CLA GH . -74.17 29.49 6.20
C2D CLA GH . -74.46 30.91 6.49
C3D CLA GH . -73.43 31.34 7.27
C4D CLA GH . -72.54 30.17 7.46
CMD CLA GH . -75.62 31.63 5.99
CAD CLA GH . -72.86 32.45 7.98
OBD CLA GH . -73.29 33.58 8.09
CBD CLA GH . -71.53 31.95 8.60
CGD CLA GH . -70.36 32.67 8.01
O1D CLA GH . -69.48 32.20 7.29
O2D CLA GH . -70.28 33.98 8.30
CED CLA GH . -69.83 34.85 7.26
C1 CLA GH . -70.93 28.03 14.73
C2 CLA GH . -72.01 27.02 14.95
C3 CLA GH . -73.14 27.29 15.62
C4 CLA GH . -73.44 28.62 16.18
C5 CLA GH . -74.17 26.24 15.81
C6 CLA GH . -73.98 25.46 17.10
C7 CLA GH . -73.95 23.99 16.80
C8 CLA GH . -74.76 23.15 17.79
C9 CLA GH . -74.93 21.75 17.23
C10 CLA GH . -76.12 23.75 18.07
C11 CLA GH . -76.95 22.96 19.05
C12 CLA GH . -78.27 23.63 19.31
C13 CLA GH . -79.17 22.76 20.18
C14 CLA GH . -79.98 21.81 19.34
C15 CLA GH . -80.10 23.62 21.02
C16 CLA GH . -79.36 24.18 22.22
C17 CLA GH . -79.45 25.69 22.28
C18 CLA GH . -80.32 26.13 23.45
C19 CLA GH . -79.73 27.33 24.14
C20 CLA GH . -81.74 26.40 22.98
MG CLA HH . -70.81 16.24 0.11
CHA CLA HH . -70.33 18.95 -1.95
CHB CLA HH . -69.54 14.21 -2.29
CHC CLA HH . -71.13 13.60 2.26
CHD CLA HH . -72.05 18.42 2.59
NA CLA HH . -70.09 16.55 -1.82
C1A CLA HH . -69.94 17.76 -2.50
C2A CLA HH . -69.35 17.53 -3.90
C3A CLA HH . -69.27 16.00 -4.00
C4A CLA HH . -69.64 15.53 -2.61
CMA CLA HH . -70.25 15.50 -5.02
CAA CLA HH . -67.96 18.13 -4.08
CBA CLA HH . -67.07 17.93 -2.89
CGA CLA HH . -66.18 16.75 -3.14
O1A CLA HH . -65.23 16.64 -3.92
O2A CLA HH . -66.56 15.71 -2.37
NB CLA HH . -70.40 14.29 0.01
C1B CLA HH . -69.87 13.65 -1.05
C2B CLA HH . -69.77 12.19 -0.78
C3B CLA HH . -70.22 12.00 0.51
C4B CLA HH . -70.63 13.34 1.02
CMB CLA HH . -69.23 11.29 -1.80
CAB CLA HH . -70.37 10.86 1.36
CBB CLA HH . -69.86 9.63 1.23
NC CLA HH . -71.49 16.05 2.06
C1C CLA HH . -71.54 14.86 2.74
C2C CLA HH . -72.05 15.10 4.09
C3C CLA HH . -72.31 16.45 4.19
C4C CLA HH . -71.95 17.06 2.92
CMC CLA HH . -72.21 14.05 5.07
CAC CLA HH . -72.81 17.16 5.37
CBC CLA HH . -71.66 17.61 6.25
ND CLA HH . -71.19 18.21 0.32
C1D CLA HH . -71.72 18.97 1.38
C2D CLA HH . -71.82 20.38 0.96
C3D CLA HH . -71.31 20.43 -0.33
C4D CLA HH . -70.92 19.06 -0.66
CMD CLA HH . -72.34 21.45 1.78
CAD CLA HH . -70.98 21.27 -1.47
OBD CLA HH . -71.09 22.48 -1.63
CBD CLA HH . -70.40 20.33 -2.54
CGD CLA HH . -71.42 20.11 -3.59
O1D CLA HH . -72.59 19.76 -3.41
O2D CLA HH . -70.98 20.24 -4.85
CED CLA HH . -71.61 19.38 -5.81
C1 CLA HH . -65.72 14.54 -2.36
C2 CLA HH . -66.01 13.89 -1.07
C3 CLA HH . -65.59 12.67 -0.76
C4 CLA HH . -64.78 11.84 -1.67
C5 CLA HH . -65.93 12.08 0.56
C6 CLA HH . -64.66 11.86 1.36
C7 CLA HH . -64.98 11.25 2.70
C8 CLA HH . -63.78 11.28 3.63
C9 CLA HH . -62.58 10.63 2.99
C10 CLA HH . -64.11 10.58 4.94
C11 CLA HH . -63.70 11.41 6.12
C12 CLA HH . -64.41 12.74 6.16
C13 CLA HH . -64.56 13.20 7.59
C14 CLA HH . -65.57 12.33 8.31
C15 CLA HH . -64.96 14.68 7.65
MG CLA IH . -69.41 4.77 2.48
CHA CLA IH . -68.23 4.77 -0.77
CHB CLA IH . -67.71 7.62 3.10
CHC CLA IH . -70.46 4.65 5.75
CHD CLA IH . -70.86 1.60 1.91
NA CLA IH . -68.23 6.02 1.31
C1A CLA IH . -67.87 5.88 -0.03
C2A CLA IH . -66.97 7.02 -0.47
C3A CLA IH . -66.79 7.86 0.81
C4A CLA IH . -67.66 7.15 1.82
CMA CLA IH . -65.35 7.81 1.24
CAA CLA IH . -67.59 7.90 -1.52
CBA CLA IH . -66.50 8.66 -2.26
CGA CLA IH . -65.42 7.73 -2.72
O1A CLA IH . -65.40 6.99 -3.70
O2A CLA IH . -64.30 7.76 -1.93
NB CLA IH . -69.25 5.98 4.07
C1B CLA IH . -68.42 7.05 4.15
C2B CLA IH . -68.35 7.54 5.55
C3B CLA IH . -69.13 6.71 6.30
C4B CLA IH . -69.70 5.70 5.38
CMB CLA IH . -67.50 8.66 5.95
CAB CLA IH . -69.37 6.70 7.72
NC CLA IH . -70.49 3.39 3.61
C1C CLA IH . -70.80 3.54 4.93
C2C CLA IH . -71.54 2.38 5.39
C3C CLA IH . -71.67 1.53 4.31
C4C CLA IH . -71.01 2.17 3.19
CMC CLA IH . -71.99 2.18 6.76
CAC CLA IH . -72.33 0.23 4.28
CBC CLA IH . -73.81 0.42 4.05
ND CLA IH . -69.54 3.45 0.97
C1D CLA IH . -70.17 2.19 0.87
C2D CLA IH . -69.94 1.65 -0.48
C3D CLA IH . -69.21 2.60 -1.14
C4D CLA IH . -68.99 3.70 -0.20
CMD CLA IH . -70.39 0.35 -0.95
CAD CLA IH . -68.53 2.94 -2.36
OBD CLA IH . -68.39 2.27 -3.38
CBD CLA IH . -67.91 4.34 -2.19
CGD CLA IH . -66.44 4.26 -2.49
O1D CLA IH . -65.92 4.13 -3.59
O2D CLA IH . -65.63 4.32 -1.40
CED CLA IH . -64.46 3.52 -1.42
MG CLA JH . -84.98 -2.50 9.31
CHA CLA JH . -85.75 -5.11 11.43
CHB CLA JH . -81.98 -3.96 8.64
CHC CLA JH . -84.32 0.01 7.09
CHD CLA JH . -88.08 -0.99 10.09
NA CLA JH . -84.04 -4.24 9.95
C1A CLA JH . -84.53 -5.21 10.83
C2A CLA JH . -83.52 -6.34 11.01
C3A CLA JH . -82.27 -5.82 10.27
C4A CLA JH . -82.78 -4.59 9.55
CMA CLA JH . -81.20 -5.46 11.24
CAA CLA JH . -84.00 -7.63 10.35
CBA CLA JH . -84.61 -7.41 8.98
CGA CLA JH . -85.72 -8.39 8.74
O1A CLA JH . -86.37 -9.02 9.57
O2A CLA JH . -85.97 -8.56 7.41
NB CLA JH . -83.43 -2.04 8.11
C1B CLA JH . -82.32 -2.79 7.94
C2B CLA JH . -81.47 -2.20 6.90
C3B CLA JH . -82.11 -1.07 6.45
C4B CLA JH . -83.37 -0.95 7.22
CMB CLA JH . -80.20 -2.77 6.48
CAB CLA JH . -81.69 -0.16 5.44
NC CLA JH . -86.02 -0.81 8.70
C1C CLA JH . -85.57 0.07 7.76
C2C CLA JH . -86.54 1.14 7.57
C3C CLA JH . -87.60 0.88 8.43
C4C CLA JH . -87.26 -0.35 9.14
CMC CLA JH . -86.38 2.25 6.64
CAC CLA JH . -88.82 1.67 8.61
ND CLA JH . -86.58 -2.90 10.45
C1D CLA JH . -87.77 -2.19 10.71
C2D CLA JH . -88.57 -2.93 11.70
C3D CLA JH . -87.85 -4.06 12.01
C4D CLA JH . -86.62 -3.99 11.20
CMD CLA JH . -89.87 -2.50 12.22
CAD CLA JH . -87.79 -5.28 12.79
OBD CLA JH . -88.61 -5.75 13.57
CBD CLA JH . -86.44 -5.96 12.45
CGD CLA JH . -85.57 -6.02 13.67
O1D CLA JH . -85.24 -5.07 14.37
O2D CLA JH . -85.12 -7.26 13.97
CED CLA JH . -84.46 -7.44 15.22
C1 CLA JH . -87.20 -8.03 6.88
C2 CLA JH . -87.68 -9.02 5.89
C3 CLA JH . -88.54 -8.74 4.89
C4 CLA JH . -88.97 -9.79 3.94
C5 CLA JH . -89.12 -7.38 4.73
C6 CLA JH . -88.66 -6.68 3.46
C7 CLA JH . -89.83 -6.42 2.54
C8 CLA JH . -90.10 -4.94 2.25
C9 CLA JH . -90.78 -4.29 3.43
C10 CLA JH . -90.93 -4.78 0.99
C11 CLA JH . -91.18 -3.32 0.65
MG CLA KH . -80.94 -7.82 5.42
CHA CLA KH . -83.69 -9.46 4.10
CHB CLA KH . -80.49 -6.21 2.47
CHC CLA KH . -78.30 -6.14 6.83
CHD CLA KH . -81.54 -9.37 8.51
NA CLA KH . -81.92 -7.88 3.59
C1A CLA KH . -83.07 -8.61 3.22
C2A CLA KH . -83.46 -8.34 1.78
C3A CLA KH . -82.32 -7.45 1.26
C4A CLA KH . -81.51 -7.14 2.52
CMA CLA KH . -81.51 -8.19 0.23
CAA CLA KH . -84.74 -7.54 1.69
CBA CLA KH . -85.47 -7.82 0.39
NB CLA KH . -79.67 -6.40 4.79
C1B CLA KH . -79.64 -5.88 3.54
C2B CLA KH . -78.54 -4.88 3.46
C3B CLA KH . -77.92 -4.85 4.68
C4B CLA KH . -78.62 -5.84 5.54
CMB CLA KH . -78.27 -4.16 2.23
CAB CLA KH . -76.78 -4.11 5.15
CBB CLA KH . -76.60 -2.79 5.10
NC CLA KH . -80.04 -7.83 7.30
C1C CLA KH . -78.95 -7.09 7.65
C2C CLA KH . -78.58 -7.35 9.03
C3C CLA KH . -79.52 -8.22 9.54
C4C CLA KH . -80.45 -8.52 8.44
CMC CLA KH . -77.44 -6.77 9.74
CAC CLA KH . -79.56 -8.78 10.90
ND CLA KH . -82.18 -9.22 6.16
C1D CLA KH . -82.36 -9.71 7.46
C2D CLA KH . -83.52 -10.64 7.46
C3D CLA KH . -84.02 -10.63 6.18
C4D CLA KH . -83.19 -9.67 5.42
CMD CLA KH . -83.98 -11.44 8.58
CAD CLA KH . -85.01 -11.16 5.29
OBD CLA KH . -85.80 -12.07 5.48
CBD CLA KH . -84.90 -10.34 3.97
CGD CLA KH . -84.80 -11.26 2.79
O1D CLA KH . -84.09 -12.26 2.68
O2D CLA KH . -85.59 -10.88 1.74
MG CLA LH . -73.11 -6.52 11.15
CHA CLA LH . -72.17 -7.83 14.21
CHB CLA LH . -72.08 -3.45 12.15
CHC CLA LH . -73.96 -5.29 8.06
CHD CLA LH . -74.23 -9.72 10.17
NA CLA LH . -72.26 -5.78 12.91
C1A CLA LH . -71.92 -6.49 14.08
C2A CLA LH . -71.33 -5.54 15.12
C3A CLA LH . -71.38 -4.17 14.43
C4A CLA LH . -71.94 -4.47 13.06
CMA CLA LH . -72.25 -3.19 15.18
CAA CLA LH . -69.87 -5.83 15.50
CBA CLA LH . -68.94 -5.76 14.31
CGA CLA LH . -67.92 -4.70 14.55
O1A CLA LH . -67.07 -4.66 15.44
O2A CLA LH . -67.98 -3.68 13.64
NB CLA LH . -73.09 -4.70 10.30
C1B CLA LH . -72.57 -3.58 10.84
C2B CLA LH . -72.58 -2.48 9.85
C3B CLA LH . -73.11 -2.98 8.70
C4B CLA LH . -73.44 -4.41 8.96
CMB CLA LH . -72.07 -1.14 10.14
CAB CLA LH . -73.33 -2.34 7.45
CBB CLA LH . -74.24 -1.38 7.25
NC CLA LH . -73.93 -7.36 9.43
C1C CLA LH . -74.17 -6.68 8.28
C2C CLA LH . -74.71 -7.58 7.27
C3C CLA LH . -74.83 -8.82 7.87
C4C CLA LH . -74.33 -8.68 9.23
CMC CLA LH . -75.04 -7.18 5.91
CAC CLA LH . -75.31 -10.07 7.26
CBC CLA LH . -76.78 -10.29 7.45
ND CLA LH . -73.14 -8.39 11.92
C1D CLA LH . -73.68 -9.60 11.43
C2D CLA LH . -73.53 -10.63 12.46
C3D CLA LH . -72.95 -10.02 13.54
C4D CLA LH . -72.75 -8.61 13.16
CMD CLA LH . -73.93 -12.04 12.31
CAD CLA LH . -72.46 -10.18 14.89
OBD CLA LH . -72.39 -11.20 15.57
CBD CLA LH . -72.00 -8.78 15.37
CGD CLA LH . -72.80 -8.30 16.54
O1D CLA LH . -73.88 -7.71 16.49
O2D CLA LH . -72.26 -8.56 17.75
CED CLA LH . -72.18 -7.50 18.71
MG CLA MH . -82.50 0.00 -8.66
CHA CLA MH . -82.13 2.28 -6.08
CHB CLA MH . -84.03 -2.16 -6.55
CHC CLA MH . -82.99 -2.15 -11.28
CHD CLA MH . -80.87 2.25 -10.82
NA CLA MH . -82.98 0.07 -6.62
C1A CLA MH . -82.77 1.12 -5.72
C2A CLA MH . -83.29 0.74 -4.32
C3A CLA MH . -83.81 -0.70 -4.50
C4A CLA MH . -83.61 -0.96 -5.99
CMA CLA MH . -83.06 -1.66 -3.63
CAA CLA MH . -84.43 1.62 -3.84
CBA CLA MH . -85.70 1.48 -4.66
CGA CLA MH . -86.60 2.63 -4.35
O1A CLA MH . -86.31 3.82 -4.26
O2A CLA MH . -87.91 2.27 -4.18
NB CLA MH . -83.29 -1.84 -8.87
C1B CLA MH . -83.91 -2.53 -7.89
C2B CLA MH . -84.49 -3.78 -8.44
C3B CLA MH . -84.20 -3.79 -9.79
C4B CLA MH . -83.43 -2.54 -10.07
CMB CLA MH . -85.22 -4.69 -7.58
CAB CLA MH . -84.52 -4.71 -10.84
CBB CLA MH . -84.54 -6.05 -10.77
NC CLA MH . -82.01 0.06 -10.67
C1C CLA MH . -82.32 -0.93 -11.57
C2C CLA MH . -81.85 -0.53 -12.89
C3C CLA MH . -81.23 0.69 -12.76
C4C CLA MH . -81.34 1.06 -11.36
CMC CLA MH . -82.02 -1.28 -14.12
CAC CLA MH . -80.63 1.47 -13.83
CBC CLA MH . -81.58 2.52 -14.37
ND CLA MH . -81.71 1.85 -8.56
C1D CLA MH . -81.05 2.65 -9.52
C2D CLA MH . -80.61 3.91 -8.88
C3D CLA MH . -81.01 3.83 -7.56
C4D CLA MH . -81.67 2.51 -7.42
CMD CLA MH . -79.91 4.99 -9.58
CAD CLA MH . -81.03 4.48 -6.29
OBD CLA MH . -80.61 5.59 -5.97
CBD CLA MH . -81.72 3.50 -5.30
CGD CLA MH . -80.80 3.05 -4.22
O1D CLA MH . -80.14 2.02 -4.21
O2D CLA MH . -80.75 3.88 -3.14
CED CLA MH . -80.96 3.25 -1.89
C1 CLA MH . -88.86 3.32 -3.92
C2 CLA MH . -90.07 2.66 -3.40
C3 CLA MH . -91.09 2.28 -4.17
C4 CLA MH . -92.29 1.60 -3.61
C5 CLA MH . -91.09 2.52 -5.64
C6 CLA MH . -90.98 1.25 -6.45
C7 CLA MH . -89.52 0.95 -6.78
C8 CLA MH . -89.21 -0.51 -6.56
C9 CLA MH . -89.11 -0.82 -5.09
C10 CLA MH . -87.92 -0.91 -7.26
C11 CLA MH . -88.06 -2.25 -7.94
C12 CLA MH . -88.95 -2.15 -9.17
C13 CLA MH . -88.35 -2.94 -10.32
C14 CLA MH . -87.58 -2.01 -11.22
C15 CLA MH . -89.44 -3.67 -11.10
C16 CLA MH . -89.71 -5.03 -10.50
C17 CLA MH . -88.50 -5.92 -10.57
C18 CLA MH . -88.69 -7.20 -9.77
C19 CLA MH . -87.51 -8.13 -9.98
C20 CLA MH . -88.81 -6.90 -8.30
MG CLA NH . -72.56 -1.44 -4.09
CHA CLA NH . -71.45 1.75 -4.88
CHB CLA NH . -70.93 -2.67 -6.77
CHC CLA NH . -73.41 -4.61 -3.08
CHD CLA NH . -74.22 -0.11 -1.28
NA CLA NH . -71.43 -0.57 -5.60
C1A CLA NH . -71.05 0.77 -5.76
C2A CLA NH . -70.18 0.96 -6.99
C3A CLA NH . -70.20 -0.45 -7.64
C4A CLA NH . -70.90 -1.31 -6.60
CMA CLA NH . -70.97 -0.47 -8.92
CAA CLA NH . -68.74 1.30 -6.62
CBA CLA NH . -67.91 0.19 -6.00
CGA CLA NH . -66.63 0.71 -5.40
O1A CLA NH . -66.07 1.80 -5.57
O2A CLA NH . -66.03 -0.16 -4.53
NB CLA NH . -72.15 -3.32 -4.74
C1B CLA NH . -71.55 -3.58 -5.91
C2B CLA NH . -71.64 -5.03 -6.21
C3B CLA NH . -72.33 -5.63 -5.19
C4B CLA NH . -72.69 -4.53 -4.23
CMB CLA NH . -71.10 -5.64 -7.42
CAB CLA NH . -72.64 -7.03 -5.12
CBB CLA NH . -73.50 -7.70 -4.36
NC CLA NH . -73.68 -2.21 -2.50
C1C CLA NH . -73.90 -3.53 -2.29
C2C CLA NH . -74.66 -3.72 -1.08
C3C CLA NH . -74.91 -2.45 -0.57
C4C CLA NH . -74.28 -1.50 -1.47
CMC CLA NH . -75.06 -5.04 -0.58
CAC CLA NH . -75.65 -2.09 0.65
CBC CLA NH . -74.86 -2.36 1.91
ND CLA NH . -72.97 0.38 -3.34
C1D CLA NH . -73.62 0.78 -2.14
C2D CLA NH . -73.44 2.22 -1.96
C3D CLA NH . -72.63 2.66 -2.99
C4D CLA NH . -72.34 1.47 -3.80
CMD CLA NH . -73.99 2.98 -0.84
CAD CLA NH . -71.94 3.79 -3.58
OBD CLA NH . -71.89 4.97 -3.25
CBD CLA NH . -71.16 3.23 -4.79
CGD CLA NH . -71.52 3.94 -6.06
O1D CLA NH . -72.08 3.47 -7.05
O2D CLA NH . -71.18 5.25 -6.08
CED CLA NH . -70.99 5.85 -7.35
C1 CLA NH . -66.81 -0.62 -3.40
C2 CLA NH . -65.86 -0.56 -2.26
C3 CLA NH . -66.10 -1.12 -1.07
C4 CLA NH . -67.35 -1.87 -0.77
C5 CLA NH . -65.10 -1.01 0.01
C6 CLA NH . -65.67 -0.33 1.26
C7 CLA NH . -66.01 1.12 0.99
C8 CLA NH . -66.38 1.95 2.21
C9 CLA NH . -65.20 2.80 2.64
C10 CLA NH . -66.88 1.13 3.39
C11 CLA NH . -67.49 2.04 4.43
C12 CLA NH . -67.19 1.57 5.83
C13 CLA NH . -67.68 2.57 6.87
C14 CLA NH . -66.93 3.87 6.75
C15 CLA NH . -67.57 2.01 8.28
C16 CLA NH . -68.91 2.05 8.98
MG CLA OH . -85.73 10.12 -3.78
CHA CLA OH . -86.73 10.04 -7.09
CHB CLA OH . -86.78 13.33 -3.56
CHC CLA OH . -85.21 10.02 -0.39
CHD CLA OH . -84.87 6.74 -4.01
NA CLA OH . -86.51 11.48 -5.16
C1A CLA OH . -86.90 11.24 -6.47
C2A CLA OH . -87.45 12.52 -7.10
C3A CLA OH . -87.06 13.60 -6.06
C4A CLA OH . -86.77 12.77 -4.82
CMA CLA OH . -85.81 14.27 -6.54
CAA CLA OH . -88.97 12.48 -7.27
CBA CLA OH . -89.73 11.70 -6.22
CGA CLA OH . -90.12 12.62 -5.11
O1A CLA OH . -90.71 13.71 -5.18
O2A CLA OH . -89.76 12.15 -3.88
NB CLA OH . -86.00 11.40 -2.26
C1B CLA OH . -86.46 12.67 -2.38
C2B CLA OH . -86.50 13.31 -1.04
C3B CLA OH . -86.06 12.37 -0.14
C4B CLA OH . -85.70 11.16 -0.92
CMB CLA OH . -86.93 14.68 -0.85
CAB CLA OH . -85.86 12.45 1.28
CBB CLA OH . -86.85 12.64 2.15
NC CLA OH . -85.04 8.67 -2.47
C1C CLA OH . -84.87 8.85 -1.14
C2C CLA OH . -84.39 7.63 -0.54
C3C CLA OH . -84.35 6.68 -1.54
C4C CLA OH . -84.76 7.35 -2.76
CMC CLA OH . -84.08 7.45 0.88
CAC CLA OH . -83.94 5.28 -1.42
CBC CLA OH . -85.12 4.36 -1.23
ND CLA OH . -85.50 8.77 -5.25
C1D CLA OH . -85.22 7.38 -5.18
C2D CLA OH . -85.39 6.79 -6.51
C3D CLA OH . -85.96 7.78 -7.30
C4D CLA OH . -86.06 8.97 -6.43
CMD CLA OH . -85.08 5.42 -6.88
CAD CLA OH . -86.43 8.14 -8.60
OBD CLA OH . -86.35 7.52 -9.65
CBD CLA OH . -87.10 9.53 -8.47
CGD CLA OH . -86.67 10.41 -9.59
O1D CLA OH . -85.82 11.31 -9.57
O2D CLA OH . -87.30 10.14 -10.77
CED CLA OH . -87.31 11.17 -11.76
C1 CLA OH . -90.32 12.85 -2.76
C2 CLA OH . -89.96 12.13 -1.52
C3 CLA OH . -90.82 11.98 -0.50
C4 CLA OH . -92.20 12.53 -0.57
C5 CLA OH . -90.43 11.25 0.73
C6 CLA OH . -91.54 10.43 1.35
C7 CLA OH . -91.05 9.76 2.61
C8 CLA OH . -92.18 9.08 3.38
C9 CLA OH . -92.41 9.77 4.70
C10 CLA OH . -91.90 7.59 3.55
C11 CLA OH . -90.95 7.26 4.69
C12 CLA OH . -91.55 6.21 5.60
C13 CLA OH . -90.48 5.46 6.41
C14 CLA OH . -90.32 4.05 5.89
C15 CLA OH . -90.82 5.44 7.89
C16 CLA OH . -90.69 6.81 8.51
MG CLA PH . -83.32 24.80 6.65
CHA CLA PH . -84.84 23.67 3.76
CHB CLA PH . -84.52 27.92 6.05
CHC CLA PH . -82.06 25.81 9.67
CHD CLA PH . -82.32 21.49 7.36
NA CLA PH . -84.43 25.64 5.10
C1A CLA PH . -84.99 25.01 3.99
C2A CLA PH . -85.75 26.01 3.13
C3A CLA PH . -85.39 27.37 3.74
C4A CLA PH . -84.74 26.98 5.06
CMA CLA PH . -84.44 28.15 2.87
CAA CLA PH . -87.25 25.82 3.25
CBA CLA PH . -87.97 26.36 2.03
NB CLA PH . -83.25 26.55 7.64
C1B CLA PH . -83.91 27.67 7.28
C2B CLA PH . -83.86 28.65 8.40
C3B CLA PH . -83.17 28.05 9.42
C4B CLA PH . -82.76 26.71 8.95
CMB CLA PH . -84.48 29.97 8.30
CAB CLA PH . -82.84 28.55 10.73
CBB CLA PH . -83.48 28.19 11.85
NC CLA PH . -82.27 23.84 8.17
C1C CLA PH . -81.81 24.46 9.30
C2C CLA PH . -81.11 23.51 10.14
C3C CLA PH . -81.24 22.26 9.52
C4C CLA PH . -81.98 22.48 8.29
CMC CLA PH . -80.47 23.83 11.42
CAC CLA PH . -80.72 20.97 9.99
CBC CLA PH . -79.29 20.76 9.57
ND CLA PH . -83.36 23.01 5.73
C1D CLA PH . -82.98 21.71 6.18
C2D CLA PH . -83.39 20.73 5.17
C3D CLA PH . -84.05 21.43 4.18
C4D CLA PH . -84.05 22.84 4.61
CMD CLA PH . -83.12 19.30 5.30
CAD CLA PH . -84.74 21.36 2.91
OBD CLA PH . -84.86 20.44 2.13
CBD CLA PH . -85.35 22.77 2.66
CGD CLA PH . -84.98 23.29 1.33
O1D CLA PH . -84.15 24.17 1.08
O2D CLA PH . -85.66 22.75 0.29
CED CLA PH . -86.24 23.66 -0.65
MG CLA QH . -87.20 16.10 6.35
CHA CLA QH . -88.57 18.21 3.98
CHB CLA QH . -88.76 13.46 4.92
CHC CLA QH . -86.18 14.12 8.98
CHD CLA QH . -85.92 18.91 8.03
NA CLA QH . -88.38 15.88 4.65
C1A CLA QH . -88.85 16.87 3.78
C2A CLA QH . -89.73 16.25 2.68
C3A CLA QH . -89.61 14.73 2.94
C4A CLA QH . -88.84 14.66 4.26
CMA CLA QH . -90.96 14.09 3.10
CAA CLA QH . -89.31 16.52 1.25
CBA CLA QH . -90.54 16.75 0.39
NB CLA QH . -87.36 14.15 6.81
C1B CLA QH . -88.12 13.25 6.15
C2B CLA QH . -88.19 11.97 6.91
C3B CLA QH . -87.47 12.14 8.05
C4B CLA QH . -86.93 13.54 8.01
CMB CLA QH . -88.97 10.84 6.41
CAB CLA QH . -87.22 11.28 9.19
CBB CLA QH . -86.93 9.98 9.17
NC CLA QH . -86.11 16.44 8.10
C1C CLA QH . -85.76 15.48 9.00
C2C CLA QH . -85.01 16.06 10.09
C3C CLA QH . -85.00 17.42 9.87
C4C CLA QH . -85.68 17.65 8.61
CMC CLA QH . -84.49 15.32 11.23
CAC CLA QH . -84.39 18.44 10.73
CBC CLA QH . -85.34 18.90 11.82
ND CLA QH . -87.03 18.08 6.01
C1D CLA QH . -86.55 19.12 6.84
C2D CLA QH . -86.86 20.42 6.21
C3D CLA QH . -87.60 20.13 5.09
C4D CLA QH . -87.73 18.66 5.04
CMD CLA QH . -86.48 21.71 6.76
CAD CLA QH . -88.31 20.67 3.95
OBD CLA QH . -88.38 21.82 3.54
CBD CLA QH . -89.05 19.48 3.29
CGD CLA QH . -90.54 19.61 3.44
O1D CLA QH . -91.27 19.09 4.29
O2D CLA QH . -91.11 20.42 2.50
MG CLA RH . -73.81 13.56 18.66
CHA CLA RH . -73.43 13.25 22.09
CHB CLA RH . -76.88 14.93 19.10
CHC CLA RH . -73.95 14.18 15.30
CHD CLA RH . -70.61 12.11 18.22
NA CLA RH . -74.97 13.96 20.34
C1A CLA RH . -74.62 13.81 21.69
C2A CLA RH . -75.78 14.25 22.59
C3A CLA RH . -76.88 14.68 21.60
C4A CLA RH . -76.21 14.51 20.24
CMA CLA RH . -78.15 13.90 21.74
CAA CLA RH . -75.46 15.41 23.50
CBA CLA RH . -75.32 16.71 22.74
CGA CLA RH . -73.87 16.95 22.45
O1A CLA RH . -72.93 16.88 23.22
O2A CLA RH . -73.63 17.28 21.16
NB CLA RH . -75.16 14.36 17.43
C1B CLA RH . -76.36 14.87 17.79
C2B CLA RH . -77.06 15.42 16.62
C3B CLA RH . -76.25 15.21 15.53
C4B CLA RH . -75.02 14.54 16.04
CMB CLA RH . -78.37 16.06 16.67
CAB CLA RH . -76.45 15.55 14.16
CBB CLA RH . -76.63 14.69 13.16
NC CLA RH . -72.52 13.18 17.06
C1C CLA RH . -72.77 13.54 15.77
C2C CLA RH . -71.66 13.18 14.92
C3C CLA RH . -70.73 12.55 15.73
C4C CLA RH . -71.27 12.57 17.08
CMC CLA RH . -71.60 13.42 13.49
CAC CLA RH . -69.42 12.01 15.33
CBC CLA RH . -68.30 13.02 15.47
ND CLA RH . -72.35 12.77 19.82
C1D CLA RH . -71.10 12.21 19.51
C2D CLA RH . -70.44 11.79 20.75
C3D CLA RH . -71.28 12.19 21.78
C4D CLA RH . -72.46 12.79 21.14
CMD CLA RH . -69.14 11.15 20.85
CAD CLA RH . -71.49 12.20 23.20
OBD CLA RH . -70.79 11.74 24.09
CBD CLA RH . -72.84 12.92 23.44
CGD CLA RH . -73.78 12.06 24.23
O1D CLA RH . -74.30 11.00 23.89
O2D CLA RH . -74.06 12.56 25.46
CED CLA RH . -75.42 12.49 25.88
C1 CLA RH . -72.62 16.53 20.50
C2 CLA RH . -72.30 17.33 19.28
C3 CLA RH . -71.41 16.99 18.35
C4 CLA RH . -70.64 15.74 18.43
C5 CLA RH . -71.17 17.85 17.17
C6 CLA RH . -71.89 17.34 15.94
C7 CLA RH . -72.37 18.50 15.12
C8 CLA RH . -73.25 18.09 13.95
C9 CLA RH . -72.52 17.12 13.04
C10 CLA RH . -73.67 19.32 13.15
C11 CLA RH . -74.84 20.03 13.79
C12 CLA RH . -76.14 19.54 13.20
C13 CLA RH . -77.20 20.65 13.18
C14 CLA RH . -76.74 21.84 12.36
C15 CLA RH . -77.59 21.07 14.58
C16 CLA RH . -78.67 20.17 15.14
C17 CLA RH . -80.05 20.59 14.68
C18 CLA RH . -80.71 19.55 13.78
C19 CLA RH . -80.73 18.19 14.43
C20 CLA RH . -82.14 19.97 13.48
MG CLA SH . -78.51 20.62 22.93
CHA CLA SH . -75.18 21.34 22.30
CHB CLA SH . -78.47 22.79 25.53
CHC CLA SH . -81.86 20.08 23.36
CHD CLA SH . -78.52 18.44 20.15
NA CLA SH . -77.03 21.82 23.78
C1A CLA SH . -75.71 21.99 23.37
C2A CLA SH . -74.99 22.99 24.28
C3A CLA SH . -76.01 23.24 25.41
C4A CLA SH . -77.28 22.59 24.88
CMA CLA SH . -75.55 22.62 26.70
CAA CLA SH . -74.68 24.31 23.58
CBA CLA SH . -75.73 24.76 22.58
CGA CLA SH . -75.33 26.05 21.94
O1A CLA SH . -74.20 26.48 21.71
O2A CLA SH . -76.39 26.84 21.56
NB CLA SH . -79.87 21.20 24.28
C1B CLA SH . -79.70 22.23 25.14
C2B CLA SH . -81.01 22.73 25.63
C3B CLA SH . -81.97 21.97 25.03
C4B CLA SH . -81.26 20.99 24.16
CMB CLA SH . -81.12 23.84 26.57
CAB CLA SH . -83.40 22.05 25.12
CBB CLA SH . -84.13 23.09 24.71
NC CLA SH . -79.91 19.42 21.97
C1C CLA SH . -81.22 19.33 22.34
C2C CLA SH . -81.91 18.40 21.47
C3C CLA SH . -80.98 17.95 20.53
C4C CLA SH . -79.72 18.60 20.87
CMC CLA SH . -83.34 18.09 21.58
CAC CLA SH . -81.20 17.02 19.43
CBC CLA SH . -81.47 17.75 18.14
ND CLA SH . -77.22 20.01 21.51
C1D CLA SH . -77.34 19.10 20.42
C2D CLA SH . -76.05 19.05 19.70
C3D CLA SH . -75.20 19.88 20.39
C4D CLA SH . -75.96 20.45 21.50
CMD CLA SH . -75.79 18.26 18.51
CAD CLA SH . -73.87 20.46 20.43
OBD CLA SH . -72.93 20.37 19.66
CBD CLA SH . -73.81 21.34 21.70
CGD CLA SH . -72.81 20.78 22.66
O1D CLA SH . -72.99 19.82 23.41
O2D CLA SH . -71.62 21.42 22.67
CED CLA SH . -70.54 20.81 23.37
C1 CLA SH . -76.62 27.02 20.15
C2 CLA SH . -77.53 28.18 20.02
C3 CLA SH . -78.55 28.26 19.15
C4 CLA SH . -79.42 29.46 19.10
C5 CLA SH . -78.87 27.15 18.20
C6 CLA SH . -80.35 26.83 18.13
C7 CLA SH . -80.63 25.70 17.15
C8 CLA SH . -80.12 25.98 15.74
C9 CLA SH . -81.23 26.52 14.85
C10 CLA SH . -79.55 24.71 15.12
C11 CLA SH . -78.04 24.76 15.06
MG CLA TH . -63.78 12.94 22.51
CHA CLA TH . -63.01 9.60 22.08
CHB CLA TH . -61.62 13.08 25.11
CHC CLA TH . -64.17 16.35 22.57
CHD CLA TH . -65.81 12.78 19.62
NA CLA TH . -62.63 11.52 23.51
C1A CLA TH . -62.38 10.20 23.14
C2A CLA TH . -61.44 9.54 24.14
C3A CLA TH . -61.37 10.58 25.28
C4A CLA TH . -61.90 11.83 24.60
CMA CLA TH . -62.27 10.17 26.40
CAA CLA TH . -60.07 9.25 23.56
CBA CLA TH . -59.58 10.27 22.55
CGA CLA TH . -58.26 9.84 21.95
O1A CLA TH . -58.00 8.82 21.33
O2A CLA TH . -57.27 10.76 22.14
NB CLA TH . -63.06 14.43 23.66
C1B CLA TH . -62.10 14.30 24.60
C2B CLA TH . -61.66 15.63 25.09
C3B CLA TH . -62.38 16.55 24.38
C4B CLA TH . -63.30 15.80 23.47
CMB CLA TH . -60.64 15.81 26.11
CAB CLA TH . -62.36 17.98 24.44
NC CLA TH . -64.87 14.30 21.37
C1C CLA TH . -64.92 15.64 21.60
C2C CLA TH . -65.78 16.28 20.62
C3C CLA TH . -66.19 15.28 19.76
C4C CLA TH . -65.63 14.03 20.23
CMC CLA TH . -66.07 17.70 20.56
CAC CLA TH . -67.05 15.41 18.59
ND CLA TH . -64.48 11.52 21.27
C1D CLA TH . -65.27 11.60 20.08
C2D CLA TH . -65.38 10.26 19.49
C3D CLA TH . -64.55 9.44 20.23
C4D CLA TH . -63.98 10.29 21.29
CMD CLA TH . -66.19 9.95 18.33
CAD CLA TH . -64.06 8.09 20.43
OBD CLA TH . -64.42 7.05 19.91
CBD CLA TH . -62.94 8.19 21.51
CGD CLA TH . -63.08 7.13 22.57
O1D CLA TH . -62.17 6.61 23.21
O2D CLA TH . -64.36 6.74 22.82
CED CLA TH . -64.56 5.61 23.67
MG CLA UH . -89.61 -5.56 -14.25
CHA CLA UH . -92.95 -4.62 -14.37
CHB CLA UH . -90.53 -8.67 -13.24
CHC CLA UH . -86.29 -6.48 -14.19
CHD CLA UH . -88.69 -2.24 -14.95
NA CLA UH . -91.46 -6.47 -13.91
C1A CLA UH . -92.74 -5.93 -14.02
C2A CLA UH . -93.82 -6.95 -13.64
C3A CLA UH . -92.98 -8.16 -13.16
C4A CLA UH . -91.55 -7.77 -13.48
CMA CLA UH . -93.15 -8.40 -11.69
CAA CLA UH . -94.67 -7.39 -14.80
CBA CLA UH . -95.87 -8.19 -14.30
NB CLA UH . -88.60 -7.25 -13.82
C1B CLA UH . -89.17 -8.43 -13.45
C2B CLA UH . -88.12 -9.45 -13.23
C3B CLA UH . -86.92 -8.85 -13.50
C4B CLA UH . -87.21 -7.44 -13.88
CMB CLA UH . -88.40 -10.81 -12.80
CAB CLA UH . -85.60 -9.40 -13.42
NC CLA UH . -87.81 -4.53 -14.55
C1C CLA UH . -86.57 -5.12 -14.50
C2C CLA UH . -85.56 -4.13 -14.80
C3C CLA UH . -86.21 -2.91 -14.96
C4C CLA UH . -87.64 -3.17 -14.77
CMC CLA UH . -84.14 -4.42 -14.89
CAC CLA UH . -85.58 -1.62 -15.27
CBC CLA UH . -85.63 -0.64 -14.12
ND CLA UH . -90.54 -3.82 -14.65
C1D CLA UH . -90.04 -2.54 -14.93
C2D CLA UH . -91.18 -1.62 -15.13
C3D CLA UH . -92.31 -2.35 -14.92
C4D CLA UH . -91.86 -3.73 -14.61
CMD CLA UH . -91.04 -0.22 -15.47
CAD CLA UH . -93.76 -2.34 -14.87
OBD CLA UH . -94.53 -1.43 -15.08
CBD CLA UH . -94.21 -3.79 -14.50
CGD CLA UH . -95.00 -3.83 -13.23
O1D CLA UH . -94.59 -4.02 -12.09
O2D CLA UH . -96.32 -3.64 -13.43
C1 LUT VH . -81.17 12.34 17.47
C2 LUT VH . -80.65 11.95 18.85
C3 LUT VH . -79.17 11.65 18.97
C4 LUT VH . -78.64 10.94 17.75
C5 LUT VH . -78.91 11.81 16.56
C6 LUT VH . -80.10 12.39 16.40
C7 LUT VH . -80.39 13.12 15.14
C8 LUT VH . -80.91 12.49 14.09
C9 LUT VH . -81.24 13.15 12.82
C10 LUT VH . -81.69 12.36 11.86
C11 LUT VH . -82.07 12.80 10.52
C12 LUT VH . -82.69 11.88 9.79
C13 LUT VH . -83.18 12.10 8.43
C14 LUT VH . -83.86 11.10 7.87
C15 LUT VH . -84.44 11.20 6.54
C16 LUT VH . -81.77 13.73 17.58
C17 LUT VH . -82.27 11.35 17.13
C18 LUT VH . -77.77 12.00 15.61
C19 LUT VH . -81.08 14.63 12.63
C20 LUT VH . -82.92 13.38 7.71
O3 LUT VH . -79.00 10.78 20.10
C21 LUT VH . -92.09 7.78 -2.98
C22 LUT VH . -92.75 8.48 -4.16
C23 LUT VH . -92.03 8.37 -5.50
C24 LUT VH . -90.53 8.23 -5.36
C25 LUT VH . -89.95 7.81 -4.23
C26 LUT VH . -90.61 8.11 -2.92
C27 LUT VH . -89.97 7.37 -1.77
C28 LUT VH . -89.28 8.14 -0.93
C29 LUT VH . -88.63 7.61 0.27
C30 LUT VH . -88.01 8.50 1.05
C31 LUT VH . -87.34 8.16 2.28
C32 LUT VH . -87.07 9.22 3.04
C33 LUT VH . -86.43 9.12 4.35
C34 LUT VH . -85.77 10.19 4.81
C35 LUT VH . -85.15 10.16 6.12
C36 LUT VH . -92.32 6.27 -3.02
C37 LUT VH . -92.78 8.29 -1.72
C38 LUT VH . -88.66 7.06 -4.31
C39 LUT VH . -88.69 6.16 0.63
C40 LUT VH . -86.57 7.87 5.16
O23 LUT VH . -92.31 9.55 -6.24
C1 XAT WH . -77.41 -2.24 9.99
C2 XAT WH . -78.17 -3.08 11.00
C3 XAT WH . -78.79 -2.21 12.06
C4 XAT WH . -79.94 -1.52 11.35
C5 XAT WH . -79.40 -0.54 10.32
C6 XAT WH . -78.06 -0.89 9.64
C7 XAT WH . -77.92 -0.40 8.20
C8 XAT WH . -77.08 0.61 8.05
C9 XAT WH . -76.74 1.28 6.79
C10 XAT WH . -75.91 2.33 6.87
C11 XAT WH . -75.39 3.16 5.79
C12 XAT WH . -74.78 4.27 6.20
C13 XAT WH . -74.10 5.22 5.31
C14 XAT WH . -73.58 6.33 5.86
C15 XAT WH . -72.84 7.31 5.07
C16 XAT WH . -77.23 -3.08 8.74
C17 XAT WH . -76.04 -1.96 10.56
C18 XAT WH . -80.42 0.09 9.38
C19 XAT WH . -77.30 0.83 5.48
C20 XAT WH . -73.96 4.93 3.85
O3 XAT WH . -79.30 -3.01 13.15
O4 XAT WH . -78.17 0.12 10.64
C21 XAT WH . -64.56 17.14 3.45
C22 XAT WH . -63.86 18.18 2.58
C23 XAT WH . -64.12 17.90 1.12
C24 XAT WH . -65.57 18.25 0.93
C25 XAT WH . -66.44 17.20 1.61
C26 XAT WH . -65.91 16.61 2.93
C27 XAT WH . -66.96 16.25 3.96
C28 XAT WH . -67.17 14.94 4.07
C29 XAT WH . -68.09 14.27 4.99
C30 XAT WH . -68.34 12.99 4.74
C31 XAT WH . -69.19 12.12 5.54
C32 XAT WH . -69.85 11.16 4.90
C33 XAT WH . -70.69 10.21 5.65
C34 XAT WH . -71.34 9.23 4.99
C35 XAT WH . -72.14 8.24 5.72
C36 XAT WH . -64.74 17.75 4.83
C37 XAT WH . -63.64 15.94 3.56
C38 XAT WH . -67.95 17.45 1.63
C39 XAT WH . -68.72 15.00 6.13
C40 XAT WH . -70.75 10.32 7.13
O23 XAT WH . -63.29 18.74 0.31
O24 XAT WH . -65.94 15.86 1.72
C1 BCR XH . -82.98 -14.08 -16.77
C2 BCR XH . -82.18 -13.50 -17.94
C3 BCR XH . -80.74 -13.99 -17.93
C4 BCR XH . -80.05 -13.63 -16.62
C5 BCR XH . -80.89 -14.19 -15.50
C6 BCR XH . -82.20 -13.97 -15.49
C7 BCR XH . -82.87 -13.69 -14.19
C8 BCR XH . -82.70 -12.53 -13.58
C9 BCR XH . -83.35 -12.25 -12.29
C10 BCR XH . -83.01 -11.15 -11.62
C11 BCR XH . -83.62 -10.82 -10.33
C33 BCR XH . -80.26 -15.00 -14.41
C31 BCR XH . -83.27 -15.56 -17.03
C32 BCR XH . -84.31 -13.34 -16.65
C34 BCR XH . -84.38 -13.20 -11.75
C12 BCR XH . -83.31 -9.68 -9.74
C13 BCR XH . -83.89 -9.33 -8.44
C14 BCR XH . -83.34 -8.34 -7.74
C15 BCR XH . -83.87 -7.95 -6.43
C16 BCR XH . -83.20 -7.05 -5.72
C17 BCR XH . -83.73 -6.68 -4.41
C18 BCR XH . -83.09 -5.82 -3.62
C19 BCR XH . -83.70 -5.52 -2.31
C20 BCR XH . -83.21 -4.65 -1.45
C21 BCR XH . -83.97 -4.54 -0.22
C22 BCR XH . -83.64 -3.83 0.85
C23 BCR XH . -84.56 -3.89 1.99
C24 BCR XH . -84.52 -3.03 3.00
C25 BCR XH . -85.48 -3.14 4.12
C26 BCR XH . -85.32 -4.07 5.06
C27 BCR XH . -86.50 -4.49 5.86
C28 BCR XH . -87.02 -3.21 6.49
C29 BCR XH . -87.50 -2.24 5.42
C30 BCR XH . -86.62 -2.15 4.17
C35 BCR XH . -85.07 -10.09 -7.92
C36 BCR XH . -81.80 -5.19 -4.02
C37 BCR XH . -82.39 -3.00 0.93
C38 BCR XH . -83.98 -4.68 5.37
C39 BCR XH . -86.00 -0.76 4.08
C40 BCR XH . -87.55 -2.30 2.97
O1 LHG YH . -81.28 31.49 4.69
C1 LHG YH . -81.77 30.16 4.58
C2 LHG YH . -80.84 29.23 5.32
O2 LHG YH . -79.90 29.94 6.10
C3 LHG YH . -80.02 28.36 4.42
O3 LHG YH . -79.88 27.26 5.27
P LHG YH . -80.61 25.86 4.97
O4 LHG YH . -82.06 25.99 5.29
O5 LHG YH . -79.86 25.38 3.79
O6 LHG YH . -80.01 25.11 6.28
C4 LHG YH . -78.68 25.32 6.62
C5 LHG YH . -78.18 23.94 7.01
C6 LHG YH . -78.60 22.89 5.97
O7 LHG YH . -76.78 24.03 7.01
C7 LHG YH . -76.23 24.18 8.25
O9 LHG YH . -76.88 24.34 9.27
C8 LHG YH . -74.76 24.29 8.16
C9 LHG YH . -74.14 24.21 9.52
C10 LHG YH . -72.69 24.62 9.41
O8 LHG YH . -78.14 21.65 6.51
C23 LHG YH . -77.70 20.70 5.63
O10 LHG YH . -78.00 20.81 4.47
C24 LHG YH . -76.53 19.84 5.99
C11 LHG YH . -72.38 25.04 10.82
C12 LHG YH . -71.86 23.86 11.55
C13 LHG YH . -72.21 24.02 13.00
C14 LHG YH . -72.11 22.72 13.75
C15 LHG YH . -70.67 22.59 14.17
C16 LHG YH . -70.17 21.21 13.81
C17 LHG YH . -68.77 21.01 14.34
C18 LHG YH . -68.41 19.66 13.82
C19 LHG YH . -67.44 18.90 14.68
C20 LHG YH . -67.43 17.54 14.02
C21 LHG YH . -66.66 16.57 14.85
C22 LHG YH . -66.01 15.58 13.90
C25 LHG YH . -75.33 20.58 6.49
C26 LHG YH . -75.14 20.58 7.99
C27 LHG YH . -73.64 20.73 8.14
C28 LHG YH . -73.12 20.69 9.55
C29 LHG YH . -71.61 20.78 9.43
C30 LHG YH . -70.84 19.66 10.07
C31 LHG YH . -69.38 19.63 9.78
C32 LHG YH . -68.70 18.32 10.07
C33 LHG YH . -67.53 18.23 9.12
C34 LHG YH . -66.51 19.32 9.27
C35 LHG YH . -66.03 19.81 7.93
C36 LHG YH . -64.92 20.82 8.18
C37 LHG YH . -63.93 20.66 7.08
C38 LHG YH . -62.81 21.66 7.11
C1 LMG ZH . -54.44 24.31 -4.19
O1 LMG ZH . -53.73 24.12 -3.01
C2 LMG ZH . -53.80 25.60 -4.81
O2 LMG ZH . -54.33 26.65 -4.07
C3 LMG ZH . -54.35 25.72 -6.26
O3 LMG ZH . -53.66 26.81 -6.79
C4 LMG ZH . -53.99 24.43 -7.05
O4 LMG ZH . -52.61 24.27 -7.04
C5 LMG ZH . -54.64 23.25 -6.28
O5 LMG ZH . -52.94 21.80 -6.99
C6 LMG ZH . -54.33 21.93 -7.03
O6 LMG ZH . -54.13 23.15 -4.97
C7 LMG ZH . -54.33 23.23 -2.14
C8 LMG ZH . -55.38 24.06 -1.35
C9 LMG ZH . -56.11 23.11 -0.39
O7 LMG ZH . -54.71 25.00 -0.53
C10 LMG ZH . -55.08 26.32 -0.56
O9 LMG ZH . -55.24 26.88 -1.63
C11 LMG ZH . -55.02 26.96 0.79
C12 LMG ZH . -55.37 28.45 0.70
C13 LMG ZH . -55.46 29.13 2.05
C14 LMG ZH . -56.15 30.48 1.83
C15 LMG ZH . -56.12 31.28 3.12
C16 LMG ZH . -56.31 32.77 2.80
C17 LMG ZH . -55.37 33.55 3.69
C18 LMG ZH . -56.02 34.88 3.99
C19 LMG ZH . -56.57 34.83 5.40
C20 LMG ZH . -55.53 35.45 6.31
C21 LMG ZH . -56.18 36.61 7.01
O8 LMG ZH . -55.17 22.74 0.58
C28 LMG ZH . -55.00 21.42 0.79
O10 LMG ZH . -55.13 20.66 -0.16
C29 LMG ZH . -55.05 21.03 2.22
C30 LMG ZH . -54.65 19.59 2.42
C31 LMG ZH . -54.26 19.43 3.88
C32 LMG ZH . -53.90 17.98 4.12
C33 LMG ZH . -55.20 17.21 4.17
C34 LMG ZH . -54.96 15.88 4.87
C35 LMG ZH . -55.84 15.89 6.12
C36 LMG ZH . -57.25 15.66 5.65
C1 LMG AI . -63.65 3.71 -9.76
O1 LMG AI . -64.60 2.81 -9.32
C2 LMG AI . -64.41 4.63 -10.73
O2 LMG AI . -64.67 3.82 -11.83
C3 LMG AI . -63.38 5.70 -11.17
O3 LMG AI . -64.11 6.59 -11.97
C4 LMG AI . -62.76 6.46 -9.94
O4 LMG AI . -63.72 7.30 -9.39
C5 LMG AI . -62.33 5.41 -8.84
O5 LMG AI . -61.50 7.37 -7.86
C6 LMG AI . -62.06 6.15 -7.52
O6 LMG AI . -63.33 4.45 -8.60
C7 LMG AI . -64.06 1.72 -8.65
C8 LMG AI . -63.87 0.67 -9.76
C9 LMG AI . -63.26 -0.61 -9.16
O7 LMG AI . -65.15 0.33 -10.22
C10 LMG AI . -65.28 -0.18 -11.47
O9 LMG AI . -64.63 0.31 -12.39
C11 LMG AI . -66.44 -1.12 -11.58
C12 LMG AI . -66.59 -1.94 -10.30
C13 LMG AI . -67.74 -2.94 -10.34
C14 LMG AI . -67.48 -3.97 -9.24
C15 LMG AI . -67.53 -3.29 -7.90
C16 LMG AI . -67.24 -4.30 -6.81
C17 LMG AI . -67.54 -3.63 -5.50
C18 LMG AI . -68.40 -4.58 -4.69
C19 LMG AI . -67.92 -4.53 -3.26
C20 LMG AI . -68.76 -5.52 -2.49
C21 LMG AI . -69.63 -4.73 -1.56
O8 LMG AI . -63.80 -0.76 -7.85
C28 LMG AI . -63.39 -1.83 -7.12
O10 LMG AI . -63.01 -1.66 -5.97
C29 LMG AI . -63.79 -3.15 -7.70
C30 LMG AI . -63.41 -4.28 -6.76
C31 LMG AI . -63.56 -5.58 -7.53
C32 LMG AI . -62.48 -6.54 -7.05
C33 LMG AI . -62.92 -7.93 -7.43
C34 LMG AI . -62.54 -8.87 -6.31
C35 LMG AI . -63.85 -9.43 -5.73
C36 LMG AI . -63.72 -10.92 -5.70
MG CLA BI . -6.54 80.12 33.37
CHA CLA BI . -8.90 77.57 33.45
CHB CLA BI . -4.07 77.83 33.59
CHC CLA BI . -4.27 82.68 33.12
CHD CLA BI . -9.16 82.48 33.28
NA CLA BI . -6.53 78.03 33.50
C1A CLA BI . -7.61 77.14 33.50
C2A CLA BI . -7.13 75.69 33.63
C3A CLA BI . -5.61 75.84 33.81
C4A CLA BI . -5.37 77.33 33.61
CMA CLA BI . -5.21 75.39 35.18
CAA CLA BI . -7.39 74.83 32.41
CBA CLA BI . -7.96 73.48 32.79
CGA CLA BI . -7.33 72.40 31.96
O1A CLA BI . -6.63 72.52 30.95
O2A CLA BI . -7.62 71.14 32.40
NB CLA BI . -4.54 80.24 33.37
C1B CLA BI . -3.71 79.18 33.43
C2B CLA BI . -2.30 79.67 33.31
C3B CLA BI . -2.35 81.03 33.18
C4B CLA BI . -3.78 81.41 33.21
CMB CLA BI . -1.15 78.77 33.34
CAB CLA BI . -1.31 82.01 33.04
CBB CLA BI . -0.34 82.23 33.92
NC CLA BI . -6.70 82.19 33.24
C1C CLA BI . -5.64 83.04 33.14
C2C CLA BI . -6.11 84.42 33.05
C3C CLA BI . -7.49 84.37 33.12
C4C CLA BI . -7.86 82.96 33.23
CMC CLA BI . -5.26 85.59 32.93
CAC CLA BI . -8.43 85.49 33.08
CBC CLA BI . -8.81 85.90 31.69
ND CLA BI . -8.54 80.11 33.36
C1D CLA BI . -9.49 81.15 33.33
C2D CLA BI . -10.83 80.57 33.39
C3D CLA BI . -10.67 79.21 33.41
C4D CLA BI . -9.22 78.96 33.40
CMD CLA BI . -12.05 81.35 33.39
CAD CLA BI . -11.34 77.93 33.48
OBD CLA BI . -12.53 77.70 33.54
CBD CLA BI . -10.23 76.85 33.49
CGD CLA BI . -10.30 75.97 34.69
O1D CLA BI . -10.35 74.73 34.71
O2D CLA BI . -10.31 76.63 35.87
CED CLA BI . -10.51 75.86 37.06
C1 CLA BI . -7.74 70.11 31.40
C2 CLA BI . -8.00 68.84 32.14
C3 CLA BI . -8.53 67.73 31.58
C4 CLA BI . -8.91 67.66 30.16
C5 CLA BI . -8.77 66.50 32.40
C6 CLA BI . -10.23 66.33 32.75
C7 CLA BI . -10.48 64.95 33.31
C8 CLA BI . -10.46 63.89 32.21
C9 CLA BI . -11.48 64.19 31.14
C10 CLA BI . -10.72 62.50 32.80
C11 CLA BI . -12.15 62.33 33.26
MG CLA CI . -18.15 74.27 30.56
CHA CLA CI . -17.26 75.88 27.62
CHB CLA CI . -20.37 72.37 28.87
CHC CLA CI . -18.94 72.71 33.50
CHD CLA CI . -15.73 76.20 32.29
NA CLA CI . -18.72 74.17 28.56
C1A CLA CI . -18.20 74.90 27.47
C2A CLA CI . -18.87 74.50 26.16
C3A CLA CI . -19.92 73.48 26.63
C4A CLA CI . -19.67 73.31 28.12
CMA CLA CI . -21.28 74.02 26.33
CAA CLA CI . -17.91 73.80 25.21
CBA CLA CI . -17.15 72.67 25.84
CGA CLA CI . -17.72 71.34 25.47
O1A CLA CI . -18.17 70.96 24.39
O2A CLA CI . -17.72 70.46 26.50
NB CLA CI . -19.46 72.86 31.08
C1B CLA CI . -20.24 72.13 30.24
C2B CLA CI . -20.96 71.08 31.00
C3B CLA CI . -20.56 71.18 32.31
C4B CLA CI . -19.60 72.32 32.37
CMB CLA CI . -21.86 70.17 30.29
CAB CLA CI . -20.88 70.42 33.48
CBB CLA CI . -21.17 69.12 33.55
NC CLA CI . -17.44 74.42 32.52
C1C CLA CI . -17.90 73.68 33.58
C2C CLA CI . -17.22 74.07 34.81
C3C CLA CI . -16.31 75.05 34.46
C4C CLA CI . -16.46 75.27 33.03
CMC CLA CI . -17.43 73.49 36.15
CAC CLA CI . -15.39 75.78 35.33
CBC CLA CI . -14.03 75.16 35.30
ND CLA CI . -16.75 75.66 30.12
C1D CLA CI . -15.88 76.39 30.94
C2D CLA CI . -15.20 77.39 30.12
C3D CLA CI . -15.72 77.28 28.85
C4D CLA CI . -16.69 76.18 28.90
CMD CLA CI . -14.21 78.29 30.65
CAD CLA CI . -15.72 77.77 27.49
OBD CLA CI . -15.11 78.70 26.99
CBD CLA CI . -16.69 76.90 26.68
CGD CLA CI . -17.83 77.76 26.25
O1D CLA CI . -18.41 78.61 26.93
O2D CLA CI . -18.24 77.55 24.98
CED CLA CI . -19.55 77.99 24.66
C1 CLA CI . -18.91 69.70 26.74
C2 CLA CI . -18.71 69.18 28.10
C3 CLA CI . -19.10 67.99 28.55
C4 CLA CI . -19.83 67.02 27.73
C5 CLA CI . -18.80 67.63 29.95
C6 CLA CI . -18.10 66.29 30.00
C7 CLA CI . -17.46 66.05 31.35
C8 CLA CI . -16.36 65.00 31.23
C9 CLA CI . -16.88 63.73 30.59
C10 CLA CI . -15.76 64.63 32.57
C11 CLA CI . -15.57 65.80 33.50
C12 CLA CI . -14.15 65.98 33.97
C13 CLA CI . -14.03 65.95 35.49
C14 CLA CI . -14.86 64.84 36.13
C15 CLA CI . -14.37 67.27 36.13
C16 CLA CI . -14.10 67.23 37.62
C17 CLA CI . -13.73 68.59 38.16
C18 CLA CI . -13.70 68.60 39.68
C19 CLA CI . -13.14 69.91 40.18
C20 CLA CI . -15.09 68.45 40.25
MG CLA DI . -23.83 65.29 35.67
CHA CLA DI . -25.32 64.49 32.65
CHB CLA DI . -20.85 65.66 34.14
CHC CLA DI . -22.44 66.14 38.71
CHD CLA DI . -26.96 64.90 37.25
NA CLA DI . -23.22 65.12 33.69
C1A CLA DI . -23.98 64.79 32.57
C2A CLA DI . -23.13 64.81 31.31
C3A CLA DI . -21.72 65.11 31.84
C4A CLA DI . -21.92 65.33 33.33
CMA CLA DI . -20.78 63.96 31.60
CAA CLA DI . -23.51 65.98 30.44
CBA CLA DI . -23.09 65.83 29.00
CGA CLA DI . -23.91 64.80 28.30
O1A CLA DI . -25.11 64.60 28.38
O2A CLA DI . -23.17 64.03 27.43
NB CLA DI . -22.02 65.88 36.29
C1B CLA DI . -20.91 65.85 35.53
C2B CLA DI . -19.72 66.04 36.39
C3B CLA DI . -20.15 66.17 37.67
C4B CLA DI . -21.62 66.06 37.63
CMB CLA DI . -18.36 66.05 35.86
CAB CLA DI . -19.40 66.35 38.88
NC CLA DI . -24.57 65.48 37.61
C1C CLA DI . -23.83 65.86 38.69
C2C CLA DI . -24.68 65.94 39.87
C3C CLA DI . -25.94 65.57 39.45
C4C CLA DI . -25.87 65.29 38.04
CMC CLA DI . -24.26 66.32 41.21
CAC CLA DI . -27.16 65.55 40.24
CBC CLA DI . -27.74 66.93 40.11
ND CLA DI . -25.70 64.74 35.17
C1D CLA DI . -26.90 64.63 35.90
C2D CLA DI . -27.98 64.22 35.02
C3D CLA DI . -27.43 64.13 33.77
C4D CLA DI . -26.00 64.49 33.90
CMD CLA DI . -29.35 63.97 35.43
CAD CLA DI . -27.66 63.85 32.40
OBD CLA DI . -28.68 63.50 31.86
CBD CLA DI . -26.35 64.09 31.63
CGD CLA DI . -25.98 62.85 30.90
O1D CLA DI . -26.42 62.45 29.82
O2D CLA DI . -25.04 62.09 31.52
CED CLA DI . -24.22 61.27 30.71
C1 CLA DI . -22.28 63.06 28.03
C2 CLA DI . -21.10 62.98 27.13
C3 CLA DI . -20.02 62.22 27.38
C4 CLA DI . -19.91 61.38 28.60
C5 CLA DI . -18.87 62.19 26.45
C6 CLA DI . -17.54 62.46 27.13
C7 CLA DI . -16.54 61.37 26.79
C8 CLA DI . -15.59 61.09 27.95
C9 CLA DI . -14.15 61.20 27.50
C10 CLA DI . -15.84 59.70 28.51
MG CLA EI . -33.48 72.93 51.11
CHA CLA EI . -34.58 71.63 54.13
CHB CLA EI . -33.44 69.80 49.78
CHC CLA EI . -32.52 74.28 48.11
CHD CLA EI . -33.63 76.16 52.50
NA CLA EI . -33.92 71.03 51.87
C1A CLA EI . -34.38 70.69 53.15
C2A CLA EI . -34.59 69.18 53.26
C3A CLA EI . -34.08 68.64 51.91
C4A CLA EI . -33.80 69.91 51.10
CMA CLA EI . -32.83 67.82 52.08
CAA CLA EI . -36.05 68.79 53.44
CBA CLA EI . -36.94 69.03 52.24
CGA CLA EI . -38.11 69.88 52.63
O1A CLA EI . -38.20 70.66 53.56
O2A CLA EI . -39.20 69.73 51.80
NB CLA EI . -33.00 72.18 49.32
C1B CLA EI . -33.14 70.88 48.95
C2B CLA EI . -32.93 70.75 47.49
C3B CLA EI . -32.67 72.00 47.00
C4B CLA EI . -32.70 72.93 48.15
CMB CLA EI . -33.01 69.48 46.80
CAB CLA EI . -32.40 72.42 45.66
NC CLA EI . -33.12 74.87 50.45
C1C CLA EI . -32.72 75.19 49.18
C2C CLA EI . -32.55 76.63 49.07
C3C CLA EI . -32.88 77.16 50.31
C4C CLA EI . -33.24 76.05 51.17
CMC CLA EI . -32.13 77.32 47.86
CAC CLA EI . -32.86 78.58 50.69
ND CLA EI . -33.98 73.77 52.87
C1D CLA EI . -33.98 75.11 53.31
C2D CLA EI . -34.42 75.15 54.71
C3D CLA EI . -34.63 73.84 55.10
C4D CLA EI . -34.34 73.02 53.90
CMD CLA EI . -34.58 76.37 55.48
CAD CLA EI . -35.04 72.95 56.16
OBD CLA EI . -35.40 73.21 57.30
CBD CLA EI . -34.97 71.51 55.57
CGD CLA EI . -33.96 70.67 56.28
O1D CLA EI . -32.78 70.94 56.54
O2D CLA EI . -34.43 69.45 56.66
CED CLA EI . -33.51 68.37 56.62
C1 CLA EI . -40.17 70.80 51.81
C2 CLA EI . -41.14 70.61 50.70
C3 CLA EI . -41.97 71.58 50.28
C4 CLA EI . -41.99 72.94 50.87
C5 CLA EI . -42.93 71.34 49.16
C6 CLA EI . -44.39 71.49 49.53
C7 CLA EI . -44.84 70.44 50.53
C8 CLA EI . -46.19 69.76 50.27
C9 CLA EI . -47.13 70.59 49.41
C10 CLA EI . -46.88 69.44 51.60
C11 CLA EI . -47.35 68.00 51.71
C12 CLA EI . -47.53 67.59 53.16
C13 CLA EI . -48.11 66.18 53.30
C14 CLA EI . -49.55 66.16 52.82
C15 CLA EI . -48.02 65.66 54.73
C16 CLA EI . -48.51 64.24 54.86
C17 CLA EI . -49.56 64.09 55.95
C18 CLA EI . -49.69 62.68 56.48
C19 CLA EI . -49.10 62.56 57.87
C20 CLA EI . -51.14 62.24 56.50
MG CLA FI . -37.96 66.95 47.04
CHA CLA FI . -41.29 67.68 47.52
CHB CLA FI . -38.24 67.85 43.78
CHC CLA FI . -34.64 66.21 46.61
CHD CLA FI . -37.71 65.97 50.42
NA CLA FI . -39.52 67.66 45.88
C1A CLA FI . -40.85 67.89 46.25
C2A CLA FI . -41.68 68.39 45.07
C3A CLA FI . -40.68 68.32 43.89
C4A CLA FI . -39.38 67.93 44.55
CMA CLA FI . -41.07 67.31 42.85
CAA CLA FI . -42.13 69.83 45.23
CBA CLA FI . -43.59 69.96 44.89
NB CLA FI . -36.71 66.94 45.47
C1B CLA FI . -36.98 67.50 44.27
C2B CLA FI . -35.72 67.70 43.51
C3B CLA FI . -34.72 67.24 44.31
C4B CLA FI . -35.32 66.74 45.56
CMB CLA FI . -35.64 68.27 42.17
CAB CLA FI . -33.32 67.19 44.05
CBB CLA FI . -32.74 66.07 43.65
NC CLA FI . -36.46 66.20 48.28
C1C CLA FI . -35.18 65.94 47.90
C2C CLA FI . -34.43 65.38 49.00
C3C CLA FI . -35.28 65.35 50.10
C4C CLA FI . -36.57 65.86 49.63
CMC CLA FI . -33.03 64.98 48.94
CAC CLA FI . -35.01 64.85 51.44
ND CLA FI . -39.14 66.92 48.67
C1D CLA FI . -38.91 66.49 49.99
C2D CLA FI . -40.15 66.62 50.75
C3D CLA FI . -41.10 67.07 49.85
C4D CLA FI . -40.42 67.22 48.56
CMD CLA FI . -40.27 66.32 52.16
CAD CLA FI . -42.48 67.45 49.66
OBD CLA FI . -43.40 67.47 50.45
CBD CLA FI . -42.64 67.81 48.16
CGD CLA FI . -43.63 66.94 47.45
O1D CLA FI . -43.39 66.03 46.65
O2D CLA FI . -44.93 67.23 47.74
MG CLA GI . -29.64 61.91 48.02
CHA CLA GI . -28.05 60.00 50.39
CHB CLA GI . -26.69 63.37 47.21
CHC CLA GI . -31.22 63.58 45.48
CHD CLA GI . -32.74 60.65 49.12
NA CLA GI . -27.71 61.69 48.71
C1A CLA GI . -27.24 60.84 49.70
C2A CLA GI . -25.73 61.02 49.89
C3A CLA GI . -25.41 62.23 49.00
C4A CLA GI . -26.67 62.44 48.22
CMA CLA GI . -25.17 63.48 49.81
CAA CLA GI . -24.92 59.83 49.40
CBA CLA GI . -25.49 59.11 48.21
CGA CLA GI . -24.52 58.05 47.80
O1A CLA GI . -23.30 58.14 47.67
O2A CLA GI . -25.11 56.84 47.54
NB CLA GI . -29.09 63.29 46.68
C1B CLA GI . -27.82 63.66 46.43
C2B CLA GI . -27.73 64.47 45.20
C3B CLA GI . -28.99 64.54 44.69
C4B CLA GI . -29.88 63.78 45.62
CMB CLA GI . -26.45 65.00 44.70
CAB CLA GI . -29.44 65.19 43.51
CBB CLA GI . -29.36 66.51 43.32
NC CLA GI . -31.62 62.05 47.40
C1C CLA GI . -32.02 62.75 46.31
C2C CLA GI . -33.45 62.56 46.14
C3C CLA GI . -33.90 61.84 47.22
C4C CLA GI . -32.74 61.52 48.03
CMC CLA GI . -34.17 63.09 45.01
CAC CLA GI . -35.28 61.41 47.48
CBC CLA GI . -35.66 60.17 46.72
ND CLA GI . -30.30 60.52 49.30
C1D CLA GI . -31.60 60.15 49.72
C2D CLA GI . -31.50 59.15 50.80
C3D CLA GI . -30.14 58.98 51.02
C4D CLA GI . -29.46 59.93 50.13
CMD CLA GI . -32.62 58.45 51.40
CAD CLA GI . -29.14 58.29 51.77
OBD CLA GI . -29.21 57.29 52.47
CBD CLA GI . -27.81 59.04 51.53
CGD CLA GI . -27.50 59.78 52.79
O1D CLA GI . -28.30 60.44 53.44
O2D CLA GI . -26.22 59.67 53.21
CED CLA GI . -25.86 58.48 53.93
C1 CLA GI . -25.64 56.66 46.22
C2 CLA GI . -24.69 55.81 45.48
C3 CLA GI . -25.01 55.20 44.32
C4 CLA GI . -24.03 54.35 43.61
C5 CLA GI . -26.36 55.36 43.72
C6 CLA GI . -26.30 55.70 42.24
C7 CLA GI . -27.16 56.90 41.91
C8 CLA GI . -27.42 56.98 40.41
C9 CLA GI . -26.38 57.83 39.73
C10 CLA GI . -28.81 57.53 40.13
C11 CLA GI . -29.35 56.97 38.83
C12 CLA GI . -30.84 56.69 38.90
C13 CLA GI . -31.38 56.23 37.56
C14 CLA GI . -31.38 57.37 36.57
C15 CLA GI . -32.78 55.67 37.67
C16 CLA GI . -32.78 54.16 37.59
C17 CLA GI . -32.29 53.68 36.25
C18 CLA GI . -33.33 52.82 35.57
C19 CLA GI . -34.37 53.69 34.88
C20 CLA GI . -32.69 51.86 34.57
MG CLA HI . -39.15 74.44 33.34
CHA CLA HI . -36.07 75.22 34.68
CHB CLA HI . -40.40 74.01 36.44
CHC CLA HI . -42.26 73.99 31.96
CHD CLA HI . -37.84 75.09 30.13
NA CLA HI . -38.32 74.53 35.24
C1A CLA HI . -37.03 74.91 35.61
C2A CLA HI . -36.86 74.88 37.13
C3A CLA HI . -38.19 74.27 37.62
C4A CLA HI . -39.05 74.27 36.35
CMA CLA HI . -38.00 72.90 38.19
CAA CLA HI . -36.68 76.30 37.68
CBA CLA HI . -37.97 77.05 37.97
CGA CLA HI . -37.76 78.53 37.82
O1A CLA HI . -37.39 79.15 36.82
O2A CLA HI . -38.03 79.24 38.96
NB CLA HI . -40.96 74.01 34.06
C1B CLA HI . -41.28 73.98 35.37
C2B CLA HI . -42.74 73.86 35.53
C3B CLA HI . -43.27 73.85 34.28
C4B CLA HI . -42.15 73.94 33.32
CMB CLA HI . -43.38 73.81 36.84
CAB CLA HI . -44.64 73.78 33.86
CBB CLA HI . -45.53 74.76 34.09
NC CLA HI . -39.89 74.46 31.40
C1C CLA HI . -41.19 74.23 31.06
C2C CLA HI . -41.34 74.34 29.62
C3C CLA HI . -40.11 74.69 29.11
C4C CLA HI . -39.20 74.77 30.23
CMC CLA HI . -42.58 74.15 28.87
CAC CLA HI . -39.77 74.94 27.72
ND CLA HI . -37.38 74.94 32.52
C1D CLA HI . -36.98 75.16 31.19
C2D CLA HI . -35.55 75.49 31.17
C3D CLA HI . -35.15 75.50 32.48
C4D CLA HI . -36.33 75.18 33.29
CMD CLA HI . -34.77 75.73 29.96
CAD CLA HI . -34.04 75.71 33.39
OBD CLA HI . -32.87 75.95 33.13
CBD CLA HI . -34.60 75.56 34.81
CGD CLA HI . -33.91 74.45 35.55
O1D CLA HI . -33.99 73.24 35.33
O2D CLA HI . -33.13 74.87 36.56
CED CLA HI . -33.43 74.37 37.86
C1 CLA HI . -37.63 80.62 38.98
C2 CLA HI . -38.87 81.40 39.22
C3 CLA HI . -39.35 81.68 40.45
C4 CLA HI . -40.58 82.45 40.63
C5 CLA HI . -38.65 81.21 41.69
C6 CLA HI . -38.49 82.31 42.72
MG CLA II . -33.10 65.58 34.33
CHA CLA II . -30.68 66.42 32.03
CHB CLA II . -34.85 64.02 31.92
CHC CLA II . -35.29 64.45 36.74
CHD CLA II . -31.26 67.25 36.82
NA CLA II . -32.80 65.31 32.29
C1A CLA II . -31.73 65.73 31.50
C2A CLA II . -31.93 65.29 30.04
C3A CLA II . -33.39 64.85 30.02
C4A CLA II . -33.72 64.68 31.50
CMA CLA II . -34.21 65.95 29.45
CAA CLA II . -30.97 64.16 29.67
CBA CLA II . -31.54 62.76 29.68
CGA CLA II . -30.61 61.76 30.28
O1A CLA II . -29.47 61.46 29.93
O2A CLA II . -31.11 61.13 31.40
NB CLA II . -34.70 64.39 34.34
C1B CLA II . -35.26 63.85 33.24
C2B CLA II . -36.47 63.08 33.62
C3B CLA II . -36.60 63.20 34.98
C4B CLA II . -35.50 64.06 35.46
CMB CLA II . -37.30 62.40 32.63
CAB CLA II . -37.61 62.68 35.86
CBB CLA II . -37.80 61.38 36.04
NC CLA II . -33.27 65.87 36.38
C1C CLA II . -34.26 65.32 37.17
C2C CLA II . -34.06 65.71 38.55
C3C CLA II . -32.93 66.51 38.57
C4C CLA II . -32.44 66.60 37.21
CMC CLA II . -34.92 65.30 39.65
CAC CLA II . -32.32 67.15 39.74
CBC CLA II . -31.30 66.23 40.33
ND CLA II . -31.45 66.74 34.44
C1D CLA II . -30.76 67.30 35.54
C2D CLA II . -29.50 67.88 35.07
C3D CLA II . -29.42 67.59 33.72
C4D CLA II . -30.65 66.85 33.39
CMD CLA II . -28.52 68.57 35.90
CAD CLA II . -28.65 67.71 32.51
OBD CLA II . -27.60 68.28 32.30
CBD CLA II . -29.40 66.93 31.40
CGD CLA II . -29.79 67.88 30.33
O1D CLA II . -30.66 68.74 30.40
O2D CLA II . -29.09 67.77 29.17
CED CLA II . -29.44 68.71 28.16
C1 CLA II . -30.39 59.96 31.86
C2 CLA II . -29.89 60.20 33.24
C3 CLA II . -28.95 59.46 33.83
C4 CLA II . -28.29 58.33 33.15
C5 CLA II . -28.48 59.75 35.21
C6 CLA II . -27.01 60.11 35.23
C7 CLA II . -26.49 60.34 36.64
C8 CLA II . -25.14 61.06 36.70
C9 CLA II . -24.22 60.72 35.56
C10 CLA II . -24.44 60.74 38.03
C11 CLA II . -24.10 61.98 38.82
C12 CLA II . -22.73 62.52 38.49
C13 CLA II . -21.64 61.63 39.04
C14 CLA II . -21.67 61.67 40.56
C15 CLA II . -20.26 62.04 38.54
C16 CLA II . -19.57 60.89 37.85
C17 CLA II . -19.65 60.98 36.34
C18 CLA II . -18.28 61.24 35.71
C19 CLA II . -17.54 59.95 35.45
C20 CLA II . -18.45 62.00 34.42
MG CLA JI . -31.31 82.72 35.76
CHA CLA JI . -33.48 83.80 33.30
CHB CLA JI . -29.46 85.53 35.32
CHC CLA JI . -29.52 81.91 38.55
CHD CLA JI . -33.34 79.92 36.23
NA CLA JI . -31.41 84.33 34.45
C1A CLA JI . -32.44 84.64 33.55
C2A CLA JI . -32.14 85.95 32.85
C3A CLA JI . -30.68 86.23 33.23
C4A CLA JI . -30.49 85.32 34.44
CMA CLA JI . -29.83 85.79 32.09
CAA CLA JI . -33.03 87.07 33.37
CBA CLA JI . -33.51 86.95 34.81
CGA CLA JI . -32.50 87.52 35.75
O1A CLA JI . -31.76 88.49 35.56
O2A CLA JI . -32.40 86.86 36.95
NB CLA JI . -29.83 83.60 36.79
C1B CLA JI . -29.17 84.71 36.43
C2B CLA JI . -28.02 84.95 37.33
C3B CLA JI . -28.02 83.94 38.24
C4B CLA JI . -29.16 83.04 37.90
CMB CLA JI . -27.12 86.09 37.14
CAB CLA JI . -27.12 83.65 39.32
CBB CLA JI . -26.88 84.47 40.33
NC CLA JI . -31.36 81.13 37.09
C1C CLA JI . -30.53 81.00 38.16
C2C CLA JI . -30.88 79.80 38.89
C3C CLA JI . -31.97 79.24 38.26
C4C CLA JI . -32.28 80.10 37.13
CMC CLA JI . -30.20 79.34 40.08
CAC CLA JI . -32.69 78.03 38.65
CBC CLA JI . -33.97 78.34 39.39
ND CLA JI . -32.84 81.83 34.81
C1D CLA JI . -33.61 80.70 35.15
C2D CLA JI . -34.72 80.57 34.19
C3D CLA JI . -34.71 81.73 33.46
C4D CLA JI . -33.56 82.52 33.94
CMD CLA JI . -35.64 79.46 34.09
CAD CLA JI . -35.31 82.45 32.38
OBD CLA JI . -36.15 82.07 31.59
CBD CLA JI . -34.68 83.87 32.37
CGD CLA JI . -34.35 84.26 30.96
O1D CLA JI . -33.24 84.35 30.43
O2D CLA JI . -35.45 84.55 30.24
CED CLA JI . -35.30 84.70 28.83
C1 CLA JI . -31.30 87.28 37.79
C2 CLA JI . -31.64 87.11 39.22
C3 CLA JI . -30.73 87.24 40.20
C4 CLA JI . -29.31 87.55 39.92
C5 CLA JI . -31.11 87.06 41.63
C6 CLA JI . -30.09 86.26 42.43
C7 CLA JI . -30.36 86.41 43.91
C8 CLA JI . -30.33 85.08 44.65
C9 CLA JI . -31.62 84.87 45.41
MG CLA KI . -13.84 88.20 38.13
CHA CLA KI . -16.97 89.20 37.05
CHB CLA KI . -12.51 91.07 36.89
CHC CLA KI . -10.83 87.31 39.46
CHD CLA KI . -15.29 85.30 39.49
NA CLA KI . -14.62 89.83 37.08
C1A CLA KI . -15.96 90.08 36.75
C2A CLA KI . -16.08 91.40 35.99
C3A CLA KI . -14.63 91.82 35.76
C4A CLA KI . -13.84 90.86 36.65
CMA CLA KI . -14.26 91.68 34.31
CAA CLA KI . -16.75 92.46 36.85
CBA CLA KI . -18.02 92.96 36.20
NB CLA KI . -12.01 89.04 38.19
C1B CLA KI . -11.67 90.23 37.65
C2B CLA KI . -10.25 90.52 37.94
C3B CLA KI . -9.77 89.48 38.67
C4B CLA KI . -10.88 88.50 38.82
CMB CLA KI . -9.56 91.73 37.48
CAB CLA KI . -8.45 89.25 39.19
CBB CLA KI . -8.13 89.24 40.48
NC CLA KI . -13.17 86.56 39.21
C1C CLA KI . -11.90 86.38 39.64
C2C CLA KI . -11.78 85.14 40.37
C3C CLA KI . -13.05 84.58 40.40
C4C CLA KI . -13.92 85.48 39.66
CMC CLA KI . -10.55 84.65 40.97
CAC CLA KI . -13.47 83.32 41.03
CBC CLA KI . -13.38 82.13 40.12
ND CLA KI . -15.64 87.31 38.14
C1D CLA KI . -16.11 86.15 38.79
C2D CLA KI . -17.56 86.03 38.60
C3D CLA KI . -17.95 87.14 37.87
C4D CLA KI . -16.71 87.93 37.66
CMD CLA KI . -18.36 84.93 39.12
CAD CLA KI . -19.04 87.88 37.27
OBD CLA KI . -20.21 87.57 37.14
CBD CLA KI . -18.46 89.23 36.78
CGD CLA KI . -18.69 89.39 35.32
O1D CLA KI . -17.83 89.40 34.44
O2D CLA KI . -19.98 89.50 34.94
CED CLA KI . -20.22 89.40 33.54
MG CLA LI . -21.98 86.26 42.92
CHA CLA LI . -22.37 88.85 40.66
CHB CLA LI . -25.34 86.02 43.22
CHC CLA LI . -21.55 83.95 45.43
CHD CLA LI . -18.49 86.65 42.71
NA CLA LI . -23.58 87.24 42.01
C1A CLA LI . -23.55 88.30 41.08
C2A CLA LI . -24.97 88.72 40.71
C3A CLA LI . -25.86 87.75 41.50
C4A CLA LI . -24.87 86.93 42.30
CMA CLA LI . -26.77 88.50 42.44
CAA CLA LI . -25.33 88.58 39.24
CBA CLA LI . -26.37 89.62 38.86
NB CLA LI . -23.21 85.14 44.06
C1B CLA LI . -24.55 85.22 44.05
C2B CLA LI . -25.13 84.33 45.09
C3B CLA LI . -24.06 83.74 45.73
C4B CLA LI . -22.83 84.27 45.10
CMB CLA LI . -26.57 84.25 45.29
CAB CLA LI . -23.99 82.82 46.84
CBB CLA LI . -24.84 81.84 47.17
NC CLA LI . -20.32 85.39 43.84
C1C CLA LI . -20.38 84.45 44.82
C2C CLA LI . -19.03 84.09 45.24
C3C CLA LI . -18.16 84.86 44.48
C4C CLA LI . -18.98 85.67 43.59
CMC CLA LI . -18.70 83.12 46.28
CAC CLA LI . -16.69 84.85 44.52
CBC CLA LI . -16.12 85.78 45.57
ND CLA LI . -20.68 87.37 41.87
C1D CLA LI . -19.28 87.46 41.93
C2D CLA LI . -18.82 88.55 41.05
C3D CLA LI . -19.97 89.13 40.54
C4D CLA LI . -21.10 88.36 41.09
CMD CLA LI . -17.42 88.91 40.89
CAD CLA LI . -20.52 90.17 39.70
OBD CLA LI . -19.97 91.07 39.08
CBD CLA LI . -22.07 90.02 39.75
CGD CLA LI . -22.79 91.25 40.20
O1D CLA LI . -22.85 91.70 41.35
O2D CLA LI . -23.45 91.89 39.21
MG CLA MI . -11.71 72.53 50.08
CHA CLA MI . -10.54 71.34 53.10
CHB CLA MI . -11.85 75.68 51.35
CHC CLA MI . -12.47 73.72 46.94
CHD CLA MI . -11.52 69.27 48.78
NA CLA MI . -11.31 73.35 51.94
C1A CLA MI . -10.80 72.69 53.06
C2A CLA MI . -10.61 73.66 54.20
C3A CLA MI . -11.28 74.95 53.69
C4A CLA MI . -11.49 74.66 52.20
CMA CLA MI . -12.61 75.17 54.34
CAA CLA MI . -9.10 73.88 54.37
CBA CLA MI . -8.26 74.05 53.13
CGA CLA MI . -7.53 72.79 52.77
O2A CLA MI . -7.18 72.70 51.46
NB CLA MI . -12.06 74.35 49.30
C1B CLA MI . -12.11 75.52 49.98
C2B CLA MI . -12.54 76.62 49.09
C3B CLA MI . -12.70 76.08 47.84
C4B CLA MI . -12.42 74.63 47.95
CMB CLA MI . -12.69 77.99 49.54
CAB CLA MI . -13.11 76.70 46.62
CBB CLA MI . -12.36 76.85 45.54
NC CLA MI . -11.95 71.65 48.22
C1C CLA MI . -12.24 72.33 47.07
C2C CLA MI . -12.29 71.40 45.95
C3C CLA MI . -12.03 70.15 46.45
C4C CLA MI . -11.83 70.30 47.89
CMC CLA MI . -12.54 71.78 44.57
CAC CLA MI . -11.96 68.90 45.68
CBC CLA MI . -10.54 68.48 45.33
ND CLA MI . -11.23 70.70 50.74
C1D CLA MI . -11.25 69.44 50.13
C2D CLA MI . -10.89 68.40 51.11
C3D CLA MI . -10.55 69.08 52.25
C4D CLA MI . -10.79 70.50 51.98
CMD CLA MI . -10.84 66.97 50.82
CAD CLA MI . -10.09 69.00 53.62
OBD CLA MI . -9.72 68.05 54.28
CBD CLA MI . -10.13 70.42 54.22
CGD CLA MI . -11.18 70.48 55.28
O1D CLA MI . -12.34 70.09 55.20
O2D CLA MI . -10.77 71.06 56.42
CED CLA MI . -11.29 70.53 57.63
C1 CLA MI . -8.23 72.78 50.47
C2 CLA MI . -7.80 71.91 49.35
C3 CLA MI . -7.96 72.15 48.04
C4 CLA MI . -7.47 71.18 47.04
C5 CLA MI . -8.61 73.38 47.53
C6 CLA MI . -7.90 73.96 46.33
C7 CLA MI . -8.60 75.21 45.84
C8 CLA MI . -8.53 75.34 44.33
C9 CLA MI . -8.63 76.80 43.96
C10 CLA MI . -9.63 74.48 43.72
C11 CLA MI . -10.02 74.84 42.30
C12 CLA MI . -9.27 74.04 41.27
C13 CLA MI . -10.14 72.99 40.61
C14 CLA MI . -10.01 71.66 41.33
C15 CLA MI . -9.78 72.82 39.14
C16 CLA MI . -10.94 72.27 38.32
C17 CLA MI . -10.57 70.97 37.64
C18 CLA MI . -9.83 71.18 36.33
C19 CLA MI . -8.44 70.59 36.38
C20 CLA MI . -10.61 70.59 35.17
MG CLA NI . -6.00 78.54 54.41
CHA CLA NI . -4.40 76.13 52.48
CHB CLA NI . -3.30 78.66 56.44
CHC CLA NI . -7.43 81.21 55.99
CHD CLA NI . -8.70 78.48 52.14
NA CLA NI . -4.22 77.46 54.51
C1A CLA NI . -3.71 76.52 53.60
C2A CLA NI . -2.37 75.99 54.10
C3A CLA NI . -2.26 76.56 55.53
C4A CLA NI . -3.32 77.64 55.52
CAA CLA NI . -1.17 76.37 53.25
CBA CLA NI . -0.19 75.22 53.28
CGA CLA NI . 0.93 75.40 52.31
O1A CLA NI . 1.63 74.54 51.77
O2A CLA NI . 1.16 76.72 52.01
NB CLA NI . -5.53 79.63 56.02
C1B CLA NI . -4.26 79.69 56.49
C2B CLA NI . -3.99 81.02 57.08
C3B CLA NI . -5.15 81.74 56.95
C4B CLA NI . -6.16 80.86 56.31
CMB CLA NI . -2.69 81.39 57.65
CAB CLA NI . -5.45 83.09 57.35
CBB CLA NI . -4.90 84.18 56.81
NC CLA NI . -7.81 79.55 54.19
C1C CLA NI . -8.22 80.56 55.00
C2C CLA NI . -9.56 80.99 54.61
C3C CLA NI . -9.87 80.29 53.45
C4C CLA NI . -8.76 79.38 53.20
CMC CLA NI . -10.34 82.03 55.28
CAC CLA NI . -11.11 80.36 52.67
CBC CLA NI . -10.96 81.22 51.43
ND CLA NI . -6.55 77.50 52.77
C1D CLA NI . -7.67 77.61 51.91
C2D CLA NI . -7.52 76.66 50.80
C3D CLA NI . -6.28 76.07 50.96
C4D CLA NI . -5.71 76.65 52.20
CMD CLA NI . -8.50 76.47 49.74
CAD CLA NI . -5.34 75.10 50.45
OBD CLA NI . -5.44 74.33 49.51
CBD CLA NI . -4.07 75.18 51.37
CGD CLA NI . -3.65 73.83 51.84
O1D CLA NI . -3.67 73.39 52.99
O2D CLA NI . -3.21 73.03 50.84
CED CLA NI . -2.03 73.40 50.13
MG CLA OI . -12.23 60.00 41.80
CHA CLA OI . -9.05 59.25 42.96
CHB CLA OI . -11.81 63.23 42.71
CHC CLA OI . -15.22 60.76 40.27
CHD CLA OI . -12.57 56.65 40.71
NA CLA OI . -10.69 61.03 42.74
C1A CLA OI . -9.42 60.57 43.10
C2A CLA OI . -8.59 61.69 43.73
C3A CLA OI . -9.60 62.85 43.83
C4A CLA OI . -10.80 62.36 43.02
CMA CLA OI . -10.01 63.17 45.24
CAA CLA OI . -7.42 62.08 42.85
CBA CLA OI . -6.58 63.19 43.46
CGA CLA OI . -5.11 63.08 43.15
O1A CLA OI . -4.52 63.12 42.06
O2A CLA OI . -4.34 62.95 44.27
NB CLA OI . -13.32 61.67 41.55
C1B CLA OI . -12.97 62.90 41.99
C2B CLA OI . -14.02 63.88 41.60
C3B CLA OI . -14.98 63.20 40.91
C4B CLA OI . -14.55 61.77 40.87
CMB CLA OI . -13.95 65.29 41.92
CAB CLA OI . -16.19 63.68 40.31
NC CLA OI . -13.66 58.88 40.76
C1C CLA OI . -14.81 59.40 40.23
C2C CLA OI . -15.56 58.37 39.55
C3C CLA OI . -14.81 57.20 39.65
C4C CLA OI . -13.61 57.55 40.39
CMC CLA OI . -16.84 58.57 38.90
CAC CLA OI . -15.14 55.89 39.08
ND CLA OI . -11.19 58.28 41.92
C1D CLA OI . -11.44 56.98 41.42
C2D CLA OI . -10.31 56.10 41.79
C3D CLA OI . -9.37 56.92 42.38
C4D CLA OI . -9.95 58.28 42.41
CMD CLA OI . -10.25 54.67 41.53
CAD CLA OI . -8.09 57.00 43.04
OBD CLA OI . -7.34 56.09 43.36
CBD CLA OI . -7.80 58.49 43.31
CGD CLA OI . -7.39 58.72 44.73
O2D CLA OI . -6.17 58.19 45.03
CED CLA OI . -5.03 58.78 44.40
MG CLA PI . -39.53 58.25 30.41
CHA CLA PI . -42.49 57.38 28.87
CHB CLA PI . -40.25 56.16 32.95
CHC CLA PI . -36.45 58.94 31.77
CHD CLA PI . -38.76 60.34 27.69
NA CLA PI . -41.15 57.03 30.85
C1A CLA PI . -42.29 56.78 30.08
C2A CLA PI . -43.23 55.81 30.79
C3A CLA PI . -42.56 55.61 32.17
C4A CLA PI . -41.23 56.31 32.00
CMA CLA PI . -43.38 56.28 33.23
CAA CLA PI . -43.40 54.44 30.13
CBA CLA PI . -42.13 53.92 29.51
CGA CLA PI . -42.44 52.65 28.77
O1A CLA PI . -41.94 52.23 27.72
O2A CLA PI . -43.39 51.89 29.36
NB CLA PI . -38.59 57.76 32.11
C1B CLA PI . -38.98 56.75 32.92
C2B CLA PI . -37.87 56.39 33.83
C3B CLA PI . -36.80 57.16 33.50
C4B CLA PI . -37.24 58.05 32.40
CMB CLA PI . -37.96 55.34 34.82
CAB CLA PI . -35.47 57.17 34.04
CBB CLA PI . -34.94 58.17 34.75
NC CLA PI . -37.94 59.45 29.85
C1C CLA PI . -36.79 59.59 30.56
C2C CLA PI . -35.89 60.50 29.91
C3C CLA PI . -36.53 60.89 28.73
C4C CLA PI . -37.81 60.24 28.71
CMC CLA PI . -34.57 60.83 30.42
CAC CLA PI . -36.01 61.81 27.73
CBC CLA PI . -36.36 63.23 28.10
ND CLA PI . -40.36 58.78 28.66
C1D CLA PI . -39.94 59.65 27.64
C2D CLA PI . -40.96 59.67 26.59
C3D CLA PI . -41.97 58.82 27.00
C4D CLA PI . -41.54 58.30 28.31
CMD CLA PI . -40.82 60.46 25.37
CAD CLA PI . -43.25 58.22 26.71
OBD CLA PI . -43.96 58.35 25.73
CBD CLA PI . -43.63 57.31 27.90
CGD CLA PI . -44.89 57.76 28.58
O1D CLA PI . -45.96 57.17 28.69
O2D CLA PI . -44.80 59.00 29.13
CED CLA PI . -45.56 59.22 30.30
C1 CLA PI . -43.30 50.47 29.11
C2 CLA PI . -43.91 49.78 30.27
C3 CLA PI . -43.97 48.45 30.40
C4 CLA PI . -43.41 47.52 29.41
C5 CLA PI . -44.60 47.86 31.61
MG CLA QI . -49.88 77.30 33.12
CHA CLA QI . -50.92 80.56 33.73
CHB CLA QI . -52.21 76.16 35.29
CHC CLA QI . -48.70 74.09 32.61
CHD CLA QI . -47.43 78.53 30.95
NA CLA QI . -51.36 78.24 34.28
C1A CLA QI . -51.62 79.60 34.40
C2A CLA QI . -52.79 79.84 35.37
C3A CLA QI . -53.16 78.42 35.85
C4A CLA QI . -52.20 77.53 35.08
CMA CLA QI . -53.03 78.31 37.34
CAA CLA QI . -54.01 80.41 34.69
CBA CLA QI . -54.38 81.77 35.27
NB CLA QI . -50.33 75.48 33.85
C1B CLA QI . -51.37 75.22 34.67
C2B CLA QI . -51.48 73.75 34.87
C3B CLA QI . -50.50 73.17 34.11
C4B CLA QI . -49.74 74.26 33.46
CMB CLA QI . -52.51 73.15 35.71
CAB CLA QI . -50.16 71.78 33.92
NC CLA QI . -48.37 76.47 31.95
C1C CLA QI . -48.07 75.13 31.89
C2C CLA QI . -46.94 74.93 30.99
C3C CLA QI . -46.57 76.18 30.52
C4C CLA QI . -47.47 77.15 31.13
CMC CLA QI . -46.34 73.63 30.67
CAC CLA QI . -45.47 76.49 29.61
CBC CLA QI . -44.28 76.95 30.42
ND CLA QI . -49.37 79.08 32.33
C1D CLA QI . -48.29 79.45 31.49
C2D CLA QI . -48.28 80.92 31.36
C3D CLA QI . -49.25 81.39 32.20
C4D CLA QI . -49.89 80.21 32.81
CMD CLA QI . -47.35 81.66 30.52
CAD CLA QI . -49.92 82.57 32.71
OBD CLA QI . -49.78 83.74 32.41
CBD CLA QI . -50.94 82.06 33.77
CGD CLA QI . -50.57 82.55 35.14
O1D CLA QI . -49.85 81.98 35.96
O2D CLA QI . -51.11 83.76 35.46
MG CLA RI . -26.73 61.66 25.19
CHA CLA RI . -29.01 63.36 23.18
CHB CLA RI . -24.16 62.91 23.39
CHC CLA RI . -24.57 59.59 26.88
CHD CLA RI . -29.41 60.28 27.00
NA CLA RI . -26.64 62.97 23.58
C1A CLA RI . -27.68 63.56 22.84
C2A CLA RI . -27.05 64.39 21.69
C3A CLA RI . -25.57 64.50 22.09
C4A CLA RI . -25.43 63.36 23.07
CMA CLA RI . -24.59 64.32 20.95
CAA CLA RI . -27.62 65.75 21.32
CBA CLA RI . -27.66 65.98 19.83
CGA CLA RI . -29.02 65.70 19.30
O1A CLA RI . -30.06 66.33 19.46
O2A CLA RI . -29.06 64.57 18.54
NB CLA RI . -24.75 61.35 25.17
C1B CLA RI . -23.88 61.90 24.30
C2B CLA RI . -22.53 61.29 24.48
C3B CLA RI . -22.65 60.36 25.46
C4B CLA RI . -24.06 60.38 25.93
CMB CLA RI . -21.39 61.70 23.66
CAB CLA RI . -21.71 59.45 26.05
NC CLA RI . -26.94 60.27 26.73
C1C CLA RI . -25.92 59.56 27.27
C2C CLA RI . -26.41 58.65 28.30
C3C CLA RI . -27.78 58.82 28.33
C4C CLA RI . -28.12 59.83 27.32
CMC CLA RI . -25.57 57.76 29.09
CAC CLA RI . -28.71 58.10 29.21
ND CLA RI . -28.72 61.87 25.25
C1D CLA RI . -29.70 61.22 26.05
C2D CLA RI . -31.03 61.72 25.65
C3D CLA RI . -30.82 62.54 24.57
C4D CLA RI . -29.37 62.58 24.34
CMD CLA RI . -32.28 61.34 26.29
CAD CLA RI . -31.45 63.41 23.62
OBD CLA RI . -32.60 63.76 23.54
CBD CLA RI . -30.33 63.87 22.66
CGD CLA RI . -30.62 63.42 21.25
O1D CLA RI . -31.41 63.94 20.46
O2D CLA RI . -29.92 62.34 20.84
CED CLA RI . -30.38 61.62 19.70
C1 LUT SI . -16.62 78.32 51.38
C2 LUT SI . -16.06 77.53 52.56
C3 LUT SI . -15.66 76.08 52.33
C4 LUT SI . -16.52 75.42 51.28
C5 LUT SI . -16.44 76.25 50.03
C6 LUT SI . -16.65 77.56 50.07
C7 LUT SI . -16.87 78.30 48.81
C8 LUT SI . -18.09 78.41 48.27
C9 LUT SI . -18.34 79.13 47.01
C10 LUT SI . -19.61 79.26 46.63
C11 LUT SI . -20.04 79.93 45.41
C12 LUT SI . -21.36 79.98 45.29
C13 LUT SI . -22.11 80.60 44.21
C14 LUT SI . -23.44 80.52 44.28
C15 LUT SI . -24.36 81.10 43.33
C16 LUT SI . -15.73 79.53 51.15
C17 LUT SI . -18.00 78.79 51.79
C18 LUT SI . -16.08 75.54 48.76
C19 LUT SI . -17.21 79.68 46.19
C20 LUT SI . -21.41 81.30 43.09
O3 LUT SI . -15.85 75.35 53.55
C21 LUT SI . -35.60 85.99 39.71
C22 LUT SI . -36.12 86.96 38.66
C23 LUT SI . -36.66 86.31 37.40
C24 LUT SI . -35.79 85.17 36.96
C25 LUT SI . -35.13 84.41 37.85
C26 LUT SI . -34.59 85.03 39.09
C27 LUT SI . -34.20 84.01 40.14
C28 LUT SI . -32.91 83.88 40.40
C29 LUT SI . -32.37 82.98 41.42
C30 LUT SI . -31.04 82.93 41.50
C31 LUT SI . -30.25 82.15 42.44
C32 LUT SI . -28.95 82.23 42.25
C33 LUT SI . -27.97 81.57 43.12
C34 LUT SI . -26.67 81.60 42.77
C35 LUT SI . -25.67 81.01 43.63
C36 LUT SI . -36.74 85.24 40.38
C37 LUT SI . -34.91 86.83 40.77
C38 LUT SI . -34.95 82.95 37.57
C39 LUT SI . -33.26 82.21 42.33
C40 LUT SI . -28.44 80.94 44.39
O23 LUT SI . -36.71 87.30 36.37
C1 XAT TI . -29.23 67.56 48.27
C2 XAT TI . -29.84 67.46 49.65
C3 XAT TI . -28.99 68.24 50.61
C4 XAT TI . -29.35 69.68 50.32
C5 XAT TI . -28.86 70.07 48.94
C6 XAT TI . -28.80 68.97 47.86
C7 XAT TI . -29.16 69.41 46.44
C8 XAT TI . -28.14 69.44 45.60
C9 XAT TI . -28.18 69.79 44.17
C10 XAT TI . -27.01 69.76 43.55
C11 XAT TI . -26.75 69.99 42.14
C12 XAT TI . -25.48 69.75 41.85
C13 XAT TI . -24.85 69.81 40.53
C14 XAT TI . -23.51 69.76 40.48
C15 XAT TI . -22.79 69.72 39.23
C16 XAT TI . -30.21 66.97 47.26
C17 XAT TI . -28.00 66.68 48.28
C18 XAT TI . -29.38 71.41 48.39
C19 XAT TI . -29.46 70.12 43.47
C20 XAT TI . -25.66 69.88 39.27
O3 XAT TI . -29.33 67.89 51.95
O4 XAT TI . -27.63 69.53 48.46
C21 XAT TI . -13.19 69.28 30.59
C22 XAT TI . -12.68 69.95 29.32
C23 XAT TI . -13.66 69.68 28.21
C24 XAT TI . -14.92 70.48 28.45
C25 XAT TI . -15.57 70.14 29.78
C26 XAT TI . -14.64 69.62 30.91
C27 XAT TI . -14.96 70.25 32.26
C28 XAT TI . -15.60 69.48 33.13
C29 XAT TI . -15.98 69.93 34.45
C30 XAT TI . -17.18 69.53 34.88
C31 XAT TI . -17.70 69.85 36.19
C32 XAT TI . -18.99 69.64 36.37
C33 XAT TI . -19.57 69.88 37.69
C34 XAT TI . -20.89 69.84 37.83
C35 XAT TI . -21.50 70.00 39.14
C36 XAT TI . -12.24 69.58 31.75
C37 XAT TI . -13.16 67.79 30.38
C38 XAT TI . -16.64 71.12 30.23
C39 XAT TI . -15.07 70.78 35.29
C40 XAT TI . -18.64 70.15 38.82
O23 XAT TI . -13.10 70.15 27.01
O24 XAT TI . -15.61 68.79 30.26
C1 BCR UI . -52.76 67.41 30.11
C2 BCR UI . -52.91 66.65 28.80
C3 BCR UI . -52.44 65.20 28.79
C4 BCR UI . -51.23 65.00 29.67
C5 BCR UI . -51.70 65.39 31.03
C6 BCR UI . -52.11 66.64 31.23
C7 BCR UI . -51.94 67.25 32.57
C8 BCR UI . -50.71 67.61 32.95
C9 BCR UI . -50.43 68.20 34.27
C10 BCR UI . -49.14 68.41 34.57
C11 BCR UI . -48.69 68.98 35.83
C33 BCR UI . -51.77 64.35 32.11
C31 BCR UI . -54.16 67.81 30.59
C32 BCR UI . -51.94 68.65 29.79
C34 BCR UI . -51.53 68.58 35.22
C12 BCR UI . -47.49 69.55 35.87
C13 BCR UI . -46.97 70.12 37.12
C14 BCR UI . -45.68 70.44 37.19
C15 BCR UI . -45.14 70.97 38.43
C16 BCR UI . -43.85 70.72 38.70
C17 BCR UI . -43.29 71.19 39.95
C18 BCR UI . -42.05 70.82 40.30
C19 BCR UI . -41.50 71.23 41.59
C20 BCR UI . -40.20 71.20 41.84
C21 BCR UI . -39.81 71.58 43.17
C22 BCR UI . -38.56 71.70 43.60
C23 BCR UI . -38.38 72.06 45.01
C24 BCR UI . -37.21 72.32 45.56
C25 BCR UI . -37.13 72.67 47.00
C26 BCR UI . -37.18 71.70 47.92
C27 BCR UI . -37.63 72.03 49.31
C28 BCR UI . -36.71 73.14 49.78
C29 BCR UI . -36.83 74.37 48.90
C30 BCR UI . -36.97 74.13 47.40
C35 BCR UI . -47.89 70.31 38.28
C36 BCR UI . -41.22 69.96 39.41
C37 BCR UI . -37.39 71.50 42.69
C38 BCR UI . -36.78 70.29 47.62
C39 BCR UI . -35.75 74.66 46.67
C40 BCR UI . -38.17 74.99 46.96
O1 LHG VI . -8.10 90.09 33.92
C1 LHG VI . -9.48 90.09 33.55
C2 LHG VI . -10.24 89.25 34.54
O2 LHG VI . -9.43 88.18 34.99
C3 LHG VI . -11.50 88.63 34.00
O3 LHG VI . -11.65 87.55 34.90
P LHG VI . -13.04 86.77 35.11
O4 LHG VI . -13.87 87.59 36.03
O5 LHG VI . -13.29 86.11 33.80
O6 LHG VI . -12.40 85.64 36.14
C4 LHG VI . -12.00 84.40 35.64
C5 LHG VI . -12.48 83.43 36.72
C6 LHG VI . -13.96 83.12 36.57
O7 LHG VI . -11.79 82.23 36.51
C7 LHG VI . -10.74 82.03 37.33
O9 LHG VI . -10.34 82.87 38.11
C8 LHG VI . -10.36 80.60 37.37
C9 LHG VI . -8.89 80.45 37.63
C10 LHG VI . -8.36 79.28 36.85
O8 LHG VI . -13.99 81.75 36.16
C23 LHG VI . -15.07 81.01 36.54
O10 LHG VI . -16.07 81.54 36.92
C24 LHG VI . -15.04 79.49 36.39
C11 LHG VI . -7.20 78.82 37.69
C12 LHG VI . -7.64 77.70 38.58
C13 LHG VI . -6.66 76.55 38.43
C14 LHG VI . -6.06 76.15 39.75
C15 LHG VI . -4.63 76.66 39.76
C16 LHG VI . -4.10 76.77 41.17
C17 LHG VI . -4.95 77.70 42.03
C18 LHG VI . -4.36 79.08 41.79
C19 LHG VI . -5.32 80.07 41.17
C20 LHG VI . -6.31 80.33 42.29
C21 LHG VI . -7.52 81.07 41.77
C22 LHG VI . -7.25 82.56 41.79
C25 LHG VI . -13.96 78.79 37.18
C26 LHG VI . -14.24 78.55 38.65
C27 LHG VI . -12.90 78.17 39.20
C28 LHG VI . -12.85 77.93 40.68
C29 LHG VI . -11.39 78.08 41.07
C30 LHG VI . -11.00 79.36 41.74
C31 LHG VI . -11.18 79.42 43.24
C32 LHG VI . -12.49 80.00 43.73
C33 LHG VI . -12.19 81.30 44.43
C34 LHG VI . -13.39 81.92 45.11
C35 LHG VI . -13.16 82.05 46.60
C36 LHG VI . -14.40 82.64 47.23
C37 LHG VI . -14.06 82.93 48.65
C38 LHG VI . -15.24 83.31 49.51
C1 NEX WI . -39.72 48.89 50.71
C2 NEX WI . -41.00 48.10 50.37
C3 NEX WI . -41.75 47.81 51.65
C4 NEX WI . -42.29 49.12 52.15
C5 NEX WI . -41.17 50.06 52.56
C6 NEX WI . -40.05 50.13 51.53
C7 NEX WI . -39.37 51.17 51.37
C8 NEX WI . -38.65 52.24 51.32
C9 NEX WI . -38.26 52.94 50.06
C10 NEX WI . -37.22 53.79 50.18
C11 NEX WI . -36.71 54.59 49.09
C12 NEX WI . -35.65 55.35 49.31
C13 NEX WI . -35.09 56.20 48.24
C14 NEX WI . -33.84 56.66 48.35
C15 NEX WI . -33.27 57.50 47.31
C16 NEX WI . -38.99 49.17 49.38
C17 NEX WI . -38.79 48.01 51.55
C18 NEX WI . -41.77 51.42 52.79
C19 NEX WI . -38.92 52.78 48.71
C20 NEX WI . -35.95 56.53 47.06
O3 NEX WI . -42.84 46.95 51.33
O4 NEX WI . -40.57 49.64 53.77
C21 NEX WI . -22.61 61.55 44.78
C22 NEX WI . -21.18 61.12 44.52
C23 NEX WI . -20.98 59.68 44.95
C24 NEX WI . -21.64 58.88 43.86
C25 NEX WI . -23.13 59.15 43.78
C26 NEX WI . -23.65 60.52 44.29
C27 NEX WI . -24.82 61.05 43.49
C28 NEX WI . -26.03 60.99 44.03
C29 NEX WI . -27.16 61.48 43.25
C30 NEX WI . -28.40 61.18 43.61
C31 NEX WI . -28.65 60.34 44.78
C32 NEX WI . -29.83 59.76 44.86
C33 NEX WI . -30.18 58.89 45.99
C34 NEX WI . -31.47 58.57 46.16
C35 NEX WI . -31.97 57.71 47.24
C36 NEX WI . -22.80 62.91 44.12
C37 NEX WI . -22.80 61.72 46.27
C38 NEX WI . -23.80 58.64 42.50
C39 NEX WI . -26.92 62.34 42.05
C40 NEX WI . -29.12 58.39 46.92
O23 NEX WI . -19.62 59.29 44.94
O24 NEX WI . -23.86 59.31 45.01
O1 LHG XI . -31.11 58.03 17.30
C1 LHG XI . -32.20 57.62 18.12
C2 LHG XI . -31.75 57.68 19.55
O2 LHG XI . -30.51 57.04 19.70
C3 LHG XI . -32.70 56.98 20.51
O3 LHG XI . -33.84 57.80 20.38
P LHG XI . -34.20 58.94 21.47
O4 LHG XI . -33.00 59.16 22.33
O5 LHG XI . -35.09 59.86 20.71
O6 LHG XI . -35.16 57.96 22.43
C4 LHG XI . -36.15 58.53 23.26
C5 LHG XI . -36.03 57.74 24.57
C6 LHG XI . -34.91 58.29 25.44
O7 LHG XI . -37.26 57.92 25.27
C7 LHG XI . -37.80 56.76 25.75
O9 LHG XI . -38.42 55.99 25.04
C8 LHG XI . -37.89 56.81 27.24
C9 LHG XI . -37.21 55.59 27.81
C10 LHG XI . -37.51 55.42 29.28
O8 LHG XI . -34.75 57.27 26.42
C23 LHG XI . -33.63 57.30 27.19
O10 LHG XI . -32.74 58.09 26.94
C24 LHG XI . -33.64 56.55 28.51
C11 LHG XI . -37.12 53.99 29.47
C12 LHG XI . -36.91 53.71 30.92
C13 LHG XI . -38.26 53.42 31.55
C14 LHG XI . -38.44 51.97 31.91
C15 LHG XI . -39.91 51.68 31.77
C16 LHG XI . -40.09 50.42 30.96
C17 LHG XI . -39.58 50.62 29.54
C18 LHG XI . -39.05 49.27 29.14
C19 LHG XI . -37.67 49.29 28.50
C20 LHG XI . -36.75 49.55 29.70
C21 LHG XI . -35.35 49.10 29.43
C22 LHG XI . -34.67 48.86 30.76
C25 LHG XI . -32.34 56.48 29.25
C26 LHG XI . -32.46 56.48 30.76
C27 LHG XI . -31.25 55.73 31.20
C28 LHG XI . -30.97 55.75 32.68
C29 LHG XI . -30.26 54.45 32.98
C30 LHG XI . -29.00 54.54 33.80
C31 LHG XI . -28.47 53.22 34.34
C32 LHG XI . -28.58 53.06 35.83
C33 LHG XI . -27.32 53.61 36.44
C34 LHG XI . -26.14 52.67 36.49
C35 LHG XI . -26.05 52.00 37.84
C36 LHG XI . -25.12 52.82 38.71
C37 LHG XI . -23.77 52.19 38.62
C38 LHG XI . -22.73 52.86 39.48
C1 LMG YI . -25.63 60.54 18.88
O1 LMG YI . -25.52 60.75 20.27
C2 LMG YI . -25.87 61.98 18.32
O2 LMG YI . -27.23 62.21 18.54
C3 LMG YI . -25.66 61.99 16.78
O3 LMG YI . -25.59 63.35 16.44
C4 LMG YI . -24.31 61.29 16.39
O4 LMG YI . -23.26 62.04 16.92
C5 LMG YI . -24.31 59.90 17.08
O5 LMG YI . -23.03 59.16 15.27
C6 LMG YI . -23.05 59.14 16.67
O6 LMG YI . -24.35 60.06 18.48
C7 LMG YI . -24.96 59.70 21.00
C8 LMG YI . -26.14 58.88 21.56
C9 LMG YI . -25.79 58.39 22.97
O7 LMG YI . -27.24 59.72 21.73
C10 LMG YI . -28.46 59.20 21.49
O9 LMG YI . -28.70 58.68 20.40
C11 LMG YI . -29.38 59.27 22.69
C12 LMG YI . -30.01 57.93 22.95
C13 LMG YI . -30.50 57.78 24.38
C14 LMG YI . -29.35 57.20 25.18
C15 LMG YI . -29.89 56.24 26.20
C16 LMG YI . -29.07 54.97 26.13
C17 LMG YI . -28.25 54.88 27.40
C18 LMG YI . -28.85 53.75 28.22
C19 LMG YI . -27.75 52.76 28.50
C20 LMG YI . -27.93 52.39 29.94
C21 LMG YI . -27.10 53.33 30.76
O8 LMG YI . -25.56 57.00 22.85
C28 LMG YI . -26.43 56.17 23.43
O10 LMG YI . -27.44 55.87 22.81
C29 LMG YI . -25.79 55.29 24.45
C30 LMG YI . -25.77 53.85 23.98
C31 LMG YI . -25.90 52.97 25.20
C32 LMG YI . -24.58 53.02 25.94
C33 LMG YI . -23.95 51.66 25.77
C34 LMG YI . -23.36 51.22 27.09
C35 LMG YI . -23.97 49.85 27.40
C36 LMG YI . -23.96 49.71 28.89
C1 LMG ZI . -37.48 56.45 18.26
O1 LMG ZI . -37.77 55.23 18.89
C2 LMG ZI . -36.15 56.25 17.50
O2 LMG ZI . -35.19 56.09 18.48
C3 LMG ZI . -35.88 57.60 16.77
O3 LMG ZI . -34.73 57.39 16.01
C4 LMG ZI . -37.07 57.96 15.82
O4 LMG ZI . -37.12 57.01 14.81
C5 LMG ZI . -38.40 57.88 16.66
O5 LMG ZI . -40.56 57.14 16.16
C6 LMG ZI . -39.60 58.06 15.72
O6 LMG ZI . -38.53 56.63 17.32
C7 LMG ZI . -38.50 55.40 20.07
C8 LMG ZI . -37.98 54.35 21.08
C9 LMG ZI . -36.97 55.03 22.01
O7 LMG ZI . -39.06 54.00 21.92
C10 LMG ZI . -39.65 52.78 21.78
O9 LMG ZI . -39.19 51.97 20.98
C11 LMG ZI . -40.69 52.54 22.82
C12 LMG ZI . -41.67 51.47 22.36
C13 LMG ZI . -42.40 50.81 23.52
C14 LMG ZI . -41.35 50.05 24.33
C15 LMG ZI . -41.87 48.67 24.61
C16 LMG ZI . -41.36 47.72 23.53
C17 LMG ZI . -42.54 46.85 23.13
C18 LMG ZI . -42.04 45.91 22.06
C19 LMG ZI . -43.23 45.12 21.56
C20 LMG ZI . -43.15 45.16 20.05
C21 LMG ZI . -43.57 43.81 19.55
O8 LMG ZI . -36.17 54.01 22.57
C28 LMG ZI . -36.36 53.70 23.87
O10 LMG ZI . -37.46 53.31 24.26
C29 LMG ZI . -35.14 53.86 24.72
C30 LMG ZI . -35.23 53.02 25.99
C31 LMG ZI . -33.88 53.05 26.66
C32 LMG ZI . -33.98 52.30 27.98
C33 LMG ZI . -32.65 52.40 28.66
C34 LMG ZI . -32.18 51.00 28.98
C35 LMG ZI . -31.60 51.04 30.39
C36 LMG ZI . -30.64 49.88 30.49
C1B LMU AJ . -38.07 63.54 17.98
C2B LMU AJ . -37.99 65.08 17.82
C3B LMU AJ . -37.78 65.61 16.43
C4B LMU AJ . -37.08 64.68 15.48
C5B LMU AJ . -37.68 63.28 15.51
C6B LMU AJ . -36.95 62.39 14.58
O1B LMU AJ . -39.34 63.16 18.28
O2B LMU AJ . -39.21 65.64 18.34
O3B LMU AJ . -37.00 66.82 16.54
O4' LMU AJ . -37.20 65.22 14.16
O5B LMU AJ . -37.55 62.69 16.86
O6B LMU AJ . -36.55 61.26 15.27
C1' LMU AJ . -40.23 59.47 20.13
C2' LMU AJ . -39.48 60.62 20.83
C3' LMU AJ . -38.72 61.42 19.84
C4' LMU AJ . -39.39 61.73 18.53
C5' LMU AJ . -40.84 61.26 18.39
C6' LMU AJ . -41.18 61.19 16.92
O1' LMU AJ . -40.95 58.76 21.07
O2' LMU AJ . -40.38 61.44 21.59
O3' LMU AJ . -37.51 60.68 19.52
O5' LMU AJ . -41.14 59.95 19.02
O6' LMU AJ . -40.80 62.39 16.31
C1 LMU AJ . -40.16 58.11 22.07
C2 LMU AJ . -40.87 56.80 22.55
C3 LMU AJ . -42.23 57.14 23.21
C4 LMU AJ . -43.01 55.82 23.50
C5 LMU AJ . -42.47 55.15 24.79
C6 LMU AJ . -43.40 53.97 25.19
C7 LMU AJ . -44.86 54.47 25.37
C8 LMU AJ . -45.79 53.25 25.55
C9 LMU AJ . -47.14 53.70 26.16
C10 LMU AJ . -47.70 52.56 27.01
MG CLA BJ . -49.22 62.81 25.63
CHA CLA BJ . -47.12 65.19 26.99
CHB CLA BJ . -46.95 60.39 26.34
CHC CLA BJ . -51.38 60.48 24.34
CHD CLA BJ . -51.59 65.32 24.99
NA CLA BJ . -47.33 62.83 26.53
C1A CLA BJ . -46.63 63.91 27.06
C2A CLA BJ . -45.28 63.47 27.62
C3A CLA BJ . -45.26 61.96 27.35
C4A CLA BJ . -46.61 61.69 26.70
CMA CLA BJ . -44.14 61.63 26.43
CAA CLA BJ . -45.07 63.70 29.11
CBA CLA BJ . -46.06 62.92 29.92
CGA CLA BJ . -45.51 62.72 31.29
O1A CLA BJ . -44.51 62.09 31.63
O2A CLA BJ . -46.23 63.34 32.27
NB CLA BJ . -49.15 60.83 25.34
C1B CLA BJ . -48.16 60.01 25.76
C2B CLA BJ . -48.53 58.59 25.51
C3B CLA BJ . -49.79 58.61 24.95
C4B CLA BJ . -50.19 60.03 24.83
CMB CLA BJ . -47.63 57.51 25.88
CAB CLA BJ . -50.67 57.57 24.52
CBB CLA BJ . -50.35 56.45 23.89
NC CLA BJ . -51.12 62.89 24.79
C1C CLA BJ . -51.82 61.82 24.32
C2C CLA BJ . -53.11 62.25 23.80
C3C CLA BJ . -53.18 63.62 24.00
C4C CLA BJ . -51.92 64.01 24.63
CMC CLA BJ . -54.10 61.36 23.20
CAC CLA BJ . -54.27 64.51 23.64
CBC CLA BJ . -54.01 65.22 22.33
ND CLA BJ . -49.38 64.79 25.89
C1D CLA BJ . -50.42 65.69 25.60
C2D CLA BJ . -49.98 67.05 25.95
C3D CLA BJ . -48.71 66.93 26.43
C4D CLA BJ . -48.38 65.49 26.40
CMD CLA BJ . -50.81 68.24 25.76
CAD CLA BJ . -47.55 67.62 26.93
OBD CLA BJ . -47.35 68.82 27.00
CBD CLA BJ . -46.54 66.53 27.40
CGD CLA BJ . -45.13 66.72 26.92
O1D CLA BJ . -44.11 66.76 27.60
O2D CLA BJ . -44.99 66.84 25.58
CED CLA BJ . -43.89 67.61 25.10
C1 CLA BJ . -46.19 62.71 33.57
C2 CLA BJ . -47.59 62.56 33.99
C3 CLA BJ . -48.27 63.51 34.65
C4 CLA BJ . -47.65 64.81 35.01
C5 CLA BJ . -49.69 63.31 35.05
C6 CLA BJ . -49.83 63.13 36.54
C7 CLA BJ . -51.09 62.37 36.90
C8 CLA BJ . -50.80 61.14 37.74
C9 CLA BJ . -50.14 60.09 36.88
C10 CLA BJ . -52.08 60.60 38.36
C11 CLA BJ . -52.49 61.35 39.60
C12 CLA BJ . -53.96 61.69 39.59
C13 CLA BJ . -54.43 62.27 40.91
C14 CLA BJ . -55.86 62.75 40.79
C15 CLA BJ . -53.54 63.42 41.36
C16 CLA BJ . -53.25 63.36 42.85
C17 CLA BJ . -54.05 64.39 43.63
C18 CLA BJ . -53.29 65.69 43.86
C19 CLA BJ . -53.76 66.78 42.93
C20 CLA BJ . -53.45 66.13 45.29
MG CLA CJ . -53.54 52.26 19.87
CHA CLA CJ . -52.80 54.54 17.38
CHB CLA CJ . -53.69 49.79 17.57
CHC CLA CJ . -54.21 50.04 22.39
CHD CLA CJ . -53.19 54.83 22.27
NA CLA CJ . -53.33 52.21 17.80
C1A CLA CJ . -53.01 53.26 16.94
C2A CLA CJ . -52.95 52.77 15.49
C3A CLA CJ . -53.41 51.31 15.60
C4A CLA CJ . -53.48 51.06 17.09
CMA CLA CJ . -54.74 51.08 14.94
CAA CLA CJ . -51.57 52.81 14.87
CBA CLA CJ . -50.52 52.26 15.81
CGA CLA CJ . -50.20 50.84 15.49
O1A CLA CJ . -50.04 50.31 14.39
O2A CLA CJ . -50.10 50.08 16.61
NB CLA CJ . -53.86 50.29 19.96
C1B CLA CJ . -53.83 49.43 18.92
C2B CLA CJ . -54.10 48.05 19.39
C3B CLA CJ . -54.26 48.12 20.75
C4B CLA CJ . -54.12 49.55 21.12
CMB CLA CJ . -54.16 46.90 18.48
CAB CLA CJ . -54.55 47.13 21.72
CBB CLA CJ . -53.84 46.03 21.90
NC CLA CJ . -53.71 52.43 21.95
C1C CLA CJ . -54.02 51.39 22.78
C2C CLA CJ . -54.08 51.86 24.15
C3C CLA CJ . -53.75 53.20 24.12
C4C CLA CJ . -53.52 53.55 22.74
CMC CLA CJ . -54.38 51.02 25.30
CAC CLA CJ . -53.66 54.10 25.28
CBC CLA CJ . -52.28 54.10 25.87
ND CLA CJ . -53.20 54.25 19.89
C1D CLA CJ . -53.06 55.18 20.94
C2D CLA CJ . -52.73 56.50 20.37
C3D CLA CJ . -52.65 56.32 19.01
C4D CLA CJ . -52.91 54.89 18.77
CMD CLA CJ . -52.57 57.73 21.15
CAD CLA CJ . -52.38 56.94 17.73
OBD CLA CJ . -52.10 58.11 17.47
CBD CLA CJ . -52.48 55.82 16.67
CGD CLA CJ . -53.68 56.04 15.80
O1D CLA CJ . -54.84 56.14 16.15
O2D CLA CJ . -53.40 56.12 14.48
CED CLA CJ . -54.41 55.59 13.62
C1 CLA CJ . -50.43 48.68 16.47
C2 CLA CJ . -50.43 48.12 17.85
C3 CLA CJ . -50.28 46.81 18.09
C4 CLA CJ . -50.09 45.80 17.03
C5 CLA CJ . -50.30 46.32 19.50
C6 CLA CJ . -49.17 45.35 19.75
C7 CLA CJ . -48.70 45.40 21.18
C8 CLA CJ . -47.26 44.92 21.29
C9 CLA CJ . -47.10 43.54 20.69
C10 CLA CJ . -46.78 44.88 22.73
C11 CLA CJ . -47.12 46.14 23.50
C12 CLA CJ . -47.47 45.78 24.93
C13 CLA CJ . -47.62 47.03 25.78
C14 CLA CJ . -46.28 47.71 25.95
C15 CLA CJ . -48.19 46.66 27.14
C16 CLA CJ . -48.57 47.91 27.89
C17 CLA CJ . -48.54 47.68 29.39
C18 CLA CJ . -48.60 49.00 30.15
C19 CLA CJ . -47.52 49.94 29.70
C20 CLA CJ . -49.94 49.65 29.93
MG CLA DJ . -54.84 40.99 23.04
CHA CLA DJ . -54.71 39.82 19.80
CHB CLA DJ . -52.19 43.00 22.42
CHC CLA DJ . -54.98 42.07 26.29
CHD CLA DJ . -57.58 38.86 23.65
NA CLA DJ . -53.67 41.35 21.35
C1A CLA DJ . -53.79 40.77 20.08
C2A CLA DJ . -52.72 41.34 19.14
C3A CLA DJ . -51.90 42.28 20.03
C4A CLA DJ . -52.64 42.23 21.36
CMA CLA DJ . -50.47 41.80 20.15
CAA CLA DJ . -53.36 42.19 18.05
CBA CLA DJ . -52.36 42.57 16.99
CGA CLA DJ . -51.85 41.36 16.28
O1A CLA DJ . -52.38 40.71 15.38
O2A CLA DJ . -50.62 40.97 16.74
NB CLA DJ . -53.83 42.33 24.13
C1B CLA DJ . -52.75 43.02 23.70
C2B CLA DJ . -52.21 43.84 24.83
C3B CLA DJ . -52.99 43.58 25.93
C4B CLA DJ . -54.01 42.60 25.50
CMB CLA DJ . -51.04 44.69 24.69
CAB CLA DJ . -52.88 44.07 27.27
NC CLA DJ . -56.07 40.55 24.66
C1C CLA DJ . -55.94 41.10 25.90
C2C CLA DJ . -56.95 40.55 26.79
C3C CLA DJ . -57.69 39.66 26.04
C4C CLA DJ . -57.13 39.67 24.70
CMC CLA DJ . -57.11 40.90 28.20
CAC CLA DJ . -58.81 38.86 26.49
CBC CLA DJ . -60.10 39.56 26.15
ND CLA DJ . -55.91 39.62 22.03
C1D CLA DJ . -57.02 38.83 22.40
C2D CLA DJ . -57.40 37.99 21.26
C3D CLA DJ . -56.52 38.28 20.26
C4D CLA DJ . -55.62 39.33 20.78
CMD CLA DJ . -58.48 37.02 21.27
CAD CLA DJ . -56.10 38.00 18.91
OBD CLA DJ . -56.48 37.12 18.15
CBD CLA DJ . -54.99 39.00 18.55
CGD CLA DJ . -53.78 38.27 18.07
O1D CLA DJ . -53.49 37.97 16.91
O2D CLA DJ . -52.93 37.91 19.07
CED CLA DJ . -51.88 37.00 18.76
C1 CLA DJ . -50.03 39.79 16.17
C2 CLA DJ . -49.03 39.32 17.14
C3 CLA DJ . -48.31 38.19 16.99
C4 CLA DJ . -48.46 37.33 15.79
C5 CLA DJ . -47.33 37.76 18.03
C6 CLA DJ . -47.19 38.72 19.20
C7 CLA DJ . -46.20 38.20 20.22
C8 CLA DJ . -45.59 39.29 21.08
C9 CLA DJ . -44.99 40.39 20.22
C10 CLA DJ . -44.51 38.74 22.00
MG CLA EJ . -70.91 41.06 34.75
CHA CLA EJ . -71.99 39.14 37.40
CHB CLA EJ . -68.95 38.50 33.70
CHC CLA EJ . -70.04 42.91 32.02
CHD CLA EJ . -72.88 43.74 35.94
NA CLA EJ . -70.54 39.15 35.48
C1A CLA EJ . -71.09 38.51 36.58
C2A CLA EJ . -70.53 37.10 36.75
C3A CLA EJ . -69.45 37.01 35.66
C4A CLA EJ . -69.65 38.30 34.87
CMA CLA EJ . -68.08 36.93 36.25
CAA CLA EJ . -71.56 36.02 36.48
CBA CLA EJ . -72.53 36.36 35.37
CGA CLA EJ . -73.68 35.42 35.38
O1A CLA EJ . -74.17 34.80 36.33
O2A CLA EJ . -74.24 35.27 34.14
NB CLA EJ . -69.67 40.79 33.20
C1B CLA EJ . -69.04 39.64 32.90
C2B CLA EJ . -68.40 39.74 31.56
C3B CLA EJ . -68.70 40.99 31.08
C4B CLA EJ . -69.52 41.66 32.13
CMB CLA EJ . -67.64 38.67 30.97
CAB CLA EJ . -68.35 41.60 29.84
CBB CLA EJ . -67.12 41.93 29.47
NC CLA EJ . -71.40 42.97 34.10
C1C CLA EJ . -70.96 43.52 32.93
C2C CLA EJ . -71.51 44.84 32.75
C3C CLA EJ . -72.28 45.11 33.87
C4C CLA EJ . -72.21 43.93 34.72
CMC CLA EJ . -71.26 45.69 31.59
CAC CLA EJ . -73.02 46.35 34.10
CBC CLA EJ . -74.41 46.31 33.54
ND CLA EJ . -72.19 41.42 36.26
C1D CLA EJ . -72.88 42.59 36.67
C2D CLA EJ . -73.59 42.28 37.93
C3D CLA EJ . -73.34 40.96 38.22
C4D CLA EJ . -72.42 40.47 37.17
CMD CLA EJ . -74.44 43.23 38.65
CAD CLA EJ . -73.57 39.87 39.12
OBD CLA EJ . -74.34 39.78 40.07
CBD CLA EJ . -72.66 38.70 38.68
CGD CLA EJ . -71.65 38.34 39.72
O1D CLA EJ . -70.95 39.10 40.38
O2D CLA EJ . -71.52 37.01 39.93
CED CLA EJ . -71.50 36.54 41.28
C1 CLA EJ . -75.64 35.58 34.02
C2 CLA EJ . -75.94 35.66 32.56
C3 CLA EJ . -76.94 36.40 32.07
C4 CLA EJ . -77.85 37.17 32.95
C5 CLA EJ . -77.19 36.43 30.60
C6 CLA EJ . -76.67 37.63 29.82
C7 CLA EJ . -77.73 38.72 29.65
C8 CLA EJ . -78.24 38.98 28.23
C9 CLA EJ . -78.33 37.73 27.36
C10 CLA EJ . -77.44 40.10 27.55
C11 CLA EJ . -76.29 39.66 26.68
C12 CLA EJ . -75.86 40.73 25.71
C13 CLA EJ . -74.79 41.65 26.29
C14 CLA EJ . -75.35 43.01 26.66
C15 CLA EJ . -73.56 41.70 25.36
C16 CLA EJ . -73.23 43.03 24.71
C17 CLA EJ . -71.99 43.68 25.29
C18 CLA EJ . -70.79 42.75 25.39
C19 CLA EJ . -69.67 43.20 24.47
C20 CLA EJ . -70.26 42.69 26.81
MG CLA FJ . -70.71 34.02 30.34
CHA CLA FJ . -74.07 33.38 29.81
CHB CLA FJ . -70.45 35.20 27.19
CHC CLA FJ . -67.40 34.73 30.95
CHD CLA FJ . -71.08 32.96 33.67
NA CLA FJ . -72.06 34.19 28.76
C1A CLA FJ . -73.42 33.88 28.73
C2A CLA FJ . -74.01 34.16 27.34
C3A CLA FJ . -72.79 34.60 26.51
C4A CLA FJ . -71.67 34.67 27.54
CMA CLA FJ . -72.47 33.61 25.43
CAA CLA FJ . -75.01 35.30 27.29
CBA CLA FJ . -75.86 35.17 26.06
NB CLA FJ . -69.22 34.81 29.28
C1B CLA FJ . -69.33 35.30 28.03
C2B CLA FJ . -68.07 35.97 27.62
C3B CLA FJ . -67.19 35.83 28.68
C4B CLA FJ . -67.90 35.07 29.74
CMB CLA FJ . -67.90 36.58 26.30
CAB CLA FJ . -65.82 36.24 28.86
CBB CLA FJ . -65.29 37.41 28.51
NC CLA FJ . -69.45 33.81 32.00
C1C CLA FJ . -68.12 34.13 32.01
C2C CLA FJ . -67.56 33.80 33.31
C3C CLA FJ . -68.61 33.36 34.10
C4C CLA FJ . -69.80 33.37 33.27
CMC CLA FJ . -66.18 33.96 33.73
CAC CLA FJ . -68.50 32.93 35.49
ND CLA FJ . -72.15 33.21 31.49
C1D CLA FJ . -72.18 32.87 32.86
C2D CLA FJ . -73.54 32.45 33.21
C3D CLA FJ . -74.30 32.59 32.08
C4D CLA FJ . -73.40 33.11 31.04
CMD CLA FJ . -73.96 31.97 34.53
CAD CLA FJ . -75.61 32.45 31.50
OBD CLA FJ . -76.64 32.01 31.99
CBD CLA FJ . -75.52 33.01 30.06
CGD CLA FJ . -76.02 32.02 29.05
O1D CLA FJ . -75.35 31.24 28.38
O2D CLA FJ . -77.37 32.04 28.91
MG CLA GJ . -61.88 33.12 33.91
CHA CLA GJ . -60.24 32.26 36.83
CHB CLA GJ . -59.93 35.88 33.64
CHC CLA GJ . -63.28 33.74 30.84
CHD CLA GJ . -63.96 30.30 34.29
NA CLA GJ . -60.35 33.92 35.06
C1A CLA GJ . -59.79 33.41 36.24
C2A CLA GJ . -58.68 34.31 36.73
C3A CLA GJ . -58.86 35.57 35.88
C4A CLA GJ . -59.74 35.09 34.74
CMA CLA GJ . -59.61 36.64 36.62
CAA CLA GJ . -57.39 33.64 36.30
CBA CLA GJ . -56.55 33.09 37.43
NB CLA GJ . -61.67 34.55 32.52
C1B CLA GJ . -60.77 35.56 32.56
C2B CLA GJ . -60.82 36.34 31.30
C3B CLA GJ . -61.75 35.73 30.52
C4B CLA GJ . -62.31 34.59 31.27
CMB CLA GJ . -59.99 37.51 31.03
CAB CLA GJ . -62.18 36.08 29.19
NC CLA GJ . -63.38 32.21 32.80
C1C CLA GJ . -63.79 32.62 31.57
C2C CLA GJ . -64.82 31.74 31.07
C3C CLA GJ . -65.03 30.77 32.05
C4C CLA GJ . -64.12 31.08 33.14
CMC CLA GJ . -65.48 31.87 29.79
CAC CLA GJ . -66.00 29.66 32.01
CBC CLA GJ . -65.35 28.38 31.51
ND CLA GJ . -62.12 31.62 35.22
C1D CLA GJ . -63.01 30.52 35.27
C2D CLA GJ . -62.74 29.74 36.49
C3D CLA GJ . -61.69 30.36 37.12
C4D CLA GJ . -61.35 31.53 36.29
CMD CLA GJ . -63.45 28.53 36.86
CAD CLA GJ . -60.80 30.35 38.25
OBD CLA GJ . -60.74 29.56 39.18
CBD CLA GJ . -59.88 31.58 38.11
CGD CLA GJ . -60.19 32.50 39.24
O1D CLA GJ . -61.30 32.84 39.61
O2D CLA GJ . -59.11 32.97 39.90
CED CLA GJ . -58.93 32.51 41.24
MG CLA HJ . -71.28 41.47 16.16
CHA CLA HJ . -69.40 43.48 18.22
CHB CLA HJ . -72.88 40.20 18.86
CHC CLA HJ . -73.30 39.67 14.07
CHD CLA HJ . -69.58 42.79 13.37
NA CLA HJ . -71.13 41.79 18.21
C1A CLA HJ . -70.30 42.69 18.88
C2A CLA HJ . -70.53 42.63 20.38
C3A CLA HJ . -71.50 41.44 20.55
C4A CLA HJ . -71.90 41.12 19.11
CMA CLA HJ . -70.86 40.28 21.24
CAA CLA HJ . -71.23 43.88 20.88
CBA CLA HJ . -72.30 44.42 19.95
CGA CLA HJ . -73.15 45.44 20.65
O1A CLA HJ . -73.01 46.66 20.72
O2A CLA HJ . -74.22 44.87 21.29
NB CLA HJ . -72.71 40.08 16.42
C1B CLA HJ . -73.31 39.83 17.59
C2B CLA HJ . -74.57 39.07 17.36
C3B CLA HJ . -74.69 38.91 16.01
C4B CLA HJ . -73.52 39.56 15.39
CMB CLA HJ . -75.44 38.68 18.46
CAB CLA HJ . -75.74 38.31 15.23
CBB CLA HJ . -76.98 38.80 15.17
NC CLA HJ . -71.39 41.27 14.10
C1C CLA HJ . -72.32 40.49 13.47
C2C CLA HJ . -72.15 40.59 12.04
C3C CLA HJ . -71.08 41.45 11.82
C4C CLA HJ . -70.61 41.87 13.13
CMC CLA HJ . -73.02 39.91 11.10
CAC CLA HJ . -70.53 41.88 10.54
CBC CLA HJ . -71.12 43.21 10.12
ND CLA HJ . -69.91 42.88 15.79
C1D CLA HJ . -69.25 43.29 14.60
C2D CLA HJ . -68.21 44.28 14.95
C3D CLA HJ . -68.23 44.39 16.31
C4D CLA HJ . -69.29 43.49 16.80
CMD CLA HJ . -67.35 44.96 13.99
CAD CLA HJ . -67.66 45.03 17.47
OBD CLA HJ . -66.78 45.88 17.50
CBD CLA HJ . -68.34 44.42 18.73
CGD CLA HJ . -67.34 43.69 19.55
O1D CLA HJ . -66.88 42.57 19.36
O2D CLA HJ . -66.91 44.38 20.64
CED CLA HJ . -66.94 43.70 21.89
C1 CLA HJ . -75.51 45.39 20.94
C2 CLA HJ . -76.09 45.92 22.21
C3 CLA HJ . -76.26 47.22 22.45
C4 CLA HJ . -75.89 48.28 21.48
C5 CLA HJ . -76.84 47.69 23.74
C6 CLA HJ . -75.79 48.07 24.75
MG CLA IJ . -62.09 36.61 19.33
CHA CLA IJ . -59.95 38.94 17.89
CHB CLA IJ . -62.03 34.80 16.48
CHC CLA IJ . -63.95 34.17 20.92
CHD CLA IJ . -62.10 38.52 22.27
NA CLA IJ . -61.18 36.89 17.48
C1A CLA IJ . -60.31 37.90 17.05
C2A CLA IJ . -59.87 37.68 15.61
C3A CLA IJ . -60.76 36.50 15.15
C4A CLA IJ . -61.37 36.00 16.46
CMA CLA IJ . -61.85 36.98 14.25
CAA CLA IJ . -58.40 37.34 15.46
CBA CLA IJ . -58.06 35.87 15.55
CGA CLA IJ . -56.62 35.67 15.21
O1A CLA IJ . -56.03 36.02 14.19
O2A CLA IJ . -55.91 35.00 16.18
NB CLA IJ . -62.74 34.78 18.84
C1B CLA IJ . -62.67 34.25 17.61
C2B CLA IJ . -63.45 33.00 17.55
C3B CLA IJ . -64.00 32.81 18.79
C4B CLA IJ . -63.58 33.95 19.63
CMB CLA IJ . -63.58 32.23 16.31
CAB CLA IJ . -64.87 31.78 19.27
CBB CLA IJ . -64.54 30.49 19.27
NC CLA IJ . -62.95 36.43 21.22
C1C CLA IJ . -63.69 35.37 21.65
C2C CLA IJ . -64.11 35.57 23.02
C3C CLA IJ . -63.57 36.79 23.42
C4C CLA IJ . -62.84 37.33 22.28
CMC CLA IJ . -64.93 34.63 23.77
CAC CLA IJ . -63.72 37.44 24.73
CBC CLA IJ . -62.74 36.91 25.73
ND CLA IJ . -61.44 38.44 19.90
C1D CLA IJ . -61.43 39.03 21.18
C2D CLA IJ . -60.60 40.24 21.14
C3D CLA IJ . -60.01 40.27 19.89
C4D CLA IJ . -60.54 39.09 19.18
CMD CLA IJ . -60.42 41.15 22.25
CAD CLA IJ . -59.14 40.98 18.98
OBD CLA IJ . -58.57 42.07 19.08
CBD CLA IJ . -58.99 40.08 17.73
CGD CLA IJ . -59.28 40.85 16.48
O1D CLA IJ . -60.40 41.18 16.07
O2D CLA IJ . -58.21 41.22 15.74
CED CLA IJ . -58.46 41.59 14.39
MG CLA JJ . -69.89 52.04 20.22
CHA CLA JJ . -71.31 52.07 17.07
CHB CLA JJ . -69.76 55.43 20.20
CHC CLA JJ . -68.80 51.96 23.48
CHD CLA JJ . -70.22 48.55 20.26
NA CLA JJ . -70.41 53.48 18.83
C1A CLA JJ . -71.01 53.31 17.59
C2A CLA JJ . -71.25 54.64 16.92
C3A CLA JJ . -70.49 55.63 17.80
C4A CLA JJ . -70.21 54.81 19.05
CMA CLA JJ . -69.22 55.98 17.11
CAA CLA JJ . -72.72 55.02 16.93
CBA CLA JJ . -73.52 54.50 18.10
CGA CLA JJ . -73.65 55.55 19.15
O1A CLA JJ . -74.25 56.62 19.07
O2A CLA JJ . -73.02 55.26 20.33
NB CLA JJ . -69.42 53.42 21.59
C1B CLA JJ . -69.41 54.76 21.39
C2B CLA JJ . -68.92 55.46 22.59
C3B CLA JJ . -68.64 54.49 23.53
C4B CLA JJ . -68.94 53.18 22.89
CMB CLA JJ . -68.81 56.92 22.63
CAB CLA JJ . -68.13 54.59 24.87
CBB CLA JJ . -68.55 55.41 25.80
NC CLA JJ . -69.50 50.51 21.59
C1C CLA JJ . -69.04 50.71 22.86
C2C CLA JJ . -68.91 49.42 23.52
C3C CLA JJ . -69.34 48.45 22.61
C4C CLA JJ . -69.72 49.16 21.41
CMC CLA JJ . -68.46 49.21 24.89
CAC CLA JJ . -69.42 47.00 22.81
CBC CLA JJ . -70.78 46.63 23.35
ND CLA JJ . -70.43 50.59 18.94
C1D CLA JJ . -70.55 49.19 19.09
C2D CLA JJ . -71.11 48.60 17.85
C3D CLA JJ . -71.40 49.68 17.04
C4D CLA JJ . -71.00 50.87 17.79
CMD CLA JJ . -71.32 47.19 17.60
CAD CLA JJ . -71.95 50.10 15.78
OBD CLA JJ . -72.40 49.45 14.86
CBD CLA JJ . -71.93 51.64 15.78
CGD CLA JJ . -71.13 52.16 14.63
O1D CLA JJ . -70.05 52.72 14.67
O2D CLA JJ . -71.70 51.95 13.42
CED CLA JJ . -71.83 53.09 12.56
C1 CLA JJ . -73.05 56.30 21.33
C2 CLA JJ . -72.59 55.76 22.63
C3 CLA JJ . -72.91 56.33 23.79
C4 CLA JJ . -73.75 57.55 23.87
C5 CLA JJ . -72.44 55.77 25.08
C6 CLA JJ . -73.56 55.68 26.13
C7 CLA JJ . -73.07 54.99 27.39
C8 CLA JJ . -74.12 55.01 28.48
C9 CLA JJ . -73.79 56.09 29.49
C10 CLA JJ . -74.22 53.68 29.21
C11 CLA JJ . -72.87 53.17 29.66
C12 CLA JJ . -72.90 52.53 31.03
C13 CLA JJ . -73.52 51.13 31.02
C14 CLA JJ . -73.31 50.48 32.37
C15 CLA JJ . -72.96 50.26 29.90
C16 CLA JJ . -73.51 48.84 29.95
C17 CLA JJ . -74.58 48.61 28.90
C18 CLA JJ . -74.97 47.14 28.76
C19 CLA JJ . -73.77 46.25 28.53
C20 CLA JJ . -75.76 46.67 29.96
MG CLA KJ . -60.13 65.54 27.85
CHA CLA KJ . -62.67 64.83 25.63
CHB CLA KJ . -60.32 68.82 27.00
CHC CLA KJ . -57.82 66.23 30.27
CHD CLA KJ . -60.05 62.14 28.79
NA CLA KJ . -61.27 66.61 26.49
C1A CLA KJ . -62.29 66.14 25.65
C2A CLA KJ . -62.88 67.27 24.85
C3A CLA KJ . -61.87 68.41 25.05
C4A CLA KJ . -61.11 67.94 26.28
CMA CLA KJ . -60.97 68.54 23.85
CAA CLA KJ . -64.17 67.70 25.51
CBA CLA KJ . -65.38 67.45 24.65
NB CLA KJ . -59.17 67.20 28.45
C1B CLA KJ . -59.55 68.46 28.12
C2B CLA KJ . -58.98 69.43 29.09
C3B CLA KJ . -58.28 68.70 30.02
C4B CLA KJ . -58.38 67.28 29.61
CMB CLA KJ . -59.20 70.87 29.01
CAB CLA KJ . -57.52 69.12 31.16
CBB CLA KJ . -57.90 68.95 32.43
NC CLA KJ . -59.06 64.37 29.20
C1C CLA KJ . -58.13 64.86 30.06
C2C CLA KJ . -57.54 63.78 30.83
C3C CLA KJ . -58.23 62.62 30.47
C4C CLA KJ . -59.17 63.00 29.44
CMC CLA KJ . -56.49 63.97 31.82
CAC CLA KJ . -58.01 61.27 30.97
CBC CLA KJ . -57.04 60.49 30.11
ND CLA KJ . -61.04 63.83 27.32
C1D CLA KJ . -60.94 62.50 27.81
C2D CLA KJ . -61.91 61.66 27.11
C3D CLA KJ . -62.59 62.49 26.24
C4D CLA KJ . -62.02 63.83 26.42
CMD CLA KJ . -62.07 60.24 27.39
CAD CLA KJ . -63.64 62.61 25.24
OBD CLA KJ . -64.37 61.75 24.79
CBD CLA KJ . -63.70 64.10 24.81
CGD CLA KJ . -63.39 64.28 23.36
O1D CLA KJ . -62.37 64.77 22.88
O2D CLA KJ . -64.36 63.84 22.53
CED CLA KJ . -64.14 63.98 21.12
MG CLA LJ . -66.36 58.95 29.88
CHA CLA LJ . -67.46 61.20 27.49
CHB CLA LJ . -68.92 56.88 29.12
CHC CLA LJ . -65.40 56.88 32.45
CHD CLA LJ . -63.85 61.24 30.85
NA CLA LJ . -67.90 59.03 28.47
C1A CLA LJ . -68.19 60.05 27.55
C2A CLA LJ . -69.45 59.68 26.74
C3A CLA LJ . -69.81 58.27 27.24
C4A CLA LJ . -68.81 58.02 28.36
CMA CLA LJ . -71.21 58.21 27.76
CAA CLA LJ . -69.32 59.63 25.23
CBA CLA LJ . -70.59 60.17 24.61
NB CLA LJ . -66.96 57.15 30.55
C1B CLA LJ . -68.10 56.53 30.20
C2B CLA LJ . -68.41 55.42 31.13
C3B CLA LJ . -67.42 55.41 32.08
C4B CLA LJ . -66.49 56.52 31.74
CMB CLA LJ . -69.61 54.59 31.00
CAB CLA LJ . -67.21 54.61 33.25
CBB CLA LJ . -67.23 53.28 33.31
NC CLA LJ . -64.84 59.01 31.31
C1C CLA LJ . -64.60 58.04 32.24
C2C CLA LJ . -63.47 58.39 33.06
C3C CLA LJ . -63.05 59.65 32.66
C4C CLA LJ . -63.92 60.04 31.55
CMC CLA LJ . -62.95 57.54 34.14
CAC CLA LJ . -61.91 60.43 33.18
CBC CLA LJ . -62.18 61.14 34.48
ND CLA LJ . -65.73 60.77 29.33
C1D CLA LJ . -64.69 61.60 29.82
C2D CLA LJ . -64.70 62.87 29.07
C3D CLA LJ . -65.74 62.77 28.16
C4D CLA LJ . -66.35 61.45 28.36
CMD CLA LJ . -63.80 63.98 29.35
CAD CLA LJ . -66.48 63.44 27.13
OBD CLA LJ . -66.37 64.57 26.68
CBD CLA LJ . -67.58 62.46 26.64
CGD CLA LJ . -68.95 63.06 26.75
O1D CLA LJ . -69.85 62.74 27.52
O2D CLA LJ . -69.16 64.08 25.88
MG CLA MJ . -52.73 51.60 39.02
CHA CLA MJ . -51.94 51.00 42.35
CHB CLA MJ . -54.81 54.09 39.97
CHC CLA MJ . -53.48 52.15 35.71
CHD CLA MJ . -50.54 49.03 38.09
NA CLA MJ . -53.26 52.42 40.87
C1A CLA MJ . -52.82 52.03 42.14
C2A CLA MJ . -53.42 52.94 43.21
C3A CLA MJ . -54.29 53.93 42.41
C4A CLA MJ . -54.12 53.46 40.97
CMA CLA MJ . -55.72 53.96 42.86
CAA CLA MJ . -52.34 53.75 43.89
CBA CLA MJ . -51.61 54.74 42.98
CGA CLA MJ . -50.39 54.16 42.35
O1A CLA MJ . -49.30 53.90 42.84
O2A CLA MJ . -50.58 53.87 41.03
NB CLA MJ . -53.96 52.83 38.03
C1B CLA MJ . -54.72 53.80 38.60
C2B CLA MJ . -55.43 54.56 37.54
C3B CLA MJ . -55.05 54.03 36.35
C4B CLA MJ . -54.10 52.92 36.63
CMB CLA MJ . -56.31 55.69 37.84
CAB CLA MJ . -55.43 54.41 35.02
CBB CLA MJ . -56.22 53.69 34.23
NC CLA MJ . -52.10 50.75 37.23
C1C CLA MJ . -52.52 51.14 35.99
C2C CLA MJ . -51.87 50.33 34.96
C3C CLA MJ . -51.03 49.44 35.63
C4C CLA MJ . -51.19 49.72 37.05
CMC CLA MJ . -52.05 50.45 33.53
CAC CLA MJ . -50.17 48.44 35.00
CBC CLA MJ . -48.71 48.85 34.98
ND CLA MJ . -51.45 50.35 39.93
C1D CLA MJ . -50.66 49.30 39.41
C2D CLA MJ . -50.04 48.59 40.54
C3D CLA MJ . -50.47 49.21 41.69
C4D CLA MJ . -51.37 50.29 41.25
CMD CLA MJ . -49.14 47.45 40.39
CAD CLA MJ . -50.42 49.22 43.12
OBD CLA MJ . -49.77 48.52 43.89
CBD CLA MJ . -51.39 50.33 43.59
CGD CLA MJ . -52.47 49.79 44.46
O1D CLA MJ . -52.98 48.68 44.45
O2D CLA MJ . -52.92 50.68 45.40
C1 CLA MJ . -49.42 53.60 40.23
C2 CLA MJ . -49.86 53.55 38.82
C3 CLA MJ . -49.13 53.02 37.83
C4 CLA MJ . -47.82 52.40 38.07
C5 CLA MJ . -49.61 52.98 36.42
C6 CLA MJ . -49.67 54.32 35.71
C7 CLA MJ . -51.08 54.85 35.73
C8 CLA MJ . -51.70 55.13 34.35
C9 CLA MJ . -51.29 54.12 33.30
C10 CLA MJ . -51.34 56.52 33.90
C11 CLA MJ . -52.46 57.13 33.09
C12 CLA MJ . -53.29 58.05 33.95
C13 CLA MJ . -54.18 58.95 33.10
C14 CLA MJ . -53.39 59.69 32.05
C15 CLA MJ . -54.91 59.95 33.99
C16 CLA MJ . -56.04 59.28 34.75
C17 CLA MJ . -56.46 60.10 35.95
C18 CLA MJ . -57.94 60.46 35.92
C19 CLA MJ . -58.25 61.36 34.74
C20 CLA MJ . -58.80 59.22 35.85
MG CLA NJ . -52.99 59.50 43.47
CHA CLA NJ . -49.94 58.72 42.08
CHB CLA NJ . -51.43 61.18 45.97
CHC CLA NJ . -56.04 60.52 44.61
CHD CLA NJ . -54.58 57.88 40.75
NA CLA NJ . -51.00 59.81 43.96
C1A CLA NJ . -49.86 59.42 43.25
C2A CLA NJ . -48.59 59.88 43.96
C3A CLA NJ . -49.12 60.45 45.30
C4A CLA NJ . -50.62 60.49 45.08
CMA CLA NJ . -48.75 59.58 46.47
CAA CLA NJ . -47.88 61.01 43.21
CBA CLA NJ . -48.85 61.97 42.54
CGA CLA NJ . -48.16 62.93 41.65
O1A CLA NJ . -47.21 62.74 40.89
O2A CLA NJ . -48.69 64.18 41.73
NB CLA NJ . -53.63 60.55 45.06
C1B CLA NJ . -52.82 61.29 45.85
C2B CLA NJ . -53.63 62.27 46.63
C3B CLA NJ . -54.93 62.10 46.25
C4B CLA NJ . -54.94 60.99 45.25
CMB CLA NJ . -53.03 63.20 47.57
CAB CLA NJ . -56.12 62.79 46.66
CBB CLA NJ . -56.58 62.85 47.91
NC CLA NJ . -54.95 59.17 42.85
C1C CLA NJ . -56.05 59.64 43.48
C2C CLA NJ . -57.25 59.22 42.78
C3C CLA NJ . -56.83 58.52 41.67
C4C CLA NJ . -55.39 58.49 41.72
CMC CLA NJ . -58.61 59.56 43.20
CAC CLA NJ . -57.67 57.87 40.65
CBC CLA NJ . -57.87 58.75 39.43
ND CLA NJ . -52.46 58.44 41.84
C1D CLA NJ . -53.20 57.88 40.78
C2D CLA NJ . -52.28 57.29 39.80
C3D CLA NJ . -51.03 57.55 40.27
C4D CLA NJ . -51.18 58.29 41.53
CMD CLA NJ . -52.67 56.61 38.58
CAD CLA NJ . -49.62 57.39 40.02
OBD CLA NJ . -49.05 56.76 39.14
CBD CLA NJ . -48.88 58.20 41.13
CGD CLA NJ . -47.85 57.36 41.81
O1D CLA NJ . -47.80 57.03 42.99
O2D CLA NJ . -46.86 56.91 40.99
CED CLA NJ . -46.32 55.62 41.23
C1 CLA NJ . -49.82 64.48 40.88
C2 CLA NJ . -49.85 65.96 40.74
C3 CLA NJ . -50.51 66.59 39.76
C4 CLA NJ . -51.25 65.87 38.70
C5 CLA NJ . -50.50 68.08 39.69
C6 CLA NJ . -51.79 68.74 40.12
C7 CLA NJ . -51.50 70.14 40.64
C8 CLA NJ . -52.71 71.05 40.56
C9 CLA NJ . -53.06 71.34 39.12
C10 CLA NJ . -52.46 72.36 41.30
C11 CLA NJ . -52.78 72.24 42.78
C12 CLA NJ . -54.28 72.14 43.02
C13 CLA NJ . -54.61 72.20 44.51
C14 CLA NJ . -53.91 71.10 45.28
C15 CLA NJ . -56.11 72.12 44.73
MG CLA OJ . -34.79 51.23 41.13
CHA CLA OJ . -32.09 53.28 41.85
CHB CLA OJ . -36.58 52.86 43.50
CHC CLA OJ . -37.56 49.49 40.14
CHD CLA OJ . -32.86 49.59 38.70
NA CLA OJ . -34.36 52.77 42.47
C1A CLA OJ . -33.20 53.50 42.61
C2A CLA OJ . -33.35 54.55 43.69
C3A CLA OJ . -34.65 54.13 44.42
C4A CLA OJ . -35.27 53.21 43.38
CMA CLA OJ . -34.38 53.41 45.71
CAA CLA OJ . -33.73 55.80 42.94
CBA CLA OJ . -32.71 56.89 43.03
CGA CLA OJ . -33.49 58.14 43.23
O1A CLA OJ . -34.06 58.53 44.23
O2A CLA OJ . -33.58 58.89 42.09
NB CLA OJ . -36.69 51.13 41.75
C1B CLA OJ . -37.24 51.99 42.63
C2B CLA OJ . -38.70 51.90 42.59
C3B CLA OJ . -39.01 50.95 41.64
C4B CLA OJ . -37.72 50.44 41.10
CMB CLA OJ . -39.48 52.75 43.48
CAB CLA OJ . -40.28 50.46 41.19
CBB CLA OJ . -41.33 50.14 41.95
NC CLA OJ . -35.12 49.75 39.71
C1C CLA OJ . -36.33 49.16 39.48
C2C CLA OJ . -36.19 48.15 38.45
C3C CLA OJ . -34.87 48.19 38.02
C4C CLA OJ . -34.20 49.20 38.82
CMC CLA OJ . -37.27 47.28 37.96
CAC CLA OJ . -34.26 47.30 37.00
CBC CLA OJ . -33.94 47.97 35.69
ND CLA OJ . -32.91 51.32 40.43
C1D CLA OJ . -32.24 50.59 39.42
C2D CLA OJ . -30.86 51.08 39.32
C3D CLA OJ . -30.75 52.14 40.20
C4D CLA OJ . -32.05 52.24 40.88
CMD CLA OJ . -29.87 50.56 38.38
CAD CLA OJ . -29.89 53.14 40.80
OBD CLA OJ . -28.70 53.35 40.58
CBD CLA OJ . -30.73 53.94 41.83
CGD CLA OJ . -30.07 53.96 43.17
O1D CLA OJ . -29.55 53.01 43.77
O2D CLA OJ . -30.06 55.16 43.80
CED CLA OJ . -30.06 55.16 45.23
C1 CLA OJ . -33.25 60.28 42.24
C2 CLA OJ . -32.02 60.48 41.44
C3 CLA OJ . -31.61 61.69 41.06
C4 CLA OJ . -32.37 62.90 41.40
C5 CLA OJ . -30.37 61.86 40.26
C6 CLA OJ . -30.67 62.47 38.91
C7 CLA OJ . -30.72 61.40 37.83
C8 CLA OJ . -32.11 61.04 37.28
C9 CLA OJ . -32.16 61.29 35.79
C10 CLA OJ . -33.27 61.78 37.93
C11 CLA OJ . -34.56 61.04 37.73
C12 CLA OJ . -34.67 59.89 38.71
C13 CLA OJ . -36.12 59.65 39.12
C14 CLA OJ . -36.59 60.72 40.09
C15 CLA OJ . -36.27 58.27 39.72
C16 CLA OJ . -36.08 57.25 38.64
C17 CLA OJ . -37.13 56.17 38.73
C18 CLA OJ . -36.94 55.35 39.99
C19 CLA OJ . -38.15 54.47 40.22
C20 CLA OJ . -35.71 54.50 39.87
MG CLA PJ . -62.67 27.58 14.46
CHA CLA PJ . -64.20 25.56 12.10
CHB CLA PJ . -63.07 25.13 16.76
CHC CLA PJ . -60.82 29.43 16.64
CHD CLA PJ . -62.24 30.06 12.00
NA CLA PJ . -63.55 25.68 14.43
C1A CLA PJ . -64.12 25.00 13.34
C2A CLA PJ . -64.62 23.64 13.78
C3A CLA PJ . -64.56 23.71 15.31
C4A CLA PJ . -63.64 24.90 15.54
CMA CLA PJ . -65.91 24.00 15.86
CAA CLA PJ . -63.62 22.60 13.31
CBA CLA PJ . -64.23 21.23 13.14
CGA CLA PJ . -63.16 20.27 12.72
O1A CLA PJ . -62.75 19.25 13.30
O2A CLA PJ . -62.58 20.60 11.53
NB CLA PJ . -62.15 27.37 16.39
C1B CLA PJ . -62.27 26.22 17.10
C2B CLA PJ . -61.44 26.31 18.33
C3B CLA PJ . -60.81 27.52 18.30
C4B CLA PJ . -61.26 28.21 17.06
CMB CLA PJ . -61.34 25.23 19.30
CAB CLA PJ . -59.87 28.09 19.21
CBB CLA PJ . -60.14 29.10 20.05
NC CLA PJ . -61.75 29.44 14.35
C1C CLA PJ . -61.05 30.00 15.37
C2C CLA PJ . -60.52 31.29 14.96
C3C CLA PJ . -60.91 31.47 13.64
C4C CLA PJ . -61.68 30.30 13.26
CMC CLA PJ . -59.71 32.16 15.81
CAC CLA PJ . -60.60 32.63 12.79
CBC CLA PJ . -61.77 33.58 12.67
ND CLA PJ . -63.11 27.83 12.51
C1D CLA PJ . -62.90 28.90 11.63
C2D CLA PJ . -63.47 28.56 10.31
C3D CLA PJ . -63.96 27.28 10.43
C4D CLA PJ . -63.72 26.87 11.83
CMD CLA PJ . -63.44 29.44 9.15
CAD CLA PJ . -64.63 26.17 9.78
OBD CLA PJ . -65.00 26.07 8.62
CBD CLA PJ . -64.81 25.05 10.83
CGD CLA PJ . -66.26 24.73 11.03
O1D CLA PJ . -66.91 23.79 10.58
O2D CLA PJ . -66.88 25.64 11.83
CED CLA PJ . -68.01 25.17 12.58
MG CLA QJ . -81.40 39.29 12.54
CHA CLA QJ . -83.89 41.70 12.71
CHB CLA QJ . -83.27 37.23 14.46
CHC CLA QJ . -78.83 37.03 12.48
CHD CLA QJ . -79.49 41.50 10.56
NA CLA QJ . -83.31 39.44 13.38
C1A CLA QJ . -84.19 40.53 13.36
C2A CLA QJ . -85.48 40.18 14.11
C3A CLA QJ . -85.23 38.76 14.65
C4A CLA QJ . -83.84 38.43 14.12
CMA CLA QJ . -85.28 38.72 16.15
CAA CLA QJ . -86.68 40.09 13.21
CBA CLA QJ . -87.97 40.41 13.95
NB CLA QJ . -81.13 37.44 13.26
C1B CLA QJ . -81.99 36.80 14.08
C2B CLA QJ . -81.38 35.54 14.57
C3B CLA QJ . -80.13 35.46 14.01
C4B CLA QJ . -79.94 36.68 13.17
CMB CLA QJ . -82.05 34.63 15.49
CAB CLA QJ . -79.13 34.45 14.18
NC CLA QJ . -79.50 39.29 11.68
C1C CLA QJ . -78.61 38.26 11.81
C2C CLA QJ . -77.38 38.58 11.12
C3C CLA QJ . -77.55 39.84 10.54
C4C CLA QJ . -78.90 40.28 10.90
CMC CLA QJ . -76.24 37.67 11.09
CAC CLA QJ . -76.58 40.59 9.72
CBC CLA QJ . -76.01 41.84 10.35
ND CLA QJ . -81.59 41.15 11.78
C1D CLA QJ . -80.74 41.90 10.95
C2D CLA QJ . -81.39 43.19 10.64
C3D CLA QJ . -82.55 43.21 11.37
C4D CLA QJ . -82.65 41.89 12.04
CMD CLA QJ . -80.79 44.19 9.76
CAD CLA QJ . -83.76 43.93 11.68
OBD CLA QJ . -84.09 45.06 11.34
CBD CLA QJ . -84.63 43.00 12.56
CGD CLA QJ . -84.81 43.62 13.91
O1D CLA QJ . -84.41 43.20 15.00
O2D CLA QJ . -85.49 44.80 13.90
C1 LUT RJ . -59.88 53.39 39.62
C2 LUT RJ . -59.26 52.88 40.91
C3 LUT RJ . -58.09 51.93 40.83
C4 LUT RJ . -58.07 51.11 39.58
C5 LUT RJ . -58.27 51.98 38.37
C6 LUT RJ . -59.15 52.99 38.37
C7 LUT RJ . -59.41 53.75 37.13
C8 LUT RJ . -60.35 53.39 36.26
C9 LUT RJ . -60.65 54.14 35.04
C10 LUT RJ . -61.65 53.67 34.30
C11 LUT RJ . -62.14 54.23 33.05
C12 LUT RJ . -63.01 53.44 32.46
C13 LUT RJ . -63.71 53.76 31.21
C14 LUT RJ . -64.75 52.99 30.88
C15 LUT RJ . -65.56 53.24 29.71
C16 LUT RJ . -59.89 54.90 39.69
C17 LUT RJ . -61.32 52.89 39.60
C18 LUT RJ . -57.44 51.62 37.17
C19 LUT RJ . -59.89 55.38 34.67
C20 LUT RJ . -63.27 54.93 30.38
O3 LUT RJ . -58.19 51.02 41.93
C21 LUT RJ . -76.28 52.74 22.72
C22 LUT RJ . -76.99 53.35 21.52
C23 LUT RJ . -76.77 52.58 20.22
C24 LUT RJ . -75.35 52.11 20.06
C25 LUT RJ . -74.54 51.89 21.09
C26 LUT RJ . -74.80 52.51 22.44
C27 LUT RJ . -74.18 51.70 23.55
C28 LUT RJ . -73.19 52.28 24.21
C29 LUT RJ . -72.51 51.62 25.33
C30 LUT RJ . -71.41 52.21 25.79
C31 LUT RJ . -70.65 51.71 26.91
C32 LUT RJ . -69.52 52.35 27.15
C33 LUT RJ . -68.64 52.00 28.26
C34 LUT RJ . -67.60 52.79 28.50
C35 LUT RJ . -66.69 52.55 29.61
C36 LUT RJ . -76.98 51.45 23.15
C37 LUT RJ . -76.44 53.73 23.86
C38 LUT RJ . -73.34 51.02 20.87
C39 LUT RJ . -73.04 50.37 25.93
C40 LUT RJ . -68.95 50.79 29.09
O23 LUT RJ . -77.04 53.48 19.15
MG CLA SJ . -41.47 47.21 35.14
CHA CLA SJ . -44.71 46.68 36.21
CHB CLA SJ . -41.69 44.51 33.11
CHC CLA SJ . -38.34 47.90 33.96
CHD CLA SJ . -41.23 49.89 37.39
NA CLA SJ . -42.97 45.84 34.74
C1A CLA SJ . -44.25 45.78 35.29
C2A CLA SJ . -45.02 44.61 34.70
C3A CLA SJ . -43.94 43.81 33.95
C4A CLA SJ . -42.78 44.79 33.89
CMA CLA SJ . -43.50 42.60 34.71
CAA CLA SJ . -46.00 45.16 33.68
CBA CLA SJ . -47.41 44.72 33.97
CGA CLA SJ . -47.88 43.92 32.80
O1A CLA SJ . -47.59 42.75 32.51
O2A CLA SJ . -48.72 44.61 31.98
NB CLA SJ . -40.21 46.30 33.88
C1B CLA SJ . -40.56 45.32 33.02
C2B CLA SJ . -39.56 45.16 31.94
C3B CLA SJ . -38.61 46.12 32.18
C4B CLA SJ . -39.02 46.86 33.41
CMB CLA SJ . -39.71 44.17 30.88
CAB CLA SJ . -37.43 46.45 31.44
CBB CLA SJ . -36.45 45.60 31.15
NC CLA SJ . -40.04 48.65 35.61
C1C CLA SJ . -38.83 48.74 35.00
C2C CLA SJ . -38.10 49.87 35.56
C3C CLA SJ . -38.90 50.42 36.55
C4C CLA SJ . -40.13 49.64 36.58
CMC CLA SJ . -36.78 50.29 35.13
CAC CLA SJ . -38.58 51.58 37.39
CBC CLA SJ . -39.36 52.83 37.05
ND CLA SJ . -42.67 48.20 36.40
C1D CLA SJ . -42.43 49.24 37.32
C2D CLA SJ . -43.64 49.50 38.09
C3D CLA SJ . -44.56 48.58 37.67
C4D CLA SJ . -43.89 47.75 36.67
CMD CLA SJ . -43.78 50.59 39.04
CAD CLA SJ . -45.92 48.10 37.78
OBD CLA SJ . -46.86 48.63 38.34
CBD CLA SJ . -45.98 46.77 37.01
CGD CLA SJ . -46.02 45.59 37.93
O1D CLA SJ . -45.62 44.46 37.71
O2D CLA SJ . -46.58 45.82 39.14
CED CLA SJ . -46.25 44.91 40.19
C1 CLA SJ . -49.39 43.85 30.96
C2 CLA SJ . -50.62 43.28 31.55
C3 CLA SJ . -51.23 42.21 31.01
C5 CLA SJ . -52.48 41.62 31.57
C6 CLA SJ . -53.36 40.92 30.56
C7 CLA SJ . -52.76 40.88 29.17
C8 CLA SJ . -53.14 39.66 28.34
C9 CLA SJ . -53.01 38.38 29.14
C10 CLA SJ . -52.24 39.60 27.11
C11 CLA SJ . -52.41 38.33 26.30
C12 CLA SJ . -52.67 38.63 24.84
C13 CLA SJ . -51.97 37.60 23.95
C14 CLA SJ . -50.85 38.25 23.17
C15 CLA SJ . -52.95 36.93 23.00
C16 CLA SJ . -54.00 36.16 23.75
C17 CLA SJ . -54.54 35.03 22.90
C18 CLA SJ . -55.83 34.43 23.43
C19 CLA SJ . -56.15 33.16 22.68
C20 CLA SJ . -55.73 34.12 24.90
C1 XAT TJ . -63.79 38.47 33.86
C2 XAT TJ . -64.70 38.02 34.99
C3 XAT TJ . -64.77 39.13 36.01
C4 XAT TJ . -65.68 40.16 35.38
C5 XAT TJ . -65.02 40.78 34.14
C6 XAT TJ . -64.03 39.91 33.36
C7 XAT TJ . -64.01 40.14 31.86
C8 XAT TJ . -62.88 40.68 31.40
C9 XAT TJ . -62.57 41.01 30.01
C10 XAT TJ . -61.49 41.75 29.81
C11 XAT TJ . -60.96 42.20 28.53
C12 XAT TJ . -59.96 43.07 28.61
C13 XAT TJ . -59.24 43.64 27.47
C14 XAT TJ . -58.14 44.36 27.72
C15 XAT TJ . -57.27 44.95 26.70
C16 XAT TJ . -63.94 37.45 32.73
C17 XAT TJ . -62.37 38.45 34.37
C18 XAT TJ . -65.91 41.63 33.25
C19 XAT TJ . -63.42 40.54 28.87
C20 XAT TJ . -59.74 43.39 26.07
O3 XAT TJ . -65.35 38.64 37.23
O4 XAT TJ . -63.61 40.98 34.18
C21 XAT TJ . -46.92 50.39 21.33
C22 XAT TJ . -46.17 51.26 20.34
C23 XAT TJ . -46.87 51.21 19.00
C24 XAT TJ . -48.05 52.12 19.20
C25 XAT TJ . -49.03 51.49 20.19
C26 XAT TJ . -48.45 50.59 21.28
C27 XAT TJ . -49.16 50.64 22.63
C28 XAT TJ . -49.83 49.55 22.93
C29 XAT TJ . -50.59 49.33 24.15
C30 XAT TJ . -51.53 48.38 24.12
C31 XAT TJ . -52.35 48.03 25.26
C32 XAT TJ . -53.53 47.46 25.06
C33 XAT TJ . -54.37 47.07 26.19
C34 XAT TJ . -55.44 46.29 25.96
C35 XAT TJ . -56.32 45.79 27.03
C36 XAT TJ . -46.36 50.65 22.71
C37 XAT TJ . -46.67 48.94 20.96
C38 XAT TJ . -50.17 52.38 20.69
C39 XAT TJ . -50.33 50.13 25.39
C40 XAT TJ . -53.98 47.51 27.55
O23 XAT TJ . -46.04 51.74 17.97
O24 XAT TJ . -49.17 50.07 20.17
C1 BCR UJ . -77.88 29.37 9.61
C2 BCR UJ . -76.89 29.05 8.49
C3 BCR UJ . -76.24 27.69 8.60
C4 BCR UJ . -75.59 27.56 9.96
C5 BCR UJ . -76.71 27.67 10.95
C6 BCR UJ . -77.49 28.74 10.93
C7 BCR UJ . -77.96 29.29 12.23
C8 BCR UJ . -77.08 29.91 13.04
C9 BCR UJ . -77.46 30.46 14.35
C10 BCR UJ . -76.80 31.54 14.79
C11 BCR UJ . -77.09 32.15 16.08
C33 BCR UJ . -76.95 26.53 11.91
C31 BCR UJ . -79.26 28.84 9.22
C32 BCR UJ . -77.93 30.88 9.74
C34 BCR UJ . -78.52 29.81 15.18
C12 BCR UJ . -76.61 33.35 16.37
C13 BCR UJ . -76.89 33.93 17.68
C14 BCR UJ . -76.00 34.78 18.21
C15 BCR UJ . -76.19 35.36 19.53
C16 BCR UJ . -75.08 35.57 20.24
C17 BCR UJ . -75.10 36.11 21.59
C18 BCR UJ . -73.95 36.53 22.18
C19 BCR UJ . -74.01 37.04 23.55
C20 BCR UJ . -72.97 37.59 24.19
C21 BCR UJ . -73.25 38.01 25.56
C22 BCR UJ . -72.37 38.54 26.41
C23 BCR UJ . -72.90 38.86 27.74
C24 BCR UJ . -72.14 39.12 28.80
C25 BCR UJ . -72.73 39.39 30.13
C26 BCR UJ . -72.71 38.42 31.06
C27 BCR UJ . -72.69 38.74 32.52
C28 BCR UJ . -73.69 39.86 32.78
C29 BCR UJ . -73.27 41.06 31.96
C30 BCR UJ . -73.30 40.76 30.47
C35 BCR UJ . -78.14 33.56 18.41
C36 BCR UJ . -72.64 36.47 21.47
C37 BCR UJ . -70.95 38.79 26.04
C38 BCR UJ . -72.72 36.97 30.69
C39 BCR UJ . -72.52 41.83 29.72
C40 BCR UJ . -74.76 40.86 30.04
O1 LHG VJ . -54.84 70.08 24.79
C1 LHG VJ . -55.62 69.91 25.97
C2 LHG VJ . -55.77 68.43 26.23
O2 LHG VJ . -54.77 67.70 25.56
C3 LHG VJ . -57.06 67.87 25.74
O3 LHG VJ . -56.79 66.51 25.92
P LHG VJ . -57.71 65.39 25.24
O4 LHG VJ . -58.92 65.23 26.07
O5 LHG VJ . -57.48 65.57 23.78
O6 LHG VJ . -56.79 64.14 25.75
C4 LHG VJ . -56.36 64.09 27.07
C5 LHG VJ . -55.89 62.65 27.27
C6 LHG VJ . -56.43 61.68 26.22
O7 LHG VJ . -54.50 62.67 27.17
C7 LHG VJ . -53.90 62.08 28.22
O9 LHG VJ . -54.29 62.23 29.36
C8 LHG VJ . -52.87 61.12 27.79
C9 LHG VJ . -51.51 61.67 28.08
C10 LHG VJ . -51.10 61.31 29.48
O8 LHG VJ . -56.28 60.39 26.84
C23 LHG VJ . -56.59 59.29 26.09
O10 LHG VJ . -56.71 59.41 24.89
C24 LHG VJ . -56.28 57.93 26.67
C11 LHG VJ . -49.72 60.76 29.27
C12 LHG VJ . -49.01 60.74 30.58
C13 LHG VJ . -49.20 59.39 31.22
C14 LHG VJ . -48.73 59.40 32.65
C15 LHG VJ . -48.09 58.07 32.90
C16 LHG VJ . -47.33 58.12 34.19
C17 LHG VJ . -46.92 56.73 34.61
C18 LHG VJ . -46.59 56.90 36.06
C19 LHG VJ . -46.37 55.61 36.82
C20 LHG VJ . -44.92 55.31 36.54
C21 LHG VJ . -44.58 53.95 37.04
C25 LHG VJ . -54.81 57.58 26.70
C26 LHG VJ . -54.15 57.64 28.07
C27 LHG VJ . -52.69 57.38 27.79
C28 LHG VJ . -51.80 57.45 29.02
C29 LHG VJ . -50.44 56.91 28.63
C30 LHG VJ . -50.16 55.47 28.99
C31 LHG VJ . -48.82 55.15 29.58
C32 LHG VJ . -48.77 53.83 30.34
C33 LHG VJ . -47.52 53.83 31.19
C34 LHG VJ . -47.42 52.71 32.21
C35 LHG VJ . -46.02 52.14 32.29
C36 LHG VJ . -45.63 52.02 33.76
C37 LHG VJ . -44.71 50.86 33.88
C38 LHG VJ . -43.24 51.23 33.89
C1 NEX WJ . -64.59 16.53 36.07
C2 NEX WJ . -65.38 15.43 35.39
C3 NEX WJ . -66.82 15.47 35.83
C4 NEX WJ . -67.41 16.72 35.21
C5 NEX WJ . -66.80 17.97 35.84
C6 NEX WJ . -65.30 17.87 36.01
C7 NEX WJ . -64.62 18.92 36.14
C8 NEX WJ . -63.96 19.99 36.27
C9 NEX WJ . -63.83 20.95 35.16
C10 NEX WJ . -63.67 22.26 35.44
C11 NEX WJ . -63.52 23.24 34.38
C12 NEX WJ . -63.06 24.46 34.68
C13 NEX WJ . -62.86 25.48 33.63
C14 NEX WJ . -62.17 26.59 33.94
C15 NEX WJ . -61.91 27.64 32.96
C16 NEX WJ . -63.24 16.61 35.35
C17 NEX WJ . -64.37 16.20 37.53
C18 NEX WJ . -67.18 19.17 34.98
C19 NEX WJ . -63.87 20.44 33.76
C20 NEX WJ . -63.40 25.25 32.26
O3 NEX WJ . -67.51 14.31 35.35
O4 NEX WJ . -67.39 18.16 37.13
C21 NEX WJ . -55.03 37.02 33.38
C22 NEX WJ . -53.72 37.34 34.08
C23 NEX WJ . -53.42 36.25 35.09
C24 NEX WJ . -52.92 35.11 34.23
C25 NEX WJ . -54.04 34.57 33.34
C26 NEX WJ . -55.18 35.55 32.94
C27 NEX WJ . -55.79 35.28 31.57
C28 NEX WJ . -56.98 34.71 31.56
C29 NEX WJ . -57.66 34.41 30.29
C30 NEX WJ . -58.38 33.30 30.19
C31 NEX WJ . -58.51 32.34 31.29
C32 NEX WJ . -59.52 31.47 31.24
C33 NEX WJ . -59.72 30.46 32.30
C34 NEX WJ . -60.77 29.64 32.22
C35 NEX WJ . -61.02 28.60 33.22
C36 NEX WJ . -55.17 37.97 32.21
C37 NEX WJ . -56.16 37.34 34.34
C38 NEX WJ . -53.64 33.62 32.21
C39 NEX WJ . -57.55 35.35 29.13
C40 NEX WJ . -58.73 30.35 33.42
O23 NEX WJ . -52.39 36.68 35.97
O24 NEX WJ . -55.36 34.52 33.91
MG CLA XJ . -13.47 47.85 17.99
CHA CLA XJ . -10.96 49.75 19.39
CHB CLA XJ . -11.65 45.05 18.55
CHC CLA XJ . -16.11 45.99 16.89
CHD CLA XJ . -15.29 50.78 17.40
NA CLA XJ . -11.61 47.50 18.82
C1A CLA XJ . -10.71 48.42 19.39
C2A CLA XJ . -9.46 47.73 19.91
C3A CLA XJ . -9.67 46.28 19.45
C4A CLA XJ . -11.09 46.26 18.91
CMA CLA XJ . -8.73 46.00 18.35
CAA CLA XJ . -9.31 47.74 21.42
CBA CLA XJ . -10.58 47.30 22.12
CGA CLA XJ . -10.32 46.87 23.53
O1A CLA XJ . -9.71 47.46 24.40
O2A CLA XJ . -10.89 45.67 23.85
NB CLA XJ . -13.80 45.89 17.74
C1B CLA XJ . -12.94 44.90 18.03
C2B CLA XJ . -13.55 43.59 17.73
C3B CLA XJ . -14.81 43.85 17.27
C4B CLA XJ . -15.00 45.31 17.27
CMB CLA XJ . -12.89 42.32 17.93
CAB CLA XJ . -15.82 42.92 16.86
CBB CLA XJ . -16.99 42.74 17.49
NC CLA XJ . -15.34 48.32 17.26
C1C CLA XJ . -16.28 47.40 16.90
C2C CLA XJ . -17.48 48.07 16.49
C3C CLA XJ . -17.25 49.44 16.59
C4C CLA XJ . -15.90 49.58 17.08
CMC CLA XJ . -18.69 47.37 16.07
CAC CLA XJ . -18.18 50.53 16.31
CBC CLA XJ . -17.84 51.31 15.06
ND CLA XJ . -13.25 49.82 18.28
C1D CLA XJ . -14.06 50.92 17.97
C2D CLA XJ . -13.39 52.17 18.37
C3D CLA XJ . -12.21 51.77 18.95
C4D CLA XJ . -12.15 50.31 18.86
CMD CLA XJ . -13.94 53.51 18.21
CAD CLA XJ . -11.01 52.20 19.60
OBD CLA XJ . -10.68 53.31 19.95
CBD CLA XJ . -10.16 50.93 19.86
CGD CLA XJ . -8.87 50.96 19.13
O1D CLA XJ . -7.88 50.29 19.39
O2D CLA XJ . -8.80 51.82 18.09
CED CLA XJ . -7.66 51.72 17.24
C1 CLA XJ . -10.52 45.09 25.12
C2 CLA XJ . -11.58 45.39 26.10
C3 CLA XJ . -12.46 44.48 26.53
C4 CLA XJ . -13.50 44.82 27.53
C5 CLA XJ . -12.44 43.08 26.02
C6 CLA XJ . -12.55 42.00 27.09
C7 CLA XJ . -11.26 41.21 27.26
C8 CLA XJ . -11.13 39.84 26.57
C9 CLA XJ . -12.40 39.41 25.85
C10 CLA XJ . -10.61 38.82 27.60
C11 CLA XJ . -11.26 37.45 27.58
C12 CLA XJ . -10.41 36.39 26.93
C13 CLA XJ . -11.10 35.03 26.97
C14 CLA XJ . -10.18 33.94 27.45
C15 CLA XJ . -11.70 34.67 25.62
MG CLA YJ . -19.93 38.05 12.58
CHA CLA YJ . -18.96 40.30 10.14
CHB CLA YJ . -20.54 35.75 10.17
CHC CLA YJ . -20.61 35.77 15.03
CHD CLA YJ . -19.19 40.46 15.01
NA CLA YJ . -19.80 38.06 10.49
C1A CLA YJ . -19.34 39.08 9.67
C2A CLA YJ . -19.39 38.66 8.20
C3A CLA YJ . -20.15 37.32 8.26
C4A CLA YJ . -20.15 36.99 9.74
CMA CLA YJ . -21.54 37.51 7.76
CAA CLA YJ . -18.02 38.47 7.57
CBA CLA YJ . -17.03 37.68 8.39
CGA CLA YJ . -17.03 36.23 8.01
O1A CLA YJ . -16.71 35.71 6.95
O2A CLA YJ . -17.47 35.43 9.03
NB CLA YJ . -20.54 36.14 12.60
C1B CLA YJ . -20.62 35.36 11.51
C2B CLA YJ . -20.82 33.96 11.91
C3B CLA YJ . -20.85 33.92 13.27
C4B CLA YJ . -20.68 35.33 13.74
CMB CLA YJ . -20.95 32.89 10.93
CAB CLA YJ . -20.98 32.74 14.10
CBB CLA YJ . -21.77 32.56 15.15
NC CLA YJ . -19.95 38.14 14.65
C1C CLA YJ . -20.29 37.09 15.46
C2C CLA YJ . -20.19 37.51 16.86
C3C CLA YJ . -19.75 38.82 16.84
C4C CLA YJ . -19.60 39.21 15.46
CMC CLA YJ . -20.46 36.71 18.03
CAC CLA YJ . -19.47 39.65 18.01
CBC CLA YJ . -18.02 39.49 18.42
ND CLA YJ . -19.27 39.95 12.63
C1D CLA YJ . -19.04 40.83 13.70
C2D CLA YJ . -18.59 42.13 13.16
C3D CLA YJ . -18.57 41.98 11.80
C4D CLA YJ . -18.98 40.61 11.52
CMD CLA YJ . -18.26 43.29 13.96
CAD CLA YJ . -18.29 42.60 10.54
OBD CLA YJ . -17.89 43.73 10.28
CBD CLA YJ . -18.55 41.55 9.44
CGD CLA YJ . -19.67 41.97 8.56
O1D CLA YJ . -19.72 42.01 7.34
O2D CLA YJ . -20.78 42.33 9.26
CED CLA YJ . -22.03 41.92 8.72
C1 CLA YJ . -16.88 34.12 9.11
C2 CLA YJ . -17.34 33.53 10.40
C3 CLA YJ . -17.17 32.25 10.73
C4 CLA YJ . -16.49 31.27 9.85
C5 CLA YJ . -17.65 31.72 12.04
C6 CLA YJ . -16.71 32.02 13.16
C7 CLA YJ . -16.28 30.73 13.79
C8 CLA YJ . -14.79 30.72 14.04
C9 CLA YJ . -14.06 30.14 12.85
C10 CLA YJ . -14.50 29.89 15.28
C11 CLA YJ . -13.53 30.61 16.19
C12 CLA YJ . -14.06 31.96 16.61
C13 CLA YJ . -13.45 32.38 17.94
C14 CLA YJ . -11.94 32.47 17.83
C15 CLA YJ . -13.86 31.40 19.02
C16 CLA YJ . -14.43 32.09 20.24
C17 CLA YJ . -15.14 31.11 21.14
C18 CLA YJ . -14.21 30.00 21.61
C19 CLA YJ . -13.37 30.46 22.77
C20 CLA YJ . -15.02 28.78 22.02
MG CLA ZJ . -22.33 27.05 15.58
CHA CLA ZJ . -22.44 26.04 12.28
CHB CLA ZJ . -19.52 28.79 14.96
CHC CLA ZJ . -22.28 28.01 18.87
CHD CLA ZJ . -25.17 25.08 16.22
NA CLA ZJ . -21.20 27.38 13.86
C1A CLA ZJ . -21.42 26.90 12.57
C2A CLA ZJ . -20.33 27.40 11.62
C3A CLA ZJ . -19.42 28.24 12.51
C4A CLA ZJ . -20.09 28.17 13.88
CMA CLA ZJ . -18.03 27.66 12.56
CAA CLA ZJ . -20.86 28.29 10.51
CBA CLA ZJ . -19.87 28.40 9.38
CGA CLA ZJ . -20.06 27.31 8.36
O1A CLA ZJ . -19.26 26.90 7.52
O2A CLA ZJ . -21.29 26.73 8.41
NB CLA ZJ . -21.16 28.24 16.69
C1B CLA ZJ . -20.01 28.78 16.26
C2B CLA ZJ . -19.27 29.36 17.41
C3B CLA ZJ . -20.03 29.15 18.53
C4B CLA ZJ . -21.26 28.43 18.07
CMB CLA ZJ . -17.97 30.00 17.27
CAB CLA ZJ . -19.76 29.53 19.88
CBB CLA ZJ . -19.61 28.70 20.92
NC CLA ZJ . -23.53 26.66 17.22
C1C CLA ZJ . -23.35 27.18 18.47
C2C CLA ZJ . -24.40 26.74 19.36
C3C CLA ZJ . -25.20 25.88 18.61
C4C CLA ZJ . -24.65 25.85 17.27
CMC CLA ZJ . -24.52 27.10 20.76
CAC CLA ZJ . -26.40 25.19 19.05
CBC CLA ZJ . -27.60 26.10 18.87
ND CLA ZJ . -23.57 25.85 14.55
C1D CLA ZJ . -24.65 25.05 14.96
C2D CLA ZJ . -25.13 24.26 13.81
C3D CLA ZJ . -24.34 24.63 12.76
C4D CLA ZJ . -23.37 25.61 13.27
CMD CLA ZJ . -26.23 23.30 13.84
CAD CLA ZJ . -24.06 24.46 11.36
OBD CLA ZJ . -24.68 23.80 10.55
CBD CLA ZJ . -22.80 25.29 11.03
CGD CLA ZJ . -21.67 24.38 10.62
O1D CLA ZJ . -21.39 24.00 9.48
O2D CLA ZJ . -20.89 23.98 11.65
MG CLA AK . -37.69 28.78 27.77
CHA CLA AK . -39.11 26.86 30.29
CHB CLA AK . -36.07 26.06 26.61
CHC CLA AK . -36.48 30.67 25.19
CHD CLA AK . -39.35 31.61 29.06
NA CLA AK . -37.63 26.79 28.37
C1A CLA AK . -38.32 26.17 29.41
C2A CLA AK . -37.96 24.68 29.47
C3A CLA AK . -36.91 24.51 28.38
C4A CLA AK . -36.87 25.87 27.72
CMA CLA AK . -35.57 24.17 28.97
CAA CLA AK . -39.15 23.79 29.16
CBA CLA AK . -39.93 24.22 27.94
CGA CLA AK . -40.97 23.17 27.71
O1A CLA AK . -41.47 22.44 28.56
O2A CLA AK . -41.35 23.02 26.41
NB CLA AK . -36.54 28.43 26.18
C1B CLA AK . -35.91 27.26 25.92
C2B CLA AK . -35.00 27.41 24.77
C3B CLA AK . -35.11 28.71 24.35
C4B CLA AK . -36.09 29.38 25.25
CMB CLA AK . -34.20 26.29 24.31
CAB CLA AK . -34.45 29.42 23.28
CBB CLA AK . -34.28 28.98 22.03
NC CLA AK . -37.90 30.78 27.23
C1C CLA AK . -37.33 31.33 26.12
C2C CLA AK . -37.71 32.73 26.03
C3C CLA AK . -38.49 33.02 27.13
C4C CLA AK . -38.62 31.78 27.88
CMC CLA AK . -37.28 33.63 24.96
CAC CLA AK . -39.11 34.30 27.46
ND CLA AK . -38.90 29.21 29.33
C1D CLA AK . -39.50 30.42 29.74
C2D CLA AK . -40.26 30.17 30.97
C3D CLA AK . -40.14 28.82 31.22
C4D CLA AK . -39.30 28.26 30.16
CMD CLA AK . -40.99 31.18 31.72
CAD CLA AK . -40.49 27.74 32.12
OBD CLA AK . -41.11 27.77 33.17
CBD CLA AK . -39.87 26.45 31.53
CGD CLA AK . -39.04 25.80 32.60
O1D CLA AK . -39.45 25.33 33.65
O2D CLA AK . -37.71 25.75 32.38
CED CLA AK . -36.88 26.69 33.08
C1 CLA AK . -41.94 24.16 25.74
C2 CLA AK . -43.31 23.80 25.29
C3 CLA AK . -44.08 24.62 24.56
C4 CLA AK . -43.64 25.96 24.12
C5 CLA AK . -45.44 24.20 24.13
C6 CLA AK . -45.63 24.32 22.63
C7 CLA AK . -46.49 23.18 22.13
C8 CLA AK . -47.13 23.51 20.79
C9 CLA AK . -46.10 23.56 19.68
C10 CLA AK . -47.93 24.81 20.85
MG CLA BK . -37.34 22.02 22.91
CHA CLA BK . -40.66 21.48 22.15
CHB CLA BK . -36.84 23.18 19.77
CHC CLA BK . -34.10 22.69 23.74
CHD CLA BK . -37.89 20.67 26.13
NA CLA BK . -38.58 22.27 21.25
C1A CLA BK . -39.94 22.00 21.12
C2A CLA BK . -40.44 22.32 19.73
C3A CLA BK . -39.14 22.68 18.96
C4A CLA BK . -38.10 22.73 20.06
CMA CLA BK . -38.80 21.65 17.92
CAA CLA BK . -41.33 23.55 19.72
CBA CLA BK . -42.40 23.47 18.66
NB CLA BK . -35.75 22.71 21.92
C1B CLA BK . -35.79 23.27 20.70
C2B CLA BK . -34.56 24.01 20.44
C3B CLA BK . -33.76 23.88 21.53
C4B CLA BK . -34.52 23.05 22.51
CMB CLA BK . -34.37 24.72 19.18
CAB CLA BK . -32.45 24.41 21.79
CBB CLA BK . -31.36 24.07 21.11
NC CLA BK . -36.21 21.72 24.63
C1C CLA BK . -34.89 22.07 24.75
C2C CLA BK . -34.40 21.70 26.06
C3C CLA BK . -35.46 21.14 26.74
C4C CLA BK . -36.60 21.15 25.84
CMC CLA BK . -33.04 21.88 26.55
CAC CLA BK . -35.40 20.58 28.08
ND CLA BK . -38.88 21.29 23.98
C1D CLA BK . -38.96 20.72 25.27
C2D CLA BK . -40.35 20.28 25.50
C3D CLA BK . -41.05 20.59 24.36
C4D CLA BK . -40.08 21.19 23.42
CMD CLA BK . -40.86 19.69 26.72
CAD CLA BK . -42.34 20.57 23.69
OBD CLA BK . -43.42 20.27 24.14
CBD CLA BK . -42.11 21.05 22.23
CGD CLA BK . -42.34 19.97 21.23
O1D CLA BK . -41.48 19.27 20.70
O2D CLA BK . -43.64 19.81 20.87
CED CLA BK . -43.93 18.88 19.83
MG CLA CK . -28.75 20.31 27.33
CHA CLA CK . -28.08 18.97 30.46
CHB CLA CK . -26.06 22.32 27.61
CHC CLA CK . -29.41 21.53 24.18
CHD CLA CK . -31.47 18.11 27.04
NA CLA CK . -27.32 20.59 28.81
C1A CLA CK . -27.19 19.93 30.04
C2A CLA CK . -25.97 20.44 30.79
C3A CLA CK . -25.42 21.56 29.90
C4A CLA CK . -26.31 21.49 28.67
CMA CLA CK . -25.57 22.90 30.56
CAA CLA CK . -24.87 19.39 30.91
CBA CLA CK . -24.03 19.59 32.15
NB CLA CK . -27.84 21.58 26.09
C1B CLA CK . -26.83 22.40 26.45
C2B CLA CK . -26.67 23.50 25.47
C3B CLA CK . -27.62 23.28 24.49
C4B CLA CK . -28.37 22.07 24.88
CMB CLA CK . -25.66 24.54 25.66
CAB CLA CK . -27.97 24.00 23.29
CBB CLA CK . -27.11 24.57 22.44
NC CLA CK . -30.20 19.90 25.89
C1C CLA CK . -30.27 20.51 24.68
C2C CLA CK . -31.37 19.94 23.91
C3C CLA CK . -31.97 18.98 24.71
C4C CLA CK . -31.22 18.96 25.96
CMC CLA CK . -31.69 20.33 22.55
CAC CLA CK . -33.08 18.07 24.37
CBC CLA CK . -34.48 18.62 24.38
ND CLA CK . -29.71 18.97 28.49
C1D CLA CK . -30.79 18.11 28.23
C2D CLA CK . -31.01 17.24 29.41
C3D CLA CK . -30.02 17.56 30.30
C4D CLA CK . -29.20 18.61 29.67
CMD CLA CK . -32.07 16.26 29.56
CAD CLA CK . -29.44 17.28 31.59
OBD CLA CK . -29.81 16.50 32.45
CBD CLA CK . -28.17 18.14 31.72
CGD CLA CK . -28.29 18.99 32.94
O1D CLA CK . -29.32 19.37 33.50
O2D CLA CK . -27.10 19.37 33.48
CED CLA CK . -26.78 18.93 34.80
MG CLA DK . -38.08 29.24 8.81
CHA CLA DK . -36.34 30.98 11.23
CHB CLA DK . -39.81 27.64 11.23
CHC CLA DK . -39.86 27.63 6.38
CHD CLA DK . -36.31 31.00 6.34
NA CLA DK . -38.04 29.31 10.90
C1A CLA DK . -37.27 30.13 11.73
C2A CLA DK . -37.58 29.87 13.20
C3A CLA DK . -38.52 28.67 13.14
C4A CLA DK . -38.85 28.53 11.65
CMA CLA DK . -37.77 27.46 13.63
CAA CLA DK . -38.28 31.03 13.86
CBA CLA DK . -39.31 31.69 12.98
CGA CLA DK . -39.75 32.99 13.57
O1A CLA DK . -39.08 34.00 13.76
O2A CLA DK . -41.07 33.00 13.92
NB CLA DK . -39.51 27.84 8.81
C1B CLA DK . -40.16 27.39 9.90
C2B CLA DK . -41.30 26.54 9.49
C3B CLA DK . -41.32 26.53 8.13
C4B CLA DK . -40.17 27.35 7.67
CMB CLA DK . -42.21 25.90 10.43
CAB CLA DK . -42.24 25.88 7.24
CBB CLA DK . -41.94 24.82 6.48
NC CLA DK . -38.08 29.30 6.74
C1C CLA DK . -38.88 28.56 5.93
C2C CLA DK . -38.61 28.85 4.54
C3C CLA DK . -37.64 29.82 4.54
C4C CLA DK . -37.30 30.11 5.91
CMC CLA DK . -39.25 28.26 3.37
CAC CLA DK . -37.07 30.44 3.36
CBC CLA DK . -37.77 31.72 3.00
ND CLA DK . -36.68 30.68 8.73
C1D CLA DK . -35.99 31.26 7.65
C2D CLA DK . -34.94 32.13 8.18
C3D CLA DK . -35.02 32.06 9.55
C4D CLA DK . -36.12 31.15 9.84
CMD CLA DK . -34.01 32.89 7.35
CAD CLA DK . -34.48 32.51 10.81
OBD CLA DK . -33.58 33.30 11.03
CBD CLA DK . -35.27 31.80 11.92
CGD CLA DK . -34.36 30.89 12.67
O1D CLA DK . -34.09 29.72 12.39
O2D CLA DK . -33.78 31.45 13.75
CED CLA DK . -34.19 30.96 15.02
C1 CLA DK . -41.58 34.19 14.54
C2 CLA DK . -43.05 34.05 14.52
C3 CLA DK . -43.88 34.71 15.35
C4 CLA DK . -43.40 35.65 16.39
C5 CLA DK . -45.35 34.50 15.25
MG CLA EK . -29.58 23.49 11.71
CHA CLA EK . -27.43 25.73 10.19
CHB CLA EK . -29.78 21.72 8.82
CHC CLA EK . -31.26 20.99 13.39
CHD CLA EK . -29.13 25.20 14.71
NA CLA EK . -28.82 23.76 9.79
C1A CLA EK . -27.91 24.74 9.36
C2A CLA EK . -27.57 24.53 7.89
C3A CLA EK . -28.63 23.52 7.46
C4A CLA EK . -29.12 22.92 8.76
CMA CLA EK . -29.71 24.39 6.91
CAA CLA EK . -26.15 24.00 7.71
CBA CLA EK . -26.01 22.51 7.49
CGA CLA EK . -24.69 22.01 8.01
O1A CLA EK . -24.41 20.90 8.46
O2A CLA EK . -23.71 22.96 7.94
NB CLA EK . -30.32 21.69 11.22
C1B CLA EK . -30.29 21.14 9.98
C2B CLA EK . -30.98 19.82 10.00
C3B CLA EK . -31.40 19.60 11.29
C4B CLA EK . -31.01 20.81 12.06
CMB CLA EK . -31.10 19.02 8.79
CAB CLA EK . -32.10 18.51 11.91
CBB CLA EK . -31.84 17.22 11.73
NC CLA EK . -30.20 23.22 13.67
C1C CLA EK . -30.90 22.14 14.13
C2C CLA EK . -31.12 22.27 15.55
C3C CLA EK . -30.47 23.44 15.95
C4C CLA EK . -29.89 24.02 14.76
CMC CLA EK . -31.82 21.28 16.36
CAC CLA EK . -30.35 23.93 17.34
CBC CLA EK . -31.07 25.20 17.69
ND CLA EK . -28.78 25.25 12.29
C1D CLA EK . -28.61 25.79 13.58
C2D CLA EK . -27.78 26.99 13.50
C3D CLA EK . -27.29 27.03 12.21
C4D CLA EK . -27.91 25.88 11.52
CMD CLA EK . -27.50 27.87 14.63
CAD CLA EK . -26.48 27.71 11.24
OBD CLA EK . -25.87 28.77 11.32
CBD CLA EK . -26.46 26.84 9.97
CGD CLA EK . -26.91 27.64 8.80
O2D CLA EK . -25.97 28.50 8.34
CED CLA EK . -26.39 29.26 7.22
MG CLA FK . -36.16 39.55 13.65
CHA CLA FK . -37.68 39.80 10.56
CHB CLA FK . -35.85 42.93 13.76
CHC CLA FK . -35.14 39.30 16.91
CHD CLA FK . -36.63 36.07 13.53
NA CLA FK . -36.61 41.08 12.32
C1A CLA FK . -37.29 40.98 11.10
C2A CLA FK . -37.46 42.36 10.48
C3A CLA FK . -36.55 43.24 11.35
C4A CLA FK . -36.32 42.38 12.59
CMA CLA FK . -35.27 43.44 10.61
CAA CLA FK . -38.90 42.83 10.56
CBA CLA FK . -39.66 42.41 11.82
CGA CLA FK . -39.49 43.55 12.75
O1A CLA FK . -39.31 44.73 12.45
O2A CLA FK . -39.50 43.21 14.08
NB CLA FK . -35.66 40.87 15.08
C1B CLA FK . -35.57 42.21 14.92
C2B CLA FK . -35.01 42.83 16.15
C3B CLA FK . -34.82 41.80 17.04
C4B CLA FK . -35.20 40.54 16.37
CMB CLA FK . -34.78 44.25 16.29
CAB CLA FK . -34.29 41.82 18.37
CBB CLA FK . -34.86 42.49 19.37
NC CLA FK . -35.87 37.96 14.95
C1C CLA FK . -35.44 38.08 16.24
C2C CLA FK . -35.40 36.76 16.87
C3C CLA FK . -35.83 35.85 15.92
C4C CLA FK . -36.13 36.61 14.72
CMC CLA FK . -35.01 36.50 18.24
CAC CLA FK . -35.99 34.42 16.10
CBC CLA FK . -37.37 34.12 16.60
ND CLA FK . -36.75 38.18 12.30
C1D CLA FK . -36.93 36.78 12.40
C2D CLA FK . -37.52 36.28 11.15
C3D CLA FK . -37.84 37.40 10.41
C4D CLA FK . -37.38 38.56 11.19
CMD CLA FK . -37.78 34.89 10.84
CAD CLA FK . -38.39 37.90 9.17
OBD CLA FK . -38.80 37.30 8.20
CBD CLA FK . -38.41 39.44 9.28
CGD CLA FK . -37.82 40.08 8.06
O1D CLA FK . -36.80 40.75 7.95
O2D CLA FK . -38.55 39.86 6.94
CED CLA FK . -38.08 40.35 5.69
C1 CLA FK . -39.20 44.27 15.01
C2 CLA FK . -38.66 43.64 16.23
C3 CLA FK . -38.96 44.06 17.47
C4 CLA FK . -39.87 45.20 17.71
C5 CLA FK . -38.37 43.38 18.65
C6 CLA FK . -39.38 42.63 19.49
C7 CLA FK . -39.52 43.27 20.85
C8 CLA FK . -40.07 42.36 21.94
C9 CLA FK . -39.92 43.04 23.28
C10 CLA FK . -39.38 41.02 21.96
C11 CLA FK . -39.93 40.12 23.04
C12 CLA FK . -40.01 38.67 22.60
C13 CLA FK . -39.93 37.68 23.75
C14 CLA FK . -38.80 38.02 24.70
C15 CLA FK . -39.75 36.25 23.23
C16 CLA FK . -40.82 35.85 22.22
C17 CLA FK . -40.52 34.53 21.55
C18 CLA FK . -41.02 34.45 20.10
C19 CLA FK . -40.94 33.05 19.52
C20 CLA FK . -42.42 35.02 19.93
MG CLA GK . -24.57 51.55 20.63
CHA CLA GK . -27.46 51.04 18.84
CHB CLA GK . -24.47 54.77 19.55
CHC CLA GK . -21.95 52.11 22.73
CHD CLA GK . -24.81 48.25 21.85
NA CLA GK . -25.73 52.68 19.33
C1A CLA GK . -26.93 52.29 18.71
C2A CLA GK . -27.50 53.42 17.87
C3A CLA GK . -26.37 54.47 17.89
C4A CLA GK . -25.44 53.97 19.00
CMA CLA GK . -25.72 54.52 16.53
CAA CLA GK . -28.75 54.01 18.52
CBA CLA GK . -28.66 54.21 20.03
CGA CLA GK . -29.94 53.86 20.73
O1A CLA GK . -31.08 54.07 20.34
O2A CLA GK . -29.76 53.21 21.91
NB CLA GK . -23.34 53.11 20.96
C1B CLA GK . -23.59 54.38 20.56
C2B CLA GK . -22.76 55.32 21.35
C3B CLA GK . -22.05 54.57 22.26
C4B CLA GK . -22.43 53.16 22.02
CMB CLA GK . -22.81 56.75 21.12
CAB CLA GK . -21.16 54.88 23.34
CBB CLA GK . -20.28 55.87 23.43
NC CLA GK . -23.52 50.36 21.96
C1C CLA GK . -22.45 50.79 22.67
C2C CLA GK . -21.95 49.72 23.51
C3C CLA GK . -22.81 48.64 23.32
C4C CLA GK . -23.78 49.05 22.34
CMC CLA GK . -20.81 49.82 24.41
CAC CLA GK . -22.76 47.33 23.95
CBC CLA GK . -21.95 46.39 23.12
ND CLA GK . -25.77 49.96 20.39
C1D CLA GK . -25.73 48.64 20.92
C2D CLA GK . -26.86 47.88 20.41
C3D CLA GK . -27.57 48.75 19.60
C4D CLA GK . -26.84 50.03 19.62
CMD CLA GK . -27.13 46.50 20.80
CAD CLA GK . -28.74 48.95 18.78
OBD CLA GK . -29.68 48.19 18.55
CBD CLA GK . -28.66 50.39 18.21
CGD CLA GK . -28.54 50.42 16.72
O1D CLA GK . -27.60 49.97 16.05
O2D CLA GK . -29.58 51.01 16.08
CED CLA GK . -29.40 51.37 14.71
C1 CLA GK . -30.79 53.40 22.92
C2 CLA GK . -31.00 52.11 23.62
C3 CLA GK . -30.54 51.89 24.86
C5 CLA GK . -30.75 50.60 25.58
C6 CLA GK . -32.11 49.98 25.41
C7 CLA GK . -32.03 48.49 25.68
C8 CLA GK . -33.07 47.99 26.66
C9 CLA GK . -32.43 46.98 27.60
C10 CLA GK . -34.29 47.46 25.90
C11 CLA GK . -34.81 46.10 26.30
C12 CLA GK . -36.04 46.19 27.19
C13 CLA GK . -36.63 44.83 27.56
C14 CLA GK . -35.56 43.89 28.08
C15 CLA GK . -37.40 44.22 26.38
MG CLA HK . -31.64 45.30 23.52
CHA CLA HK . -32.59 47.86 21.40
CHB CLA HK . -34.59 43.76 22.93
CHC CLA HK . -30.92 43.08 26.01
CHD CLA HK . -28.74 47.12 24.33
NA CLA HK . -33.26 45.70 22.26
C1A CLA HK . -33.48 46.83 21.46
C2A CLA HK . -34.84 46.71 20.73
C3A CLA HK . -35.35 45.33 21.17
C4A CLA HK . -34.33 44.87 22.19
CMA CLA HK . -36.67 45.41 21.88
CAA CLA HK . -34.74 46.72 19.22
CBA CLA HK . -36.09 46.96 18.57
CGA CLA HK . -36.77 48.15 19.15
O1A CLA HK . -36.55 49.34 18.95
O2A CLA HK . -37.79 47.84 19.99
NB CLA HK . -32.54 43.67 24.28
C1B CLA HK . -33.77 43.23 23.92
C2B CLA HK . -34.18 42.10 24.77
C3B CLA HK . -33.16 41.87 25.67
C4B CLA HK . -32.10 42.89 25.36
CMB CLA HK . -35.48 41.45 24.64
CAB CLA HK . -33.21 40.87 26.70
CBB CLA HK . -32.22 40.31 27.43
NC CLA HK . -30.05 45.09 24.84
C1C CLA HK . -29.94 44.09 25.76
C2C CLA HK . -28.73 44.28 26.54
C3C CLA HK . -28.11 45.43 26.07
C4C CLA HK . -28.96 45.93 25.01
CMC CLA HK . -28.33 43.40 27.62
CAC CLA HK . -26.88 46.05 26.55
ND CLA HK . -30.70 46.97 22.89
C1D CLA HK . -29.55 47.63 23.36
C2D CLA HK . -29.41 48.91 22.68
C3D CLA HK . -30.54 49.05 21.91
C4D CLA HK . -31.34 47.83 22.10
CMD CLA HK . -28.31 49.84 22.89
CAD CLA HK . -31.25 49.88 20.99
OBD CLA HK . -30.91 50.94 20.50
CBD CLA HK . -32.61 49.21 20.71
CGD CLA HK . -33.75 50.04 21.21
O1D CLA HK . -34.68 49.69 21.92
O2D CLA HK . -33.70 51.32 20.79
CED CLA HK . -34.93 51.93 20.39
MG CLA IK . -18.88 37.84 32.00
CHA CLA IK . -17.99 37.46 35.33
CHB CLA IK . -20.94 40.39 32.85
CHC CLA IK . -19.55 38.32 28.69
CHD CLA IK . -16.51 35.35 31.14
NA CLA IK . -19.40 38.73 33.82
C1A CLA IK . -18.90 38.45 35.09
C2A CLA IK . -19.52 39.38 36.13
C3A CLA IK . -20.47 40.26 35.31
C4A CLA IK . -20.28 39.77 33.88
CMA CLA IK . -21.89 40.18 35.78
CAA CLA IK . -18.52 40.30 36.81
CBA CLA IK . -17.74 41.18 35.85
CGA CLA IK . -16.44 40.53 35.44
O1A CLA IK . -15.73 39.78 36.09
O2A CLA IK . -16.08 40.84 34.17
NB CLA IK . -20.10 39.05 30.98
C1B CLA IK . -20.81 40.07 31.49
C2B CLA IK . -21.40 40.88 30.41
C3B CLA IK . -21.02 40.31 29.23
C4B CLA IK . -20.17 39.14 29.57
CMB CLA IK . -22.21 42.07 30.64
CAB CLA IK . -21.27 40.72 27.88
CBB CLA IK . -22.11 40.13 27.04
NC CLA IK . -18.21 36.94 30.24
C1C CLA IK . -18.63 37.29 29.00
C2C CLA IK . -17.95 36.48 28.00
C3C CLA IK . -17.06 35.67 28.68
C4C CLA IK . -17.21 35.97 30.10
CMC CLA IK . -18.16 36.56 26.57
CAC CLA IK . -16.15 34.71 28.06
CBC CLA IK . -14.81 35.34 27.73
ND CLA IK . -17.57 36.63 32.94
C1D CLA IK . -16.67 35.64 32.47
C2D CLA IK . -16.01 35.03 33.62
C3D CLA IK . -16.49 35.67 34.73
C4D CLA IK . -17.44 36.68 34.26
CMD CLA IK . -15.05 33.94 33.57
CAD CLA IK . -16.48 35.72 36.16
OBD CLA IK . -15.95 34.97 36.96
CBD CLA IK . -17.34 36.92 36.58
CGD CLA IK . -18.33 36.50 37.62
O1D CLA IK . -18.98 35.46 37.67
O2D CLA IK . -18.51 37.39 38.62
CED CLA IK . -18.68 36.82 39.92
C1 CLA IK . -15.86 39.78 33.22
C2 CLA IK . -15.78 40.49 31.91
C3 CLA IK . -15.39 40.00 30.74
C4 CLA IK . -14.97 38.60 30.61
C5 CLA IK . -15.36 40.81 29.50
C6 CLA IK . -16.72 41.40 29.13
C7 CLA IK . -17.18 40.97 27.76
C8 CLA IK . -16.15 41.27 26.68
C9 CLA IK . -16.28 42.72 26.23
C10 CLA IK . -16.21 40.26 25.53
C11 CLA IK . -16.77 40.76 24.22
C12 CLA IK . -16.05 40.21 23.01
C13 CLA IK . -15.08 41.20 22.37
C14 CLA IK . -15.74 42.54 22.11
C15 CLA IK . -14.55 40.67 21.06
C16 CLA IK . -13.71 39.42 21.26
C17 CLA IK . -12.48 39.44 20.37
C18 CLA IK . -12.33 38.15 19.59
C19 CLA IK . -13.48 37.99 18.63
C20 CLA IK . -11.03 38.15 18.83
MG CLA JK . -18.69 46.22 36.73
CHA CLA JK . -15.63 45.26 35.47
CHB CLA JK . -17.13 48.12 39.05
CHC CLA JK . -21.74 47.30 37.81
CHD CLA JK . -20.27 44.36 34.18
NA CLA JK . -16.68 46.56 37.20
C1A CLA JK . -15.55 46.07 36.56
C2A CLA JK . -14.27 46.59 37.23
C3A CLA JK . -14.80 47.38 38.44
C4A CLA JK . -16.31 47.37 38.24
CMA CLA JK . -14.38 46.72 39.72
CAA CLA JK . -13.48 47.58 36.39
CBA CLA JK . -14.34 48.53 35.60
NB CLA JK . -19.31 47.46 38.17
C1B CLA JK . -18.53 48.18 38.98
C2B CLA JK . -19.36 49.05 39.84
C3B CLA JK . -20.66 48.82 39.49
C4B CLA JK . -20.65 47.79 38.43
CMB CLA JK . -18.81 49.96 40.83
CAB CLA JK . -21.89 49.37 40.00
CBB CLA JK . -22.54 48.92 41.06
NC CLA JK . -20.64 45.84 36.13
C1C CLA JK . -21.74 46.36 36.73
C2C CLA JK . -22.95 45.87 36.08
C3C CLA JK . -22.53 45.07 35.03
C4C CLA JK . -21.08 45.05 35.07
CMC CLA JK . -24.30 46.23 36.49
CAC CLA JK . -23.38 44.35 34.08
CBC CLA JK . -23.56 45.10 32.79
ND CLA JK . -18.15 44.99 35.23
C1D CLA JK . -18.90 44.32 34.24
C2D CLA JK . -17.97 43.66 33.31
C3D CLA JK . -16.71 43.97 33.74
C4D CLA JK . -16.87 44.82 34.92
CMD CLA JK . -18.43 42.88 32.17
CAD CLA JK . -15.29 43.86 33.48
OBD CLA JK . -14.68 43.33 32.57
CBD CLA JK . -14.57 44.65 34.59
CGD CLA JK . -13.70 43.77 35.41
O1D CLA JK . -14.03 43.01 36.32
O2D CLA JK . -12.39 43.87 35.09
CED CLA JK . -11.41 43.70 36.11
MG CLA KK . -45.72 30.10 33.25
CHA CLA KK . -43.81 32.68 34.53
CHB CLA KK . -46.33 28.98 36.40
CHC CLA KK . -47.77 27.70 31.92
CHD CLA KK . -45.22 31.41 29.99
NA CLA KK . -45.08 30.70 35.14
C1A CLA KK . -44.28 31.81 35.47
C2A CLA KK . -44.07 31.87 37.00
C3A CLA KK . -44.75 30.57 37.52
C4A CLA KK . -45.44 30.01 36.28
CMA CLA KK . -43.78 29.60 38.14
CAA CLA KK . -44.76 33.06 37.67
CBA CLA KK . -46.25 33.13 37.51
CGA CLA KK . -46.63 33.84 36.24
O1A CLA KK . -47.51 33.60 35.41
O2A CLA KK . -45.79 34.90 36.03
NB CLA KK . -46.75 28.55 34.00
C1B CLA KK . -47.03 28.41 35.32
C2B CLA KK . -48.24 27.57 35.50
C3B CLA KK . -48.65 27.20 34.25
C4B CLA KK . -47.70 27.81 33.28
CMB CLA KK . -48.77 27.24 36.81
CAB CLA KK . -49.76 26.39 33.85
NC CLA KK . -46.30 29.60 31.30
C1C CLA KK . -47.09 28.54 30.99
C2C CLA KK . -47.23 28.42 29.54
C3C CLA KK . -46.59 29.54 29.00
C4C CLA KK . -46.00 30.26 30.12
CMC CLA KK . -47.97 27.36 28.86
CAC CLA KK . -46.43 29.89 27.59
ND CLA KK . -44.72 31.62 32.38
C1D CLA KK . -44.63 32.07 31.04
C2D CLA KK . -43.81 33.30 30.98
C3D CLA KK . -43.49 33.59 32.29
C4D CLA KK . -44.07 32.52 33.12
CMD CLA KK . -43.50 34.02 29.75
CAD CLA KK . -42.79 34.49 33.17
OBD CLA KK . -42.14 35.50 32.91
CBD CLA KK . -43.02 33.97 34.61
CGD CLA KK . -41.74 33.82 35.36
O2D CLA KK . -41.24 35.00 35.77
CED CLA KK . -39.84 35.20 35.57
MG CLA LK . -7.54 33.16 31.17
CHA CLA LK . -10.62 31.67 30.60
CHB CLA LK . -6.06 30.13 31.01
CHC CLA LK . -4.49 34.73 31.29
CHD CLA LK . -9.13 36.29 31.18
NA CLA LK . -8.26 31.21 30.94
C1A CLA LK . -9.56 30.80 30.66
C2A CLA LK . -9.63 29.28 30.56
C3A CLA LK . -8.22 28.83 30.97
C4A CLA LK . -7.43 30.13 30.98
CMA CLA LK . -8.24 28.18 32.32
CAA CLA LK . -9.91 28.81 29.14
CBA CLA LK . -10.52 27.43 29.15
CGA CLA LK . -11.43 27.25 27.97
O1A CLA LK . -11.68 28.02 27.05
O2A CLA LK . -12.05 26.03 27.96
NB CLA LK . -5.63 32.55 31.11
C1B CLA LK . -5.23 31.27 31.04
C2B CLA LK . -3.74 31.22 31.02
C3B CLA LK . -3.30 32.52 31.11
C4B CLA LK . -4.50 33.38 31.18
CMB CLA LK . -2.97 29.98 30.95
CAB CLA LK . -1.97 33.05 31.16
NC CLA LK . -6.94 35.15 31.31
C1C CLA LK . -5.64 35.56 31.37
C2C CLA LK . -5.57 37.01 31.46
C3C CLA LK . -6.89 37.47 31.38
C4C CLA LK . -7.73 36.28 31.28
CMC CLA LK . -4.34 37.77 31.58
CAC CLA LK . -7.35 38.86 31.42
ND CLA LK . -9.43 33.85 31.21
C1D CLA LK . -9.92 35.17 31.17
C2D CLA LK . -11.37 35.12 31.03
C3D CLA LK . -11.71 33.82 30.80
C4D CLA LK . -10.45 33.06 30.87
CMD CLA LK . -12.22 36.29 31.07
CAD CLA LK . -12.77 32.88 30.57
OBD CLA LK . -13.98 33.05 30.54
CBD CLA LK . -12.09 31.51 30.29
CGD CLA LK . -12.78 30.41 31.06
O1D CLA LK . -12.91 29.22 30.75
O2D CLA LK . -13.32 30.82 32.22
CED CLA LK . -12.50 30.63 33.36
C1 LUT MK . -25.92 39.67 32.64
C2 LUT MK . -25.38 39.06 33.93
C3 LUT MK . -24.22 38.08 33.82
C4 LUT MK . -24.36 37.22 32.60
C5 LUT MK . -24.39 38.15 31.42
C6 LUT MK . -25.24 39.17 31.38
C7 LUT MK . -25.49 39.84 30.10
C8 LUT MK . -26.42 39.37 29.25
C9 LUT MK . -26.69 39.99 27.96
C10 LUT MK . -27.84 39.66 27.36
C11 LUT MK . -28.28 40.16 26.08
C12 LUT MK . -29.37 39.56 25.63
C13 LUT MK . -30.05 39.90 24.39
C14 LUT MK . -31.26 39.39 24.18
C15 LUT MK . -32.04 39.71 23.01
C16 LUT MK . -25.70 41.17 32.68
C17 LUT MK . -27.42 39.39 32.63
C18 LUT MK . -23.40 37.90 30.32
C19 LUT MK . -25.67 40.89 27.35
C20 LUT MK . -29.43 40.82 23.39
O3 LUT MK . -24.21 37.25 34.98
C21 LUT MK . -42.16 40.71 15.85
C22 LUT MK . -42.69 41.43 14.65
C23 LUT MK . -43.05 40.47 13.54
C24 LUT MK . -41.83 39.66 13.20
C25 LUT MK . -41.07 39.17 14.19
C26 LUT MK . -40.88 39.96 15.45
C27 LUT MK . -40.43 39.08 16.58
C28 LUT MK . -39.27 39.39 17.12
C29 LUT MK . -38.72 38.63 18.23
C30 LUT MK . -37.87 39.29 19.00
C31 LUT MK . -37.21 38.73 20.17
C32 LUT MK . -36.04 39.28 20.42
C33 LUT MK . -35.23 38.86 21.57
C34 LUT MK . -34.10 39.51 21.80
C35 LUT MK . -33.26 39.19 22.92
C36 LUT MK . -43.21 39.77 16.44
C37 LUT MK . -41.88 41.78 16.89
C38 LUT MK . -40.43 37.83 14.02
C39 LUT MK . -39.10 37.21 18.46
C40 LUT MK . -35.71 37.74 22.45
O23 LUT MK . -43.48 41.19 12.40
C1 XAT NK . -30.70 25.71 26.91
C2 XAT NK . -31.61 25.24 28.02
C3 XAT NK . -31.59 26.26 29.14
C4 XAT NK . -32.47 27.37 28.61
C5 XAT NK . -31.75 28.08 27.49
C6 XAT NK . -30.83 27.22 26.59
C7 XAT NK . -30.78 27.62 25.13
C8 XAT NK . -29.68 28.26 24.75
C9 XAT NK . -29.42 28.71 23.39
C10 XAT NK . -28.26 29.31 23.17
C11 XAT NK . -27.79 29.78 21.89
C12 XAT NK . -26.50 30.11 21.89
C13 XAT NK . -25.73 30.56 20.72
C14 XAT NK . -24.54 31.10 20.96
C15 XAT NK . -23.67 31.50 19.87
C16 XAT NK . -30.97 24.87 25.68
C17 XAT NK . -29.27 25.46 27.35
C18 XAT NK . -32.54 29.16 26.74
C19 XAT NK . -30.39 28.48 22.27
C20 XAT NK . -26.25 30.36 19.34
O3 XAT NK . -32.13 25.74 30.34
O4 XAT NK . -30.33 28.14 27.55
C21 XAT NK . -13.19 35.66 13.53
C22 XAT NK . -12.50 36.43 12.43
C23 XAT NK . -13.21 36.19 11.12
C24 XAT NK . -14.46 37.02 11.24
C25 XAT NK . -15.38 36.50 12.34
C26 XAT NK . -14.72 35.77 13.53
C27 XAT NK . -15.41 35.96 14.87
C28 XAT NK . -16.07 34.90 15.33
C29 XAT NK . -16.77 34.87 16.61
C30 XAT NK . -17.69 33.93 16.80
C31 XAT NK . -18.43 33.76 18.04
C32 XAT NK . -19.63 33.20 17.96
C33 XAT NK . -20.45 32.95 19.16
C34 XAT NK . -21.62 32.34 19.01
C35 XAT NK . -22.48 32.01 20.13
C36 XAT NK . -12.61 36.16 14.86
C37 XAT NK . -12.80 34.21 13.37
C38 XAT NK . -16.52 37.41 12.77
C39 XAT NK . -16.41 35.84 17.69
C40 XAT NK . -19.97 33.38 20.50
O23 XAT NK . -12.42 36.67 10.04
O24 XAT NK . -15.48 35.09 12.53
C1 BCR OK . -46.47 17.58 2.55
C2 BCR OK . -45.53 17.04 1.49
C3 BCR OK . -45.27 15.55 1.64
C4 BCR OK . -44.69 15.28 3.01
C5 BCR OK . -45.72 15.75 4.00
C6 BCR OK . -46.23 16.97 3.91
C7 BCR OK . -46.58 17.69 5.15
C8 BCR OK . -45.63 18.19 5.93
C9 BCR OK . -45.97 18.89 7.18
C10 BCR OK . -45.09 19.74 7.68
C11 BCR OK . -45.32 20.46 8.93
C33 BCR OK . -46.17 14.79 5.07
C31 BCR OK . -47.88 17.21 2.11
C32 BCR OK . -46.35 19.09 2.59
C34 BCR OK . -47.27 18.65 7.87
C12 BCR OK . -44.26 21.07 9.44
C13 BCR OK . -44.30 21.82 10.70
C14 BCR OK . -43.13 22.22 11.22
C15 BCR OK . -43.05 22.93 12.47
C16 BCR OK . -41.86 23.30 12.92
C17 BCR OK . -41.74 23.97 14.20
C18 BCR OK . -40.55 24.35 14.67
C19 BCR OK . -40.49 24.99 15.99
C20 BCR OK . -39.50 25.74 16.43
C21 BCR OK . -39.72 26.16 17.81
C22 BCR OK . -38.80 26.61 18.63
C23 BCR OK . -39.24 26.91 19.98
C24 BCR OK . -38.50 27.53 20.90
C25 BCR OK . -39.09 27.76 22.24
C26 BCR OK . -39.00 26.77 23.14
C27 BCR OK . -39.91 26.80 24.32
C28 BCR OK . -39.74 28.16 24.94
C29 BCR OK . -40.26 29.20 23.99
C30 BCR OK . -39.72 29.10 22.58
C35 BCR OK . -45.59 22.11 11.40
C36 BCR OK . -39.29 24.08 13.93
C37 BCR OK . -37.37 26.81 18.26
C38 BCR OK . -38.03 25.63 23.04
C39 BCR OK . -38.66 30.16 22.37
C40 BCR OK . -40.92 29.45 21.70
O1 LHG PK . -19.79 55.78 15.22
C1 LHG PK . -20.79 54.79 15.41
C2 LHG PK . -21.04 54.64 16.88
O2 LHG PK . -19.92 54.13 17.55
C3 LHG PK . -22.18 53.71 17.15
O3 LHG PK . -21.55 52.51 17.53
P LHG PK . -22.49 51.23 17.79
O4 LHG PK . -23.58 51.69 18.69
O5 LHG PK . -22.48 50.50 16.51
O6 LHG PK . -21.46 50.46 18.83
C4 LHG PK . -20.85 49.30 18.39
C5 LHG PK . -20.87 48.38 19.59
C6 LHG PK . -22.15 47.57 19.61
O7 LHG PK . -19.79 47.49 19.42
C7 LHG PK . -18.87 47.55 20.42
O9 LHG PK . -18.96 48.33 21.35
C8 LHG PK . -17.80 46.56 20.23
C9 LHG PK . -16.48 47.19 20.59
C10 LHG PK . -15.51 46.16 21.11
O8 LHG PK . -22.09 46.71 18.49
C23 LHG PK . -22.51 45.43 18.68
O10 LHG PK . -23.69 45.16 18.71
C24 LHG PK . -21.51 44.32 18.75
C11 LHG PK . -14.78 46.94 22.15
C12 LHG PK . -15.22 46.44 23.49
C13 LHG PK . -15.13 47.56 24.48
C14 LHG PK . -16.22 47.47 25.52
C15 LHG PK . -16.04 48.67 26.41
C25 LHG PK . -21.40 43.64 20.08
C26 LHG PK . -19.98 43.42 20.59
C27 LHG PK . -20.15 43.44 22.08
C28 LHG PK . -19.05 44.05 22.87
C29 LHG PK . -19.34 43.67 24.30
C30 LHG PK . -19.34 44.79 25.31
C31 LHG PK . -20.04 44.51 26.61
C32 LHG PK . -19.12 44.49 27.82
C33 LHG PK . -19.49 45.68 28.67
C1 BCR QK . -46.02 16.06 26.98
C2 BCR QK . -45.50 14.84 27.75
C3 BCR QK . -45.20 13.68 26.82
C4 BCR QK . -44.14 14.05 25.80
C5 BCR QK . -44.27 15.47 25.33
C6 BCR QK . -45.33 16.21 25.63
C7 BCR QK . -45.82 17.24 24.69
C8 BCR QK . -46.45 16.98 23.55
C9 BCR QK . -46.89 18.07 22.68
C10 BCR QK . -47.76 17.85 21.69
C11 BCR QK . -48.22 18.91 20.79
C33 BCR QK . -43.15 16.06 24.53
C31 BCR QK . -45.74 17.31 27.80
C32 BCR QK . -47.52 15.89 26.78
C34 BCR QK . -46.37 19.45 22.92
C12 BCR QK . -49.11 18.60 19.84
C13 BCR QK . -49.61 19.59 18.86
C14 BCR QK . -50.40 19.18 17.85
C15 BCR QK . -50.90 20.11 16.84
C16 BCR QK . -51.51 19.61 15.76
C17 BCR QK . -52.03 20.46 14.69
C18 BCR QK . -52.70 19.94 13.65
C19 BCR QK . -53.20 20.84 12.57
C20 BCR QK . -53.80 20.36 11.49
C21 BCR QK . -54.26 21.29 10.46
C22 BCR QK . -55.03 20.95 9.42
C23 BCR QK . -55.43 21.98 8.45
C24 BCR QK . -55.89 21.64 7.24
C25 BCR QK . -56.30 22.63 6.21
C26 BCR QK . -55.38 23.38 5.60
C27 BCR QK . -55.73 24.77 5.11
C28 BCR QK . -57.02 24.66 4.33
C29 BCR QK . -58.11 24.09 5.22
C30 BCR QK . -57.77 22.72 5.80
C35 BCR QK . -49.22 21.03 18.99
C36 BCR QK . -52.92 18.46 13.54
C37 BCR QK . -55.50 19.53 9.24
C38 BCR QK . -53.99 22.88 5.36
C39 BCR QK . -58.06 21.65 4.77
C40 BCR QK . -58.67 22.48 7.01
C1 LMG RK . -44.20 24.10 34.55
O1 LMG RK . -43.84 24.89 33.44
C2 LMG RK . -44.67 25.09 35.66
O2 LMG RK . -43.50 25.67 36.15
C3 LMG RK . -45.28 24.23 36.80
O3 LMG RK . -45.75 25.13 37.74
C4 LMG RK . -46.47 23.41 36.23
O4 LMG RK . -47.37 24.27 35.64
C5 LMG RK . -45.87 22.51 35.10
O5 LMG RK . -47.09 22.11 33.17
C6 LMG RK . -47.00 21.68 34.49
O6 LMG RK . -45.31 23.31 34.08
C7 LMG RK . -44.92 25.50 32.75
C8 LMG RK . -44.80 25.03 31.26
C9 LMG RK . -43.54 25.64 30.67
O7 LMG RK . -44.58 23.63 31.25
C10 LMG RK . -45.38 22.84 30.49
O9 LMG RK . -46.32 22.26 31.01
C11 LMG RK . -44.77 22.52 29.15
C12 LMG RK . -45.08 21.10 28.72
C13 LMG RK . -45.89 21.05 27.46
C14 LMG RK . -47.31 21.45 27.81
C15 LMG RK . -48.17 20.21 27.87
C16 LMG RK . -48.31 19.65 26.46
C17 LMG RK . -49.63 18.92 26.39
C18 LMG RK . -50.05 18.92 24.93
C19 LMG RK . -50.08 17.49 24.44
C20 LMG RK . -51.09 17.43 23.30
C21 LMG RK . -51.69 16.05 23.29
C22 LMG RK . -52.42 15.91 21.98
C23 LMG RK . -51.39 15.69 20.92
C24 LMG RK . -52.14 15.06 19.77
C25 LMG RK . -51.31 15.23 18.52
C26 LMG RK . -52.03 14.51 17.38
C27 LMG RK . -53.27 15.27 16.99
O8 LMG RK . -43.97 26.75 29.94
C28 LMG RK . -43.27 27.05 28.83
O10 LMG RK . -42.64 26.16 28.28
C29 LMG RK . -43.07 28.51 28.60
C30 LMG RK . -42.63 28.77 27.17
C31 LMG RK . -42.12 30.18 27.09
C32 LMG RK . -42.96 30.88 26.02
C33 LMG RK . -42.15 32.04 25.51
C34 LMG RK . -43.08 32.99 24.80
MG CLA SK . -40.10 15.01 0.10
CHA CLA SK . -39.37 17.83 1.95
CHB CLA SK . -37.33 13.50 1.33
CHC CLA SK . -40.98 12.16 -1.57
CHD CLA SK . -43.02 16.60 -1.07
NA CLA SK . -38.60 15.60 1.42
C1A CLA SK . -38.48 16.81 2.10
C2A CLA SK . -37.24 16.80 2.98
C3A CLA SK . -36.57 15.45 2.69
C4A CLA SK . -37.56 14.78 1.75
CMA CLA SK . -35.18 15.56 2.12
CAA CLA SK . -37.67 16.72 4.42
CBA CLA SK . -36.51 17.08 5.32
CGA CLA SK . -36.73 16.51 6.68
O1A CLA SK . -36.10 16.74 7.71
O2A CLA SK . -37.76 15.60 6.76
NB CLA SK . -39.30 13.19 -0.09
C1B CLA SK . -38.16 12.76 0.49
C2B CLA SK . -37.87 11.36 0.10
C3B CLA SK . -38.90 10.97 -0.72
C4B CLA SK . -39.82 12.13 -0.85
CMB CLA SK . -36.69 10.67 0.60
CAB CLA SK . -39.17 9.73 -1.37
CBB CLA SK . -38.31 9.01 -2.07
NC CLA SK . -41.69 14.49 -1.14
C1C CLA SK . -41.85 13.27 -1.72
C2C CLA SK . -43.08 13.24 -2.49
C3C CLA SK . -43.66 14.49 -2.34
C4C CLA SK . -42.78 15.28 -1.49
CMC CLA SK . -43.56 12.08 -3.24
CAC CLA SK . -44.91 14.98 -2.93
CBC CLA SK . -44.66 15.76 -4.19
ND CLA SK . -41.01 16.79 0.29
C1D CLA SK . -42.20 17.32 -0.24
C2D CLA SK . -42.37 18.69 0.24
C3D CLA SK . -41.33 18.94 1.08
C4D CLA SK . -40.50 17.72 1.09
CMD CLA SK . -43.45 19.59 -0.10
CAD CLA SK . -40.71 19.91 1.93
OBD CLA SK . -41.08 21.04 2.20
CBD CLA SK . -39.46 19.22 2.54
CGD CLA SK . -38.20 20.01 2.32
O1D CLA SK . -37.17 19.98 2.99
O2D CLA SK . -38.27 20.84 1.26
CED CLA SK . -37.19 21.76 1.10
C1 CLA SK . -38.65 15.86 7.85
C2 CLA SK . -39.14 14.58 8.43
C3 CLA SK . -40.37 14.47 8.94
C4 CLA SK . -41.32 15.61 8.98
C5 CLA SK . -40.80 13.17 9.52
C6 CLA SK . -41.97 12.48 8.83
C7 CLA SK . -43.23 12.55 9.68
C8 CLA SK . -43.43 11.44 10.72
C9 CLA SK . -42.69 10.16 10.41
C10 CLA SK . -44.92 11.13 10.81
C11 CLA SK . -45.52 11.48 12.15
C12 CLA SK . -46.99 11.77 12.04
C13 CLA SK . -47.83 10.59 12.52
C14 CLA SK . -48.35 9.79 11.34
C15 CLA SK . -48.96 11.06 13.41
C16 CLA SK . -50.10 11.66 12.63
C17 CLA SK . -51.45 11.21 13.16
C18 CLA SK . -52.36 10.69 12.06
C19 CLA SK . -52.72 9.24 12.29
C20 CLA SK . -53.61 11.55 11.94
MG CLA TK . -38.42 4.16 -6.65
CHA CLA TK . -38.12 6.83 -8.79
CHB CLA TK . -36.88 2.17 -8.94
CHC CLA TK . -38.54 1.59 -4.40
CHD CLA TK . -39.85 6.33 -4.25
NA CLA TK . -37.65 4.47 -8.56
C1A CLA TK . -37.59 5.67 -9.27
C2A CLA TK . -36.90 5.47 -10.61
C3A CLA TK . -36.68 3.95 -10.66
C4A CLA TK . -37.08 3.48 -9.29
CMA CLA TK . -37.59 3.38 -11.69
CAA CLA TK . -35.54 6.13 -10.66
CBA CLA TK . -34.72 5.98 -9.41
CGA CLA TK . -33.72 4.88 -9.59
O1A CLA TK . -32.79 4.82 -10.38
O2A CLA TK . -33.92 3.83 -8.74
NB CLA TK . -37.78 2.26 -6.65
C1B CLA TK . -37.23 1.62 -7.70
C2B CLA TK . -37.10 0.18 -7.40
C3B CLA TK . -37.56 0.00 -6.13
C4B CLA TK . -38.00 1.32 -5.62
CMB CLA TK . -36.55 -0.74 -8.38
CAB CLA TK . -37.64 -1.20 -5.34
CBB CLA TK . -36.61 -2.00 -5.08
NC CLA TK . -39.13 3.99 -4.71
C1C CLA TK . -39.08 2.83 -3.98
C2C CLA TK . -39.64 3.08 -2.66
C3C CLA TK . -39.98 4.43 -2.61
C4C CLA TK . -39.65 4.99 -3.90
CMC CLA TK . -39.77 2.09 -1.61
CAC CLA TK . -40.57 5.14 -1.48
CBC CLA TK . -39.52 5.78 -0.61
ND CLA TK . -39.02 6.08 -6.53
C1D CLA TK . -39.57 6.85 -5.49
C2D CLA TK . -39.77 8.23 -5.97
C3D CLA TK . -39.28 8.26 -7.24
C4D CLA TK . -38.78 6.92 -7.53
CMD CLA TK . -40.39 9.30 -5.19
CAD CLA TK . -39.00 9.07 -8.40
OBD CLA TK . -39.27 10.24 -8.61
CBD CLA TK . -38.26 8.18 -9.42
CGD CLA TK . -39.14 7.94 -10.60
O1D CLA TK . -39.98 7.06 -10.74
O2D CLA TK . -38.96 8.82 -11.62
CED CLA TK . -38.72 8.26 -12.90
C1 CLA TK . -33.24 2.61 -9.07
C2 CLA TK . -33.02 1.86 -7.81
C3 CLA TK . -32.88 0.53 -7.79
C4 CLA TK . -32.91 -0.28 -9.03
C5 CLA TK . -32.66 -0.23 -6.54
C6 CLA TK . -32.03 0.59 -5.43
C7 CLA TK . -31.97 -0.21 -4.15
C8 CLA TK . -31.13 0.49 -3.09
C9 CLA TK . -29.65 0.29 -3.34
C10 CLA TK . -31.49 0.00 -1.71
C11 CLA TK . -31.87 1.16 -0.82
C12 CLA TK . -32.39 0.72 0.52
C13 CLA TK . -32.87 1.92 1.33
C14 CLA TK . -31.76 2.91 1.54
C15 CLA TK . -33.45 1.46 2.66
MG CLA UK . -35.50 -7.20 -4.41
CHA CLA UK . -34.09 -7.66 -7.54
CHB CLA UK . -33.93 -4.24 -4.11
CHC CLA UK . -36.82 -6.87 -1.24
CHD CLA UK . -36.93 -10.44 -4.63
NA CLA UK . -34.25 -6.12 -5.67
C1A CLA UK . -33.78 -6.45 -6.95
C2A CLA UK . -32.86 -5.35 -7.49
C3A CLA UK . -32.87 -4.29 -6.37
C4A CLA UK . -33.75 -4.90 -5.30
CMA CLA UK . -31.48 -4.00 -5.85
CAA CLA UK . -33.30 -4.70 -8.80
CBA CLA UK . -32.13 -4.04 -9.49
CGA CLA UK . -32.06 -4.42 -10.94
O1A CLA UK . -32.95 -4.42 -11.78
O2A CLA UK . -30.82 -4.83 -11.34
NB CLA UK . -35.45 -5.79 -2.99
C1B CLA UK . -34.69 -4.67 -3.03
C2B CLA UK . -34.76 -3.96 -1.74
C3B CLA UK . -35.57 -4.69 -0.93
C4B CLA UK . -36.02 -5.88 -1.70
CMB CLA UK . -34.04 -2.73 -1.47
CAB CLA UK . -35.92 -4.45 0.45
NC CLA UK . -36.70 -8.41 -3.19
C1C CLA UK . -37.15 -8.06 -1.95
C2C CLA UK . -38.00 -9.10 -1.41
C3C CLA UK . -37.98 -10.14 -2.33
C4C CLA UK . -37.17 -9.69 -3.46
CMC CLA UK . -38.67 -9.06 -0.11
CAC CLA UK . -38.70 -11.40 -2.24
CBC CLA UK . -40.10 -11.26 -2.78
ND CLA UK . -35.57 -8.71 -5.73
C1D CLA UK . -36.17 -10.01 -5.68
C2D CLA UK . -35.86 -10.71 -6.93
C3D CLA UK . -35.10 -9.85 -7.69
C4D CLA UK . -34.94 -8.62 -6.89
CMD CLA UK . -36.29 -12.06 -7.24
CAD CLA UK . -34.40 -9.67 -8.94
OBD CLA UK . -34.33 -10.40 -9.91
CBD CLA UK . -33.70 -8.29 -8.85
CGD CLA UK . -32.23 -8.45 -8.97
O1D CLA UK . -31.56 -8.58 -10.01
O2D CLA UK . -31.58 -8.47 -7.77
CED CLA UK . -30.33 -7.80 -7.65
MG CLA VK . -51.86 -15.26 2.57
CHA CLA VK . -52.44 -17.82 4.82
CHB CLA VK . -48.83 -16.58 1.85
CHC CLA VK . -51.41 -12.83 0.19
CHD CLA VK . -55.03 -13.92 3.35
NA CLA VK . -50.82 -16.93 3.26
C1A CLA VK . -51.23 -17.89 4.18
C2A CLA VK . -50.15 -18.95 4.37
C3A CLA VK . -48.96 -18.43 3.53
C4A CLA VK . -49.57 -17.23 2.81
CMA CLA VK . -47.84 -18.00 4.43
CAA CLA VK . -50.55 -20.33 3.87
CBA CLA VK . -50.43 -20.54 2.37
CGA CLA VK . -51.75 -20.32 1.69
O1A CLA VK . -52.46 -19.32 1.73
O2A CLA VK . -52.19 -21.38 0.95
NB CLA VK . -50.39 -14.78 1.29
C1B CLA VK . -49.24 -15.46 1.13
C2B CLA VK . -48.42 -14.84 0.07
C3B CLA VK . -49.14 -13.77 -0.42
C4B CLA VK . -50.41 -13.73 0.35
CMB CLA VK . -47.12 -15.39 -0.30
CAB CLA VK . -48.84 -12.82 -1.45
CBB CLA VK . -48.40 -13.12 -2.68
NC CLA VK . -53.02 -13.66 1.91
C1C CLA VK . -52.63 -12.80 0.92
C2C CLA VK . -53.68 -11.81 0.71
C3C CLA VK . -54.70 -12.10 1.60
C4C CLA VK . -54.28 -13.28 2.35
CMC CLA VK . -53.61 -10.73 -0.26
CAC CLA VK . -55.97 -11.38 1.77
CBC CLA VK . -57.06 -11.93 0.87
ND CLA VK . -53.40 -15.69 3.79
C1D CLA VK . -54.64 -15.05 4.03
C2D CLA VK . -55.38 -15.80 5.07
C3D CLA VK . -54.59 -16.88 5.40
C4D CLA VK . -53.36 -16.76 4.58
CMD CLA VK . -56.69 -15.44 5.57
CAD CLA VK . -54.46 -18.06 6.21
OBD CLA VK . -55.23 -18.54 7.02
CBD CLA VK . -53.07 -18.69 5.87
CGD CLA VK . -52.18 -18.76 7.07
O1D CLA VK . -51.44 -17.87 7.49
O2D CLA VK . -52.22 -19.95 7.71
CED CLA VK . -51.61 -20.04 8.99
C1 CLA VK . -51.35 -21.83 -0.13
C2 CLA VK . -51.91 -21.34 -1.42
C3 CLA VK . -52.60 -22.10 -2.30
C4 CLA VK . -53.13 -21.54 -3.57
C5 CLA VK . -52.87 -23.54 -2.05
MG CLA WK . -46.58 -20.54 -1.59
CHA CLA WK . -48.57 -22.73 -3.37
CHB CLA WK . -45.96 -18.81 -4.45
CHC CLA WK . -44.73 -18.32 0.22
CHD CLA WK . -47.23 -22.38 1.36
NA CLA WK . -47.19 -20.76 -3.58
C1A CLA WK . -48.05 -21.72 -4.13
C2A CLA WK . -48.24 -21.50 -5.63
C3A CLA WK . -47.29 -20.34 -5.93
C4A CLA WK . -46.78 -19.91 -4.57
CMA CLA WK . -46.18 -20.79 -6.85
CAA CLA WK . -49.65 -21.06 -5.97
CBA CLA WK . -49.96 -21.37 -7.42
CGA CLA WK . -51.42 -21.26 -7.68
O1A CLA WK . -52.36 -21.74 -7.03
O2A CLA WK . -51.70 -20.53 -8.81
NB CLA WK . -45.54 -18.89 -2.03
C1B CLA WK . -45.43 -18.34 -3.25
C2B CLA WK . -44.60 -17.12 -3.18
C3B CLA WK . -44.23 -16.96 -1.86
C4B CLA WK . -44.84 -18.10 -1.11
CMB CLA WK . -44.30 -16.32 -4.36
CAB CLA WK . -43.43 -15.96 -1.20
CBB CLA WK . -43.70 -14.66 -1.17
NC CLA WK . -46.06 -20.40 0.43
C1C CLA WK . -45.30 -19.40 0.95
C2C CLA WK . -45.14 -19.58 2.38
C3C CLA WK . -45.85 -20.73 2.71
C4C CLA WK . -46.43 -21.24 1.47
CMC CLA WK . -44.38 -18.67 3.24
CAC CLA WK . -45.98 -21.31 4.05
ND CLA WK . -47.62 -22.17 -1.06
C1D CLA WK . -47.81 -22.82 0.18
C2D CLA WK . -48.65 -24.01 -0.03
C3D CLA WK . -48.94 -24.05 -1.38
C4D CLA WK . -48.29 -22.86 -1.97
CMD CLA WK . -49.04 -24.93 1.03
CAD CLA WK . -49.63 -24.74 -2.46
OBD CLA WK . -50.30 -25.77 -2.43
CBD CLA WK . -49.42 -23.92 -3.76
CGD CLA WK . -48.72 -24.69 -4.84
O1D CLA WK . -47.51 -24.68 -5.11
O2D CLA WK . -49.52 -25.47 -5.60
CED CLA WK . -49.10 -25.72 -6.95
C1 CLA WK . -53.08 -20.18 -9.09
C2 CLA WK . -53.13 -19.56 -10.44
C3 CLA WK . -52.79 -18.29 -10.71
C4 CLA WK . -52.86 -17.75 -12.08
C5 CLA WK . -52.31 -17.39 -9.63
C6 CLA WK . -52.99 -16.03 -9.51
C7 CLA WK . -53.23 -15.72 -8.04
C8 CLA WK . -52.96 -14.28 -7.68
C9 CLA WK . -53.96 -13.39 -8.38
C10 CLA WK . -51.55 -13.85 -8.07
C11 CLA WK . -50.85 -13.14 -6.92
C12 CLA WK . -49.79 -12.20 -7.43
C13 CLA WK . -48.42 -12.51 -6.85
C14 CLA WK . -47.95 -11.38 -5.97
C15 CLA WK . -47.41 -12.77 -7.97
C16 CLA WK . -46.01 -12.99 -7.45
C17 CLA WK . -45.35 -14.19 -8.09
C18 CLA WK . -44.57 -13.80 -9.33
C19 CLA WK . -43.15 -13.43 -8.97
C20 CLA WK . -44.57 -14.95 -10.31
MG CLA XK . -40.40 -18.11 4.89
CHA CLA XK . -39.98 -19.13 8.17
CHB CLA XK . -39.47 -14.99 5.74
CHC CLA XK . -40.69 -17.18 1.60
CHD CLA XK . -41.46 -21.36 4.05
NA CLA XK . -39.81 -17.23 6.69
C1A CLA XK . -39.68 -17.82 7.94
C2A CLA XK . -39.18 -16.79 8.96
C3A CLA XK . -39.14 -15.48 8.17
C4A CLA XK . -39.47 -15.92 6.75
CMA CLA XK . -40.14 -14.48 8.65
CAA CLA XK . -37.76 -17.10 9.40
CBA CLA XK . -37.26 -16.15 10.47
NB CLA XK . -40.04 -16.43 3.85
C1B CLA XK . -39.79 -15.23 4.39
C2B CLA XK . -39.98 -14.15 3.39
C3B CLA XK . -40.32 -14.77 2.22
C4B CLA XK . -40.36 -16.23 2.50
CMB CLA XK . -39.81 -12.74 3.68
CAB CLA XK . -40.61 -14.21 0.93
NC CLA XK . -40.96 -19.10 3.15
C1C CLA XK . -40.96 -18.53 1.91
C2C CLA XK . -41.33 -19.51 0.91
C3C CLA XK . -41.63 -20.68 1.60
C4C CLA XK . -41.38 -20.43 3.01
CMC CLA XK . -41.37 -19.21 -0.51
CAC CLA XK . -42.08 -21.94 0.99
CBC CLA XK . -40.98 -22.97 0.87
ND CLA XK . -40.76 -19.85 5.84
C1D CLA XK . -41.16 -21.11 5.37
C2D CLA XK . -41.18 -22.05 6.49
C3D CLA XK . -40.77 -21.35 7.60
C4D CLA XK . -40.50 -19.98 7.13
CMD CLA XK . -41.56 -23.46 6.38
CAD CLA XK . -40.48 -21.39 9.02
OBD CLA XK . -40.59 -22.30 9.81
CBD CLA XK . -39.95 -19.99 9.41
CGD CLA XK . -40.80 -19.39 10.48
O1D CLA XK . -41.65 -18.52 10.35
O2D CLA XK . -40.59 -19.91 11.71
CED CLA XK . -40.91 -19.09 12.83
MG CLA YK . -47.63 -12.32 -15.92
CHA CLA YK . -47.73 -10.48 -13.01
CHB CLA YK . -49.01 -14.96 -14.33
CHC CLA YK . -47.54 -14.07 -18.87
CHD CLA YK . -46.30 -9.51 -17.58
NA CLA YK . -48.27 -12.64 -13.97
C1A CLA YK . -48.24 -11.75 -12.89
C2A CLA YK . -48.85 -12.38 -11.65
C3A CLA YK . -49.15 -13.83 -12.10
C4A CLA YK . -48.81 -13.82 -13.58
CMA CLA YK . -48.30 -14.84 -11.38
CAA CLA YK . -50.17 -11.74 -11.24
CBA CLA YK . -50.99 -11.28 -12.43
CGA CLA YK . -52.44 -11.06 -12.12
O1A CLA YK . -53.40 -11.68 -12.56
O2A CLA YK . -52.67 -10.03 -11.26
NB CLA YK . -48.11 -14.19 -16.48
C1B CLA YK . -48.71 -15.11 -15.70
C2B CLA YK . -48.98 -16.34 -16.49
C3B CLA YK . -48.56 -16.08 -17.77
C4B CLA YK . -48.01 -14.71 -17.79
CMB CLA YK . -49.62 -17.53 -15.93
CAB CLA YK . -48.62 -16.90 -18.95
CBB CLA YK . -49.55 -16.76 -19.89
NC CLA YK . -47.02 -11.86 -17.86
C1C CLA YK . -47.08 -12.72 -18.91
C2C CLA YK . -46.59 -12.06 -20.11
C3C CLA YK . -46.26 -10.78 -19.73
C4C CLA YK . -46.54 -10.65 -18.32
CMC CLA YK . -46.49 -12.66 -21.44
CAC CLA YK . -45.73 -9.69 -20.53
CBC CLA YK . -46.82 -8.88 -21.20
ND CLA YK . -47.16 -10.41 -15.49
C1D CLA YK . -46.58 -9.38 -16.25
C2D CLA YK . -46.34 -8.21 -15.40
C3D CLA YK . -46.73 -8.59 -14.13
C4D CLA YK . -47.24 -9.96 -14.25
CMD CLA YK . -45.76 -6.95 -15.86
CAD CLA YK . -46.89 -8.19 -12.77
OBD CLA YK . -46.63 -7.12 -12.26
CBD CLA YK . -47.47 -9.40 -12.00
CGD CLA YK . -46.43 -9.89 -11.07
O1D CLA YK . -45.82 -10.96 -11.12
O2D CLA YK . -46.11 -9.03 -10.09
CED CLA YK . -46.89 -9.15 -8.90
C1 CLA YK . -54.00 -9.47 -11.26
C2 CLA YK . -54.77 -10.06 -10.15
C3 CLA YK . -56.04 -10.46 -10.24
C4 CLA YK . -56.81 -10.34 -11.50
C5 CLA YK . -56.75 -11.06 -9.08
C6 CLA YK . -57.94 -10.25 -8.61
MG CLA ZK . -38.36 -12.94 -10.29
CHA CLA ZK . -37.45 -9.71 -11.09
CHB CLA ZK . -36.77 -14.06 -13.07
CHC CLA ZK . -38.79 -16.14 -9.19
CHD CLA ZK . -39.91 -11.71 -7.38
NA CLA ZK . -37.41 -12.00 -11.87
C1A CLA ZK . -37.08 -10.65 -12.02
C2A CLA ZK . -36.35 -10.42 -13.33
C3A CLA ZK . -36.52 -11.76 -14.07
C4A CLA ZK . -36.93 -12.70 -12.94
CMA CLA ZK . -37.61 -11.62 -15.07
CAA CLA ZK . -34.87 -10.02 -13.15
CBA CLA ZK . -33.87 -11.15 -13.13
CGA CLA ZK . -32.47 -10.61 -13.12
O1A CLA ZK . -31.96 -9.74 -13.83
O2A CLA ZK . -31.71 -11.20 -12.16
NB CLA ZK . -37.92 -14.76 -11.03
C1B CLA ZK . -37.12 -14.99 -12.10
C2B CLA ZK . -36.68 -16.40 -12.12
C3B CLA ZK . -37.25 -17.00 -11.02
C4B CLA ZK . -38.06 -15.97 -10.33
CMB CLA ZK . -35.81 -16.90 -13.18
CAB CLA ZK . -37.19 -18.34 -10.52
CBB CLA ZK . -37.25 -19.47 -11.23
NC CLA ZK . -39.30 -13.77 -8.63
C1C CLA ZK . -39.40 -15.11 -8.42
C2C CLA ZK . -40.10 -15.34 -7.17
C3C CLA ZK . -40.38 -14.11 -6.61
C4C CLA ZK . -39.88 -13.11 -7.55
CMC CLA ZK . -40.36 -16.67 -6.61
CAC CLA ZK . -41.02 -13.87 -5.31
CBC CLA ZK . -42.42 -13.30 -5.34
ND CLA ZK . -38.80 -11.15 -9.48
C1D CLA ZK . -39.40 -10.80 -8.25
C2D CLA ZK . -39.32 -9.33 -8.07
C3D CLA ZK . -38.56 -8.86 -9.12
C4D CLA ZK . -38.25 -10.04 -9.96
CMD CLA ZK . -39.86 -8.62 -6.94
CAD CLA ZK . -37.98 -7.71 -9.78
OBD CLA ZK . -38.03 -6.53 -9.48
CBD CLA ZK . -37.21 -8.23 -11.01
CGD CLA ZK . -37.69 -7.58 -12.27
O1D CLA ZK . -38.84 -7.58 -12.72
O2D CLA ZK . -36.71 -6.95 -12.95
CED CLA ZK . -37.09 -6.03 -13.97
MG CLA AL . -52.57 -3.04 -10.85
CHA CLA AL . -53.30 -3.27 -14.21
CHB CLA AL . -53.96 0.06 -10.79
CHC CLA AL . -52.42 -3.10 -7.46
CHD CLA AL . -51.23 -6.27 -10.98
NA CLA AL . -53.38 -1.79 -12.31
C1A CLA AL . -53.66 -2.09 -13.63
C2A CLA AL . -54.30 -0.88 -14.33
C3A CLA AL . -54.07 0.24 -13.30
C4A CLA AL . -53.80 -0.52 -12.02
CMA CLA AL . -52.87 1.03 -13.72
CAA CLA AL . -55.77 -1.09 -14.61
CBA CLA AL . -56.52 -1.93 -13.59
CGA CLA AL . -56.98 -1.07 -12.44
O1A CLA AL . -57.51 0.03 -12.48
O2A CLA AL . -56.71 -1.59 -11.20
NB CLA AL . -53.15 -1.78 -9.39
C1B CLA AL . -53.67 -0.56 -9.56
C2B CLA AL . -53.86 0.11 -8.25
C3B CLA AL . -53.42 -0.79 -7.29
C4B CLA AL . -52.95 -1.99 -8.02
CMB CLA AL . -54.41 1.47 -8.18
CAB CLA AL . -53.32 -0.75 -5.86
CBB CLA AL . -53.76 0.16 -4.99
NC CLA AL . -51.83 -4.40 -9.47
C1C CLA AL . -51.85 -4.22 -8.13
C2C CLA AL . -51.30 -5.40 -7.47
C3C CLA AL . -50.98 -6.31 -8.46
C4C CLA AL . -51.33 -5.67 -9.72
CMC CLA AL . -51.16 -5.56 -6.03
CAC CLA AL . -50.42 -7.66 -8.30
CBC CLA AL . -51.47 -8.72 -8.22
ND CLA AL . -52.05 -4.36 -12.28
C1D CLA AL . -51.57 -5.68 -12.18
C2D CLA AL . -51.54 -6.29 -13.51
C3D CLA AL . -52.21 -5.41 -14.33
C4D CLA AL . -52.55 -4.25 -13.50
CMD CLA AL . -51.00 -7.61 -13.81
CAD CLA AL . -52.64 -5.12 -15.67
OBD CLA AL . -52.41 -5.72 -16.71
CBD CLA AL . -53.48 -3.83 -15.60
CGD CLA AL . -53.01 -2.88 -16.65
O1D CLA AL . -52.23 -1.95 -16.47
O2D CLA AL . -53.49 -3.09 -17.90
CED CLA AL . -52.92 -2.33 -18.96
C1 CLA AL . -57.76 -1.45 -10.22
C2 CLA AL . -57.11 -1.01 -8.97
C3 CLA AL . -57.64 -1.20 -7.75
C4 CLA AL . -56.91 -0.71 -6.56
C5 CLA AL . -58.96 -1.86 -7.53
C6 CLA AL . -59.31 -2.15 -6.08
C7 CLA AL . -59.06 -3.60 -5.72
C8 CLA AL . -58.85 -3.82 -4.24
C9 CLA AL . -57.79 -2.90 -3.69
C10 CLA AL . -58.44 -5.27 -3.98
C11 CLA AL . -58.22 -5.54 -2.52
C12 CLA AL . -58.03 -7.02 -2.29
C13 CLA AL . -57.24 -7.28 -1.02
C14 CLA AL . -56.61 -8.66 -1.08
C15 CLA AL . -58.15 -7.19 0.20
MG CLA BL . -51.45 11.74 -0.39
CHA CLA BL . -52.99 10.47 -3.20
CHB CLA BL . -52.58 14.83 -1.18
CHC CLA BL . -50.15 12.89 2.54
CHD CLA BL . -50.15 8.54 0.31
NA CLA BL . -52.60 12.50 -1.96
C1A CLA BL . -53.15 11.81 -3.03
C2A CLA BL . -53.94 12.75 -3.93
C3A CLA BL . -53.55 14.14 -3.40
C4A CLA BL . -52.89 13.82 -2.07
CMA CLA BL . -52.61 14.83 -4.33
CAA CLA BL . -55.41 12.57 -3.64
CBA CLA BL . -56.19 12.08 -4.84
NB CLA BL . -51.34 13.53 0.49
C1B CLA BL . -51.95 14.65 0.05
C2B CLA BL . -51.84 15.71 1.07
C3B CLA BL . -51.16 15.18 2.14
C4B CLA BL . -50.83 13.78 1.78
CMB CLA BL . -52.38 17.05 0.88
CAB CLA BL . -50.82 15.77 3.40
CBB CLA BL . -51.35 15.45 4.58
NC CLA BL . -50.32 10.87 1.12
C1C CLA BL . -49.89 11.54 2.23
C2C CLA BL . -49.15 10.63 3.09
C3C CLA BL . -49.14 9.40 2.46
C4C CLA BL . -49.87 9.55 1.22
CMC CLA BL . -48.57 11.03 4.37
CAC CLA BL . -48.52 8.15 2.95
CBC CLA BL . -47.05 8.07 2.69
ND CLA BL . -51.53 9.91 -1.19
C1D CLA BL . -50.94 8.68 -0.81
C2D CLA BL . -51.34 7.65 -1.78
C3D CLA BL . -52.14 8.27 -2.70
C4D CLA BL . -52.20 9.69 -2.31
CMD CLA BL . -50.97 6.25 -1.66
CAD CLA BL . -52.96 8.13 -3.89
OBD CLA BL . -53.26 7.13 -4.51
CBD CLA BL . -53.42 9.55 -4.30
CGD CLA BL . -52.73 9.97 -5.53
O1D CLA BL . -51.76 10.72 -5.62
O2D CLA BL . -53.24 9.47 -6.68
CED CLA BL . -54.03 10.35 -7.47
MG CLA CL . -54.73 2.92 -0.09
CHA CLA CL . -56.23 4.86 -2.53
CHB CLA CL . -56.07 0.15 -1.47
CHC CLA CL . -53.54 1.08 2.57
CHD CLA CL . -53.67 5.87 1.52
NA CLA CL . -55.87 2.57 -1.79
C1A CLA CL . -56.42 3.51 -2.68
C2A CLA CL . -57.23 2.81 -3.77
C3A CLA CL . -57.09 1.31 -3.41
C4A CLA CL . -56.27 1.32 -2.14
CMA CLA CL . -58.43 0.72 -3.12
CAA CLA CL . -56.72 2.98 -5.20
CBA CLA CL . -57.88 2.86 -6.15
NB CLA CL . -54.72 0.97 0.40
C1B CLA CL . -55.37 0.01 -0.27
C2B CLA CL . -55.28 -1.28 0.47
C3B CLA CL . -54.56 -1.02 1.62
C4B CLA CL . -54.20 0.42 1.59
CMB CLA CL . -55.92 -2.48 -0.03
CAB CLA CL . -54.18 -1.84 2.75
CBB CLA CL . -53.79 -3.12 2.72
NC CLA CL . -53.69 3.38 1.66
C1C CLA CL . -53.29 2.47 2.59
C2C CLA CL . -52.62 3.15 3.70
C3C CLA CL . -52.69 4.52 3.41
C4C CLA CL . -53.38 4.64 2.15
CMC CLA CL . -52.05 2.50 4.87
CAC CLA CL . -52.18 5.62 4.22
CBC CLA CL . -53.23 6.19 5.14
ND CLA CL . -54.76 4.90 -0.45
C1D CLA CL . -54.33 6.00 0.33
C2D CLA CL . -54.70 7.24 -0.34
C3D CLA CL . -55.42 6.87 -1.46
C4D CLA CL . -55.46 5.40 -1.45
CMD CLA CL . -54.36 8.56 0.17
CAD CLA CL . -56.14 7.32 -2.62
OBD CLA CL . -56.30 8.44 -3.07
CBD CLA CL . -56.76 6.06 -3.28
CGD CLA CL . -58.25 6.12 -3.19
O1D CLA CL . -58.96 5.64 -2.31
O2D CLA CL . -58.83 6.81 -4.21
MG CLA DL . -42.30 1.78 12.03
CHA CLA DL . -42.16 1.54 15.49
CHB CLA DL . -45.49 2.95 12.21
CHC CLA DL . -42.29 2.25 8.64
CHD CLA DL . -38.85 1.02 11.91
NA CLA DL . -43.62 2.12 13.60
C1A CLA DL . -43.36 1.98 14.97
C2A CLA DL . -44.59 2.42 15.76
C3A CLA DL . -45.60 2.83 14.70
C4A CLA DL . -44.86 2.61 13.39
CMA CLA DL . -46.90 2.09 14.81
CAA CLA DL . -44.30 3.69 16.53
CBA CLA DL . -43.91 4.89 15.70
CGA CLA DL . -42.43 5.00 15.65
O1A CLA DL . -41.61 4.53 16.43
O2A CLA DL . -41.94 5.69 14.58
NB CLA DL . -43.64 2.42 10.68
C1B CLA DL . -44.91 2.84 10.93
C2B CLA DL . -45.61 3.18 9.67
C3B CLA DL . -44.70 2.98 8.67
C4B CLA DL . -43.45 2.52 9.29
CMB CLA DL . -46.97 3.68 9.61
CAB CLA DL . -44.82 3.21 7.26
CBB CLA DL . -44.80 2.29 6.30
NC CLA DL . -40.85 1.57 10.55
C1C CLA DL . -41.08 1.82 9.24
C2C CLA DL . -39.87 1.59 8.47
C3C CLA DL . -38.86 1.29 9.38
C4C CLA DL . -39.51 1.30 10.70
CMC CLA DL . -39.81 1.73 7.02
CAC CLA DL . -37.47 1.00 9.08
CBC CLA DL . -36.61 2.22 8.76
ND CLA DL . -40.85 1.25 13.33
C1D CLA DL . -39.47 1.00 13.14
C2D CLA DL . -38.87 0.69 14.45
C3D CLA DL . -39.87 0.80 15.37
C4D CLA DL . -41.07 1.22 14.63
CMD CLA DL . -37.47 0.33 14.68
CAD CLA DL . -40.23 0.73 16.75
OBD CLA DL . -39.58 0.33 17.69
CBD CLA DL . -41.66 1.26 16.89
CGD CLA DL . -42.49 0.23 17.58
O1D CLA DL . -42.22 -0.97 17.66
O2D CLA DL . -43.61 0.68 18.15
CED CLA DL . -44.06 -0.01 19.31
C1 CLA DL . -41.87 5.00 13.32
C2 CLA DL . -40.45 4.85 12.92
C3 CLA DL . -39.97 5.27 11.75
C4 CLA DL . -38.54 5.09 11.39
C5 CLA DL . -40.85 5.93 10.74
C6 CLA DL . -40.35 5.88 9.31
C7 CLA DL . -41.53 5.93 8.37
C8 CLA DL . -41.22 6.55 7.02
C9 CLA DL . -40.38 7.80 7.15
C10 CLA DL . -42.47 6.83 6.17
C11 CLA DL . -43.77 7.00 6.94
C12 CLA DL . -44.02 8.41 7.43
C13 CLA DL . -44.98 9.21 6.55
C14 CLA DL . -44.26 10.36 5.90
C15 CLA DL . -46.14 9.75 7.38
C16 CLA DL . -46.92 8.65 8.05
C17 CLA DL . -47.67 7.82 7.04
C18 CLA DL . -48.83 7.10 7.71
C19 CLA DL . -49.86 8.08 8.19
C20 CLA DL . -49.45 6.10 6.76
MG CLA EL . -47.69 8.61 15.63
CHA CLA EL . -44.36 9.45 15.32
CHB CLA EL . -47.97 10.79 18.21
CHC CLA EL . -51.01 7.84 15.85
CHD CLA EL . -47.40 6.54 12.79
NA CLA EL . -46.35 9.86 16.62
C1A CLA EL . -45.01 10.09 16.33
C2A CLA EL . -44.41 11.11 17.31
C3A CLA EL . -45.55 11.37 18.29
C4A CLA EL . -46.73 10.63 17.68
CMA CLA EL . -45.21 10.84 19.66
CAA CLA EL . -44.05 12.43 16.66
CBA CLA EL . -44.98 12.89 15.55
CGA CLA EL . -44.14 13.75 14.67
O1A CLA EL . -43.30 13.41 13.83
O2A CLA EL . -44.34 15.08 14.86
NB CLA EL . -49.19 9.13 16.86
C1B CLA EL . -49.12 10.14 17.75
C2B CLA EL . -50.47 10.49 18.23
C3B CLA EL . -51.35 9.66 17.57
C4B CLA EL . -50.53 8.78 16.69
CMB CLA EL . -50.70 11.55 19.21
CAB CLA EL . -52.78 9.59 17.65
CBB CLA EL . -53.49 9.34 18.75
NC CLA EL . -48.94 7.36 14.54
C1C CLA EL . -50.25 7.16 14.84
C2C CLA EL . -50.82 6.17 13.92
C3C CLA EL . -49.81 5.86 13.01
C4C CLA EL . -48.64 6.60 13.41
CMC CLA EL . -52.19 5.69 13.97
CAC CLA EL . -49.87 4.89 11.91
CBC CLA EL . -50.57 5.39 10.66
ND CLA EL . -46.26 8.06 14.34
C1D CLA EL . -46.27 7.24 13.20
C2D CLA EL . -44.93 7.21 12.61
C3D CLA EL . -44.14 8.00 13.41
C4D CLA EL . -45.02 8.52 14.46
CMD CLA EL . -44.57 6.46 11.41
CAD CLA EL . -42.82 8.54 13.66
OBD CLA EL . -41.76 8.32 13.10
CBD CLA EL . -42.94 9.52 14.83
CGD CLA EL . -42.03 9.13 15.95
O1D CLA EL . -41.71 8.00 16.29
O2D CLA EL . -41.53 10.19 16.63
CED CLA EL . -40.48 9.92 17.56
C1 CLA EL . -44.07 15.93 13.73
C2 CLA EL . -45.23 15.79 12.81
C3 CLA EL . -45.27 16.34 11.60
C4 CLA EL . -44.15 17.14 11.05
C5 CLA EL . -46.47 16.14 10.73
C6 CLA EL . -46.22 15.12 9.64
C7 CLA EL . -47.43 15.01 8.73
C8 CLA EL . -48.19 13.72 8.95
C9 CLA EL . -48.32 12.97 7.64
C10 CLA EL . -49.57 13.98 9.56
C11 CLA EL . -50.46 14.80 8.66
MG CLA FL . -29.95 3.57 14.09
CHA CLA FL . -30.86 0.54 12.82
CHB CLA FL . -32.99 4.85 13.23
CHC CLA FL . -28.76 6.77 14.63
CHD CLA FL . -26.72 2.36 14.60
NA CLA FL . -31.70 2.76 13.33
C1A CLA FL . -31.88 1.48 12.79
C2A CLA FL . -33.34 1.34 12.30
C3A CLA FL . -34.02 2.60 12.85
C4A CLA FL . -32.83 3.48 13.17
CMA CLA FL . -34.94 3.31 11.89
CAA CLA FL . -34.10 0.16 12.83
CBA CLA FL . -34.26 -0.92 11.80
CGA CLA FL . -34.03 -2.26 12.44
O1A CLA FL . -34.09 -2.56 13.63
O2A CLA FL . -33.72 -3.23 11.54
NB CLA FL . -30.71 5.44 13.91
C1B CLA FL . -31.97 5.75 13.53
C2B CLA FL . -32.15 7.22 13.50
C3B CLA FL . -30.97 7.77 13.91
C4B CLA FL . -30.04 6.65 14.21
CMB CLA FL . -33.41 7.87 13.16
CAB CLA FL . -30.60 9.15 14.10
NC CLA FL . -28.14 4.38 14.70
C1C CLA FL . -27.88 5.70 14.92
C2C CLA FL . -26.50 5.89 15.33
C3C CLA FL . -25.89 4.64 15.23
C4C CLA FL . -26.93 3.72 14.83
CMC CLA FL . -25.87 7.17 15.68
CAC CLA FL . -24.50 4.29 15.54
ND CLA FL . -29.09 1.77 14.21
C1D CLA FL . -27.70 1.45 14.29
C2D CLA FL . -27.51 0.03 14.00
C3D CLA FL . -28.70 -0.38 13.47
C4D CLA FL . -29.62 0.78 13.52
CMD CLA FL . -26.26 -0.71 14.17
CAD CLA FL . -29.47 -1.49 12.98
OBD CLA FL . -29.27 -2.69 13.08
CBD CLA FL . -30.67 -0.85 12.25
CGD CLA FL . -30.38 -0.76 10.78
O1D CLA FL . -31.03 -0.17 9.92
O2D CLA FL . -29.25 -1.41 10.42
CED CLA FL . -29.38 -2.54 9.57
C1 LUT GL . -49.12 -0.28 10.47
C2 LUT GL . -48.63 -0.37 11.91
C3 LUT GL . -47.14 -0.40 12.13
C4 LUT GL . -46.46 -1.25 11.08
C5 LUT GL . -46.75 -0.58 9.77
C6 LUT GL . -47.99 -0.16 9.48
C7 LUT GL . -48.25 0.44 8.15
C8 LUT GL . -48.68 -0.28 7.13
C9 LUT GL . -48.91 0.33 5.82
C10 LUT GL . -49.49 -0.42 4.90
C11 LUT GL . -49.79 0.05 3.55
C12 LUT GL . -50.27 -0.91 2.77
C13 LUT GL . -50.67 -0.67 1.39
C14 LUT GL . -51.24 -1.69 0.76
C15 LUT GL . -51.73 -1.63 -0.60
C16 LUT GL . -49.96 0.99 10.36
C17 LUT GL . -50.01 -1.47 10.18
C18 LUT GL . -45.60 -0.37 8.84
C19 LUT GL . -48.49 1.74 5.53
C20 LUT GL . -50.45 0.65 0.75
O3 LUT GL . -46.86 -0.98 13.41
C21 LUT GL . -58.80 -5.63 -10.51
C22 LUT GL . -59.28 -5.12 -11.86
C23 LUT GL . -58.36 -5.46 -13.03
C24 LUT GL . -56.91 -5.40 -12.68
C25 LUT GL . -56.46 -5.51 -11.43
C26 LUT GL . -57.35 -5.22 -10.26
C27 LUT GL . -56.83 -5.90 -9.01
C28 LUT GL . -56.39 -5.09 -8.06
C29 LUT GL . -55.86 -5.53 -6.76
C30 LUT GL . -55.29 -4.58 -6.02
C31 LUT GL . -54.73 -4.81 -4.72
C32 LUT GL . -54.15 -3.75 -4.18
C33 LUT GL . -53.56 -3.81 -2.85
C34 LUT GL . -52.98 -2.71 -2.36
C35 LUT GL . -52.41 -2.69 -1.03
C36 LUT GL . -59.01 -7.13 -10.40
C37 LUT GL . -59.69 -4.98 -9.47
C38 LUT GL . -55.03 -5.90 -11.25
C39 LUT GL . -55.97 -6.94 -6.30
C40 LUT GL . -53.63 -5.07 -2.06
O23 LUT GL . -58.60 -4.49 -14.06
C1 XAT HL . -44.51 -14.13 3.72
C2 XAT HL . -45.29 -15.15 4.52
C3 XAT HL . -46.29 -14.48 5.44
C4 XAT HL . -47.35 -13.98 4.50
C5 XAT HL . -46.80 -12.85 3.63
C6 XAT HL . -45.31 -12.91 3.24
C7 XAT HL . -45.01 -12.37 1.85
C8 XAT HL . -44.47 -11.16 1.78
C9 XAT HL . -44.11 -10.51 0.52
C10 XAT HL . -43.35 -9.43 0.62
C11 XAT HL . -42.84 -8.64 -0.50
C12 XAT HL . -42.08 -7.65 -0.10
C13 XAT HL . -41.38 -6.71 -0.98
C14 XAT HL . -40.91 -5.58 -0.45
C15 XAT HL . -40.16 -4.63 -1.23
C16 XAT HL . -43.90 -14.86 2.53
C17 XAT HL . -43.37 -13.61 4.56
C18 XAT HL . -47.73 -12.37 2.51
C19 XAT HL . -44.57 -11.04 -0.81
C20 XAT HL . -41.16 -7.04 -2.42
O3 XAT HL . -46.87 -15.42 6.33
O4 XAT HL . -45.82 -11.99 4.21
C21 XAT HL . -32.25 5.47 -3.15
C22 XAT HL . -31.77 6.58 -4.07
C23 XAT HL . -31.69 6.13 -5.51
C24 XAT HL . -33.12 6.00 -5.95
C25 XAT HL . -33.86 4.93 -5.17
C26 XAT HL . -33.42 4.65 -3.72
C27 XAT HL . -34.54 4.31 -2.74
C28 XAT HL . -34.61 3.02 -2.42
C29 XAT HL . -35.58 2.41 -1.49
C30 XAT HL . -35.85 1.13 -1.68
C31 XAT HL . -36.74 0.33 -0.85
C32 XAT HL . -37.20 -0.79 -1.39
C33 XAT HL . -38.06 -1.73 -0.66
C34 XAT HL . -38.70 -2.70 -1.30
C35 XAT HL . -39.51 -3.67 -0.58
C36 XAT HL . -32.58 6.09 -1.81
C37 XAT HL . -31.09 4.51 -2.96
C38 XAT HL . -35.37 4.92 -5.33
C39 XAT HL . -36.21 3.20 -0.38
C40 XAT HL . -38.14 -1.60 0.82
O23 XAT HL . -31.07 7.15 -6.30
O24 XAT HL . -33.17 3.74 -4.78
C1 BCR IL . -46.54 -25.58 -24.31
C2 BCR IL . -45.65 -26.41 -25.23
C3 BCR IL . -44.18 -26.47 -24.81
C4 BCR IL . -44.09 -26.93 -23.38
C5 BCR IL . -44.82 -25.89 -22.58
C6 BCR IL . -46.10 -25.66 -22.87
C7 BCR IL . -47.09 -25.47 -21.77
C8 BCR IL . -47.50 -24.28 -21.38
C9 BCR IL . -48.47 -24.13 -20.27
C10 BCR IL . -48.20 -23.17 -19.37
C11 BCR IL . -49.02 -22.88 -18.20
C33 BCR IL . -44.08 -25.15 -21.53
C31 BCR IL . -47.97 -26.08 -24.45
C32 BCR IL . -46.48 -24.15 -24.81
C34 BCR IL . -49.67 -25.01 -20.17
C12 BCR IL . -48.49 -22.04 -17.32
C13 BCR IL . -49.20 -21.66 -16.08
C14 BCR IL . -48.50 -21.01 -15.14
C15 BCR IL . -49.10 -20.62 -13.87
C16 BCR IL . -48.37 -19.94 -12.99
C17 BCR IL . -48.98 -19.58 -11.72
C18 BCR IL . -48.32 -18.89 -10.78
C19 BCR IL . -49.00 -18.62 -9.52
C20 BCR IL . -48.58 -17.75 -8.61
C21 BCR IL . -49.45 -17.72 -7.45
C22 BCR IL . -49.19 -17.05 -6.33
C23 BCR IL . -50.18 -17.17 -5.25
C24 BCR IL . -50.16 -16.36 -4.19
C25 BCR IL . -51.14 -16.49 -3.09
C26 BCR IL . -50.94 -17.38 -2.13
C27 BCR IL . -52.08 -17.78 -1.25
C28 BCR IL . -52.59 -16.48 -0.67
C29 BCR IL . -53.16 -15.62 -1.79
C30 BCR IL . -52.34 -15.55 -3.06
C35 BCR IL . -50.63 -22.01 -15.88
C36 BCR IL . -46.92 -18.41 -10.98
C37 BCR IL . -47.96 -16.23 -6.18
C38 BCR IL . -49.59 -17.99 -1.87
C39 BCR IL . -51.80 -14.14 -3.23
C40 BCR IL . -53.28 -15.83 -4.21
O1 LHG JL . -48.06 18.13 -1.08
C1 LHG JL . -48.19 17.70 -2.42
C2 LHG JL . -49.24 16.63 -2.48
O2 LHG JL . -49.62 16.26 -1.18
C3 LHG JL . -48.78 15.38 -3.18
O3 LHG JL . -48.44 14.56 -2.09
P LHG JL . -48.71 12.99 -2.18
O4 LHG JL . -49.64 12.65 -1.08
O5 LHG JL . -48.72 12.75 -3.64
O6 LHG JL . -47.27 12.51 -1.58
C4 LHG JL . -46.91 12.90 -0.29
C5 LHG JL . -46.38 11.64 0.39
C6 LHG JL . -46.78 10.35 -0.29
O7 LHG JL . -44.97 11.75 0.37
C7 LHG JL . -44.43 12.00 1.59
O9 LHG JL . -45.04 11.88 2.63
C8 LHG JL . -43.00 12.36 1.48
C9 LHG JL . -42.40 12.37 2.86
C10 LHG JL . -41.10 13.11 2.85
O8 LHG JL . -45.63 9.93 -1.03
C23 LHG JL . -45.64 8.66 -1.54
O10 LHG JL . -46.69 8.07 -1.67
C24 LHG JL . -44.37 7.88 -1.67
C11 LHG JL . -40.88 13.40 4.30
C12 LHG JL . -40.26 12.20 4.95
C13 LHG JL . -38.75 12.30 4.78
C14 LHG JL . -38.05 11.08 5.31
C15 LHG JL . -36.69 11.56 5.77
C16 LHG JL . -35.72 11.41 4.64
C17 LHG JL . -34.32 11.74 5.12
C18 LHG JL . -33.49 11.57 3.87
C19 LHG JL . -32.15 12.26 3.93
C20 LHG JL . -31.79 12.31 2.46
C21 LHG JL . -30.61 13.22 2.26
C22 LHG JL . -30.74 13.84 0.89
C25 LHG JL . -44.04 7.01 -0.49
C26 LHG JL . -43.80 7.75 0.81
C27 LHG JL . -42.32 8.00 0.79
C28 LHG JL . -41.81 8.83 1.93
C29 LHG JL . -40.30 8.78 1.89
C30 LHG JL . -39.62 8.48 3.20
C31 LHG JL . -38.49 7.49 3.12
C32 LHG JL . -37.95 6.99 4.44
C33 LHG JL . -37.85 5.50 4.34
C34 LHG JL . -36.46 4.93 4.45
C35 LHG JL . -35.92 4.51 3.10
C36 LHG JL . -34.70 5.36 2.80
C37 LHG JL . -35.14 6.50 1.93
C38 LHG JL . -34.03 7.47 1.60
O1 LHG KL . -28.87 -12.90 -10.22
C1 LHG KL . -30.23 -13.24 -9.94
C2 LHG KL . -30.73 -12.34 -8.83
O2 LHG KL . -29.70 -11.53 -8.34
C3 LHG KL . -31.25 -13.10 -7.63
O3 LHG KL . -31.60 -12.01 -6.81
P LHG KL . -31.00 -11.83 -5.31
O4 LHG KL . -31.11 -10.39 -4.96
O5 LHG KL . -29.88 -12.80 -5.23
O6 LHG KL . -32.32 -12.48 -4.55
C4 LHG KL . -32.30 -12.72 -3.18
C5 LHG KL . -33.70 -12.29 -2.75
C6 LHG KL . -34.40 -13.39 -1.98
O7 LHG KL . -33.55 -11.18 -1.89
C7 LHG KL . -33.61 -9.97 -2.52
O9 LHG KL . -33.66 -9.82 -3.73
C8 LHG KL . -33.78 -8.91 -1.53
C9 LHG KL . -32.45 -8.28 -1.23
C10 LHG KL . -32.60 -7.30 -0.09
O8 LHG KL . -35.20 -12.69 -1.04
C23 LHG KL . -36.18 -13.41 -0.44
O10 LHG KL . -36.76 -14.27 -1.09
C24 LHG KL . -36.29 -13.42 1.06
C11 LHG KL . -32.85 -8.22 1.08
C12 LHG KL . -33.35 -7.41 2.23
C13 LHG KL . -34.81 -7.69 2.38
C14 LHG KL . -35.06 -8.69 3.48
C15 LHG KL . -35.68 -9.89 2.80
C16 LHG KL . -35.78 -10.98 3.81
C17 LHG KL . -36.91 -10.67 4.77
C18 LHG KL . -36.51 -11.43 5.98
C19 LHG KL . -37.67 -11.97 6.76
C20 LHG KL . -37.03 -12.25 8.09
C25 LHG KL . -36.68 -14.73 1.69
C26 LHG KL . -35.54 -15.47 2.39
C27 LHG KL . -35.89 -15.35 3.85
C28 LHG KL . -34.83 -15.83 4.82
C29 LHG KL . -34.66 -17.33 4.55
C30 LHG KL . -33.38 -17.98 5.02
C31 LHG KL . -33.53 -19.09 6.05
C32 LHG KL . -33.10 -18.71 7.46
C33 LHG KL . -33.84 -19.60 8.44
C34 LHG KL . -33.75 -19.19 9.90
C35 LHG KL . -34.72 -19.98 10.76
C36 LHG KL . -34.27 -21.43 10.74
C37 LHG KL . -35.04 -22.16 11.81
C38 LHG KL . -36.53 -22.20 11.58
C1B LMU LL . -39.52 -29.25 9.40
C2B LMU LL . -40.94 -29.59 8.92
C3B LMU LL . -41.95 -29.27 9.98
C4B LMU LL . -41.67 -30.00 11.25
C5B LMU LL . -40.27 -29.70 11.78
C6B LMU LL . -39.53 -30.96 12.08
O1B LMU LL . -39.03 -28.22 8.62
O2B LMU LL . -41.24 -28.85 7.72
O3B LMU LL . -43.27 -29.64 9.50
O4' LMU LL . -42.63 -29.60 12.23
O5B LMU LL . -39.47 -28.87 10.85
O6B LMU LL . -38.28 -30.63 12.60
C1' LMU LL . -36.08 -25.23 9.31
C2' LMU LL . -35.65 -26.69 9.25
C3' LMU LL . -36.70 -27.62 8.74
C4' LMU LL . -38.07 -27.39 9.32
C5' LMU LL . -38.47 -25.91 9.21
C6' LMU LL . -39.81 -25.63 9.83
O1' LMU LL . -36.07 -24.70 8.05
O2' LMU LL . -34.50 -26.78 8.38
O3' LMU LL . -36.25 -28.96 9.08
O5' LMU LL . -37.46 -25.06 9.87
O6' LMU LL . -39.89 -26.32 11.03
C1 LMU LL . -36.04 -23.27 8.03
C2 LMU LL . -37.42 -22.74 7.52
C3 LMU LL . -37.77 -23.49 6.18
C4 LMU LL . -37.17 -22.69 4.96
C5 LMU LL . -37.64 -21.21 5.02
C6 LMU LL . -36.77 -20.32 4.10
C7 LMU LL . -37.42 -20.18 2.70
C8 LMU LL . -36.72 -19.02 1.95
C9 LMU LL . -37.46 -18.76 0.61
C10 LMU LL . -36.56 -17.90 -0.28
C11 LMU LL . -37.00 -18.06 -1.76
C12 LMU LL . -38.18 -17.13 -2.06
C1B LMU ML . -52.78 17.68 -6.81
C2B LMU ML . -51.42 18.16 -6.32
C3B LMU ML . -50.26 17.41 -6.87
C4B LMU ML . -50.35 17.03 -8.32
C5B LMU ML . -51.73 16.58 -8.81
C6B LMU ML . -51.98 15.15 -8.49
O1B LMU ML . -53.72 18.65 -6.55
O2B LMU ML . -51.27 19.56 -6.63
O3B LMU ML . -50.05 16.22 -6.07
O4' LMU ML . -49.97 18.19 -9.09
O5B LMU ML . -52.83 17.41 -8.29
O6B LMU ML . -52.67 14.53 -9.53
C1' LMU ML . -56.85 17.06 -4.03
C2' LMU ML . -56.83 16.71 -5.51
C3' LMU ML . -55.57 17.01 -6.25
C4' LMU ML . -54.89 18.27 -5.79
C5' LMU ML . -54.60 18.18 -4.29
C6' LMU ML . -53.90 19.40 -3.77
O1' LMU ML . -56.71 15.93 -3.24
O2' LMU ML . -57.12 15.31 -5.65
O3' LMU ML . -55.91 17.13 -7.65
O5' LMU ML . -55.86 18.10 -3.55
O6' LMU ML . -54.43 19.71 -2.51
C1 LMU ML . -56.69 16.29 -1.86
C2 LMU ML . -56.39 15.04 -0.96
C3 LMU ML . -56.41 15.52 0.52
C4 LMU ML . -55.27 14.79 1.31
C5 LMU ML . -55.69 13.33 1.67
C6 LMU ML . -54.55 12.74 2.54
C7 LMU ML . -54.80 11.22 2.76
C8 LMU ML . -53.55 10.60 3.43
C9 LMU ML . -53.29 11.31 4.78
C10 LMU ML . -52.13 10.62 5.51
C11 LMU ML . -52.51 10.38 6.99
C12 LMU ML . -52.07 11.57 7.85
MG CLA NL . 57.71 -51.43 -31.73
CHA CLA NL . 54.88 -53.23 -32.57
CHB CLA NL . 56.20 -50.42 -28.84
CHC CLA NL . 60.61 -49.79 -30.84
CHD CLA NL . 59.26 -52.59 -34.67
NA CLA NL . 55.82 -51.75 -30.89
C1A CLA NL . 54.79 -52.55 -31.39
C2A CLA NL . 53.58 -52.54 -30.47
C3A CLA NL . 54.01 -51.60 -29.32
C4A CLA NL . 55.45 -51.22 -29.69
NB CLA NL . 58.31 -50.38 -30.11
C1B CLA NL . 57.52 -50.00 -29.08
C2B CLA NL . 58.25 -49.05 -28.21
C3B CLA NL . 59.50 -48.87 -28.75
C4B CLA NL . 59.55 -49.70 -29.99
NC CLA NL . 59.58 -51.19 -32.62
C1C CLA NL . 60.61 -50.46 -32.09
C2C CLA NL . 61.77 -50.53 -32.98
C3C CLA NL . 61.39 -51.33 -34.06
C4C CLA NL . 60.01 -51.75 -33.82
ND CLA NL . 57.19 -52.48 -33.37
C1D CLA NL . 57.95 -52.95 -34.47
C2D CLA NL . 57.10 -53.83 -35.31
C3D CLA NL . 55.90 -53.94 -34.64
C4D CLA NL . 56.03 -53.13 -33.42
CAD CLA NL . 54.57 -54.52 -34.64
CBD CLA NL . 53.92 -54.17 -33.26
MG CLA OL . 64.40 -42.46 -26.69
CHA CLA OL . 63.59 -41.28 -29.83
CHB CLA OL . 65.07 -39.28 -25.70
CHC CLA OL . 65.18 -43.66 -23.57
CHD CLA OL . 63.53 -45.74 -27.73
NA CLA OL . 64.35 -40.59 -27.65
C1A CLA OL . 63.98 -40.32 -28.97
C2A CLA OL . 64.07 -38.82 -29.27
C3A CLA OL . 64.55 -38.22 -27.93
C4A CLA OL . 64.68 -39.43 -27.01
NB CLA OL . 65.01 -41.62 -24.96
C1B CLA OL . 65.25 -40.30 -24.75
C2B CLA OL . 65.70 -40.08 -23.36
C3B CLA OL . 65.73 -41.31 -22.75
C4B CLA OL . 65.29 -42.32 -23.77
NC CLA OL . 64.38 -44.36 -25.83
C1C CLA OL . 64.75 -44.62 -24.53
C2C CLA OL . 64.64 -46.04 -24.25
C3C CLA OL . 64.13 -46.62 -25.41
C4C CLA OL . 63.97 -45.56 -26.40
ND CLA OL . 63.76 -43.38 -28.37
C1D CLA OL . 63.43 -44.72 -28.66
C2D CLA OL . 62.99 -44.81 -30.07
C3D CLA OL . 63.03 -43.52 -30.56
C4D CLA OL . 63.51 -42.66 -29.47
CAD CLA OL . 62.80 -42.65 -31.70
CBD CLA OL . 63.12 -41.19 -31.27
MG CLA PL . 68.20 -39.23 -15.69
CHA CLA PL . 69.21 -36.29 -17.21
CHB CLA PL . 65.28 -39.11 -17.43
CHC CLA PL . 67.19 -42.09 -14.06
CHD CLA PL . 71.24 -39.29 -13.88
NA CLA PL . 67.40 -37.91 -17.09
C1A CLA PL . 67.97 -36.73 -17.59
C2A CLA PL . 67.06 -36.05 -18.60
C3A CLA PL . 65.82 -36.97 -18.63
C4A CLA PL . 66.17 -38.09 -17.65
NB CLA PL . 66.55 -40.38 -15.73
C1B CLA PL . 65.47 -40.19 -16.54
C2B CLA PL . 64.50 -41.31 -16.36
C3B CLA PL . 65.03 -42.15 -15.41
C4B CLA PL . 66.34 -41.57 -14.99
NC CLA PL . 69.06 -40.46 -14.24
C1C CLA PL . 68.46 -41.57 -13.70
C2C CLA PL . 69.33 -42.16 -12.70
C3C CLA PL . 70.48 -41.39 -12.65
C4C CLA PL . 70.31 -40.31 -13.63
ND CLA PL . 69.87 -38.12 -15.54
C1D CLA PL . 71.06 -38.25 -14.77
C2D CLA PL . 71.98 -37.13 -15.08
C3D CLA PL . 71.31 -36.34 -15.99
C4D CLA PL . 70.01 -37.00 -16.25
CAD CLA PL . 71.34 -35.15 -16.82
CBD CLA PL . 70.01 -35.09 -17.63
MG CLA QL . 81.29 -51.63 -8.41
CHA CLA QL . 82.05 -51.61 -5.02
CHB CLA QL . 79.58 -48.71 -8.04
CHC CLA QL . 80.63 -51.67 -11.76
CHD CLA QL . 83.13 -54.63 -8.74
NA CLA QL . 80.89 -50.39 -6.78
C1A CLA QL . 81.29 -50.56 -5.45
C2A CLA QL . 80.77 -49.42 -4.57
C3A CLA QL . 79.91 -48.59 -5.54
C4A CLA QL . 80.13 -49.26 -6.89
NB CLA QL . 80.23 -50.46 -9.65
C1B CLA QL . 79.73 -49.24 -9.34
C2B CLA QL . 79.33 -48.52 -10.58
C3B CLA QL . 79.63 -49.35 -11.64
C4B CLA QL . 80.19 -50.59 -11.06
NC CLA QL . 81.77 -52.94 -9.95
C1C CLA QL . 81.37 -52.78 -11.25
C2C CLA QL . 81.85 -53.89 -12.06
C3C CLA QL . 82.59 -54.71 -11.23
C4C CLA QL . 82.54 -54.11 -9.90
ND CLA QL . 82.38 -52.87 -7.23
C1D CLA QL . 83.09 -54.07 -7.49
C2D CLA QL . 83.69 -54.56 -6.22
C3D CLA QL . 83.31 -53.65 -5.24
C4D CLA QL . 82.50 -52.62 -5.92
CAD CLA QL . 83.40 -53.30 -3.84
CBD CLA QL . 82.59 -51.97 -3.65
MG CLA RL . 81.33 -44.80 -5.42
CHA CLA RL . 84.62 -44.24 -4.52
CHB CLA RL . 82.02 -43.69 -8.57
CHC CLA RL . 78.09 -45.49 -6.30
CHD CLA RL . 80.65 -45.85 -2.11
NA CLA RL . 83.06 -44.08 -6.36
C1A CLA RL . 84.33 -43.92 -5.81
C2A CLA RL . 85.31 -43.34 -6.83
C3A CLA RL . 84.40 -43.01 -8.04
C4A CLA RL . 83.07 -43.64 -7.66
NB CLA RL . 80.23 -44.51 -7.07
C1B CLA RL . 80.75 -44.24 -8.31
C2B CLA RL . 79.80 -44.63 -9.37
C3B CLA RL . 78.69 -45.14 -8.74
C4B CLA RL . 78.94 -45.08 -7.28
NC CLA RL . 79.66 -45.51 -4.38
C1C CLA RL . 78.42 -45.69 -4.93
C2C CLA RL . 77.48 -46.17 -3.92
C3C CLA RL . 78.22 -46.30 -2.73
C4C CLA RL . 79.58 -45.89 -3.03
ND CLA RL . 82.36 -45.12 -3.72
C1D CLA RL . 81.95 -45.50 -2.41
C2D CLA RL . 83.13 -45.47 -1.51
C3D CLA RL . 84.19 -45.05 -2.28
C4D CLA RL . 83.64 -44.80 -3.63
CAD CLA RL . 85.61 -44.73 -2.31
CBD CLA RL . 85.90 -44.12 -3.72
MG CLA SL . 72.07 -45.09 -2.80
CHA CLA SL . 70.00 -46.87 -0.66
CHB CLA SL . 69.74 -45.41 -5.27
CHC CLA SL . 74.11 -43.26 -4.88
CHD CLA SL . 74.43 -44.77 -0.20
NA CLA SL . 70.19 -46.01 -2.92
C1A CLA SL . 69.50 -46.69 -1.90
C2A CLA SL . 68.15 -47.20 -2.41
C3A CLA SL . 68.11 -46.76 -3.88
C4A CLA SL . 69.43 -46.00 -4.05
NB CLA SL . 71.94 -44.44 -4.70
C1B CLA SL . 70.91 -44.68 -5.55
C2B CLA SL . 71.21 -44.08 -6.88
C3B CLA SL . 72.44 -43.48 -6.78
C4B CLA SL . 72.93 -43.70 -5.38
NC CLA SL . 73.94 -44.21 -2.57
C1C CLA SL . 74.60 -43.50 -3.56
C2C CLA SL . 75.88 -43.02 -3.06
C3C CLA SL . 75.97 -43.44 -1.73
C4C CLA SL . 74.75 -44.18 -1.43
ND CLA SL . 72.28 -45.72 -0.89
C1D CLA SL . 73.28 -45.48 0.07
C2D CLA SL . 72.87 -46.12 1.35
C3D CLA SL . 71.64 -46.69 1.12
C4D CLA SL . 71.30 -46.38 -0.29
CAD CLA SL . 70.53 -47.45 1.68
CBD CLA SL . 69.43 -47.54 0.56
MG CLA TL . 76.48 -34.64 -13.70
CHA CLA TL . 75.05 -33.99 -16.79
CHB CLA TL . 76.33 -31.32 -12.93
CHC CLA TL . 77.77 -35.37 -10.59
CHD CLA TL . 76.55 -38.08 -14.52
NA CLA TL . 75.82 -32.95 -14.72
C1A CLA TL . 75.24 -32.88 -16.00
C2A CLA TL . 74.89 -31.46 -16.39
C3A CLA TL . 75.40 -30.64 -15.18
C4A CLA TL . 75.89 -31.69 -14.20
NB CLA TL . 76.90 -33.56 -12.04
C1B CLA TL . 76.81 -32.21 -11.94
C2B CLA TL . 77.31 -31.77 -10.60
C3B CLA TL . 77.72 -32.91 -9.94
C4B CLA TL . 77.48 -34.06 -10.85
NC CLA TL . 77.09 -36.40 -12.75
C1C CLA TL . 77.60 -36.46 -11.49
C2C CLA TL . 77.92 -37.84 -11.15
C3C CLA TL . 77.55 -38.62 -12.24
C4C CLA TL . 77.03 -37.71 -13.25
ND CLA TL . 76.08 -35.80 -15.30
C1D CLA TL . 76.09 -37.21 -15.49
C2D CLA TL . 75.57 -37.53 -16.85
C3D CLA TL . 75.18 -36.32 -17.40
C4D CLA TL . 75.48 -35.29 -16.37
CAD CLA TL . 74.61 -35.63 -18.54
CBD CLA TL . 74.42 -34.14 -18.15
MG CLA UL . 81.10 -46.03 -26.62
CHA CLA UL . 82.97 -44.06 -28.76
CHB CLA UL . 80.98 -48.48 -29.00
CHC CLA UL . 79.42 -48.02 -24.39
CHD CLA UL . 81.26 -43.47 -24.19
NA CLA UL . 81.81 -46.19 -28.58
C1A CLA UL . 82.57 -45.26 -29.28
C2A CLA UL . 82.88 -45.76 -30.68
C3A CLA UL . 82.09 -47.08 -30.79
C4A CLA UL . 81.57 -47.28 -29.37
NB CLA UL . 80.33 -47.88 -26.69
C1B CLA UL . 80.46 -48.76 -27.73
C2B CLA UL . 79.95 -50.10 -27.32
C3B CLA UL . 79.50 -49.98 -26.03
C4B CLA UL . 79.73 -48.57 -25.61
NC CLA UL . 80.41 -45.76 -24.67
C1C CLA UL . 79.72 -46.70 -23.96
C2C CLA UL . 79.38 -46.18 -22.64
C3C CLA UL . 79.94 -44.91 -22.56
C4C CLA UL . 80.58 -44.64 -23.84
ND CLA UL . 81.84 -44.16 -26.47
C1D CLA UL . 81.86 -43.22 -25.41
C2D CLA UL . 82.64 -42.03 -25.83
C3D CLA UL . 83.13 -42.32 -27.09
C4D CLA UL . 82.59 -43.64 -27.45
CAD CLA UL . 83.91 -41.85 -28.23
CBD CLA UL . 83.83 -42.95 -29.33
MG CLA VL . 67.39 -56.66 -33.41
CHA CLA VL . 70.48 -55.29 -34.10
CHB CLA VL . 66.98 -57.48 -36.68
CHC CLA VL . 64.26 -57.87 -32.66
CHD CLA VL . 67.84 -55.78 -30.00
NA CLA VL . 68.58 -56.44 -35.11
C1A CLA VL . 69.84 -55.83 -35.18
C3A CLA VL . 69.23 -56.75 -37.47
C4A CLA VL . 68.19 -56.90 -36.35
NB CLA VL . 65.92 -57.54 -34.47
C1B CLA VL . 65.90 -57.72 -35.81
C2B CLA VL . 64.57 -58.21 -36.25
C3B CLA VL . 63.80 -58.32 -35.11
C4B CLA VL . 64.64 -57.91 -33.96
NC CLA VL . 66.28 -56.81 -31.65
C1C CLA VL . 65.03 -57.35 -31.58
C2C CLA VL . 64.56 -57.32 -30.20
C3C CLA VL . 65.56 -56.71 -29.44
C4C CLA VL . 66.64 -56.39 -30.36
ND CLA VL . 68.79 -55.78 -32.26
C1D CLA VL . 68.86 -55.50 -30.87
C2D CLA VL . 70.15 -54.84 -30.58
C3D CLA VL . 70.81 -54.72 -31.79
C4D CLA VL . 69.92 -55.32 -32.80
CAD CLA VL . 71.99 -54.25 -32.47
CBD CLA VL . 71.82 -54.61 -33.98
MG CLA WL . 74.91 -56.34 -27.10
CHA CLA WL . 75.96 -55.87 -30.35
CHB CLA WL . 77.86 -55.07 -25.95
CHC CLA WL . 73.88 -57.02 -23.90
CHD CLA WL . 71.91 -57.75 -28.34
NA CLA WL . 76.62 -55.58 -28.03
C1A CLA WL . 76.87 -55.49 -29.40
C2A CLA WL . 78.24 -54.88 -29.67
C3A CLA WL . 78.82 -54.61 -28.26
C4A CLA WL . 77.70 -55.11 -27.33
NB CLA WL . 75.74 -56.14 -25.28
C1B CLA WL . 76.92 -55.51 -25.01
C2B CLA WL . 77.07 -55.34 -23.54
C3B CLA WL . 75.96 -55.89 -22.95
C4B CLA WL . 75.09 -56.40 -24.05
NC CLA WL . 73.19 -57.18 -26.28
C1C CLA WL . 72.98 -57.37 -24.95
C2C CLA WL . 71.69 -58.03 -24.72
C3C CLA WL . 71.13 -58.22 -25.98
C4C CLA WL . 72.09 -57.71 -26.95
ND CLA WL . 74.01 -56.61 -28.88
C1D CLA WL . 72.80 -57.24 -29.26
C2D CLA WL . 72.69 -57.25 -30.74
C3D CLA WL . 73.87 -56.70 -31.20
C4D CLA WL . 74.67 -56.36 -30.01
CAD CLA WL . 74.63 -56.32 -32.37
CBD CLA WL . 76.04 -55.88 -31.86
MG CLA XL . 61.32 -57.72 -15.65
CHA CLA XL . 60.34 -60.02 -13.26
CHB CLA XL . 62.78 -60.24 -17.44
CHC CLA XL . 62.08 -55.44 -18.10
CHD CLA XL . 59.85 -55.16 -13.72
NA CLA XL . 61.54 -59.78 -15.35
C1A CLA XL . 61.03 -60.56 -14.31
C2A CLA XL . 61.41 -62.03 -14.46
C3A CLA XL . 62.34 -62.02 -15.70
C4A CLA XL . 62.22 -60.59 -16.23
NB CLA XL . 62.29 -57.80 -17.41
C1B CLA XL . 62.73 -58.95 -18.01
C2B CLA XL . 63.19 -58.63 -19.40
C3B CLA XL . 63.00 -57.28 -19.59
C4B CLA XL . 62.42 -56.74 -18.33
NC CLA XL . 61.04 -55.67 -15.84
C1C CLA XL . 61.44 -54.93 -16.93
C2C CLA XL . 61.07 -53.53 -16.74
C3C CLA XL . 60.43 -53.44 -15.51
C4C CLA XL . 60.42 -54.80 -14.96
ND CLA XL . 60.35 -57.55 -13.89
C1D CLA XL . 59.81 -56.43 -13.20
C2D CLA XL . 59.22 -56.89 -11.92
C3D CLA XL . 59.36 -58.27 -11.92
C4D CLA XL . 60.08 -58.62 -13.16
CAD CLA XL . 59.13 -59.50 -11.18
CBD CLA XL . 59.76 -60.67 -12.02
MG CLA YL . 60.04 -65.72 -20.77
CHA CLA YL . 57.19 -63.77 -20.53
CHB CLA YL . 58.14 -68.33 -21.83
CHC CLA YL . 62.89 -67.62 -20.97
CHD CLA YL . 61.96 -62.97 -19.62
NA CLA YL . 58.01 -65.97 -21.14
C1A CLA YL . 56.98 -65.04 -20.97
C2A CLA YL . 55.63 -65.62 -21.36
C3A CLA YL . 55.97 -67.04 -21.88
C4A CLA YL . 57.48 -67.14 -21.60
NB CLA YL . 60.45 -67.60 -21.35
C1B CLA YL . 59.52 -68.54 -21.62
C2B CLA YL . 60.16 -69.88 -21.70
C3B CLA YL . 61.50 -69.68 -21.46
C4B CLA YL . 61.71 -68.22 -21.24
NC CLA YL . 62.06 -65.34 -20.40
C1C CLA YL . 63.06 -66.26 -20.57
C2C CLA YL . 64.35 -65.66 -20.26
C3C CLA YL . 64.09 -64.36 -19.83
C4C CLA YL . 62.64 -64.15 -19.92
ND CLA YL . 59.73 -63.80 -20.19
C1D CLA YL . 60.61 -62.79 -19.74
C2D CLA YL . 59.81 -61.56 -19.46
C3D CLA YL . 58.50 -61.89 -19.76
C4D CLA YL . 58.51 -63.29 -20.20
CAD CLA YL . 57.12 -61.42 -19.82
CBD CLA YL . 56.25 -62.61 -20.31
MG CLA ZL . 53.15 -48.89 -10.23
CHA CLA ZL . 55.59 -50.13 -8.08
CHB CLA ZL . 52.14 -46.72 -7.82
CHC CLA ZL . 50.80 -47.65 -12.42
CHD CLA ZL . 54.21 -51.22 -12.69
NA CLA ZL . 53.77 -48.51 -8.27
C1A CLA ZL . 54.80 -49.14 -7.56
C2A CLA ZL . 54.93 -48.57 -6.15
C3A CLA ZL . 53.77 -47.55 -6.07
C4A CLA ZL . 53.17 -47.58 -7.49
NB CLA ZL . 51.71 -47.50 -10.11
C1B CLA ZL . 51.51 -46.66 -9.07
C2B CLA ZL . 50.50 -45.64 -9.42
C3B CLA ZL . 50.11 -45.90 -10.72
C4B CLA ZL . 50.88 -47.08 -11.18
NC CLA ZL . 52.60 -49.37 -12.19
C1C CLA ZL . 51.61 -48.73 -12.89
C2C CLA ZL . 51.49 -49.32 -14.21
C3C CLA ZL . 52.46 -50.32 -14.31
C4C CLA ZL . 53.16 -50.35 -13.02
ND CLA ZL . 54.57 -50.32 -10.43
C1D CLA ZL . 54.90 -51.20 -11.49
C2D CLA ZL . 56.03 -52.07 -11.07
C3D CLA ZL . 56.34 -51.68 -9.77
C4D CLA ZL . 55.40 -50.60 -9.42
CAD CLA ZL . 57.19 -51.91 -8.61
CBD CLA ZL . 56.72 -50.93 -7.49
C1 LUT AM . 68.30 -61.02 -17.19
C2 LUT AM . 67.57 -61.66 -16.00
C3 LUT AM . 66.57 -60.82 -15.21
C4 LUT AM . 66.84 -59.33 -15.31
C5 LUT AM . 67.01 -58.96 -16.75
C6 LUT AM . 67.93 -59.58 -17.47
C7 LUT AM . 68.61 -58.90 -18.59
C8 LUT AM . 69.49 -57.91 -18.40
C9 LUT AM . 70.15 -57.26 -19.54
C10 LUT AM . 70.90 -56.17 -19.33
C11 LUT AM . 71.60 -55.50 -20.42
C12 LUT AM . 72.61 -54.68 -20.11
C13 LUT AM . 73.39 -53.97 -21.15
C14 LUT AM . 74.57 -53.42 -20.84
C15 LUT AM . 75.41 -52.71 -21.80
C16 LUT AM . 67.98 -61.81 -18.45
C17 LUT AM . 69.81 -61.13 -16.92
C18 LUT AM . 66.10 -57.92 -17.36
C19 LUT AM . 69.99 -57.84 -20.92
C20 LUT AM . 72.88 -53.85 -22.56
O3 LUT AM . 66.62 -61.21 -13.84
C21 LUT AM . 86.27 -49.36 -27.43
C22 LUT AM . 87.00 -48.40 -28.37
C23 LUT AM . 87.96 -47.42 -27.71
C24 LUT AM . 87.40 -46.88 -26.41
C25 LUT AM . 86.49 -47.55 -25.67
C26 LUT AM . 85.60 -48.62 -26.27
C27 LUT AM . 85.13 -49.58 -25.20
C28 LUT AM . 83.83 -49.66 -24.95
C29 LUT AM . 83.25 -50.55 -23.93
C30 LUT AM . 81.96 -50.37 -23.66
C31 LUT AM . 81.21 -51.15 -22.67
C32 LUT AM . 79.89 -51.01 -22.75
C33 LUT AM . 78.94 -51.70 -21.86
C34 LUT AM . 77.71 -51.97 -22.33
C35 LUT AM . 76.71 -52.64 -21.49
C36 LUT AM . 87.25 -50.42 -26.92
C37 LUT AM . 85.20 -50.06 -28.24
C38 LUT AM . 86.38 -47.19 -24.22
C39 LUT AM . 84.08 -51.58 -23.23
C40 LUT AM . 79.36 -52.06 -20.47
O23 LUT AM . 88.18 -46.33 -28.61
C1 XAT BM . 74.71 -47.94 -7.77
C2 XAT BM . 75.83 -48.51 -6.92
C3 XAT BM . 75.71 -50.00 -6.84
C4 XAT BM . 76.08 -50.57 -8.19
C5 XAT BM . 75.35 -49.94 -9.38
C6 XAT BM . 74.64 -48.58 -9.17
C7 XAT BM . 74.73 -47.61 -10.34
C8 XAT BM . 73.61 -47.35 -11.02
C9 XAT BM . 73.51 -46.42 -12.16
C10 XAT BM . 72.32 -46.32 -12.76
C11 XAT BM . 71.95 -45.45 -13.87
C12 XAT BM . 70.65 -45.55 -14.17
C13 XAT BM . 69.92 -44.79 -15.20
C14 XAT BM . 68.70 -45.23 -15.55
C15 XAT BM . 67.86 -44.51 -16.53
C16 XAT BM . 74.94 -46.44 -7.82
C17 XAT BM . 73.38 -48.18 -7.08
C18 XAT BM . 76.06 -50.06 -10.73
C19 XAT BM . 74.68 -45.58 -12.59
C20 XAT BM . 70.52 -43.55 -15.78
O3 XAT BM . 76.59 -50.53 -5.83
O4 XAT BM . 73.92 -49.81 -9.36
C21 XAT BM . 58.41 -39.82 -23.68
C22 XAT BM . 57.46 -39.62 -24.85
C23 XAT BM . 58.08 -38.65 -25.83
C24 XAT BM . 59.23 -39.37 -26.51
C25 XAT BM . 60.27 -40.00 -25.57
C26 XAT BM . 59.83 -40.28 -24.11
C27 XAT BM . 60.31 -41.64 -23.58
C28 XAT BM . 61.27 -41.66 -22.65
C29 XAT BM . 61.77 -42.91 -22.07
C30 XAT BM . 62.80 -42.82 -21.21
C31 XAT BM . 63.39 -43.97 -20.53
C32 XAT BM . 64.30 -43.67 -19.61
C33 XAT BM . 64.99 -44.68 -18.77
C34 XAT BM . 65.96 -44.24 -17.96
C35 XAT BM . 66.74 -45.05 -17.02
C36 XAT BM . 57.75 -40.81 -22.72
C37 XAT BM . 58.57 -38.50 -22.93
C38 XAT BM . 61.13 -41.10 -26.19
C39 XAT BM . 61.14 -44.22 -22.41
C40 XAT BM . 64.58 -46.11 -18.85
O23 XAT BM . 57.11 -38.25 -26.81
O24 XAT BM . 60.79 -39.28 -24.45
O1 LHG CM . 62.83 -53.08 -38.16
C1 LHG CM . 63.56 -53.70 -37.08
C2 LHG CM . 65.03 -53.42 -37.26
O2 LHG CM . 65.74 -54.61 -37.54
C3 LHG CM . 65.68 -52.81 -36.04
O3 LHG CM . 65.77 -53.95 -35.24
P LHG CM . 66.19 -53.84 -33.70
O4 LHG CM . 65.88 -55.15 -33.07
O5 LHG CM . 67.40 -53.00 -33.71
O6 LHG CM . 64.87 -52.90 -33.26
C4 LHG CM . 64.81 -52.27 -32.02
C5 LHG CM . 64.06 -53.26 -31.11
C6 LHG CM . 64.54 -53.19 -29.67
O7 LHG CM . 62.70 -52.90 -31.15
C7 LHG CM . 61.88 -53.93 -31.48
O9 LHG CM . 61.59 -54.18 -32.64
C8 LHG CM . 61.09 -54.35 -30.30
C9 LHG CM . 59.64 -54.05 -30.55
C10 LHG CM . 58.94 -53.71 -29.25
O8 LHG CM . 64.77 -51.81 -29.41
C23 LHG CM . 65.44 -51.51 -28.25
O10 LHG CM . 66.64 -51.68 -28.23
C24 LHG CM . 64.68 -51.53 -26.91
C11 LHG CM . 58.27 -55.02 -28.93
C12 LHG CM . 58.29 -55.26 -27.45
C13 LHG CM . 58.09 -56.75 -27.24
C14 LHG CM . 57.54 -57.07 -25.87
C15 LHG CM . 57.58 -58.58 -25.76
C25 LHG CM . 63.25 -51.02 -26.91
C26 LHG CM . 62.15 -52.04 -26.56
C27 LHG CM . 61.08 -51.19 -25.92
C28 LHG CM . 59.74 -51.86 -25.67
C29 LHG CM . 59.08 -51.05 -24.56
C30 LHG CM . 57.80 -50.31 -24.90
C31 LHG CM . 57.12 -49.57 -23.78
C32 LHG CM . 56.75 -48.12 -24.08
C33 LHG CM . 55.89 -47.62 -22.93
MG CLA DM . 13.87 -65.71 -47.82
CHA CLA DM . 10.60 -66.82 -47.94
CHB CLA DM . 13.10 -63.77 -45.13
CHC CLA DM . 17.17 -64.78 -47.62
CHD CLA DM . 14.64 -67.79 -50.57
NA CLA DM . 12.11 -65.33 -46.76
C1A CLA DM . 10.85 -65.89 -46.97
C2A CLA DM . 9.82 -65.34 -45.98
C3A CLA DM . 10.62 -64.25 -45.22
C4A CLA DM . 12.05 -64.44 -45.72
NB CLA DM . 14.93 -64.47 -46.64
C1B CLA DM . 14.46 -63.86 -45.52
C2B CLA DM . 15.59 -63.31 -44.73
C3B CLA DM . 16.74 -63.59 -45.44
C4B CLA DM . 16.33 -64.33 -46.65
NC CLA DM . 15.58 -66.16 -48.95
C1C CLA DM . 16.82 -65.62 -48.71
C2C CLA DM . 17.77 -66.11 -49.71
C3C CLA DM . 17.07 -67.01 -50.51
C4C CLA DM . 15.69 -67.03 -50.03
ND CLA DM . 12.89 -66.96 -49.06
C1D CLA DM . 13.34 -67.79 -50.12
C2D CLA DM . 12.18 -68.58 -50.61
C3D CLA DM . 11.11 -68.25 -49.80
C4D CLA DM . 11.61 -67.25 -48.85
CAD CLA DM . 9.71 -68.46 -49.52
CBD CLA DM . 9.35 -67.58 -48.28
MG CLA EM . 24.33 -59.29 -44.09
CHA CLA EM . 23.51 -57.73 -47.07
CHB CLA EM . 26.28 -56.64 -43.24
CHC CLA EM . 25.11 -60.88 -41.17
CHD CLA EM . 22.15 -61.95 -44.96
NA CLA EM . 24.81 -57.49 -45.02
C1A CLA EM . 24.37 -57.02 -46.27
C2A CLA EM . 24.93 -55.64 -46.59
C3A CLA EM . 25.76 -55.31 -45.32
C4A CLA EM . 25.63 -56.55 -44.45
NB CLA EM . 25.40 -58.80 -42.45
C1B CLA EM . 26.24 -57.74 -42.36
C2B CLA EM . 27.13 -57.89 -41.18
C3B CLA EM . 26.80 -59.09 -40.59
C4B CLA EM . 25.70 -59.69 -41.40
NC CLA EM . 23.76 -61.11 -43.24
C1C CLA EM . 24.21 -61.56 -42.04
C2C CLA EM . 23.62 -62.86 -41.74
C3C CLA EM . 22.77 -63.16 -42.81
C4C CLA EM . 22.86 -62.05 -43.74
ND CLA EM . 23.22 -59.85 -45.69
C1D CLA EM . 22.30 -60.93 -45.88
C2D CLA EM . 21.63 -60.77 -47.18
C3D CLA EM . 22.12 -59.59 -47.71
C4D CLA EM . 23.04 -59.03 -46.71
CAD CLA EM . 22.07 -58.64 -48.82
CBD CLA EM . 22.88 -57.38 -48.39
MG CLA FM . 31.15 -58.79 -34.08
CHA CLA FM . 32.28 -55.99 -35.77
CHB CLA FM . 28.02 -58.20 -35.23
CHC CLA FM . 30.03 -61.45 -32.21
CHD CLA FM . 34.40 -59.25 -32.76
NA CLA FM . 30.33 -57.34 -35.33
C1A CLA FM . 30.95 -56.24 -35.93
C2A CLA FM . 29.98 -55.42 -36.75
C3A CLA FM . 28.65 -56.21 -36.64
C4A CLA FM . 29.00 -57.34 -35.66
NB CLA FM . 29.38 -59.70 -33.84
C1B CLA FM . 28.20 -59.26 -34.34
C2B CLA FM . 27.08 -60.06 -33.77
C3B CLA FM . 27.64 -60.98 -32.91
C4B CLA FM . 29.12 -60.76 -32.94
NC CLA FM . 32.08 -60.14 -32.78
C1C CLA FM . 31.43 -61.17 -32.14
C2C CLA FM . 32.37 -61.92 -31.32
C3C CLA FM . 33.60 -61.27 -31.44
C4C CLA FM . 33.41 -60.16 -32.36
ND CLA FM . 32.96 -57.91 -34.23
C1D CLA FM . 34.21 -58.19 -33.63
C2D CLA FM . 35.19 -57.19 -34.10
C3D CLA FM . 34.51 -56.33 -34.93
C4D CLA FM . 33.12 -56.81 -34.96
CAD CLA FM . 34.58 -55.15 -35.79
CBD CLA FM . 33.14 -54.87 -36.31
MG CLA GM . 39.81 -75.61 -29.07
CHA CLA GM . 39.80 -77.35 -26.07
CHB CLA GM . 40.64 -72.76 -27.40
CHC CLA GM . 39.74 -73.93 -32.05
CHD CLA GM . 39.08 -78.62 -30.76
NA CLA GM . 40.16 -75.16 -27.06
C1A CLA GM . 40.10 -76.03 -25.96
C2A CLA GM . 40.43 -75.30 -24.66
C3A CLA GM . 40.76 -73.86 -25.13
C4A CLA GM . 40.50 -73.91 -26.63
NB CLA GM . 40.13 -73.71 -29.62
C1B CLA GM . 40.44 -72.69 -28.79
C2B CLA GM . 40.54 -71.42 -29.57
C3B CLA GM . 40.28 -71.74 -30.89
C4B CLA GM . 40.01 -73.21 -30.93
NC CLA GM . 39.48 -76.19 -31.04
C1C CLA GM . 39.50 -75.32 -32.11
C2C CLA GM . 39.23 -76.05 -33.34
C3C CLA GM . 39.04 -77.38 -32.98
C4C CLA GM . 39.21 -77.46 -31.54
ND CLA GM . 39.49 -77.55 -28.60
C1D CLA GM . 39.20 -78.69 -29.39
C2D CLA GM . 39.04 -79.87 -28.50
C3D CLA GM . 39.24 -79.40 -27.21
C4D CLA GM . 39.54 -77.96 -27.33
CAD CLA GM . 39.30 -79.75 -25.80
CBD CLA GM . 39.67 -78.44 -25.03
MG CLA HM . 44.99 -68.83 -26.83
CHA CLA HM . 48.28 -69.94 -26.78
CHB CLA HM . 45.48 -67.56 -29.96
CHC CLA HM . 41.72 -67.82 -26.84
CHD CLA HM . 44.48 -70.38 -23.69
NA CLA HM . 46.65 -68.71 -28.10
C1A CLA HM . 47.94 -69.23 -27.90
C2A CLA HM . 48.85 -68.95 -29.08
C3A CLA HM . 47.95 -68.13 -30.04
C4A CLA HM . 46.60 -68.10 -29.33
NB CLA HM . 43.82 -67.85 -28.15
C1B CLA HM . 44.19 -67.47 -29.40
C2B CLA HM . 43.01 -66.86 -30.08
C3B CLA HM . 41.94 -66.93 -29.21
C4B CLA HM . 42.45 -67.55 -27.95
NC CLA HM . 43.41 -69.03 -25.49
C1C CLA HM . 42.16 -68.52 -25.69
C2C CLA HM . 41.31 -68.82 -24.53
C3C CLA HM . 42.08 -69.59 -23.65
C4C CLA HM . 43.40 -69.71 -24.26
ND CLA HM . 46.09 -69.82 -25.46
C1D CLA HM . 45.75 -70.44 -24.23
C2D CLA HM . 46.95 -71.14 -23.69
C3D CLA HM . 47.95 -70.97 -24.62
C4D CLA HM . 47.35 -70.16 -25.71
CAD CLA HM . 49.33 -71.24 -24.98
CBD CLA HM . 49.56 -70.64 -26.40
MG CLA IM . 35.69 -66.16 -22.41
CHA CLA IM . 33.91 -67.35 -19.70
CHB CLA IM . 32.82 -66.01 -24.22
CHC CLA IM . 37.50 -64.92 -25.06
CHD CLA IM . 38.63 -66.20 -20.44
NA CLA IM . 33.71 -66.63 -22.01
C1A CLA IM . 33.17 -67.11 -20.81
C2A CLA IM . 31.66 -67.32 -20.92
C3A CLA IM . 31.34 -66.88 -22.38
C4A CLA IM . 32.70 -66.48 -22.93
NB CLA IM . 35.24 -65.53 -24.27
C1B CLA IM . 34.01 -65.62 -24.85
C2B CLA IM . 34.10 -65.21 -26.28
C3B CLA IM . 35.42 -64.90 -26.52
C4B CLA IM . 36.16 -65.10 -25.25
NC CLA IM . 37.70 -65.68 -22.70
C1C CLA IM . 38.23 -65.20 -23.87
C2C CLA IM . 39.66 -64.98 -23.73
C3C CLA IM . 39.98 -65.33 -22.41
C4C CLA IM . 38.74 -65.76 -21.77
ND CLA IM . 36.24 -66.74 -20.56
C1D CLA IM . 37.46 -66.66 -19.85
C2D CLA IM . 37.26 -67.15 -18.47
C3D CLA IM . 35.92 -67.46 -18.37
C4D CLA IM . 35.33 -67.15 -19.67
CAD CLA IM . 34.86 -67.97 -17.51
CBD CLA IM . 33.53 -67.84 -18.32
MG CLA JM . 39.76 -57.02 -34.68
CHA CLA JM . 38.44 -55.41 -37.45
CHB CLA JM . 41.84 -54.37 -34.15
CHC CLA JM . 40.98 -58.62 -31.92
CHD CLA JM . 37.49 -59.68 -35.21
NA CLA JM . 40.07 -55.21 -35.67
C1A CLA JM . 39.42 -54.72 -36.80
C2A CLA JM . 39.94 -53.35 -37.21
C3A CLA JM . 41.05 -53.07 -36.17
C4A CLA JM . 41.00 -54.29 -35.25
NB CLA JM . 41.18 -56.60 -33.32
C1B CLA JM . 41.89 -55.44 -33.24
C2B CLA JM . 42.75 -55.46 -32.02
C3B CLA JM . 42.50 -56.66 -31.39
C4B CLA JM . 41.50 -57.40 -32.21
NC CLA JM . 39.33 -58.84 -33.77
C1C CLA JM . 39.96 -59.31 -32.64
C2C CLA JM . 39.41 -60.61 -32.28
C3C CLA JM . 38.40 -60.91 -33.20
C4C CLA JM . 38.36 -59.78 -34.12
ND CLA JM . 38.30 -57.49 -35.98
C1D CLA JM . 37.44 -58.62 -36.09
C2D CLA JM . 36.56 -58.43 -37.25
C3D CLA JM . 36.91 -57.23 -37.83
C4D CLA JM . 37.99 -56.68 -37.00
CAD CLA JM . 36.65 -56.28 -38.90
CBD CLA JM . 37.62 -55.09 -38.68
MG CLA KM . 38.72 -68.99 -46.74
CHA CLA KM . 39.79 -67.35 -49.60
CHB CLA KM . 36.92 -71.11 -48.65
CHC CLA KM . 37.62 -70.48 -43.88
CHD CLA KM . 40.66 -66.72 -44.80
NA CLA KM . 38.46 -69.20 -48.80
C1A CLA KM . 38.99 -68.42 -49.83
C2A CLA KM . 38.56 -68.93 -51.20
C3A CLA KM . 37.81 -70.24 -50.85
C4A CLA KM . 37.72 -70.20 -49.34
NB CLA KM . 37.60 -70.61 -46.35
C1B CLA KM . 36.75 -71.15 -47.26
C2B CLA KM . 35.60 -71.81 -46.57
C3B CLA KM . 35.80 -71.63 -45.23
C4B CLA KM . 37.08 -70.88 -45.07
NC CLA KM . 39.12 -68.68 -44.71
C1C CLA KM . 38.57 -69.44 -43.72
C2C CLA KM . 39.10 -69.00 -42.43
C3C CLA KM . 39.92 -67.90 -42.67
C4C CLA KM . 39.93 -67.71 -44.12
ND CLA KM . 39.90 -67.36 -47.04
C1D CLA KM . 40.65 -66.52 -46.17
C2D CLA KM . 41.34 -65.50 -46.96
C3D CLA KM . 41.03 -65.75 -48.29
C4D CLA KM . 40.15 -66.93 -48.28
CAD CLA KM . 41.20 -65.34 -49.67
CBD CLA KM . 40.45 -66.38 -50.56
MG CLA LM . 21.21 -73.80 -50.48
CHA CLA LM . 24.33 -72.82 -51.60
CHB CLA LM . 20.37 -74.70 -53.65
CHC CLA LM . 18.19 -74.95 -49.27
CHD CLA LM . 22.14 -72.86 -47.20
NA CLA LM . 22.20 -73.72 -52.31
C1A CLA LM . 23.51 -73.29 -52.57
C2A CLA LM . 23.85 -73.38 -54.05
C3A CLA LM . 22.52 -73.87 -54.69
C4A CLA LM . 21.62 -74.12 -53.48
NB CLA LM . 19.58 -74.64 -51.30
C1B CLA LM . 19.45 -74.98 -52.61
C2B CLA LM . 18.18 -75.73 -52.82
C3B CLA LM . 17.57 -75.80 -51.59
C4B CLA LM . 18.44 -75.11 -50.61
NC CLA LM . 20.31 -73.84 -48.59
C1C CLA LM . 19.06 -74.34 -48.34
C2C CLA LM . 18.77 -74.22 -46.91
C3C CLA LM . 19.89 -73.64 -46.32
C4C CLA LM . 20.86 -73.41 -47.38
ND CLA LM . 22.80 -72.95 -49.55
C1D CLA LM . 23.06 -72.64 -48.20
C2D CLA LM . 24.44 -72.09 -48.09
C3D CLA LM . 24.98 -72.16 -49.37
C4D CLA LM . 23.92 -72.71 -50.24
CAD CLA LM . 26.13 -71.90 -50.21
CBD CLA LM . 25.76 -72.33 -51.65
MG CLA MM . 28.98 -76.15 -46.05
CHA CLA MM . 30.11 -75.94 -49.31
CHB CLA MM . 32.19 -76.32 -44.97
CHC CLA MM . 27.81 -76.78 -42.90
CHD CLA MM . 25.64 -76.11 -47.27
NA CLA MM . 30.83 -76.05 -47.00
C1A CLA MM . 31.09 -75.98 -48.37
C2A CLA MM . 32.59 -75.91 -48.64
C3A CLA MM . 33.21 -75.78 -47.24
C4A CLA MM . 32.01 -76.07 -46.32
NB CLA MM . 29.84 -76.37 -44.25
C1B CLA MM . 31.16 -76.60 -44.05
C2B CLA MM . 31.39 -77.22 -42.71
C3B CLA MM . 30.15 -77.35 -42.13
C4B CLA MM . 29.15 -76.81 -43.09
NC CLA MM . 27.07 -76.30 -45.23
C1C CLA MM . 26.83 -76.52 -43.90
C2C CLA MM . 25.39 -76.55 -43.66
C3C CLA MM . 24.77 -76.41 -44.90
C4C CLA MM . 25.84 -76.26 -45.89
ND CLA MM . 28.03 -75.99 -47.83
C1D CLA MM . 26.65 -75.99 -48.19
C2D CLA MM . 26.54 -75.89 -49.66
C3D CLA MM . 27.84 -75.91 -50.14
C4D CLA MM . 28.72 -75.96 -48.97
CAD CLA MM . 28.69 -75.87 -51.31
CBD CLA MM . 30.17 -75.88 -50.82
MG CLA NM . 18.13 -73.88 -31.96
CHA CLA NM . 16.48 -75.89 -29.64
CHB CLA NM . 18.65 -76.60 -33.93
CHC CLA NM . 19.79 -71.85 -34.20
CHD CLA NM . 17.46 -71.07 -29.95
NA CLA NM . 17.63 -75.91 -31.79
C1A CLA NM . 16.94 -76.55 -30.74
C2A CLA NM . 16.80 -78.05 -31.02
C3A CLA NM . 17.55 -78.25 -32.36
C4A CLA NM . 17.98 -76.82 -32.74
NB CLA NM . 19.12 -74.18 -33.69
C1B CLA NM . 19.10 -75.35 -34.39
C2B CLA NM . 19.65 -75.11 -35.76
C3B CLA NM . 19.98 -73.77 -35.83
C4B CLA NM . 19.64 -73.16 -34.53
NC CLA NM . 18.57 -71.85 -32.03
C1C CLA NM . 19.28 -71.23 -33.03
C2C CLA NM . 19.44 -69.81 -32.73
C3C CLA NM . 18.72 -69.57 -31.56
C4C CLA NM . 18.19 -70.86 -31.13
ND CLA NM . 17.16 -73.49 -30.23
C1D CLA NM . 16.96 -72.29 -29.51
C2D CLA NM . 16.23 -72.60 -28.26
C3D CLA NM . 16.06 -73.97 -28.24
C4D CLA NM . 16.65 -74.48 -29.49
CAD CLA NM . 15.53 -75.11 -27.51
CBD CLA NM . 15.77 -76.38 -28.39
MG CLA OM . 13.02 -81.05 -36.04
CHA CLA OM . 11.48 -78.21 -34.79
CHB CLA OM . 10.02 -82.66 -36.06
CHC CLA OM . 14.61 -83.88 -37.19
CHD CLA OM . 16.07 -79.29 -36.17
NA CLA OM . 11.07 -80.50 -35.49
C1A CLA OM . 10.64 -79.27 -34.98
C2A CLA OM . 9.15 -79.27 -34.72
C3A CLA OM . 8.72 -80.68 -35.17
C4A CLA OM . 10.02 -81.35 -35.60
NB CLA OM . 12.43 -82.92 -36.51
C1B CLA OM . 11.15 -83.37 -36.48
C2B CLA OM . 11.12 -84.78 -36.95
C3B CLA OM . 12.41 -85.13 -37.27
C4B CLA OM . 13.26 -83.95 -36.99
NC CLA OM . 14.99 -81.49 -36.56
C1C CLA OM . 15.42 -82.72 -36.99
C2C CLA OM . 16.86 -82.69 -37.23
C3C CLA OM . 17.27 -81.38 -36.98
C4C CLA OM . 16.09 -80.63 -36.57
ND CLA OM . 13.69 -79.21 -35.59
C1D CLA OM . 14.96 -78.60 -35.71
C2D CLA OM . 14.87 -77.20 -35.25
C3D CLA OM . 13.56 -77.00 -34.84
C4D CLA OM . 12.86 -78.28 -35.10
CAD CLA OM . 12.58 -76.07 -34.31
CBD CLA OM . 11.21 -76.81 -34.28
C1 LUT PM . 22.43 -78.18 -35.24
C2 LUT PM . 21.76 -78.72 -33.97
C3 LUT PM . 21.85 -77.92 -32.68
C4 LUT PM . 23.06 -77.00 -32.67
C5 LUT PM . 22.96 -76.17 -33.92
C6 LUT PM . 22.97 -76.77 -35.10
C7 LUT PM . 23.47 -76.07 -36.29
C8 LUT PM . 24.78 -75.93 -36.53
C9 LUT PM . 25.24 -75.21 -37.74
C10 LUT PM . 26.52 -75.33 -38.13
C11 LUT PM . 27.11 -74.67 -39.29
C12 LUT PM . 28.44 -74.74 -39.39
C13 LUT PM . 29.31 -74.21 -40.46
C14 LUT PM . 30.64 -74.41 -40.33
C15 LUT PM . 31.63 -74.00 -41.31
C16 LUT PM . 21.37 -78.15 -36.32
C17 LUT PM . 23.55 -79.14 -35.64
C18 LUT PM . 22.80 -74.68 -33.81
C19 LUT PM . 24.25 -74.37 -38.45
C20 LUT PM . 28.78 -73.51 -41.66
O3 LUT PM . 21.96 -78.83 -31.57
C21 LUT PM . 43.38 -73.23 -46.78
C22 LUT PM . 44.02 -72.96 -48.14
C23 LUT PM . 44.15 -71.49 -48.52
C24 LUT PM . 42.94 -70.70 -48.09
C25 LUT PM . 42.35 -71.00 -46.93
C26 LUT PM . 42.09 -72.44 -46.60
C27 LUT PM . 41.53 -72.61 -45.20
C28 LUT PM . 40.29 -73.08 -45.08
C29 LUT PM . 39.63 -73.32 -43.78
C30 LUT PM . 38.41 -73.88 -43.81
C31 LUT PM . 37.59 -74.18 -42.63
C32 LUT PM . 36.28 -74.08 -42.80
C33 LUT PM . 35.25 -74.35 -41.78
C34 LUT PM . 33.96 -74.11 -42.07
C35 LUT PM . 32.88 -74.41 -41.12
C36 LUT PM . 44.37 -72.91 -45.67
C37 LUT PM . 43.07 -74.73 -46.70
C38 LUT PM . 42.01 -69.92 -45.96
C39 LUT PM . 40.29 -72.93 -42.50
C40 LUT PM . 35.63 -74.91 -40.44
O23 LUT PM . 44.30 -71.38 -49.94
C1 XAT QM . 35.56 -69.90 -26.76
C2 XAT QM . 36.77 -70.52 -26.09
C3 XAT QM . 36.79 -72.02 -26.34
C4 XAT QM . 37.08 -72.24 -27.81
C5 XAT QM . 36.22 -71.45 -28.80
C6 XAT QM . 35.48 -70.19 -28.26
C7 XAT QM . 35.58 -69.00 -29.23
C8 XAT QM . 34.50 -68.57 -29.87
C9 XAT QM . 34.53 -67.43 -30.82
C10 XAT QM . 33.37 -66.95 -31.25
C11 XAT QM . 33.19 -65.85 -32.19
C12 XAT QM . 31.96 -65.77 -32.70
C13 XAT QM . 31.49 -64.75 -33.66
C14 XAT QM . 30.17 -64.70 -33.89
C15 XAT QM . 29.57 -63.72 -34.80
C16 XAT QM . 35.63 -68.41 -26.47
C17 XAT QM . 34.30 -70.42 -26.08
C18 XAT QM . 36.84 -71.29 -30.19
C19 XAT QM . 35.84 -66.88 -31.30
C20 XAT QM . 32.44 -63.83 -34.34
O3 XAT QM . 37.84 -72.60 -25.56
O4 XAT QM . 34.80 -71.38 -28.67
C21 XAT QM . 20.58 -56.20 -40.22
C22 XAT QM . 19.83 -55.39 -41.28
C23 XAT QM . 20.53 -55.40 -42.61
C24 XAT QM . 20.40 -56.81 -43.11
C25 XAT QM . 21.19 -57.79 -42.24
C26 XAT QM . 21.34 -57.43 -40.74
C27 XAT QM . 21.42 -58.64 -39.80
C28 XAT QM . 22.61 -58.89 -39.26
C29 XAT QM . 22.88 -60.01 -38.34
C30 XAT QM . 24.14 -60.22 -37.95
C31 XAT QM . 24.55 -61.29 -37.06
C32 XAT QM . 25.85 -61.56 -36.95
C33 XAT QM . 26.35 -62.62 -36.07
C34 XAT QM . 27.68 -62.72 -35.85
C35 XAT QM . 28.25 -63.71 -34.96
C36 XAT QM . 19.58 -56.60 -39.16
C37 XAT QM . 21.63 -55.28 -39.59
C38 XAT QM . 20.96 -59.28 -42.48
C39 XAT QM . 21.78 -60.89 -37.85
C40 XAT QM . 25.39 -63.57 -35.40
O23 XAT QM . 19.89 -54.50 -43.53
O24 XAT QM . 22.42 -57.31 -41.67
O1 LHG RM . 15.97 -71.75 -55.11
C1 LHG RM . 15.33 -71.83 -53.83
C2 LHG RM . 16.33 -71.46 -52.75
O2 LHG RM . 15.71 -70.69 -51.74
C3 LHG RM . 17.48 -70.63 -53.26
O3 LHG RM . 18.18 -70.40 -52.05
P LHG RM . 19.61 -71.09 -51.76
O4 LHG RM . 19.35 -72.45 -51.23
O5 LHG RM . 20.49 -70.58 -52.86
O6 LHG RM . 19.90 -70.22 -50.38
C4 LHG RM . 18.86 -69.89 -49.52
C5 LHG RM . 19.43 -70.09 -48.11
C6 LHG RM . 20.93 -69.82 -48.06
O7 LHG RM . 18.80 -69.16 -47.27
C7 LHG RM . 18.18 -69.70 -46.19
O9 LHG RM . 18.35 -70.86 -45.84
C8 LHG RM . 17.46 -68.67 -45.44
C9 LHG RM . 16.82 -69.32 -44.23
C10 LHG RM . 15.58 -68.55 -43.87
O8 LHG RM . 20.99 -68.45 -47.64
C23 LHG RM . 21.79 -68.15 -46.59
O10 LHG RM . 22.58 -67.23 -46.67
C24 LHG RM . 21.76 -68.98 -45.33
C11 LHG RM . 14.60 -69.65 -43.56
C12 LHG RM . 13.27 -69.06 -43.20
C13 LHG RM . 13.43 -68.28 -41.91
C14 LHG RM . 12.27 -67.34 -41.70
C15 LHG RM . 12.75 -66.31 -40.71
C16 LHG RM . 11.73 -65.21 -40.62
C17 LHG RM . 10.43 -65.75 -40.06
C18 LHG RM . 10.43 -65.30 -38.61
C19 LHG RM . 9.56 -66.15 -37.70
C20 LHG RM . 8.59 -65.16 -37.09
C21 LHG RM . 7.58 -65.89 -36.26
C22 LHG RM . 6.56 -66.53 -37.19
C25 LHG RM . 22.28 -68.28 -44.10
C26 LHG RM . 21.74 -68.76 -42.76
C27 LHG RM . 20.24 -68.51 -42.85
C28 LHG RM . 19.44 -68.68 -41.58
C29 LHG RM . 19.89 -69.98 -40.91
C30 LHG RM . 19.14 -71.24 -41.29
C31 LHG RM . 19.55 -72.50 -40.57
C32 LHG RM . 18.59 -73.68 -40.71
C33 LHG RM . 19.36 -74.92 -40.31
C34 LHG RM . 18.66 -76.25 -40.55
C35 LHG RM . 19.60 -77.30 -41.12
C36 LHG RM . 20.84 -77.41 -40.23
C37 LHG RM . 21.48 -78.72 -40.50
C38 LHG RM . 20.68 -79.91 -40.03
#